data_4D0M
#
_entry.id   4D0M
#
_cell.length_a   199.504
_cell.length_b   134.465
_cell.length_c   294.328
_cell.angle_alpha   90.00
_cell.angle_beta   90.33
_cell.angle_gamma   90.00
#
_symmetry.space_group_name_H-M   'P 1 21 1'
#
loop_
_entity.id
_entity.type
_entity.pdbx_description
1 polymer 'PHOSPHATIDYLINOSITOL 4-KINASE BETA'
2 polymer 'RAS-RELATED PROTEIN RAB-11A'
3 polymer 'RAB11 FAMILY-INTERACTING PROTEIN 3'
4 non-polymer 'N-(5-(4-CHLORO-3-(2-HYDROXY-ETHYLSULFAMOYL)- PHENYLTHIAZOLE-2-YL)-ACETAMIDE'
5 non-polymer "5'-GUANOSINE-DIPHOSPHATE-MONOTHIOPHOSPHATE"
6 non-polymer 'MAGNESIUM ION'
#
loop_
_entity_poly.entity_id
_entity_poly.type
_entity_poly.pdbx_seq_one_letter_code
_entity_poly.pdbx_strand_id
1 'polypeptide(L)'
;GSQNNSAKQSWLLRLFESKLFDISMAISYLYNSKEPGVQAYIGNRLFCFRNEDVDFYLPQLLNMYIHMDEDVGDAIKPYI
VHRCRQSINFSLQCALLLGAYSSDMHISTQRHSRGTKLRKLILSDELKPAHRKRELPSLSPAPDTGLSPSKRTHQRSKSD
ATASISLSSNLKRTAANPKVENEDEPVRLAPEREFIKSLMAIGKRLATLPTKEQKTQRLISELSLLNHKLPARVWLPTAG
FDHHVVRVPHTQAVVLNSKDKAPYLIYVEVLECENFDTTSVPARIPENRRDPEDPSAVALKEPWQEKVRRIREGSPYGHL
PNWRLLSVIVKCGDDLRQELLAFQVLKQLQSIWEQERVPLWIKPYKILVISADSGMIEPVVNAVSIHQVKKQSQLSLLDY
FLQEHGSYTTEAFLSAQRNFVQSCAGYCLVCYLLQVKDRHNGNILLDAEGHIIHIDFGFILSSSPRNLGFETSAFKLTTE
FVDVMGGLDGDMFNYYKMLMLQGLIAARKHMDKVVQIVEIMQQGSQLPCFHGSSTIRNLKERFHMSMTEEQLQLLVEQMV
DGSMRS
;
A,C,G,I,M,O,Q,S,W,Y,c,g
2 'polypeptide(L)'
;GSHMGTRDDEYDYLFKVVLIGDSGVGKSNLLSRFTRNEFNLESKSTIGVEFATRSIQVDGKTIKAQIWDTAGLERYRAIT
SAYYRGAVGALLVYDIAKHLTYENVERWLKELRDHADSNIVIMLVGNKSDLRHLRAVPTDEARAFAEKNGLSFIETSALD
STNVEAAFQTILTEIYRIVSQKQMSDRRENDMSPSNNVVPIHVPPTTENKPKVQCCQNI
;
B,D,H,J,N,P,R,T,X,Z,d,h
3 'polypeptide(L)' GSHMSSVSRDELMEAIQKQEEINFRLQDYIDRIIVAIMETNPSILEVK E,F,K,L,U,V,a,b,e,f,i,j
#
loop_
_chem_comp.id
_chem_comp.type
_chem_comp.name
_chem_comp.formula
093 non-polymer 'N-(5-(4-CHLORO-3-(2-HYDROXY-ETHYLSULFAMOYL)- PHENYLTHIAZOLE-2-YL)-ACETAMIDE' 'C14 H16 Cl N3 O4 S2'
GSP non-polymer 5'-GUANOSINE-DIPHOSPHATE-MONOTHIOPHOSPHATE 'C10 H16 N5 O13 P3 S'
MG non-polymer 'MAGNESIUM ION' 'Mg 2'
#
# COMPACT_ATOMS: atom_id res chain seq x y z
N SER A 10 50.99 24.99 -79.37
CA SER A 10 51.00 23.53 -79.71
C SER A 10 52.01 22.70 -78.88
N TRP A 11 52.69 23.33 -77.92
CA TRP A 11 53.70 22.63 -77.07
C TRP A 11 53.13 21.54 -76.17
N LEU A 12 51.94 21.80 -75.62
CA LEU A 12 51.24 20.80 -74.82
C LEU A 12 50.80 19.65 -75.73
N LEU A 13 50.04 19.95 -76.78
CA LEU A 13 49.63 18.93 -77.77
C LEU A 13 50.81 18.13 -78.32
N ARG A 14 51.99 18.78 -78.38
CA ARG A 14 53.21 18.08 -78.76
C ARG A 14 53.48 16.93 -77.81
N LEU A 15 53.46 17.26 -76.52
CA LEU A 15 53.65 16.29 -75.45
C LEU A 15 52.65 15.15 -75.61
N PHE A 16 51.36 15.49 -75.66
CA PHE A 16 50.31 14.48 -75.70
C PHE A 16 50.41 13.55 -76.93
N GLU A 17 51.01 14.04 -78.02
CA GLU A 17 51.21 13.20 -79.22
C GLU A 17 52.54 12.45 -79.22
N SER A 18 53.35 12.71 -78.21
CA SER A 18 54.62 12.01 -78.10
C SER A 18 54.44 10.61 -77.46
N LYS A 19 55.51 9.81 -77.47
CA LYS A 19 55.50 8.49 -76.84
C LYS A 19 55.41 8.57 -75.34
N LEU A 20 55.92 9.67 -74.76
CA LEU A 20 55.75 10.00 -73.33
C LEU A 20 54.38 9.76 -72.74
N PHE A 21 53.39 9.89 -73.61
CA PHE A 21 52.03 9.90 -73.17
C PHE A 21 51.66 8.48 -72.77
N ASP A 22 51.48 8.30 -71.47
CA ASP A 22 51.00 7.04 -70.92
C ASP A 22 49.80 7.33 -70.02
N ILE A 23 49.08 6.23 -69.77
CA ILE A 23 47.86 6.28 -68.98
C ILE A 23 47.96 7.16 -67.70
N SER A 24 49.12 7.08 -67.05
CA SER A 24 49.38 7.92 -65.89
C SER A 24 49.27 9.40 -66.23
N MET A 25 50.07 9.84 -67.19
CA MET A 25 50.08 11.24 -67.60
C MET A 25 48.67 11.64 -68.00
N ALA A 26 48.03 10.77 -68.79
CA ALA A 26 46.65 11.04 -69.19
C ALA A 26 45.78 11.35 -67.96
N ILE A 27 45.81 10.41 -67.01
CA ILE A 27 44.99 10.58 -65.82
C ILE A 27 45.36 11.85 -65.03
N SER A 28 46.66 12.15 -64.94
CA SER A 28 47.14 13.33 -64.22
C SER A 28 46.51 14.61 -64.75
N TYR A 29 46.61 14.76 -66.06
CA TYR A 29 46.10 15.94 -66.71
C TYR A 29 44.57 15.94 -66.65
N LEU A 30 43.97 14.77 -66.85
CA LEU A 30 42.50 14.65 -66.66
C LEU A 30 42.06 15.15 -65.29
N TYR A 31 42.84 14.81 -64.28
CA TYR A 31 42.55 15.18 -62.91
C TYR A 31 42.81 16.67 -62.65
N ASN A 32 43.90 17.19 -63.23
CA ASN A 32 44.35 18.56 -62.88
C ASN A 32 43.87 19.69 -63.80
N SER A 33 43.95 19.49 -65.11
CA SER A 33 43.48 20.50 -66.05
C SER A 33 42.00 20.80 -65.84
N LYS A 34 41.64 22.10 -65.78
CA LYS A 34 40.24 22.52 -65.72
C LYS A 34 39.74 22.91 -67.11
N GLU A 35 40.57 22.67 -68.14
CA GLU A 35 40.24 23.03 -69.51
C GLU A 35 39.37 21.92 -70.11
N PRO A 36 38.13 22.25 -70.50
CA PRO A 36 37.24 21.18 -70.98
C PRO A 36 37.73 20.54 -72.26
N GLY A 37 38.49 21.29 -73.07
CA GLY A 37 39.01 20.78 -74.33
C GLY A 37 40.08 19.73 -74.10
N VAL A 38 40.78 19.85 -72.98
CA VAL A 38 41.81 18.91 -72.62
C VAL A 38 41.15 17.61 -72.13
N GLN A 39 40.21 17.80 -71.20
CA GLN A 39 39.43 16.69 -70.64
C GLN A 39 38.87 15.83 -71.77
N ALA A 40 38.21 16.50 -72.71
CA ALA A 40 37.65 15.81 -73.88
C ALA A 40 38.73 15.14 -74.74
N TYR A 41 39.83 15.83 -74.98
CA TYR A 41 40.90 15.26 -75.81
C TYR A 41 41.45 13.99 -75.19
N ILE A 42 41.55 13.99 -73.87
CA ILE A 42 42.08 12.81 -73.20
C ILE A 42 41.03 11.71 -73.15
N GLY A 43 39.79 12.09 -72.83
CA GLY A 43 38.64 11.17 -72.95
C GLY A 43 38.67 10.39 -74.27
N ASN A 44 39.03 11.07 -75.37
CA ASN A 44 39.15 10.42 -76.68
C ASN A 44 40.39 9.53 -76.75
N ARG A 45 41.49 9.99 -76.18
CA ARG A 45 42.72 9.23 -76.31
C ARG A 45 42.77 7.98 -75.42
N LEU A 46 41.92 7.89 -74.40
CA LEU A 46 41.81 6.61 -73.62
C LEU A 46 41.67 5.38 -74.53
N PHE A 47 40.84 5.53 -75.58
CA PHE A 47 40.58 4.45 -76.53
C PHE A 47 41.89 3.95 -77.09
N CYS A 48 42.85 4.87 -77.24
CA CYS A 48 44.09 4.51 -77.88
C CYS A 48 44.98 3.57 -77.03
N PHE A 49 44.81 3.56 -75.70
CA PHE A 49 45.65 2.70 -74.82
C PHE A 49 45.31 1.20 -74.77
N ARG A 50 46.29 0.38 -74.35
CA ARG A 50 46.07 -1.05 -74.04
C ARG A 50 45.17 -1.22 -72.82
N ASN A 51 44.17 -2.06 -73.02
CA ASN A 51 43.19 -2.40 -72.00
C ASN A 51 43.78 -2.70 -70.62
N GLU A 52 44.91 -3.42 -70.64
CA GLU A 52 45.53 -3.94 -69.42
C GLU A 52 45.98 -2.75 -68.56
N ASP A 53 46.56 -1.77 -69.25
CA ASP A 53 47.20 -0.67 -68.56
C ASP A 53 46.15 0.20 -67.90
N VAL A 54 45.03 0.38 -68.61
CA VAL A 54 43.96 1.24 -68.16
C VAL A 54 43.23 0.54 -67.02
N ASP A 55 43.04 -0.79 -67.19
CA ASP A 55 42.32 -1.60 -66.18
C ASP A 55 42.75 -1.27 -64.73
N PHE A 56 44.07 -1.27 -64.55
CA PHE A 56 44.69 -0.96 -63.27
C PHE A 56 44.17 0.33 -62.60
N TYR A 57 43.74 1.30 -63.40
CA TYR A 57 43.29 2.59 -62.86
C TYR A 57 41.76 2.75 -62.83
N LEU A 58 41.05 1.64 -63.09
CA LEU A 58 39.59 1.76 -63.17
C LEU A 58 38.95 2.42 -61.95
N PRO A 59 39.48 2.14 -60.75
CA PRO A 59 38.87 2.76 -59.57
C PRO A 59 39.00 4.28 -59.59
N GLN A 60 40.13 4.76 -60.12
CA GLN A 60 40.38 6.20 -60.15
C GLN A 60 39.39 6.86 -61.11
N LEU A 61 39.36 6.34 -62.31
CA LEU A 61 38.46 6.85 -63.33
C LEU A 61 37.02 6.92 -62.80
N LEU A 62 36.54 5.80 -62.28
CA LEU A 62 35.19 5.74 -61.73
C LEU A 62 34.99 6.66 -60.53
N ASN A 63 36.01 6.80 -59.67
CA ASN A 63 35.89 7.75 -58.55
C ASN A 63 35.72 9.18 -59.06
N MET A 64 36.61 9.55 -59.98
CA MET A 64 36.51 10.85 -60.66
C MET A 64 35.12 11.06 -61.28
N TYR A 65 34.66 10.08 -62.08
CA TYR A 65 33.32 10.15 -62.67
C TYR A 65 32.25 10.54 -61.66
N ILE A 66 32.29 9.85 -60.51
CA ILE A 66 31.28 10.03 -59.46
C ILE A 66 31.40 11.39 -58.81
N HIS A 67 32.62 11.70 -58.35
CA HIS A 67 32.74 12.84 -57.43
C HIS A 67 33.16 14.15 -58.08
N MET A 68 33.48 14.15 -59.38
CA MET A 68 34.00 15.33 -60.05
C MET A 68 32.98 15.98 -60.97
N ASP A 69 33.38 17.13 -61.52
CA ASP A 69 32.61 17.89 -62.51
C ASP A 69 31.97 16.97 -63.53
N GLU A 70 30.74 17.31 -63.89
CA GLU A 70 30.06 16.62 -64.97
C GLU A 70 30.90 16.51 -66.25
N ASP A 71 31.55 17.61 -66.62
CA ASP A 71 32.55 17.68 -67.72
C ASP A 71 33.48 16.48 -67.67
N VAL A 72 34.00 16.19 -66.47
CA VAL A 72 35.02 15.17 -66.29
C VAL A 72 34.37 13.80 -66.50
N GLY A 73 33.26 13.57 -65.79
CA GLY A 73 32.50 12.34 -65.98
C GLY A 73 32.20 12.06 -67.44
N ASP A 74 31.63 13.05 -68.11
CA ASP A 74 31.16 12.88 -69.50
C ASP A 74 32.28 12.57 -70.52
N ALA A 75 33.51 12.99 -70.20
CA ALA A 75 34.69 12.68 -71.02
C ALA A 75 35.13 11.21 -70.89
N ILE A 76 34.92 10.66 -69.70
CA ILE A 76 35.36 9.31 -69.39
C ILE A 76 34.37 8.27 -69.90
N LYS A 77 33.09 8.61 -69.80
CA LYS A 77 31.99 7.65 -69.97
C LYS A 77 32.08 6.78 -71.26
N PRO A 78 32.19 7.44 -72.42
CA PRO A 78 32.09 6.68 -73.67
C PRO A 78 33.10 5.52 -73.76
N TYR A 79 34.31 5.77 -73.27
CA TYR A 79 35.32 4.71 -73.20
C TYR A 79 34.87 3.56 -72.33
N ILE A 80 34.32 3.92 -71.19
CA ILE A 80 33.89 2.92 -70.24
C ILE A 80 32.80 2.10 -70.89
N VAL A 81 31.79 2.77 -71.43
CA VAL A 81 30.71 2.11 -72.19
C VAL A 81 31.31 1.16 -73.23
N HIS A 82 32.27 1.68 -74.01
CA HIS A 82 32.94 0.85 -75.00
C HIS A 82 33.54 -0.41 -74.37
N ARG A 83 34.26 -0.26 -73.26
CA ARG A 83 34.82 -1.46 -72.61
C ARG A 83 33.75 -2.43 -72.10
N CYS A 84 32.76 -1.86 -71.43
CA CYS A 84 31.63 -2.60 -70.89
C CYS A 84 30.94 -3.48 -71.94
N ARG A 85 30.89 -2.99 -73.19
CA ARG A 85 30.24 -3.73 -74.28
C ARG A 85 31.01 -4.95 -74.76
N GLN A 86 32.31 -4.96 -74.51
CA GLN A 86 33.15 -6.01 -75.07
C GLN A 86 33.60 -7.03 -74.03
N SER A 87 33.24 -6.79 -72.77
CA SER A 87 33.61 -7.69 -71.69
C SER A 87 32.60 -7.55 -70.54
N ILE A 88 31.91 -8.63 -70.22
CA ILE A 88 30.99 -8.56 -69.09
C ILE A 88 31.73 -8.57 -67.75
N ASN A 89 32.91 -9.18 -67.72
CA ASN A 89 33.80 -9.07 -66.56
C ASN A 89 33.97 -7.58 -66.26
N PHE A 90 34.40 -6.83 -67.28
CA PHE A 90 34.57 -5.37 -67.17
C PHE A 90 33.29 -4.72 -66.64
N SER A 91 32.17 -5.06 -67.24
CA SER A 91 30.89 -4.52 -66.82
C SER A 91 30.68 -4.74 -65.32
N LEU A 92 30.95 -5.98 -64.90
CA LEU A 92 30.74 -6.37 -63.53
C LEU A 92 31.50 -5.47 -62.57
N GLN A 93 32.79 -5.32 -62.83
CA GLN A 93 33.65 -4.56 -61.92
C GLN A 93 33.17 -3.11 -61.85
N CYS A 94 32.79 -2.57 -63.01
CA CYS A 94 32.22 -1.22 -63.07
C CYS A 94 31.02 -1.14 -62.16
N ALA A 95 30.08 -2.07 -62.39
CA ALA A 95 28.85 -2.04 -61.59
C ALA A 95 29.16 -2.14 -60.09
N LEU A 96 30.05 -3.06 -59.72
CA LEU A 96 30.42 -3.25 -58.32
C LEU A 96 31.05 -2.02 -57.71
N LEU A 97 32.02 -1.45 -58.44
CA LEU A 97 32.74 -0.26 -57.96
C LEU A 97 31.85 0.98 -57.85
N LEU A 98 31.06 1.20 -58.90
CA LEU A 98 30.11 2.33 -58.90
C LEU A 98 29.24 2.31 -57.64
N GLY A 99 28.70 1.13 -57.32
CA GLY A 99 27.85 0.96 -56.14
C GLY A 99 28.62 1.18 -54.87
N ALA A 100 29.78 0.54 -54.77
CA ALA A 100 30.63 0.66 -53.58
C ALA A 100 31.10 2.09 -53.28
N TYR A 101 31.43 2.87 -54.33
CA TYR A 101 31.98 4.22 -54.11
C TYR A 101 30.92 5.34 -54.06
N SER A 102 29.68 4.97 -53.70
CA SER A 102 28.58 5.92 -53.47
C SER A 102 27.58 5.49 -52.36
N SER A 103 27.80 6.01 -51.13
CA SER A 103 26.92 5.78 -49.97
C SER A 103 26.94 6.88 -48.88
N ARG A 114 24.39 10.57 -59.15
CA ARG A 114 25.35 10.46 -60.26
C ARG A 114 25.74 9.00 -60.59
N GLY A 115 26.08 8.22 -59.57
CA GLY A 115 26.65 6.88 -59.82
C GLY A 115 25.56 5.95 -60.28
N THR A 116 24.47 6.07 -59.54
CA THR A 116 23.30 5.21 -59.64
C THR A 116 22.72 5.06 -61.07
N LYS A 117 22.55 6.18 -61.76
CA LYS A 117 21.93 6.14 -63.10
C LYS A 117 22.73 5.24 -64.07
N LEU A 118 24.06 5.30 -64.02
CA LEU A 118 24.91 4.53 -64.94
C LEU A 118 25.04 3.06 -64.57
N ARG A 119 25.09 2.80 -63.28
CA ARG A 119 25.13 1.42 -62.78
C ARG A 119 23.95 0.63 -63.36
N LYS A 120 22.76 1.19 -63.17
CA LYS A 120 21.54 0.58 -63.68
C LYS A 120 21.60 0.40 -65.20
N LEU A 121 22.21 1.35 -65.90
CA LEU A 121 22.39 1.26 -67.34
C LEU A 121 23.40 0.18 -67.78
N ILE A 122 24.42 -0.06 -66.97
CA ILE A 122 25.35 -1.17 -67.24
C ILE A 122 24.69 -2.51 -66.92
N LEU A 123 24.05 -2.61 -65.75
CA LEU A 123 23.30 -3.82 -65.38
C LEU A 123 22.18 -4.10 -66.40
N SER A 124 21.62 -3.06 -67.03
CA SER A 124 20.79 -3.25 -68.26
C SER A 124 21.60 -3.71 -69.48
N ARG A 188 20.93 -11.80 -67.84
CA ARG A 188 22.03 -11.00 -68.38
C ARG A 188 23.35 -11.26 -67.64
N LEU A 189 23.36 -10.84 -66.37
CA LEU A 189 24.47 -11.07 -65.42
C LEU A 189 23.95 -11.80 -64.18
N ALA A 190 22.68 -12.19 -64.24
CA ALA A 190 21.97 -12.73 -63.09
C ALA A 190 22.70 -13.94 -62.47
N PRO A 191 23.20 -14.88 -63.30
CA PRO A 191 23.90 -16.04 -62.74
C PRO A 191 25.02 -15.64 -61.78
N GLU A 192 25.89 -14.75 -62.25
CA GLU A 192 27.00 -14.26 -61.45
C GLU A 192 26.52 -13.50 -60.20
N ARG A 193 25.60 -12.54 -60.40
CA ARG A 193 25.09 -11.70 -59.28
C ARG A 193 24.40 -12.50 -58.17
N GLU A 194 23.71 -13.55 -58.60
CA GLU A 194 23.04 -14.43 -57.67
C GLU A 194 24.03 -15.40 -57.02
N PHE A 195 24.96 -15.92 -57.83
CA PHE A 195 26.08 -16.70 -57.29
C PHE A 195 26.78 -15.91 -56.16
N ILE A 196 27.06 -14.63 -56.40
CA ILE A 196 27.74 -13.80 -55.37
C ILE A 196 26.83 -13.49 -54.20
N LYS A 197 25.57 -13.12 -54.52
CA LYS A 197 24.62 -12.90 -53.44
C LYS A 197 24.52 -14.12 -52.49
N SER A 198 24.46 -15.31 -53.06
CA SER A 198 24.39 -16.53 -52.24
C SER A 198 25.64 -16.69 -51.36
N LEU A 199 26.80 -16.52 -51.96
CA LEU A 199 28.06 -16.58 -51.22
C LEU A 199 28.05 -15.59 -50.06
N MET A 200 27.60 -14.37 -50.37
CA MET A 200 27.48 -13.35 -49.33
C MET A 200 26.52 -13.78 -48.22
N ALA A 201 25.37 -14.31 -48.64
CA ALA A 201 24.28 -14.71 -47.76
C ALA A 201 24.78 -15.80 -46.80
N ILE A 202 25.48 -16.80 -47.34
CA ILE A 202 26.10 -17.86 -46.52
C ILE A 202 26.90 -17.28 -45.35
N GLY A 203 27.87 -16.44 -45.69
CA GLY A 203 28.73 -15.83 -44.69
C GLY A 203 27.98 -15.14 -43.55
N LYS A 204 26.89 -14.45 -43.89
CA LYS A 204 26.07 -13.71 -42.90
C LYS A 204 25.37 -14.64 -41.92
N ARG A 205 25.01 -15.85 -42.37
CA ARG A 205 24.33 -16.82 -41.51
C ARG A 205 25.25 -17.35 -40.39
N LEU A 206 26.54 -17.52 -40.71
CA LEU A 206 27.53 -18.09 -39.76
C LEU A 206 27.69 -17.28 -38.45
N ALA A 207 27.19 -16.05 -38.44
CA ALA A 207 27.23 -15.20 -37.25
C ALA A 207 26.62 -15.83 -35.98
N THR A 208 25.59 -16.66 -36.16
CA THR A 208 24.93 -17.32 -35.03
C THR A 208 25.71 -18.50 -34.44
N LEU A 209 26.75 -18.99 -35.14
CA LEU A 209 27.56 -20.12 -34.62
C LEU A 209 28.86 -19.65 -33.95
N PRO A 210 28.94 -19.69 -32.60
CA PRO A 210 30.01 -19.03 -31.85
C PRO A 210 31.40 -19.64 -31.96
N THR A 211 31.54 -20.84 -32.56
CA THR A 211 32.88 -21.44 -32.71
C THR A 211 33.25 -21.75 -34.18
N LYS A 212 34.57 -21.70 -34.42
CA LYS A 212 35.19 -21.95 -35.72
C LYS A 212 34.66 -23.24 -36.32
N GLU A 213 34.82 -24.32 -35.55
CA GLU A 213 34.43 -25.68 -35.97
C GLU A 213 32.95 -25.80 -36.39
N GLN A 214 32.03 -25.21 -35.60
CA GLN A 214 30.59 -25.21 -35.91
C GLN A 214 30.33 -24.48 -37.21
N LYS A 215 30.96 -23.31 -37.33
CA LYS A 215 30.85 -22.50 -38.53
C LYS A 215 31.30 -23.30 -39.76
N THR A 216 32.51 -23.87 -39.68
CA THR A 216 33.07 -24.64 -40.81
C THR A 216 32.12 -25.74 -41.25
N GLN A 217 31.53 -26.42 -40.26
CA GLN A 217 30.58 -27.48 -40.58
C GLN A 217 29.38 -26.96 -41.37
N ARG A 218 28.81 -25.81 -40.99
CA ARG A 218 27.65 -25.23 -41.71
C ARG A 218 28.04 -24.72 -43.08
N LEU A 219 29.22 -24.11 -43.13
CA LEU A 219 29.78 -23.65 -44.39
C LEU A 219 29.88 -24.82 -45.35
N ILE A 220 30.60 -25.88 -44.94
CA ILE A 220 30.82 -27.06 -45.80
C ILE A 220 29.50 -27.60 -46.37
N SER A 221 28.52 -27.79 -45.48
CA SER A 221 27.22 -28.29 -45.90
C SER A 221 26.60 -27.32 -46.89
N GLU A 222 26.57 -26.04 -46.54
CA GLU A 222 25.84 -25.07 -47.37
C GLU A 222 26.49 -24.79 -48.73
N LEU A 223 27.82 -24.92 -48.80
CA LEU A 223 28.56 -24.82 -50.06
C LEU A 223 28.22 -25.92 -51.05
N SER A 224 27.96 -27.13 -50.54
CA SER A 224 27.68 -28.29 -51.38
C SER A 224 26.45 -28.05 -52.27
N LEU A 225 25.52 -27.25 -51.76
CA LEU A 225 24.27 -26.93 -52.45
C LEU A 225 24.50 -26.08 -53.71
N LEU A 226 25.58 -25.32 -53.71
CA LEU A 226 25.87 -24.46 -54.85
C LEU A 226 26.34 -25.25 -56.07
N ASN A 227 26.94 -26.43 -55.86
CA ASN A 227 27.34 -27.29 -56.99
C ASN A 227 26.14 -27.70 -57.82
N HIS A 228 24.98 -27.73 -57.18
CA HIS A 228 23.72 -28.02 -57.83
C HIS A 228 23.42 -27.00 -58.92
N LYS A 229 24.03 -25.81 -58.85
CA LYS A 229 23.84 -24.81 -59.90
C LYS A 229 24.99 -24.69 -60.91
N LEU A 230 25.96 -25.59 -60.83
CA LEU A 230 27.15 -25.52 -61.68
C LEU A 230 27.27 -26.68 -62.66
N PRO A 231 27.92 -26.46 -63.82
CA PRO A 231 28.52 -25.19 -64.27
C PRO A 231 27.51 -24.24 -64.89
N ALA A 232 27.85 -22.94 -64.89
CA ALA A 232 26.97 -21.87 -65.38
C ALA A 232 27.78 -20.69 -65.96
N ARG A 233 27.09 -19.66 -66.41
CA ARG A 233 27.74 -18.41 -66.86
C ARG A 233 28.23 -17.60 -65.63
N VAL A 234 29.25 -18.14 -64.94
CA VAL A 234 29.77 -17.56 -63.68
C VAL A 234 31.29 -17.73 -63.56
N TRP A 235 31.95 -16.76 -62.93
CA TRP A 235 33.42 -16.72 -62.84
C TRP A 235 33.90 -15.96 -61.60
N LEU A 236 35.20 -16.07 -61.33
CA LEU A 236 35.88 -15.37 -60.26
C LEU A 236 36.74 -14.26 -60.84
N PRO A 237 36.26 -13.01 -60.71
CA PRO A 237 37.00 -11.85 -61.24
C PRO A 237 38.46 -11.74 -60.78
N THR A 238 38.76 -12.32 -59.62
CA THR A 238 40.12 -12.36 -59.08
C THR A 238 41.07 -13.29 -59.85
N ALA A 239 40.56 -14.02 -60.86
CA ALA A 239 41.42 -14.96 -61.61
C ALA A 239 42.26 -14.30 -62.69
N GLY A 240 43.50 -14.77 -62.82
CA GLY A 240 44.41 -14.26 -63.83
C GLY A 240 43.94 -14.40 -65.28
N PHE A 241 42.92 -15.22 -65.53
CA PHE A 241 42.54 -15.62 -66.91
C PHE A 241 41.02 -15.69 -67.08
N ASP A 242 40.58 -15.92 -68.33
CA ASP A 242 39.17 -16.19 -68.61
C ASP A 242 38.87 -17.64 -68.31
N HIS A 243 37.65 -17.89 -67.84
CA HIS A 243 37.29 -19.23 -67.40
C HIS A 243 35.79 -19.39 -67.13
N HIS A 244 35.39 -20.65 -66.96
CA HIS A 244 34.08 -21.00 -66.39
C HIS A 244 34.32 -21.77 -65.08
N VAL A 245 33.54 -21.45 -64.05
CA VAL A 245 33.54 -22.21 -62.79
C VAL A 245 32.69 -23.47 -62.95
N VAL A 246 33.25 -24.60 -62.52
CA VAL A 246 32.53 -25.89 -62.71
C VAL A 246 32.10 -26.57 -61.40
N ARG A 247 32.92 -26.44 -60.35
CA ARG A 247 32.77 -27.26 -59.13
C ARG A 247 33.42 -26.63 -57.89
N VAL A 248 32.78 -26.79 -56.74
CA VAL A 248 33.31 -26.32 -55.46
C VAL A 248 33.57 -27.49 -54.53
N PRO A 249 34.85 -27.77 -54.26
CA PRO A 249 35.20 -28.83 -53.30
C PRO A 249 34.92 -28.41 -51.86
N HIS A 250 33.62 -28.37 -51.56
CA HIS A 250 33.09 -27.92 -50.29
C HIS A 250 33.78 -28.52 -49.05
N THR A 251 34.16 -29.80 -49.08
CA THR A 251 34.81 -30.41 -47.92
C THR A 251 36.14 -29.72 -47.56
N GLN A 252 36.72 -29.03 -48.54
CA GLN A 252 38.02 -28.40 -48.33
C GLN A 252 37.93 -26.97 -47.79
N ALA A 253 36.75 -26.37 -47.86
CA ALA A 253 36.54 -24.99 -47.41
C ALA A 253 36.62 -24.92 -45.88
N VAL A 254 37.07 -23.77 -45.42
CA VAL A 254 37.30 -23.56 -43.99
C VAL A 254 37.02 -22.10 -43.62
N VAL A 255 36.57 -21.90 -42.39
CA VAL A 255 36.32 -20.57 -41.84
C VAL A 255 37.50 -20.16 -40.98
N LEU A 256 37.85 -18.88 -40.99
CA LEU A 256 39.16 -18.43 -40.48
C LEU A 256 39.25 -18.02 -38.99
N ASN A 257 38.15 -17.52 -38.42
CA ASN A 257 38.14 -17.11 -36.99
C ASN A 257 36.76 -17.25 -36.35
N SER A 258 36.69 -16.98 -35.05
CA SER A 258 35.46 -17.15 -34.28
C SER A 258 34.59 -15.89 -34.24
N LYS A 259 34.95 -14.92 -35.07
CA LYS A 259 34.33 -13.61 -35.01
C LYS A 259 32.89 -13.58 -35.58
N ASP A 260 32.20 -12.49 -35.23
CA ASP A 260 30.78 -12.26 -35.54
C ASP A 260 30.51 -12.31 -37.05
N LYS A 261 31.34 -11.63 -37.85
CA LYS A 261 31.23 -11.66 -39.32
C LYS A 261 32.48 -12.24 -39.92
N ALA A 262 32.70 -13.51 -39.59
CA ALA A 262 33.94 -14.17 -39.92
C ALA A 262 34.08 -14.31 -41.45
N PRO A 263 35.31 -14.13 -41.94
CA PRO A 263 35.61 -14.44 -43.31
C PRO A 263 35.84 -15.94 -43.46
N TYR A 264 35.67 -16.43 -44.67
CA TYR A 264 35.88 -17.85 -44.93
C TYR A 264 36.57 -18.09 -46.26
N LEU A 265 37.41 -19.10 -46.28
CA LEU A 265 38.22 -19.40 -47.45
C LEU A 265 37.61 -20.57 -48.19
N ILE A 266 37.56 -20.47 -49.52
CA ILE A 266 37.10 -21.60 -50.33
C ILE A 266 38.02 -21.85 -51.51
N TYR A 267 38.00 -23.08 -52.00
CA TYR A 267 38.69 -23.44 -53.21
C TYR A 267 37.65 -23.66 -54.29
N VAL A 268 38.00 -23.25 -55.53
CA VAL A 268 37.06 -23.34 -56.65
C VAL A 268 37.73 -23.95 -57.89
N GLU A 269 36.98 -24.83 -58.59
CA GLU A 269 37.46 -25.49 -59.81
C GLU A 269 36.95 -24.77 -61.04
N VAL A 270 37.85 -24.62 -62.01
CA VAL A 270 37.50 -23.91 -63.24
C VAL A 270 38.09 -24.54 -64.50
N LEU A 271 37.45 -24.22 -65.64
CA LEU A 271 37.96 -24.60 -66.97
C LEU A 271 38.36 -23.38 -67.79
N GLU A 272 39.65 -23.28 -68.12
CA GLU A 272 40.21 -22.08 -68.78
C GLU A 272 39.60 -21.83 -70.16
N CYS A 273 39.47 -20.55 -70.49
CA CYS A 273 38.99 -20.15 -71.80
C CYS A 273 40.10 -19.43 -72.54
N GLU A 274 39.90 -19.25 -73.84
CA GLU A 274 40.63 -18.25 -74.60
C GLU A 274 39.84 -16.94 -74.60
N ASN A 275 38.52 -17.06 -74.76
CA ASN A 275 37.62 -15.95 -74.55
C ASN A 275 36.29 -16.41 -73.93
N PHE A 276 35.93 -15.81 -72.80
CA PHE A 276 34.69 -16.13 -72.08
C PHE A 276 33.41 -15.76 -72.83
N ASP A 277 33.44 -14.56 -73.42
CA ASP A 277 32.23 -13.90 -73.90
C ASP A 277 31.57 -14.68 -75.04
N THR A 278 32.35 -15.54 -75.69
CA THR A 278 31.94 -16.19 -76.93
C THR A 278 31.94 -17.71 -76.88
N THR A 279 31.99 -18.29 -75.68
CA THR A 279 32.21 -19.72 -75.59
C THR A 279 31.25 -20.46 -74.67
N SER A 280 31.12 -21.75 -74.95
CA SER A 280 30.69 -22.79 -73.99
C SER A 280 29.52 -22.52 -73.06
N VAL A 281 29.86 -22.22 -71.79
CA VAL A 281 29.29 -22.86 -70.58
C VAL A 281 29.36 -24.40 -70.73
N PRO A 282 30.46 -25.04 -70.24
CA PRO A 282 30.65 -26.48 -70.46
C PRO A 282 29.56 -27.29 -69.80
N ALA A 283 29.58 -28.59 -70.08
CA ALA A 283 28.52 -29.49 -69.67
C ALA A 283 28.78 -30.09 -68.29
N ARG A 284 27.70 -30.28 -67.53
CA ARG A 284 27.79 -30.86 -66.18
C ARG A 284 28.34 -32.29 -66.27
N ILE A 285 29.12 -32.67 -65.26
CA ILE A 285 29.56 -34.05 -65.08
C ILE A 285 29.14 -34.46 -63.66
N PRO A 286 28.18 -35.41 -63.54
CA PRO A 286 27.44 -35.58 -62.28
C PRO A 286 28.19 -36.01 -61.00
N GLU A 287 29.38 -36.60 -61.12
CA GLU A 287 30.31 -36.80 -59.97
C GLU A 287 30.22 -38.18 -59.32
N ASN A 288 31.25 -38.48 -58.53
CA ASN A 288 31.14 -39.44 -57.44
C ASN A 288 31.89 -38.90 -56.22
N PRO A 295 37.93 -39.38 -48.59
CA PRO A 295 39.22 -39.67 -49.24
C PRO A 295 39.83 -38.42 -49.91
N SER A 296 39.24 -37.95 -51.02
CA SER A 296 39.52 -36.60 -51.50
C SER A 296 38.79 -35.65 -50.56
N ALA A 297 37.77 -36.18 -49.86
CA ALA A 297 36.96 -35.40 -48.92
C ALA A 297 37.67 -34.94 -47.63
N VAL A 298 38.65 -35.71 -47.15
CA VAL A 298 39.33 -35.38 -45.87
C VAL A 298 40.25 -34.15 -46.02
N ALA A 299 40.24 -33.28 -45.01
CA ALA A 299 40.99 -32.02 -45.06
C ALA A 299 42.08 -32.03 -43.97
N LEU A 300 43.33 -31.78 -44.36
CA LEU A 300 44.42 -31.53 -43.37
C LEU A 300 45.51 -30.56 -43.91
N LYS A 301 46.31 -29.99 -43.00
CA LYS A 301 47.44 -29.11 -43.34
C LYS A 301 48.46 -29.82 -44.23
N GLU A 302 48.54 -29.31 -45.45
CA GLU A 302 49.43 -29.82 -46.46
C GLU A 302 49.76 -28.68 -47.44
N PRO A 303 50.92 -28.76 -48.12
CA PRO A 303 51.24 -27.81 -49.21
C PRO A 303 50.15 -27.63 -50.28
N TRP A 304 50.24 -26.55 -51.05
CA TRP A 304 49.26 -26.21 -52.09
C TRP A 304 49.21 -27.26 -53.20
N GLN A 305 50.37 -27.70 -53.69
CA GLN A 305 50.41 -28.65 -54.81
C GLN A 305 49.96 -30.06 -54.41
N GLU A 306 50.19 -30.41 -53.17
CA GLU A 306 49.66 -31.66 -52.64
C GLU A 306 48.12 -31.58 -52.49
N LYS A 307 47.61 -30.40 -52.17
CA LYS A 307 46.16 -30.18 -52.06
C LYS A 307 45.50 -30.11 -53.45
N VAL A 308 46.20 -29.56 -54.44
CA VAL A 308 45.68 -29.60 -55.84
C VAL A 308 45.54 -31.05 -56.32
N ARG A 309 46.58 -31.85 -56.10
CA ARG A 309 46.58 -33.28 -56.42
C ARG A 309 45.31 -33.96 -55.88
N ARG A 310 45.14 -33.89 -54.55
CA ARG A 310 44.03 -34.53 -53.84
C ARG A 310 42.65 -34.14 -54.39
N ILE A 311 42.45 -32.85 -54.59
CA ILE A 311 41.16 -32.36 -55.05
C ILE A 311 40.95 -32.75 -56.51
N ARG A 312 41.99 -32.56 -57.33
CA ARG A 312 41.96 -32.90 -58.76
C ARG A 312 41.59 -34.37 -58.93
N GLU A 313 42.36 -35.25 -58.28
CA GLU A 313 42.13 -36.71 -58.38
C GLU A 313 40.71 -37.15 -57.98
N GLY A 314 40.13 -36.49 -56.99
CA GLY A 314 38.74 -36.73 -56.59
C GLY A 314 37.71 -36.12 -57.53
N SER A 315 38.12 -35.15 -58.36
CA SER A 315 37.16 -34.37 -59.15
C SER A 315 36.76 -35.02 -60.47
N PRO A 316 35.46 -34.93 -60.80
CA PRO A 316 34.98 -35.34 -62.13
C PRO A 316 35.84 -34.74 -63.25
N TYR A 317 36.11 -33.43 -63.12
CA TYR A 317 36.73 -32.66 -64.19
C TYR A 317 38.28 -32.66 -64.13
N GLY A 318 38.84 -33.32 -63.11
CA GLY A 318 40.27 -33.21 -62.81
C GLY A 318 41.20 -33.71 -63.89
N HIS A 319 40.75 -34.69 -64.65
CA HIS A 319 41.50 -35.23 -65.77
C HIS A 319 41.88 -34.20 -66.86
N LEU A 320 41.01 -33.20 -67.10
CA LEU A 320 41.19 -32.26 -68.24
C LEU A 320 42.46 -31.39 -68.12
N PRO A 321 43.10 -31.07 -69.28
CA PRO A 321 44.23 -30.13 -69.32
C PRO A 321 43.74 -28.69 -69.15
N ASN A 322 42.45 -28.54 -69.43
CA ASN A 322 41.72 -27.29 -69.35
C ASN A 322 41.47 -26.81 -67.91
N TRP A 323 41.68 -27.72 -66.96
CA TRP A 323 41.24 -27.58 -65.56
C TRP A 323 42.28 -26.85 -64.71
N ARG A 324 41.81 -25.90 -63.90
CA ARG A 324 42.67 -25.24 -62.93
C ARG A 324 41.94 -24.98 -61.61
N LEU A 325 42.73 -24.81 -60.55
CA LEU A 325 42.19 -24.55 -59.21
C LEU A 325 42.49 -23.14 -58.69
N LEU A 326 41.44 -22.45 -58.23
CA LEU A 326 41.59 -21.12 -57.62
C LEU A 326 41.18 -21.09 -56.15
N SER A 327 41.44 -19.95 -55.50
CA SER A 327 41.11 -19.76 -54.07
C SER A 327 40.76 -18.28 -53.76
N VAL A 328 39.75 -18.06 -52.90
CA VAL A 328 39.35 -16.71 -52.45
C VAL A 328 38.86 -16.75 -51.02
N ILE A 329 39.18 -15.68 -50.31
CA ILE A 329 38.62 -15.44 -49.01
C ILE A 329 37.40 -14.60 -49.27
N VAL A 330 36.30 -14.93 -48.62
CA VAL A 330 35.08 -14.18 -48.76
C VAL A 330 34.78 -13.38 -47.51
N LYS A 331 34.76 -12.05 -47.65
CA LYS A 331 34.49 -11.21 -46.49
C LYS A 331 33.11 -10.61 -46.66
N CYS A 332 32.16 -11.11 -45.87
CA CYS A 332 30.75 -10.76 -46.06
C CYS A 332 30.38 -9.43 -45.42
N GLY A 333 31.04 -9.09 -44.31
CA GLY A 333 30.73 -7.88 -43.57
C GLY A 333 31.90 -6.93 -43.36
N ASP A 334 32.96 -7.06 -44.16
CA ASP A 334 34.13 -6.17 -44.03
C ASP A 334 34.32 -5.26 -45.31
N ASP A 335 34.56 -3.97 -45.10
CA ASP A 335 34.87 -3.04 -46.21
C ASP A 335 36.26 -3.33 -46.74
N LEU A 336 36.42 -3.34 -48.05
CA LEU A 336 37.71 -3.67 -48.65
C LEU A 336 38.35 -2.55 -49.44
N ARG A 337 37.85 -1.33 -49.29
CA ARG A 337 38.26 -0.26 -50.21
C ARG A 337 39.67 0.25 -49.86
N GLN A 338 39.96 0.33 -48.55
CA GLN A 338 41.32 0.61 -48.07
C GLN A 338 42.27 -0.48 -48.59
N GLU A 339 41.76 -1.70 -48.51
CA GLU A 339 42.54 -2.85 -48.90
C GLU A 339 42.87 -2.79 -50.39
N LEU A 340 41.88 -2.38 -51.18
CA LEU A 340 42.07 -2.14 -52.61
C LEU A 340 43.05 -1.02 -52.88
N LEU A 341 42.88 0.09 -52.18
CA LEU A 341 43.86 1.17 -52.35
C LEU A 341 45.29 0.68 -52.08
N ALA A 342 45.47 -0.06 -50.98
CA ALA A 342 46.81 -0.56 -50.62
C ALA A 342 47.41 -1.44 -51.72
N PHE A 343 46.54 -2.25 -52.32
CA PHE A 343 46.94 -3.14 -53.38
C PHE A 343 47.61 -2.39 -54.52
N GLN A 344 46.95 -1.34 -54.97
CA GLN A 344 47.45 -0.51 -56.06
C GLN A 344 48.82 0.06 -55.70
N VAL A 345 48.93 0.57 -54.49
CA VAL A 345 50.17 1.17 -54.04
C VAL A 345 51.27 0.12 -54.05
N LEU A 346 50.94 -1.08 -53.57
CA LEU A 346 51.93 -2.15 -53.52
C LEU A 346 52.35 -2.51 -54.94
N LYS A 347 51.36 -2.56 -55.82
CA LYS A 347 51.58 -2.97 -57.18
C LYS A 347 52.45 -1.97 -57.91
N GLN A 348 52.16 -0.69 -57.68
CA GLN A 348 53.00 0.38 -58.23
C GLN A 348 54.44 0.29 -57.68
N LEU A 349 54.60 0.19 -56.36
CA LEU A 349 55.96 0.12 -55.79
C LEU A 349 56.72 -1.07 -56.31
N GLN A 350 55.99 -2.16 -56.52
CA GLN A 350 56.59 -3.35 -57.11
C GLN A 350 57.18 -3.04 -58.50
N SER A 351 56.38 -2.39 -59.35
CA SER A 351 56.79 -2.07 -60.72
C SER A 351 57.93 -1.07 -60.68
N ILE A 352 57.82 -0.07 -59.81
CA ILE A 352 58.90 0.88 -59.62
C ILE A 352 60.16 0.10 -59.30
N TRP A 353 60.09 -0.83 -58.34
CA TRP A 353 61.31 -1.57 -57.94
C TRP A 353 61.81 -2.55 -59.01
N GLU A 354 60.91 -3.08 -59.83
CA GLU A 354 61.36 -3.85 -61.01
C GLU A 354 62.05 -2.98 -62.07
N GLN A 355 61.44 -1.84 -62.38
CA GLN A 355 61.91 -0.90 -63.41
C GLN A 355 63.31 -0.35 -63.07
N GLU A 356 63.47 0.29 -61.90
CA GLU A 356 64.81 0.51 -61.31
C GLU A 356 65.23 -0.92 -61.00
N ARG A 357 66.44 -1.17 -60.54
CA ARG A 357 66.81 -2.56 -60.44
C ARG A 357 67.23 -2.89 -59.05
N VAL A 358 66.23 -2.78 -58.19
CA VAL A 358 66.34 -3.09 -56.79
C VAL A 358 65.55 -4.39 -56.52
N PRO A 359 66.24 -5.45 -56.08
CA PRO A 359 65.56 -6.74 -55.89
C PRO A 359 64.80 -6.90 -54.56
N LEU A 360 64.13 -5.83 -54.10
CA LEU A 360 63.19 -5.95 -52.99
C LEU A 360 62.05 -6.86 -53.43
N TRP A 361 61.35 -7.43 -52.45
CA TRP A 361 60.26 -8.36 -52.73
C TRP A 361 59.03 -8.02 -51.89
N ILE A 362 57.88 -7.93 -52.55
CA ILE A 362 56.60 -7.82 -51.85
C ILE A 362 55.54 -8.58 -52.62
N LYS A 363 54.40 -8.77 -51.98
CA LYS A 363 53.29 -9.47 -52.61
C LYS A 363 52.01 -8.68 -52.44
N PRO A 364 51.62 -7.97 -53.50
CA PRO A 364 50.27 -7.47 -53.63
C PRO A 364 49.33 -8.64 -53.77
N TYR A 365 48.23 -8.62 -53.02
CA TYR A 365 47.22 -9.65 -53.17
C TYR A 365 45.94 -9.04 -53.67
N LYS A 366 45.34 -9.71 -54.66
CA LYS A 366 44.20 -9.17 -55.41
C LYS A 366 43.00 -8.93 -54.51
N ILE A 367 42.26 -7.87 -54.84
CA ILE A 367 41.10 -7.46 -54.08
C ILE A 367 39.93 -7.34 -55.02
N LEU A 368 38.77 -7.80 -54.57
CA LEU A 368 37.53 -7.51 -55.30
C LEU A 368 36.52 -6.88 -54.36
N VAL A 369 36.24 -5.62 -54.61
CA VAL A 369 35.24 -4.92 -53.83
C VAL A 369 33.89 -5.31 -54.39
N ILE A 370 32.98 -5.70 -53.51
CA ILE A 370 31.65 -6.07 -53.96
C ILE A 370 30.56 -5.07 -53.48
N SER A 371 30.71 -4.58 -52.25
CA SER A 371 29.92 -3.46 -51.74
C SER A 371 30.82 -2.66 -50.79
N ALA A 372 30.28 -1.57 -50.25
CA ALA A 372 30.99 -0.83 -49.22
C ALA A 372 31.16 -1.72 -47.98
N ASP A 373 30.32 -2.74 -47.88
CA ASP A 373 30.32 -3.69 -46.78
C ASP A 373 31.17 -4.91 -47.01
N SER A 374 31.29 -5.34 -48.27
CA SER A 374 31.73 -6.70 -48.59
C SER A 374 32.65 -6.82 -49.81
N GLY A 375 33.44 -7.88 -49.81
CA GLY A 375 34.36 -8.17 -50.91
C GLY A 375 35.10 -9.49 -50.75
N MET A 376 36.08 -9.69 -51.65
CA MET A 376 36.94 -10.90 -51.64
C MET A 376 38.44 -10.57 -51.78
N ILE A 377 39.26 -11.52 -51.33
CA ILE A 377 40.72 -11.41 -51.38
C ILE A 377 41.31 -12.71 -51.91
N GLU A 378 42.26 -12.63 -52.86
CA GLU A 378 43.05 -13.82 -53.26
C GLU A 378 44.21 -14.06 -52.29
N PRO A 379 44.17 -15.15 -51.52
CA PRO A 379 45.14 -15.34 -50.43
C PRO A 379 46.45 -15.83 -50.98
N VAL A 380 47.52 -15.63 -50.24
CA VAL A 380 48.77 -16.24 -50.63
C VAL A 380 48.74 -17.65 -50.08
N VAL A 381 49.04 -18.61 -50.95
CA VAL A 381 49.12 -20.03 -50.60
C VAL A 381 50.52 -20.42 -50.10
N ASN A 382 50.61 -21.54 -49.39
CA ASN A 382 51.85 -21.99 -48.75
C ASN A 382 52.45 -20.91 -47.86
N ALA A 383 51.56 -20.37 -47.04
CA ALA A 383 51.92 -19.29 -46.15
C ALA A 383 50.99 -19.31 -44.94
N VAL A 384 51.56 -19.07 -43.77
CA VAL A 384 50.79 -19.02 -42.53
C VAL A 384 51.38 -17.96 -41.63
N SER A 385 50.55 -17.51 -40.69
CA SER A 385 50.91 -16.37 -39.84
C SER A 385 52.14 -16.70 -38.99
N ILE A 386 52.97 -15.69 -38.74
CA ILE A 386 54.13 -15.86 -37.86
C ILE A 386 53.70 -16.40 -36.50
N HIS A 387 52.63 -15.82 -35.98
CA HIS A 387 52.14 -16.14 -34.64
C HIS A 387 51.81 -17.62 -34.49
N GLN A 388 51.09 -18.17 -35.47
CA GLN A 388 50.66 -19.56 -35.38
C GLN A 388 51.82 -20.50 -35.75
N VAL A 389 52.73 -20.05 -36.63
CA VAL A 389 53.99 -20.79 -36.87
C VAL A 389 54.76 -21.05 -35.58
N LYS A 390 54.67 -20.10 -34.65
CA LYS A 390 55.32 -20.26 -33.35
C LYS A 390 54.49 -21.04 -32.33
N LYS A 391 53.18 -21.11 -32.53
CA LYS A 391 52.31 -21.86 -31.63
C LYS A 391 52.19 -23.34 -32.03
N GLN A 392 52.23 -23.65 -33.32
CA GLN A 392 52.21 -25.05 -33.71
C GLN A 392 53.60 -25.69 -33.69
N SER A 393 54.63 -24.95 -34.08
CA SER A 393 56.03 -25.44 -33.95
C SER A 393 56.56 -25.46 -32.51
N GLN A 394 56.17 -24.46 -31.70
CA GLN A 394 56.78 -24.21 -30.38
C GLN A 394 58.25 -23.82 -30.48
N LEU A 395 58.68 -23.41 -31.67
CA LEU A 395 60.08 -23.08 -31.88
C LEU A 395 60.31 -21.57 -31.96
N SER A 396 61.60 -21.18 -31.92
CA SER A 396 62.00 -19.82 -32.29
C SER A 396 62.08 -19.74 -33.83
N LEU A 397 61.81 -18.55 -34.36
CA LEU A 397 61.68 -18.33 -35.80
C LEU A 397 62.84 -18.93 -36.61
N LEU A 398 64.03 -18.65 -36.10
CA LEU A 398 65.22 -19.19 -36.68
C LEU A 398 65.23 -20.70 -36.64
N ASP A 399 64.94 -21.25 -35.47
CA ASP A 399 64.90 -22.70 -35.31
C ASP A 399 63.93 -23.29 -36.36
N TYR A 400 62.78 -22.62 -36.55
CA TYR A 400 61.82 -23.06 -37.58
C TYR A 400 62.45 -23.00 -38.97
N PHE A 401 63.14 -21.88 -39.27
CA PHE A 401 63.89 -21.79 -40.55
C PHE A 401 64.82 -22.98 -40.77
N LEU A 402 65.59 -23.25 -39.72
CA LEU A 402 66.54 -24.32 -39.76
C LEU A 402 65.89 -25.68 -39.92
N GLN A 403 64.79 -25.91 -39.19
CA GLN A 403 64.05 -27.18 -39.35
C GLN A 403 63.52 -27.31 -40.79
N GLU A 404 62.88 -26.25 -41.29
CA GLU A 404 62.13 -26.35 -42.56
C GLU A 404 62.97 -26.19 -43.84
N HIS A 405 64.16 -25.58 -43.73
CA HIS A 405 65.02 -25.42 -44.92
C HIS A 405 66.34 -26.15 -44.84
N GLY A 406 66.96 -26.15 -43.66
CA GLY A 406 68.19 -26.89 -43.42
C GLY A 406 69.14 -26.04 -42.62
N SER A 407 70.36 -26.52 -42.44
CA SER A 407 71.38 -25.75 -41.73
C SER A 407 71.78 -24.51 -42.55
N TYR A 408 72.24 -23.46 -41.88
CA TYR A 408 72.62 -22.22 -42.58
C TYR A 408 73.78 -22.41 -43.56
N THR A 409 74.38 -23.60 -43.66
CA THR A 409 75.35 -23.88 -44.72
C THR A 409 74.72 -24.49 -45.96
N THR A 410 73.41 -24.72 -45.93
CA THR A 410 72.72 -25.28 -47.12
C THR A 410 72.20 -24.16 -48.06
N GLU A 411 72.01 -24.50 -49.33
CA GLU A 411 71.48 -23.56 -50.31
C GLU A 411 70.10 -23.06 -49.90
N ALA A 412 69.22 -24.04 -49.68
CA ALA A 412 67.81 -23.81 -49.32
C ALA A 412 67.69 -22.76 -48.22
N PHE A 413 68.60 -22.79 -47.26
CA PHE A 413 68.57 -21.83 -46.16
C PHE A 413 69.05 -20.47 -46.65
N LEU A 414 70.17 -20.43 -47.37
CA LEU A 414 70.77 -19.15 -47.75
C LEU A 414 69.84 -18.39 -48.67
N SER A 415 69.21 -19.14 -49.57
CA SER A 415 68.18 -18.58 -50.42
C SER A 415 66.96 -18.04 -49.62
N ALA A 416 66.49 -18.80 -48.63
CA ALA A 416 65.35 -18.38 -47.78
C ALA A 416 65.68 -17.13 -46.97
N GLN A 417 66.91 -17.08 -46.47
CA GLN A 417 67.40 -15.96 -45.70
C GLN A 417 67.33 -14.73 -46.58
N ARG A 418 67.84 -14.86 -47.80
CA ARG A 418 67.82 -13.78 -48.77
C ARG A 418 66.38 -13.29 -49.04
N ASN A 419 65.46 -14.21 -49.29
CA ASN A 419 64.03 -13.87 -49.46
C ASN A 419 63.43 -13.18 -48.24
N PHE A 420 63.85 -13.65 -47.05
CA PHE A 420 63.48 -12.99 -45.80
C PHE A 420 63.95 -11.53 -45.83
N VAL A 421 65.25 -11.35 -46.05
CA VAL A 421 65.84 -10.02 -46.01
C VAL A 421 65.21 -9.09 -47.04
N GLN A 422 65.03 -9.60 -48.26
CA GLN A 422 64.46 -8.80 -49.35
C GLN A 422 62.99 -8.50 -49.11
N SER A 423 62.24 -9.47 -48.53
CA SER A 423 60.82 -9.19 -48.24
C SER A 423 60.66 -8.22 -47.04
N CYS A 424 61.59 -8.29 -46.07
CA CYS A 424 61.55 -7.38 -44.90
C CYS A 424 61.79 -5.93 -45.29
N ALA A 425 62.83 -5.73 -46.10
CA ALA A 425 63.20 -4.38 -46.54
C ALA A 425 62.04 -3.76 -47.30
N GLY A 426 61.52 -4.54 -48.25
CA GLY A 426 60.33 -4.14 -48.98
C GLY A 426 59.24 -3.66 -48.04
N TYR A 427 58.81 -4.55 -47.16
CA TYR A 427 57.62 -4.27 -46.33
C TYR A 427 57.88 -3.14 -45.29
N CYS A 428 59.13 -3.00 -44.83
CA CYS A 428 59.48 -1.87 -43.97
C CYS A 428 59.12 -0.54 -44.68
N LEU A 429 59.55 -0.45 -45.93
CA LEU A 429 59.38 0.76 -46.75
C LEU A 429 57.91 1.07 -46.94
N VAL A 430 57.17 0.04 -47.28
CA VAL A 430 55.74 0.17 -47.40
C VAL A 430 55.11 0.65 -46.09
N CYS A 431 55.50 0.02 -44.97
CA CYS A 431 54.92 0.40 -43.67
C CYS A 431 55.20 1.83 -43.31
N TYR A 432 56.45 2.23 -43.52
CA TYR A 432 56.81 3.63 -43.29
C TYR A 432 56.03 4.55 -44.23
N LEU A 433 56.13 4.35 -45.54
CA LEU A 433 55.48 5.24 -46.51
C LEU A 433 53.98 5.32 -46.31
N LEU A 434 53.33 4.18 -46.09
CA LEU A 434 51.88 4.20 -45.86
C LEU A 434 51.47 4.44 -44.40
N GLN A 435 52.46 4.56 -43.52
CA GLN A 435 52.18 4.66 -42.09
C GLN A 435 51.22 3.54 -41.71
N VAL A 436 51.66 2.30 -41.96
CA VAL A 436 50.84 1.12 -41.65
C VAL A 436 50.91 0.88 -40.14
N LYS A 437 49.74 0.76 -39.49
CA LYS A 437 49.73 0.54 -38.02
C LYS A 437 49.16 -0.85 -37.68
N ASP A 438 48.95 -1.12 -36.39
CA ASP A 438 48.40 -2.39 -35.92
C ASP A 438 49.27 -3.56 -36.42
N ARG A 439 50.59 -3.40 -36.26
CA ARG A 439 51.53 -4.42 -36.75
C ARG A 439 51.86 -5.44 -35.65
N HIS A 440 51.44 -6.69 -35.86
CA HIS A 440 51.78 -7.80 -34.98
C HIS A 440 51.83 -9.09 -35.81
N ASN A 441 52.25 -10.18 -35.18
CA ASN A 441 52.52 -11.44 -35.88
C ASN A 441 51.29 -12.19 -36.42
N GLY A 442 50.11 -11.82 -35.93
CA GLY A 442 48.82 -12.17 -36.56
C GLY A 442 48.64 -11.57 -37.95
N ASN A 443 49.34 -10.46 -38.23
CA ASN A 443 49.23 -9.72 -39.53
C ASN A 443 50.41 -9.93 -40.50
N ILE A 444 51.32 -10.82 -40.13
CA ILE A 444 52.46 -11.11 -40.97
C ILE A 444 52.52 -12.59 -41.27
N LEU A 445 52.53 -12.89 -42.56
CA LEU A 445 52.56 -14.24 -43.04
C LEU A 445 53.99 -14.62 -43.39
N LEU A 446 54.29 -15.91 -43.29
CA LEU A 446 55.54 -16.45 -43.81
C LEU A 446 55.28 -17.50 -44.89
N ASP A 447 55.86 -17.34 -46.08
CA ASP A 447 55.64 -18.31 -47.18
C ASP A 447 56.69 -19.42 -47.18
N ALA A 448 56.45 -20.43 -48.01
CA ALA A 448 57.32 -21.63 -48.11
C ALA A 448 58.79 -21.38 -48.50
N GLU A 449 59.05 -20.25 -49.14
CA GLU A 449 60.39 -19.93 -49.61
C GLU A 449 61.09 -18.92 -48.70
N GLY A 450 60.39 -18.41 -47.68
CA GLY A 450 61.02 -17.51 -46.69
C GLY A 450 60.66 -16.03 -46.80
N HIS A 451 59.85 -15.67 -47.79
CA HIS A 451 59.31 -14.33 -47.85
C HIS A 451 58.28 -14.15 -46.72
N ILE A 452 58.27 -12.96 -46.13
CA ILE A 452 57.17 -12.54 -45.26
C ILE A 452 56.20 -11.73 -46.09
N ILE A 453 54.96 -11.64 -45.59
CA ILE A 453 53.91 -10.85 -46.24
C ILE A 453 53.00 -10.18 -45.22
N HIS A 454 52.98 -8.85 -45.18
CA HIS A 454 52.07 -8.14 -44.27
C HIS A 454 50.66 -8.15 -44.82
N ILE A 455 49.64 -8.10 -43.96
CA ILE A 455 48.27 -8.20 -44.51
C ILE A 455 47.11 -7.28 -44.07
N ASP A 456 46.98 -6.90 -42.80
CA ASP A 456 45.73 -6.20 -42.42
C ASP A 456 45.84 -4.69 -42.53
N PHE A 457 45.43 -4.15 -43.69
CA PHE A 457 45.62 -2.72 -43.97
C PHE A 457 44.43 -1.85 -43.59
N GLY A 458 43.70 -2.25 -42.54
CA GLY A 458 42.98 -1.28 -41.73
C GLY A 458 44.08 -0.50 -41.03
N PHE A 459 43.81 0.74 -40.63
CA PHE A 459 44.79 1.56 -39.89
C PHE A 459 46.04 1.91 -40.71
N ILE A 460 45.84 2.81 -41.66
CA ILE A 460 46.93 3.33 -42.50
C ILE A 460 46.77 4.85 -42.67
N LEU A 461 47.89 5.52 -42.99
CA LEU A 461 47.88 6.97 -43.23
C LEU A 461 47.34 7.77 -42.02
N SER A 462 46.34 8.60 -42.27
CA SER A 462 45.79 9.50 -41.25
C SER A 462 45.00 8.79 -40.16
N SER A 463 44.65 7.52 -40.39
CA SER A 463 43.79 6.77 -39.48
C SER A 463 44.35 6.67 -38.05
N SER A 464 43.45 6.97 -37.11
CA SER A 464 43.71 6.85 -35.67
C SER A 464 42.60 6.02 -34.99
N SER A 473 50.37 -0.80 -33.38
CA SER A 473 51.66 -0.13 -33.43
C SER A 473 52.31 -0.22 -34.81
N ALA A 474 53.38 0.57 -35.00
CA ALA A 474 54.11 0.69 -36.27
C ALA A 474 55.03 -0.50 -36.52
N PHE A 475 55.60 -0.57 -37.73
CA PHE A 475 56.51 -1.65 -38.13
C PHE A 475 57.68 -1.81 -37.15
N LYS A 476 57.90 -3.05 -36.72
CA LYS A 476 58.89 -3.37 -35.70
C LYS A 476 59.93 -4.35 -36.23
N LEU A 477 61.17 -4.25 -35.75
CA LEU A 477 62.22 -5.21 -36.06
C LEU A 477 62.69 -5.88 -34.76
N THR A 478 62.04 -6.97 -34.40
CA THR A 478 62.38 -7.69 -33.16
C THR A 478 63.72 -8.39 -33.31
N THR A 479 64.40 -8.64 -32.20
CA THR A 479 65.69 -9.33 -32.25
C THR A 479 65.55 -10.76 -32.80
N GLU A 480 64.36 -11.36 -32.66
CA GLU A 480 64.06 -12.66 -33.32
C GLU A 480 64.18 -12.56 -34.85
N PHE A 481 63.77 -11.42 -35.42
CA PHE A 481 63.93 -11.15 -36.87
C PHE A 481 65.39 -10.91 -37.23
N VAL A 482 66.07 -10.14 -36.39
CA VAL A 482 67.47 -9.81 -36.59
C VAL A 482 68.35 -11.06 -36.51
N ASP A 483 67.90 -12.01 -35.71
CA ASP A 483 68.59 -13.29 -35.57
C ASP A 483 68.55 -14.09 -36.89
N VAL A 484 67.36 -14.19 -37.48
CA VAL A 484 67.17 -14.87 -38.77
C VAL A 484 68.06 -14.21 -39.84
N MET A 485 68.28 -12.90 -39.72
CA MET A 485 69.17 -12.17 -40.62
C MET A 485 70.67 -12.40 -40.36
N GLY A 486 70.97 -13.13 -39.29
CA GLY A 486 72.36 -13.41 -38.94
C GLY A 486 72.98 -12.39 -37.99
N GLY A 487 72.17 -11.46 -37.45
CA GLY A 487 72.65 -10.51 -36.45
C GLY A 487 73.15 -9.18 -36.99
N LEU A 488 73.36 -8.25 -36.06
CA LEU A 488 73.65 -6.85 -36.37
C LEU A 488 74.93 -6.67 -37.21
N ASP A 489 75.91 -7.52 -36.99
CA ASP A 489 77.17 -7.50 -37.77
C ASP A 489 77.13 -8.38 -38.99
N GLY A 490 75.98 -9.01 -39.24
CA GLY A 490 75.84 -9.85 -40.43
C GLY A 490 75.97 -9.07 -41.74
N ASP A 491 76.46 -9.74 -42.79
CA ASP A 491 76.54 -9.15 -44.15
C ASP A 491 75.15 -8.86 -44.70
N MET A 492 74.29 -9.87 -44.51
CA MET A 492 72.92 -9.83 -44.99
C MET A 492 72.14 -8.70 -44.30
N PHE A 493 72.48 -8.40 -43.04
CA PHE A 493 71.82 -7.29 -42.33
C PHE A 493 72.26 -5.94 -42.84
N ASN A 494 73.58 -5.76 -43.00
CA ASN A 494 74.10 -4.59 -43.69
C ASN A 494 73.42 -4.43 -45.04
N TYR A 495 73.27 -5.55 -45.74
CA TYR A 495 72.63 -5.55 -47.06
C TYR A 495 71.16 -5.13 -46.96
N TYR A 496 70.46 -5.59 -45.92
CA TYR A 496 69.07 -5.11 -45.63
C TYR A 496 68.94 -3.60 -45.61
N LYS A 497 69.89 -2.95 -44.94
CA LYS A 497 69.89 -1.51 -44.90
C LYS A 497 70.21 -0.95 -46.28
N MET A 498 71.05 -1.68 -47.02
CA MET A 498 71.51 -1.24 -48.34
C MET A 498 70.31 -1.21 -49.29
N LEU A 499 69.47 -2.22 -49.14
CA LEU A 499 68.28 -2.39 -49.94
C LEU A 499 67.28 -1.29 -49.63
N MET A 500 67.11 -0.99 -48.34
CA MET A 500 66.17 0.03 -47.90
C MET A 500 66.49 1.37 -48.55
N LEU A 501 67.76 1.75 -48.46
CA LEU A 501 68.24 2.97 -49.11
C LEU A 501 67.97 2.96 -50.62
N GLN A 502 68.44 1.91 -51.29
CA GLN A 502 68.27 1.77 -52.73
C GLN A 502 66.81 1.89 -53.16
N GLY A 503 65.92 1.22 -52.42
CA GLY A 503 64.46 1.23 -52.71
C GLY A 503 63.79 2.57 -52.45
N LEU A 504 64.36 3.33 -51.51
CA LEU A 504 63.88 4.68 -51.19
C LEU A 504 64.33 5.63 -52.30
N ILE A 505 65.60 5.52 -52.67
CA ILE A 505 66.14 6.30 -53.79
C ILE A 505 65.28 6.11 -55.04
N ALA A 506 64.90 4.85 -55.28
CA ALA A 506 64.06 4.50 -56.41
C ALA A 506 62.68 5.17 -56.29
N ALA A 507 62.07 5.08 -55.10
CA ALA A 507 60.71 5.61 -54.86
C ALA A 507 60.60 7.11 -55.13
N ARG A 508 61.58 7.82 -54.58
CA ARG A 508 61.65 9.25 -54.79
C ARG A 508 61.60 9.65 -56.28
N LYS A 509 62.28 8.89 -57.12
CA LYS A 509 62.32 9.18 -58.57
C LYS A 509 60.96 8.94 -59.27
N HIS A 510 60.02 8.31 -58.59
CA HIS A 510 58.74 8.00 -59.24
C HIS A 510 57.60 8.38 -58.34
N MET A 511 57.91 9.21 -57.34
CA MET A 511 56.94 9.69 -56.37
C MET A 511 55.54 10.03 -56.94
N ASP A 512 55.47 10.71 -58.08
CA ASP A 512 54.19 11.20 -58.65
C ASP A 512 53.19 10.10 -58.89
N LYS A 513 53.70 8.99 -59.43
CA LYS A 513 52.88 7.79 -59.73
C LYS A 513 52.23 7.21 -58.48
N VAL A 514 52.92 7.29 -57.35
CA VAL A 514 52.39 6.76 -56.11
C VAL A 514 51.35 7.70 -55.59
N VAL A 515 51.73 8.97 -55.44
CA VAL A 515 50.86 10.00 -54.87
C VAL A 515 49.58 10.11 -55.68
N GLN A 516 49.70 10.08 -57.00
CA GLN A 516 48.55 10.14 -57.88
C GLN A 516 47.45 9.16 -57.43
N ILE A 517 47.85 7.91 -57.16
CA ILE A 517 46.90 6.84 -56.80
C ILE A 517 46.08 7.19 -55.58
N VAL A 518 46.76 7.70 -54.56
CA VAL A 518 46.13 7.99 -53.29
C VAL A 518 45.30 9.26 -53.41
N GLU A 519 45.90 10.26 -54.04
CA GLU A 519 45.29 11.58 -54.09
C GLU A 519 43.92 11.58 -54.79
N ILE A 520 43.81 10.80 -55.86
CA ILE A 520 42.56 10.71 -56.60
C ILE A 520 41.51 9.94 -55.81
N MET A 521 41.91 8.89 -55.11
CA MET A 521 40.98 8.10 -54.27
C MET A 521 40.38 8.89 -53.12
N GLN A 522 41.12 9.89 -52.64
CA GLN A 522 40.69 10.68 -51.50
C GLN A 522 39.42 11.49 -51.82
N GLN A 523 39.18 11.73 -53.11
CA GLN A 523 38.18 12.69 -53.61
C GLN A 523 36.85 12.84 -52.86
N GLY A 524 36.00 11.82 -52.90
CA GLY A 524 34.72 11.89 -52.20
C GLY A 524 34.68 10.77 -51.18
N SER A 525 35.84 10.55 -50.59
CA SER A 525 36.01 9.43 -49.71
C SER A 525 35.70 9.82 -48.29
N GLN A 526 35.04 8.92 -47.58
CA GLN A 526 34.72 9.13 -46.17
C GLN A 526 35.54 8.12 -45.31
N LEU A 527 36.52 7.49 -45.95
CA LEU A 527 37.29 6.42 -45.32
C LEU A 527 38.22 6.94 -44.23
N PRO A 528 38.34 6.18 -43.13
CA PRO A 528 39.18 6.53 -41.95
C PRO A 528 40.60 6.93 -42.29
N CYS A 529 41.17 6.35 -43.33
CA CYS A 529 42.53 6.69 -43.72
C CYS A 529 42.66 8.13 -44.26
N PHE A 530 41.54 8.75 -44.65
CA PHE A 530 41.57 10.15 -45.10
C PHE A 530 40.96 11.10 -44.07
N HIS A 531 40.88 10.66 -42.81
CA HIS A 531 40.28 11.49 -41.81
C HIS A 531 40.93 12.87 -41.67
N GLY A 532 42.24 12.94 -41.92
CA GLY A 532 42.98 14.19 -41.78
C GLY A 532 42.68 15.21 -42.88
N SER A 533 43.19 16.42 -42.70
CA SER A 533 43.22 17.42 -43.75
C SER A 533 44.55 17.39 -44.53
N SER A 534 45.57 16.72 -43.97
CA SER A 534 46.95 16.79 -44.48
C SER A 534 47.55 15.45 -44.83
N THR A 535 46.68 14.53 -45.24
CA THR A 535 47.05 13.17 -45.58
C THR A 535 48.10 13.16 -46.70
N ILE A 536 47.78 13.85 -47.80
CA ILE A 536 48.68 13.91 -48.94
C ILE A 536 49.95 14.71 -48.64
N ARG A 537 49.80 15.82 -47.91
CA ARG A 537 50.96 16.64 -47.53
C ARG A 537 51.94 15.83 -46.70
N ASN A 538 51.39 15.09 -45.75
CA ASN A 538 52.22 14.26 -44.90
C ASN A 538 52.90 13.16 -45.74
N LEU A 539 52.15 12.58 -46.66
CA LEU A 539 52.68 11.56 -47.53
C LEU A 539 53.87 12.07 -48.33
N LYS A 540 53.77 13.28 -48.85
CA LYS A 540 54.86 13.84 -49.68
C LYS A 540 56.13 14.12 -48.88
N GLU A 541 55.94 14.63 -47.67
CA GLU A 541 57.06 14.91 -46.77
C GLU A 541 57.86 13.63 -46.52
N ARG A 542 57.16 12.49 -46.44
CA ARG A 542 57.77 11.18 -46.18
C ARG A 542 58.68 10.68 -47.33
N PHE A 543 58.59 11.27 -48.52
CA PHE A 543 59.56 10.98 -49.58
C PHE A 543 60.83 11.79 -49.41
N HIS A 544 60.76 12.86 -48.60
CA HIS A 544 61.96 13.70 -48.35
C HIS A 544 62.70 14.10 -49.63
N MET A 545 61.95 14.71 -50.53
CA MET A 545 62.45 15.04 -51.87
C MET A 545 63.66 16.00 -51.89
N SER A 546 63.80 16.81 -50.84
CA SER A 546 64.96 17.69 -50.70
C SER A 546 66.28 16.95 -50.40
N MET A 547 66.22 15.74 -49.85
CA MET A 547 67.45 15.10 -49.30
C MET A 547 68.53 14.66 -50.32
N THR A 548 69.79 14.75 -49.93
CA THR A 548 70.86 14.04 -50.63
C THR A 548 70.95 12.61 -50.08
N GLU A 549 71.61 11.72 -50.83
CA GLU A 549 71.72 10.29 -50.45
C GLU A 549 72.25 10.08 -49.02
N GLU A 550 73.32 10.79 -48.70
CA GLU A 550 73.92 10.75 -47.37
C GLU A 550 72.86 11.04 -46.29
N GLN A 551 71.94 11.96 -46.60
CA GLN A 551 70.84 12.31 -45.67
C GLN A 551 69.85 11.16 -45.53
N LEU A 552 69.66 10.42 -46.63
CA LEU A 552 68.71 9.33 -46.66
C LEU A 552 69.29 8.14 -45.89
N GLN A 553 70.59 7.92 -46.05
CA GLN A 553 71.30 6.91 -45.27
C GLN A 553 71.04 7.09 -43.79
N LEU A 554 71.11 8.33 -43.34
CA LEU A 554 70.89 8.66 -41.94
C LEU A 554 69.44 8.42 -41.53
N LEU A 555 68.52 8.77 -42.43
CA LEU A 555 67.11 8.53 -42.20
C LEU A 555 66.80 7.04 -42.08
N VAL A 556 67.44 6.24 -42.93
CA VAL A 556 67.31 4.78 -42.88
C VAL A 556 67.79 4.26 -41.54
N GLU A 557 68.96 4.74 -41.10
CA GLU A 557 69.52 4.36 -39.80
C GLU A 557 68.54 4.70 -38.70
N GLN A 558 68.07 5.96 -38.69
CA GLN A 558 67.07 6.37 -37.68
C GLN A 558 65.87 5.47 -37.70
N MET A 559 65.37 5.23 -38.89
CA MET A 559 64.23 4.34 -39.10
C MET A 559 64.47 2.96 -38.49
N VAL A 560 65.63 2.37 -38.80
CA VAL A 560 65.98 1.02 -38.32
C VAL A 560 66.09 1.03 -36.80
N ASP A 561 66.89 1.95 -36.30
CA ASP A 561 67.10 2.04 -34.87
C ASP A 561 65.75 2.27 -34.15
N GLY A 562 64.87 3.06 -34.76
CA GLY A 562 63.49 3.23 -34.30
C GLY A 562 62.71 1.93 -34.28
N SER A 563 62.93 1.10 -35.29
CA SER A 563 62.18 -0.16 -35.41
C SER A 563 62.57 -1.18 -34.33
N MET A 564 63.73 -1.00 -33.69
CA MET A 564 64.23 -1.95 -32.69
C MET A 564 63.90 -1.58 -31.23
N ARG A 565 63.79 -0.29 -30.94
CA ARG A 565 63.48 0.18 -29.57
C ARG A 565 62.18 -0.42 -29.00
N SER A 566 61.18 -0.59 -29.86
CA SER A 566 59.80 -1.03 -29.51
C SER A 566 58.89 0.19 -29.29
N ASP B 9 50.15 43.72 -101.31
CA ASP B 9 49.72 44.79 -102.27
C ASP B 9 48.18 44.88 -102.41
N GLU B 10 47.72 44.71 -103.65
CA GLU B 10 46.35 45.00 -104.10
C GLU B 10 45.47 43.74 -104.10
N TYR B 11 44.27 43.86 -103.55
CA TYR B 11 43.26 42.82 -103.72
C TYR B 11 42.18 43.35 -104.68
N ASP B 12 41.46 42.42 -105.28
CA ASP B 12 40.31 42.74 -106.13
C ASP B 12 39.06 42.80 -105.28
N TYR B 13 39.10 42.10 -104.16
CA TYR B 13 37.95 42.03 -103.30
C TYR B 13 38.31 41.90 -101.84
N LEU B 14 37.41 42.44 -101.02
CA LEU B 14 37.46 42.35 -99.57
C LEU B 14 36.18 41.74 -99.00
N PHE B 15 36.24 40.47 -98.57
CA PHE B 15 35.02 39.77 -98.11
C PHE B 15 34.97 39.75 -96.59
N LYS B 16 33.89 40.30 -96.02
CA LYS B 16 33.65 40.24 -94.57
C LYS B 16 32.90 38.96 -94.18
N VAL B 17 33.56 38.12 -93.36
CA VAL B 17 32.95 36.84 -92.94
C VAL B 17 32.95 36.70 -91.44
N VAL B 18 31.86 36.16 -90.91
CA VAL B 18 31.76 36.01 -89.45
C VAL B 18 31.80 34.56 -89.06
N LEU B 19 32.37 34.29 -87.88
CA LEU B 19 32.30 32.95 -87.29
C LEU B 19 31.33 32.96 -86.15
N ILE B 20 30.30 32.10 -86.21
CA ILE B 20 29.33 32.03 -85.13
C ILE B 20 29.09 30.58 -84.69
N GLY B 21 28.53 30.46 -83.48
CA GLY B 21 28.20 29.17 -82.90
C GLY B 21 28.17 29.22 -81.37
N ASP B 22 27.78 28.11 -80.76
CA ASP B 22 27.85 27.95 -79.30
C ASP B 22 29.28 28.12 -78.79
N SER B 23 29.39 28.58 -77.55
CA SER B 23 30.69 28.79 -76.94
C SER B 23 31.41 27.45 -76.72
N GLY B 24 32.69 27.37 -77.12
CA GLY B 24 33.52 26.18 -76.90
C GLY B 24 33.69 25.27 -78.11
N VAL B 25 32.99 25.55 -79.19
CA VAL B 25 33.04 24.68 -80.38
C VAL B 25 34.36 24.73 -81.19
N GLY B 26 35.15 25.79 -81.03
CA GLY B 26 36.49 25.87 -81.66
C GLY B 26 36.74 27.00 -82.64
N LYS B 27 35.87 28.01 -82.62
CA LYS B 27 35.90 29.12 -83.57
C LYS B 27 37.27 29.80 -83.58
N SER B 28 37.78 30.13 -82.40
CA SER B 28 39.04 30.87 -82.30
C SER B 28 40.22 30.04 -82.83
N ASN B 29 40.12 28.73 -82.67
CA ASN B 29 41.16 27.83 -83.19
C ASN B 29 41.03 27.51 -84.67
N LEU B 30 39.81 27.45 -85.19
CA LEU B 30 39.63 27.41 -86.64
C LEU B 30 40.34 28.59 -87.27
N LEU B 31 40.08 29.75 -86.68
CA LEU B 31 40.69 30.99 -87.14
C LEU B 31 42.20 31.02 -86.96
N SER B 32 42.68 30.58 -85.79
CA SER B 32 44.14 30.58 -85.56
C SER B 32 44.85 29.57 -86.47
N ARG B 33 44.17 28.46 -86.74
CA ARG B 33 44.66 27.46 -87.64
C ARG B 33 44.73 28.07 -89.03
N PHE B 34 43.61 28.61 -89.48
CA PHE B 34 43.50 29.12 -90.84
C PHE B 34 44.42 30.29 -91.10
N THR B 35 44.59 31.19 -90.12
CA THR B 35 45.37 32.39 -90.41
C THR B 35 46.85 32.33 -90.06
N ARG B 36 47.23 31.58 -89.05
CA ARG B 36 48.67 31.47 -88.77
C ARG B 36 49.10 30.04 -88.54
N ASN B 37 48.25 29.11 -88.92
CA ASN B 37 48.53 27.70 -88.75
C ASN B 37 48.97 27.35 -87.31
N GLU B 38 48.16 27.74 -86.32
CA GLU B 38 48.42 27.43 -84.91
C GLU B 38 47.17 26.93 -84.22
N PHE B 39 47.34 26.11 -83.20
CA PHE B 39 46.23 25.54 -82.43
C PHE B 39 46.58 25.44 -80.96
N ASN B 40 45.57 25.42 -80.10
CA ASN B 40 45.80 25.19 -78.67
C ASN B 40 44.62 24.55 -77.93
N LEU B 41 44.96 23.60 -77.07
CA LEU B 41 43.98 22.97 -76.18
C LEU B 41 43.48 23.91 -75.10
N GLU B 42 44.40 24.67 -74.52
CA GLU B 42 44.05 25.71 -73.54
C GLU B 42 43.46 26.89 -74.31
N SER B 43 42.39 27.47 -73.76
CA SER B 43 41.52 28.31 -74.55
C SER B 43 41.12 29.53 -73.80
N LYS B 44 40.96 30.62 -74.54
CA LYS B 44 40.81 31.91 -73.93
C LYS B 44 39.50 32.46 -74.47
N SER B 45 38.51 32.66 -73.60
CA SER B 45 37.17 33.04 -74.04
C SER B 45 37.26 34.26 -74.93
N THR B 46 36.51 34.21 -76.02
CA THR B 46 36.48 35.30 -76.95
C THR B 46 35.55 36.36 -76.40
N ILE B 47 36.10 37.54 -76.16
CA ILE B 47 35.34 38.63 -75.54
C ILE B 47 34.85 39.58 -76.60
N GLY B 48 33.55 39.51 -76.91
CA GLY B 48 32.93 40.42 -77.88
C GLY B 48 33.31 39.99 -79.30
N VAL B 49 34.46 40.45 -79.79
CA VAL B 49 34.88 40.20 -81.18
C VAL B 49 36.39 40.20 -81.30
N GLU B 50 36.86 39.31 -82.16
CA GLU B 50 38.29 39.31 -82.50
C GLU B 50 38.45 39.35 -84.02
N PHE B 51 39.49 40.03 -84.45
CA PHE B 51 39.72 40.24 -85.88
C PHE B 51 40.98 39.55 -86.45
N ALA B 52 40.84 38.87 -87.59
CA ALA B 52 41.98 38.26 -88.31
C ALA B 52 41.75 38.17 -89.81
N THR B 53 42.86 38.16 -90.55
CA THR B 53 42.82 38.34 -92.01
C THR B 53 43.80 37.47 -92.79
N ARG B 54 43.40 37.10 -94.01
CA ARG B 54 44.21 36.30 -94.90
C ARG B 54 43.68 36.43 -96.34
N SER B 55 44.59 36.34 -97.29
CA SER B 55 44.28 36.48 -98.69
C SER B 55 44.31 35.14 -99.44
N ILE B 56 43.40 34.92 -100.39
CA ILE B 56 43.53 33.76 -101.32
C ILE B 56 43.24 34.12 -102.78
N GLN B 57 43.51 33.22 -103.74
CA GLN B 57 43.02 33.44 -105.13
C GLN B 57 42.01 32.40 -105.55
N VAL B 58 40.92 32.91 -106.08
CA VAL B 58 39.95 32.07 -106.74
C VAL B 58 39.65 32.66 -108.11
N ASP B 59 39.63 31.78 -109.09
CA ASP B 59 39.32 32.16 -110.47
C ASP B 59 40.16 33.33 -110.96
N GLY B 60 41.43 33.35 -110.52
CA GLY B 60 42.42 34.36 -110.94
C GLY B 60 42.41 35.71 -110.22
N LYS B 61 41.62 35.84 -109.15
CA LYS B 61 41.45 37.12 -108.47
C LYS B 61 41.91 37.01 -107.04
N THR B 62 42.71 37.99 -106.63
CA THR B 62 43.20 38.04 -105.25
C THR B 62 42.08 38.59 -104.35
N ILE B 63 41.59 37.73 -103.47
CA ILE B 63 40.53 38.06 -102.52
C ILE B 63 41.08 38.07 -101.11
N LYS B 64 40.97 39.24 -100.46
CA LYS B 64 41.31 39.33 -99.05
C LYS B 64 40.08 39.06 -98.17
N ALA B 65 40.21 38.07 -97.30
CA ALA B 65 39.12 37.75 -96.39
C ALA B 65 39.35 38.46 -95.07
N GLN B 66 38.29 39.08 -94.55
CA GLN B 66 38.31 39.64 -93.21
C GLN B 66 37.38 38.83 -92.30
N ILE B 67 38.00 38.12 -91.34
CA ILE B 67 37.23 37.20 -90.49
C ILE B 67 37.00 37.81 -89.12
N TRP B 68 35.73 37.74 -88.69
CA TRP B 68 35.34 38.25 -87.38
C TRP B 68 34.88 37.09 -86.51
N ASP B 69 35.68 36.86 -85.46
CA ASP B 69 35.46 35.76 -84.52
C ASP B 69 34.58 36.35 -83.44
N THR B 70 33.31 35.96 -83.44
CA THR B 70 32.27 36.71 -82.67
C THR B 70 32.14 36.36 -81.17
N ALA B 71 32.34 35.10 -80.77
CA ALA B 71 32.14 34.65 -79.36
C ALA B 71 30.74 34.09 -79.18
N GLY B 72 30.68 32.85 -78.70
CA GLY B 72 29.42 32.12 -78.50
C GLY B 72 28.66 32.51 -77.25
N LEU B 73 29.37 33.11 -76.30
CA LEU B 73 28.78 33.56 -75.06
C LEU B 73 27.71 34.65 -75.30
N GLU B 74 26.62 34.53 -74.54
CA GLU B 74 25.39 35.33 -74.69
C GLU B 74 25.58 36.74 -74.13
N ARG B 75 26.34 36.85 -73.04
CA ARG B 75 26.78 38.12 -72.46
C ARG B 75 27.06 39.18 -73.53
N TYR B 76 27.65 38.75 -74.64
CA TYR B 76 28.11 39.66 -75.70
C TYR B 76 27.20 39.72 -76.94
N ARG B 77 26.08 38.99 -76.92
CA ARG B 77 25.25 38.84 -78.11
C ARG B 77 24.49 40.15 -78.55
N ALA B 78 24.32 41.15 -77.66
CA ALA B 78 23.84 42.52 -78.05
C ALA B 78 24.80 43.30 -79.01
N ILE B 79 26.09 43.13 -78.78
CA ILE B 79 27.12 43.88 -79.55
C ILE B 79 27.76 43.07 -80.72
N THR B 80 27.65 41.71 -80.69
CA THR B 80 28.10 40.86 -81.84
C THR B 80 27.19 41.12 -83.01
N SER B 81 25.88 41.19 -82.74
CA SER B 81 24.87 41.45 -83.78
C SER B 81 25.12 42.75 -84.54
N ALA B 82 25.76 43.73 -83.89
CA ALA B 82 26.23 44.90 -84.59
C ALA B 82 27.14 44.53 -85.80
N TYR B 83 28.00 43.52 -85.65
CA TYR B 83 28.90 43.03 -86.72
C TYR B 83 28.31 42.16 -87.82
N TYR B 84 27.07 41.71 -87.63
CA TYR B 84 26.40 40.89 -88.65
C TYR B 84 26.13 41.72 -89.92
N ARG B 85 26.05 43.04 -89.70
CA ARG B 85 25.86 44.05 -90.73
C ARG B 85 26.75 43.85 -91.94
N GLY B 86 26.12 43.56 -93.08
CA GLY B 86 26.79 43.48 -94.37
C GLY B 86 27.93 42.45 -94.49
N ALA B 87 27.87 41.40 -93.68
CA ALA B 87 28.84 40.30 -93.82
C ALA B 87 28.35 39.43 -94.97
N VAL B 88 29.27 39.04 -95.86
CA VAL B 88 28.90 38.28 -97.05
C VAL B 88 28.78 36.79 -96.75
N GLY B 89 29.48 36.34 -95.72
CA GLY B 89 29.50 34.93 -95.34
C GLY B 89 29.51 34.68 -93.84
N ALA B 90 28.88 33.57 -93.46
CA ALA B 90 28.89 33.12 -92.06
C ALA B 90 29.20 31.63 -91.88
N LEU B 91 30.27 31.34 -91.15
CA LEU B 91 30.61 29.95 -90.80
C LEU B 91 29.91 29.62 -89.51
N LEU B 92 28.90 28.75 -89.61
CA LEU B 92 28.11 28.37 -88.45
C LEU B 92 28.66 27.07 -87.91
N VAL B 93 29.23 27.13 -86.72
CA VAL B 93 29.99 25.98 -86.24
C VAL B 93 29.37 25.27 -85.05
N TYR B 94 29.45 23.94 -85.08
CA TYR B 94 29.07 23.11 -83.94
C TYR B 94 30.17 22.07 -83.67
N ASP B 95 30.23 21.60 -82.43
CA ASP B 95 31.11 20.50 -82.02
C ASP B 95 30.52 19.10 -82.27
N ILE B 96 31.14 18.34 -83.18
CA ILE B 96 30.73 16.93 -83.48
C ILE B 96 30.47 16.03 -82.25
N ALA B 97 31.25 16.26 -81.19
CA ALA B 97 31.23 15.44 -79.97
C ALA B 97 30.28 15.95 -78.85
N LYS B 98 29.57 17.04 -79.10
CA LYS B 98 28.58 17.53 -78.12
C LYS B 98 27.22 17.82 -78.73
N HIS B 99 26.27 16.86 -78.62
CA HIS B 99 24.99 16.92 -79.38
C HIS B 99 24.20 18.24 -79.21
N LEU B 100 24.16 18.74 -77.98
CA LEU B 100 23.46 20.01 -77.67
C LEU B 100 23.86 21.16 -78.61
N THR B 101 25.14 21.22 -78.91
CA THR B 101 25.68 22.24 -79.77
C THR B 101 25.09 22.14 -81.19
N TYR B 102 24.76 20.91 -81.64
CA TYR B 102 24.08 20.72 -82.94
C TYR B 102 22.62 21.15 -82.82
N GLU B 103 22.02 20.89 -81.66
CA GLU B 103 20.64 21.24 -81.45
C GLU B 103 20.40 22.75 -81.57
N ASN B 104 21.34 23.57 -81.07
CA ASN B 104 21.18 25.05 -81.05
C ASN B 104 21.45 25.80 -82.37
N VAL B 105 21.83 25.04 -83.39
CA VAL B 105 22.09 25.65 -84.69
C VAL B 105 20.83 26.28 -85.29
N GLU B 106 19.65 25.82 -84.86
CA GLU B 106 18.39 26.39 -85.32
C GLU B 106 18.19 27.79 -84.78
N ARG B 107 18.53 28.01 -83.50
CA ARG B 107 18.42 29.36 -82.95
C ARG B 107 19.52 30.28 -83.48
N TRP B 108 20.63 29.68 -83.85
CA TRP B 108 21.72 30.45 -84.44
C TRP B 108 21.45 30.92 -85.88
N LEU B 109 20.52 30.31 -86.61
CA LEU B 109 20.18 30.75 -87.96
C LEU B 109 19.07 31.79 -87.97
N LYS B 110 18.18 31.70 -87.00
CA LYS B 110 17.16 32.72 -86.81
C LYS B 110 17.90 34.03 -86.48
N GLU B 111 18.94 33.90 -85.66
CA GLU B 111 19.83 35.00 -85.34
C GLU B 111 20.39 35.74 -86.55
N LEU B 112 20.37 35.12 -87.71
CA LEU B 112 20.79 35.81 -88.94
C LEU B 112 19.62 36.41 -89.69
N ARG B 113 18.43 35.84 -89.54
CA ARG B 113 17.26 36.38 -90.22
C ARG B 113 16.57 37.42 -89.31
N ASP B 114 17.31 37.92 -88.32
CA ASP B 114 16.90 39.10 -87.57
C ASP B 114 17.90 40.26 -87.65
N HIS B 115 19.21 39.97 -87.60
CA HIS B 115 20.25 41.03 -87.51
C HIS B 115 21.23 41.10 -88.69
N ALA B 116 20.98 40.35 -89.77
CA ALA B 116 21.95 40.27 -90.88
C ALA B 116 21.24 40.19 -92.24
N ASP B 117 22.00 40.50 -93.29
CA ASP B 117 21.47 40.41 -94.66
C ASP B 117 20.81 39.06 -94.85
N SER B 118 19.60 39.10 -95.40
CA SER B 118 18.81 37.89 -95.62
C SER B 118 19.27 37.10 -96.84
N ASN B 119 20.29 37.59 -97.53
CA ASN B 119 20.86 36.90 -98.68
C ASN B 119 22.34 36.65 -98.46
N ILE B 120 22.66 36.00 -97.34
CA ILE B 120 24.04 35.72 -96.94
C ILE B 120 24.40 34.25 -97.15
N VAL B 121 25.66 33.99 -97.50
CA VAL B 121 26.18 32.62 -97.69
C VAL B 121 26.57 31.96 -96.36
N ILE B 122 25.99 30.78 -96.10
CA ILE B 122 26.24 30.04 -94.85
C ILE B 122 26.82 28.64 -95.08
N MET B 123 27.90 28.33 -94.37
CA MET B 123 28.39 26.96 -94.30
C MET B 123 28.30 26.47 -92.87
N LEU B 124 27.69 25.29 -92.78
CA LEU B 124 27.59 24.50 -91.57
C LEU B 124 28.89 23.76 -91.37
N VAL B 125 29.43 23.85 -90.15
CA VAL B 125 30.68 23.19 -89.87
C VAL B 125 30.60 22.34 -88.61
N GLY B 126 30.85 21.05 -88.81
CA GLY B 126 31.05 20.12 -87.71
C GLY B 126 32.53 20.07 -87.39
N ASN B 127 32.89 20.64 -86.25
CA ASN B 127 34.29 20.67 -85.84
C ASN B 127 34.61 19.56 -84.84
N LYS B 128 35.93 19.28 -84.76
CA LYS B 128 36.51 18.30 -83.84
C LYS B 128 36.30 16.90 -84.41
N SER B 129 36.58 16.74 -85.71
CA SER B 129 36.45 15.43 -86.38
C SER B 129 37.49 14.44 -85.88
N ASP B 130 38.56 14.95 -85.29
CA ASP B 130 39.58 14.11 -84.67
C ASP B 130 39.06 13.27 -83.48
N LEU B 131 38.01 13.74 -82.80
CA LEU B 131 37.41 13.00 -81.69
C LEU B 131 36.44 11.89 -82.13
N ARG B 132 36.97 10.95 -82.93
CA ARG B 132 36.15 9.93 -83.60
C ARG B 132 35.24 9.18 -82.63
N HIS B 133 35.82 8.68 -81.53
CA HIS B 133 35.13 7.79 -80.60
C HIS B 133 34.04 8.48 -79.76
N LEU B 134 34.07 9.80 -79.68
CA LEU B 134 33.08 10.53 -78.87
C LEU B 134 31.98 11.19 -79.70
N ARG B 135 31.97 10.88 -81.01
CA ARG B 135 31.01 11.46 -81.95
C ARG B 135 29.57 11.38 -81.44
N ALA B 136 28.90 12.53 -81.35
CA ALA B 136 27.49 12.55 -80.91
C ALA B 136 26.51 13.02 -82.01
N VAL B 137 27.06 13.36 -83.19
CA VAL B 137 26.29 13.80 -84.35
C VAL B 137 26.80 13.10 -85.61
N PRO B 138 25.98 12.19 -86.18
CA PRO B 138 26.46 11.46 -87.34
C PRO B 138 26.57 12.37 -88.55
N THR B 139 27.61 12.16 -89.36
CA THR B 139 27.87 12.94 -90.57
C THR B 139 26.65 13.01 -91.49
N ASP B 140 25.92 11.89 -91.61
CA ASP B 140 24.76 11.80 -92.51
C ASP B 140 23.58 12.69 -92.06
N GLU B 141 23.24 12.63 -90.76
CA GLU B 141 22.13 13.44 -90.23
C GLU B 141 22.38 14.91 -90.43
N ALA B 142 23.61 15.34 -90.24
CA ALA B 142 23.97 16.73 -90.35
C ALA B 142 23.83 17.17 -91.80
N ARG B 143 24.46 16.46 -92.75
CA ARG B 143 24.44 16.82 -94.20
C ARG B 143 23.02 16.80 -94.76
N ALA B 144 22.18 15.93 -94.20
CA ALA B 144 20.77 15.94 -94.52
C ALA B 144 20.16 17.30 -94.14
N PHE B 145 20.32 17.68 -92.87
CA PHE B 145 19.82 18.96 -92.35
C PHE B 145 20.43 20.14 -93.10
N ALA B 146 21.65 19.97 -93.56
CA ALA B 146 22.37 21.05 -94.21
C ALA B 146 21.63 21.57 -95.41
N GLU B 147 21.26 20.67 -96.32
CA GLU B 147 20.68 21.13 -97.56
C GLU B 147 19.15 21.20 -97.52
N LYS B 148 18.54 20.58 -96.51
CA LYS B 148 17.14 20.85 -96.16
C LYS B 148 16.98 22.34 -95.82
N ASN B 149 18.03 22.97 -95.32
CA ASN B 149 18.00 24.41 -95.02
C ASN B 149 18.86 25.26 -95.93
N GLY B 150 19.32 24.66 -97.01
CA GLY B 150 20.08 25.40 -98.04
C GLY B 150 21.43 25.95 -97.60
N LEU B 151 22.16 25.10 -96.87
CA LEU B 151 23.47 25.41 -96.31
C LEU B 151 24.50 24.45 -96.89
N SER B 152 25.72 24.92 -97.11
CA SER B 152 26.82 24.03 -97.51
C SER B 152 27.43 23.38 -96.26
N PHE B 153 28.06 22.21 -96.40
CA PHE B 153 28.44 21.38 -95.24
C PHE B 153 29.84 20.76 -95.33
N ILE B 154 30.54 20.69 -94.19
CA ILE B 154 31.90 20.09 -94.12
C ILE B 154 32.23 19.77 -92.66
N GLU B 155 33.14 18.82 -92.46
CA GLU B 155 33.61 18.48 -91.12
C GLU B 155 35.09 18.79 -91.02
N THR B 156 35.48 19.46 -89.94
CA THR B 156 36.85 19.88 -89.71
C THR B 156 37.43 19.44 -88.38
N SER B 157 38.75 19.45 -88.33
CA SER B 157 39.47 19.38 -87.08
C SER B 157 40.45 20.51 -87.14
N ALA B 158 40.20 21.54 -86.34
CA ALA B 158 41.20 22.58 -86.14
C ALA B 158 42.49 21.99 -85.57
N LEU B 159 42.35 20.95 -84.75
CA LEU B 159 43.48 20.34 -84.07
C LEU B 159 44.48 19.66 -85.03
N ASP B 160 44.01 18.72 -85.86
CA ASP B 160 44.90 18.03 -86.82
C ASP B 160 44.97 18.77 -88.17
N SER B 161 44.12 19.80 -88.31
CA SER B 161 44.08 20.71 -89.49
C SER B 161 43.26 20.21 -90.72
N THR B 162 42.68 19.02 -90.61
CA THR B 162 41.81 18.47 -91.65
C THR B 162 40.76 19.49 -92.07
N ASN B 163 40.74 19.81 -93.37
CA ASN B 163 39.65 20.53 -94.02
C ASN B 163 39.54 22.00 -93.67
N VAL B 164 40.51 22.53 -92.95
CA VAL B 164 40.36 23.89 -92.47
C VAL B 164 40.50 24.84 -93.65
N GLU B 165 41.56 24.67 -94.41
CA GLU B 165 41.72 25.50 -95.60
C GLU B 165 40.56 25.29 -96.55
N ALA B 166 40.25 24.03 -96.79
CA ALA B 166 39.14 23.67 -97.67
C ALA B 166 37.87 24.40 -97.29
N ALA B 167 37.57 24.40 -96.00
CA ALA B 167 36.30 24.98 -95.54
C ALA B 167 36.20 26.45 -95.93
N PHE B 168 37.23 27.21 -95.59
CA PHE B 168 37.31 28.62 -95.96
C PHE B 168 37.24 28.78 -97.46
N GLN B 169 38.12 28.03 -98.15
CA GLN B 169 38.24 28.14 -99.60
C GLN B 169 36.92 27.87 -100.33
N THR B 170 36.13 26.95 -99.78
CA THR B 170 34.80 26.67 -100.31
C THR B 170 33.89 27.89 -100.17
N ILE B 171 33.74 28.37 -98.95
CA ILE B 171 32.78 29.43 -98.72
C ILE B 171 33.19 30.74 -99.39
N LEU B 172 34.50 30.99 -99.47
CA LEU B 172 34.93 32.23 -100.15
C LEU B 172 34.67 32.19 -101.66
N THR B 173 34.94 31.01 -102.23
CA THR B 173 34.66 30.72 -103.64
C THR B 173 33.15 30.87 -103.94
N GLU B 174 32.37 30.16 -103.13
CA GLU B 174 30.88 30.22 -103.18
C GLU B 174 30.41 31.69 -103.22
N ILE B 175 30.93 32.47 -102.28
CA ILE B 175 30.65 33.91 -102.24
C ILE B 175 31.10 34.64 -103.49
N TYR B 176 32.34 34.45 -103.90
CA TYR B 176 32.84 35.17 -105.07
C TYR B 176 32.01 35.07 -106.36
N ARG B 177 31.21 34.02 -106.49
CA ARG B 177 30.27 33.97 -107.64
C ARG B 177 28.78 34.14 -107.30
N ILE B 178 28.45 34.58 -106.09
CA ILE B 178 27.11 35.09 -105.81
C ILE B 178 27.09 36.58 -106.17
N VAL B 179 28.16 37.28 -105.81
CA VAL B 179 28.25 38.72 -105.98
C VAL B 179 28.01 39.21 -107.40
N SER B 180 28.55 38.49 -108.38
CA SER B 180 28.53 38.94 -109.78
C SER B 180 27.07 39.06 -110.28
N GLN B 181 26.75 40.20 -110.91
CA GLN B 181 25.40 40.50 -111.38
C GLN B 181 24.35 40.18 -110.32
N SER C 10 25.61 65.04 -57.87
CA SER C 10 25.57 65.98 -56.69
C SER C 10 24.27 65.87 -55.85
N TRP C 11 23.39 64.93 -56.17
CA TRP C 11 22.11 64.75 -55.41
C TRP C 11 22.31 64.30 -53.96
N LEU C 12 23.30 63.43 -53.72
CA LEU C 12 23.63 63.00 -52.36
C LEU C 12 24.22 64.21 -51.59
N LEU C 13 25.27 64.81 -52.13
CA LEU C 13 25.86 66.03 -51.51
C LEU C 13 24.82 67.13 -51.28
N ARG C 14 23.79 67.17 -52.13
CA ARG C 14 22.68 68.11 -51.93
C ARG C 14 22.03 67.84 -50.58
N LEU C 15 21.71 66.56 -50.36
CA LEU C 15 21.11 66.10 -49.11
C LEU C 15 21.99 66.50 -47.91
N PHE C 16 23.26 66.08 -47.96
CA PHE C 16 24.17 66.34 -46.84
C PHE C 16 24.34 67.84 -46.53
N GLU C 17 24.14 68.71 -47.52
CA GLU C 17 24.23 70.17 -47.30
C GLU C 17 22.90 70.81 -46.93
N SER C 18 21.85 70.00 -46.93
CA SER C 18 20.55 70.51 -46.55
C SER C 18 20.38 70.52 -45.01
N LYS C 19 19.31 71.13 -44.55
CA LYS C 19 19.02 71.15 -43.12
C LYS C 19 18.66 69.78 -42.57
N LEU C 20 18.12 68.93 -43.45
CA LEU C 20 17.86 67.51 -43.14
C LEU C 20 18.95 66.78 -42.37
N PHE C 21 20.17 67.24 -42.61
CA PHE C 21 21.32 66.55 -42.14
C PHE C 21 21.39 66.75 -40.63
N ASP C 22 21.14 65.66 -39.90
CA ASP C 22 21.31 65.61 -38.47
C ASP C 22 22.22 64.44 -38.11
N ILE C 23 22.71 64.54 -36.89
CA ILE C 23 23.64 63.56 -36.35
C ILE C 23 23.26 62.09 -36.63
N SER C 24 21.96 61.81 -36.56
CA SER C 24 21.44 60.49 -36.89
C SER C 24 21.78 60.10 -38.33
N MET C 25 21.35 60.93 -39.26
CA MET C 25 21.60 60.65 -40.68
C MET C 25 23.10 60.51 -40.87
N ALA C 26 23.86 61.43 -40.28
CA ALA C 26 25.35 61.37 -40.37
C ALA C 26 25.86 59.98 -39.98
N ILE C 27 25.47 59.57 -38.77
CA ILE C 27 25.89 58.27 -38.27
C ILE C 27 25.43 57.12 -39.17
N SER C 28 24.20 57.20 -39.69
CA SER C 28 23.63 56.15 -40.55
C SER C 28 24.52 55.91 -41.76
N TYR C 29 24.84 57.00 -42.44
CA TYR C 29 25.63 56.93 -43.65
C TYR C 29 27.05 56.54 -43.30
N LEU C 30 27.57 57.10 -42.20
CA LEU C 30 28.87 56.66 -41.72
C LEU C 30 28.93 55.15 -41.52
N TYR C 31 27.86 54.59 -40.98
CA TYR C 31 27.79 53.18 -40.69
C TYR C 31 27.58 52.34 -41.97
N ASN C 32 26.77 52.85 -42.92
CA ASN C 32 26.33 52.06 -44.10
C ASN C 32 27.16 52.25 -45.39
N SER C 33 27.46 53.50 -45.75
CA SER C 33 28.29 53.73 -46.92
C SER C 33 29.67 53.06 -46.77
N LYS C 34 30.11 52.36 -47.82
CA LYS C 34 31.47 51.81 -47.85
C LYS C 34 32.41 52.72 -48.64
N GLU C 35 31.91 53.89 -49.02
CA GLU C 35 32.69 54.85 -49.80
C GLU C 35 33.59 55.66 -48.85
N PRO C 36 34.92 55.56 -49.03
CA PRO C 36 35.82 56.28 -48.11
C PRO C 36 35.69 57.80 -48.17
N GLY C 37 35.28 58.33 -49.31
CA GLY C 37 35.09 59.78 -49.48
C GLY C 37 33.90 60.29 -48.69
N VAL C 38 32.91 59.43 -48.49
CA VAL C 38 31.73 59.77 -47.71
C VAL C 38 32.07 59.77 -46.23
N GLN C 39 32.70 58.67 -45.81
CA GLN C 39 33.18 58.51 -44.45
C GLN C 39 33.98 59.74 -44.01
N ALA C 40 34.96 60.11 -44.83
CA ALA C 40 35.78 61.30 -44.57
C ALA C 40 34.95 62.60 -44.57
N TYR C 41 34.03 62.75 -45.53
CA TYR C 41 33.19 63.95 -45.57
C TYR C 41 32.36 64.10 -44.32
N ILE C 42 31.86 62.99 -43.80
CA ILE C 42 31.05 63.05 -42.60
C ILE C 42 31.93 63.26 -41.37
N GLY C 43 33.05 62.54 -41.31
CA GLY C 43 34.09 62.80 -40.29
C GLY C 43 34.38 64.28 -40.11
N ASN C 44 34.43 65.02 -41.23
CA ASN C 44 34.63 66.48 -41.20
C ASN C 44 33.38 67.21 -40.70
N ARG C 45 32.20 66.76 -41.12
CA ARG C 45 31.00 67.49 -40.78
C ARG C 45 30.57 67.30 -39.32
N LEU C 46 31.07 66.26 -38.63
CA LEU C 46 30.81 66.13 -37.18
C LEU C 46 31.09 67.42 -36.41
N PHE C 47 32.19 68.08 -36.78
CA PHE C 47 32.61 69.33 -36.14
C PHE C 47 31.49 70.32 -36.22
N CYS C 48 30.71 70.27 -37.30
CA CYS C 48 29.68 71.27 -37.51
C CYS C 48 28.48 71.14 -36.52
N PHE C 49 28.26 69.97 -35.94
CA PHE C 49 27.10 69.77 -35.03
C PHE C 49 27.25 70.35 -33.62
N ARG C 50 26.12 70.55 -32.95
CA ARG C 50 26.09 70.83 -31.51
C ARG C 50 26.59 69.65 -30.67
N ASN C 51 27.52 69.97 -29.78
CA ASN C 51 28.11 69.01 -28.82
C ASN C 51 27.11 68.07 -28.12
N GLU C 52 25.98 68.65 -27.72
CA GLU C 52 24.98 67.95 -26.91
C GLU C 52 24.42 66.78 -27.72
N ASP C 53 24.17 67.07 -28.99
CA ASP C 53 23.45 66.13 -29.85
C ASP C 53 24.35 64.97 -30.14
N VAL C 54 25.63 65.26 -30.35
CA VAL C 54 26.63 64.25 -30.68
C VAL C 54 26.94 63.40 -29.44
N ASP C 55 27.03 64.08 -28.28
CA ASP C 55 27.32 63.42 -26.99
C ASP C 55 26.50 62.12 -26.82
N PHE C 56 25.20 62.27 -27.01
CA PHE C 56 24.26 61.16 -26.91
C PHE C 56 24.69 59.87 -27.68
N TYR C 57 25.44 60.03 -28.77
CA TYR C 57 25.83 58.89 -29.62
C TYR C 57 27.30 58.45 -29.40
N LEU C 58 27.95 59.02 -28.37
CA LEU C 58 29.38 58.72 -28.15
C LEU C 58 29.69 57.22 -28.10
N PRO C 59 28.83 56.42 -27.45
CA PRO C 59 29.11 54.98 -27.45
C PRO C 59 29.13 54.35 -28.86
N GLN C 60 28.26 54.84 -29.75
CA GLN C 60 28.16 54.29 -31.12
C GLN C 60 29.42 54.59 -31.89
N LEU C 61 29.75 55.88 -31.91
CA LEU C 61 30.97 56.32 -32.55
C LEU C 61 32.18 55.49 -32.09
N LEU C 62 32.38 55.44 -30.76
CA LEU C 62 33.51 54.70 -30.19
C LEU C 62 33.45 53.20 -30.48
N ASN C 63 32.25 52.63 -30.49
CA ASN C 63 32.11 51.21 -30.87
C ASN C 63 32.57 50.97 -32.32
N MET C 64 32.02 51.81 -33.22
CA MET C 64 32.43 51.78 -34.61
C MET C 64 33.96 51.91 -34.74
N TYR C 65 34.53 52.94 -34.09
CA TYR C 65 36.01 53.13 -34.09
C TYR C 65 36.78 51.84 -33.80
N ILE C 66 36.35 51.17 -32.73
CA ILE C 66 37.02 49.96 -32.25
C ILE C 66 36.82 48.83 -33.25
N HIS C 67 35.56 48.56 -33.61
CA HIS C 67 35.26 47.27 -34.28
C HIS C 67 35.14 47.32 -35.80
N MET C 68 35.23 48.53 -36.37
CA MET C 68 35.05 48.69 -37.81
C MET C 68 36.38 48.94 -38.55
N ASP C 69 36.26 49.03 -39.88
CA ASP C 69 37.35 49.39 -40.80
C ASP C 69 38.20 50.53 -40.26
N GLU C 70 39.51 50.41 -40.43
CA GLU C 70 40.42 51.49 -40.08
C GLU C 70 39.97 52.83 -40.69
N ASP C 71 39.56 52.79 -41.96
CA ASP C 71 38.93 53.94 -42.68
C ASP C 71 37.92 54.67 -41.80
N VAL C 72 37.04 53.88 -41.16
CA VAL C 72 35.93 54.43 -40.41
C VAL C 72 36.46 55.09 -39.12
N GLY C 73 37.28 54.34 -38.39
CA GLY C 73 37.95 54.85 -37.20
C GLY C 73 38.65 56.18 -37.46
N ASP C 74 39.49 56.19 -38.50
CA ASP C 74 40.32 57.36 -38.80
C ASP C 74 39.52 58.63 -39.21
N ALA C 75 38.31 58.44 -39.73
CA ALA C 75 37.40 59.56 -40.05
C ALA C 75 36.80 60.19 -38.77
N ILE C 76 36.61 59.36 -37.75
CA ILE C 76 35.96 59.80 -36.50
C ILE C 76 36.95 60.48 -35.54
N LYS C 77 38.17 59.95 -35.53
CA LYS C 77 39.18 60.28 -34.50
C LYS C 77 39.40 61.80 -34.27
N PRO C 78 39.72 62.55 -35.34
CA PRO C 78 40.09 63.95 -35.15
C PRO C 78 39.03 64.77 -34.38
N TYR C 79 37.74 64.50 -34.65
CA TYR C 79 36.65 65.14 -33.93
C TYR C 79 36.69 64.78 -32.46
N ILE C 80 36.92 63.51 -32.21
CA ILE C 80 36.96 63.04 -30.85
C ILE C 80 38.13 63.74 -30.13
N VAL C 81 39.32 63.69 -30.72
CA VAL C 81 40.51 64.40 -30.20
C VAL C 81 40.16 65.86 -29.90
N HIS C 82 39.53 66.52 -30.89
CA HIS C 82 39.09 67.90 -30.70
C HIS C 82 38.20 68.05 -29.44
N ARG C 83 37.19 67.18 -29.29
CA ARG C 83 36.34 67.28 -28.08
C ARG C 83 37.11 67.04 -26.78
N CYS C 84 37.91 65.98 -26.82
CA CYS C 84 38.76 65.58 -25.70
C CYS C 84 39.65 66.72 -25.20
N ARG C 85 40.13 67.56 -26.12
CA ARG C 85 40.98 68.71 -25.74
C ARG C 85 40.25 69.86 -25.04
N GLN C 86 38.94 69.95 -25.23
CA GLN C 86 38.20 71.10 -24.69
C GLN C 86 37.33 70.74 -23.47
N SER C 87 37.32 69.46 -23.10
CA SER C 87 36.55 68.99 -21.94
C SER C 87 37.19 67.72 -21.37
N ILE C 88 37.64 67.77 -20.12
CA ILE C 88 38.22 66.56 -19.51
C ILE C 88 37.12 65.57 -19.14
N ASN C 89 35.92 66.07 -18.86
CA ASN C 89 34.75 65.20 -18.69
C ASN C 89 34.65 64.31 -19.93
N PHE C 90 34.62 64.95 -21.10
CA PHE C 90 34.58 64.25 -22.37
C PHE C 90 35.70 63.21 -22.48
N SER C 91 36.91 63.65 -22.16
CA SER C 91 38.08 62.75 -22.19
C SER C 91 37.81 61.51 -21.34
N LEU C 92 37.30 61.76 -20.14
CA LEU C 92 37.04 60.69 -19.18
C LEU C 92 36.10 59.63 -19.75
N GLN C 93 34.96 60.06 -20.27
CA GLN C 93 33.96 59.13 -20.78
C GLN C 93 34.55 58.32 -21.94
N CYS C 94 35.31 59.01 -22.80
CA CYS C 94 36.03 58.34 -23.90
C CYS C 94 36.93 57.24 -23.34
N ALA C 95 37.82 57.64 -22.42
CA ALA C 95 38.77 56.66 -21.83
C ALA C 95 38.00 55.47 -21.21
N LEU C 96 36.96 55.77 -20.45
CA LEU C 96 36.17 54.72 -19.79
C LEU C 96 35.51 53.78 -20.80
N LEU C 97 34.86 54.36 -21.81
CA LEU C 97 34.14 53.57 -22.83
C LEU C 97 35.07 52.73 -23.71
N LEU C 98 36.16 53.36 -24.15
CA LEU C 98 37.17 52.65 -24.94
C LEU C 98 37.63 51.37 -24.23
N GLY C 99 37.95 51.50 -22.94
CA GLY C 99 38.38 50.37 -22.12
C GLY C 99 37.30 49.34 -21.97
N ALA C 100 36.10 49.80 -21.60
CA ALA C 100 34.96 48.91 -21.43
C ALA C 100 34.55 48.12 -22.68
N TYR C 101 34.62 48.74 -23.85
CA TYR C 101 34.20 48.07 -25.10
C TYR C 101 35.30 47.28 -25.85
N SER C 102 36.36 46.86 -25.13
CA SER C 102 37.44 46.00 -25.67
C SER C 102 38.05 45.02 -24.63
N SER C 103 37.53 43.79 -24.63
CA SER C 103 37.99 42.73 -23.75
C SER C 103 37.64 41.36 -24.34
N ARG C 114 43.56 47.96 -31.13
CA ARG C 114 42.92 49.16 -31.66
C ARG C 114 42.51 50.18 -30.58
N GLY C 115 41.81 49.72 -29.56
CA GLY C 115 41.22 50.66 -28.60
C GLY C 115 42.29 51.24 -27.71
N THR C 116 43.12 50.31 -27.27
CA THR C 116 44.14 50.52 -26.29
C THR C 116 45.09 51.69 -26.61
N LYS C 117 45.56 51.76 -27.86
CA LYS C 117 46.54 52.79 -28.21
C LYS C 117 45.98 54.21 -27.97
N LEU C 118 44.71 54.42 -28.30
CA LEU C 118 44.11 55.75 -28.18
C LEU C 118 43.73 56.11 -26.74
N ARG C 119 43.27 55.12 -25.99
CA ARG C 119 42.96 55.32 -24.58
C ARG C 119 44.17 55.90 -23.84
N LYS C 120 45.31 55.24 -24.02
CA LYS C 120 46.58 55.68 -23.43
C LYS C 120 46.97 57.09 -23.88
N LEU C 121 46.69 57.40 -25.14
CA LEU C 121 46.91 58.74 -25.67
C LEU C 121 45.98 59.82 -25.07
N ILE C 122 44.73 59.45 -24.77
CA ILE C 122 43.79 60.38 -24.09
C ILE C 122 44.15 60.58 -22.63
N LEU C 123 44.41 59.47 -21.94
CA LEU C 123 44.90 59.53 -20.57
C LEU C 123 46.26 60.30 -20.48
N SER C 124 47.09 60.23 -21.52
CA SER C 124 48.26 61.15 -21.64
C SER C 124 47.80 62.59 -21.87
N ARG C 188 47.04 64.68 -13.99
CA ARG C 188 46.27 65.07 -15.16
C ARG C 188 44.78 64.83 -14.94
N LEU C 189 44.45 63.55 -14.79
CA LEU C 189 43.11 63.08 -14.43
C LEU C 189 43.17 62.20 -13.17
N ALA C 190 44.36 62.16 -12.57
CA ALA C 190 44.64 61.26 -11.46
C ALA C 190 43.64 61.41 -10.29
N PRO C 191 43.31 62.67 -9.89
CA PRO C 191 42.36 62.86 -8.78
C PRO C 191 41.06 62.09 -8.98
N GLU C 192 40.44 62.28 -10.15
CA GLU C 192 39.20 61.60 -10.50
C GLU C 192 39.39 60.07 -10.59
N ARG C 193 40.41 59.62 -11.33
CA ARG C 193 40.65 58.16 -11.51
C ARG C 193 40.91 57.43 -10.20
N GLU C 194 41.59 58.13 -9.28
CA GLU C 194 41.88 57.57 -7.97
C GLU C 194 40.65 57.65 -7.07
N PHE C 195 39.94 58.78 -7.13
CA PHE C 195 38.63 58.90 -6.49
C PHE C 195 37.73 57.70 -6.88
N ILE C 196 37.65 57.40 -8.18
CA ILE C 196 36.80 56.28 -8.68
C ILE C 196 37.37 54.91 -8.28
N LYS C 197 38.69 54.75 -8.45
CA LYS C 197 39.33 53.51 -8.00
C LYS C 197 39.02 53.22 -6.52
N SER C 198 39.13 54.25 -5.67
CA SER C 198 38.83 54.06 -4.24
C SER C 198 37.36 53.65 -4.02
N LEU C 199 36.43 54.35 -4.67
CA LEU C 199 34.99 54.00 -4.60
C LEU C 199 34.78 52.56 -5.02
N MET C 200 35.40 52.17 -6.12
CA MET C 200 35.35 50.78 -6.59
C MET C 200 35.90 49.81 -5.55
N ALA C 201 37.06 50.16 -4.99
CA ALA C 201 37.80 49.35 -4.03
C ALA C 201 36.96 49.10 -2.78
N ILE C 202 36.35 50.17 -2.27
CA ILE C 202 35.42 50.07 -1.13
C ILE C 202 34.38 48.96 -1.37
N GLY C 203 33.64 49.08 -2.46
CA GLY C 203 32.57 48.13 -2.79
C GLY C 203 33.02 46.66 -2.80
N LYS C 204 34.23 46.42 -3.33
CA LYS C 204 34.80 45.06 -3.39
C LYS C 204 35.08 44.46 -2.02
N ARG C 205 35.44 45.31 -1.05
CA ARG C 205 35.75 44.84 0.32
C ARG C 205 34.50 44.31 1.04
N LEU C 206 33.34 44.94 0.78
CA LEU C 206 32.08 44.59 1.47
C LEU C 206 31.64 43.13 1.24
N ALA C 207 32.24 42.46 0.24
CA ALA C 207 31.95 41.05 -0.05
C ALA C 207 32.11 40.11 1.16
N THR C 208 33.08 40.40 2.04
CA THR C 208 33.32 39.58 3.23
C THR C 208 32.29 39.77 4.36
N LEU C 209 31.45 40.82 4.29
CA LEU C 209 30.40 41.03 5.33
C LEU C 209 29.02 40.51 4.88
N PRO C 210 28.55 39.38 5.44
CA PRO C 210 27.38 38.65 4.91
C PRO C 210 26.00 39.32 5.11
N THR C 211 25.92 40.39 5.90
CA THR C 211 24.63 41.07 6.07
C THR C 211 24.67 42.56 5.68
N LYS C 212 23.49 43.04 5.25
CA LYS C 212 23.25 44.42 4.84
C LYS C 212 23.80 45.41 5.88
N GLU C 213 23.32 45.25 7.12
CA GLU C 213 23.66 46.13 8.24
C GLU C 213 25.18 46.25 8.50
N GLN C 214 25.89 45.10 8.48
CA GLN C 214 27.35 45.06 8.67
C GLN C 214 28.05 45.82 7.56
N LYS C 215 27.60 45.55 6.33
CA LYS C 215 28.11 46.21 5.14
C LYS C 215 27.96 47.72 5.26
N THR C 216 26.74 48.16 5.54
CA THR C 216 26.44 49.59 5.67
C THR C 216 27.37 50.26 6.69
N GLN C 217 27.59 49.59 7.82
CA GLN C 217 28.47 50.12 8.84
C GLN C 217 29.89 50.33 8.33
N ARG C 218 30.44 49.35 7.60
CA ARG C 218 31.81 49.48 7.04
C ARG C 218 31.87 50.55 5.95
N LEU C 219 30.81 50.57 5.13
CA LEU C 219 30.69 51.57 4.09
C LEU C 219 30.75 52.96 4.71
N ILE C 220 29.86 53.22 5.68
CA ILE C 220 29.77 54.55 6.33
C ILE C 220 31.13 55.01 6.88
N SER C 221 31.77 54.12 7.63
CA SER C 221 33.09 54.41 8.17
C SER C 221 34.05 54.72 7.04
N GLU C 222 34.12 53.82 6.04
CA GLU C 222 35.16 53.96 5.00
C GLU C 222 34.95 55.16 4.07
N LEU C 223 33.70 55.57 3.87
CA LEU C 223 33.37 56.77 3.11
C LEU C 223 33.86 58.04 3.77
N SER C 224 33.83 58.08 5.11
CA SER C 224 34.24 59.27 5.86
C SER C 224 35.69 59.68 5.56
N LEU C 225 36.51 58.67 5.27
CA LEU C 225 37.95 58.85 4.97
C LEU C 225 38.17 59.62 3.65
N LEU C 226 37.22 59.51 2.72
CA LEU C 226 37.35 60.19 1.44
C LEU C 226 37.16 61.72 1.55
N ASN C 227 36.40 62.19 2.54
CA ASN C 227 36.26 63.65 2.80
C ASN C 227 37.61 64.31 3.10
N HIS C 228 38.52 63.50 3.63
CA HIS C 228 39.89 63.94 3.89
C HIS C 228 40.60 64.36 2.62
N LYS C 229 40.13 63.89 1.45
CA LYS C 229 40.72 64.33 0.17
C LYS C 229 39.90 65.38 -0.60
N LEU C 230 38.85 65.92 0.02
CA LEU C 230 37.97 66.87 -0.66
C LEU C 230 38.03 68.27 -0.04
N PRO C 231 37.78 69.31 -0.86
CA PRO C 231 37.45 69.27 -2.29
C PRO C 231 38.69 69.16 -3.18
N ALA C 232 38.49 68.66 -4.40
CA ALA C 232 39.58 68.43 -5.37
C ALA C 232 39.09 68.57 -6.81
N ARG C 233 40.00 68.35 -7.78
CA ARG C 233 39.65 68.32 -9.20
C ARG C 233 38.91 67.00 -9.52
N VAL C 234 37.69 66.86 -8.99
CA VAL C 234 36.89 65.63 -9.11
C VAL C 234 35.38 65.94 -9.25
N TRP C 235 34.67 65.10 -10.00
CA TRP C 235 33.25 65.32 -10.31
C TRP C 235 32.50 64.00 -10.60
N LEU C 236 31.18 64.10 -10.67
CA LEU C 236 30.28 63.00 -10.99
C LEU C 236 29.75 63.17 -12.39
N PRO C 237 30.30 62.39 -13.34
CA PRO C 237 29.87 62.50 -14.75
C PRO C 237 28.36 62.36 -14.98
N THR C 238 27.69 61.67 -14.07
CA THR C 238 26.23 61.52 -14.10
C THR C 238 25.44 62.82 -13.77
N ALA C 239 26.13 63.92 -13.41
CA ALA C 239 25.43 65.18 -13.06
C ALA C 239 24.99 66.03 -14.26
N GLY C 240 23.81 66.62 -14.16
CA GLY C 240 23.25 67.47 -15.21
C GLY C 240 24.09 68.68 -15.57
N PHE C 241 25.05 69.04 -14.73
CA PHE C 241 25.80 70.31 -14.86
C PHE C 241 27.29 70.17 -14.54
N ASP C 242 28.05 71.24 -14.74
CA ASP C 242 29.46 71.30 -14.32
C ASP C 242 29.52 71.66 -12.85
N HIS C 243 30.50 71.09 -12.17
CA HIS C 243 30.59 71.24 -10.73
C HIS C 243 31.92 70.73 -10.15
N HIS C 244 32.14 71.06 -8.88
CA HIS C 244 33.19 70.45 -8.08
C HIS C 244 32.52 69.70 -6.90
N VAL C 245 33.02 68.49 -6.61
CA VAL C 245 32.58 67.73 -5.41
C VAL C 245 33.31 68.24 -4.17
N VAL C 246 32.54 68.51 -3.11
CA VAL C 246 33.13 69.10 -1.89
C VAL C 246 33.10 68.17 -0.67
N ARG C 247 32.03 67.38 -0.53
CA ARG C 247 31.74 66.65 0.72
C ARG C 247 30.83 65.43 0.50
N VAL C 248 31.10 64.36 1.25
CA VAL C 248 30.28 63.15 1.24
C VAL C 248 29.63 62.94 2.60
N PRO C 249 28.30 63.10 2.68
CA PRO C 249 27.59 62.80 3.93
C PRO C 249 27.48 61.29 4.22
N HIS C 250 28.64 60.73 4.58
CA HIS C 250 28.82 59.30 4.84
C HIS C 250 27.76 58.63 5.71
N THR C 251 27.28 59.31 6.75
CA THR C 251 26.26 58.72 7.62
C THR C 251 24.95 58.40 6.85
N GLN C 252 24.74 59.07 5.72
CA GLN C 252 23.50 58.89 4.96
C GLN C 252 23.56 57.75 3.93
N ALA C 253 24.78 57.30 3.64
CA ALA C 253 24.98 56.25 2.64
C ALA C 253 24.45 54.92 3.16
N VAL C 254 24.00 54.10 2.23
CA VAL C 254 23.39 52.81 2.56
C VAL C 254 23.70 51.76 1.46
N VAL C 255 23.82 50.51 1.89
CA VAL C 255 24.06 49.36 0.98
C VAL C 255 22.70 48.69 0.71
N LEU C 256 22.50 48.22 -0.52
CA LEU C 256 21.15 47.86 -1.01
C LEU C 256 20.69 46.40 -0.80
N ASN C 257 21.62 45.46 -0.78
CA ASN C 257 21.27 44.04 -0.57
C ASN C 257 22.39 43.25 0.13
N SER C 258 22.12 41.97 0.41
CA SER C 258 23.06 41.10 1.13
C SER C 258 23.99 40.32 0.19
N LYS C 259 23.98 40.69 -1.08
CA LYS C 259 24.69 39.92 -2.12
C LYS C 259 26.22 40.10 -2.08
N ASP C 260 26.88 39.17 -2.76
CA ASP C 260 28.34 39.02 -2.77
C ASP C 260 29.04 40.28 -3.27
N LYS C 261 28.55 40.84 -4.37
CA LYS C 261 29.07 42.10 -4.88
C LYS C 261 27.96 43.15 -4.88
N ALA C 262 27.52 43.48 -3.67
CA ALA C 262 26.39 44.36 -3.49
C ALA C 262 26.69 45.78 -4.01
N PRO C 263 25.67 46.39 -4.64
CA PRO C 263 25.73 47.79 -4.97
C PRO C 263 25.42 48.64 -3.74
N TYR C 264 25.89 49.88 -3.74
CA TYR C 264 25.62 50.78 -2.62
C TYR C 264 25.30 52.20 -3.09
N LEU C 265 24.38 52.84 -2.38
CA LEU C 265 23.91 54.19 -2.75
C LEU C 265 24.59 55.21 -1.87
N ILE C 266 25.04 56.32 -2.47
CA ILE C 266 25.60 57.42 -1.70
C ILE C 266 25.05 58.76 -2.16
N TYR C 267 25.07 59.72 -1.24
CA TYR C 267 24.73 61.09 -1.55
C TYR C 267 26.02 61.91 -1.56
N VAL C 268 26.09 62.86 -2.50
CA VAL C 268 27.31 63.67 -2.69
C VAL C 268 26.97 65.16 -2.77
N GLU C 269 27.80 65.98 -2.12
CA GLU C 269 27.65 67.44 -2.13
C GLU C 269 28.56 68.09 -3.18
N VAL C 270 28.00 69.06 -3.91
CA VAL C 270 28.74 69.75 -4.97
C VAL C 270 28.46 71.25 -5.04
N LEU C 271 29.43 71.95 -5.64
CA LEU C 271 29.28 73.39 -5.94
C LEU C 271 29.25 73.62 -7.45
N GLU C 272 28.13 74.16 -7.94
CA GLU C 272 27.92 74.31 -9.38
C GLU C 272 28.93 75.26 -10.02
N CYS C 273 29.27 74.94 -11.27
CA CYS C 273 30.14 75.78 -12.08
C CYS C 273 29.36 76.30 -13.29
N GLU C 274 29.92 77.29 -13.96
CA GLU C 274 29.52 77.63 -15.31
C GLU C 274 30.42 76.89 -16.29
N ASN C 275 31.71 76.85 -15.95
CA ASN C 275 32.64 75.97 -16.63
C ASN C 275 33.68 75.38 -15.68
N PHE C 276 33.77 74.05 -15.68
CA PHE C 276 34.71 73.30 -14.84
C PHE C 276 36.17 73.51 -15.20
N ASP C 277 36.44 73.49 -16.51
CA ASP C 277 37.82 73.39 -17.02
C ASP C 277 38.67 74.60 -16.66
N THR C 278 38.01 75.72 -16.35
CA THR C 278 38.68 77.00 -16.18
C THR C 278 38.49 77.64 -14.79
N THR C 279 38.04 76.88 -13.81
CA THR C 279 37.66 77.49 -12.55
C THR C 279 38.22 76.79 -11.31
N SER C 280 38.29 77.59 -10.25
CA SER C 280 38.35 77.13 -8.85
C SER C 280 39.24 75.94 -8.47
N VAL C 281 38.59 74.78 -8.30
CA VAL C 281 38.73 73.89 -7.12
C VAL C 281 38.56 74.74 -5.83
N PRO C 282 37.31 74.85 -5.30
CA PRO C 282 37.07 75.70 -4.13
C PRO C 282 37.87 75.26 -2.90
N ALA C 283 37.82 76.08 -1.85
CA ALA C 283 38.63 75.88 -0.65
C ALA C 283 37.92 75.00 0.38
N ARG C 284 38.72 74.20 1.10
CA ARG C 284 38.18 73.31 2.13
C ARG C 284 37.55 74.13 3.26
N ILE C 285 36.47 73.60 3.84
CA ILE C 285 35.86 74.16 5.04
C ILE C 285 35.81 73.03 6.07
N PRO C 286 36.59 73.15 7.18
CA PRO C 286 36.94 71.96 7.97
C PRO C 286 35.81 71.20 8.70
N GLU C 287 34.63 71.80 8.92
CA GLU C 287 33.41 71.08 9.37
C GLU C 287 33.18 71.10 10.88
N ASN C 288 31.95 70.75 11.26
CA ASN C 288 31.68 70.19 12.57
C ASN C 288 30.70 69.04 12.46
N PRO C 295 22.61 64.02 14.64
CA PRO C 295 21.54 64.99 14.36
C PRO C 295 21.28 65.15 12.85
N SER C 296 22.20 65.76 12.12
CA SER C 296 22.20 65.64 10.66
C SER C 296 22.73 64.22 10.35
N ALA C 297 23.46 63.65 11.31
CA ALA C 297 24.04 62.31 11.17
C ALA C 297 23.02 61.15 11.14
N VAL C 298 21.87 61.30 11.80
CA VAL C 298 20.88 60.19 11.87
C VAL C 298 20.17 59.97 10.51
N ALA C 299 19.97 58.70 10.16
CA ALA C 299 19.38 58.34 8.87
C ALA C 299 18.01 57.64 9.08
N LEU C 300 16.95 58.14 8.44
CA LEU C 300 15.65 57.43 8.39
C LEU C 300 14.86 57.70 7.08
N LYS C 301 13.88 56.83 6.81
CA LYS C 301 12.99 56.99 5.65
C LYS C 301 12.24 58.32 5.70
N GLU C 302 12.58 59.17 4.73
CA GLU C 302 11.97 60.48 4.56
C GLU C 302 12.06 60.91 3.08
N PRO C 303 11.14 61.79 2.62
CA PRO C 303 11.21 62.33 1.25
C PRO C 303 12.57 62.94 0.89
N TRP C 304 12.82 63.13 -0.40
CA TRP C 304 14.10 63.66 -0.92
C TRP C 304 14.38 65.08 -0.43
N GLN C 305 13.38 65.97 -0.50
CA GLN C 305 13.57 67.39 -0.09
C GLN C 305 13.76 67.56 1.42
N GLU C 306 13.14 66.68 2.20
CA GLU C 306 13.36 66.67 3.63
C GLU C 306 14.79 66.15 3.96
N LYS C 307 15.30 65.23 3.15
CA LYS C 307 16.66 64.72 3.30
C LYS C 307 17.70 65.75 2.82
N VAL C 308 17.37 66.53 1.78
CA VAL C 308 18.27 67.64 1.34
C VAL C 308 18.41 68.67 2.48
N ARG C 309 17.26 69.06 3.07
CA ARG C 309 17.23 69.97 4.21
C ARG C 309 18.20 69.54 5.32
N ARG C 310 18.00 68.32 5.82
CA ARG C 310 18.79 67.74 6.92
C ARG C 310 20.30 67.72 6.65
N ILE C 311 20.68 67.27 5.46
CA ILE C 311 22.08 67.19 5.11
C ILE C 311 22.68 68.58 4.90
N ARG C 312 21.94 69.44 4.19
CA ARG C 312 22.36 70.84 3.92
C ARG C 312 22.61 71.55 5.23
N GLU C 313 21.60 71.55 6.11
CA GLU C 313 21.70 72.23 7.41
C GLU C 313 22.91 71.78 8.26
N GLY C 314 23.23 70.49 8.20
CA GLY C 314 24.41 69.96 8.87
C GLY C 314 25.73 70.27 8.17
N SER C 315 25.68 70.65 6.89
CA SER C 315 26.89 70.77 6.10
C SER C 315 27.59 72.12 6.24
N PRO C 316 28.94 72.10 6.33
CA PRO C 316 29.73 73.33 6.24
C PRO C 316 29.32 74.21 5.06
N TYR C 317 29.14 73.60 3.89
CA TYR C 317 28.92 74.30 2.63
C TYR C 317 27.43 74.58 2.35
N GLY C 318 26.53 74.10 3.22
CA GLY C 318 25.09 74.10 2.94
C GLY C 318 24.45 75.47 2.76
N HIS C 319 25.01 76.48 3.42
CA HIS C 319 24.57 77.87 3.28
C HIS C 319 24.64 78.45 1.84
N LEU C 320 25.62 78.02 1.03
CA LEU C 320 25.87 78.62 -0.29
C LEU C 320 24.71 78.42 -1.29
N PRO C 321 24.46 79.42 -2.16
CA PRO C 321 23.49 79.26 -3.25
C PRO C 321 24.05 78.36 -4.34
N ASN C 322 25.37 78.26 -4.35
CA ASN C 322 26.17 77.47 -5.28
C ASN C 322 26.04 75.95 -5.07
N TRP C 323 25.47 75.58 -3.93
CA TRP C 323 25.48 74.21 -3.41
C TRP C 323 24.32 73.38 -3.93
N ARG C 324 24.63 72.14 -4.35
CA ARG C 324 23.58 71.19 -4.73
C ARG C 324 23.92 69.76 -4.29
N LEU C 325 22.88 68.92 -4.17
CA LEU C 325 23.04 67.53 -3.73
C LEU C 325 22.75 66.51 -4.83
N LEU C 326 23.69 65.57 -5.03
CA LEU C 326 23.50 64.49 -6.01
C LEU C 326 23.48 63.11 -5.36
N SER C 327 23.17 62.08 -6.15
CA SER C 327 23.07 60.69 -5.68
C SER C 327 23.47 59.71 -6.80
N VAL C 328 24.21 58.66 -6.43
CA VAL C 328 24.55 57.59 -7.35
C VAL C 328 24.55 56.25 -6.64
N ILE C 329 24.15 55.23 -7.38
CA ILE C 329 24.36 53.85 -6.98
C ILE C 329 25.70 53.41 -7.59
N VAL C 330 26.55 52.77 -6.79
CA VAL C 330 27.86 52.31 -7.25
C VAL C 330 27.85 50.80 -7.40
N LYS C 331 28.04 50.33 -8.63
CA LYS C 331 28.05 48.90 -8.86
C LYS C 331 29.50 48.48 -9.15
N CYS C 332 30.14 47.83 -8.19
CA CYS C 332 31.57 47.52 -8.28
C CYS C 332 31.87 46.28 -9.13
N GLY C 333 30.95 45.32 -9.15
CA GLY C 333 31.15 44.06 -9.86
C GLY C 333 30.08 43.71 -10.88
N ASP C 334 29.27 44.68 -11.30
CA ASP C 334 28.20 44.42 -12.29
C ASP C 334 28.47 45.15 -13.63
N ASP C 335 28.30 44.45 -14.75
CA ASP C 335 28.44 45.06 -16.08
C ASP C 335 27.23 45.97 -16.34
N LEU C 336 27.46 47.16 -16.89
CA LEU C 336 26.39 48.13 -17.11
C LEU C 336 26.15 48.48 -18.58
N ARG C 337 26.70 47.69 -19.49
CA ARG C 337 26.67 48.08 -20.91
C ARG C 337 25.27 47.84 -21.53
N GLN C 338 24.62 46.74 -21.14
CA GLN C 338 23.21 46.48 -21.50
C GLN C 338 22.35 47.64 -20.93
N GLU C 339 22.68 47.99 -19.70
CA GLU C 339 21.94 49.01 -18.99
C GLU C 339 22.08 50.36 -19.73
N LEU C 340 23.29 50.65 -20.18
CA LEU C 340 23.55 51.84 -21.01
C LEU C 340 22.79 51.77 -22.33
N LEU C 341 22.84 50.61 -22.99
CA LEU C 341 22.08 50.50 -24.24
C LEU C 341 20.58 50.80 -24.01
N ALA C 342 20.02 50.20 -22.96
CA ALA C 342 18.60 50.40 -22.65
C ALA C 342 18.28 51.90 -22.44
N PHE C 343 19.20 52.58 -21.77
CA PHE C 343 19.04 54.00 -21.48
C PHE C 343 18.81 54.81 -22.76
N GLN C 344 19.68 54.58 -23.75
CA GLN C 344 19.59 55.26 -25.04
C GLN C 344 18.24 54.99 -25.74
N VAL C 345 17.82 53.73 -25.72
CA VAL C 345 16.55 53.35 -26.33
C VAL C 345 15.41 54.07 -25.63
N LEU C 346 15.47 54.10 -24.29
CA LEU C 346 14.42 54.78 -23.52
C LEU C 346 14.39 56.26 -23.85
N LYS C 347 15.59 56.83 -23.93
CA LYS C 347 15.70 58.25 -24.16
C LYS C 347 15.19 58.61 -25.54
N GLN C 348 15.54 57.78 -26.52
CA GLN C 348 15.01 57.97 -27.88
C GLN C 348 13.49 57.83 -27.90
N LEU C 349 12.95 56.75 -27.32
CA LEU C 349 11.48 56.60 -27.32
C LEU C 349 10.79 57.77 -26.62
N GLN C 350 11.43 58.28 -25.56
CA GLN C 350 10.91 59.46 -24.86
C GLN C 350 10.79 60.67 -25.80
N SER C 351 11.86 60.94 -26.56
CA SER C 351 11.89 62.07 -27.51
C SER C 351 10.88 61.83 -28.63
N ILE C 352 10.83 60.59 -29.14
CA ILE C 352 9.85 60.23 -30.15
C ILE C 352 8.46 60.56 -29.61
N TRP C 353 8.16 60.12 -28.38
CA TRP C 353 6.82 60.38 -27.84
C TRP C 353 6.55 61.87 -27.50
N GLU C 354 7.59 62.63 -27.16
CA GLU C 354 7.42 64.10 -27.03
C GLU C 354 7.15 64.78 -28.38
N GLN C 355 7.94 64.40 -29.39
CA GLN C 355 7.87 64.97 -30.74
C GLN C 355 6.50 64.75 -31.41
N GLU C 356 6.08 63.49 -31.54
CA GLU C 356 4.65 63.18 -31.78
C GLU C 356 4.03 63.65 -30.49
N ARG C 357 2.73 63.62 -30.35
CA ARG C 357 2.20 64.21 -29.14
C ARG C 357 1.36 63.22 -28.34
N VAL C 358 2.09 62.21 -27.87
CA VAL C 358 1.54 61.16 -27.05
C VAL C 358 2.08 61.33 -25.62
N PRO C 359 1.19 61.58 -24.65
CA PRO C 359 1.65 61.85 -23.29
C PRO C 359 1.98 60.59 -22.47
N LEU C 360 2.59 59.57 -23.09
CA LEU C 360 3.16 58.44 -22.33
C LEU C 360 4.26 58.98 -21.44
N TRP C 361 4.59 58.23 -20.40
CA TRP C 361 5.60 58.65 -19.43
C TRP C 361 6.56 57.51 -19.14
N ILE C 362 7.85 57.79 -19.24
CA ILE C 362 8.89 56.87 -18.78
C ILE C 362 10.06 57.64 -18.19
N LYS C 363 10.95 56.93 -17.50
CA LYS C 363 12.11 57.56 -16.89
C LYS C 363 13.37 56.78 -17.24
N PRO C 364 14.10 57.28 -18.25
CA PRO C 364 15.47 56.86 -18.44
C PRO C 364 16.30 57.31 -17.23
N TYR C 365 17.11 56.41 -16.72
CA TYR C 365 18.03 56.77 -15.64
C TYR C 365 19.46 56.66 -16.11
N LYS C 366 20.26 57.68 -15.80
CA LYS C 366 21.61 57.84 -16.34
C LYS C 366 22.53 56.69 -15.92
N ILE C 367 23.44 56.35 -16.83
CA ILE C 367 24.35 55.25 -16.64
C ILE C 367 25.73 55.79 -16.86
N LEU C 368 26.67 55.34 -16.02
CA LEU C 368 28.06 55.56 -16.30
C LEU C 368 28.80 54.22 -16.28
N VAL C 369 29.24 53.79 -17.45
CA VAL C 369 30.08 52.59 -17.56
C VAL C 369 31.50 52.97 -17.16
N ILE C 370 32.09 52.18 -16.26
CA ILE C 370 33.46 52.44 -15.81
C ILE C 370 34.46 51.35 -16.27
N SER C 371 34.00 50.11 -16.25
CA SER C 371 34.72 49.00 -16.87
C SER C 371 33.67 48.02 -17.41
N ALA C 372 34.13 46.95 -18.04
CA ALA C 372 33.24 45.85 -18.42
C ALA C 372 32.64 45.19 -17.18
N ASP C 373 33.33 45.38 -16.05
CA ASP C 373 32.92 44.85 -14.74
C ASP C 373 32.05 45.80 -13.93
N SER C 374 32.27 47.11 -14.07
CA SER C 374 31.78 48.10 -13.11
C SER C 374 31.23 49.42 -13.69
N GLY C 375 30.37 50.07 -12.93
CA GLY C 375 29.76 51.35 -13.30
C GLY C 375 28.87 51.98 -12.23
N MET C 376 28.17 53.05 -12.61
CA MET C 376 27.23 53.76 -11.74
C MET C 376 25.89 54.06 -12.41
N ILE C 377 24.88 54.25 -11.55
CA ILE C 377 23.52 54.56 -11.98
C ILE C 377 22.97 55.73 -11.15
N GLU C 378 22.35 56.72 -11.81
CA GLU C 378 21.61 57.77 -11.08
C GLU C 378 20.21 57.28 -10.72
N PRO C 379 19.92 57.09 -9.41
CA PRO C 379 18.66 56.47 -9.03
C PRO C 379 17.51 57.47 -9.11
N VAL C 380 16.29 56.97 -9.25
CA VAL C 380 15.13 57.86 -9.11
C VAL C 380 14.85 58.00 -7.63
N VAL C 381 14.73 59.25 -7.18
CA VAL C 381 14.40 59.57 -5.79
C VAL C 381 12.88 59.63 -5.54
N ASN C 382 12.48 59.51 -4.27
CA ASN C 382 11.07 59.44 -3.87
C ASN C 382 10.35 58.32 -4.61
N ALA C 383 11.01 57.17 -4.57
CA ALA C 383 10.52 55.99 -5.24
C ALA C 383 11.04 54.78 -4.53
N VAL C 384 10.17 53.78 -4.42
CA VAL C 384 10.57 52.52 -3.80
C VAL C 384 9.89 51.36 -4.52
N SER C 385 10.47 50.17 -4.37
CA SER C 385 10.01 49.00 -5.09
C SER C 385 8.54 48.68 -4.73
N ILE C 386 7.78 48.19 -5.71
CA ILE C 386 6.40 47.74 -5.46
C ILE C 386 6.37 46.70 -4.33
N HIS C 387 7.31 45.76 -4.40
CA HIS C 387 7.35 44.63 -3.47
C HIS C 387 7.48 45.08 -2.02
N GLN C 388 8.39 46.02 -1.77
CA GLN C 388 8.63 46.48 -0.42
C GLN C 388 7.53 47.46 0.02
N VAL C 389 6.95 48.22 -0.94
CA VAL C 389 5.74 49.04 -0.66
C VAL C 389 4.62 48.19 -0.07
N LYS C 390 4.53 46.94 -0.52
CA LYS C 390 3.53 46.02 0.00
C LYS C 390 3.96 45.30 1.29
N LYS C 391 5.26 45.23 1.54
CA LYS C 391 5.75 44.61 2.77
C LYS C 391 5.83 45.58 3.96
N GLN C 392 6.12 46.85 3.71
CA GLN C 392 6.11 47.83 4.79
C GLN C 392 4.69 48.37 5.07
N SER C 393 3.89 48.60 4.04
CA SER C 393 2.47 48.99 4.22
C SER C 393 1.56 47.86 4.70
N GLN C 394 1.80 46.63 4.23
CA GLN C 394 0.86 45.50 4.41
C GLN C 394 -0.47 45.71 3.69
N LEU C 395 -0.51 46.66 2.77
CA LEU C 395 -1.75 47.00 2.07
C LEU C 395 -1.79 46.45 0.65
N SER C 396 -2.98 46.52 0.03
CA SER C 396 -3.11 46.33 -1.42
C SER C 396 -2.73 47.63 -2.12
N LEU C 397 -2.21 47.50 -3.32
CA LEU C 397 -1.65 48.62 -4.08
C LEU C 397 -2.59 49.85 -4.12
N LEU C 398 -3.85 49.54 -4.43
CA LEU C 398 -4.89 50.53 -4.43
C LEU C 398 -5.08 51.18 -3.05
N ASP C 399 -5.16 50.34 -2.02
CA ASP C 399 -5.30 50.84 -0.64
C ASP C 399 -4.13 51.79 -0.31
N TYR C 400 -2.93 51.41 -0.74
CA TYR C 400 -1.75 52.31 -0.59
C TYR C 400 -1.92 53.64 -1.36
N PHE C 401 -2.37 53.55 -2.62
CA PHE C 401 -2.73 54.78 -3.37
C PHE C 401 -3.69 55.69 -2.59
N LEU C 402 -4.76 55.07 -2.11
CA LEU C 402 -5.82 55.77 -1.36
C LEU C 402 -5.28 56.39 -0.06
N GLN C 403 -4.45 55.63 0.67
CA GLN C 403 -3.81 56.18 1.88
C GLN C 403 -2.91 57.37 1.52
N GLU C 404 -2.04 57.19 0.52
CA GLU C 404 -0.99 58.18 0.26
C GLU C 404 -1.40 59.40 -0.57
N HIS C 405 -2.50 59.29 -1.31
CA HIS C 405 -2.98 60.42 -2.14
C HIS C 405 -4.35 60.96 -1.72
N GLY C 406 -5.27 60.06 -1.37
CA GLY C 406 -6.60 60.43 -0.90
C GLY C 406 -7.64 59.53 -1.53
N SER C 407 -8.92 59.83 -1.29
CA SER C 407 -10.01 59.11 -1.95
C SER C 407 -10.00 59.36 -3.47
N TYR C 408 -10.51 58.41 -4.23
CA TYR C 408 -10.53 58.58 -5.71
C TYR C 408 -11.38 59.75 -6.21
N THR C 409 -12.06 60.46 -5.33
CA THR C 409 -12.71 61.71 -5.75
C THR C 409 -11.81 62.94 -5.53
N THR C 410 -10.60 62.75 -5.01
CA THR C 410 -9.66 63.89 -4.85
C THR C 410 -8.75 64.12 -6.08
N GLU C 411 -8.23 65.35 -6.24
CA GLU C 411 -7.34 65.70 -7.36
C GLU C 411 -6.09 64.81 -7.33
N ALA C 412 -5.42 64.85 -6.17
CA ALA C 412 -4.18 64.13 -5.93
C ALA C 412 -4.26 62.69 -6.41
N PHE C 413 -5.41 62.06 -6.19
CA PHE C 413 -5.59 60.67 -6.61
C PHE C 413 -5.76 60.60 -8.12
N LEU C 414 -6.62 61.45 -8.69
CA LEU C 414 -6.94 61.33 -10.14
C LEU C 414 -5.70 61.62 -10.97
N SER C 415 -4.92 62.59 -10.51
CA SER C 415 -3.62 62.87 -11.10
C SER C 415 -2.64 61.69 -10.99
N ALA C 416 -2.55 61.06 -9.81
CA ALA C 416 -1.68 59.87 -9.60
C ALA C 416 -2.10 58.68 -10.47
N GLN C 417 -3.42 58.48 -10.58
CA GLN C 417 -4.00 57.42 -11.42
C GLN C 417 -3.57 57.62 -12.86
N ARG C 418 -3.71 58.86 -13.33
CA ARG C 418 -3.30 59.22 -14.69
C ARG C 418 -1.81 58.92 -14.92
N ASN C 419 -0.96 59.36 -13.98
CA ASN C 419 0.49 59.06 -14.05
C ASN C 419 0.79 57.56 -14.04
N PHE C 420 0.01 56.82 -13.23
CA PHE C 420 0.07 55.35 -13.23
C PHE C 420 -0.23 54.84 -14.65
N VAL C 421 -1.38 55.23 -15.19
CA VAL C 421 -1.83 54.73 -16.49
C VAL C 421 -0.84 55.10 -17.60
N GLN C 422 -0.38 56.33 -17.58
CA GLN C 422 0.57 56.81 -18.59
C GLN C 422 1.95 56.15 -18.44
N SER C 423 2.41 55.91 -17.20
CA SER C 423 3.71 55.23 -17.02
C SER C 423 3.62 53.72 -17.35
N CYS C 424 2.46 53.11 -17.09
CA CYS C 424 2.23 51.69 -17.44
C CYS C 424 2.25 51.43 -18.95
N ALA C 425 1.51 52.27 -19.70
CA ALA C 425 1.42 52.13 -21.16
C ALA C 425 2.81 52.27 -21.77
N GLY C 426 3.51 53.34 -21.35
CA GLY C 426 4.90 53.53 -21.72
C GLY C 426 5.73 52.27 -21.54
N TYR C 427 5.79 51.80 -20.29
CA TYR C 427 6.70 50.68 -19.95
C TYR C 427 6.27 49.32 -20.57
N CYS C 428 4.95 49.14 -20.79
CA CYS C 428 4.47 47.96 -21.53
C CYS C 428 5.14 47.90 -22.91
N LEU C 429 5.07 49.05 -23.61
CA LEU C 429 5.61 49.17 -24.96
C LEU C 429 7.11 48.87 -24.95
N VAL C 430 7.81 49.47 -24.01
CA VAL C 430 9.25 49.24 -23.87
C VAL C 430 9.54 47.75 -23.64
N CYS C 431 8.77 47.13 -22.74
CA CYS C 431 8.96 45.71 -22.44
C CYS C 431 8.73 44.82 -23.64
N TYR C 432 7.64 45.09 -24.36
CA TYR C 432 7.36 44.35 -25.60
C TYR C 432 8.47 44.59 -26.63
N LEU C 433 8.72 45.84 -27.00
CA LEU C 433 9.73 46.14 -28.03
C LEU C 433 11.12 45.60 -27.69
N LEU C 434 11.56 45.80 -26.45
CA LEU C 434 12.89 45.28 -26.06
C LEU C 434 12.87 43.80 -25.59
N GLN C 435 11.69 43.19 -25.55
CA GLN C 435 11.55 41.84 -25.00
C GLN C 435 12.24 41.80 -23.64
N VAL C 436 11.77 42.66 -22.74
CA VAL C 436 12.36 42.74 -21.40
C VAL C 436 11.84 41.55 -20.61
N LYS C 437 12.74 40.79 -19.97
CA LYS C 437 12.31 39.62 -19.17
C LYS C 437 12.62 39.81 -17.67
N ASP C 438 12.42 38.77 -16.87
CA ASP C 438 12.67 38.80 -15.42
C ASP C 438 11.85 39.94 -14.78
N ARG C 439 10.56 40.02 -15.13
CA ARG C 439 9.71 41.11 -14.63
C ARG C 439 8.97 40.69 -13.36
N HIS C 440 9.30 41.35 -12.26
CA HIS C 440 8.61 41.16 -10.99
C HIS C 440 8.68 42.45 -10.17
N ASN C 441 7.99 42.46 -9.03
CA ASN C 441 7.81 43.70 -8.25
C ASN C 441 9.07 44.22 -7.52
N GLY C 442 10.10 43.39 -7.40
CA GLY C 442 11.46 43.82 -7.07
C GLY C 442 12.12 44.70 -8.12
N ASN C 443 11.65 44.59 -9.38
CA ASN C 443 12.19 45.37 -10.52
C ASN C 443 11.32 46.57 -10.99
N ILE C 444 10.24 46.85 -10.26
CA ILE C 444 9.34 47.97 -10.59
C ILE C 444 9.22 48.92 -9.40
N LEU C 445 9.58 50.17 -9.65
CA LEU C 445 9.58 51.19 -8.64
C LEU C 445 8.27 51.99 -8.76
N LEU C 446 7.81 52.52 -7.62
CA LEU C 446 6.70 53.48 -7.62
C LEU C 446 7.16 54.82 -7.06
N ASP C 447 6.97 55.90 -7.83
CA ASP C 447 7.40 57.24 -7.34
C ASP C 447 6.28 57.96 -6.58
N ALA C 448 6.63 59.08 -5.95
CA ALA C 448 5.71 59.88 -5.12
C ALA C 448 4.46 60.42 -5.81
N GLU C 449 4.50 60.53 -7.13
CA GLU C 449 3.39 61.07 -7.90
C GLU C 449 2.54 60.00 -8.58
N GLY C 450 2.96 58.72 -8.47
CA GLY C 450 2.18 57.60 -9.03
C GLY C 450 2.71 56.96 -10.31
N HIS C 451 3.81 57.48 -10.84
CA HIS C 451 4.49 56.83 -11.96
C HIS C 451 5.16 55.56 -11.43
N ILE C 452 5.11 54.51 -12.27
CA ILE C 452 5.96 53.34 -12.05
C ILE C 452 7.21 53.49 -12.91
N ILE C 453 8.25 52.75 -12.51
CA ILE C 453 9.52 52.75 -13.23
C ILE C 453 10.16 51.36 -13.22
N HIS C 454 10.29 50.72 -14.38
CA HIS C 454 10.98 49.42 -14.46
C HIS C 454 12.49 49.61 -14.35
N ILE C 455 13.24 48.63 -13.82
CA ILE C 455 14.71 48.85 -13.65
C ILE C 455 15.78 47.80 -14.02
N ASP C 456 15.59 46.49 -13.83
CA ASP C 456 16.72 45.57 -14.03
C ASP C 456 16.79 45.03 -15.46
N PHE C 457 17.57 45.69 -16.33
CA PHE C 457 17.60 45.34 -17.77
C PHE C 457 18.72 44.36 -18.14
N GLY C 458 19.08 43.48 -17.21
CA GLY C 458 19.63 42.19 -17.59
C GLY C 458 18.45 41.48 -18.24
N PHE C 459 18.72 40.52 -19.12
CA PHE C 459 17.65 39.72 -19.76
C PHE C 459 16.71 40.56 -20.67
N ILE C 460 17.28 40.95 -21.81
CA ILE C 460 16.54 41.68 -22.85
C ILE C 460 16.89 41.12 -24.22
N LEU C 461 15.99 41.33 -25.19
CA LEU C 461 16.21 40.90 -26.57
C LEU C 461 16.47 39.38 -26.64
N SER C 462 17.58 38.99 -27.28
CA SER C 462 17.88 37.59 -27.55
C SER C 462 18.28 36.79 -26.30
N SER C 463 18.55 37.48 -25.20
CA SER C 463 19.03 36.84 -23.96
C SER C 463 18.10 35.77 -23.39
N SER C 464 18.71 34.61 -23.07
CA SER C 464 18.07 33.45 -22.45
C SER C 464 18.85 33.00 -21.20
N SER C 473 10.24 36.29 -16.21
CA SER C 473 9.09 36.32 -17.14
C SER C 473 8.83 37.71 -17.75
N ALA C 474 7.94 37.74 -18.76
CA ALA C 474 7.63 38.96 -19.54
C ALA C 474 6.70 39.90 -18.79
N PHE C 475 6.51 41.10 -19.34
CA PHE C 475 5.66 42.14 -18.73
C PHE C 475 4.27 41.61 -18.45
N LYS C 476 3.80 41.82 -17.23
CA LYS C 476 2.54 41.31 -16.74
C LYS C 476 1.59 42.44 -16.30
N LEU C 477 0.29 42.24 -16.49
CA LEU C 477 -0.73 43.17 -15.98
C LEU C 477 -1.61 42.43 -14.97
N THR C 478 -1.20 42.46 -13.71
CA THR C 478 -1.96 41.77 -12.64
C THR C 478 -3.27 42.51 -12.36
N THR C 479 -4.27 41.81 -11.83
CA THR C 479 -5.56 42.44 -11.53
C THR C 479 -5.42 43.53 -10.45
N GLU C 480 -4.40 43.42 -9.59
CA GLU C 480 -4.06 44.49 -8.63
C GLU C 480 -3.72 45.80 -9.36
N PHE C 481 -3.04 45.70 -10.51
CA PHE C 481 -2.74 46.87 -11.37
C PHE C 481 -4.01 47.39 -12.05
N VAL C 482 -4.83 46.46 -12.54
CA VAL C 482 -6.06 46.78 -13.25
C VAL C 482 -7.06 47.46 -12.29
N ASP C 483 -6.96 47.10 -11.01
CA ASP C 483 -7.79 47.71 -9.96
C ASP C 483 -7.46 49.18 -9.75
N VAL C 484 -6.17 49.48 -9.63
CA VAL C 484 -5.69 50.88 -9.53
C VAL C 484 -6.15 51.71 -10.75
N MET C 485 -6.25 51.07 -11.91
CA MET C 485 -6.76 51.72 -13.13
C MET C 485 -8.28 51.90 -13.15
N GLY C 486 -8.96 51.36 -12.14
CA GLY C 486 -10.41 51.47 -12.05
C GLY C 486 -11.17 50.33 -12.70
N GLY C 487 -10.46 49.29 -13.15
CA GLY C 487 -11.09 48.10 -13.70
C GLY C 487 -11.25 48.09 -15.22
N LEU C 488 -11.61 46.91 -15.72
CA LEU C 488 -11.66 46.59 -17.16
C LEU C 488 -12.62 47.53 -17.93
N ASP C 489 -13.73 47.92 -17.32
CA ASP C 489 -14.69 48.85 -17.93
C ASP C 489 -14.38 50.32 -17.62
N GLY C 490 -13.29 50.56 -16.91
CA GLY C 490 -12.90 51.95 -16.59
C GLY C 490 -12.55 52.77 -17.83
N ASP C 491 -12.79 54.08 -17.76
CA ASP C 491 -12.43 55.02 -18.85
C ASP C 491 -10.93 55.10 -19.01
N MET C 492 -10.26 55.20 -17.86
CA MET C 492 -8.83 55.29 -17.77
C MET C 492 -8.18 54.03 -18.32
N PHE C 493 -8.81 52.86 -18.16
CA PHE C 493 -8.28 51.60 -18.72
C PHE C 493 -8.42 51.56 -20.23
N ASN C 494 -9.60 51.90 -20.74
CA ASN C 494 -9.78 52.10 -22.19
C ASN C 494 -8.73 53.06 -22.73
N TYR C 495 -8.50 54.13 -21.97
CA TYR C 495 -7.53 55.14 -22.36
C TYR C 495 -6.10 54.56 -22.37
N TYR C 496 -5.76 53.69 -21.38
CA TYR C 496 -4.48 52.94 -21.38
C TYR C 496 -4.22 52.21 -22.69
N LYS C 497 -5.24 51.56 -23.21
CA LYS C 497 -5.13 50.88 -24.51
C LYS C 497 -4.98 51.90 -25.63
N MET C 498 -5.65 53.05 -25.46
CA MET C 498 -5.65 54.11 -26.48
C MET C 498 -4.23 54.66 -26.62
N LEU C 499 -3.58 54.80 -25.46
CA LEU C 499 -2.22 55.32 -25.38
C LEU C 499 -1.24 54.34 -26.00
N MET C 500 -1.43 53.04 -25.72
CA MET C 500 -0.57 52.00 -26.26
C MET C 500 -0.55 52.02 -27.78
N LEU C 501 -1.75 52.04 -28.37
CA LEU C 501 -1.90 52.18 -29.83
C LEU C 501 -1.21 53.44 -30.37
N GLN C 502 -1.57 54.59 -29.78
CA GLN C 502 -0.99 55.88 -30.19
C GLN C 502 0.54 55.88 -30.15
N GLY C 503 1.12 55.35 -29.06
CA GLY C 503 2.58 55.29 -28.88
C GLY C 503 3.28 54.32 -29.84
N LEU C 504 2.54 53.29 -30.26
CA LEU C 504 3.03 52.31 -31.22
C LEU C 504 3.02 52.95 -32.60
N ILE C 505 1.90 53.60 -32.94
CA ILE C 505 1.77 54.34 -34.20
C ILE C 505 2.94 55.34 -34.32
N ALA C 506 3.26 56.00 -33.21
CA ALA C 506 4.36 56.98 -33.16
C ALA C 506 5.72 56.29 -33.39
N ALA C 507 5.95 55.20 -32.69
CA ALA C 507 7.21 54.44 -32.81
C ALA C 507 7.54 53.99 -34.25
N ARG C 508 6.52 53.41 -34.88
CA ARG C 508 6.65 52.95 -36.26
C ARG C 508 7.18 54.05 -37.21
N LYS C 509 6.71 55.28 -37.00
CA LYS C 509 7.11 56.41 -37.84
C LYS C 509 8.56 56.83 -37.61
N HIS C 510 9.20 56.31 -36.56
CA HIS C 510 10.57 56.71 -36.26
C HIS C 510 11.45 55.50 -35.98
N MET C 511 10.96 54.33 -36.41
CA MET C 511 11.66 53.06 -36.26
C MET C 511 13.18 53.08 -36.49
N ASP C 512 13.63 53.75 -37.55
CA ASP C 512 15.08 53.77 -37.93
C ASP C 512 15.99 54.25 -36.81
N LYS C 513 15.56 55.33 -36.14
CA LYS C 513 16.31 55.95 -35.04
C LYS C 513 16.50 55.00 -33.89
N VAL C 514 15.51 54.15 -33.66
CA VAL C 514 15.59 53.19 -32.59
C VAL C 514 16.55 52.08 -33.01
N VAL C 515 16.26 51.46 -34.15
CA VAL C 515 17.04 50.32 -34.65
C VAL C 515 18.51 50.67 -34.80
N GLN C 516 18.77 51.86 -35.33
CA GLN C 516 20.12 52.36 -35.47
C GLN C 516 20.91 52.15 -34.18
N ILE C 517 20.35 52.58 -33.05
CA ILE C 517 21.03 52.53 -31.74
C ILE C 517 21.50 51.13 -31.37
N VAL C 518 20.62 50.16 -31.57
CA VAL C 518 20.88 48.79 -31.17
C VAL C 518 21.82 48.15 -32.19
N GLU C 519 21.54 48.39 -33.46
CA GLU C 519 22.24 47.70 -34.54
C GLU C 519 23.75 48.02 -34.54
N ILE C 520 24.09 49.27 -34.24
CA ILE C 520 25.50 49.69 -34.16
C ILE C 520 26.19 49.13 -32.93
N MET C 521 25.50 49.07 -31.79
CA MET C 521 26.06 48.47 -30.57
C MET C 521 26.38 46.99 -30.68
N GLN C 522 25.64 46.27 -31.54
CA GLN C 522 25.79 44.81 -31.71
C GLN C 522 27.17 44.44 -32.28
N GLN C 523 27.80 45.41 -32.95
CA GLN C 523 29.00 45.20 -33.79
C GLN C 523 30.05 44.19 -33.34
N GLY C 524 30.78 44.50 -32.27
CA GLY C 524 31.80 43.58 -31.78
C GLY C 524 31.43 43.16 -30.39
N SER C 525 30.14 42.99 -30.19
CA SER C 525 29.61 42.79 -28.87
C SER C 525 29.52 41.30 -28.57
N GLN C 526 29.85 40.94 -27.34
CA GLN C 526 29.76 39.55 -26.88
C GLN C 526 28.64 39.45 -25.81
N LEU C 527 27.84 40.50 -25.71
CA LEU C 527 26.82 40.61 -24.67
C LEU C 527 25.68 39.62 -24.87
N PRO C 528 25.19 39.01 -23.77
CA PRO C 528 24.09 38.05 -23.79
C PRO C 528 22.86 38.48 -24.60
N CYS C 529 22.55 39.77 -24.63
CA CYS C 529 21.40 40.25 -25.38
C CYS C 529 21.56 40.11 -26.91
N PHE C 530 22.80 39.92 -27.38
CA PHE C 530 23.03 39.68 -28.80
C PHE C 530 23.36 38.24 -29.11
N HIS C 531 23.04 37.32 -28.21
CA HIS C 531 23.40 35.91 -28.40
C HIS C 531 22.85 35.31 -29.70
N GLY C 532 21.70 35.80 -30.14
CA GLY C 532 21.08 35.29 -31.37
C GLY C 532 21.80 35.71 -32.65
N SER C 533 21.38 35.12 -33.76
CA SER C 533 21.77 35.60 -35.09
C SER C 533 20.73 36.57 -35.68
N SER C 534 19.55 36.62 -35.06
CA SER C 534 18.39 37.36 -35.64
C SER C 534 17.79 38.40 -34.70
N THR C 535 18.66 39.00 -33.87
CA THR C 535 18.28 39.99 -32.89
C THR C 535 17.60 41.20 -33.55
N ILE C 536 18.29 41.77 -34.53
CA ILE C 536 17.79 42.94 -35.25
C ILE C 536 16.56 42.59 -36.12
N ARG C 537 16.58 41.43 -36.78
CA ARG C 537 15.44 41.00 -37.60
C ARG C 537 14.20 40.83 -36.77
N ASN C 538 14.37 40.21 -35.60
CA ASN C 538 13.24 40.03 -34.70
C ASN C 538 12.74 41.40 -34.19
N LEU C 539 13.68 42.29 -33.87
CA LEU C 539 13.31 43.64 -33.44
C LEU C 539 12.45 44.38 -34.47
N LYS C 540 12.83 44.28 -35.74
CA LYS C 540 12.09 44.96 -36.80
C LYS C 540 10.68 44.42 -36.98
N GLU C 541 10.56 43.09 -36.93
CA GLU C 541 9.27 42.43 -37.07
C GLU C 541 8.31 42.95 -36.00
N ARG C 542 8.85 43.24 -34.80
CA ARG C 542 8.06 43.74 -33.66
C ARG C 542 7.48 45.15 -33.87
N PHE C 543 7.98 45.89 -34.85
CA PHE C 543 7.33 47.14 -35.23
C PHE C 543 6.14 46.92 -36.16
N HIS C 544 6.06 45.72 -36.78
CA HIS C 544 4.93 45.41 -37.69
C HIS C 544 4.64 46.49 -38.74
N MET C 545 5.68 46.83 -39.49
CA MET C 545 5.63 47.96 -40.43
C MET C 545 4.59 47.81 -41.55
N SER C 546 4.23 46.57 -41.87
CA SER C 546 3.18 46.31 -42.85
C SER C 546 1.77 46.67 -42.35
N MET C 547 1.54 46.71 -41.03
CA MET C 547 0.15 46.79 -40.50
C MET C 547 -0.63 48.10 -40.76
N THR C 548 -1.94 47.99 -40.95
CA THR C 548 -2.86 49.14 -40.85
C THR C 548 -3.24 49.32 -39.37
N GLU C 549 -3.75 50.51 -39.01
CA GLU C 549 -4.09 50.85 -37.61
C GLU C 549 -5.02 49.81 -36.97
N GLU C 550 -6.05 49.43 -37.71
CA GLU C 550 -7.03 48.44 -37.26
C GLU C 550 -6.30 47.16 -36.86
N GLN C 551 -5.24 46.83 -37.61
CA GLN C 551 -4.44 45.64 -37.31
C GLN C 551 -3.66 45.82 -36.00
N LEU C 552 -3.23 47.05 -35.75
CA LEU C 552 -2.41 47.37 -34.58
C LEU C 552 -3.29 47.35 -33.34
N GLN C 553 -4.52 47.85 -33.50
CA GLN C 553 -5.53 47.76 -32.44
C GLN C 553 -5.70 46.34 -31.96
N LEU C 554 -5.76 45.41 -32.90
CA LEU C 554 -5.92 43.99 -32.58
C LEU C 554 -4.67 43.43 -31.89
N LEU C 555 -3.50 43.85 -32.37
CA LEU C 555 -2.24 43.46 -31.75
C LEU C 555 -2.13 43.96 -30.31
N VAL C 556 -2.57 45.20 -30.06
CA VAL C 556 -2.60 45.78 -28.70
C VAL C 556 -3.52 44.95 -27.81
N GLU C 557 -4.70 44.59 -28.30
CA GLU C 557 -5.64 43.74 -27.56
C GLU C 557 -4.98 42.41 -27.24
N GLN C 558 -4.40 41.75 -28.25
CA GLN C 558 -3.68 40.47 -28.01
C GLN C 558 -2.61 40.61 -26.96
N MET C 559 -1.81 41.65 -27.12
CA MET C 559 -0.78 41.99 -26.14
C MET C 559 -1.33 42.13 -24.73
N VAL C 560 -2.40 42.92 -24.57
CA VAL C 560 -3.01 43.17 -23.25
C VAL C 560 -3.54 41.87 -22.68
N ASP C 561 -4.36 41.17 -23.47
CA ASP C 561 -4.95 39.93 -23.01
C ASP C 561 -3.86 38.92 -22.66
N GLY C 562 -2.76 38.91 -23.41
CA GLY C 562 -1.55 38.15 -23.07
C GLY C 562 -0.96 38.54 -21.73
N SER C 563 -0.97 39.83 -21.43
CA SER C 563 -0.36 40.34 -20.21
C SER C 563 -1.14 39.93 -18.95
N MET C 564 -2.40 39.55 -19.11
CA MET C 564 -3.27 39.20 -17.97
C MET C 564 -3.32 37.69 -17.65
N ARG C 565 -3.16 36.84 -18.66
CA ARG C 565 -3.21 35.37 -18.47
C ARG C 565 -2.20 34.86 -17.43
N SER C 566 -1.02 35.49 -17.39
CA SER C 566 0.14 35.08 -16.56
C SER C 566 1.09 34.17 -17.35
N ASP D 9 35.30 75.52 -83.27
CA ASP D 9 36.21 75.73 -84.43
C ASP D 9 37.70 75.62 -84.04
N GLU D 10 38.46 76.69 -84.32
CA GLU D 10 39.93 76.69 -84.41
C GLU D 10 40.58 77.08 -83.09
N TYR D 11 41.61 76.32 -82.72
CA TYR D 11 42.50 76.74 -81.65
C TYR D 11 43.87 77.13 -82.23
N ASP D 12 44.63 77.91 -81.47
CA ASP D 12 46.01 78.26 -81.83
C ASP D 12 46.97 77.24 -81.25
N TYR D 13 46.53 76.58 -80.18
CA TYR D 13 47.37 75.60 -79.52
C TYR D 13 46.58 74.47 -78.89
N LEU D 14 47.25 73.31 -78.86
CA LEU D 14 46.75 72.12 -78.23
C LEU D 14 47.75 71.62 -77.17
N PHE D 15 47.42 71.82 -75.89
CA PHE D 15 48.36 71.43 -74.81
C PHE D 15 47.97 70.13 -74.15
N LYS D 16 48.88 69.15 -74.17
CA LYS D 16 48.66 67.85 -73.50
C LYS D 16 49.10 67.91 -72.04
N VAL D 17 48.14 67.71 -71.12
CA VAL D 17 48.45 67.76 -69.69
C VAL D 17 48.00 66.49 -69.00
N VAL D 18 48.82 66.02 -68.07
CA VAL D 18 48.48 64.78 -67.34
C VAL D 18 48.18 65.09 -65.89
N LEU D 19 47.27 64.31 -65.32
CA LEU D 19 47.01 64.40 -63.89
C LEU D 19 47.59 63.18 -63.22
N ILE D 20 48.47 63.40 -62.25
CA ILE D 20 49.05 62.28 -61.52
C ILE D 20 48.95 62.48 -60.00
N GLY D 21 49.10 61.37 -59.27
CA GLY D 21 49.13 61.37 -57.81
C GLY D 21 48.70 60.03 -57.27
N ASP D 22 48.77 59.90 -55.95
CA ASP D 22 48.26 58.70 -55.25
C ASP D 22 46.78 58.49 -55.54
N SER D 23 46.36 57.23 -55.48
CA SER D 23 44.97 56.88 -55.74
C SER D 23 44.06 57.43 -54.63
N GLY D 24 42.97 58.10 -55.02
CA GLY D 24 41.98 58.64 -54.06
C GLY D 24 42.06 60.13 -53.76
N VAL D 25 43.09 60.80 -54.28
CA VAL D 25 43.33 62.21 -53.95
C VAL D 25 42.33 63.18 -54.61
N GLY D 26 41.64 62.75 -55.68
CA GLY D 26 40.57 63.54 -56.31
C GLY D 26 40.76 63.96 -57.76
N LYS D 27 41.69 63.30 -58.45
CA LYS D 27 42.04 63.64 -59.83
C LYS D 27 40.81 63.65 -60.74
N SER D 28 40.01 62.58 -60.70
CA SER D 28 38.86 62.43 -61.61
C SER D 28 37.82 63.50 -61.34
N ASN D 29 37.72 63.92 -60.09
CA ASN D 29 36.79 64.99 -59.73
C ASN D 29 37.30 66.40 -60.01
N LEU D 30 38.61 66.61 -59.88
CA LEU D 30 39.21 67.86 -60.36
C LEU D 30 38.84 68.03 -61.83
N LEU D 31 39.03 66.95 -62.57
CA LEU D 31 38.76 66.94 -63.99
C LEU D 31 37.27 67.11 -64.30
N SER D 32 36.42 66.38 -63.56
CA SER D 32 34.97 66.51 -63.80
C SER D 32 34.45 67.90 -63.42
N ARG D 33 35.06 68.47 -62.39
CA ARG D 33 34.74 69.84 -61.96
C ARG D 33 35.15 70.81 -63.04
N PHE D 34 36.41 70.72 -63.43
CA PHE D 34 36.96 71.64 -64.40
C PHE D 34 36.30 71.53 -65.77
N THR D 35 35.97 70.31 -66.23
CA THR D 35 35.43 70.20 -67.60
C THR D 35 33.92 70.23 -67.76
N ARG D 36 33.17 69.75 -66.78
CA ARG D 36 31.71 69.88 -66.90
C ARG D 36 31.05 70.42 -65.62
N ASN D 37 31.89 70.99 -64.74
CA ASN D 37 31.41 71.52 -63.48
C ASN D 37 30.51 70.52 -62.73
N GLU D 38 31.04 69.32 -62.51
CA GLU D 38 30.35 68.27 -61.73
C GLU D 38 31.29 67.64 -60.70
N PHE D 39 30.71 67.15 -59.59
CA PHE D 39 31.49 66.49 -58.50
C PHE D 39 30.69 65.35 -57.90
N ASN D 40 31.40 64.38 -57.33
CA ASN D 40 30.75 63.28 -56.64
C ASN D 40 31.59 62.65 -55.52
N LEU D 41 30.92 62.39 -54.42
CA LEU D 41 31.52 61.68 -53.30
C LEU D 41 31.77 60.21 -53.61
N GLU D 42 30.81 59.57 -54.26
CA GLU D 42 30.97 58.20 -54.72
C GLU D 42 31.91 58.22 -55.93
N SER D 43 32.82 57.24 -56.01
CA SER D 43 33.99 57.33 -56.90
C SER D 43 34.27 56.02 -57.59
N LYS D 44 34.75 56.13 -58.82
CA LYS D 44 34.82 54.97 -59.69
C LYS D 44 36.24 54.92 -60.13
N SER D 45 36.95 53.85 -59.75
CA SER D 45 38.39 53.84 -59.94
C SER D 45 38.72 54.11 -61.39
N THR D 46 39.75 54.92 -61.58
CA THR D 46 40.20 55.27 -62.91
C THR D 46 41.03 54.12 -63.42
N ILE D 47 40.59 53.52 -64.51
CA ILE D 47 41.27 52.35 -65.05
C ILE D 47 42.16 52.73 -66.20
N GLY D 48 43.48 52.74 -65.94
CA GLY D 48 44.46 53.04 -66.98
C GLY D 48 44.47 54.55 -67.23
N VAL D 49 43.57 55.02 -68.10
CA VAL D 49 43.55 56.43 -68.50
C VAL D 49 42.14 56.87 -68.88
N GLU D 50 41.85 58.12 -68.53
CA GLU D 50 40.59 58.75 -69.00
C GLU D 50 40.90 60.10 -69.66
N PHE D 51 40.10 60.41 -70.68
CA PHE D 51 40.35 61.57 -71.51
C PHE D 51 39.25 62.64 -71.42
N ALA D 52 39.65 63.90 -71.23
CA ALA D 52 38.70 65.04 -71.22
C ALA D 52 39.36 66.33 -71.70
N THR D 53 38.53 67.23 -72.24
CA THR D 53 39.02 68.43 -72.94
C THR D 53 38.22 69.70 -72.67
N ARG D 54 38.93 70.84 -72.70
CA ARG D 54 38.33 72.17 -72.53
C ARG D 54 39.25 73.24 -73.07
N SER D 55 38.65 74.31 -73.57
CA SER D 55 39.37 75.40 -74.20
C SER D 55 39.40 76.65 -73.31
N ILE D 56 40.53 77.37 -73.29
CA ILE D 56 40.54 78.72 -72.65
C ILE D 56 41.29 79.76 -73.48
N GLN D 57 41.21 81.05 -73.12
CA GLN D 57 42.09 82.04 -73.73
C GLN D 57 43.07 82.61 -72.73
N VAL D 58 44.33 82.62 -73.15
CA VAL D 58 45.35 83.37 -72.44
C VAL D 58 46.11 84.25 -73.44
N ASP D 59 46.32 85.50 -73.05
CA ASP D 59 47.05 86.48 -73.86
C ASP D 59 46.50 86.57 -75.29
N GLY D 60 45.17 86.46 -75.43
CA GLY D 60 44.47 86.59 -76.70
C GLY D 60 44.41 85.37 -77.63
N LYS D 61 44.87 84.21 -77.15
CA LYS D 61 44.96 83.01 -77.99
C LYS D 61 44.10 81.91 -77.44
N THR D 62 43.33 81.29 -78.34
CA THR D 62 42.47 80.19 -77.96
C THR D 62 43.35 78.93 -77.82
N ILE D 63 43.47 78.44 -76.59
CA ILE D 63 44.24 77.23 -76.27
C ILE D 63 43.33 76.10 -75.82
N LYS D 64 43.37 74.99 -76.58
CA LYS D 64 42.62 73.79 -76.20
C LYS D 64 43.51 72.89 -75.33
N ALA D 65 43.01 72.60 -74.14
CA ALA D 65 43.75 71.72 -73.23
C ALA D 65 43.21 70.30 -73.36
N GLN D 66 44.13 69.35 -73.45
CA GLN D 66 43.78 67.93 -73.45
C GLN D 66 44.30 67.30 -72.19
N ILE D 67 43.36 66.90 -71.32
CA ILE D 67 43.73 66.38 -70.03
C ILE D 67 43.62 64.87 -69.99
N TRP D 68 44.68 64.25 -69.48
CA TRP D 68 44.72 62.81 -69.33
C TRP D 68 44.76 62.46 -67.85
N ASP D 69 43.68 61.83 -67.42
CA ASP D 69 43.48 61.43 -66.02
C ASP D 69 44.08 60.04 -65.93
N THR D 70 45.25 59.92 -65.29
CA THR D 70 46.09 58.72 -65.40
C THR D 70 45.75 57.54 -64.46
N ALA D 71 45.28 57.79 -63.23
CA ALA D 71 44.99 56.74 -62.23
C ALA D 71 46.20 56.50 -61.34
N GLY D 72 45.98 56.63 -60.03
CA GLY D 72 47.04 56.50 -59.02
C GLY D 72 47.42 55.07 -58.71
N LEU D 73 46.52 54.14 -59.01
CA LEU D 73 46.77 52.73 -58.79
C LEU D 73 48.00 52.23 -59.60
N GLU D 74 48.80 51.39 -58.94
CA GLU D 74 50.08 50.88 -59.42
C GLU D 74 49.90 49.81 -60.50
N ARG D 75 48.87 48.98 -60.33
CA ARG D 75 48.41 48.00 -61.35
C ARG D 75 48.60 48.52 -62.78
N TYR D 76 48.32 49.81 -62.98
CA TYR D 76 48.29 50.43 -64.31
C TYR D 76 49.51 51.29 -64.64
N ARG D 77 50.48 51.36 -63.72
CA ARG D 77 51.60 52.28 -63.85
C ARG D 77 52.59 51.93 -65.02
N ALA D 78 52.62 50.68 -65.51
CA ALA D 78 53.36 50.32 -66.77
C ALA D 78 52.81 51.02 -68.04
N ILE D 79 51.51 51.16 -68.10
CA ILE D 79 50.84 51.70 -69.30
C ILE D 79 50.48 53.22 -69.20
N THR D 80 50.42 53.77 -67.97
CA THR D 80 50.23 55.24 -67.77
C THR D 80 51.49 55.94 -68.26
N SER D 81 52.65 55.39 -67.93
CA SER D 81 53.93 55.96 -68.33
C SER D 81 54.10 56.09 -69.84
N ALA D 82 53.42 55.23 -70.61
CA ALA D 82 53.32 55.44 -72.03
C ALA D 82 52.77 56.86 -72.40
N TYR D 83 51.79 57.36 -71.64
CA TYR D 83 51.17 58.72 -71.83
C TYR D 83 51.94 59.93 -71.35
N TYR D 84 53.00 59.70 -70.59
CA TYR D 84 53.84 60.79 -70.11
C TYR D 84 54.54 61.47 -71.30
N ARG D 85 54.68 60.68 -72.37
CA ARG D 85 55.32 61.09 -73.64
C ARG D 85 54.80 62.43 -74.14
N GLY D 86 55.70 63.41 -74.17
CA GLY D 86 55.43 64.71 -74.77
C GLY D 86 54.29 65.51 -74.15
N ALA D 87 53.98 65.27 -72.88
CA ALA D 87 53.00 66.08 -72.20
C ALA D 87 53.72 67.35 -71.76
N VAL D 88 53.07 68.50 -71.98
CA VAL D 88 53.68 69.81 -71.67
C VAL D 88 53.54 70.16 -70.19
N GLY D 89 52.51 69.63 -69.54
CA GLY D 89 52.23 69.94 -68.16
C GLY D 89 51.74 68.76 -67.35
N ALA D 90 52.10 68.77 -66.07
CA ALA D 90 51.63 67.76 -65.12
C ALA D 90 51.14 68.33 -63.79
N LEU D 91 49.87 68.03 -63.47
CA LEU D 91 49.29 68.41 -62.17
C LEU D 91 49.53 67.28 -61.22
N LEU D 92 50.42 67.53 -60.26
CA LEU D 92 50.78 66.53 -59.30
C LEU D 92 49.95 66.76 -58.06
N VAL D 93 49.07 65.80 -57.77
CA VAL D 93 48.08 66.05 -56.73
C VAL D 93 48.25 65.19 -55.49
N TYR D 94 48.05 65.83 -54.33
CA TYR D 94 47.96 65.11 -53.04
C TYR D 94 46.72 65.59 -52.26
N ASP D 95 46.23 64.72 -51.37
CA ASP D 95 45.15 65.05 -50.42
C ASP D 95 45.63 65.76 -49.14
N ILE D 96 45.21 67.03 -48.97
CA ILE D 96 45.53 67.82 -47.74
C ILE D 96 45.31 67.12 -46.38
N ALA D 97 44.29 66.27 -46.36
CA ALA D 97 43.87 65.56 -45.16
C ALA D 97 44.52 64.17 -44.94
N LYS D 98 45.39 63.72 -45.84
CA LYS D 98 46.09 62.43 -45.65
C LYS D 98 47.58 62.51 -45.83
N HIS D 99 48.32 62.62 -44.73
CA HIS D 99 49.77 63.00 -44.78
C HIS D 99 50.62 62.10 -45.70
N LEU D 100 50.35 60.80 -45.66
CA LEU D 100 51.06 59.83 -46.50
C LEU D 100 51.11 60.24 -47.99
N THR D 101 49.99 60.77 -48.45
CA THR D 101 49.85 61.17 -49.85
C THR D 101 50.81 62.33 -50.18
N TYR D 102 51.12 63.18 -49.19
CA TYR D 102 52.13 64.25 -49.38
C TYR D 102 53.53 63.64 -49.38
N GLU D 103 53.71 62.61 -48.56
CA GLU D 103 55.00 61.97 -48.48
C GLU D 103 55.43 61.35 -49.82
N ASN D 104 54.49 60.75 -50.56
CA ASN D 104 54.80 60.03 -51.84
C ASN D 104 55.02 60.92 -53.08
N VAL D 105 54.88 62.23 -52.90
CA VAL D 105 55.08 63.16 -54.01
C VAL D 105 56.52 63.14 -54.52
N GLU D 106 57.45 62.71 -53.67
CA GLU D 106 58.84 62.56 -54.08
C GLU D 106 59.02 61.42 -55.07
N ARG D 107 58.35 60.29 -54.85
CA ARG D 107 58.44 59.18 -55.82
C ARG D 107 57.65 59.45 -57.08
N TRP D 108 56.63 60.28 -56.94
CA TRP D 108 55.88 60.69 -58.10
C TRP D 108 56.62 61.68 -59.03
N LEU D 109 57.66 62.39 -58.54
CA LEU D 109 58.44 63.32 -59.42
C LEU D 109 59.61 62.64 -60.08
N LYS D 110 60.15 61.62 -59.41
CA LYS D 110 61.17 60.76 -60.01
C LYS D 110 60.53 60.05 -61.20
N GLU D 111 59.29 59.63 -61.00
CA GLU D 111 58.45 59.07 -62.06
C GLU D 111 58.36 59.93 -63.33
N LEU D 112 58.66 61.24 -63.23
CA LEU D 112 58.70 62.10 -64.43
C LEU D 112 60.11 62.24 -65.00
N ARG D 113 61.12 62.07 -64.16
CA ARG D 113 62.48 62.17 -64.65
C ARG D 113 62.98 60.77 -65.06
N ASP D 114 62.04 59.84 -65.28
CA ASP D 114 62.34 58.56 -65.93
C ASP D 114 61.54 58.32 -67.22
N HIS D 115 60.26 58.71 -67.23
CA HIS D 115 59.37 58.39 -68.36
C HIS D 115 58.81 59.60 -69.11
N ALA D 116 59.28 60.81 -68.82
CA ALA D 116 58.70 62.02 -69.43
C ALA D 116 59.75 63.07 -69.76
N ASP D 117 59.38 64.02 -70.61
CA ASP D 117 60.25 65.13 -70.96
C ASP D 117 60.79 65.75 -69.68
N SER D 118 62.11 65.95 -69.67
CA SER D 118 62.79 66.50 -68.51
C SER D 118 62.66 68.03 -68.40
N ASN D 119 61.95 68.64 -69.34
CA ASN D 119 61.66 70.05 -69.30
C ASN D 119 60.15 70.30 -69.32
N ILE D 120 59.43 69.70 -68.36
CA ILE D 120 57.96 69.79 -68.27
C ILE D 120 57.53 70.70 -67.11
N VAL D 121 56.40 71.38 -67.31
CA VAL D 121 55.80 72.25 -66.28
C VAL D 121 54.96 71.45 -65.26
N ILE D 122 55.29 71.62 -63.98
CA ILE D 122 54.60 70.93 -62.88
C ILE D 122 53.98 71.88 -61.86
N MET D 123 52.72 71.64 -61.55
CA MET D 123 52.09 72.29 -60.41
C MET D 123 51.73 71.22 -59.39
N LEU D 124 52.14 71.52 -58.16
CA LEU D 124 51.79 70.81 -56.97
C LEU D 124 50.41 71.26 -56.51
N VAL D 125 49.54 70.28 -56.24
CA VAL D 125 48.19 70.60 -55.82
C VAL D 125 47.82 69.86 -54.54
N GLY D 126 47.49 70.66 -53.52
CA GLY D 126 46.86 70.16 -52.30
C GLY D 126 45.35 70.23 -52.47
N ASN D 127 44.72 69.06 -52.61
CA ASN D 127 43.28 68.99 -52.81
C ASN D 127 42.55 68.68 -51.52
N LYS D 128 41.26 69.01 -51.54
CA LYS D 128 40.33 68.79 -50.44
C LYS D 128 40.54 69.86 -49.36
N SER D 129 40.65 71.11 -49.79
CA SER D 129 40.82 72.25 -48.84
C SER D 129 39.57 72.47 -48.01
N ASP D 130 38.43 71.96 -48.48
CA ASP D 130 37.19 72.02 -47.71
C ASP D 130 37.23 71.27 -46.38
N LEU D 131 38.09 70.25 -46.29
CA LEU D 131 38.24 69.48 -45.06
C LEU D 131 39.17 70.15 -44.04
N ARG D 132 38.81 71.38 -43.65
CA ARG D 132 39.66 72.24 -42.83
C ARG D 132 40.15 71.55 -41.56
N HIS D 133 39.22 70.95 -40.84
CA HIS D 133 39.50 70.40 -39.51
C HIS D 133 40.37 69.13 -39.53
N LEU D 134 40.48 68.47 -40.68
CA LEU D 134 41.26 67.22 -40.77
C LEU D 134 42.60 67.40 -41.44
N ARG D 135 42.96 68.67 -41.68
CA ARG D 135 44.20 69.01 -42.36
C ARG D 135 45.41 68.30 -41.75
N ALA D 136 46.15 67.57 -42.58
CA ALA D 136 47.37 66.86 -42.10
C ALA D 136 48.68 67.39 -42.71
N VAL D 137 48.55 68.38 -43.61
CA VAL D 137 49.68 69.02 -44.28
C VAL D 137 49.47 70.53 -44.27
N PRO D 138 50.29 71.24 -43.48
CA PRO D 138 50.12 72.69 -43.41
C PRO D 138 50.50 73.36 -44.72
N THR D 139 49.73 74.39 -45.06
CA THR D 139 49.93 75.12 -46.29
C THR D 139 51.36 75.63 -46.44
N ASP D 140 51.96 76.06 -45.33
CA ASP D 140 53.32 76.63 -45.35
C ASP D 140 54.41 75.58 -45.68
N GLU D 141 54.34 74.41 -45.04
CA GLU D 141 55.34 73.36 -45.30
C GLU D 141 55.32 72.91 -46.76
N ALA D 142 54.13 72.82 -47.33
CA ALA D 142 53.98 72.40 -48.71
C ALA D 142 54.59 73.43 -49.65
N ARG D 143 54.19 74.72 -49.54
CA ARG D 143 54.69 75.83 -50.43
C ARG D 143 56.22 76.00 -50.31
N ALA D 144 56.74 75.71 -49.13
CA ALA D 144 58.20 75.66 -48.93
C ALA D 144 58.84 74.59 -49.81
N PHE D 145 58.35 73.36 -49.68
CA PHE D 145 58.78 72.25 -50.52
C PHE D 145 58.55 72.52 -52.01
N ALA D 146 57.51 73.27 -52.33
CA ALA D 146 57.12 73.51 -53.71
C ALA D 146 58.23 74.17 -54.49
N GLU D 147 58.75 75.28 -53.96
CA GLU D 147 59.74 76.04 -54.72
C GLU D 147 61.18 75.65 -54.40
N LYS D 148 61.39 74.90 -53.32
CA LYS D 148 62.63 74.15 -53.12
C LYS D 148 62.85 73.15 -54.27
N ASN D 149 61.77 72.66 -54.87
CA ASN D 149 61.87 71.76 -56.02
C ASN D 149 61.38 72.36 -57.35
N GLY D 150 61.19 73.69 -57.36
CA GLY D 150 60.88 74.43 -58.60
C GLY D 150 59.55 74.07 -59.22
N LEU D 151 58.55 73.98 -58.34
CA LEU D 151 57.17 73.62 -58.69
C LEU D 151 56.26 74.78 -58.29
N SER D 152 55.21 75.03 -59.08
CA SER D 152 54.18 76.02 -58.71
C SER D 152 53.16 75.35 -57.78
N PHE D 153 52.47 76.12 -56.93
CA PHE D 153 51.68 75.56 -55.80
C PHE D 153 50.32 76.23 -55.59
N ILE D 154 49.31 75.43 -55.24
CA ILE D 154 47.95 75.93 -55.00
C ILE D 154 47.18 74.89 -54.19
N GLU D 155 46.16 75.33 -53.46
CA GLU D 155 45.26 74.43 -52.76
C GLU D 155 43.84 74.53 -53.33
N THR D 156 43.23 73.37 -53.61
CA THR D 156 41.89 73.28 -54.25
C THR D 156 40.90 72.43 -53.44
N SER D 157 39.63 72.68 -53.74
CA SER D 157 38.58 71.79 -53.35
C SER D 157 37.78 71.53 -54.59
N ALA D 158 37.88 70.32 -55.12
CA ALA D 158 36.99 69.91 -56.21
C ALA D 158 35.52 69.95 -55.77
N LEU D 159 35.31 69.67 -54.50
CA LEU D 159 33.98 69.59 -53.94
C LEU D 159 33.25 70.94 -53.96
N ASP D 160 33.85 71.97 -53.35
CA ASP D 160 33.21 73.31 -53.30
C ASP D 160 33.62 74.17 -54.50
N SER D 161 34.57 73.66 -55.28
CA SER D 161 35.06 74.28 -56.54
C SER D 161 36.13 75.39 -56.38
N THR D 162 36.53 75.69 -55.15
CA THR D 162 37.60 76.64 -54.87
C THR D 162 38.87 76.33 -55.69
N ASN D 163 39.32 77.32 -56.46
CA ASN D 163 40.62 77.31 -57.12
C ASN D 163 40.80 76.31 -58.26
N VAL D 164 39.72 75.67 -58.67
CA VAL D 164 39.85 74.63 -59.66
C VAL D 164 40.15 75.27 -61.01
N GLU D 165 39.32 76.22 -61.40
CA GLU D 165 39.62 76.96 -62.63
C GLU D 165 41.00 77.65 -62.56
N ALA D 166 41.25 78.35 -61.45
CA ALA D 166 42.53 79.06 -61.23
C ALA D 166 43.71 78.13 -61.43
N ALA D 167 43.61 76.93 -60.85
CA ALA D 167 44.71 75.97 -60.91
C ALA D 167 45.10 75.64 -62.37
N PHE D 168 44.11 75.21 -63.15
CA PHE D 168 44.30 74.93 -64.57
C PHE D 168 44.82 76.17 -65.28
N GLN D 169 44.11 77.30 -65.07
CA GLN D 169 44.44 78.57 -65.77
C GLN D 169 45.85 79.06 -65.52
N THR D 170 46.35 78.81 -64.31
CA THR D 170 47.74 79.08 -63.97
C THR D 170 48.70 78.22 -64.79
N ILE D 171 48.56 76.90 -64.70
CA ILE D 171 49.52 76.02 -65.34
C ILE D 171 49.47 76.12 -66.85
N LEU D 172 48.28 76.36 -67.39
CA LEU D 172 48.20 76.50 -68.86
C LEU D 172 48.89 77.78 -69.33
N THR D 173 48.67 78.86 -68.58
CA THR D 173 49.29 80.15 -68.82
C THR D 173 50.84 80.02 -68.73
N GLU D 174 51.27 79.45 -67.61
CA GLU D 174 52.70 79.15 -67.36
C GLU D 174 53.33 78.44 -68.56
N ILE D 175 52.65 77.38 -69.01
CA ILE D 175 53.09 76.67 -70.20
C ILE D 175 53.13 77.55 -71.44
N TYR D 176 52.03 78.24 -71.71
CA TYR D 176 51.97 79.05 -72.95
C TYR D 176 53.12 80.03 -73.17
N ARG D 177 53.81 80.42 -72.11
CA ARG D 177 55.03 81.24 -72.29
C ARG D 177 56.35 80.56 -71.97
N ILE D 178 56.34 79.25 -71.81
CA ILE D 178 57.58 78.48 -71.84
C ILE D 178 57.89 78.17 -73.29
N VAL D 179 56.86 77.78 -74.00
CA VAL D 179 57.01 77.32 -75.36
C VAL D 179 57.75 78.28 -76.30
N SER D 180 57.45 79.57 -76.16
CA SER D 180 57.96 80.58 -77.09
C SER D 180 59.50 80.60 -77.04
N GLN D 181 60.15 80.56 -78.22
CA GLN D 181 61.62 80.49 -78.35
C GLN D 181 62.22 79.45 -77.42
N SER E 8 36.39 39.22 -40.61
CA SER E 8 34.91 39.06 -40.39
C SER E 8 34.25 38.79 -41.72
N ARG E 9 33.31 37.85 -41.71
CA ARG E 9 32.80 37.32 -42.96
C ARG E 9 32.00 38.30 -43.76
N ASP E 10 31.28 39.16 -43.04
CA ASP E 10 30.50 40.22 -43.65
C ASP E 10 31.42 41.14 -44.46
N GLU E 11 32.60 41.44 -43.90
CA GLU E 11 33.60 42.27 -44.59
C GLU E 11 34.25 41.56 -45.78
N LEU E 12 34.51 40.25 -45.64
CA LEU E 12 35.02 39.41 -46.74
C LEU E 12 34.05 39.32 -47.89
N MET E 13 32.77 39.07 -47.56
CA MET E 13 31.70 39.00 -48.58
C MET E 13 31.56 40.33 -49.32
N GLU E 14 31.57 41.42 -48.54
CA GLU E 14 31.49 42.77 -49.09
C GLU E 14 32.67 43.07 -49.99
N ALA E 15 33.87 42.60 -49.63
CA ALA E 15 35.08 42.76 -50.48
C ALA E 15 34.93 42.02 -51.79
N ILE E 16 34.39 40.80 -51.72
CA ILE E 16 34.21 39.99 -52.93
C ILE E 16 33.12 40.58 -53.89
N GLN E 17 31.97 40.95 -53.28
CA GLN E 17 30.87 41.60 -54.04
C GLN E 17 31.33 42.88 -54.75
N LYS E 18 32.13 43.67 -54.02
CA LYS E 18 32.68 44.91 -54.55
C LYS E 18 33.64 44.64 -55.67
N GLN E 19 34.49 43.61 -55.57
CA GLN E 19 35.46 43.26 -56.64
C GLN E 19 34.72 42.84 -57.92
N GLU E 20 33.65 42.04 -57.77
CA GLU E 20 32.98 41.70 -59.04
C GLU E 20 32.15 42.77 -59.69
N GLU E 21 31.56 43.63 -58.84
CA GLU E 21 30.84 44.84 -59.32
C GLU E 21 31.78 45.69 -60.18
N ILE E 22 33.01 45.89 -59.69
CA ILE E 22 34.03 46.67 -60.38
C ILE E 22 34.35 45.96 -61.68
N ASN E 23 34.63 44.66 -61.65
CA ASN E 23 34.93 43.94 -62.87
C ASN E 23 33.85 44.00 -63.96
N PHE E 24 32.60 43.83 -63.52
CA PHE E 24 31.46 43.91 -64.45
C PHE E 24 31.26 45.29 -65.07
N ARG E 25 31.46 46.30 -64.22
CA ARG E 25 31.47 47.70 -64.66
C ARG E 25 32.57 47.93 -65.69
N LEU E 26 33.75 47.43 -65.36
CA LEU E 26 34.92 47.66 -66.19
C LEU E 26 34.72 46.95 -67.52
N GLN E 27 34.22 45.73 -67.52
CA GLN E 27 33.89 45.08 -68.80
C GLN E 27 32.91 45.87 -69.68
N ASP E 28 31.84 46.38 -69.04
CA ASP E 28 30.90 47.24 -69.77
C ASP E 28 31.54 48.55 -70.32
N TYR E 29 32.32 49.22 -69.44
CA TYR E 29 33.13 50.44 -69.83
C TYR E 29 33.94 50.13 -71.06
N ILE E 30 34.59 48.97 -71.05
CA ILE E 30 35.41 48.54 -72.17
C ILE E 30 34.59 48.24 -73.42
N ASP E 31 33.52 47.48 -73.28
CA ASP E 31 32.68 47.16 -74.46
C ASP E 31 32.11 48.42 -75.11
N ARG E 32 31.76 49.40 -74.26
CA ARG E 32 31.31 50.72 -74.79
C ARG E 32 32.40 51.48 -75.56
N ILE E 33 33.65 51.36 -75.11
CA ILE E 33 34.78 51.91 -75.85
C ILE E 33 34.99 51.14 -77.15
N ILE E 34 34.96 49.82 -77.07
CA ILE E 34 35.21 49.00 -78.23
C ILE E 34 34.19 49.19 -79.34
N VAL E 35 32.91 49.23 -78.95
CA VAL E 35 31.87 49.50 -79.98
C VAL E 35 32.10 50.81 -80.79
N ALA E 36 32.53 51.87 -80.09
CA ALA E 36 32.86 53.15 -80.75
C ALA E 36 33.99 52.99 -81.81
N ILE E 37 35.00 52.17 -81.49
CA ILE E 37 36.14 51.92 -82.43
C ILE E 37 35.65 51.10 -83.59
N MET E 38 34.86 50.08 -83.25
CA MET E 38 34.28 49.21 -84.24
C MET E 38 33.47 49.99 -85.29
N GLU E 39 32.76 51.04 -84.84
CA GLU E 39 31.94 51.90 -85.74
C GLU E 39 32.66 53.12 -86.39
N THR E 40 33.94 53.31 -86.07
CA THR E 40 34.72 54.41 -86.63
C THR E 40 35.96 53.91 -87.36
N ASN E 41 36.86 53.25 -86.64
CA ASN E 41 38.08 52.75 -87.26
C ASN E 41 38.42 51.34 -86.81
N PRO E 42 37.70 50.34 -87.35
CA PRO E 42 38.02 48.95 -87.01
C PRO E 42 39.43 48.43 -87.43
N SER E 43 40.11 49.09 -88.39
CA SER E 43 41.49 48.69 -88.82
C SER E 43 42.45 48.54 -87.63
N ILE E 44 42.23 49.39 -86.63
CA ILE E 44 42.95 49.38 -85.38
C ILE E 44 42.98 47.98 -84.72
N LEU E 45 41.92 47.22 -84.95
CA LEU E 45 41.73 45.98 -84.19
C LEU E 45 42.38 44.76 -84.80
N GLU E 46 43.16 44.96 -85.88
CA GLU E 46 43.85 43.85 -86.56
C GLU E 46 44.84 43.05 -85.69
N VAL E 47 44.73 41.71 -85.77
CA VAL E 47 45.71 40.81 -85.17
C VAL E 47 46.87 40.53 -86.15
N LYS E 48 48.00 41.21 -85.90
CA LYS E 48 49.28 40.96 -86.60
C LYS E 48 50.15 40.12 -85.63
N VAL F 7 29.82 22.41 -50.26
CA VAL F 7 30.79 21.71 -51.16
C VAL F 7 32.18 21.58 -50.52
N SER F 8 32.99 20.65 -51.03
CA SER F 8 34.33 20.38 -50.52
C SER F 8 35.26 21.54 -50.75
N ARG F 9 36.34 21.53 -50.00
CA ARG F 9 37.32 22.59 -50.05
C ARG F 9 38.05 22.62 -51.38
N ASP F 10 38.22 21.43 -51.97
CA ASP F 10 38.82 21.28 -53.29
C ASP F 10 37.97 21.98 -54.35
N GLU F 11 36.64 21.83 -54.26
CA GLU F 11 35.71 22.51 -55.17
C GLU F 11 35.67 24.03 -54.93
N LEU F 12 35.73 24.46 -53.67
CA LEU F 12 35.81 25.91 -53.31
C LEU F 12 37.07 26.56 -53.85
N MET F 13 38.20 25.88 -53.64
CA MET F 13 39.51 26.36 -54.15
C MET F 13 39.49 26.49 -55.67
N GLU F 14 38.95 25.43 -56.33
CA GLU F 14 38.80 25.37 -57.78
C GLU F 14 37.91 26.50 -58.30
N ALA F 15 36.84 26.82 -57.56
CA ALA F 15 35.96 27.96 -57.92
C ALA F 15 36.68 29.30 -57.84
N ILE F 16 37.47 29.46 -56.79
CA ILE F 16 38.21 30.71 -56.60
C ILE F 16 39.36 30.91 -57.63
N GLN F 17 40.12 29.81 -57.85
CA GLN F 17 41.18 29.80 -58.90
C GLN F 17 40.63 30.14 -60.30
N LYS F 18 39.46 29.58 -60.63
CA LYS F 18 38.79 29.84 -61.91
C LYS F 18 38.37 31.28 -62.05
N GLN F 19 37.83 31.87 -60.97
CA GLN F 19 37.46 33.30 -60.97
C GLN F 19 38.68 34.20 -61.13
N GLU F 20 39.78 33.84 -60.45
CA GLU F 20 40.99 34.64 -60.61
C GLU F 20 41.65 34.63 -62.00
N GLU F 21 41.68 33.41 -62.55
CA GLU F 21 42.21 33.16 -63.90
C GLU F 21 41.46 34.03 -64.91
N ILE F 22 40.12 34.08 -64.77
CA ILE F 22 39.28 34.89 -65.63
C ILE F 22 39.64 36.38 -65.43
N ASN F 23 39.68 36.87 -64.19
CA ASN F 23 40.04 38.29 -63.94
C ASN F 23 41.37 38.72 -64.54
N PHE F 24 42.37 37.88 -64.31
CA PHE F 24 43.71 38.15 -64.84
C PHE F 24 43.77 38.15 -66.38
N ARG F 25 43.05 37.19 -66.98
CA ARG F 25 42.88 37.12 -68.44
C ARG F 25 42.23 38.37 -68.96
N LEU F 26 41.16 38.77 -68.27
CA LEU F 26 40.37 39.91 -68.71
C LEU F 26 41.22 41.17 -68.59
N GLN F 27 41.94 41.34 -67.49
CA GLN F 27 42.85 42.49 -67.40
C GLN F 27 43.91 42.54 -68.53
N ASP F 28 44.51 41.39 -68.81
CA ASP F 28 45.46 41.32 -69.93
C ASP F 28 44.80 41.64 -71.32
N TYR F 29 43.61 41.04 -71.56
CA TYR F 29 42.77 41.31 -72.78
C TYR F 29 42.59 42.81 -72.94
N ILE F 30 42.25 43.47 -71.84
CA ILE F 30 42.06 44.91 -71.82
C ILE F 30 43.34 45.69 -72.05
N ASP F 31 44.41 45.34 -71.34
CA ASP F 31 45.69 46.03 -71.55
C ASP F 31 46.20 45.90 -73.01
N ARG F 32 45.96 44.72 -73.61
CA ARG F 32 46.29 44.50 -75.04
C ARG F 32 45.46 45.39 -75.99
N ILE F 33 44.20 45.65 -75.65
CA ILE F 33 43.38 46.62 -76.38
C ILE F 33 43.86 48.06 -76.16
N ILE F 34 44.14 48.38 -74.91
CA ILE F 34 44.58 49.73 -74.57
C ILE F 34 45.92 50.10 -75.26
N VAL F 35 46.88 49.16 -75.21
CA VAL F 35 48.19 49.43 -75.88
C VAL F 35 48.04 49.78 -77.39
N ALA F 36 47.14 49.07 -78.07
CA ALA F 36 46.85 49.36 -79.47
C ALA F 36 46.33 50.80 -79.66
N ILE F 37 45.46 51.24 -78.75
CA ILE F 37 44.85 52.56 -78.84
C ILE F 37 45.92 53.61 -78.60
N MET F 38 46.73 53.32 -77.56
CA MET F 38 47.92 54.15 -77.25
C MET F 38 48.77 54.33 -78.53
N SER G 10 -27.37 41.64 89.67
CA SER G 10 -28.73 42.26 89.45
C SER G 10 -28.68 43.75 89.05
N TRP G 11 -27.48 44.29 88.85
CA TRP G 11 -27.32 45.73 88.48
C TRP G 11 -27.89 46.09 87.10
N LEU G 12 -27.74 45.19 86.14
CA LEU G 12 -28.32 45.37 84.81
C LEU G 12 -29.85 45.30 84.93
N LEU G 13 -30.37 44.20 85.48
CA LEU G 13 -31.83 44.06 85.72
C LEU G 13 -32.40 45.23 86.51
N ARG G 14 -31.59 45.84 87.37
CA ARG G 14 -32.00 47.05 88.08
C ARG G 14 -32.33 48.14 87.09
N LEU G 15 -31.40 48.38 86.16
CA LEU G 15 -31.58 49.35 85.11
C LEU G 15 -32.88 49.07 84.33
N PHE G 16 -32.99 47.85 83.81
CA PHE G 16 -34.14 47.48 82.97
C PHE G 16 -35.49 47.65 83.71
N GLU G 17 -35.50 47.53 85.03
CA GLU G 17 -36.73 47.72 85.81
C GLU G 17 -36.95 49.17 86.26
N SER G 18 -35.97 50.02 85.97
CA SER G 18 -36.11 51.42 86.33
C SER G 18 -36.95 52.18 85.28
N LYS G 19 -37.29 53.43 85.60
CA LYS G 19 -38.02 54.29 84.66
C LYS G 19 -37.21 54.65 83.44
N LEU G 20 -35.88 54.68 83.60
CA LEU G 20 -34.92 54.86 82.48
C LEU G 20 -35.22 54.07 81.22
N PHE G 21 -35.85 52.92 81.42
CA PHE G 21 -36.01 51.96 80.38
C PHE G 21 -37.05 52.50 79.41
N ASP G 22 -36.57 52.87 78.22
CA ASP G 22 -37.43 53.28 77.14
C ASP G 22 -37.09 52.46 75.91
N ILE G 23 -38.03 52.52 74.98
CA ILE G 23 -37.94 51.76 73.73
C ILE G 23 -36.54 51.82 73.06
N SER G 24 -35.92 52.99 73.13
CA SER G 24 -34.57 53.18 72.59
C SER G 24 -33.59 52.24 73.28
N MET G 25 -33.51 52.35 74.61
CA MET G 25 -32.60 51.53 75.38
C MET G 25 -32.90 50.07 75.10
N ALA G 26 -34.20 49.73 75.11
CA ALA G 26 -34.60 48.35 74.78
C ALA G 26 -33.97 47.88 73.47
N ILE G 27 -34.22 48.67 72.43
CA ILE G 27 -33.69 48.32 71.12
C ILE G 27 -32.16 48.24 71.11
N SER G 28 -31.49 49.17 71.80
CA SER G 28 -30.01 49.20 71.86
C SER G 28 -29.44 47.89 72.36
N TYR G 29 -29.98 47.48 73.50
CA TYR G 29 -29.50 46.26 74.13
C TYR G 29 -29.90 45.06 73.30
N LEU G 30 -31.14 45.10 72.76
CA LEU G 30 -31.56 44.03 71.83
C LEU G 30 -30.57 43.87 70.68
N TYR G 31 -30.10 45.00 70.17
CA TYR G 31 -29.18 45.00 69.06
C TYR G 31 -27.77 44.57 69.49
N ASN G 32 -27.33 44.99 70.68
CA ASN G 32 -25.91 44.82 71.09
C ASN G 32 -25.61 43.59 71.95
N SER G 33 -26.44 43.33 72.96
CA SER G 33 -26.25 42.14 73.76
C SER G 33 -26.31 40.86 72.91
N LYS G 34 -25.35 39.94 73.11
CA LYS G 34 -25.39 38.63 72.46
C LYS G 34 -25.93 37.58 73.43
N GLU G 35 -26.42 38.02 74.59
CA GLU G 35 -26.95 37.12 75.61
C GLU G 35 -28.41 36.80 75.28
N PRO G 36 -28.71 35.49 75.06
CA PRO G 36 -30.07 35.16 74.62
C PRO G 36 -31.12 35.45 75.69
N GLY G 37 -30.71 35.43 76.95
CA GLY G 37 -31.62 35.70 78.06
C GLY G 37 -32.04 37.16 78.10
N VAL G 38 -31.16 38.03 77.61
CA VAL G 38 -31.45 39.44 77.56
C VAL G 38 -32.42 39.72 76.41
N GLN G 39 -32.06 39.16 75.26
CA GLN G 39 -32.87 39.27 74.06
C GLN G 39 -34.31 38.87 74.37
N ALA G 40 -34.46 37.70 74.98
CA ALA G 40 -35.78 37.20 75.39
C ALA G 40 -36.45 38.12 76.42
N TYR G 41 -35.70 38.59 77.40
CA TYR G 41 -36.27 39.49 78.42
C TYR G 41 -36.81 40.76 77.82
N ILE G 42 -36.10 41.29 76.84
CA ILE G 42 -36.55 42.51 76.22
C ILE G 42 -37.74 42.20 75.28
N GLY G 43 -37.63 41.11 74.50
CA GLY G 43 -38.76 40.62 73.69
C GLY G 43 -40.06 40.59 74.47
N ASN G 44 -39.98 40.19 75.73
CA ASN G 44 -41.14 40.20 76.62
C ASN G 44 -41.54 41.62 77.03
N ARG G 45 -40.55 42.47 77.32
CA ARG G 45 -40.88 43.79 77.83
C ARG G 45 -41.42 44.74 76.74
N LEU G 46 -41.21 44.42 75.46
CA LEU G 46 -41.86 45.23 74.39
C LEU G 46 -43.35 45.44 74.62
N PHE G 47 -44.00 44.37 75.07
CA PHE G 47 -45.44 44.40 75.35
C PHE G 47 -45.74 45.51 76.32
N CYS G 48 -44.82 45.76 77.25
CA CYS G 48 -45.09 46.73 78.27
C CYS G 48 -45.13 48.19 77.74
N PHE G 49 -44.52 48.49 76.60
CA PHE G 49 -44.50 49.88 76.07
C PHE G 49 -45.79 50.38 75.37
N ARG G 50 -45.94 51.71 75.29
CA ARG G 50 -46.97 52.36 74.46
C ARG G 50 -46.75 52.10 72.97
N ASN G 51 -47.81 51.65 72.34
CA ASN G 51 -47.84 51.37 70.92
C ASN G 51 -47.19 52.45 70.03
N GLU G 52 -47.45 53.71 70.38
CA GLU G 52 -47.06 54.86 69.57
C GLU G 52 -45.54 54.91 69.51
N ASP G 53 -44.93 54.68 70.67
CA ASP G 53 -43.49 54.85 70.81
C ASP G 53 -42.76 53.76 70.04
N VAL G 54 -43.30 52.55 70.08
CA VAL G 54 -42.70 51.39 69.43
C VAL G 54 -42.89 51.51 67.94
N ASP G 55 -44.09 51.97 67.53
CA ASP G 55 -44.45 52.14 66.10
C ASP G 55 -43.29 52.79 65.29
N PHE G 56 -42.82 53.92 65.83
CA PHE G 56 -41.71 54.68 65.24
C PHE G 56 -40.49 53.83 64.86
N TYR G 57 -40.25 52.73 65.58
CA TYR G 57 -39.07 51.88 65.34
C TYR G 57 -39.38 50.59 64.58
N LEU G 58 -40.61 50.49 64.07
CA LEU G 58 -40.99 49.24 63.40
C LEU G 58 -40.01 48.79 62.32
N PRO G 59 -39.46 49.75 61.54
CA PRO G 59 -38.53 49.31 60.49
C PRO G 59 -37.27 48.65 61.07
N GLN G 60 -36.83 49.14 62.22
CA GLN G 60 -35.61 48.62 62.85
C GLN G 60 -35.85 47.20 63.30
N LEU G 61 -36.90 47.04 64.08
CA LEU G 61 -37.28 45.73 64.57
C LEU G 61 -37.36 44.71 63.43
N LEU G 62 -38.15 45.07 62.42
CA LEU G 62 -38.32 44.19 61.27
C LEU G 62 -37.01 43.95 60.50
N ASN G 63 -36.15 44.97 60.40
CA ASN G 63 -34.84 44.77 59.75
C ASN G 63 -34.00 43.74 60.53
N MET G 64 -33.93 43.98 61.84
CA MET G 64 -33.25 43.03 62.74
C MET G 64 -33.81 41.60 62.59
N TYR G 65 -35.15 41.47 62.67
CA TYR G 65 -35.80 40.17 62.46
C TYR G 65 -35.26 39.44 61.23
N ILE G 66 -35.22 40.18 60.13
CA ILE G 66 -34.83 39.63 58.82
C ILE G 66 -33.36 39.26 58.82
N HIS G 67 -32.52 40.23 59.19
CA HIS G 67 -31.10 40.06 58.89
C HIS G 67 -30.25 39.53 60.04
N MET G 68 -30.84 39.37 61.22
CA MET G 68 -30.09 38.98 62.41
C MET G 68 -30.34 37.54 62.81
N ASP G 69 -29.58 37.13 63.83
CA ASP G 69 -29.67 35.81 64.47
C ASP G 69 -31.13 35.42 64.65
N GLU G 70 -31.39 34.14 64.41
CA GLU G 70 -32.70 33.59 64.67
C GLU G 70 -33.20 33.91 66.09
N ASP G 71 -32.32 33.76 67.08
CA ASP G 71 -32.53 34.18 68.47
C ASP G 71 -33.21 35.54 68.54
N VAL G 72 -32.69 36.49 67.77
CA VAL G 72 -33.12 37.87 67.83
C VAL G 72 -34.52 37.98 67.20
N GLY G 73 -34.68 37.44 65.99
CA GLY G 73 -35.97 37.36 65.35
C GLY G 73 -37.05 36.79 66.27
N ASP G 74 -36.77 35.62 66.82
CA ASP G 74 -37.75 34.88 67.62
C ASP G 74 -38.20 35.62 68.91
N ALA G 75 -37.34 36.50 69.43
CA ALA G 75 -37.67 37.32 70.60
C ALA G 75 -38.66 38.45 70.26
N ILE G 76 -38.55 38.92 69.02
CA ILE G 76 -39.35 40.05 68.57
C ILE G 76 -40.74 39.60 68.11
N LYS G 77 -40.78 38.44 67.47
CA LYS G 77 -41.98 37.98 66.73
C LYS G 77 -43.31 38.04 67.51
N PRO G 78 -43.37 37.41 68.69
CA PRO G 78 -44.65 37.34 69.40
C PRO G 78 -45.34 38.71 69.63
N TYR G 79 -44.54 39.72 69.95
CA TYR G 79 -45.06 41.10 70.09
C TYR G 79 -45.66 41.60 68.79
N ILE G 80 -44.93 41.34 67.72
CA ILE G 80 -45.36 41.79 66.42
C ILE G 80 -46.68 41.12 66.09
N VAL G 81 -46.71 39.79 66.22
CA VAL G 81 -47.95 39.02 66.05
C VAL G 81 -49.07 39.63 66.88
N HIS G 82 -48.78 39.90 68.17
CA HIS G 82 -49.76 40.53 69.03
C HIS G 82 -50.28 41.85 68.45
N ARG G 83 -49.38 42.71 67.99
CA ARG G 83 -49.83 43.97 67.38
C ARG G 83 -50.67 43.76 66.11
N CYS G 84 -50.15 42.90 65.24
CA CYS G 84 -50.81 42.53 63.99
C CYS G 84 -52.25 42.08 64.18
N ARG G 85 -52.51 41.39 65.29
CA ARG G 85 -53.87 40.89 65.58
C ARG G 85 -54.87 41.96 65.97
N GLN G 86 -54.37 43.09 66.47
CA GLN G 86 -55.26 44.11 67.00
C GLN G 86 -55.39 45.33 66.09
N SER G 87 -54.66 45.32 64.98
CA SER G 87 -54.72 46.42 64.02
C SER G 87 -54.31 45.90 62.64
N ILE G 88 -55.21 45.99 61.67
CA ILE G 88 -54.86 45.57 60.31
C ILE G 88 -53.96 46.61 59.64
N ASN G 89 -54.08 47.88 60.04
CA ASN G 89 -53.14 48.91 59.61
C ASN G 89 -51.73 48.40 59.95
N PHE G 90 -51.52 48.04 61.21
CA PHE G 90 -50.25 47.48 61.67
C PHE G 90 -49.81 46.30 60.81
N SER G 91 -50.74 45.37 60.60
CA SER G 91 -50.46 44.20 59.78
C SER G 91 -49.94 44.64 58.40
N LEU G 92 -50.62 45.61 57.80
CA LEU G 92 -50.29 46.09 56.48
C LEU G 92 -48.85 46.58 56.41
N GLN G 93 -48.48 47.45 57.34
CA GLN G 93 -47.15 48.04 57.32
C GLN G 93 -46.08 46.97 57.48
N CYS G 94 -46.36 46.01 58.38
CA CYS G 94 -45.48 44.85 58.56
C CYS G 94 -45.30 44.14 57.23
N ALA G 95 -46.43 43.75 56.62
CA ALA G 95 -46.37 43.01 55.34
C ALA G 95 -45.59 43.79 54.27
N LEU G 96 -45.88 45.09 54.17
CA LEU G 96 -45.19 45.94 53.19
C LEU G 96 -43.70 46.03 53.45
N LEU G 97 -43.32 46.28 54.70
CA LEU G 97 -41.91 46.43 55.08
C LEU G 97 -41.10 45.13 54.94
N LEU G 98 -41.69 44.04 55.43
CA LEU G 98 -41.07 42.74 55.29
C LEU G 98 -40.68 42.45 53.85
N GLY G 99 -41.63 42.70 52.93
CA GLY G 99 -41.41 42.48 51.52
C GLY G 99 -40.35 43.40 50.98
N ALA G 100 -40.48 44.68 51.30
CA ALA G 100 -39.52 45.68 50.81
C ALA G 100 -38.08 45.44 51.27
N TYR G 101 -37.90 44.97 52.52
CA TYR G 101 -36.54 44.80 53.06
C TYR G 101 -35.91 43.40 52.84
N SER G 102 -36.39 42.70 51.80
CA SER G 102 -35.82 41.42 51.36
C SER G 102 -35.88 41.15 49.82
N SER G 103 -34.79 41.45 49.11
CA SER G 103 -34.66 41.23 47.66
C SER G 103 -33.22 41.02 47.10
N ARG G 114 -36.28 33.79 55.18
CA ARG G 114 -36.65 34.36 56.50
C ARG G 114 -37.89 35.29 56.49
N GLY G 115 -37.89 36.29 55.62
CA GLY G 115 -38.92 37.35 55.68
C GLY G 115 -40.22 36.81 55.18
N THR G 116 -40.07 36.11 54.06
CA THR G 116 -41.14 35.58 53.26
C THR G 116 -42.17 34.73 54.06
N LYS G 117 -41.68 33.80 54.89
CA LYS G 117 -42.58 32.89 55.61
C LYS G 117 -43.57 33.66 56.50
N LEU G 118 -43.10 34.71 57.17
CA LEU G 118 -43.93 35.48 58.09
C LEU G 118 -44.91 36.44 57.38
N ARG G 119 -44.44 37.03 56.30
CA ARG G 119 -45.28 37.93 55.50
C ARG G 119 -46.56 37.19 55.08
N LYS G 120 -46.36 36.01 54.51
CA LYS G 120 -47.47 35.15 54.08
C LYS G 120 -48.40 34.80 55.26
N LEU G 121 -47.80 34.59 56.42
CA LEU G 121 -48.57 34.31 57.63
C LEU G 121 -49.37 35.53 58.14
N ILE G 122 -48.84 36.73 57.95
CA ILE G 122 -49.59 37.94 58.30
C ILE G 122 -50.71 38.20 57.29
N LEU G 123 -50.36 38.11 56.00
CA LEU G 123 -51.37 38.23 54.93
C LEU G 123 -52.46 37.14 55.06
N SER G 124 -52.11 35.96 55.59
CA SER G 124 -53.14 34.97 56.05
C SER G 124 -53.91 35.44 57.30
N ARG G 188 -59.79 39.54 53.10
CA ARG G 188 -59.09 39.84 54.35
C ARG G 188 -58.52 41.26 54.35
N LEU G 189 -57.52 41.47 53.49
CA LEU G 189 -56.89 42.78 53.25
C LEU G 189 -56.97 43.13 51.76
N ALA G 190 -57.70 42.29 51.03
CA ALA G 190 -57.76 42.37 49.59
C ALA G 190 -58.19 43.75 49.08
N PRO G 191 -59.26 44.36 49.69
CA PRO G 191 -59.69 45.68 49.24
C PRO G 191 -58.54 46.69 49.18
N GLU G 192 -57.79 46.79 50.28
CA GLU G 192 -56.66 47.71 50.38
C GLU G 192 -55.53 47.34 49.40
N ARG G 193 -55.13 46.05 49.39
CA ARG G 193 -54.04 45.58 48.51
C ARG G 193 -54.33 45.80 47.02
N GLU G 194 -55.61 45.63 46.66
CA GLU G 194 -56.03 45.83 45.28
C GLU G 194 -56.19 47.32 44.97
N PHE G 195 -56.74 48.07 45.92
CA PHE G 195 -56.76 49.53 45.84
C PHE G 195 -55.34 50.07 45.56
N ILE G 196 -54.35 49.57 46.30
CA ILE G 196 -52.95 50.03 46.11
C ILE G 196 -52.35 49.52 44.80
N LYS G 197 -52.60 48.23 44.51
CA LYS G 197 -52.14 47.69 43.23
C LYS G 197 -52.66 48.52 42.04
N SER G 198 -53.94 48.89 42.09
CA SER G 198 -54.51 49.71 41.01
C SER G 198 -53.82 51.09 40.91
N LEU G 199 -53.65 51.74 42.06
CA LEU G 199 -52.93 53.02 42.09
C LEU G 199 -51.56 52.89 41.49
N MET G 200 -50.86 51.82 41.88
CA MET G 200 -49.54 51.53 41.33
C MET G 200 -49.60 51.32 39.80
N ALA G 201 -50.58 50.54 39.37
CA ALA G 201 -50.77 50.16 37.97
C ALA G 201 -51.00 51.40 37.11
N ILE G 202 -51.87 52.28 37.60
CA ILE G 202 -52.13 53.58 36.93
C ILE G 202 -50.82 54.31 36.61
N GLY G 203 -50.03 54.56 37.65
CA GLY G 203 -48.75 55.28 37.50
C GLY G 203 -47.84 54.70 36.43
N LYS G 204 -47.77 53.36 36.36
CA LYS G 204 -46.92 52.66 35.39
C LYS G 204 -47.36 52.89 33.95
N ARG G 205 -48.67 53.05 33.74
CA ARG G 205 -49.20 53.27 32.38
C ARG G 205 -48.78 54.63 31.82
N LEU G 206 -48.70 55.65 32.68
CA LEU G 206 -48.38 57.04 32.26
C LEU G 206 -47.01 57.18 31.55
N ALA G 207 -46.15 56.17 31.70
CA ALA G 207 -44.85 56.15 31.04
C ALA G 207 -44.89 56.40 29.52
N THR G 208 -45.94 55.92 28.87
CA THR G 208 -46.07 56.10 27.43
C THR G 208 -46.48 57.52 26.99
N LEU G 209 -46.93 58.37 27.91
CA LEU G 209 -47.35 59.74 27.53
C LEU G 209 -46.25 60.75 27.83
N PRO G 210 -45.57 61.27 26.78
CA PRO G 210 -44.33 62.03 26.95
C PRO G 210 -44.46 63.44 27.55
N THR G 211 -45.68 63.96 27.72
CA THR G 211 -45.84 65.28 28.34
C THR G 211 -46.74 65.25 29.60
N LYS G 212 -46.43 66.20 30.50
CA LYS G 212 -47.14 66.40 31.77
C LYS G 212 -48.65 66.44 31.55
N GLU G 213 -49.06 67.35 30.67
CA GLU G 213 -50.49 67.60 30.37
C GLU G 213 -51.24 66.34 29.91
N GLN G 214 -50.62 65.56 29.00
CA GLN G 214 -51.21 64.30 28.50
C GLN G 214 -51.38 63.31 29.64
N LYS G 215 -50.33 63.21 30.44
CA LYS G 215 -50.31 62.32 31.60
C LYS G 215 -51.45 62.67 32.55
N THR G 216 -51.51 63.95 32.93
CA THR G 216 -52.56 64.43 33.85
C THR G 216 -53.95 64.08 33.35
N GLN G 217 -54.18 64.27 32.05
CA GLN G 217 -55.46 63.94 31.47
C GLN G 217 -55.81 62.46 31.65
N ARG G 218 -54.85 61.55 31.41
CA ARG G 218 -55.10 60.10 31.57
C ARG G 218 -55.28 59.71 33.03
N LEU G 219 -54.46 60.34 33.88
CA LEU G 219 -54.58 60.14 35.31
C LEU G 219 -55.99 60.49 35.76
N ILE G 220 -56.41 61.73 35.45
CA ILE G 220 -57.75 62.23 35.88
C ILE G 220 -58.87 61.26 35.47
N SER G 221 -58.85 60.88 34.20
CA SER G 221 -59.85 59.95 33.72
C SER G 221 -59.76 58.64 34.51
N GLU G 222 -58.55 58.08 34.61
CA GLU G 222 -58.42 56.73 35.19
C GLU G 222 -58.71 56.67 36.70
N LEU G 223 -58.47 57.78 37.39
CA LEU G 223 -58.82 57.91 38.79
C LEU G 223 -60.30 57.87 39.04
N SER G 224 -61.09 58.44 38.12
CA SER G 224 -62.55 58.51 38.27
C SER G 224 -63.17 57.12 38.42
N LEU G 225 -62.54 56.13 37.78
CA LEU G 225 -63.00 54.74 37.78
C LEU G 225 -62.89 54.09 39.17
N LEU G 226 -61.95 54.56 39.98
CA LEU G 226 -61.77 54.01 41.32
C LEU G 226 -62.90 54.39 42.29
N ASN G 227 -63.55 55.54 42.07
CA ASN G 227 -64.73 55.93 42.87
C ASN G 227 -65.86 54.89 42.78
N HIS G 228 -65.89 54.19 41.65
CA HIS G 228 -66.84 53.11 41.43
C HIS G 228 -66.68 52.01 42.46
N LYS G 229 -65.50 51.93 43.11
CA LYS G 229 -65.31 50.93 44.17
C LYS G 229 -65.37 51.48 45.60
N LEU G 230 -65.75 52.75 45.75
CA LEU G 230 -65.79 53.39 47.07
C LEU G 230 -67.20 53.76 47.54
N PRO G 231 -67.43 53.79 48.87
CA PRO G 231 -66.46 53.50 49.95
C PRO G 231 -66.31 52.01 50.23
N ALA G 232 -65.17 51.63 50.81
CA ALA G 232 -64.82 50.23 51.09
C ALA G 232 -63.93 50.11 52.35
N ARG G 233 -63.54 48.89 52.68
CA ARG G 233 -62.57 48.64 53.75
C ARG G 233 -61.14 49.03 53.30
N VAL G 234 -60.92 50.33 53.12
CA VAL G 234 -59.66 50.85 52.58
C VAL G 234 -59.29 52.20 53.21
N TRP G 235 -57.99 52.45 53.34
CA TRP G 235 -57.47 53.64 54.04
C TRP G 235 -56.09 54.06 53.54
N LEU G 236 -55.66 55.24 53.97
CA LEU G 236 -54.35 55.78 53.70
C LEU G 236 -53.49 55.72 54.96
N PRO G 237 -52.57 54.76 55.00
CA PRO G 237 -51.68 54.61 56.18
C PRO G 237 -50.92 55.87 56.60
N THR G 238 -50.69 56.76 55.65
CA THR G 238 -50.04 58.05 55.92
C THR G 238 -50.91 59.04 56.73
N ALA G 239 -52.17 58.67 57.03
CA ALA G 239 -53.07 59.58 57.77
C ALA G 239 -52.85 59.59 59.28
N GLY G 240 -52.92 60.78 59.87
CA GLY G 240 -52.77 60.93 61.31
C GLY G 240 -53.76 60.15 62.18
N PHE G 241 -54.86 59.66 61.58
CA PHE G 241 -55.99 59.12 62.35
C PHE G 241 -56.58 57.87 61.67
N ASP G 242 -57.53 57.24 62.34
CA ASP G 242 -58.32 56.16 61.76
C ASP G 242 -59.44 56.72 60.91
N HIS G 243 -59.76 56.04 59.82
CA HIS G 243 -60.72 56.55 58.86
C HIS G 243 -61.15 55.53 57.82
N HIS G 244 -62.19 55.88 57.07
CA HIS G 244 -62.56 55.18 55.83
C HIS G 244 -62.44 56.18 54.68
N VAL G 245 -61.88 55.71 53.55
CA VAL G 245 -61.83 56.49 52.30
C VAL G 245 -63.18 56.40 51.60
N VAL G 246 -63.71 57.56 51.20
CA VAL G 246 -65.04 57.58 50.55
C VAL G 246 -65.03 57.99 49.07
N ARG G 247 -64.15 58.93 48.70
CA ARG G 247 -64.22 59.59 47.40
C ARG G 247 -62.88 60.19 46.95
N VAL G 248 -62.61 60.11 45.64
CA VAL G 248 -61.42 60.72 45.05
C VAL G 248 -61.80 61.83 44.08
N PRO G 249 -61.50 63.10 44.44
CA PRO G 249 -61.76 64.21 43.51
C PRO G 249 -60.77 64.25 42.34
N HIS G 250 -60.97 63.28 41.45
CA HIS G 250 -60.11 63.04 40.30
C HIS G 250 -59.74 64.28 39.48
N THR G 251 -60.68 65.21 39.30
CA THR G 251 -60.37 66.42 38.52
C THR G 251 -59.23 67.25 39.15
N GLN G 252 -59.00 67.06 40.45
CA GLN G 252 -58.00 67.86 41.16
C GLN G 252 -56.61 67.26 41.15
N ALA G 253 -56.52 65.98 40.79
CA ALA G 253 -55.24 65.27 40.76
C ALA G 253 -54.37 65.79 39.62
N VAL G 254 -53.07 65.71 39.83
CA VAL G 254 -52.10 66.26 38.90
C VAL G 254 -50.82 65.41 38.92
N VAL G 255 -50.16 65.35 37.77
CA VAL G 255 -48.88 64.65 37.62
C VAL G 255 -47.75 65.69 37.69
N LEU G 256 -46.62 65.32 38.31
CA LEU G 256 -45.60 66.31 38.72
C LEU G 256 -44.48 66.66 37.73
N ASN G 257 -44.11 65.71 36.87
CA ASN G 257 -43.05 65.95 35.86
C ASN G 257 -43.25 65.12 34.58
N SER G 258 -42.38 65.34 33.59
CA SER G 258 -42.47 64.68 32.28
C SER G 258 -41.70 63.36 32.21
N LYS G 259 -41.25 62.90 33.37
CA LYS G 259 -40.33 61.76 33.42
C LYS G 259 -41.02 60.41 33.16
N ASP G 260 -40.16 59.42 32.88
CA ASP G 260 -40.54 58.06 32.47
C ASP G 260 -41.45 57.39 33.51
N LYS G 261 -41.06 57.47 34.77
CA LYS G 261 -41.87 56.92 35.87
C LYS G 261 -42.27 58.06 36.80
N ALA G 262 -43.05 58.98 36.24
CA ALA G 262 -43.41 60.19 36.95
C ALA G 262 -44.28 59.88 38.18
N PRO G 263 -44.02 60.63 39.27
CA PRO G 263 -44.89 60.58 40.43
C PRO G 263 -46.10 61.46 40.19
N TYR G 264 -47.19 61.17 40.90
CA TYR G 264 -48.42 61.95 40.75
C TYR G 264 -49.10 62.19 42.08
N LEU G 265 -49.69 63.37 42.21
CA LEU G 265 -50.29 63.80 43.46
C LEU G 265 -51.77 63.66 43.35
N ILE G 266 -52.39 63.15 44.41
CA ILE G 266 -53.85 63.08 44.45
C ILE G 266 -54.40 63.58 45.79
N TYR G 267 -55.65 64.02 45.76
CA TYR G 267 -56.37 64.36 46.97
C TYR G 267 -57.42 63.30 47.22
N VAL G 268 -57.63 62.97 48.51
CA VAL G 268 -58.54 61.88 48.90
C VAL G 268 -59.48 62.33 50.02
N GLU G 269 -60.76 61.94 49.91
CA GLU G 269 -61.79 62.26 50.91
C GLU G 269 -62.00 61.09 51.85
N VAL G 270 -62.10 61.42 53.14
CA VAL G 270 -62.27 60.38 54.17
C VAL G 270 -63.24 60.77 55.28
N LEU G 271 -63.76 59.75 55.97
CA LEU G 271 -64.60 59.92 57.16
C LEU G 271 -63.93 59.37 58.39
N GLU G 272 -63.66 60.26 59.36
CA GLU G 272 -62.87 59.90 60.55
C GLU G 272 -63.54 58.82 61.41
N CYS G 273 -62.72 57.98 62.02
CA CYS G 273 -63.19 56.98 62.96
C CYS G 273 -62.64 57.28 64.34
N GLU G 274 -63.20 56.62 65.33
CA GLU G 274 -62.53 56.46 66.62
C GLU G 274 -61.73 55.16 66.62
N ASN G 275 -62.32 54.13 66.04
CA ASN G 275 -61.61 52.89 65.75
C ASN G 275 -62.07 52.26 64.44
N PHE G 276 -61.11 52.04 63.54
CA PHE G 276 -61.37 51.43 62.23
C PHE G 276 -61.83 49.97 62.29
N ASP G 277 -61.16 49.20 63.16
CA ASP G 277 -61.25 47.74 63.12
C ASP G 277 -62.65 47.25 63.47
N THR G 278 -63.44 48.11 64.12
CA THR G 278 -64.72 47.71 64.69
C THR G 278 -65.91 48.51 64.17
N THR G 279 -65.74 49.22 63.06
CA THR G 279 -66.81 50.12 62.63
C THR G 279 -67.21 49.99 61.14
N SER G 280 -68.44 50.44 60.89
CA SER G 280 -68.91 50.91 59.58
C SER G 280 -68.56 50.13 58.31
N VAL G 281 -67.56 50.66 57.58
CA VAL G 281 -67.61 50.92 56.11
C VAL G 281 -68.92 51.71 55.79
N PRO G 282 -68.87 53.07 55.78
CA PRO G 282 -70.08 53.86 55.56
C PRO G 282 -70.71 53.61 54.21
N ALA G 283 -71.89 54.17 54.02
CA ALA G 283 -72.71 53.90 52.84
C ALA G 283 -72.39 54.85 51.70
N ARG G 284 -72.49 54.32 50.47
CA ARG G 284 -72.23 55.12 49.29
C ARG G 284 -73.26 56.25 49.18
N ILE G 285 -72.82 57.40 48.66
CA ILE G 285 -73.71 58.49 48.29
C ILE G 285 -73.43 58.82 46.80
N PRO G 286 -74.43 58.59 45.91
CA PRO G 286 -74.12 58.46 44.47
C PRO G 286 -73.58 59.68 43.71
N GLU G 287 -73.76 60.90 44.23
CA GLU G 287 -73.05 62.11 43.72
C GLU G 287 -73.84 62.95 42.71
N ASN G 288 -73.36 64.17 42.50
CA ASN G 288 -73.57 64.89 41.24
C ASN G 288 -72.30 65.61 40.82
N PRO G 295 -67.01 73.20 37.77
CA PRO G 295 -67.19 74.17 38.88
C PRO G 295 -66.36 73.82 40.13
N SER G 296 -66.74 72.76 40.85
CA SER G 296 -65.81 72.15 41.82
C SER G 296 -64.77 71.39 40.99
N ALA G 297 -65.14 71.06 39.75
CA ALA G 297 -64.26 70.31 38.83
C ALA G 297 -63.02 71.08 38.33
N VAL G 298 -63.10 72.40 38.22
CA VAL G 298 -61.98 73.19 37.66
C VAL G 298 -60.80 73.26 38.65
N ALA G 299 -59.58 73.16 38.12
CA ALA G 299 -58.38 73.13 38.95
C ALA G 299 -57.50 74.35 38.64
N LEU G 300 -57.13 75.11 39.68
CA LEU G 300 -56.11 76.19 39.54
C LEU G 300 -55.28 76.41 40.85
N LYS G 301 -54.13 77.06 40.71
CA LYS G 301 -53.27 77.42 41.84
C LYS G 301 -53.99 78.29 42.86
N GLU G 302 -54.20 77.71 44.02
CA GLU G 302 -54.88 78.35 45.14
C GLU G 302 -54.39 77.74 46.45
N PRO G 303 -54.47 78.48 47.56
CA PRO G 303 -54.15 77.92 48.89
C PRO G 303 -54.87 76.60 49.24
N TRP G 304 -54.37 75.88 50.24
CA TRP G 304 -54.91 74.59 50.67
C TRP G 304 -56.35 74.70 51.18
N GLN G 305 -56.61 75.70 52.04
CA GLN G 305 -57.96 75.86 52.64
C GLN G 305 -59.01 76.32 51.63
N GLU G 306 -58.57 77.09 50.64
CA GLU G 306 -59.45 77.46 49.56
C GLU G 306 -59.77 76.23 48.67
N LYS G 307 -58.81 75.32 48.53
CA LYS G 307 -59.00 74.10 47.77
C LYS G 307 -59.84 73.09 48.54
N VAL G 308 -59.71 73.04 49.87
CA VAL G 308 -60.62 72.20 50.69
C VAL G 308 -62.08 72.66 50.52
N ARG G 309 -62.30 73.97 50.63
CA ARG G 309 -63.61 74.58 50.43
C ARG G 309 -64.26 74.07 49.13
N ARG G 310 -63.57 74.32 48.02
CA ARG G 310 -64.05 73.98 46.67
C ARG G 310 -64.42 72.49 46.51
N ILE G 311 -63.54 71.62 46.99
CA ILE G 311 -63.76 70.19 46.84
C ILE G 311 -64.89 69.75 47.76
N ARG G 312 -64.87 70.24 49.01
CA ARG G 312 -65.88 69.92 50.02
C ARG G 312 -67.26 70.30 49.49
N GLU G 313 -67.40 71.57 49.09
CA GLU G 313 -68.69 72.07 48.58
C GLU G 313 -69.25 71.27 47.39
N GLY G 314 -68.37 70.81 46.52
CA GLY G 314 -68.77 69.94 45.41
C GLY G 314 -69.06 68.50 45.81
N SER G 315 -68.59 68.09 46.99
CA SER G 315 -68.66 66.67 47.36
C SER G 315 -69.99 66.25 48.00
N PRO G 316 -70.48 65.07 47.61
CA PRO G 316 -71.63 64.46 48.30
C PRO G 316 -71.47 64.47 49.82
N TYR G 317 -70.29 64.09 50.29
CA TYR G 317 -70.02 63.85 51.71
C TYR G 317 -69.55 65.12 52.46
N GLY G 318 -69.38 66.22 51.72
CA GLY G 318 -68.72 67.41 52.26
C GLY G 318 -69.41 68.07 53.44
N HIS G 319 -70.74 67.94 53.48
CA HIS G 319 -71.55 68.46 54.59
C HIS G 319 -71.18 67.89 55.99
N LEU G 320 -70.74 66.61 56.06
CA LEU G 320 -70.50 65.92 57.36
C LEU G 320 -69.36 66.56 58.20
N PRO G 321 -69.50 66.54 59.55
CA PRO G 321 -68.43 66.97 60.47
C PRO G 321 -67.34 65.91 60.53
N ASN G 322 -67.74 64.70 60.14
CA ASN G 322 -66.90 63.52 60.10
C ASN G 322 -65.86 63.54 58.98
N TRP G 323 -66.04 64.47 58.05
CA TRP G 323 -65.33 64.51 56.76
C TRP G 323 -64.00 65.25 56.85
N ARG G 324 -62.96 64.65 56.27
CA ARG G 324 -61.66 65.34 56.16
C ARG G 324 -60.97 65.03 54.82
N LEU G 325 -60.05 65.92 54.44
CA LEU G 325 -59.32 65.79 53.18
C LEU G 325 -57.83 65.49 53.37
N LEU G 326 -57.33 64.46 52.68
CA LEU G 326 -55.90 64.10 52.72
C LEU G 326 -55.24 64.24 51.36
N SER G 327 -53.90 64.08 51.34
CA SER G 327 -53.12 64.16 50.11
C SER G 327 -51.88 63.26 50.15
N VAL G 328 -51.55 62.61 49.01
CA VAL G 328 -50.35 61.79 48.88
C VAL G 328 -49.80 61.89 47.48
N ILE G 329 -48.50 61.82 47.43
CA ILE G 329 -47.79 61.65 46.19
C ILE G 329 -47.61 60.15 46.02
N VAL G 330 -47.87 59.64 44.82
CA VAL G 330 -47.70 58.24 44.55
C VAL G 330 -46.50 58.00 43.66
N LYS G 331 -45.51 57.27 44.18
CA LYS G 331 -44.31 57.01 43.40
C LYS G 331 -44.32 55.54 43.00
N CYS G 332 -44.59 55.28 41.73
CA CYS G 332 -44.81 53.91 41.26
C CYS G 332 -43.51 53.15 40.97
N GLY G 333 -42.47 53.88 40.55
CA GLY G 333 -41.20 53.26 40.18
C GLY G 333 -39.99 53.79 40.93
N ASP G 334 -40.19 54.45 42.07
CA ASP G 334 -39.07 54.99 42.86
C ASP G 334 -38.93 54.27 44.24
N ASP G 335 -37.71 53.89 44.62
CA ASP G 335 -37.45 53.30 45.96
C ASP G 335 -37.54 54.40 47.02
N LEU G 336 -38.18 54.11 48.15
CA LEU G 336 -38.39 55.13 49.17
C LEU G 336 -37.70 54.82 50.50
N ARG G 337 -36.80 53.86 50.51
CA ARG G 337 -36.29 53.37 51.78
C ARG G 337 -35.30 54.36 52.40
N GLN G 338 -34.48 54.98 51.53
CA GLN G 338 -33.61 56.06 51.95
C GLN G 338 -34.47 57.20 52.50
N GLU G 339 -35.54 57.45 51.77
CA GLU G 339 -36.42 58.52 52.11
C GLU G 339 -37.04 58.27 53.49
N LEU G 340 -37.42 57.02 53.74
CA LEU G 340 -37.92 56.59 55.06
C LEU G 340 -36.87 56.72 56.14
N LEU G 341 -35.66 56.26 55.85
CA LEU G 341 -34.60 56.45 56.84
C LEU G 341 -34.46 57.94 57.20
N ALA G 342 -34.43 58.81 56.19
CA ALA G 342 -34.24 60.25 56.43
C ALA G 342 -35.34 60.81 57.34
N PHE G 343 -36.55 60.33 57.11
CA PHE G 343 -37.70 60.76 57.87
C PHE G 343 -37.49 60.57 59.37
N GLN G 344 -37.06 59.36 59.71
CA GLN G 344 -36.81 59.00 61.10
C GLN G 344 -35.77 59.94 61.71
N VAL G 345 -34.70 60.16 60.97
CA VAL G 345 -33.63 61.00 61.45
C VAL G 345 -34.16 62.40 61.69
N LEU G 346 -34.96 62.88 60.74
CA LEU G 346 -35.51 64.23 60.88
C LEU G 346 -36.42 64.31 62.10
N LYS G 347 -37.20 63.25 62.26
CA LYS G 347 -38.17 63.21 63.32
C LYS G 347 -37.46 63.17 64.66
N GLN G 348 -36.41 62.37 64.75
CA GLN G 348 -35.59 62.34 65.97
C GLN G 348 -34.95 63.71 66.26
N LEU G 349 -34.30 64.30 65.25
CA LEU G 349 -33.67 65.62 65.48
C LEU G 349 -34.67 66.66 65.92
N GLN G 350 -35.87 66.55 65.34
CA GLN G 350 -36.94 67.45 65.74
C GLN G 350 -37.23 67.32 67.26
N SER G 351 -37.37 66.08 67.71
CA SER G 351 -37.69 65.82 69.12
C SER G 351 -36.54 66.24 70.00
N ILE G 352 -35.32 65.92 69.57
CA ILE G 352 -34.16 66.37 70.27
C ILE G 352 -34.24 67.89 70.41
N TRP G 353 -34.52 68.61 69.32
CA TRP G 353 -34.55 70.07 69.41
C TRP G 353 -35.74 70.65 70.20
N GLU G 354 -36.85 69.92 70.22
CA GLU G 354 -37.94 70.30 71.14
C GLU G 354 -37.59 70.07 72.62
N GLN G 355 -37.01 68.91 72.90
CA GLN G 355 -36.64 68.49 74.26
C GLN G 355 -35.60 69.44 74.90
N GLU G 356 -34.44 69.62 74.25
CA GLU G 356 -33.58 70.78 74.55
C GLU G 356 -34.44 71.92 74.07
N ARG G 357 -34.05 73.15 74.24
CA ARG G 357 -35.01 74.18 73.90
C ARG G 357 -34.45 75.14 72.88
N VAL G 358 -34.22 74.55 71.72
CA VAL G 358 -33.72 75.24 70.57
C VAL G 358 -34.85 75.34 69.54
N PRO G 359 -35.25 76.58 69.19
CA PRO G 359 -36.40 76.74 68.29
C PRO G 359 -36.05 76.63 66.79
N LEU G 360 -35.15 75.71 66.43
CA LEU G 360 -34.96 75.36 65.02
C LEU G 360 -36.27 74.78 64.49
N TRP G 361 -36.43 74.81 63.17
CA TRP G 361 -37.64 74.32 62.53
C TRP G 361 -37.30 73.42 61.35
N ILE G 362 -37.91 72.24 61.32
CA ILE G 362 -37.83 71.38 60.13
C ILE G 362 -39.14 70.65 59.96
N LYS G 363 -39.31 70.01 58.80
CA LYS G 363 -40.52 69.28 58.53
C LYS G 363 -40.19 67.91 57.97
N PRO G 364 -40.26 66.90 58.85
CA PRO G 364 -40.33 65.52 58.42
C PRO G 364 -41.64 65.30 57.67
N TYR G 365 -41.55 64.65 56.52
CA TYR G 365 -42.75 64.30 55.77
C TYR G 365 -42.88 62.81 55.71
N LYS G 366 -44.10 62.34 55.97
CA LYS G 366 -44.39 60.91 56.14
C LYS G 366 -44.09 60.12 54.87
N ILE G 367 -43.62 58.89 55.09
CA ILE G 367 -43.25 58.00 54.02
C ILE G 367 -43.99 56.69 54.20
N LEU G 368 -44.46 56.14 53.09
CA LEU G 368 -44.97 54.77 53.13
C LEU G 368 -44.27 53.94 52.08
N VAL G 369 -43.46 53.00 52.53
CA VAL G 369 -42.80 52.09 51.62
C VAL G 369 -43.80 51.02 51.24
N ILE G 370 -43.92 50.77 49.93
CA ILE G 370 -44.83 49.74 49.47
C ILE G 370 -44.10 48.53 48.85
N SER G 371 -43.04 48.79 48.11
CA SER G 371 -42.11 47.77 47.66
C SER G 371 -40.71 48.39 47.64
N ALA G 372 -39.72 47.59 47.29
CA ALA G 372 -38.37 48.11 47.06
C ALA G 372 -38.40 49.09 45.87
N ASP G 373 -39.42 48.96 45.02
CA ASP G 373 -39.61 49.78 43.84
C ASP G 373 -40.49 51.00 44.08
N SER G 374 -41.45 50.91 45.00
CA SER G 374 -42.57 51.84 45.06
C SER G 374 -43.04 52.24 46.45
N GLY G 375 -43.65 53.42 46.53
CA GLY G 375 -44.17 53.95 47.79
C GLY G 375 -44.93 55.27 47.64
N MET G 376 -45.27 55.86 48.79
CA MET G 376 -45.98 57.17 48.86
C MET G 376 -45.36 58.16 49.85
N ILE G 377 -45.65 59.43 49.62
CA ILE G 377 -45.16 60.54 50.43
C ILE G 377 -46.31 61.49 50.75
N GLU G 378 -46.46 61.91 52.01
CA GLU G 378 -47.38 63.00 52.35
C GLU G 378 -46.71 64.37 52.11
N PRO G 379 -47.22 65.12 51.13
CA PRO G 379 -46.51 66.35 50.72
C PRO G 379 -46.81 67.47 51.68
N VAL G 380 -45.94 68.48 51.72
CA VAL G 380 -46.28 69.68 52.45
C VAL G 380 -47.13 70.54 51.56
N VAL G 381 -48.28 70.97 52.10
CA VAL G 381 -49.21 71.87 51.40
C VAL G 381 -48.86 73.35 51.61
N ASN G 382 -49.36 74.20 50.72
CA ASN G 382 -49.03 75.62 50.71
C ASN G 382 -47.53 75.85 50.65
N ALA G 383 -46.93 75.14 49.70
CA ALA G 383 -45.49 75.18 49.51
C ALA G 383 -45.17 74.83 48.07
N VAL G 384 -44.20 75.56 47.51
CA VAL G 384 -43.75 75.31 46.16
C VAL G 384 -42.25 75.52 46.08
N SER G 385 -41.65 74.92 45.05
CA SER G 385 -40.20 74.91 44.91
C SER G 385 -39.66 76.34 44.78
N ILE G 386 -38.48 76.59 45.32
CA ILE G 386 -37.83 77.88 45.15
C ILE G 386 -37.69 78.23 43.67
N HIS G 387 -37.28 77.24 42.88
CA HIS G 387 -36.97 77.44 41.47
C HIS G 387 -38.17 77.96 40.71
N GLN G 388 -39.33 77.34 40.94
CA GLN G 388 -40.52 77.72 40.21
C GLN G 388 -41.11 79.01 40.79
N VAL G 389 -40.93 79.25 42.10
CA VAL G 389 -41.28 80.55 42.71
C VAL G 389 -40.60 81.71 41.99
N LYS G 390 -39.38 81.47 41.52
CA LYS G 390 -38.65 82.47 40.76
C LYS G 390 -39.00 82.52 39.29
N LYS G 391 -39.55 81.43 38.75
CA LYS G 391 -39.96 81.40 37.33
C LYS G 391 -41.39 81.92 37.12
N GLN G 392 -42.29 81.70 38.06
CA GLN G 392 -43.64 82.26 37.92
C GLN G 392 -43.72 83.71 38.42
N SER G 393 -43.03 84.05 39.49
CA SER G 393 -42.93 85.45 39.94
C SER G 393 -42.03 86.35 39.06
N GLN G 394 -40.93 85.79 38.54
CA GLN G 394 -39.86 86.58 37.87
C GLN G 394 -39.16 87.53 38.82
N LEU G 395 -39.31 87.31 40.13
CA LEU G 395 -38.74 88.20 41.12
C LEU G 395 -37.49 87.61 41.78
N SER G 396 -36.78 88.45 42.54
CA SER G 396 -35.76 87.98 43.49
C SER G 396 -36.47 87.50 44.77
N LEU G 397 -35.86 86.53 45.43
CA LEU G 397 -36.47 85.85 46.58
C LEU G 397 -37.03 86.82 47.62
N LEU G 398 -36.20 87.80 47.94
CA LEU G 398 -36.59 88.85 48.83
C LEU G 398 -37.79 89.63 48.32
N ASP G 399 -37.70 90.03 47.07
CA ASP G 399 -38.80 90.77 46.45
C ASP G 399 -40.10 89.97 46.59
N TYR G 400 -40.00 88.65 46.36
CA TYR G 400 -41.17 87.76 46.55
C TYR G 400 -41.65 87.80 48.01
N PHE G 401 -40.71 87.69 48.96
CA PHE G 401 -41.07 87.84 50.39
C PHE G 401 -41.86 89.11 50.67
N LEU G 402 -41.30 90.20 50.16
CA LEU G 402 -41.90 91.50 50.32
C LEU G 402 -43.27 91.60 49.67
N GLN G 403 -43.42 91.06 48.46
CA GLN G 403 -44.74 91.04 47.81
C GLN G 403 -45.74 90.22 48.63
N GLU G 404 -45.34 89.02 49.04
CA GLU G 404 -46.29 88.06 49.64
C GLU G 404 -46.57 88.25 51.13
N HIS G 405 -45.68 88.93 51.85
CA HIS G 405 -45.89 89.17 53.30
C HIS G 405 -46.06 90.63 53.69
N GLY G 406 -45.26 91.50 53.06
CA GLY G 406 -45.36 92.95 53.28
C GLY G 406 -43.98 93.53 53.40
N SER G 407 -43.91 94.82 53.72
CA SER G 407 -42.62 95.48 53.93
C SER G 407 -41.93 94.90 55.17
N TYR G 408 -40.61 94.96 55.22
CA TYR G 408 -39.86 94.42 56.39
C TYR G 408 -40.16 95.13 57.70
N THR G 409 -40.98 96.18 57.71
CA THR G 409 -41.45 96.76 58.98
C THR G 409 -42.78 96.16 59.43
N THR G 410 -43.35 95.24 58.64
CA THR G 410 -44.62 94.59 59.05
C THR G 410 -44.37 93.32 59.87
N GLU G 411 -45.36 92.94 60.68
CA GLU G 411 -45.26 91.72 61.49
C GLU G 411 -45.06 90.50 60.61
N ALA G 412 -46.00 90.36 59.66
CA ALA G 412 -46.05 89.22 58.73
C ALA G 412 -44.68 88.94 58.13
N PHE G 413 -43.94 90.00 57.82
CA PHE G 413 -42.62 89.84 57.25
C PHE G 413 -41.62 89.39 58.31
N LEU G 414 -41.63 90.04 59.48
CA LEU G 414 -40.61 89.75 60.49
C LEU G 414 -40.76 88.32 60.98
N SER G 415 -42.02 87.90 61.12
CA SER G 415 -42.32 86.52 61.45
C SER G 415 -41.83 85.53 60.38
N ALA G 416 -42.08 85.86 59.11
CA ALA G 416 -41.63 85.00 57.98
C ALA G 416 -40.11 84.90 57.90
N GLN G 417 -39.44 86.02 58.15
CA GLN G 417 -37.99 86.09 58.17
C GLN G 417 -37.48 85.14 59.24
N ARG G 418 -38.07 85.24 60.42
CA ARG G 418 -37.68 84.37 61.53
C ARG G 418 -37.85 82.89 61.16
N ASN G 419 -39.00 82.52 60.60
CA ASN G 419 -39.25 81.15 60.12
C ASN G 419 -38.23 80.72 59.05
N PHE G 420 -37.88 81.66 58.17
CA PHE G 420 -36.83 81.42 57.19
C PHE G 420 -35.54 81.06 57.94
N VAL G 421 -35.12 81.93 58.84
CA VAL G 421 -33.84 81.76 59.53
C VAL G 421 -33.82 80.46 60.31
N GLN G 422 -34.90 80.19 61.02
CA GLN G 422 -35.00 79.00 61.86
C GLN G 422 -35.08 77.74 61.00
N SER G 423 -35.76 77.80 59.85
CA SER G 423 -35.81 76.61 58.98
C SER G 423 -34.47 76.38 58.24
N CYS G 424 -33.75 77.47 57.93
CA CYS G 424 -32.43 77.35 57.29
C CYS G 424 -31.40 76.69 58.18
N ALA G 425 -31.33 77.16 59.44
CA ALA G 425 -30.36 76.65 60.41
C ALA G 425 -30.59 75.17 60.63
N GLY G 426 -31.85 74.83 60.87
CA GLY G 426 -32.26 73.44 60.96
C GLY G 426 -31.72 72.63 59.80
N TYR G 427 -32.10 73.01 58.58
CA TYR G 427 -31.81 72.18 57.40
C TYR G 427 -30.30 72.15 57.07
N CYS G 428 -29.59 73.23 57.40
CA CYS G 428 -28.13 73.23 57.26
C CYS G 428 -27.53 72.06 58.05
N LEU G 429 -27.96 71.95 59.31
CA LEU G 429 -27.45 70.95 60.25
C LEU G 429 -27.74 69.56 59.73
N VAL G 430 -28.97 69.37 59.29
CA VAL G 430 -29.36 68.11 58.69
C VAL G 430 -28.50 67.77 57.49
N CYS G 431 -28.30 68.75 56.59
CA CYS G 431 -27.49 68.50 55.39
C CYS G 431 -26.08 68.14 55.72
N TYR G 432 -25.50 68.87 56.67
CA TYR G 432 -24.15 68.53 57.13
C TYR G 432 -24.11 67.15 57.76
N LEU G 433 -24.91 66.92 58.79
CA LEU G 433 -24.89 65.64 59.50
C LEU G 433 -25.16 64.45 58.59
N LEU G 434 -26.17 64.58 57.71
CA LEU G 434 -26.45 63.47 56.80
C LEU G 434 -25.64 63.49 55.50
N GLN G 435 -24.79 64.51 55.34
CA GLN G 435 -24.07 64.69 54.08
C GLN G 435 -25.06 64.60 52.93
N VAL G 436 -26.06 65.49 52.95
CA VAL G 436 -27.08 65.51 51.92
C VAL G 436 -26.47 66.16 50.68
N LYS G 437 -26.59 65.50 49.52
CA LYS G 437 -26.00 66.05 48.26
C LYS G 437 -27.12 66.42 47.26
N ASP G 438 -26.73 66.78 46.04
CA ASP G 438 -27.67 67.14 44.98
C ASP G 438 -28.60 68.26 45.45
N ARG G 439 -28.02 69.30 46.05
CA ARG G 439 -28.81 70.40 46.58
C ARG G 439 -28.97 71.52 45.56
N HIS G 440 -30.21 71.74 45.12
CA HIS G 440 -30.55 72.85 44.23
C HIS G 440 -32.01 73.28 44.48
N ASN G 441 -32.42 74.36 43.85
CA ASN G 441 -33.71 74.99 44.16
C ASN G 441 -34.96 74.19 43.71
N GLY G 442 -34.76 73.22 42.84
CA GLY G 442 -35.75 72.18 42.58
C GLY G 442 -36.03 71.28 43.78
N ASN G 443 -35.08 71.18 44.71
CA ASN G 443 -35.19 70.33 45.92
C ASN G 443 -35.50 71.06 47.24
N ILE G 444 -35.75 72.37 47.13
CA ILE G 444 -36.08 73.17 48.29
C ILE G 444 -37.41 73.87 48.09
N LEU G 445 -38.31 73.60 49.02
CA LEU G 445 -39.64 74.14 48.98
C LEU G 445 -39.71 75.36 49.88
N LEU G 446 -40.61 76.29 49.54
CA LEU G 446 -40.93 77.40 50.42
C LEU G 446 -42.42 77.37 50.80
N ASP G 447 -42.72 77.37 52.10
CA ASP G 447 -44.12 77.34 52.55
C ASP G 447 -44.72 78.74 52.74
N ALA G 448 -46.03 78.79 52.96
CA ALA G 448 -46.78 80.06 53.11
C ALA G 448 -46.34 80.99 54.23
N GLU G 449 -45.68 80.43 55.24
CA GLU G 449 -45.27 81.20 56.39
C GLU G 449 -43.79 81.57 56.35
N GLY G 450 -43.06 81.08 55.33
CA GLY G 450 -41.64 81.44 55.17
C GLY G 450 -40.61 80.37 55.53
N HIS G 451 -41.08 79.22 56.01
CA HIS G 451 -40.18 78.09 56.23
C HIS G 451 -39.77 77.53 54.87
N ILE G 452 -38.51 77.10 54.78
CA ILE G 452 -38.06 76.28 53.67
C ILE G 452 -38.11 74.84 54.09
N ILE G 453 -38.15 73.97 53.08
CA ILE G 453 -38.17 72.52 53.30
C ILE G 453 -37.37 71.78 52.23
N HIS G 454 -36.28 71.10 52.62
CA HIS G 454 -35.50 70.31 51.65
C HIS G 454 -36.19 68.99 51.37
N ILE G 455 -36.01 68.43 50.18
CA ILE G 455 -36.79 67.19 49.89
C ILE G 455 -36.16 65.95 49.25
N ASP G 456 -35.25 66.06 48.30
CA ASP G 456 -34.88 64.83 47.57
C ASP G 456 -33.68 64.13 48.19
N PHE G 457 -33.96 63.16 49.07
CA PHE G 457 -32.89 62.50 49.84
C PHE G 457 -32.36 61.21 49.19
N GLY G 458 -32.36 61.17 47.86
CA GLY G 458 -31.38 60.35 47.16
C GLY G 458 -30.07 61.08 47.42
N PHE G 459 -28.94 60.36 47.36
CA PHE G 459 -27.61 60.98 47.54
C PHE G 459 -27.40 61.56 48.97
N ILE G 460 -27.24 60.64 49.91
CA ILE G 460 -26.91 60.98 51.30
C ILE G 460 -25.83 60.04 51.84
N LEU G 461 -25.12 60.50 52.87
CA LEU G 461 -24.07 59.70 53.53
C LEU G 461 -22.96 59.26 52.54
N SER G 462 -22.70 57.95 52.48
CA SER G 462 -21.60 57.41 51.69
C SER G 462 -21.84 57.47 50.18
N SER G 463 -23.08 57.75 49.78
CA SER G 463 -23.47 57.72 48.37
C SER G 463 -22.65 58.66 47.50
N SER G 464 -22.17 58.10 46.38
CA SER G 464 -21.46 58.83 45.34
C SER G 464 -22.11 58.57 43.96
N SER G 473 -24.52 68.73 44.49
CA SER G 473 -23.61 69.42 45.40
C SER G 473 -24.20 69.56 46.80
N ALA G 474 -23.35 69.97 47.75
CA ALA G 474 -23.69 70.07 49.17
C ALA G 474 -24.50 71.33 49.47
N PHE G 475 -25.00 71.44 50.70
CA PHE G 475 -25.82 72.59 51.14
C PHE G 475 -25.10 73.91 50.91
N LYS G 476 -25.80 74.85 50.29
CA LYS G 476 -25.24 76.13 49.88
C LYS G 476 -26.01 77.30 50.52
N LEU G 477 -25.30 78.39 50.81
CA LEU G 477 -25.93 79.62 51.29
C LEU G 477 -25.66 80.75 50.29
N THR G 478 -26.55 80.87 49.31
CA THR G 478 -26.39 81.89 48.27
C THR G 478 -26.63 83.28 48.85
N THR G 479 -26.06 84.31 48.21
CA THR G 479 -26.25 85.67 48.71
C THR G 479 -27.72 86.11 48.61
N GLU G 480 -28.49 85.50 47.70
CA GLU G 480 -29.95 85.71 47.65
C GLU G 480 -30.62 85.26 48.96
N PHE G 481 -30.12 84.18 49.57
CA PHE G 481 -30.61 83.71 50.90
C PHE G 481 -30.16 84.64 52.02
N VAL G 482 -28.91 85.07 51.94
CA VAL G 482 -28.32 85.97 52.92
C VAL G 482 -29.02 87.33 52.91
N ASP G 483 -29.52 87.71 51.74
CA ASP G 483 -30.27 88.95 51.57
C ASP G 483 -31.60 88.90 52.34
N VAL G 484 -32.35 87.80 52.16
CA VAL G 484 -33.61 87.59 52.90
C VAL G 484 -33.37 87.63 54.41
N MET G 485 -32.18 87.19 54.83
CA MET G 485 -31.80 87.24 56.24
C MET G 485 -31.39 88.64 56.73
N GLY G 486 -31.33 89.60 55.80
CA GLY G 486 -30.97 90.96 56.14
C GLY G 486 -29.48 91.26 56.03
N GLY G 487 -28.70 90.32 55.49
CA GLY G 487 -27.29 90.54 55.24
C GLY G 487 -26.35 90.12 56.36
N LEU G 488 -25.07 90.11 56.02
CA LEU G 488 -24.01 89.54 56.86
C LEU G 488 -23.93 90.22 58.24
N ASP G 489 -24.20 91.52 58.29
CA ASP G 489 -24.22 92.27 59.55
C ASP G 489 -25.58 92.30 60.21
N GLY G 490 -26.54 91.60 59.64
CA GLY G 490 -27.87 91.52 60.25
C GLY G 490 -27.89 90.81 61.60
N ASP G 491 -28.82 91.21 62.47
CA ASP G 491 -29.02 90.56 63.79
C ASP G 491 -29.49 89.12 63.62
N MET G 492 -30.44 88.98 62.71
CA MET G 492 -31.06 87.71 62.40
C MET G 492 -30.03 86.74 61.82
N PHE G 493 -29.04 87.25 61.09
CA PHE G 493 -27.97 86.39 60.52
C PHE G 493 -27.03 85.92 61.60
N ASN G 494 -26.58 86.84 62.46
CA ASN G 494 -25.84 86.45 63.67
C ASN G 494 -26.60 85.39 64.45
N TYR G 495 -27.90 85.61 64.56
CA TYR G 495 -28.77 84.68 65.28
C TYR G 495 -28.82 83.30 64.58
N TYR G 496 -28.86 83.31 63.24
CA TYR G 496 -28.75 82.03 62.45
C TYR G 496 -27.56 81.19 62.86
N LYS G 497 -26.42 81.84 63.04
CA LYS G 497 -25.24 81.14 63.47
C LYS G 497 -25.39 80.68 64.91
N MET G 498 -26.11 81.48 65.69
CA MET G 498 -26.30 81.19 67.11
C MET G 498 -27.11 79.91 67.24
N LEU G 499 -28.11 79.80 66.36
CA LEU G 499 -29.01 78.66 66.35
C LEU G 499 -28.28 77.41 65.92
N MET G 500 -27.42 77.55 64.92
CA MET G 500 -26.64 76.42 64.42
C MET G 500 -25.81 75.80 65.54
N LEU G 501 -25.08 76.65 66.24
CA LEU G 501 -24.29 76.21 67.40
C LEU G 501 -25.16 75.51 68.47
N GLN G 502 -26.20 76.21 68.90
CA GLN G 502 -27.10 75.67 69.90
C GLN G 502 -27.66 74.31 69.52
N GLY G 503 -28.09 74.16 68.26
CA GLY G 503 -28.67 72.88 67.77
C GLY G 503 -27.65 71.76 67.64
N LEU G 504 -26.39 72.14 67.44
CA LEU G 504 -25.28 71.18 67.36
C LEU G 504 -24.95 70.71 68.76
N ILE G 505 -24.84 71.69 69.68
CA ILE G 505 -24.63 71.36 71.10
C ILE G 505 -25.71 70.37 71.58
N ALA G 506 -26.95 70.61 71.17
CA ALA G 506 -28.08 69.75 71.54
C ALA G 506 -27.90 68.34 70.94
N ALA G 507 -27.54 68.28 69.67
CA ALA G 507 -27.38 66.99 68.96
C ALA G 507 -26.35 66.08 69.61
N ARG G 508 -25.20 66.68 69.90
CA ARG G 508 -24.13 65.97 70.56
C ARG G 508 -24.58 65.24 71.84
N LYS G 509 -25.44 65.90 72.61
CA LYS G 509 -25.94 65.32 73.86
C LYS G 509 -26.88 64.12 73.65
N HIS G 510 -27.33 63.89 72.41
CA HIS G 510 -28.28 62.82 72.16
C HIS G 510 -27.86 61.99 70.98
N MET G 511 -26.60 62.15 70.62
CA MET G 511 -25.99 61.43 69.52
C MET G 511 -26.43 59.97 69.36
N ASP G 512 -26.49 59.20 70.45
CA ASP G 512 -26.76 57.75 70.39
C ASP G 512 -28.06 57.42 69.71
N LYS G 513 -29.08 58.20 70.05
CA LYS G 513 -30.43 58.04 69.49
C LYS G 513 -30.45 58.21 67.97
N VAL G 514 -29.61 59.09 67.46
CA VAL G 514 -29.56 59.32 66.04
C VAL G 514 -28.83 58.16 65.38
N VAL G 515 -27.62 57.89 65.85
CA VAL G 515 -26.75 56.85 65.29
C VAL G 515 -27.44 55.51 65.30
N GLN G 516 -28.12 55.21 66.41
CA GLN G 516 -28.87 53.97 66.53
C GLN G 516 -29.74 53.72 65.28
N ILE G 517 -30.49 54.75 64.88
CA ILE G 517 -31.45 54.65 63.78
C ILE G 517 -30.77 54.20 62.49
N VAL G 518 -29.63 54.82 62.20
CA VAL G 518 -28.94 54.56 60.94
C VAL G 518 -28.22 53.23 61.03
N GLU G 519 -27.57 53.01 62.16
CA GLU G 519 -26.72 51.85 62.33
C GLU G 519 -27.47 50.53 62.17
N ILE G 520 -28.68 50.48 62.70
CA ILE G 520 -29.51 49.29 62.61
C ILE G 520 -30.01 49.07 61.19
N MET G 521 -30.38 50.16 60.50
CA MET G 521 -30.86 50.06 59.11
C MET G 521 -29.81 49.55 58.15
N GLN G 522 -28.53 49.81 58.46
CA GLN G 522 -27.42 49.43 57.59
C GLN G 522 -27.30 47.90 57.45
N GLN G 523 -27.84 47.18 58.45
CA GLN G 523 -27.62 45.73 58.62
C GLN G 523 -27.51 44.84 57.38
N GLY G 524 -28.60 44.65 56.63
CA GLY G 524 -28.56 43.80 55.43
C GLY G 524 -28.92 44.62 54.23
N SER G 525 -28.47 45.86 54.28
CA SER G 525 -28.89 46.85 53.33
C SER G 525 -27.94 46.87 52.15
N GLN G 526 -28.49 47.02 50.96
CA GLN G 526 -27.69 47.12 49.75
C GLN G 526 -27.82 48.56 49.18
N LEU G 527 -28.38 49.45 49.99
CA LEU G 527 -28.68 50.81 49.56
C LEU G 527 -27.44 51.65 49.33
N PRO G 528 -27.46 52.48 48.28
CA PRO G 528 -26.32 53.34 47.88
C PRO G 528 -25.74 54.18 49.02
N CYS G 529 -26.58 54.61 49.95
CA CYS G 529 -26.10 55.40 51.08
C CYS G 529 -25.20 54.61 52.05
N PHE G 530 -25.22 53.27 51.97
CA PHE G 530 -24.31 52.45 52.79
C PHE G 530 -23.19 51.81 51.97
N HIS G 531 -22.91 52.37 50.80
CA HIS G 531 -21.90 51.78 49.95
C HIS G 531 -20.51 51.68 50.60
N GLY G 532 -20.20 52.61 51.49
CA GLY G 532 -18.91 52.64 52.16
C GLY G 532 -18.74 51.52 53.20
N SER G 533 -17.52 51.40 53.71
CA SER G 533 -17.24 50.58 54.89
C SER G 533 -17.26 51.41 56.18
N SER G 534 -17.23 52.74 56.05
CA SER G 534 -17.04 53.65 57.21
C SER G 534 -18.14 54.69 57.36
N THR G 535 -19.35 54.32 56.95
CA THR G 535 -20.51 55.18 56.97
C THR G 535 -20.79 55.68 58.39
N ILE G 536 -20.90 54.74 59.32
CA ILE G 536 -21.18 55.05 60.71
C ILE G 536 -20.01 55.79 61.37
N ARG G 537 -18.79 55.35 61.08
CA ARG G 537 -17.60 55.98 61.65
C ARG G 537 -17.52 57.43 61.24
N ASN G 538 -17.78 57.66 59.96
CA ASN G 538 -17.77 59.02 59.45
C ASN G 538 -18.89 59.85 60.11
N LEU G 539 -20.05 59.24 60.25
CA LEU G 539 -21.18 59.91 60.90
C LEU G 539 -20.85 60.35 62.31
N LYS G 540 -20.18 59.49 63.08
CA LYS G 540 -19.82 59.83 64.45
C LYS G 540 -18.81 60.96 64.56
N GLU G 541 -17.82 60.93 63.67
CA GLU G 541 -16.79 61.99 63.63
C GLU G 541 -17.45 63.36 63.43
N ARG G 542 -18.54 63.38 62.65
CA ARG G 542 -19.29 64.62 62.33
C ARG G 542 -20.01 65.24 63.53
N PHE G 543 -20.17 64.47 64.62
CA PHE G 543 -20.66 65.06 65.86
C PHE G 543 -19.54 65.74 66.64
N HIS G 544 -18.28 65.41 66.32
CA HIS G 544 -17.12 66.03 66.99
C HIS G 544 -17.22 66.01 68.52
N MET G 545 -17.42 64.80 69.04
CA MET G 545 -17.69 64.62 70.47
C MET G 545 -16.57 65.10 71.40
N SER G 546 -15.35 65.15 70.89
CA SER G 546 -14.22 65.69 71.66
C SER G 546 -14.26 67.22 71.86
N MET G 547 -14.97 67.96 71.01
CA MET G 547 -14.84 69.45 71.01
C MET G 547 -15.40 70.20 72.24
N THR G 548 -14.75 71.31 72.59
CA THR G 548 -15.35 72.30 73.48
C THR G 548 -16.20 73.27 72.64
N GLU G 549 -17.10 74.00 73.28
CA GLU G 549 -18.04 74.92 72.58
C GLU G 549 -17.32 75.90 71.65
N GLU G 550 -16.25 76.49 72.17
CA GLU G 550 -15.44 77.45 71.41
C GLU G 550 -14.98 76.78 70.11
N GLN G 551 -14.67 75.49 70.17
CA GLN G 551 -14.24 74.71 69.00
C GLN G 551 -15.39 74.55 68.00
N LEU G 552 -16.59 74.42 68.55
CA LEU G 552 -17.78 74.21 67.74
C LEU G 552 -18.17 75.50 67.03
N GLN G 553 -18.04 76.61 67.75
CA GLN G 553 -18.24 77.94 67.17
C GLN G 553 -17.42 78.11 65.92
N LEU G 554 -16.16 77.69 65.99
CA LEU G 554 -15.23 77.79 64.87
C LEU G 554 -15.66 76.88 63.72
N LEU G 555 -16.09 75.67 64.08
CA LEU G 555 -16.58 74.72 63.08
C LEU G 555 -17.81 75.26 62.35
N VAL G 556 -18.72 75.89 63.10
CA VAL G 556 -19.90 76.52 62.53
C VAL G 556 -19.47 77.62 61.54
N GLU G 557 -18.51 78.46 61.94
CA GLU G 557 -18.00 79.52 61.08
C GLU G 557 -17.44 78.91 59.81
N GLN G 558 -16.57 77.90 59.98
CA GLN G 558 -16.01 77.20 58.79
C GLN G 558 -17.10 76.68 57.90
N MET G 559 -18.07 76.01 58.51
CA MET G 559 -19.22 75.49 57.80
C MET G 559 -19.95 76.57 57.01
N VAL G 560 -20.23 77.70 57.65
CA VAL G 560 -20.97 78.81 57.02
C VAL G 560 -20.15 79.38 55.88
N ASP G 561 -18.91 79.73 56.18
CA ASP G 561 -18.04 80.29 55.16
C ASP G 561 -17.87 79.32 53.98
N GLY G 562 -17.82 78.02 54.27
CA GLY G 562 -17.85 76.98 53.24
C GLY G 562 -19.11 77.01 52.42
N SER G 563 -20.24 77.28 53.06
CA SER G 563 -21.53 77.26 52.37
C SER G 563 -21.68 78.43 51.38
N MET G 564 -20.86 79.48 51.54
CA MET G 564 -20.96 80.68 50.68
C MET G 564 -20.00 80.70 49.47
N ARG G 565 -18.84 80.05 49.59
CA ARG G 565 -17.87 80.00 48.50
C ARG G 565 -18.44 79.43 47.19
N SER G 566 -19.32 78.44 47.30
CA SER G 566 -19.89 77.66 46.17
C SER G 566 -19.09 76.38 45.90
N ASP H 9 -24.67 24.72 112.55
CA ASP H 9 -24.27 23.58 113.44
C ASP H 9 -24.60 22.20 112.79
N GLU H 10 -25.40 21.40 113.51
CA GLU H 10 -25.66 19.98 113.26
C GLU H 10 -26.90 19.84 112.39
N TYR H 11 -26.82 19.01 111.37
CA TYR H 11 -28.02 18.65 110.65
C TYR H 11 -28.40 17.21 111.02
N ASP H 12 -29.67 16.89 110.82
CA ASP H 12 -30.17 15.53 111.00
C ASP H 12 -30.05 14.76 109.70
N TYR H 13 -30.02 15.50 108.59
CA TYR H 13 -29.97 14.88 107.30
C TYR H 13 -29.22 15.71 106.29
N LEU H 14 -28.61 14.98 105.36
CA LEU H 14 -27.92 15.53 104.21
C LEU H 14 -28.51 14.97 102.90
N PHE H 15 -29.27 15.80 102.19
CA PHE H 15 -29.93 15.31 100.96
C PHE H 15 -29.18 15.76 99.72
N LYS H 16 -28.75 14.81 98.89
CA LYS H 16 -28.13 15.11 97.58
C LYS H 16 -29.17 15.27 96.47
N VAL H 17 -29.23 16.48 95.88
CA VAL H 17 -30.22 16.76 94.83
C VAL H 17 -29.53 17.31 93.59
N VAL H 18 -30.02 16.86 92.43
CA VAL H 18 -29.41 17.33 91.17
C VAL H 18 -30.37 18.21 90.40
N LEU H 19 -29.82 19.19 89.68
CA LEU H 19 -30.61 19.98 88.75
C LEU H 19 -30.30 19.56 87.33
N ILE H 20 -31.32 19.14 86.58
CA ILE H 20 -31.11 18.74 85.20
C ILE H 20 -32.12 19.41 84.25
N GLY H 21 -31.76 19.41 82.97
CA GLY H 21 -32.60 19.97 81.92
C GLY H 21 -31.76 20.43 80.72
N ASP H 22 -32.46 20.88 79.68
CA ASP H 22 -31.82 21.47 78.49
C ASP H 22 -31.00 22.70 78.88
N SER H 23 -29.95 22.96 78.09
CA SER H 23 -29.08 24.09 78.35
C SER H 23 -29.84 25.41 78.11
N GLY H 24 -29.74 26.35 79.06
CA GLY H 24 -30.34 27.68 78.92
C GLY H 24 -31.64 27.89 79.67
N VAL H 25 -32.17 26.83 80.28
CA VAL H 25 -33.48 26.92 80.97
C VAL H 25 -33.47 27.71 82.31
N GLY H 26 -32.29 27.87 82.93
CA GLY H 26 -32.17 28.69 84.14
C GLY H 26 -31.69 28.01 85.41
N LYS H 27 -31.12 26.82 85.27
CA LYS H 27 -30.71 25.99 86.41
C LYS H 27 -29.77 26.75 87.34
N SER H 28 -28.75 27.37 86.77
CA SER H 28 -27.74 28.05 87.58
C SER H 28 -28.34 29.24 88.34
N ASN H 29 -29.35 29.87 87.74
CA ASN H 29 -30.01 30.97 88.39
C ASN H 29 -31.07 30.55 89.40
N LEU H 30 -31.74 29.44 89.17
CA LEU H 30 -32.59 28.86 90.21
C LEU H 30 -31.76 28.63 91.46
N LEU H 31 -30.59 28.03 91.23
CA LEU H 31 -29.65 27.76 92.30
C LEU H 31 -29.10 29.02 92.95
N SER H 32 -28.71 30.00 92.13
CA SER H 32 -28.17 31.25 92.70
C SER H 32 -29.24 32.04 93.46
N ARG H 33 -30.47 31.95 92.98
CA ARG H 33 -31.62 32.56 93.62
C ARG H 33 -31.84 31.89 94.96
N PHE H 34 -31.95 30.57 94.90
CA PHE H 34 -32.27 29.80 96.10
C PHE H 34 -31.18 29.88 97.16
N THR H 35 -29.91 29.87 96.75
CA THR H 35 -28.85 29.80 97.78
C THR H 35 -28.30 31.13 98.24
N ARG H 36 -28.26 32.13 97.39
CA ARG H 36 -27.79 33.43 97.87
C ARG H 36 -28.70 34.58 97.47
N ASN H 37 -29.90 34.22 97.03
CA ASN H 37 -30.86 35.20 96.57
C ASN H 37 -30.26 36.19 95.55
N GLU H 38 -29.67 35.67 94.47
CA GLU H 38 -29.12 36.49 93.38
C GLU H 38 -29.52 35.95 92.03
N PHE H 39 -29.60 36.84 91.03
CA PHE H 39 -29.99 36.46 89.68
C PHE H 39 -29.20 37.25 88.66
N ASN H 40 -29.07 36.73 87.45
CA ASN H 40 -28.46 37.47 86.37
C ASN H 40 -28.94 37.09 84.95
N LEU H 41 -29.15 38.11 84.13
CA LEU H 41 -29.48 37.92 82.73
C LEU H 41 -28.31 37.42 81.91
N GLU H 42 -27.13 37.97 82.17
CA GLU H 42 -25.90 37.49 81.56
C GLU H 42 -25.52 36.16 82.23
N SER H 43 -25.08 35.20 81.42
CA SER H 43 -25.07 33.80 81.86
C SER H 43 -23.81 33.12 81.44
N LYS H 44 -23.37 32.21 82.29
CA LYS H 44 -22.05 31.64 82.14
C LYS H 44 -22.28 30.15 82.10
N SER H 45 -21.96 29.52 80.97
CA SER H 45 -22.28 28.12 80.76
C SER H 45 -21.72 27.30 81.92
N THR H 46 -22.55 26.36 82.37
CA THR H 46 -22.17 25.49 83.46
C THR H 46 -21.30 24.40 82.88
N ILE H 47 -20.06 24.32 83.36
CA ILE H 47 -19.10 23.38 82.82
C ILE H 47 -19.01 22.16 83.71
N GLY H 48 -19.61 21.05 83.25
CA GLY H 48 -19.56 19.79 84.01
C GLY H 48 -20.54 19.86 85.17
N VAL H 49 -20.08 20.40 86.30
CA VAL H 49 -20.87 20.43 87.54
C VAL H 49 -20.51 21.62 88.40
N GLU H 50 -21.53 22.17 89.06
CA GLU H 50 -21.30 23.22 90.06
C GLU H 50 -22.01 22.85 91.37
N PHE H 51 -21.39 23.22 92.48
CA PHE H 51 -21.86 22.80 93.80
C PHE H 51 -22.35 23.97 94.67
N ALA H 52 -23.51 23.81 95.29
CA ALA H 52 -24.04 24.81 96.25
C ALA H 52 -24.94 24.19 97.31
N THR H 53 -25.01 24.85 98.47
CA THR H 53 -25.65 24.26 99.66
C THR H 53 -26.50 25.25 100.48
N ARG H 54 -27.56 24.72 101.10
CA ARG H 54 -28.44 25.48 101.97
C ARG H 54 -29.26 24.54 102.87
N SER H 55 -29.55 25.02 104.06
CA SER H 55 -30.22 24.23 105.09
C SER H 55 -31.66 24.69 105.25
N ILE H 56 -32.59 23.75 105.47
CA ILE H 56 -33.97 24.13 105.92
C ILE H 56 -34.51 23.24 107.05
N GLN H 57 -35.66 23.61 107.66
CA GLN H 57 -36.33 22.67 108.58
C GLN H 57 -37.66 22.23 108.03
N VAL H 58 -37.86 20.92 108.06
CA VAL H 58 -39.16 20.35 107.81
C VAL H 58 -39.49 19.38 108.95
N ASP H 59 -40.72 19.49 109.44
CA ASP H 59 -41.23 18.61 110.49
C ASP H 59 -40.29 18.56 111.71
N GLY H 60 -39.67 19.71 112.02
CA GLY H 60 -38.80 19.87 113.19
C GLY H 60 -37.34 19.42 113.05
N LYS H 61 -36.92 19.07 111.84
CA LYS H 61 -35.58 18.52 111.63
C LYS H 61 -34.79 19.41 110.70
N THR H 62 -33.57 19.69 111.12
CA THR H 62 -32.68 20.48 110.29
C THR H 62 -32.09 19.59 109.17
N ILE H 63 -32.46 19.91 107.92
CA ILE H 63 -32.02 19.20 106.72
C ILE H 63 -31.13 20.07 105.86
N LYS H 64 -29.89 19.61 105.67
CA LYS H 64 -28.96 20.31 104.77
C LYS H 64 -29.10 19.72 103.36
N ALA H 65 -29.43 20.60 102.40
CA ALA H 65 -29.53 20.18 101.03
C ALA H 65 -28.20 20.43 100.32
N GLN H 66 -27.73 19.44 99.56
CA GLN H 66 -26.58 19.60 98.69
C GLN H 66 -27.02 19.56 97.24
N ILE H 67 -26.92 20.70 96.56
CA ILE H 67 -27.42 20.81 95.20
C ILE H 67 -26.29 20.77 94.17
N TRP H 68 -26.49 19.93 93.18
CA TRP H 68 -25.51 19.76 92.09
C TRP H 68 -26.12 20.25 90.78
N ASP H 69 -25.54 21.34 90.29
CA ASP H 69 -26.00 22.01 89.08
C ASP H 69 -25.21 21.36 87.96
N THR H 70 -25.90 20.52 87.18
CA THR H 70 -25.21 19.58 86.27
C THR H 70 -24.75 20.12 84.90
N ALA H 71 -25.50 21.05 84.29
CA ALA H 71 -25.19 21.55 82.92
C ALA H 71 -25.95 20.76 81.87
N GLY H 72 -26.72 21.48 81.05
CA GLY H 72 -27.58 20.89 80.01
C GLY H 72 -26.85 20.49 78.75
N LEU H 73 -25.67 21.08 78.56
CA LEU H 73 -24.85 20.76 77.41
C LEU H 73 -24.41 19.28 77.40
N GLU H 74 -24.44 18.70 76.20
CA GLU H 74 -24.22 17.27 75.94
C GLU H 74 -22.74 16.89 76.05
N ARG H 75 -21.88 17.80 75.61
CA ARG H 75 -20.42 17.72 75.78
C ARG H 75 -20.03 17.06 77.12
N TYR H 76 -20.77 17.40 78.18
CA TYR H 76 -20.44 16.99 79.55
C TYR H 76 -21.30 15.83 80.08
N ARG H 77 -22.20 15.31 79.25
CA ARG H 77 -23.17 14.33 79.72
C ARG H 77 -22.57 12.92 80.12
N ALA H 78 -21.36 12.57 79.65
CA ALA H 78 -20.61 11.37 80.15
C ALA H 78 -20.18 11.46 81.64
N ILE H 79 -19.83 12.65 82.08
CA ILE H 79 -19.33 12.88 83.44
C ILE H 79 -20.41 13.42 84.44
N THR H 80 -21.52 14.01 83.93
CA THR H 80 -22.66 14.42 84.80
C THR H 80 -23.33 13.19 85.34
N SER H 81 -23.50 12.17 84.49
CA SER H 81 -24.13 10.92 84.87
C SER H 81 -23.39 10.23 86.03
N ALA H 82 -22.08 10.47 86.16
CA ALA H 82 -21.34 10.04 87.34
C ALA H 82 -21.99 10.57 88.65
N TYR H 83 -22.49 11.81 88.65
CA TYR H 83 -23.19 12.43 89.80
C TYR H 83 -24.63 12.03 90.08
N TYR H 84 -25.25 11.31 89.16
CA TYR H 84 -26.64 10.85 89.34
C TYR H 84 -26.71 9.81 90.48
N ARG H 85 -25.55 9.17 90.71
CA ARG H 85 -25.33 8.16 91.75
C ARG H 85 -25.87 8.60 93.10
N GLY H 86 -26.87 7.87 93.58
CA GLY H 86 -27.40 8.04 94.93
C GLY H 86 -27.96 9.42 95.27
N ALA H 87 -28.41 10.18 94.26
CA ALA H 87 -29.09 11.44 94.52
C ALA H 87 -30.52 11.13 94.89
N VAL H 88 -31.03 11.76 95.96
CA VAL H 88 -32.38 11.46 96.47
C VAL H 88 -33.45 12.20 95.68
N GLY H 89 -33.07 13.34 95.08
CA GLY H 89 -34.02 14.17 94.34
C GLY H 89 -33.44 14.80 93.09
N ALA H 90 -34.32 14.97 92.10
CA ALA H 90 -33.95 15.65 90.85
C ALA H 90 -34.98 16.69 90.40
N LEU H 91 -34.51 17.94 90.26
CA LEU H 91 -35.34 19.01 89.70
C LEU H 91 -35.13 19.03 88.20
N LEU H 92 -36.19 18.63 87.48
CA LEU H 92 -36.12 18.53 86.02
C LEU H 92 -36.72 19.79 85.45
N VAL H 93 -35.89 20.60 84.81
CA VAL H 93 -36.35 21.93 84.46
C VAL H 93 -36.49 22.16 82.97
N TYR H 94 -37.56 22.87 82.60
CA TYR H 94 -37.74 23.36 81.24
C TYR H 94 -38.13 24.85 81.25
N ASP H 95 -37.85 25.53 80.14
CA ASP H 95 -38.27 26.94 79.91
C ASP H 95 -39.69 27.06 79.35
N ILE H 96 -40.59 27.66 80.16
CA ILE H 96 -41.98 27.92 79.73
C ILE H 96 -42.15 28.56 78.33
N ALA H 97 -41.19 29.42 77.99
CA ALA H 97 -41.22 30.19 76.73
C ALA H 97 -40.51 29.53 75.53
N LYS H 98 -39.95 28.34 75.71
CA LYS H 98 -39.35 27.61 74.56
C LYS H 98 -39.82 26.16 74.42
N HIS H 99 -40.79 25.92 73.53
CA HIS H 99 -41.54 24.62 73.49
C HIS H 99 -40.62 23.39 73.38
N LEU H 100 -39.59 23.50 72.54
CA LEU H 100 -38.61 22.41 72.35
C LEU H 100 -38.06 21.86 73.67
N THR H 101 -37.80 22.77 74.60
CA THR H 101 -37.26 22.41 75.90
C THR H 101 -38.27 21.52 76.69
N TYR H 102 -39.57 21.72 76.47
CA TYR H 102 -40.61 20.85 77.08
C TYR H 102 -40.63 19.49 76.38
N GLU H 103 -40.40 19.51 75.08
CA GLU H 103 -40.41 18.29 74.31
C GLU H 103 -39.33 17.32 74.78
N ASN H 104 -38.15 17.83 75.13
CA ASN H 104 -36.99 16.98 75.50
C ASN H 104 -37.00 16.40 76.94
N VAL H 105 -38.03 16.76 77.70
CA VAL H 105 -38.13 16.25 79.06
C VAL H 105 -38.29 14.71 79.09
N GLU H 106 -38.80 14.13 78.00
CA GLU H 106 -38.93 12.67 77.90
C GLU H 106 -37.58 11.98 77.81
N ARG H 107 -36.64 12.55 77.04
CA ARG H 107 -35.29 11.97 77.00
C ARG H 107 -34.51 12.23 78.27
N TRP H 108 -34.87 13.32 78.94
CA TRP H 108 -34.24 13.61 80.22
C TRP H 108 -34.68 12.70 81.39
N LEU H 109 -35.83 12.03 81.27
CA LEU H 109 -36.27 11.10 82.33
C LEU H 109 -35.76 9.69 82.11
N LYS H 110 -35.58 9.33 80.83
CA LYS H 110 -34.96 8.05 80.49
C LYS H 110 -33.52 8.10 81.01
N GLU H 111 -32.89 9.27 80.86
CA GLU H 111 -31.59 9.55 81.43
C GLU H 111 -31.46 9.24 82.92
N LEU H 112 -32.57 9.16 83.64
CA LEU H 112 -32.54 8.76 85.05
C LEU H 112 -32.77 7.28 85.25
N ARG H 113 -33.48 6.65 84.32
CA ARG H 113 -33.74 5.23 84.44
C ARG H 113 -32.65 4.45 83.71
N ASP H 114 -31.51 5.11 83.47
CA ASP H 114 -30.28 4.43 83.03
C ASP H 114 -29.11 4.63 84.00
N HIS H 115 -28.94 5.83 84.54
CA HIS H 115 -27.75 6.18 85.34
C HIS H 115 -28.00 6.52 86.82
N ALA H 116 -29.22 6.35 87.30
CA ALA H 116 -29.58 6.82 88.63
C ALA H 116 -30.54 5.87 89.33
N ASP H 117 -30.64 6.01 90.65
CA ASP H 117 -31.58 5.20 91.43
C ASP H 117 -32.98 5.28 90.80
N SER H 118 -33.59 4.10 90.63
CA SER H 118 -34.90 3.97 90.00
C SER H 118 -36.03 4.34 90.94
N ASN H 119 -35.69 4.71 92.17
CA ASN H 119 -36.66 5.15 93.15
C ASN H 119 -36.30 6.54 93.66
N ILE H 120 -36.15 7.48 92.73
CA ILE H 120 -35.76 8.87 93.03
C ILE H 120 -36.96 9.82 92.90
N VAL H 121 -36.98 10.85 93.76
CA VAL H 121 -38.02 11.88 93.74
C VAL H 121 -37.75 12.96 92.66
N ILE H 122 -38.73 13.16 91.77
CA ILE H 122 -38.62 14.14 90.67
C ILE H 122 -39.71 15.23 90.69
N MET H 123 -39.27 16.47 90.60
CA MET H 123 -40.20 17.57 90.35
C MET H 123 -39.89 18.18 89.01
N LEU H 124 -40.96 18.31 88.23
CA LEU H 124 -41.00 19.00 86.97
C LEU H 124 -41.13 20.50 87.24
N VAL H 125 -40.27 21.27 86.58
CA VAL H 125 -40.27 22.72 86.79
C VAL H 125 -40.34 23.47 85.46
N GLY H 126 -41.40 24.25 85.33
CA GLY H 126 -41.52 25.23 84.26
C GLY H 126 -40.98 26.56 84.75
N ASN H 127 -39.82 26.95 84.21
CA ASN H 127 -39.17 28.17 84.63
C ASN H 127 -39.46 29.30 83.65
N LYS H 128 -39.26 30.51 84.17
CA LYS H 128 -39.40 31.77 83.43
C LYS H 128 -40.90 32.10 83.32
N SER H 129 -41.60 31.99 84.45
CA SER H 129 -43.04 32.33 84.49
C SER H 129 -43.26 33.83 84.31
N ASP H 130 -42.23 34.62 84.56
CA ASP H 130 -42.30 36.06 84.32
C ASP H 130 -42.51 36.45 82.84
N LEU H 131 -42.09 35.59 81.92
CA LEU H 131 -42.29 35.84 80.48
C LEU H 131 -43.69 35.46 79.99
N ARG H 132 -44.70 36.09 80.58
CA ARG H 132 -46.11 35.73 80.38
C ARG H 132 -46.49 35.68 78.90
N HIS H 133 -46.15 36.74 78.19
CA HIS H 133 -46.59 36.92 76.80
C HIS H 133 -45.93 36.00 75.78
N LEU H 134 -44.80 35.38 76.16
CA LEU H 134 -44.09 34.49 75.23
C LEU H 134 -44.31 33.00 75.54
N ARG H 135 -45.23 32.73 76.46
CA ARG H 135 -45.53 31.36 76.90
C ARG H 135 -45.75 30.40 75.73
N ALA H 136 -44.98 29.31 75.69
CA ALA H 136 -45.16 28.31 74.61
C ALA H 136 -45.64 26.95 75.13
N VAL H 137 -45.82 26.84 76.44
CA VAL H 137 -46.28 25.63 77.10
C VAL H 137 -47.34 26.00 78.14
N PRO H 138 -48.61 25.64 77.87
CA PRO H 138 -49.67 25.98 78.82
C PRO H 138 -49.53 25.21 80.13
N THR H 139 -49.81 25.90 81.24
CA THR H 139 -49.71 25.32 82.58
C THR H 139 -50.49 24.01 82.71
N ASP H 140 -51.67 23.94 82.05
CA ASP H 140 -52.55 22.76 82.13
C ASP H 140 -51.97 21.51 81.44
N GLU H 141 -51.46 21.68 80.22
CA GLU H 141 -50.86 20.55 79.51
C GLU H 141 -49.69 19.95 80.29
N ALA H 142 -48.88 20.80 80.91
CA ALA H 142 -47.69 20.35 81.64
C ALA H 142 -48.10 19.56 82.85
N ARG H 143 -48.99 20.12 83.70
CA ARG H 143 -49.46 19.47 84.95
C ARG H 143 -50.17 18.14 84.65
N ALA H 144 -50.82 18.09 83.49
CA ALA H 144 -51.40 16.84 83.01
C ALA H 144 -50.29 15.79 82.84
N PHE H 145 -49.27 16.13 82.04
CA PHE H 145 -48.13 15.26 81.81
C PHE H 145 -47.38 14.93 83.08
N ALA H 146 -47.41 15.86 84.03
CA ALA H 146 -46.66 15.70 85.26
C ALA H 146 -47.09 14.46 86.01
N GLU H 147 -48.38 14.32 86.25
CA GLU H 147 -48.82 13.21 87.08
C GLU H 147 -49.21 11.97 86.29
N LYS H 148 -49.36 12.10 84.98
CA LYS H 148 -49.36 10.96 84.06
C LYS H 148 -48.04 10.19 84.19
N ASN H 149 -46.95 10.89 84.53
CA ASN H 149 -45.66 10.23 84.74
C ASN H 149 -45.19 10.23 86.19
N GLY H 150 -46.10 10.56 87.11
CA GLY H 150 -45.82 10.46 88.55
C GLY H 150 -44.76 11.42 89.06
N LEU H 151 -44.84 12.66 88.58
CA LEU H 151 -43.91 13.74 88.90
C LEU H 151 -44.69 14.85 89.58
N SER H 152 -44.07 15.53 90.54
CA SER H 152 -44.67 16.73 91.14
C SER H 152 -44.36 17.95 90.26
N PHE H 153 -45.19 19.00 90.31
CA PHE H 153 -45.15 20.10 89.32
C PHE H 153 -45.28 21.49 89.92
N ILE H 154 -44.54 22.46 89.36
CA ILE H 154 -44.60 23.86 89.81
C ILE H 154 -44.02 24.76 88.71
N GLU H 155 -44.44 26.03 88.70
CA GLU H 155 -43.88 27.02 87.77
C GLU H 155 -43.14 28.10 88.55
N THR H 156 -41.93 28.42 88.12
CA THR H 156 -41.07 29.39 88.79
C THR H 156 -40.57 30.51 87.89
N SER H 157 -40.16 31.59 88.54
CA SER H 157 -39.34 32.59 87.91
C SER H 157 -38.17 32.79 88.83
N ALA H 158 -36.99 32.34 88.40
CA ALA H 158 -35.77 32.69 89.10
C ALA H 158 -35.58 34.21 89.12
N LEU H 159 -36.03 34.86 88.05
CA LEU H 159 -35.83 36.30 87.88
C LEU H 159 -36.59 37.13 88.96
N ASP H 160 -37.90 36.95 89.08
CA ASP H 160 -38.71 37.71 90.06
C ASP H 160 -38.79 36.96 91.39
N SER H 161 -38.27 35.72 91.40
CA SER H 161 -38.16 34.85 92.59
C SER H 161 -39.43 34.06 92.99
N THR H 162 -40.51 34.22 92.21
CA THR H 162 -41.75 33.47 92.40
C THR H 162 -41.47 31.96 92.52
N ASN H 163 -41.90 31.37 93.65
CA ASN H 163 -41.94 29.92 93.84
C ASN H 163 -40.61 29.20 93.94
N VAL H 164 -39.53 29.96 94.05
CA VAL H 164 -38.23 29.32 94.05
C VAL H 164 -38.04 28.58 95.38
N GLU H 165 -38.25 29.28 96.49
CA GLU H 165 -38.16 28.62 97.78
C GLU H 165 -39.15 27.49 97.89
N ALA H 166 -40.38 27.80 97.49
CA ALA H 166 -41.45 26.80 97.49
C ALA H 166 -41.03 25.52 96.76
N ALA H 167 -40.45 25.69 95.58
CA ALA H 167 -40.12 24.54 94.75
C ALA H 167 -39.18 23.59 95.49
N PHE H 168 -38.09 24.16 96.01
CA PHE H 168 -37.13 23.40 96.80
C PHE H 168 -37.79 22.78 98.01
N GLN H 169 -38.49 23.64 98.77
CA GLN H 169 -39.13 23.21 100.02
C GLN H 169 -40.11 22.05 99.82
N THR H 170 -40.80 22.04 98.68
CA THR H 170 -41.69 20.95 98.32
C THR H 170 -40.90 19.66 98.14
N ILE H 171 -39.91 19.69 97.26
CA ILE H 171 -39.20 18.46 96.92
C ILE H 171 -38.37 17.92 98.08
N LEU H 172 -37.83 18.83 98.89
CA LEU H 172 -37.09 18.34 100.05
C LEU H 172 -38.00 17.67 101.11
N THR H 173 -39.15 18.29 101.33
CA THR H 173 -40.19 17.76 102.21
C THR H 173 -40.67 16.37 101.71
N GLU H 174 -41.06 16.35 100.44
CA GLU H 174 -41.47 15.11 99.75
C GLU H 174 -40.45 13.98 100.01
N ILE H 175 -39.18 14.31 99.79
CA ILE H 175 -38.09 13.38 100.07
C ILE H 175 -38.04 12.98 101.53
N TYR H 176 -38.03 13.95 102.44
CA TYR H 176 -37.89 13.64 103.86
C TYR H 176 -38.88 12.60 104.41
N ARG H 177 -40.02 12.43 103.77
CA ARG H 177 -40.93 11.33 104.18
C ARG H 177 -41.06 10.15 103.21
N ILE H 178 -40.18 10.06 102.23
CA ILE H 178 -40.00 8.81 101.47
C ILE H 178 -39.01 7.94 102.25
N VAL H 179 -37.96 8.57 102.75
CA VAL H 179 -36.87 7.87 103.40
C VAL H 179 -37.27 6.98 104.56
N SER H 180 -38.20 7.47 105.39
CA SER H 180 -38.57 6.78 106.62
C SER H 180 -39.15 5.40 106.31
N GLN H 181 -38.66 4.38 107.03
CA GLN H 181 -39.06 2.97 106.81
C GLN H 181 -39.07 2.61 105.33
N SER I 10 8.63 8.17 72.27
CA SER I 10 9.97 8.03 71.61
C SER I 10 9.93 7.32 70.25
N TRP I 11 8.74 6.98 69.76
CA TRP I 11 8.61 6.29 68.46
C TRP I 11 9.08 7.12 67.24
N LEU I 12 8.80 8.42 67.27
CA LEU I 12 9.26 9.33 66.22
C LEU I 12 10.79 9.43 66.29
N LEU I 13 11.32 9.82 67.44
CA LEU I 13 12.78 9.86 67.64
C LEU I 13 13.46 8.54 67.29
N ARG I 14 12.76 7.43 67.46
CA ARG I 14 13.27 6.13 67.04
C ARG I 14 13.55 6.17 65.54
N LEU I 15 12.55 6.60 64.79
CA LEU I 15 12.65 6.75 63.33
C LEU I 15 13.85 7.63 62.96
N PHE I 16 13.88 8.84 63.51
CA PHE I 16 14.94 9.80 63.17
C PHE I 16 16.36 9.27 63.49
N GLU I 17 16.47 8.36 64.46
CA GLU I 17 17.77 7.75 64.80
C GLU I 17 18.08 6.48 64.03
N SER I 18 17.13 6.04 63.23
CA SER I 18 17.34 4.87 62.42
C SER I 18 18.11 5.23 61.12
N LYS I 19 18.52 4.21 60.39
CA LYS I 19 19.18 4.42 59.11
C LYS I 19 18.26 4.98 58.05
N LEU I 20 16.96 4.70 58.20
CA LEU I 20 15.89 5.31 57.35
C LEU I 20 16.04 6.79 57.07
N PHE I 21 16.66 7.47 58.02
CA PHE I 21 16.69 8.89 58.03
C PHE I 21 17.65 9.33 56.93
N ASP I 22 17.07 9.90 55.87
CA ASP I 22 17.84 10.51 54.81
C ASP I 22 17.35 11.94 54.61
N ILE I 23 18.21 12.68 53.92
CA ILE I 23 17.99 14.09 53.66
C ILE I 23 16.54 14.43 53.22
N SER I 24 15.96 13.54 52.42
CA SER I 24 14.57 13.68 51.97
C SER I 24 13.61 13.70 53.16
N MET I 25 13.67 12.65 53.97
CA MET I 25 12.80 12.55 55.13
C MET I 25 13.03 13.75 56.02
N ALA I 26 14.31 14.10 56.22
CA ALA I 26 14.66 15.30 57.04
C ALA I 26 13.91 16.54 56.55
N ILE I 27 14.08 16.81 55.26
CA ILE I 27 13.42 17.96 54.66
C ILE I 27 11.88 17.87 54.77
N SER I 28 11.31 16.68 54.56
CA SER I 28 9.84 16.47 54.63
C SER I 28 9.27 16.91 55.97
N TYR I 29 9.90 16.41 57.02
CA TYR I 29 9.45 16.71 58.36
C TYR I 29 9.75 18.16 58.70
N LEU I 30 10.93 18.64 58.28
CA LEU I 30 11.22 20.07 58.42
C LEU I 30 10.12 20.93 57.81
N TYR I 31 9.64 20.52 56.65
CA TYR I 31 8.62 21.26 55.94
C TYR I 31 7.24 21.11 56.58
N ASN I 32 6.92 19.92 57.07
CA ASN I 32 5.54 19.60 57.53
C ASN I 32 5.28 19.75 59.04
N SER I 33 6.19 19.26 59.88
CA SER I 33 6.04 19.44 61.32
C SER I 33 5.98 20.93 61.70
N LYS I 34 5.02 21.29 62.55
CA LYS I 34 4.96 22.65 63.10
C LYS I 34 5.57 22.70 64.50
N GLU I 35 6.17 21.58 64.92
CA GLU I 35 6.76 21.48 66.25
C GLU I 35 8.16 22.09 66.22
N PRO I 36 8.39 23.13 67.04
CA PRO I 36 9.70 23.81 66.96
C PRO I 36 10.86 22.92 67.42
N GLY I 37 10.59 21.96 68.30
CA GLY I 37 11.62 21.04 68.78
C GLY I 37 12.08 20.08 67.71
N VAL I 38 11.19 19.79 66.77
CA VAL I 38 11.50 18.90 65.65
C VAL I 38 12.37 19.65 64.66
N GLN I 39 11.89 20.85 64.32
CA GLN I 39 12.59 21.74 63.41
C GLN I 39 14.04 21.90 63.87
N ALA I 40 14.20 22.24 65.14
CA ALA I 40 15.53 22.38 65.73
C ALA I 40 16.33 21.06 65.71
N TYR I 41 15.68 19.95 66.05
CA TYR I 41 16.39 18.66 66.04
C TYR I 41 16.91 18.30 64.66
N ILE I 42 16.12 18.62 63.63
CA ILE I 42 16.55 18.31 62.27
C ILE I 42 17.62 19.31 61.82
N GLY I 43 17.41 20.59 62.13
CA GLY I 43 18.44 21.62 61.91
C GLY I 43 19.82 21.16 62.41
N ASN I 44 19.85 20.48 63.56
CA ASN I 44 21.09 19.92 64.10
C ASN I 44 21.56 18.70 63.29
N ARG I 45 20.63 17.86 62.89
CA ARG I 45 21.03 16.63 62.21
C ARG I 45 21.49 16.84 60.76
N LEU I 46 21.16 17.98 60.15
CA LEU I 46 21.74 18.30 58.82
C LEU I 46 23.27 18.11 58.77
N PHE I 47 23.92 18.55 59.84
CA PHE I 47 25.37 18.47 59.94
C PHE I 47 25.81 17.04 59.75
N CYS I 48 24.99 16.11 60.20
CA CYS I 48 25.38 14.72 60.16
C CYS I 48 25.43 14.15 58.72
N PHE I 49 24.71 14.74 57.76
CA PHE I 49 24.69 14.22 56.38
C PHE I 49 25.92 14.51 55.51
N ARG I 50 26.11 13.70 54.46
CA ARG I 50 27.07 14.01 53.40
C ARG I 50 26.69 15.26 52.60
N ASN I 51 27.68 16.13 52.47
CA ASN I 51 27.58 17.37 51.72
C ASN I 51 26.90 17.26 50.34
N GLU I 52 27.24 16.19 49.63
CA GLU I 52 26.79 15.98 48.24
C GLU I 52 25.26 15.86 48.23
N ASP I 53 24.76 15.11 49.20
CA ASP I 53 23.35 14.74 49.22
C ASP I 53 22.52 15.96 49.54
N VAL I 54 23.04 16.78 50.46
CA VAL I 54 22.35 17.98 50.91
C VAL I 54 22.40 19.05 49.82
N ASP I 55 23.57 19.15 49.16
CA ASP I 55 23.79 20.13 48.09
C ASP I 55 22.58 20.19 47.12
N PHE I 56 22.21 18.99 46.65
CA PHE I 56 21.08 18.82 45.72
C PHE I 56 19.79 19.55 46.14
N TYR I 57 19.58 19.73 47.44
CA TYR I 57 18.36 20.37 47.94
C TYR I 57 18.55 21.83 48.39
N LEU I 58 19.72 22.40 48.09
CA LEU I 58 20.03 23.75 48.56
C LEU I 58 18.93 24.78 48.20
N PRO I 59 18.34 24.67 46.99
CA PRO I 59 17.29 25.64 46.66
C PRO I 59 16.07 25.53 47.58
N GLN I 60 15.75 24.30 47.99
CA GLN I 60 14.57 24.06 48.84
C GLN I 60 14.81 24.68 50.21
N LEU I 61 15.92 24.30 50.79
CA LEU I 61 16.31 24.84 52.09
C LEU I 61 16.25 26.38 52.08
N LEU I 62 16.94 26.98 51.11
CA LEU I 62 16.97 28.45 51.00
C LEU I 62 15.60 29.07 50.72
N ASN I 63 14.77 28.38 49.93
CA ASN I 63 13.40 28.86 49.71
C ASN I 63 12.60 28.88 51.02
N MET I 64 12.63 27.74 51.71
CA MET I 64 12.02 27.64 53.04
C MET I 64 12.52 28.76 53.97
N TYR I 65 13.85 28.92 54.08
CA TYR I 65 14.44 30.00 54.90
C TYR I 65 13.77 31.35 54.65
N ILE I 66 13.65 31.68 53.36
CA ILE I 66 13.13 32.98 52.93
C ILE I 66 11.65 33.08 53.27
N HIS I 67 10.87 32.09 52.83
CA HIS I 67 9.41 32.28 52.79
C HIS I 67 8.64 31.69 53.96
N MET I 68 9.33 30.97 54.83
CA MET I 68 8.67 30.28 55.94
C MET I 68 8.88 30.98 57.28
N ASP I 69 8.22 30.42 58.32
CA ASP I 69 8.35 30.82 59.73
C ASP I 69 9.81 31.10 60.11
N GLU I 70 10.01 32.16 60.88
CA GLU I 70 11.34 32.46 61.40
C GLU I 70 11.98 31.23 62.08
N ASP I 71 11.16 30.51 62.87
CA ASP I 71 11.53 29.20 63.48
C ASP I 71 12.26 28.31 62.48
N VAL I 72 11.71 28.20 61.28
CA VAL I 72 12.22 27.28 60.28
C VAL I 72 13.56 27.78 59.73
N GLY I 73 13.57 29.05 59.32
CA GLY I 73 14.81 29.70 58.91
C GLY I 73 15.94 29.52 59.91
N ASP I 74 15.67 29.87 61.15
CA ASP I 74 16.70 29.85 62.20
C ASP I 74 17.29 28.44 62.50
N ALA I 75 16.50 27.40 62.24
CA ALA I 75 16.95 25.99 62.37
C ALA I 75 17.94 25.60 61.26
N ILE I 76 17.74 26.18 60.08
CA ILE I 76 18.55 25.83 58.91
C ILE I 76 19.87 26.59 58.89
N LYS I 77 19.83 27.85 59.34
CA LYS I 77 20.91 28.81 59.16
C LYS I 77 22.31 28.31 59.57
N PRO I 78 22.47 27.86 60.82
CA PRO I 78 23.80 27.50 61.30
C PRO I 78 24.54 26.49 60.41
N TYR I 79 23.80 25.50 59.87
CA TYR I 79 24.36 24.53 58.94
C TYR I 79 24.85 25.21 57.67
N ILE I 80 24.03 26.12 57.19
CA ILE I 80 24.37 26.82 55.98
C ILE I 80 25.65 27.64 56.22
N VAL I 81 25.64 28.44 57.29
CA VAL I 81 26.84 29.20 57.71
C VAL I 81 28.06 28.28 57.76
N HIS I 82 27.90 27.14 58.43
CA HIS I 82 28.97 26.15 58.49
C HIS I 82 29.48 25.77 57.09
N ARG I 83 28.56 25.45 56.17
CA ARG I 83 29.01 25.10 54.79
C ARG I 83 29.71 26.25 54.09
N CYS I 84 29.08 27.42 54.19
CA CYS I 84 29.59 28.66 53.62
C CYS I 84 31.03 28.97 54.04
N ARG I 85 31.38 28.64 55.29
CA ARG I 85 32.74 28.87 55.78
C ARG I 85 33.80 27.94 55.21
N GLN I 86 33.39 26.78 54.71
CA GLN I 86 34.38 25.77 54.27
C GLN I 86 34.47 25.65 52.74
N SER I 87 33.64 26.40 52.03
CA SER I 87 33.63 26.38 50.57
C SER I 87 33.08 27.72 50.04
N ILE I 88 33.89 28.46 49.31
CA ILE I 88 33.41 29.72 48.73
C ILE I 88 32.47 29.45 47.55
N ASN I 89 32.67 28.32 46.87
CA ASN I 89 31.71 27.86 45.85
C ASN I 89 30.33 27.81 46.50
N PHE I 90 30.24 27.09 47.62
CA PHE I 90 29.00 27.02 48.38
C PHE I 90 28.45 28.41 48.71
N SER I 91 29.32 29.28 49.23
CA SER I 91 28.93 30.66 49.57
C SER I 91 28.30 31.34 48.36
N LEU I 92 28.95 31.20 47.22
CA LEU I 92 28.51 31.81 45.99
C LEU I 92 27.07 31.42 45.63
N GLN I 93 26.82 30.11 45.60
CA GLN I 93 25.51 29.60 45.19
C GLN I 93 24.43 30.08 46.14
N CYS I 94 24.76 30.09 47.43
CA CYS I 94 23.88 30.66 48.46
C CYS I 94 23.56 32.12 48.14
N ALA I 95 24.61 32.93 47.97
CA ALA I 95 24.42 34.37 47.68
C ALA I 95 23.56 34.57 46.43
N LEU I 96 23.89 33.82 45.38
CA LEU I 96 23.13 33.91 44.12
C LEU I 96 21.67 33.53 44.28
N LEU I 97 21.43 32.38 44.92
CA LEU I 97 20.07 31.88 45.11
C LEU I 97 19.21 32.78 46.03
N LEU I 98 19.80 33.19 47.14
CA LEU I 98 19.13 34.11 48.05
C LEU I 98 18.61 35.34 47.32
N GLY I 99 19.47 35.95 46.49
CA GLY I 99 19.11 37.12 45.72
C GLY I 99 18.04 36.82 44.71
N ALA I 100 18.24 35.75 43.95
CA ALA I 100 17.27 35.34 42.93
C ALA I 100 15.87 35.01 43.48
N TYR I 101 15.79 34.37 44.65
CA TYR I 101 14.48 33.95 45.20
C TYR I 101 13.77 35.00 46.12
N SER I 102 14.12 36.29 45.95
CA SER I 102 13.46 37.41 46.65
C SER I 102 13.36 38.70 45.83
N SER I 103 12.21 38.86 45.18
CA SER I 103 11.91 40.06 44.41
C SER I 103 10.38 40.21 44.33
N ARG I 114 14.04 39.61 54.76
CA ARG I 114 14.55 38.32 55.26
C ARG I 114 15.79 37.82 54.51
N GLY I 115 15.75 37.82 53.19
CA GLY I 115 16.83 37.19 52.42
C GLY I 115 18.07 38.04 52.45
N THR I 116 17.79 39.31 52.22
CA THR I 116 18.78 40.36 52.04
C THR I 116 19.84 40.42 53.16
N LYS I 117 19.39 40.38 54.42
CA LYS I 117 20.32 40.53 55.53
C LYS I 117 21.43 39.45 55.51
N LEU I 118 21.05 38.21 55.18
CA LEU I 118 22.00 37.09 55.21
C LEU I 118 22.92 37.07 53.99
N ARG I 119 22.37 37.44 52.84
CA ARG I 119 23.16 37.53 51.61
C ARG I 119 24.38 38.45 51.84
N LYS I 120 24.08 39.64 52.34
CA LYS I 120 25.12 40.63 52.67
C LYS I 120 26.14 40.07 53.68
N LEU I 121 25.65 39.29 54.63
CA LEU I 121 26.53 38.63 55.61
C LEU I 121 27.42 37.53 55.00
N ILE I 122 26.90 36.82 54.00
CA ILE I 122 27.72 35.82 53.28
C ILE I 122 28.74 36.49 52.38
N LEU I 123 28.28 37.48 51.60
CA LEU I 123 29.18 38.28 50.77
C LEU I 123 30.24 39.00 51.64
N SER I 124 29.91 39.37 52.89
CA SER I 124 30.94 39.82 53.88
C SER I 124 31.85 38.65 54.29
N ARG I 188 37.38 39.55 48.29
CA ARG I 188 36.84 38.35 48.95
C ARG I 188 36.32 37.35 47.91
N LEU I 189 35.26 37.76 47.21
CA LEU I 189 34.67 37.03 46.09
C LEU I 189 34.63 37.92 44.84
N ALA I 190 35.26 39.09 44.96
CA ALA I 190 35.17 40.12 43.94
C ALA I 190 35.61 39.62 42.55
N PRO I 191 36.72 38.84 42.47
CA PRO I 191 37.17 38.35 41.15
C PRO I 191 36.07 37.62 40.40
N GLU I 192 35.44 36.67 41.08
CA GLU I 192 34.35 35.89 40.50
C GLU I 192 33.13 36.78 40.17
N ARG I 193 32.69 37.60 41.14
CA ARG I 193 31.49 38.46 40.95
C ARG I 193 31.65 39.46 39.81
N GLU I 194 32.87 39.95 39.64
CA GLU I 194 33.17 40.89 38.57
C GLU I 194 33.35 40.14 37.25
N PHE I 195 34.01 38.99 37.29
CA PHE I 195 34.05 38.09 36.14
C PHE I 195 32.63 37.82 35.61
N ILE I 196 31.70 37.50 36.50
CA ILE I 196 30.31 37.21 36.09
C ILE I 196 29.58 38.47 35.64
N LYS I 197 29.75 39.55 36.41
CA LYS I 197 29.16 40.82 35.99
C LYS I 197 29.60 41.21 34.55
N SER I 198 30.89 41.06 34.26
CA SER I 198 31.38 41.37 32.91
C SER I 198 30.73 40.46 31.84
N LEU I 199 30.69 39.15 32.11
CA LEU I 199 30.02 38.20 31.20
C LEU I 199 28.57 38.61 30.96
N MET I 200 27.88 38.95 32.04
CA MET I 200 26.51 39.46 31.93
C MET I 200 26.42 40.72 31.08
N ALA I 201 27.33 41.66 31.35
CA ALA I 201 27.40 42.97 30.71
C ALA I 201 27.59 42.82 29.21
N ILE I 202 28.53 41.95 28.83
CA ILE I 202 28.76 41.61 27.41
C ILE I 202 27.45 41.26 26.71
N GLY I 203 26.75 40.25 27.23
CA GLY I 203 25.51 39.77 26.64
C GLY I 203 24.45 40.85 26.42
N LYS I 204 24.33 41.78 27.36
CA LYS I 204 23.37 42.89 27.29
C LYS I 204 23.69 43.87 26.15
N ARG I 205 24.98 44.04 25.83
CA ARG I 205 25.39 44.96 24.76
C ARG I 205 24.97 44.44 23.37
N LEU I 206 25.00 43.13 23.18
CA LEU I 206 24.70 42.51 21.87
C LEU I 206 23.27 42.82 21.36
N ALA I 207 22.40 43.30 22.24
CA ALA I 207 21.03 43.68 21.87
C ALA I 207 20.93 44.67 20.69
N THR I 208 21.91 45.57 20.59
CA THR I 208 21.94 46.56 19.50
C THR I 208 22.37 46.00 18.12
N LEU I 209 22.93 44.78 18.09
CA LEU I 209 23.32 44.17 16.79
C LEU I 209 22.27 43.16 16.27
N PRO I 210 21.52 43.53 15.21
CA PRO I 210 20.31 42.78 14.79
C PRO I 210 20.55 41.41 14.14
N THR I 211 21.79 41.05 13.82
CA THR I 211 22.05 39.73 13.23
C THR I 211 23.06 38.89 14.05
N LYS I 212 22.87 37.57 13.93
CA LYS I 212 23.71 36.56 14.57
C LYS I 212 25.21 36.85 14.35
N GLU I 213 25.57 36.94 13.06
CA GLU I 213 26.97 37.14 12.63
C GLU I 213 27.64 38.38 13.24
N GLN I 214 26.91 39.50 13.26
CA GLN I 214 27.40 40.76 13.84
C GLN I 214 27.64 40.58 15.33
N LYS I 215 26.66 39.96 15.98
CA LYS I 215 26.72 39.68 17.42
C LYS I 215 27.95 38.84 17.74
N THR I 216 28.09 37.72 17.01
CA THR I 216 29.24 36.81 17.22
C THR I 216 30.58 37.56 17.10
N GLN I 217 30.68 38.44 16.10
CA GLN I 217 31.90 39.21 15.91
C GLN I 217 32.22 40.09 17.12
N ARG I 218 31.21 40.78 17.68
CA ARG I 218 31.43 41.63 18.86
C ARG I 218 31.74 40.80 20.09
N LEU I 219 31.02 39.68 20.21
CA LEU I 219 31.26 38.74 21.30
C LEU I 219 32.72 38.30 21.28
N ILE I 220 33.17 37.75 20.13
CA ILE I 220 34.55 37.23 19.99
C ILE I 220 35.60 38.29 20.39
N SER I 221 35.46 39.49 19.84
CA SER I 221 36.36 40.58 20.19
C SER I 221 36.31 40.84 21.68
N GLU I 222 35.09 41.02 22.23
CA GLU I 222 34.98 41.44 23.64
C GLU I 222 35.40 40.38 24.67
N LEU I 223 35.25 39.11 24.31
CA LEU I 223 35.73 38.00 25.12
C LEU I 223 37.25 37.97 25.26
N SER I 224 37.96 38.35 24.19
CA SER I 224 39.42 38.33 24.17
C SER I 224 40.02 39.19 25.28
N LEU I 225 39.30 40.27 25.62
CA LEU I 225 39.71 41.23 26.65
C LEU I 225 39.72 40.60 28.06
N LEU I 226 38.87 39.59 28.27
CA LEU I 226 38.80 38.93 29.57
C LEU I 226 40.03 38.07 29.89
N ASN I 227 40.71 37.54 28.85
CA ASN I 227 41.96 36.79 29.05
C ASN I 227 43.05 37.64 29.71
N HIS I 228 42.95 38.94 29.49
CA HIS I 228 43.82 39.91 30.13
C HIS I 228 43.71 39.88 31.65
N LYS I 229 42.61 39.36 32.19
CA LYS I 229 42.47 39.20 33.65
C LYS I 229 42.68 37.77 34.19
N LEU I 230 43.13 36.86 33.33
CA LEU I 230 43.30 35.45 33.71
C LEU I 230 44.76 35.00 33.70
N PRO I 231 45.12 34.02 34.55
CA PRO I 231 44.24 33.32 35.51
C PRO I 231 44.06 34.09 36.82
N ALA I 232 42.97 33.77 37.53
CA ALA I 232 42.60 34.45 38.79
C ALA I 232 41.84 33.52 39.73
N ARG I 233 41.44 34.05 40.89
CA ARG I 233 40.57 33.32 41.82
C ARG I 233 39.12 33.29 41.27
N VAL I 234 38.93 32.55 40.17
CA VAL I 234 37.63 32.48 39.47
C VAL I 234 37.37 31.06 38.90
N TRP I 235 36.09 30.66 38.87
CA TRP I 235 35.68 29.31 38.46
C TRP I 235 34.25 29.27 37.89
N LEU I 236 33.91 28.13 37.29
CA LEU I 236 32.59 27.86 36.73
C LEU I 236 31.86 26.89 37.62
N PRO I 237 30.92 27.41 38.43
CA PRO I 237 30.15 26.56 39.35
C PRO I 237 29.48 25.35 38.71
N THR I 238 29.19 25.44 37.41
CA THR I 238 28.62 24.34 36.64
C THR I 238 29.62 23.15 36.38
N ALA I 239 30.88 23.29 36.80
CA ALA I 239 31.87 22.21 36.58
C ALA I 239 31.80 21.06 37.58
N GLY I 240 31.98 19.85 37.07
CA GLY I 240 31.95 18.65 37.90
C GLY I 240 33.00 18.60 39.01
N PHE I 241 34.01 19.46 38.96
CA PHE I 241 35.19 19.36 39.84
C PHE I 241 35.68 20.73 40.31
N ASP I 242 36.66 20.74 41.20
CA ASP I 242 37.35 21.98 41.61
C ASP I 242 38.40 22.33 40.59
N HIS I 243 38.59 23.62 40.38
CA HIS I 243 39.47 24.08 39.32
C HIS I 243 39.76 25.59 39.39
N HIS I 244 40.73 26.01 38.59
CA HIS I 244 40.96 27.43 38.29
C HIS I 244 40.76 27.65 36.77
N VAL I 245 40.09 28.74 36.41
CA VAL I 245 39.95 29.15 34.99
C VAL I 245 41.22 29.86 34.53
N VAL I 246 41.75 29.46 33.38
CA VAL I 246 43.02 30.04 32.90
C VAL I 246 42.90 30.87 31.62
N ARG I 247 42.02 30.45 30.70
CA ARG I 247 41.98 30.98 29.34
C ARG I 247 40.62 30.79 28.65
N VAL I 248 40.23 31.78 27.85
CA VAL I 248 39.00 31.71 27.05
C VAL I 248 39.34 31.74 25.56
N PRO I 249 39.13 30.61 24.86
CA PRO I 249 39.32 30.59 23.40
C PRO I 249 38.21 31.35 22.64
N HIS I 250 38.30 32.68 22.76
CA HIS I 250 37.32 33.62 22.21
C HIS I 250 36.92 33.38 20.75
N THR I 251 37.87 32.99 19.89
CA THR I 251 37.53 32.74 18.49
C THR I 251 36.49 31.60 18.32
N GLN I 252 36.39 30.74 19.33
CA GLN I 252 35.48 29.58 19.23
C GLN I 252 34.07 29.87 19.73
N ALA I 253 33.90 30.97 20.45
CA ALA I 253 32.61 31.34 21.02
C ALA I 253 31.65 31.75 19.90
N VAL I 254 30.37 31.50 20.15
CA VAL I 254 29.32 31.76 19.16
C VAL I 254 28.01 32.17 19.85
N VAL I 255 27.24 33.03 19.17
CA VAL I 255 25.93 33.50 19.64
C VAL I 255 24.86 32.67 18.95
N LEU I 256 23.78 32.34 19.67
CA LEU I 256 22.86 31.28 19.25
C LEU I 256 21.66 31.71 18.36
N ASN I 257 21.19 32.93 18.53
CA ASN I 257 20.04 33.43 17.73
C ASN I 257 20.09 34.95 17.52
N SER I 258 19.13 35.46 16.73
CA SER I 258 19.07 36.88 16.38
C SER I 258 18.23 37.71 17.35
N LYS I 259 17.87 37.12 18.48
CA LYS I 259 16.93 37.74 19.41
C LYS I 259 17.53 38.88 20.23
N ASP I 260 16.63 39.66 20.82
CA ASP I 260 16.93 40.92 21.54
C ASP I 260 17.90 40.70 22.69
N LYS I 261 17.64 39.66 23.50
CA LYS I 261 18.54 39.28 24.58
C LYS I 261 19.05 37.87 24.33
N ALA I 262 19.81 37.74 23.25
CA ALA I 262 20.29 36.45 22.79
C ALA I 262 21.25 35.81 23.81
N PRO I 263 21.11 34.47 24.00
CA PRO I 263 22.09 33.72 24.74
C PRO I 263 23.32 33.44 23.87
N TYR I 264 24.46 33.20 24.51
CA TYR I 264 25.67 32.90 23.77
C TYR I 264 26.47 31.79 24.43
N LEU I 265 27.09 30.95 23.59
CA LEU I 265 27.84 29.79 24.06
C LEU I 265 29.33 30.10 24.05
N ILE I 266 30.03 29.72 25.13
CA ILE I 266 31.50 29.87 25.16
C ILE I 266 32.17 28.60 25.66
N TYR I 267 33.43 28.44 25.25
CA TYR I 267 34.27 27.37 25.76
C TYR I 267 35.31 27.98 26.70
N VAL I 268 35.62 27.27 27.78
CA VAL I 268 36.53 27.80 28.82
C VAL I 268 37.59 26.76 29.18
N GLU I 269 38.83 27.24 29.35
CA GLU I 269 39.95 26.38 29.75
C GLU I 269 40.20 26.45 31.25
N VAL I 270 40.45 25.29 31.86
CA VAL I 270 40.69 25.20 33.30
C VAL I 270 41.78 24.21 33.69
N LEU I 271 42.33 24.44 34.90
CA LEU I 271 43.28 23.52 35.51
C LEU I 271 42.69 22.89 36.78
N GLU I 272 42.53 21.56 36.75
CA GLU I 272 41.86 20.85 37.84
C GLU I 272 42.58 20.99 39.19
N CYS I 273 41.79 21.02 40.24
CA CYS I 273 42.31 21.03 41.60
C CYS I 273 41.90 19.76 42.32
N GLU I 274 42.53 19.51 43.46
CA GLU I 274 41.98 18.58 44.44
C GLU I 274 41.14 19.35 45.45
N ASN I 275 41.64 20.52 45.82
CA ASN I 275 40.86 21.47 46.57
C ASN I 275 41.17 22.92 46.14
N PHE I 276 40.12 23.65 45.75
CA PHE I 276 40.23 25.04 45.34
C PHE I 276 40.64 26.01 46.46
N ASP I 277 40.03 25.81 47.64
CA ASP I 277 40.08 26.80 48.73
C ASP I 277 41.49 27.00 49.27
N THR I 278 42.36 26.03 49.04
CA THR I 278 43.69 25.99 49.65
C THR I 278 44.86 25.97 48.66
N THR I 279 44.62 26.32 47.40
CA THR I 279 45.65 26.10 46.39
C THR I 279 45.90 27.30 45.48
N SER I 280 47.10 27.30 44.93
CA SER I 280 47.46 28.02 43.70
C SER I 280 46.96 29.45 43.48
N VAL I 281 45.92 29.55 42.63
CA VAL I 281 45.85 30.50 41.47
C VAL I 281 47.15 30.35 40.62
N PRO I 282 47.14 29.46 39.60
CA PRO I 282 48.35 29.22 38.81
C PRO I 282 48.86 30.47 38.08
N ALA I 283 50.05 30.36 37.49
CA ALA I 283 50.74 31.50 36.89
C ALA I 283 50.36 31.71 35.43
N ARG I 284 50.31 32.97 35.01
CA ARG I 284 49.97 33.31 33.63
C ARG I 284 51.03 32.75 32.68
N ILE I 285 50.58 32.33 31.49
CA ILE I 285 51.47 31.95 30.39
C ILE I 285 51.07 32.82 29.19
N PRO I 286 51.96 33.72 28.74
CA PRO I 286 51.51 34.86 27.91
C PRO I 286 50.93 34.56 26.51
N GLU I 287 51.18 33.38 25.93
CA GLU I 287 50.47 32.91 24.71
C GLU I 287 51.17 33.21 23.38
N ASN I 288 50.71 32.51 22.34
CA ASN I 288 50.82 32.99 20.97
C ASN I 288 49.55 32.73 20.20
N PRO I 295 44.35 29.40 12.70
CA PRO I 295 44.66 27.97 12.69
C PRO I 295 43.93 27.20 13.80
N SER I 296 44.33 27.41 15.06
CA SER I 296 43.47 27.00 16.18
C SER I 296 42.34 28.02 16.25
N ALA I 297 42.58 29.21 15.67
CA ALA I 297 41.60 30.30 15.65
C ALA I 297 40.34 30.05 14.79
N VAL I 298 40.46 29.26 13.72
CA VAL I 298 39.32 29.03 12.80
C VAL I 298 38.24 28.15 13.43
N ALA I 299 36.97 28.49 13.20
CA ALA I 299 35.86 27.77 13.81
C ALA I 299 35.00 27.11 12.72
N LEU I 300 34.76 25.80 12.84
CA LEU I 300 33.77 25.10 11.99
C LEU I 300 33.08 23.91 12.71
N LYS I 301 31.95 23.47 12.15
CA LYS I 301 31.21 22.31 12.66
C LYS I 301 32.07 21.04 12.67
N GLU I 302 32.36 20.58 13.89
CA GLU I 302 33.16 19.38 14.13
C GLU I 302 32.75 18.76 15.49
N PRO I 303 32.98 17.44 15.67
CA PRO I 303 32.74 16.77 16.97
C PRO I 303 33.44 17.46 18.15
N TRP I 304 33.00 17.14 19.36
CA TRP I 304 33.53 17.74 20.60
C TRP I 304 35.02 17.42 20.82
N GLN I 305 35.40 16.14 20.64
CA GLN I 305 36.80 15.72 20.86
C GLN I 305 37.78 16.28 19.80
N GLU I 306 37.28 16.46 18.58
CA GLU I 306 38.07 17.11 17.55
C GLU I 306 38.26 18.62 17.85
N LYS I 307 37.25 19.23 18.48
CA LYS I 307 37.33 20.63 18.90
C LYS I 307 38.20 20.81 20.15
N VAL I 308 38.19 19.83 21.06
CA VAL I 308 39.14 19.86 22.21
C VAL I 308 40.59 19.81 21.70
N ARG I 309 40.87 18.89 20.78
CA ARG I 309 42.19 18.77 20.14
C ARG I 309 42.69 20.13 19.62
N ARG I 310 41.91 20.73 18.73
CA ARG I 310 42.24 22.01 18.08
C ARG I 310 42.53 23.13 19.08
N ILE I 311 41.67 23.28 20.07
CA ILE I 311 41.84 24.34 21.04
C ILE I 311 43.02 24.07 21.96
N ARG I 312 43.14 22.81 22.42
CA ARG I 312 44.24 22.37 23.29
C ARG I 312 45.57 22.63 22.60
N GLU I 313 45.71 22.10 21.39
CA GLU I 313 46.97 22.26 20.62
C GLU I 313 47.39 23.73 20.43
N GLY I 314 46.41 24.62 20.22
CA GLY I 314 46.67 26.06 20.13
C GLY I 314 46.95 26.75 21.46
N SER I 315 46.58 26.09 22.56
CA SER I 315 46.64 26.75 23.86
C SER I 315 48.01 26.69 24.54
N PRO I 316 48.43 27.82 25.16
CA PRO I 316 49.61 27.83 26.03
C PRO I 316 49.60 26.67 27.04
N TYR I 317 48.44 26.46 27.69
CA TYR I 317 48.31 25.52 28.79
C TYR I 317 47.96 24.09 28.35
N GLY I 318 47.74 23.89 27.04
CA GLY I 318 47.19 22.64 26.51
C GLY I 318 48.01 21.38 26.76
N HIS I 319 49.32 21.54 26.84
CA HIS I 319 50.24 20.44 27.17
C HIS I 319 49.99 19.76 28.55
N LEU I 320 49.53 20.50 29.56
CA LEU I 320 49.41 19.98 30.93
C LEU I 320 48.38 18.82 31.06
N PRO I 321 48.67 17.85 31.95
CA PRO I 321 47.70 16.80 32.26
C PRO I 321 46.57 17.35 33.13
N ASN I 322 46.87 18.46 33.78
CA ASN I 322 46.00 19.19 34.68
C ASN I 322 44.85 19.90 33.97
N TRP I 323 44.96 19.99 32.64
CA TRP I 323 44.13 20.85 31.80
C TRP I 323 42.85 20.17 31.35
N ARG I 324 41.73 20.89 31.46
CA ARG I 324 40.45 20.39 30.91
C ARG I 324 39.62 21.53 30.28
N LEU I 325 38.71 21.14 29.39
CA LEU I 325 37.85 22.11 28.68
C LEU I 325 36.38 22.03 29.08
N LEU I 326 35.79 23.18 29.41
CA LEU I 326 34.37 23.26 29.76
C LEU I 326 33.58 24.14 28.77
N SER I 327 32.24 24.14 28.92
CA SER I 327 31.34 24.91 28.07
C SER I 327 30.10 25.36 28.85
N VAL I 328 29.66 26.60 28.61
CA VAL I 328 28.42 27.12 29.17
C VAL I 328 27.71 28.02 28.18
N ILE I 329 26.39 27.97 28.24
CA ILE I 329 25.53 28.95 27.58
C ILE I 329 25.28 30.07 28.61
N VAL I 330 25.42 31.32 28.20
CA VAL I 330 25.19 32.45 29.10
C VAL I 330 23.90 33.15 28.74
N LYS I 331 22.94 33.15 29.66
CA LYS I 331 21.66 33.80 29.38
C LYS I 331 21.58 35.08 30.23
N CYS I 332 21.73 36.23 29.57
CA CYS I 332 21.88 37.50 30.29
C CYS I 332 20.53 38.09 30.73
N GLY I 333 19.49 37.83 29.95
CA GLY I 333 18.17 38.40 30.22
C GLY I 333 17.07 37.37 30.35
N ASP I 334 17.39 36.10 30.59
CA ASP I 334 16.36 35.05 30.75
C ASP I 334 16.33 34.46 32.19
N ASP I 335 15.14 34.32 32.76
CA ASP I 335 14.98 33.71 34.10
C ASP I 335 15.24 32.21 33.97
N LEU I 336 15.97 31.63 34.91
CA LEU I 336 16.32 30.20 34.85
C LEU I 336 15.79 29.38 36.01
N ARG I 337 14.85 29.92 36.77
CA ARG I 337 14.42 29.24 37.99
C ARG I 337 13.50 28.03 37.68
N GLN I 338 12.61 28.18 36.69
CA GLN I 338 11.80 27.06 36.16
C GLN I 338 12.76 25.98 35.64
N GLU I 339 13.78 26.47 34.95
CA GLU I 339 14.75 25.58 34.32
C GLU I 339 15.49 24.79 35.41
N LEU I 340 15.84 25.46 36.51
CA LEU I 340 16.45 24.82 37.67
C LEU I 340 15.50 23.82 38.31
N LEU I 341 14.25 24.22 38.50
CA LEU I 341 13.28 23.27 39.04
C LEU I 341 13.19 22.00 38.19
N ALA I 342 13.09 22.17 36.87
CA ALA I 342 12.99 21.03 35.95
C ALA I 342 14.20 20.08 36.10
N PHE I 343 15.37 20.69 36.27
CA PHE I 343 16.61 19.95 36.42
C PHE I 343 16.53 18.96 37.57
N GLN I 344 16.11 19.47 38.74
CA GLN I 344 15.95 18.63 39.93
C GLN I 344 14.97 17.47 39.69
N VAL I 345 13.85 17.76 39.06
CA VAL I 345 12.84 16.74 38.77
C VAL I 345 13.44 15.68 37.86
N LEU I 346 14.17 16.14 36.83
CA LEU I 346 14.81 15.20 35.89
C LEU I 346 15.82 14.32 36.61
N LYS I 347 16.58 14.97 37.49
CA LYS I 347 17.65 14.28 38.20
C LYS I 347 17.06 13.25 39.13
N GLN I 348 15.99 13.62 39.82
CA GLN I 348 15.29 12.67 40.69
C GLN I 348 14.72 11.52 39.89
N LEU I 349 13.99 11.82 38.81
CA LEU I 349 13.44 10.71 37.99
C LEU I 349 14.54 9.80 37.46
N GLN I 350 15.69 10.39 37.11
CA GLN I 350 16.85 9.61 36.65
C GLN I 350 17.31 8.60 37.72
N SER I 351 17.46 9.09 38.97
CA SER I 351 17.86 8.24 40.10
C SER I 351 16.79 7.20 40.40
N ILE I 352 15.52 7.60 40.38
CA ILE I 352 14.41 6.67 40.55
C ILE I 352 14.54 5.56 39.51
N TRP I 353 14.73 5.94 38.25
CA TRP I 353 14.83 4.91 37.20
C TRP I 353 16.12 4.05 37.27
N GLU I 354 17.21 4.62 37.78
CA GLU I 354 18.41 3.79 38.06
C GLU I 354 18.19 2.79 39.21
N GLN I 355 17.58 3.29 40.30
CA GLN I 355 17.32 2.51 41.51
C GLN I 355 16.39 1.32 41.26
N GLU I 356 15.18 1.57 40.76
CA GLU I 356 14.39 0.51 40.12
C GLU I 356 15.26 0.19 38.91
N ARG I 357 14.93 -0.80 38.12
CA ARG I 357 15.89 -1.14 37.07
C ARG I 357 15.27 -1.06 35.69
N VAL I 358 14.91 0.18 35.36
CA VAL I 358 14.31 0.53 34.09
C VAL I 358 15.33 1.33 33.28
N PRO I 359 15.78 0.80 32.14
CA PRO I 359 16.83 1.47 31.39
C PRO I 359 16.33 2.63 30.49
N LEU I 360 15.37 3.42 30.98
CA LEU I 360 15.04 4.69 30.31
C LEU I 360 16.26 5.60 30.34
N TRP I 361 16.30 6.57 29.44
CA TRP I 361 17.43 7.48 29.33
C TRP I 361 16.96 8.93 29.23
N ILE I 362 17.51 9.80 30.07
CA ILE I 362 17.30 11.24 29.95
C ILE I 362 18.57 11.98 30.34
N LYS I 363 18.61 13.27 30.03
CA LYS I 363 19.78 14.08 30.33
C LYS I 363 19.34 15.36 31.02
N PRO I 364 19.45 15.38 32.35
CA PRO I 364 19.43 16.64 33.08
C PRO I 364 20.65 17.45 32.70
N TYR I 365 20.44 18.73 32.42
CA TYR I 365 21.56 19.63 32.15
C TYR I 365 21.64 20.67 33.23
N LYS I 366 22.87 20.90 33.71
CA LYS I 366 23.13 21.75 34.88
C LYS I 366 22.69 23.19 34.65
N ILE I 367 22.22 23.80 35.73
CA ILE I 367 21.71 25.15 35.70
C ILE I 367 22.43 25.93 36.76
N LEU I 368 22.78 27.16 36.43
CA LEU I 368 23.22 28.09 37.45
C LEU I 368 22.38 29.35 37.39
N VAL I 369 21.56 29.56 38.42
CA VAL I 369 20.78 30.79 38.55
C VAL I 369 21.71 31.88 39.08
N ILE I 370 21.71 33.05 38.42
CA ILE I 370 22.55 34.16 38.84
C ILE I 370 21.74 35.36 39.36
N SER I 371 20.61 35.64 38.71
CA SER I 371 19.61 36.55 39.23
C SER I 371 18.23 36.03 38.80
N ALA I 372 17.18 36.73 39.20
CA ALA I 372 15.84 36.43 38.71
C ALA I 372 15.78 36.68 37.20
N ASP I 373 16.71 37.49 36.72
CA ASP I 373 16.83 37.85 35.30
C ASP I 373 17.75 36.94 34.50
N SER I 374 18.80 36.41 35.14
CA SER I 374 19.95 35.85 34.43
C SER I 374 20.55 34.56 35.03
N GLY I 375 21.21 33.78 34.17
CA GLY I 375 21.87 32.53 34.57
C GLY I 375 22.68 31.85 33.46
N MET I 376 23.14 30.62 33.76
CA MET I 376 23.87 29.79 32.80
C MET I 376 23.38 28.35 32.74
N ILE I 377 23.68 27.71 31.61
CA ILE I 377 23.30 26.32 31.34
C ILE I 377 24.51 25.57 30.79
N GLU I 378 24.79 24.36 31.31
CA GLU I 378 25.79 23.48 30.68
C GLU I 378 25.16 22.71 29.50
N PRO I 379 25.60 23.00 28.26
CA PRO I 379 24.92 22.42 27.10
C PRO I 379 25.34 20.97 26.89
N VAL I 380 24.50 20.17 26.22
CA VAL I 380 24.93 18.85 25.80
C VAL I 380 25.74 19.02 24.52
N VAL I 381 26.93 18.44 24.50
CA VAL I 381 27.82 18.47 23.32
C VAL I 381 27.54 17.30 22.36
N ASN I 382 27.99 17.44 21.11
CA ASN I 382 27.71 16.48 20.04
C ASN I 382 26.22 16.23 19.90
N ALA I 383 25.50 17.34 19.85
CA ALA I 383 24.06 17.32 19.76
C ALA I 383 23.60 18.58 19.07
N VAL I 384 22.61 18.43 18.20
CA VAL I 384 22.03 19.57 17.51
C VAL I 384 20.53 19.35 17.34
N SER I 385 19.82 20.46 17.14
CA SER I 385 18.37 20.44 17.11
C SER I 385 17.87 19.55 15.96
N ILE I 386 16.75 18.86 16.20
CA ILE I 386 16.10 18.06 15.14
C ILE I 386 15.84 18.92 13.90
N HIS I 387 15.32 20.12 14.14
CA HIS I 387 14.91 21.02 13.06
C HIS I 387 16.06 21.36 12.12
N GLN I 388 17.21 21.70 12.69
CA GLN I 388 18.35 22.11 11.88
C GLN I 388 19.04 20.86 11.28
N VAL I 389 18.99 19.72 11.99
CA VAL I 389 19.43 18.43 11.40
C VAL I 389 18.72 18.14 10.08
N LYS I 390 17.45 18.54 9.99
CA LYS I 390 16.68 18.36 8.77
C LYS I 390 16.88 19.47 7.74
N LYS I 391 17.35 20.64 8.18
CA LYS I 391 17.62 21.73 7.25
C LYS I 391 19.04 21.68 6.66
N GLN I 392 20.02 21.21 7.42
CA GLN I 392 21.36 21.06 6.86
C GLN I 392 21.52 19.74 6.08
N SER I 393 20.94 18.64 6.57
CA SER I 393 20.94 17.38 5.83
C SER I 393 19.99 17.36 4.59
N GLN I 394 18.84 18.02 4.70
CA GLN I 394 17.74 17.89 3.72
C GLN I 394 17.16 16.48 3.67
N LEU I 395 17.42 15.68 4.69
CA LEU I 395 16.98 14.28 4.71
C LEU I 395 15.79 14.08 5.65
N SER I 396 15.17 12.88 5.56
CA SER I 396 14.23 12.41 6.57
C SER I 396 15.03 11.84 7.75
N LEU I 397 14.46 11.95 8.95
CA LEU I 397 15.13 11.59 10.19
C LEU I 397 15.82 10.22 10.13
N LEU I 398 15.04 9.25 9.63
CA LEU I 398 15.54 7.92 9.41
C LEU I 398 16.71 7.88 8.42
N ASP I 399 16.53 8.57 7.29
CA ASP I 399 17.59 8.65 6.28
C ASP I 399 18.88 9.21 6.91
N TYR I 400 18.73 10.24 7.77
CA TYR I 400 19.87 10.78 8.53
C TYR I 400 20.50 9.73 9.48
N PHE I 401 19.64 9.02 10.22
CA PHE I 401 20.12 7.87 11.03
C PHE I 401 20.98 6.89 10.20
N LEU I 402 20.41 6.50 9.07
CA LEU I 402 21.05 5.55 8.17
C LEU I 402 22.37 6.08 7.61
N GLN I 403 22.38 7.35 7.21
CA GLN I 403 23.64 7.98 6.76
C GLN I 403 24.68 7.99 7.87
N GLU I 404 24.27 8.45 9.06
CA GLU I 404 25.26 8.72 10.13
C GLU I 404 25.68 7.51 10.97
N HIS I 405 24.88 6.44 10.97
CA HIS I 405 25.23 5.24 11.75
C HIS I 405 25.47 3.99 10.89
N GLY I 406 24.65 3.81 9.86
CA GLY I 406 24.80 2.70 8.91
C GLY I 406 23.44 2.09 8.61
N SER I 407 23.42 0.99 7.86
CA SER I 407 22.18 0.29 7.56
C SER I 407 21.60 -0.30 8.85
N TYR I 408 20.29 -0.48 8.89
CA TYR I 408 19.67 -1.04 10.10
C TYR I 408 20.10 -2.47 10.45
N THR I 409 20.93 -3.11 9.63
CA THR I 409 21.52 -4.39 10.02
C THR I 409 22.87 -4.22 10.71
N THR I 410 23.35 -2.98 10.87
CA THR I 410 24.64 -2.75 11.58
C THR I 410 24.46 -2.53 13.08
N GLU I 411 25.51 -2.78 13.85
CA GLU I 411 25.48 -2.58 15.31
C GLU I 411 25.16 -1.13 15.65
N ALA I 412 25.98 -0.24 15.09
CA ALA I 412 25.91 1.21 15.32
C ALA I 412 24.48 1.72 15.19
N PHE I 413 23.73 1.17 14.23
CA PHE I 413 22.36 1.59 14.02
C PHE I 413 21.47 1.01 15.12
N LEU I 414 21.60 -0.30 15.40
CA LEU I 414 20.68 -0.96 16.34
C LEU I 414 20.85 -0.36 17.73
N SER I 415 22.10 -0.06 18.08
CA SER I 415 22.40 0.64 19.32
C SER I 415 21.80 2.06 19.36
N ALA I 416 21.93 2.82 18.26
CA ALA I 416 21.34 4.18 18.17
C ALA I 416 19.81 4.17 18.25
N GLN I 417 19.20 3.16 17.60
CA GLN I 417 17.75 2.96 17.64
C GLN I 417 17.29 2.74 19.07
N ARG I 418 18.00 1.86 19.76
CA ARG I 418 17.71 1.58 21.17
C ARG I 418 17.80 2.84 22.02
N ASN I 419 18.88 3.61 21.86
CA ASN I 419 19.04 4.90 22.55
C ASN I 419 17.90 5.89 22.21
N PHE I 420 17.50 5.90 20.94
CA PHE I 420 16.34 6.68 20.50
C PHE I 420 15.10 6.25 21.30
N VAL I 421 14.80 4.95 21.27
CA VAL I 421 13.61 4.43 21.91
C VAL I 421 13.61 4.69 23.41
N GLN I 422 14.75 4.44 24.04
CA GLN I 422 14.89 4.64 25.48
C GLN I 422 14.86 6.14 25.86
N SER I 423 15.44 7.01 25.04
CA SER I 423 15.37 8.46 25.34
C SER I 423 13.96 9.04 25.07
N CYS I 424 13.25 8.49 24.08
CA CYS I 424 11.86 8.91 23.79
C CYS I 424 10.88 8.57 24.91
N ALA I 425 10.94 7.33 25.39
CA ALA I 425 10.06 6.85 26.46
C ALA I 425 10.27 7.70 27.70
N GLY I 426 11.55 7.87 28.07
CA GLY I 426 11.92 8.76 29.16
C GLY I 426 11.25 10.12 29.02
N TYR I 427 11.52 10.80 27.92
CA TYR I 427 11.07 12.19 27.76
C TYR I 427 9.54 12.33 27.60
N CYS I 428 8.89 11.30 27.03
CA CYS I 428 7.42 11.27 27.00
C CYS I 428 6.86 11.40 28.42
N LEU I 429 7.40 10.55 29.31
CA LEU I 429 6.96 10.48 30.71
C LEU I 429 7.16 11.83 31.39
N VAL I 430 8.34 12.40 31.19
CA VAL I 430 8.65 13.71 31.73
C VAL I 430 7.66 14.76 31.23
N CYS I 431 7.41 14.75 29.91
CA CYS I 431 6.47 15.72 29.32
C CYS I 431 5.06 15.59 29.87
N TYR I 432 4.59 14.35 29.97
CA TYR I 432 3.28 14.10 30.57
C TYR I 432 3.25 14.55 32.04
N LEU I 433 4.15 14.00 32.86
CA LEU I 433 4.15 14.33 34.30
C LEU I 433 4.31 15.83 34.57
N LEU I 434 5.24 16.49 33.87
CA LEU I 434 5.41 17.93 34.08
C LEU I 434 4.47 18.81 33.23
N GLN I 435 3.64 18.18 32.40
CA GLN I 435 2.80 18.92 31.45
C GLN I 435 3.67 19.93 30.72
N VAL I 436 4.69 19.41 30.03
CA VAL I 436 5.62 20.27 29.29
C VAL I 436 4.92 20.70 28.01
N LYS I 437 4.92 22.02 27.73
CA LYS I 437 4.26 22.51 26.50
C LYS I 437 5.27 23.13 25.51
N ASP I 438 4.78 23.76 24.44
CA ASP I 438 5.63 24.40 23.44
C ASP I 438 6.64 23.38 22.87
N ARG I 439 6.14 22.20 22.51
CA ARG I 439 7.02 21.12 22.01
C ARG I 439 7.12 21.13 20.49
N HIS I 440 8.31 21.44 20.00
CA HIS I 440 8.62 21.40 18.57
C HIS I 440 10.11 21.07 18.37
N ASN I 441 10.50 20.86 17.11
CA ASN I 441 11.83 20.34 16.79
C ASN I 441 13.00 21.33 17.04
N GLY I 442 12.69 22.61 17.21
CA GLY I 442 13.63 23.59 17.79
C GLY I 442 13.98 23.34 19.24
N ASN I 443 13.11 22.62 19.96
CA ASN I 443 13.31 22.30 21.40
C ASN I 443 13.78 20.85 21.70
N ILE I 444 14.05 20.08 20.65
CA ILE I 444 14.51 18.69 20.81
C ILE I 444 15.85 18.50 20.11
N LEU I 445 16.84 18.08 20.90
CA LEU I 445 18.19 17.87 20.42
C LEU I 445 18.38 16.39 20.10
N LEU I 446 19.26 16.11 19.13
CA LEU I 446 19.69 14.74 18.87
C LEU I 446 21.19 14.62 19.09
N ASP I 447 21.62 13.69 19.94
CA ASP I 447 23.07 13.51 20.21
C ASP I 447 23.71 12.49 19.26
N ALA I 448 25.05 12.42 19.30
CA ALA I 448 25.85 11.55 18.42
C ALA I 448 25.56 10.05 18.49
N GLU I 449 24.97 9.62 19.60
CA GLU I 449 24.69 8.20 19.81
C GLU I 449 23.21 7.84 19.57
N GLY I 450 22.37 8.85 19.29
CA GLY I 450 20.95 8.60 18.96
C GLY I 450 19.93 8.95 20.05
N HIS I 451 20.41 9.40 21.21
CA HIS I 451 19.50 9.91 22.24
C HIS I 451 18.95 11.24 21.77
N ILE I 452 17.68 11.48 22.07
CA ILE I 452 17.10 12.81 21.96
C ILE I 452 17.15 13.46 23.32
N ILE I 453 17.08 14.79 23.31
CA ILE I 453 17.07 15.58 24.54
C ILE I 453 16.13 16.79 24.42
N HIS I 454 15.07 16.85 25.21
CA HIS I 454 14.17 18.03 25.20
C HIS I 454 14.82 19.19 25.97
N ILE I 455 14.53 20.45 25.61
CA ILE I 455 15.23 21.57 26.30
C ILE I 455 14.51 22.84 26.81
N ASP I 456 13.50 23.38 26.14
CA ASP I 456 13.00 24.70 26.59
C ASP I 456 11.84 24.57 27.61
N PHE I 457 12.16 24.58 28.90
CA PHE I 457 11.14 24.33 29.96
C PHE I 457 10.50 25.61 30.51
N GLY I 458 10.37 26.64 29.67
CA GLY I 458 9.30 27.61 29.85
C GLY I 458 8.04 26.82 29.53
N PHE I 459 6.90 27.23 30.06
CA PHE I 459 5.60 26.56 29.76
C PHE I 459 5.54 25.10 30.28
N ILE I 460 5.43 24.99 31.59
CA ILE I 460 5.26 23.71 32.27
C ILE I 460 4.20 23.82 33.36
N LEU I 461 3.62 22.68 33.73
CA LEU I 461 2.63 22.64 34.79
C LEU I 461 1.45 23.59 34.49
N SER I 462 1.15 24.48 35.44
CA SER I 462 -0.04 25.33 35.38
C SER I 462 0.07 26.45 34.35
N SER I 463 1.28 26.68 33.82
CA SER I 463 1.54 27.77 32.87
C SER I 463 0.69 27.76 31.60
N SER I 464 0.13 28.95 31.32
CA SER I 464 -0.67 29.25 30.13
C SER I 464 -0.14 30.50 29.41
N SER I 473 2.50 23.45 22.05
CA SER I 473 1.69 22.22 22.17
C SER I 473 2.41 21.12 22.97
N ALA I 474 1.66 20.08 23.32
CA ALA I 474 2.16 18.98 24.16
C ALA I 474 3.04 18.01 23.39
N PHE I 475 3.66 17.07 24.11
CA PHE I 475 4.54 16.05 23.51
C PHE I 475 3.84 15.29 22.41
N LYS I 476 4.51 15.19 21.26
CA LYS I 476 3.97 14.58 20.04
C LYS I 476 4.83 13.40 19.58
N LEU I 477 4.19 12.39 18.99
CA LEU I 477 4.90 11.27 18.37
C LEU I 477 4.56 11.26 16.88
N THR I 478 5.36 11.97 16.10
CA THR I 478 5.13 12.04 14.65
C THR I 478 5.47 10.70 13.99
N THR I 479 4.89 10.42 12.82
CA THR I 479 5.17 9.17 12.12
C THR I 479 6.65 9.08 11.67
N GLU I 480 7.30 10.24 11.48
CA GLU I 480 8.76 10.28 11.24
C GLU I 480 9.54 9.66 12.42
N PHE I 481 9.06 9.89 13.65
CA PHE I 481 9.66 9.26 14.86
C PHE I 481 9.34 7.77 14.92
N VAL I 482 8.10 7.42 14.58
CA VAL I 482 7.63 6.04 14.60
C VAL I 482 8.36 5.21 13.55
N ASP I 483 8.78 5.88 12.47
CA ASP I 483 9.55 5.25 11.41
C ASP I 483 10.95 4.84 11.88
N VAL I 484 11.64 5.77 12.55
CA VAL I 484 12.95 5.48 13.17
C VAL I 484 12.86 4.31 14.17
N MET I 485 11.70 4.19 14.83
CA MET I 485 11.45 3.05 15.75
C MET I 485 11.13 1.72 15.03
N GLY I 486 11.02 1.77 13.70
CA GLY I 486 10.73 0.58 12.91
C GLY I 486 9.26 0.34 12.67
N GLY I 487 8.40 1.29 13.06
CA GLY I 487 6.97 1.21 12.80
C GLY I 487 6.14 0.61 13.92
N LEU I 488 4.82 0.76 13.76
CA LEU I 488 3.81 0.40 14.77
C LEU I 488 3.88 -1.10 15.18
N ASP I 489 4.20 -1.98 14.23
CA ASP I 489 4.35 -3.43 14.51
C ASP I 489 5.78 -3.82 14.87
N GLY I 490 6.67 -2.83 14.96
CA GLY I 490 8.06 -3.11 15.36
C GLY I 490 8.18 -3.65 16.79
N ASP I 491 9.20 -4.47 17.05
CA ASP I 491 9.50 -5.00 18.40
C ASP I 491 9.92 -3.88 19.34
N MET I 492 10.78 -3.04 18.79
CA MET I 492 11.33 -1.90 19.51
C MET I 492 10.21 -0.91 19.87
N PHE I 493 9.17 -0.79 19.04
CA PHE I 493 8.03 0.10 19.35
C PHE I 493 7.17 -0.49 20.47
N ASN I 494 6.84 -1.77 20.37
CA ASN I 494 6.19 -2.48 21.49
C ASN I 494 6.98 -2.30 22.77
N TYR I 495 8.31 -2.40 22.63
CA TYR I 495 9.21 -2.24 23.76
C TYR I 495 9.16 -0.80 24.32
N TYR I 496 9.08 0.21 23.43
CA TYR I 496 8.85 1.63 23.86
C TYR I 496 7.67 1.79 24.81
N LYS I 497 6.56 1.11 24.48
CA LYS I 497 5.39 1.14 25.34
C LYS I 497 5.66 0.39 26.63
N MET I 498 6.48 -0.68 26.52
CA MET I 498 6.80 -1.53 27.67
C MET I 498 7.60 -0.71 28.69
N LEU I 499 8.50 0.11 28.15
CA LEU I 499 9.36 0.97 28.95
C LEU I 499 8.55 2.05 29.65
N MET I 500 7.58 2.63 28.91
CA MET I 500 6.72 3.68 29.44
C MET I 500 5.95 3.19 30.67
N LEU I 501 5.31 2.04 30.54
CA LEU I 501 4.63 1.37 31.65
C LEU I 501 5.57 1.12 32.84
N GLN I 502 6.68 0.45 32.56
CA GLN I 502 7.68 0.14 33.60
C GLN I 502 8.15 1.38 34.35
N GLY I 503 8.46 2.46 33.62
CA GLY I 503 8.94 3.72 34.22
C GLY I 503 7.87 4.47 35.02
N LEU I 504 6.62 4.26 34.63
CA LEU I 504 5.48 4.84 35.34
C LEU I 504 5.28 4.06 36.65
N ILE I 505 5.28 2.73 36.53
CA ILE I 505 5.20 1.85 37.72
C ILE I 505 6.28 2.24 38.73
N ALA I 506 7.49 2.51 38.24
CA ALA I 506 8.61 2.93 39.08
C ALA I 506 8.34 4.29 39.74
N ALA I 507 7.87 5.25 38.95
CA ALA I 507 7.59 6.62 39.44
C ALA I 507 6.59 6.64 40.62
N ARG I 508 5.49 5.92 40.41
CA ARG I 508 4.45 5.81 41.43
C ARG I 508 5.00 5.37 42.80
N LYS I 509 5.96 4.45 42.78
CA LYS I 509 6.56 3.93 44.01
C LYS I 509 7.44 4.97 44.72
N HIS I 510 7.76 6.08 44.06
CA HIS I 510 8.65 7.07 44.65
C HIS I 510 8.08 8.47 44.49
N MET I 511 6.77 8.53 44.21
CA MET I 511 6.04 9.77 44.05
C MET I 511 6.39 10.90 45.02
N ASP I 512 6.52 10.59 46.31
CA ASP I 512 6.76 11.62 47.36
C ASP I 512 8.00 12.48 47.11
N LYS I 513 9.08 11.79 46.71
CA LYS I 513 10.37 12.45 46.42
C LYS I 513 10.24 13.45 45.29
N VAL I 514 9.39 13.16 44.33
CA VAL I 514 9.20 14.06 43.20
C VAL I 514 8.39 15.25 43.68
N VAL I 515 7.21 14.96 44.24
CA VAL I 515 6.25 16.00 44.66
C VAL I 515 6.90 16.95 45.64
N GLN I 516 7.67 16.38 46.57
CA GLN I 516 8.40 17.18 47.56
C GLN I 516 9.14 18.34 46.88
N ILE I 517 9.89 18.03 45.83
CA ILE I 517 10.73 19.02 45.13
C ILE I 517 9.91 20.22 44.63
N VAL I 518 8.77 19.92 44.02
CA VAL I 518 7.95 20.96 43.39
C VAL I 518 7.20 21.71 44.46
N GLU I 519 6.65 20.96 45.40
CA GLU I 519 5.76 21.52 46.41
C GLU I 519 6.47 22.57 47.28
N ILE I 520 7.73 22.31 47.63
CA ILE I 520 8.53 23.25 48.44
C ILE I 520 8.91 24.49 47.63
N MET I 521 9.23 24.33 46.35
CA MET I 521 9.55 25.46 45.48
C MET I 521 8.40 26.43 45.24
N GLN I 522 7.16 25.92 45.31
CA GLN I 522 5.95 26.73 45.07
C GLN I 522 5.76 27.83 46.12
N GLN I 523 6.37 27.63 47.29
CA GLN I 523 6.13 28.44 48.51
C GLN I 523 5.88 29.94 48.37
N GLY I 524 6.89 30.71 47.99
CA GLY I 524 6.71 32.16 47.84
C GLY I 524 6.99 32.52 46.41
N SER I 525 6.57 31.61 45.53
CA SER I 525 6.92 31.72 44.15
C SER I 525 5.85 32.49 43.38
N GLN I 526 6.29 33.33 42.46
CA GLN I 526 5.39 34.08 41.60
C GLN I 526 5.52 33.59 40.14
N LEU I 527 6.19 32.44 39.98
CA LEU I 527 6.52 31.91 38.68
C LEU I 527 5.27 31.43 37.93
N PRO I 528 5.22 31.71 36.62
CA PRO I 528 4.11 31.29 35.74
C PRO I 528 3.67 29.82 35.89
N CYS I 529 4.60 28.92 36.17
CA CYS I 529 4.26 27.49 36.32
C CYS I 529 3.39 27.22 37.57
N PHE I 530 3.37 28.16 38.52
CA PHE I 530 2.51 28.00 39.69
C PHE I 530 1.28 28.91 39.64
N HIS I 531 0.92 29.39 38.46
CA HIS I 531 -0.20 30.33 38.35
C HIS I 531 -1.52 29.77 38.90
N GLY I 532 -1.70 28.46 38.81
CA GLY I 532 -2.92 27.82 39.31
C GLY I 532 -3.04 27.78 40.84
N SER I 533 -4.21 27.39 41.32
CA SER I 533 -4.41 27.05 42.73
C SER I 533 -4.24 25.54 42.97
N SER I 534 -4.23 24.75 41.89
CA SER I 534 -4.27 23.27 41.99
C SER I 534 -3.12 22.57 41.27
N THR I 535 -1.97 23.23 41.25
CA THR I 535 -0.77 22.74 40.60
C THR I 535 -0.34 21.38 41.16
N ILE I 536 -0.18 21.32 42.48
CA ILE I 536 0.24 20.10 43.16
C ILE I 536 -0.85 19.01 43.12
N ARG I 537 -2.11 19.40 43.29
CA ARG I 537 -3.23 18.46 43.21
C ARG I 537 -3.31 17.80 41.84
N ASN I 538 -3.15 18.62 40.81
CA ASN I 538 -3.16 18.09 39.45
C ASN I 538 -1.94 17.16 39.22
N LEU I 539 -0.79 17.57 39.72
CA LEU I 539 0.42 16.74 39.62
C LEU I 539 0.22 15.35 40.23
N LYS I 540 -0.41 15.29 41.41
CA LYS I 540 -0.63 14.00 42.10
C LYS I 540 -1.58 13.09 41.35
N GLU I 541 -2.65 13.69 40.82
CA GLU I 541 -3.64 12.93 40.05
C GLU I 541 -2.94 12.22 38.88
N ARG I 542 -1.93 12.90 38.30
CA ARG I 542 -1.18 12.39 37.14
C ARG I 542 -0.33 11.16 37.45
N PHE I 543 -0.09 10.87 38.73
CA PHE I 543 0.52 9.60 39.10
C PHE I 543 -0.50 8.46 39.14
N HIS I 544 -1.79 8.80 39.22
CA HIS I 544 -2.85 7.77 39.25
C HIS I 544 -2.62 6.65 40.28
N MET I 545 -2.41 7.07 41.52
CA MET I 545 -2.01 6.15 42.60
C MET I 545 -3.01 5.03 42.91
N SER I 546 -4.28 5.27 42.58
CA SER I 546 -5.31 4.26 42.73
C SER I 546 -5.19 3.10 41.72
N MET I 547 -4.54 3.32 40.57
CA MET I 547 -4.63 2.33 39.46
C MET I 547 -3.94 0.96 39.70
N THR I 548 -4.52 -0.09 39.14
CA THR I 548 -3.82 -1.37 38.95
C THR I 548 -3.01 -1.30 37.63
N GLU I 549 -2.02 -2.19 37.46
CA GLU I 549 -1.12 -2.19 36.28
C GLU I 549 -1.90 -2.22 34.95
N GLU I 550 -2.90 -3.10 34.88
CA GLU I 550 -3.75 -3.23 33.70
C GLU I 550 -4.36 -1.88 33.36
N GLN I 551 -4.70 -1.09 34.39
CA GLN I 551 -5.26 0.25 34.18
C GLN I 551 -4.21 1.21 33.60
N LEU I 552 -2.96 1.00 34.03
CA LEU I 552 -1.86 1.87 33.62
C LEU I 552 -1.50 1.56 32.17
N GLN I 553 -1.54 0.29 31.82
CA GLN I 553 -1.35 -0.15 30.44
C GLN I 553 -2.29 0.58 29.50
N LEU I 554 -3.55 0.69 29.92
CA LEU I 554 -4.56 1.39 29.13
C LEU I 554 -4.28 2.89 29.05
N LEU I 555 -3.85 3.46 30.17
CA LEU I 555 -3.47 4.87 30.21
C LEU I 555 -2.29 5.16 29.27
N VAL I 556 -1.30 4.26 29.25
CA VAL I 556 -0.13 4.38 28.34
C VAL I 556 -0.61 4.36 26.88
N GLU I 557 -1.50 3.43 26.55
CA GLU I 557 -2.09 3.33 25.21
C GLU I 557 -2.79 4.64 24.86
N GLN I 558 -3.68 5.10 25.76
CA GLN I 558 -4.36 6.41 25.52
C GLN I 558 -3.38 7.53 25.28
N MET I 559 -2.39 7.59 26.16
CA MET I 559 -1.31 8.56 26.03
C MET I 559 -0.64 8.50 24.67
N VAL I 560 -0.24 7.29 24.24
CA VAL I 560 0.46 7.10 22.96
C VAL I 560 -0.45 7.51 21.81
N ASP I 561 -1.65 6.95 21.79
CA ASP I 561 -2.60 7.24 20.73
C ASP I 561 -2.90 8.75 20.68
N GLY I 562 -2.96 9.39 21.85
CA GLY I 562 -3.05 10.85 21.95
C GLY I 562 -1.87 11.56 21.33
N SER I 563 -0.67 11.00 21.50
CA SER I 563 0.54 11.64 21.00
C SER I 563 0.64 11.63 19.47
N MET I 564 -0.12 10.75 18.82
CA MET I 564 -0.07 10.59 17.36
C MET I 564 -1.13 11.41 16.60
N ARG I 565 -2.30 11.63 17.20
CA ARG I 565 -3.38 12.38 16.55
C ARG I 565 -2.95 13.78 16.08
N SER I 566 -2.09 14.43 16.87
CA SER I 566 -1.65 15.83 16.68
C SER I 566 -2.51 16.79 17.50
N ASP J 9 6.99 2.40 100.29
CA ASP J 9 6.77 2.53 101.76
C ASP J 9 7.23 3.93 102.30
N GLU J 10 8.15 3.90 103.27
CA GLU J 10 8.46 5.03 104.16
C GLU J 10 9.65 5.84 103.64
N TYR J 11 9.52 7.15 103.66
CA TYR J 11 10.66 8.04 103.42
C TYR J 11 11.05 8.73 104.72
N ASP J 12 12.29 9.22 104.78
CA ASP J 12 12.77 10.05 105.89
C ASP J 12 12.53 11.51 105.60
N TYR J 13 12.44 11.83 104.32
CA TYR J 13 12.24 13.22 103.90
C TYR J 13 11.42 13.36 102.63
N LEU J 14 10.70 14.49 102.57
CA LEU J 14 9.89 14.88 101.43
C LEU J 14 10.34 16.27 100.95
N PHE J 15 11.07 16.32 99.82
CA PHE J 15 11.59 17.62 99.35
C PHE J 15 10.76 18.17 98.21
N LYS J 16 10.24 19.39 98.36
CA LYS J 16 9.48 20.09 97.31
C LYS J 16 10.40 20.89 96.39
N VAL J 17 10.44 20.51 95.11
CA VAL J 17 11.30 21.18 94.14
C VAL J 17 10.50 21.66 92.95
N VAL J 18 10.85 22.87 92.48
CA VAL J 18 10.14 23.45 91.32
C VAL J 18 11.06 23.51 90.13
N LEU J 19 10.47 23.35 88.94
CA LEU J 19 11.21 23.57 87.71
C LEU J 19 10.75 24.85 87.10
N ILE J 20 11.69 25.76 86.85
CA ILE J 20 11.33 27.01 86.21
C ILE J 20 12.26 27.33 85.01
N GLY J 21 11.77 28.23 84.15
CA GLY J 21 12.52 28.74 83.00
C GLY J 21 11.60 29.24 81.92
N ASP J 22 12.19 29.79 80.86
CA ASP J 22 11.45 30.22 79.68
C ASP J 22 10.69 29.04 79.08
N SER J 23 9.59 29.35 78.41
CA SER J 23 8.77 28.32 77.77
C SER J 23 9.53 27.67 76.60
N GLY J 24 9.53 26.33 76.55
CA GLY J 24 10.17 25.57 75.46
C GLY J 24 11.55 24.99 75.75
N VAL J 25 12.12 25.31 76.91
CA VAL J 25 13.50 24.89 77.22
C VAL J 25 13.64 23.40 77.55
N GLY J 26 12.53 22.73 77.89
CA GLY J 26 12.53 21.25 78.09
C GLY J 26 12.16 20.73 79.48
N LYS J 27 11.55 21.58 80.30
CA LYS J 27 11.22 21.26 81.69
C LYS J 27 10.39 19.98 81.79
N SER J 28 9.33 19.89 81.00
CA SER J 28 8.40 18.75 81.07
C SER J 28 9.10 17.44 80.67
N ASN J 29 10.05 17.56 79.75
CA ASN J 29 10.83 16.39 79.32
C ASN J 29 11.98 16.02 80.27
N LEU J 30 12.60 17.00 80.91
CA LEU J 30 13.51 16.70 81.99
C LEU J 30 12.78 15.86 83.03
N LEU J 31 11.58 16.32 83.38
CA LEU J 31 10.75 15.63 84.35
C LEU J 31 10.27 14.26 83.89
N SER J 32 9.83 14.17 82.64
CA SER J 32 9.38 12.87 82.10
C SER J 32 10.56 11.86 81.97
N ARG J 33 11.74 12.41 81.65
CA ARG J 33 12.96 11.60 81.57
C ARG J 33 13.29 11.10 82.97
N PHE J 34 13.38 12.03 83.91
CA PHE J 34 13.78 11.70 85.28
C PHE J 34 12.80 10.79 85.98
N THR J 35 11.50 10.99 85.78
CA THR J 35 10.54 10.19 86.55
C THR J 35 10.03 8.89 85.88
N ARG J 36 9.93 8.83 84.56
CA ARG J 36 9.54 7.57 83.95
C ARG J 36 10.45 7.17 82.77
N ASN J 37 11.60 7.84 82.69
CA ASN J 37 12.53 7.60 81.61
C ASN J 37 11.88 7.63 80.22
N GLU J 38 11.19 8.72 79.93
CA GLU J 38 10.54 8.94 78.63
C GLU J 38 10.84 10.33 78.10
N PHE J 39 10.86 10.47 76.78
CA PHE J 39 11.10 11.76 76.11
C PHE J 39 10.25 11.88 74.88
N ASN J 40 9.98 13.12 74.47
CA ASN J 40 9.27 13.34 73.24
C ASN J 40 9.58 14.67 72.57
N LEU J 41 9.75 14.60 71.26
CA LEU J 41 9.91 15.78 70.43
C LEU J 41 8.63 16.61 70.33
N GLU J 42 7.49 15.94 70.18
CA GLU J 42 6.18 16.61 70.19
C GLU J 42 5.85 16.97 71.63
N SER J 43 5.30 18.16 71.84
CA SER J 43 5.30 18.79 73.15
C SER J 43 3.99 19.43 73.45
N LYS J 44 3.61 19.39 74.71
CA LYS J 44 2.27 19.76 75.10
C LYS J 44 2.45 20.82 76.15
N SER J 45 1.99 22.05 75.86
CA SER J 45 2.27 23.19 76.73
C SER J 45 1.83 22.85 78.15
N THR J 46 2.67 23.24 79.09
CA THR J 46 2.39 22.99 80.48
C THR J 46 1.44 24.08 80.93
N ILE J 47 0.26 23.66 81.38
CA ILE J 47 -0.77 24.61 81.78
C ILE J 47 -0.81 24.77 83.28
N GLY J 48 -0.28 25.90 83.76
CA GLY J 48 -0.28 26.20 85.20
C GLY J 48 0.79 25.38 85.90
N VAL J 49 0.46 24.15 86.29
CA VAL J 49 1.38 23.29 87.04
C VAL J 49 1.12 21.82 86.77
N GLU J 50 2.23 21.07 86.74
CA GLU J 50 2.11 19.61 86.65
C GLU J 50 2.94 18.96 87.78
N PHE J 51 2.43 17.85 88.27
CA PHE J 51 3.02 17.18 89.41
C PHE J 51 3.60 15.79 89.13
N ALA J 52 4.83 15.54 89.60
CA ALA J 52 5.47 14.21 89.47
C ALA J 52 6.46 13.94 90.60
N THR J 53 6.68 12.65 90.87
CA THR J 53 7.42 12.21 92.06
C THR J 53 8.36 11.03 91.85
N ARG J 54 9.46 11.02 92.59
CA ARG J 54 10.42 9.93 92.58
C ARG J 54 11.29 9.96 93.84
N SER J 55 11.71 8.77 94.26
CA SER J 55 12.48 8.60 95.49
C SER J 55 13.95 8.29 95.20
N ILE J 56 14.88 8.85 96.00
CA ILE J 56 16.31 8.39 95.93
C ILE J 56 16.92 8.21 97.31
N GLN J 57 18.12 7.62 97.39
CA GLN J 57 18.87 7.63 98.67
C GLN J 57 20.12 8.46 98.58
N VAL J 58 20.27 9.34 99.56
CA VAL J 58 21.54 10.02 99.78
C VAL J 58 21.96 9.87 101.26
N ASP J 59 23.23 9.54 101.46
CA ASP J 59 23.82 9.38 102.79
C ASP J 59 23.00 8.43 103.67
N GLY J 60 22.45 7.37 103.05
CA GLY J 60 21.68 6.33 103.74
C GLY J 60 20.20 6.60 104.04
N LYS J 61 19.65 7.70 103.52
CA LYS J 61 18.29 8.11 103.85
C LYS J 61 17.43 8.15 102.62
N THR J 62 16.25 7.54 102.73
CA THR J 62 15.33 7.51 101.62
C THR J 62 14.63 8.89 101.57
N ILE J 63 14.90 9.63 100.49
CA ILE J 63 14.32 10.95 100.24
C ILE J 63 13.37 10.92 99.04
N LYS J 64 12.10 11.26 99.31
CA LYS J 64 11.10 11.39 98.23
C LYS J 64 11.09 12.83 97.71
N ALA J 65 11.34 12.97 96.41
CA ALA J 65 11.31 14.29 95.77
C ALA J 65 9.95 14.51 95.15
N GLN J 66 9.40 15.71 95.39
CA GLN J 66 8.15 16.13 94.76
C GLN J 66 8.44 17.27 93.83
N ILE J 67 8.29 17.00 92.55
CA ILE J 67 8.65 17.97 91.54
C ILE J 67 7.42 18.65 90.98
N TRP J 68 7.51 19.96 90.90
CA TRP J 68 6.44 20.77 90.34
C TRP J 68 6.93 21.46 89.07
N ASP J 69 6.32 21.05 87.97
CA ASP J 69 6.66 21.54 86.63
C ASP J 69 5.77 22.73 86.41
N THR J 70 6.36 23.93 86.47
CA THR J 70 5.57 25.17 86.61
C THR J 70 5.00 25.78 85.30
N ALA J 71 5.71 25.68 84.16
CA ALA J 71 5.29 26.31 82.88
C ALA J 71 5.92 27.69 82.72
N GLY J 72 6.63 27.87 81.61
CA GLY J 72 7.36 29.11 81.32
C GLY J 72 6.50 30.23 80.80
N LEU J 73 5.33 29.88 80.29
CA LEU J 73 4.38 30.86 79.79
C LEU J 73 3.91 31.82 80.91
N GLU J 74 3.80 33.09 80.52
CA GLU J 74 3.53 34.24 81.40
C GLU J 74 2.06 34.27 81.83
N ARG J 75 1.17 33.90 80.89
CA ARG J 75 -0.26 33.70 81.15
C ARG J 75 -0.53 33.13 82.55
N TYR J 76 0.32 32.20 82.98
CA TYR J 76 0.12 31.44 84.22
C TYR J 76 1.00 31.89 85.39
N ARG J 77 1.81 32.94 85.18
CA ARG J 77 2.81 33.34 86.16
C ARG J 77 2.21 33.92 87.51
N ALA J 78 0.96 34.40 87.50
CA ALA J 78 0.24 34.78 88.76
C ALA J 78 -0.02 33.59 89.73
N ILE J 79 -0.33 32.44 89.14
CA ILE J 79 -0.71 31.26 89.92
C ILE J 79 0.46 30.24 90.14
N THR J 80 1.53 30.31 89.31
CA THR J 80 2.76 29.48 89.53
C THR J 80 3.44 29.99 90.78
N SER J 81 3.51 31.32 90.94
CA SER J 81 4.14 31.93 92.12
C SER J 81 3.50 31.50 93.44
N ALA J 82 2.22 31.15 93.42
CA ALA J 82 1.62 30.51 94.57
C ALA J 82 2.42 29.23 95.02
N TYR J 83 2.93 28.43 94.08
CA TYR J 83 3.73 27.19 94.35
C TYR J 83 5.19 27.36 94.76
N TYR J 84 5.71 28.57 94.62
CA TYR J 84 7.08 28.86 95.03
C TYR J 84 7.21 28.70 96.55
N ARG J 85 6.07 28.87 97.22
CA ARG J 85 5.93 28.77 98.68
C ARG J 85 6.61 27.52 99.23
N GLY J 86 7.65 27.74 100.04
CA GLY J 86 8.31 26.68 100.79
C GLY J 86 8.92 25.55 99.99
N ALA J 87 9.27 25.81 98.73
CA ALA J 87 10.00 24.84 97.95
C ALA J 87 11.46 24.93 98.39
N VAL J 88 12.08 23.77 98.60
CA VAL J 88 13.48 23.72 99.09
C VAL J 88 14.50 23.90 97.96
N GLY J 89 14.10 23.55 96.73
CA GLY J 89 14.99 23.63 95.59
C GLY J 89 14.31 24.10 94.31
N ALA J 90 15.08 24.81 93.47
CA ALA J 90 14.62 25.24 92.16
C ALA J 90 15.61 24.97 91.03
N LEU J 91 15.16 24.20 90.03
CA LEU J 91 15.97 23.95 88.83
C LEU J 91 15.62 25.00 87.83
N LEU J 92 16.59 25.90 87.59
CA LEU J 92 16.40 27.02 86.69
C LEU J 92 16.98 26.64 85.35
N VAL J 93 16.10 26.50 84.37
CA VAL J 93 16.54 25.92 83.13
C VAL J 93 16.55 26.88 81.95
N TYR J 94 17.59 26.77 81.13
CA TYR J 94 17.65 27.46 79.83
C TYR J 94 18.07 26.46 78.71
N ASP J 95 17.68 26.78 77.49
CA ASP J 95 18.13 26.06 76.28
C ASP J 95 19.51 26.50 75.72
N ILE J 96 20.50 25.60 75.79
CA ILE J 96 21.88 25.85 75.25
C ILE J 96 21.94 26.46 73.82
N ALA J 97 20.97 26.05 73.00
CA ALA J 97 20.90 26.48 71.60
C ALA J 97 20.08 27.76 71.31
N LYS J 98 19.51 28.40 72.33
CA LYS J 98 18.78 29.67 72.12
C LYS J 98 19.18 30.77 73.07
N HIS J 99 20.06 31.65 72.62
CA HIS J 99 20.76 32.59 73.54
C HIS J 99 19.79 33.41 74.42
N LEU J 100 18.69 33.86 73.81
CA LEU J 100 17.69 34.67 74.53
C LEU J 100 17.24 34.04 75.86
N THR J 101 17.10 32.72 75.82
CA THR J 101 16.68 31.97 76.99
C THR J 101 17.73 32.07 78.12
N TYR J 102 19.02 32.21 77.78
CA TYR J 102 20.08 32.42 78.79
C TYR J 102 20.00 33.85 79.32
N GLU J 103 19.65 34.78 78.44
CA GLU J 103 19.56 36.17 78.84
C GLU J 103 18.50 36.39 79.92
N ASN J 104 17.36 35.69 79.82
CA ASN J 104 16.21 35.89 80.76
C ASN J 104 16.35 35.21 82.15
N VAL J 105 17.45 34.50 82.35
CA VAL J 105 17.68 33.85 83.64
C VAL J 105 17.82 34.86 84.79
N GLU J 106 18.18 36.09 84.47
CA GLU J 106 18.27 37.16 85.46
C GLU J 106 16.88 37.56 85.98
N ARG J 107 15.90 37.65 85.08
CA ARG J 107 14.52 37.97 85.54
C ARG J 107 13.87 36.78 86.23
N TRP J 108 14.30 35.59 85.85
CA TRP J 108 13.80 34.42 86.52
C TRP J 108 14.34 34.22 87.95
N LEU J 109 15.46 34.85 88.33
CA LEU J 109 15.99 34.74 89.71
C LEU J 109 15.44 35.81 90.63
N LYS J 110 15.14 36.98 90.06
CA LYS J 110 14.44 38.02 90.79
C LYS J 110 13.06 37.47 91.17
N GLU J 111 12.46 36.75 90.23
CA GLU J 111 11.23 36.02 90.45
C GLU J 111 11.23 35.10 91.69
N LEU J 112 12.41 34.73 92.20
CA LEU J 112 12.51 33.95 93.44
C LEU J 112 12.73 34.82 94.66
N ARG J 113 13.33 36.00 94.46
CA ARG J 113 13.54 36.89 95.60
C ARG J 113 12.36 37.85 95.74
N ASP J 114 11.22 37.49 95.13
CA ASP J 114 9.94 38.16 95.39
C ASP J 114 8.87 37.21 95.93
N HIS J 115 8.78 35.99 95.40
CA HIS J 115 7.68 35.07 95.73
C HIS J 115 8.10 33.76 96.40
N ALA J 116 9.36 33.64 96.81
CA ALA J 116 9.84 32.37 97.37
C ALA J 116 10.83 32.58 98.52
N ASP J 117 11.03 31.52 99.30
CA ASP J 117 12.02 31.54 100.37
C ASP J 117 13.35 32.08 99.84
N SER J 118 13.92 33.03 100.57
CA SER J 118 15.15 33.70 100.17
C SER J 118 16.39 32.86 100.50
N ASN J 119 16.16 31.70 101.09
CA ASN J 119 17.23 30.79 101.38
C ASN J 119 16.98 29.45 100.70
N ILE J 120 16.77 29.49 99.38
CA ILE J 120 16.48 28.29 98.59
C ILE J 120 17.68 27.85 97.74
N VAL J 121 17.80 26.54 97.54
CA VAL J 121 18.85 25.96 96.70
C VAL J 121 18.49 26.01 95.19
N ILE J 122 19.38 26.60 94.39
CA ILE J 122 19.20 26.75 92.94
C ILE J 122 20.32 26.09 92.11
N MET J 123 19.90 25.30 91.13
CA MET J 123 20.83 24.84 90.12
C MET J 123 20.41 25.41 88.78
N LEU J 124 21.40 25.99 88.11
CA LEU J 124 21.34 26.45 86.74
C LEU J 124 21.53 25.27 85.80
N VAL J 125 20.63 25.15 84.83
CA VAL J 125 20.69 24.02 83.90
C VAL J 125 20.64 24.48 82.47
N GLY J 126 21.71 24.14 81.76
CA GLY J 126 21.75 24.28 80.31
C GLY J 126 21.29 22.98 79.68
N ASN J 127 20.09 23.01 79.09
CA ASN J 127 19.53 21.83 78.48
C ASN J 127 19.73 21.82 76.97
N LYS J 128 19.60 20.61 76.43
CA LYS J 128 19.72 20.32 75.00
C LYS J 128 21.20 20.31 74.61
N SER J 129 22.01 19.62 75.42
CA SER J 129 23.45 19.49 75.12
C SER J 129 23.69 18.64 73.87
N ASP J 130 22.70 17.83 73.49
CA ASP J 130 22.79 17.04 72.25
C ASP J 130 22.88 17.88 70.97
N LEU J 131 22.35 19.11 71.02
CA LEU J 131 22.43 20.02 69.87
C LEU J 131 23.77 20.75 69.76
N ARG J 132 24.85 19.97 69.65
CA ARG J 132 26.23 20.47 69.74
C ARG J 132 26.47 21.63 68.78
N HIS J 133 26.09 21.41 67.53
CA HIS J 133 26.43 22.33 66.45
C HIS J 133 25.66 23.67 66.48
N LEU J 134 24.56 23.73 67.24
CA LEU J 134 23.75 24.96 67.30
C LEU J 134 23.96 25.73 68.58
N ARG J 135 24.95 25.32 69.35
CA ARG J 135 25.23 25.93 70.65
C ARG J 135 25.34 27.45 70.58
N ALA J 136 24.53 28.16 71.40
CA ALA J 136 24.55 29.64 71.40
C ALA J 136 25.05 30.21 72.73
N VAL J 137 25.34 29.32 73.69
CA VAL J 137 25.82 29.69 75.01
C VAL J 137 26.99 28.77 75.39
N PRO J 138 28.22 29.33 75.42
CA PRO J 138 29.37 28.50 75.75
C PRO J 138 29.34 28.05 77.20
N THR J 139 29.75 26.80 77.41
CA THR J 139 29.77 26.19 78.73
C THR J 139 30.52 27.05 79.74
N ASP J 140 31.62 27.67 79.31
CA ASP J 140 32.46 28.48 80.20
C ASP J 140 31.76 29.77 80.68
N GLU J 141 31.13 30.50 79.77
CA GLU J 141 30.45 31.75 80.14
C GLU J 141 29.34 31.50 81.14
N ALA J 142 28.61 30.40 80.95
CA ALA J 142 27.52 30.05 81.83
C ALA J 142 28.05 29.73 83.24
N ARG J 143 29.02 28.81 83.36
CA ARG J 143 29.61 28.37 84.69
C ARG J 143 30.27 29.54 85.43
N ALA J 144 30.79 30.50 84.68
CA ALA J 144 31.29 31.76 85.25
C ALA J 144 30.15 32.52 85.92
N PHE J 145 29.09 32.79 85.17
CA PHE J 145 27.89 33.42 85.71
C PHE J 145 27.25 32.61 86.86
N ALA J 146 27.39 31.29 86.81
CA ALA J 146 26.75 30.41 87.81
C ALA J 146 27.21 30.72 89.21
N GLU J 147 28.52 30.77 89.42
CA GLU J 147 29.03 30.94 90.78
C GLU J 147 29.30 32.39 91.16
N LYS J 148 29.33 33.29 90.16
CA LYS J 148 29.19 34.74 90.41
C LYS J 148 27.86 35.04 91.12
N ASN J 149 26.83 34.22 90.87
CA ASN J 149 25.54 34.38 91.54
C ASN J 149 25.21 33.26 92.54
N GLY J 150 26.21 32.44 92.87
CA GLY J 150 26.08 31.42 93.92
C GLY J 150 25.08 30.32 93.59
N LEU J 151 25.15 29.85 92.35
CA LEU J 151 24.28 28.81 91.79
C LEU J 151 25.14 27.64 91.37
N SER J 152 24.62 26.42 91.54
CA SER J 152 25.32 25.21 91.04
C SER J 152 24.97 25.02 89.56
N PHE J 153 25.83 24.35 88.78
CA PHE J 153 25.74 24.35 87.30
C PHE J 153 25.99 22.98 86.63
N ILE J 154 25.23 22.69 85.58
CA ILE J 154 25.35 21.41 84.85
C ILE J 154 24.69 21.57 83.50
N GLU J 155 25.11 20.75 82.53
CA GLU J 155 24.49 20.71 81.21
C GLU J 155 23.85 19.34 80.95
N THR J 156 22.61 19.35 80.48
CA THR J 156 21.83 18.12 80.25
C THR J 156 21.28 18.00 78.83
N SER J 157 20.95 16.76 78.49
CA SER J 157 20.11 16.48 77.36
C SER J 157 19.02 15.56 77.85
N ALA J 158 17.79 16.07 77.93
CA ALA J 158 16.63 15.21 78.23
C ALA J 158 16.47 14.17 77.14
N LEU J 159 16.84 14.54 75.92
CA LEU J 159 16.69 13.68 74.77
C LEU J 159 17.56 12.41 74.82
N ASP J 160 18.87 12.56 74.96
CA ASP J 160 19.77 11.40 75.03
C ASP J 160 19.97 10.93 76.48
N SER J 161 19.43 11.71 77.44
CA SER J 161 19.42 11.39 78.90
C SER J 161 20.69 11.76 79.69
N THR J 162 21.69 12.32 79.00
CA THR J 162 22.92 12.79 79.65
C THR J 162 22.62 13.69 80.83
N ASN J 163 23.16 13.31 81.99
CA ASN J 163 23.19 14.14 83.20
C ASN J 163 21.86 14.42 83.87
N VAL J 164 20.81 13.74 83.43
CA VAL J 164 19.51 14.05 83.97
C VAL J 164 19.43 13.55 85.40
N GLU J 165 19.75 12.27 85.62
CA GLU J 165 19.78 11.74 86.98
C GLU J 165 20.78 12.51 87.85
N ALA J 166 21.97 12.72 87.32
CA ALA J 166 23.01 13.47 88.01
C ALA J 166 22.50 14.83 88.48
N ALA J 167 21.82 15.54 87.59
CA ALA J 167 21.36 16.90 87.88
C ALA J 167 20.47 16.90 89.12
N PHE J 168 19.44 16.06 89.10
CA PHE J 168 18.53 15.88 90.24
C PHE J 168 19.31 15.45 91.48
N GLN J 169 20.11 14.39 91.32
CA GLN J 169 20.87 13.80 92.43
C GLN J 169 21.80 14.79 93.12
N THR J 170 22.36 15.69 92.34
CA THR J 170 23.15 16.78 92.87
C THR J 170 22.32 17.73 93.75
N ILE J 171 21.26 18.30 93.18
CA ILE J 171 20.51 19.30 93.90
C ILE J 171 19.79 18.72 95.12
N LEU J 172 19.35 17.48 95.01
CA LEU J 172 18.71 16.89 96.16
C LEU J 172 19.68 16.65 97.32
N THR J 173 20.88 16.16 96.95
CA THR J 173 21.98 15.95 97.89
C THR J 173 22.37 17.29 98.56
N GLU J 174 22.62 18.29 97.72
CA GLU J 174 22.93 19.66 98.16
C GLU J 174 21.92 20.14 99.21
N ILE J 175 20.64 19.97 98.87
CA ILE J 175 19.54 20.30 99.81
C ILE J 175 19.63 19.50 101.10
N TYR J 176 19.74 18.17 100.98
CA TYR J 176 19.75 17.34 102.20
C TYR J 176 20.75 17.71 103.29
N ARG J 177 21.82 18.40 102.92
CA ARG J 177 22.74 18.90 103.96
C ARG J 177 22.74 20.43 104.18
N ILE J 178 21.77 21.13 103.62
CA ILE J 178 21.49 22.50 104.03
C ILE J 178 20.57 22.46 105.23
N VAL J 179 19.58 21.58 105.14
CA VAL J 179 18.56 21.50 106.14
C VAL J 179 19.08 21.31 107.57
N SER J 180 20.10 20.47 107.72
CA SER J 180 20.57 20.07 109.05
C SER J 180 21.08 21.28 109.83
N GLN J 181 20.60 21.44 111.07
CA GLN J 181 20.91 22.61 111.90
C GLN J 181 20.79 23.91 111.11
N SER K 8 0.06 35.24 55.62
CA SER K 8 -0.38 34.19 54.64
C SER K 8 -1.51 33.38 55.26
N ARG K 9 -2.52 33.08 54.46
CA ARG K 9 -3.74 32.55 55.00
C ARG K 9 -3.61 31.14 55.55
N ASP K 10 -2.74 30.38 54.89
CA ASP K 10 -2.43 29.03 55.32
C ASP K 10 -1.85 29.06 56.75
N GLU K 11 -0.97 30.04 57.02
CA GLU K 11 -0.36 30.22 58.35
C GLU K 11 -1.37 30.73 59.39
N LEU K 12 -2.27 31.63 58.98
CA LEU K 12 -3.38 32.11 59.83
C LEU K 12 -4.34 30.98 60.22
N MET K 13 -4.74 30.18 59.22
CA MET K 13 -5.63 29.02 59.46
C MET K 13 -4.99 28.02 60.41
N GLU K 14 -3.70 27.74 60.16
CA GLU K 14 -2.91 26.84 60.99
C GLU K 14 -2.80 27.37 62.42
N ALA K 15 -2.67 28.69 62.59
CA ALA K 15 -2.64 29.32 63.93
C ALA K 15 -3.96 29.14 64.65
N ILE K 16 -5.06 29.31 63.92
CA ILE K 16 -6.38 29.17 64.51
C ILE K 16 -6.71 27.70 64.91
N GLN K 17 -6.41 26.78 63.96
CA GLN K 17 -6.57 25.31 64.22
C GLN K 17 -5.78 24.84 65.44
N LYS K 18 -4.55 25.34 65.54
CA LYS K 18 -3.67 25.04 66.66
C LYS K 18 -4.23 25.57 67.95
N GLN K 19 -4.78 26.81 67.96
CA GLN K 19 -5.37 27.42 69.18
C GLN K 19 -6.58 26.62 69.66
N GLU K 20 -7.43 26.17 68.74
CA GLU K 20 -8.56 25.37 69.28
C GLU K 20 -8.23 23.96 69.70
N GLU K 21 -7.27 23.33 69.02
CA GLU K 21 -6.72 22.02 69.44
C GLU K 21 -6.22 22.08 70.89
N ILE K 22 -5.48 23.16 71.19
CA ILE K 22 -4.93 23.39 72.53
C ILE K 22 -6.11 23.57 73.50
N ASN K 23 -7.05 24.44 73.18
CA ASN K 23 -8.20 24.63 74.05
C ASN K 23 -9.01 23.35 74.37
N PHE K 24 -9.26 22.56 73.32
CA PHE K 24 -9.99 21.28 73.49
C PHE K 24 -9.24 20.25 74.34
N ARG K 25 -7.92 20.20 74.11
CA ARG K 25 -7.00 19.39 74.93
C ARG K 25 -7.04 19.83 76.38
N LEU K 26 -6.97 21.16 76.58
CA LEU K 26 -6.92 21.71 77.92
C LEU K 26 -8.23 21.45 78.63
N GLN K 27 -9.36 21.64 77.95
CA GLN K 27 -10.62 21.26 78.58
C GLN K 27 -10.69 19.78 79.01
N ASP K 28 -10.25 18.89 78.13
CA ASP K 28 -10.19 17.47 78.49
C ASP K 28 -9.24 17.16 79.69
N TYR K 29 -8.04 17.77 79.64
CA TYR K 29 -7.03 17.72 80.76
C TYR K 29 -7.72 18.11 82.06
N ILE K 30 -8.47 19.20 82.01
CA ILE K 30 -9.19 19.69 83.16
C ILE K 30 -10.29 18.75 83.62
N ASP K 31 -11.13 18.29 82.69
CA ASP K 31 -12.23 17.36 83.06
C ASP K 31 -11.69 16.07 83.70
N ARG K 32 -10.55 15.60 83.17
CA ARG K 32 -9.87 14.43 83.78
C ARG K 32 -9.37 14.69 85.23
N ILE K 33 -8.91 15.91 85.48
CA ILE K 33 -8.54 16.31 86.84
C ILE K 33 -9.79 16.40 87.71
N ILE K 34 -10.83 17.04 87.19
CA ILE K 34 -12.05 17.25 87.95
C ILE K 34 -12.72 15.95 88.35
N VAL K 35 -12.83 15.03 87.39
CA VAL K 35 -13.41 13.72 87.73
C VAL K 35 -12.72 13.01 88.92
N ALA K 36 -11.38 13.06 88.95
CA ALA K 36 -10.62 12.51 90.06
C ALA K 36 -11.01 13.14 91.43
N ILE K 37 -11.24 14.46 91.44
CA ILE K 37 -11.63 15.18 92.70
C ILE K 37 -13.03 14.81 93.08
N MET K 38 -13.89 14.77 92.07
CA MET K 38 -15.27 14.39 92.25
C MET K 38 -15.42 13.00 92.91
N GLU K 39 -14.52 12.07 92.53
CA GLU K 39 -14.54 10.70 93.09
C GLU K 39 -13.73 10.47 94.39
N THR K 40 -13.06 11.51 94.89
CA THR K 40 -12.25 11.39 96.11
C THR K 40 -12.69 12.39 97.15
N ASN K 41 -12.60 13.68 96.83
CA ASN K 41 -12.98 14.70 97.79
C ASN K 41 -13.79 15.82 97.14
N PRO K 42 -15.07 15.55 96.84
CA PRO K 42 -15.93 16.60 96.30
C PRO K 42 -16.17 17.86 97.20
N SER K 43 -15.94 17.76 98.53
CA SER K 43 -16.09 18.93 99.48
C SER K 43 -15.34 20.17 99.00
N ILE K 44 -14.20 19.89 98.38
CA ILE K 44 -13.35 20.90 97.75
C ILE K 44 -14.13 21.82 96.81
N LEU K 45 -15.17 21.28 96.17
CA LEU K 45 -15.84 21.99 95.08
C LEU K 45 -16.95 22.91 95.53
N GLU K 46 -17.09 23.09 96.85
CA GLU K 46 -18.04 24.06 97.43
C GLU K 46 -17.83 25.51 96.99
N VAL K 47 -18.92 26.17 96.62
CA VAL K 47 -18.92 27.61 96.35
C VAL K 47 -19.20 28.39 97.64
N LYS K 48 -18.12 28.95 98.21
CA LYS K 48 -18.15 29.88 99.36
C LYS K 48 -18.03 31.33 98.87
N VAL L 7 -20.51 34.96 54.67
CA VAL L 7 -21.24 35.80 55.67
C VAL L 7 -20.60 37.19 55.85
N SER L 8 -21.38 38.14 56.37
CA SER L 8 -20.94 39.51 56.56
C SER L 8 -19.84 39.61 57.59
N ARG L 9 -19.13 40.71 57.53
CA ARG L 9 -18.02 40.97 58.41
C ARG L 9 -18.47 41.12 59.87
N ASP L 10 -19.67 41.68 60.03
CA ASP L 10 -20.30 41.82 61.36
C ASP L 10 -20.54 40.44 61.99
N GLU L 11 -21.01 39.48 61.18
CA GLU L 11 -21.22 38.10 61.65
C GLU L 11 -19.89 37.36 61.92
N LEU L 12 -18.87 37.60 61.08
CA LEU L 12 -17.50 37.06 61.30
C LEU L 12 -16.88 37.57 62.59
N MET L 13 -16.97 38.90 62.79
CA MET L 13 -16.46 39.53 64.02
C MET L 13 -17.16 38.97 65.25
N GLU L 14 -18.49 38.87 65.15
CA GLU L 14 -19.34 38.32 66.22
C GLU L 14 -18.98 36.88 66.54
N ALA L 15 -18.67 36.08 65.52
CA ALA L 15 -18.22 34.68 65.70
C ALA L 15 -16.88 34.61 66.44
N ILE L 16 -15.97 35.49 66.06
CA ILE L 16 -14.65 35.51 66.70
C ILE L 16 -14.68 36.00 68.18
N GLN L 17 -15.43 37.10 68.38
CA GLN L 17 -15.66 37.64 69.76
C GLN L 17 -16.27 36.60 70.71
N LYS L 18 -17.25 35.84 70.19
CA LYS L 18 -17.92 34.78 70.95
C LYS L 18 -16.95 33.67 71.31
N GLN L 19 -16.10 33.26 70.36
CA GLN L 19 -15.07 32.23 70.62
C GLN L 19 -14.06 32.70 71.67
N GLU L 20 -13.67 33.99 71.58
CA GLU L 20 -12.72 34.50 72.59
C GLU L 20 -13.26 34.62 74.02
N GLU L 21 -14.52 35.08 74.08
CA GLU L 21 -15.26 35.22 75.34
C GLU L 21 -15.33 33.87 76.05
N ILE L 22 -15.62 32.81 75.28
CA ILE L 22 -15.67 31.46 75.80
C ILE L 22 -14.26 31.03 76.30
N ASN L 23 -13.22 31.19 75.49
CA ASN L 23 -11.85 30.84 75.95
C ASN L 23 -11.42 31.51 77.24
N PHE L 24 -11.67 32.82 77.29
CA PHE L 24 -11.31 33.61 78.48
C PHE L 24 -12.08 33.18 79.73
N ARG L 25 -13.38 32.91 79.52
CA ARG L 25 -14.25 32.38 80.57
C ARG L 25 -13.70 31.06 81.07
N LEU L 26 -13.35 30.20 80.11
CA LEU L 26 -12.91 28.85 80.44
C LEU L 26 -11.60 28.92 81.18
N GLN L 27 -10.67 29.75 80.71
CA GLN L 27 -9.45 29.94 81.48
C GLN L 27 -9.66 30.43 82.93
N ASP L 28 -10.54 31.42 83.10
CA ASP L 28 -10.88 31.87 84.44
C ASP L 28 -11.54 30.77 85.32
N TYR L 29 -12.52 30.04 84.72
CA TYR L 29 -13.19 28.86 85.36
C TYR L 29 -12.14 27.90 85.89
N ILE L 30 -11.15 27.62 85.03
CA ILE L 30 -10.05 26.74 85.39
C ILE L 30 -9.15 27.31 86.50
N ASP L 31 -8.75 28.57 86.36
CA ASP L 31 -7.91 29.19 87.39
C ASP L 31 -8.60 29.20 88.78
N ARG L 32 -9.93 29.42 88.75
CA ARG L 32 -10.72 29.35 90.00
C ARG L 32 -10.76 27.94 90.61
N ILE L 33 -10.77 26.90 89.77
CA ILE L 33 -10.63 25.52 90.25
C ILE L 33 -9.23 25.26 90.78
N ILE L 34 -8.24 25.71 90.04
CA ILE L 34 -6.85 25.47 90.43
C ILE L 34 -6.51 26.14 91.77
N VAL L 35 -6.93 27.42 91.93
CA VAL L 35 -6.67 28.12 93.22
C VAL L 35 -7.22 27.35 94.46
N ALA L 36 -8.39 26.78 94.32
CA ALA L 36 -8.99 25.96 95.37
C ALA L 36 -8.09 24.75 95.73
N ILE L 37 -7.53 24.10 94.70
CA ILE L 37 -6.70 22.91 94.88
C ILE L 37 -5.41 23.32 95.56
N MET L 38 -4.88 24.45 95.07
CA MET L 38 -3.70 25.10 95.68
C MET L 38 -3.99 25.35 97.18
N SER M 10 -8.09 67.10 51.79
CA SER M 10 -7.41 68.02 52.77
C SER M 10 -8.27 68.36 54.02
N TRP M 11 -9.45 67.75 54.13
CA TRP M 11 -10.37 68.03 55.28
C TRP M 11 -9.81 67.57 56.65
N LEU M 12 -9.11 66.44 56.67
CA LEU M 12 -8.46 65.95 57.88
C LEU M 12 -7.29 66.89 58.24
N LEU M 13 -6.37 67.09 57.30
CA LEU M 13 -5.26 68.05 57.50
C LEU M 13 -5.76 69.46 57.90
N ARG M 14 -6.96 69.83 57.46
CA ARG M 14 -7.57 71.10 57.90
C ARG M 14 -7.73 71.10 59.39
N LEU M 15 -8.32 70.00 59.89
CA LEU M 15 -8.53 69.80 61.32
C LEU M 15 -7.20 69.92 62.07
N PHE M 16 -6.23 69.10 61.66
CA PHE M 16 -4.96 69.04 62.36
C PHE M 16 -4.24 70.40 62.40
N GLU M 17 -4.52 71.26 61.41
CA GLU M 17 -3.91 72.58 61.37
C GLU M 17 -4.75 73.65 62.04
N SER M 18 -5.92 73.25 62.50
CA SER M 18 -6.77 74.16 63.24
C SER M 18 -6.37 74.24 64.74
N LYS M 19 -6.98 75.19 65.45
CA LYS M 19 -6.71 75.38 66.88
C LYS M 19 -7.22 74.23 67.72
N LEU M 20 -8.26 73.58 67.21
CA LEU M 20 -8.80 72.33 67.79
C LEU M 20 -7.76 71.31 68.23
N PHE M 21 -6.63 71.32 67.53
CA PHE M 21 -5.65 70.29 67.66
C PHE M 21 -4.95 70.47 69.02
N ASP M 22 -5.23 69.54 69.93
CA ASP M 22 -4.55 69.48 71.21
C ASP M 22 -4.00 68.09 71.40
N ILE M 23 -3.09 68.04 72.37
CA ILE M 23 -2.38 66.82 72.69
C ILE M 23 -3.29 65.58 72.75
N SER M 24 -4.49 65.77 73.29
CA SER M 24 -5.46 64.70 73.37
C SER M 24 -5.81 64.18 71.98
N MET M 25 -6.28 65.09 71.12
CA MET M 25 -6.64 64.72 69.78
C MET M 25 -5.47 64.07 69.08
N ALA M 26 -4.30 64.69 69.26
CA ALA M 26 -3.08 64.11 68.69
C ALA M 26 -2.93 62.63 69.10
N ILE M 27 -2.95 62.40 70.41
CA ILE M 27 -2.78 61.04 70.92
C ILE M 27 -3.88 60.10 70.41
N SER M 28 -5.12 60.60 70.33
CA SER M 28 -6.27 59.79 69.86
C SER M 28 -6.04 59.22 68.46
N TYR M 29 -5.67 60.12 67.57
CA TYR M 29 -5.46 59.75 66.21
C TYR M 29 -4.21 58.89 66.12
N LEU M 30 -3.17 59.26 66.89
CA LEU M 30 -1.97 58.40 66.95
C LEU M 30 -2.31 56.97 67.33
N TYR M 31 -3.23 56.84 68.28
CA TYR M 31 -3.63 55.54 68.75
C TYR M 31 -4.54 54.82 67.75
N ASN M 32 -5.43 55.56 67.07
CA ASN M 32 -6.49 54.93 66.24
C ASN M 32 -6.20 54.80 64.74
N SER M 33 -5.69 55.87 64.11
CA SER M 33 -5.32 55.78 62.71
C SER M 33 -4.27 54.68 62.48
N LYS M 34 -4.49 53.85 61.46
CA LYS M 34 -3.49 52.85 61.06
C LYS M 34 -2.68 53.36 59.87
N GLU M 35 -2.89 54.63 59.52
CA GLU M 35 -2.20 55.24 58.39
C GLU M 35 -0.81 55.71 58.84
N PRO M 36 0.25 55.16 58.21
CA PRO M 36 1.60 55.53 58.67
C PRO M 36 1.95 57.01 58.46
N GLY M 37 1.34 57.62 57.46
CA GLY M 37 1.59 59.04 57.16
C GLY M 37 1.01 59.94 58.23
N VAL M 38 -0.05 59.47 58.87
CA VAL M 38 -0.70 60.23 59.94
C VAL M 38 0.14 60.15 61.21
N GLN M 39 0.50 58.90 61.52
CA GLN M 39 1.36 58.61 62.66
C GLN M 39 2.61 59.51 62.61
N ALA M 40 3.28 59.51 61.46
CA ALA M 40 4.48 60.33 61.26
C ALA M 40 4.17 61.83 61.37
N TYR M 41 3.07 62.27 60.76
CA TYR M 41 2.71 63.69 60.84
C TYR M 41 2.49 64.14 62.26
N ILE M 42 1.88 63.28 63.05
CA ILE M 42 1.63 63.65 64.43
C ILE M 42 2.94 63.57 65.22
N GLY M 43 3.71 62.50 65.00
CA GLY M 43 5.06 62.39 65.59
C GLY M 43 5.85 63.68 65.44
N ASN M 44 5.70 64.32 64.28
CA ASN M 44 6.34 65.62 64.02
C ASN M 44 5.66 66.75 64.79
N ARG M 45 4.34 66.73 64.85
CA ARG M 45 3.64 67.83 65.49
C ARG M 45 3.73 67.82 67.04
N LEU M 46 4.11 66.69 67.64
CA LEU M 46 4.39 66.68 69.11
C LEU M 46 5.34 67.81 69.56
N PHE M 47 6.38 68.03 68.74
CA PHE M 47 7.37 69.07 69.00
C PHE M 47 6.67 70.39 69.17
N CYS M 48 5.58 70.57 68.42
CA CYS M 48 4.90 71.83 68.43
C CYS M 48 4.17 72.14 69.78
N PHE M 49 3.82 71.15 70.59
CA PHE M 49 3.11 71.42 71.87
C PHE M 49 3.96 71.93 73.05
N ARG M 50 3.29 72.54 74.02
CA ARG M 50 3.90 72.85 75.31
C ARG M 50 4.27 71.59 76.08
N ASN M 51 5.50 71.59 76.55
CA ASN M 51 6.04 70.51 77.36
C ASN M 51 5.13 70.00 78.49
N GLU M 52 4.48 70.94 79.17
CA GLU M 52 3.69 70.66 80.37
C GLU M 52 2.53 69.74 79.97
N ASP M 53 1.94 70.06 78.83
CA ASP M 53 0.70 69.41 78.41
C ASP M 53 0.98 68.00 77.98
N VAL M 54 2.12 67.83 77.32
CA VAL M 54 2.54 66.52 76.84
C VAL M 54 2.97 65.66 78.03
N ASP M 55 3.70 66.29 78.98
CA ASP M 55 4.24 65.57 80.17
C ASP M 55 3.20 64.62 80.81
N PHE M 56 2.03 65.20 81.05
CA PHE M 56 0.89 64.48 81.60
C PHE M 56 0.58 63.13 80.93
N TYR M 57 0.88 63.01 79.64
CA TYR M 57 0.55 61.79 78.89
C TYR M 57 1.76 60.88 78.65
N LEU M 58 2.88 61.20 79.30
CA LEU M 58 4.09 60.41 79.03
C LEU M 58 3.91 58.89 79.18
N PRO M 59 3.11 58.46 80.17
CA PRO M 59 2.94 57.01 80.32
C PRO M 59 2.26 56.39 79.11
N GLN M 60 1.34 57.15 78.51
CA GLN M 60 0.58 56.64 77.37
C GLN M 60 1.53 56.47 76.21
N LEU M 61 2.21 57.55 75.89
CA LEU M 61 3.15 57.53 74.79
C LEU M 61 4.11 56.34 74.93
N LEU M 62 4.74 56.26 76.10
CA LEU M 62 5.69 55.19 76.33
C LEU M 62 5.06 53.81 76.28
N ASN M 63 3.83 53.69 76.78
CA ASN M 63 3.14 52.39 76.70
C ASN M 63 2.95 52.00 75.22
N MET M 64 2.42 52.96 74.45
CA MET M 64 2.24 52.75 73.02
C MET M 64 3.57 52.34 72.37
N TYR M 65 4.62 53.10 72.64
CA TYR M 65 5.96 52.78 72.10
C TYR M 65 6.31 51.32 72.28
N ILE M 66 6.11 50.86 73.52
CA ILE M 66 6.48 49.51 73.91
C ILE M 66 5.60 48.49 73.21
N HIS M 67 4.28 48.67 73.34
CA HIS M 67 3.39 47.55 73.01
C HIS M 67 2.77 47.61 71.62
N MET M 68 3.02 48.70 70.89
CA MET M 68 2.39 48.88 69.58
C MET M 68 3.34 48.65 68.43
N ASP M 69 2.77 48.73 67.21
CA ASP M 69 3.49 48.68 65.93
C ASP M 69 4.78 49.48 65.98
N GLU M 70 5.82 48.92 65.38
CA GLU M 70 7.09 49.62 65.25
C GLU M 70 6.91 51.02 64.65
N ASP M 71 6.08 51.10 63.60
CA ASP M 71 5.63 52.37 63.00
C ASP M 71 5.30 53.42 64.07
N VAL M 72 4.51 53.00 65.07
CA VAL M 72 4.00 53.91 66.07
C VAL M 72 5.13 54.36 66.99
N GLY M 73 5.89 53.39 67.49
CA GLY M 73 7.08 53.67 68.29
C GLY M 73 8.00 54.67 67.62
N ASP M 74 8.35 54.36 66.37
CA ASP M 74 9.34 55.17 65.65
C ASP M 74 8.90 56.62 65.40
N ALA M 75 7.58 56.85 65.36
CA ALA M 75 7.01 58.21 65.20
C ALA M 75 7.14 59.04 66.49
N ILE M 76 7.08 58.34 67.61
CA ILE M 76 7.13 58.99 68.90
C ILE M 76 8.58 59.30 69.35
N LYS M 77 9.50 58.38 69.04
CA LYS M 77 10.85 58.37 69.61
C LYS M 77 11.62 59.73 69.54
N PRO M 78 11.75 60.30 68.33
CA PRO M 78 12.59 61.51 68.18
C PRO M 78 12.21 62.66 69.13
N TYR M 79 10.91 62.84 69.33
CA TYR M 79 10.43 63.82 70.29
C TYR M 79 10.92 63.50 71.69
N ILE M 80 10.80 62.23 72.05
CA ILE M 80 11.18 61.79 73.37
C ILE M 80 12.65 62.04 73.55
N VAL M 81 13.45 61.59 72.59
CA VAL M 81 14.90 61.86 72.58
C VAL M 81 15.16 63.34 72.76
N HIS M 82 14.47 64.15 71.96
CA HIS M 82 14.59 65.59 72.09
C HIS M 82 14.33 66.07 73.53
N ARG M 83 13.23 65.62 74.14
CA ARG M 83 12.97 66.02 75.55
C ARG M 83 14.04 65.55 76.52
N CYS M 84 14.39 64.27 76.38
CA CYS M 84 15.42 63.63 77.20
C CYS M 84 16.74 64.39 77.20
N ARG M 85 17.08 65.01 76.06
CA ARG M 85 18.33 65.79 75.96
C ARG M 85 18.33 67.12 76.69
N GLN M 86 17.13 67.66 76.96
CA GLN M 86 17.05 68.99 77.54
C GLN M 86 16.65 68.97 79.03
N SER M 87 16.36 67.79 79.57
CA SER M 87 15.95 67.64 80.97
C SER M 87 16.30 66.24 81.47
N ILE M 88 17.15 66.17 82.49
CA ILE M 88 17.49 64.84 83.02
C ILE M 88 16.36 64.30 83.88
N ASN M 89 15.58 65.19 84.48
CA ASN M 89 14.35 64.78 85.15
C ASN M 89 13.52 63.97 84.14
N PHE M 90 13.27 64.56 82.97
CA PHE M 90 12.55 63.89 81.89
C PHE M 90 13.16 62.52 81.55
N SER M 91 14.48 62.51 81.37
CA SER M 91 15.19 61.26 81.08
C SER M 91 14.89 60.21 82.14
N LEU M 92 14.97 60.64 83.39
CA LEU M 92 14.75 59.75 84.51
C LEU M 92 13.40 59.06 84.41
N GLN M 93 12.35 59.85 84.25
CA GLN M 93 11.00 59.32 84.29
C GLN M 93 10.82 58.34 83.14
N CYS M 94 11.38 58.70 81.99
CA CYS M 94 11.39 57.83 80.84
C CYS M 94 12.03 56.50 81.22
N ALA M 95 13.27 56.55 81.73
CA ALA M 95 14.01 55.34 82.08
C ALA M 95 13.22 54.49 83.08
N LEU M 96 12.67 55.13 84.11
CA LEU M 96 11.88 54.44 85.12
C LEU M 96 10.63 53.78 84.55
N LEU M 97 9.87 54.54 83.76
CA LEU M 97 8.63 54.04 83.15
C LEU M 97 8.85 52.89 82.12
N LEU M 98 9.83 53.10 81.24
CA LEU M 98 10.19 52.08 80.27
C LEU M 98 10.45 50.74 80.95
N GLY M 99 11.23 50.76 82.03
CA GLY M 99 11.56 49.57 82.81
C GLY M 99 10.34 48.96 83.48
N ALA M 100 9.58 49.80 84.17
CA ALA M 100 8.37 49.36 84.85
C ALA M 100 7.32 48.73 83.91
N TYR M 101 7.14 49.30 82.71
CA TYR M 101 6.08 48.81 81.78
C TYR M 101 6.53 47.67 80.82
N SER M 102 7.57 46.91 81.21
CA SER M 102 8.03 45.71 80.48
C SER M 102 8.62 44.59 81.40
N SER M 103 7.79 43.60 81.75
CA SER M 103 8.20 42.44 82.56
C SER M 103 7.41 41.13 82.38
N ARG M 114 12.03 45.33 73.04
CA ARG M 114 11.67 46.70 72.59
C ARG M 114 12.02 47.82 73.59
N GLY M 115 11.63 47.65 74.84
CA GLY M 115 11.74 48.75 75.80
C GLY M 115 13.19 48.93 76.17
N THR M 116 13.78 47.77 76.43
CA THR M 116 15.11 47.61 76.97
C THR M 116 16.22 48.39 76.18
N LYS M 117 16.21 48.27 74.84
CA LYS M 117 17.25 48.91 74.03
C LYS M 117 17.29 50.44 74.23
N LEU M 118 16.12 51.08 74.31
CA LEU M 118 16.05 52.54 74.44
C LEU M 118 16.37 53.03 75.87
N ARG M 119 15.94 52.27 76.87
CA ARG M 119 16.24 52.59 78.29
C ARG M 119 17.74 52.73 78.50
N LYS M 120 18.46 51.70 78.04
CA LYS M 120 19.91 51.70 78.09
C LYS M 120 20.51 52.91 77.33
N LEU M 121 19.90 53.28 76.21
CA LEU M 121 20.34 54.45 75.43
C LEU M 121 20.07 55.78 76.14
N ILE M 122 18.99 55.87 76.90
CA ILE M 122 18.71 57.06 77.71
C ILE M 122 19.64 57.13 78.92
N LEU M 123 19.76 56.01 79.64
CA LEU M 123 20.73 55.92 80.74
C LEU M 123 22.17 56.18 80.25
N SER M 124 22.50 55.84 78.99
CA SER M 124 23.76 56.34 78.34
C SER M 124 23.74 57.85 78.03
N ARG M 188 26.69 60.23 85.42
CA ARG M 188 25.67 60.79 84.55
C ARG M 188 24.38 61.06 85.31
N LEU M 189 23.74 59.98 85.75
CA LEU M 189 22.53 60.00 86.60
C LEU M 189 22.77 59.18 87.87
N ALA M 190 24.01 58.74 88.03
CA ALA M 190 24.38 57.80 89.08
C ALA M 190 23.97 58.31 90.47
N PRO M 191 24.19 59.62 90.77
CA PRO M 191 23.86 60.13 92.11
C PRO M 191 22.41 59.87 92.49
N GLU M 192 21.53 60.23 91.58
CA GLU M 192 20.11 60.01 91.75
C GLU M 192 19.76 58.51 91.83
N ARG M 193 20.23 57.72 90.86
CA ARG M 193 19.90 56.27 90.81
C ARG M 193 20.37 55.51 92.06
N GLU M 194 21.52 55.95 92.59
CA GLU M 194 22.07 55.32 93.79
C GLU M 194 21.37 55.84 95.04
N PHE M 195 21.10 57.14 95.07
CA PHE M 195 20.25 57.70 96.08
C PHE M 195 18.95 56.88 96.18
N ILE M 196 18.30 56.60 95.05
CA ILE M 196 17.03 55.85 95.06
C ILE M 196 17.22 54.40 95.43
N LYS M 197 18.26 53.80 94.83
CA LYS M 197 18.56 52.42 95.20
C LYS M 197 18.73 52.29 96.72
N SER M 198 19.46 53.22 97.33
CA SER M 198 19.66 53.15 98.79
C SER M 198 18.36 53.26 99.56
N LEU M 199 17.54 54.23 99.17
CA LEU M 199 16.22 54.40 99.78
C LEU M 199 15.42 53.11 99.67
N MET M 200 15.44 52.51 98.48
CA MET M 200 14.76 51.23 98.26
C MET M 200 15.32 50.14 99.18
N ALA M 201 16.64 50.08 99.25
CA ALA M 201 17.38 49.07 100.01
C ALA M 201 17.04 49.14 101.48
N ILE M 202 17.04 50.36 102.01
CA ILE M 202 16.62 50.59 103.39
C ILE M 202 15.27 49.89 103.67
N GLY M 203 14.25 50.25 102.90
CA GLY M 203 12.89 49.74 103.10
C GLY M 203 12.80 48.22 103.15
N LYS M 204 13.59 47.57 102.29
CA LYS M 204 13.62 46.12 102.23
C LYS M 204 14.18 45.50 103.52
N ARG M 205 15.13 46.20 104.18
CA ARG M 205 15.76 45.65 105.40
C ARG M 205 14.78 45.59 106.57
N LEU M 206 13.87 46.56 106.63
CA LEU M 206 12.91 46.66 107.74
C LEU M 206 11.98 45.44 107.89
N ALA M 207 11.92 44.60 106.86
CA ALA M 207 11.11 43.36 106.88
C ALA M 207 11.39 42.43 108.07
N THR M 208 12.65 42.38 108.52
CA THR M 208 13.04 41.54 109.65
C THR M 208 12.62 42.11 111.03
N LEU M 209 12.19 43.37 111.11
CA LEU M 209 11.75 43.94 112.39
C LEU M 209 10.20 43.93 112.51
N PRO M 210 9.67 43.03 113.36
CA PRO M 210 8.24 42.77 113.38
C PRO M 210 7.32 43.88 113.94
N THR M 211 7.86 44.93 114.55
CA THR M 211 7.01 46.02 115.08
C THR M 211 7.38 47.40 114.50
N LYS M 212 6.34 48.24 114.44
CA LYS M 212 6.40 49.62 113.94
C LYS M 212 7.58 50.35 114.58
N GLU M 213 7.57 50.38 115.91
CA GLU M 213 8.57 51.11 116.73
C GLU M 213 10.02 50.69 116.44
N GLN M 214 10.28 49.37 116.35
CA GLN M 214 11.61 48.84 116.02
C GLN M 214 12.03 49.31 114.63
N LYS M 215 11.09 49.19 113.69
CA LYS M 215 11.31 49.60 112.31
C LYS M 215 11.71 51.08 112.24
N THR M 216 10.88 51.91 112.86
CA THR M 216 11.12 53.36 112.87
C THR M 216 12.53 53.67 113.40
N GLN M 217 12.94 52.99 114.47
CA GLN M 217 14.26 53.22 115.05
C GLN M 217 15.37 52.91 114.06
N ARG M 218 15.27 51.79 113.33
CA ARG M 218 16.30 51.43 112.33
C ARG M 218 16.28 52.40 111.14
N LEU M 219 15.06 52.76 110.75
CA LEU M 219 14.89 53.73 109.68
C LEU M 219 15.61 55.01 110.03
N ILE M 220 15.27 55.58 111.20
CA ILE M 220 15.84 56.89 111.64
C ILE M 220 17.36 56.85 111.62
N SER M 221 17.92 55.79 112.22
CA SER M 221 19.35 55.63 112.23
C SER M 221 19.88 55.57 110.80
N GLU M 222 19.29 54.70 109.98
CA GLU M 222 19.86 54.45 108.64
C GLU M 222 19.74 55.64 107.69
N LEU M 223 18.69 56.44 107.89
CA LEU M 223 18.51 57.67 107.11
C LEU M 223 19.60 58.70 107.37
N SER M 224 20.07 58.76 108.61
CA SER M 224 21.05 59.77 109.02
C SER M 224 22.32 59.66 108.20
N LEU M 225 22.60 58.43 107.79
CA LEU M 225 23.79 58.12 107.01
C LEU M 225 23.75 58.75 105.62
N LEU M 226 22.54 58.94 105.08
CA LEU M 226 22.41 59.50 103.75
C LEU M 226 22.77 60.99 103.69
N ASN M 227 22.62 61.72 104.82
CA ASN M 227 23.05 63.14 104.89
C ASN M 227 24.53 63.31 104.64
N HIS M 228 25.26 62.26 104.95
CA HIS M 228 26.67 62.20 104.65
C HIS M 228 26.97 62.28 103.16
N LYS M 229 25.99 61.99 102.30
CA LYS M 229 26.17 62.17 100.84
C LYS M 229 25.46 63.40 100.22
N LEU M 230 24.93 64.29 101.07
CA LEU M 230 24.24 65.51 100.61
C LEU M 230 24.95 66.83 100.99
N PRO M 231 24.75 67.89 100.18
CA PRO M 231 23.97 67.92 98.94
C PRO M 231 24.71 67.37 97.71
N ALA M 232 23.93 66.94 96.73
CA ALA M 232 24.46 66.33 95.50
C ALA M 232 23.54 66.61 94.30
N ARG M 233 23.92 66.08 93.13
CA ARG M 233 23.08 66.15 91.93
C ARG M 233 21.90 65.15 92.06
N VAL M 234 21.00 65.44 92.99
CA VAL M 234 19.87 64.56 93.31
C VAL M 234 18.59 65.37 93.64
N TRP M 235 17.43 64.82 93.30
CA TRP M 235 16.13 65.51 93.45
C TRP M 235 14.97 64.52 93.63
N LEU M 236 13.81 65.07 94.00
CA LEU M 236 12.57 64.35 94.16
C LEU M 236 11.63 64.67 93.02
N PRO M 237 11.49 63.74 92.07
CA PRO M 237 10.67 63.98 90.87
C PRO M 237 9.23 64.35 91.19
N THR M 238 8.76 63.97 92.38
CA THR M 238 7.43 64.33 92.85
C THR M 238 7.27 65.82 93.25
N ALA M 239 8.34 66.61 93.19
CA ALA M 239 8.26 68.03 93.56
C ALA M 239 7.70 68.96 92.45
N GLY M 240 6.88 69.92 92.86
CA GLY M 240 6.28 70.87 91.94
C GLY M 240 7.27 71.70 91.14
N PHE M 241 8.54 71.73 91.55
CA PHE M 241 9.54 72.69 91.02
C PHE M 241 10.92 72.03 90.82
N ASP M 242 11.83 72.78 90.23
CA ASP M 242 13.22 72.37 90.14
C ASP M 242 13.92 72.69 91.46
N HIS M 243 14.86 71.83 91.84
CA HIS M 243 15.52 71.97 93.13
C HIS M 243 16.74 71.07 93.28
N HIS M 244 17.49 71.33 94.35
CA HIS M 244 18.52 70.40 94.84
C HIS M 244 18.13 69.94 96.26
N VAL M 245 18.29 68.64 96.55
CA VAL M 245 18.10 68.10 97.91
C VAL M 245 19.34 68.34 98.74
N VAL M 246 19.13 68.87 99.95
CA VAL M 246 20.29 69.24 100.80
C VAL M 246 20.42 68.40 102.07
N ARG M 247 19.28 68.04 102.67
CA ARG M 247 19.26 67.48 104.03
C ARG M 247 18.00 66.66 104.33
N VAL M 248 18.18 65.58 105.09
CA VAL M 248 17.08 64.72 105.53
C VAL M 248 16.96 64.76 107.04
N PRO M 249 15.88 65.36 107.55
CA PRO M 249 15.61 65.35 108.99
C PRO M 249 15.14 63.96 109.49
N HIS M 250 16.10 63.06 109.52
CA HIS M 250 15.92 61.67 109.89
C HIS M 250 15.09 61.42 111.16
N THR M 251 15.27 62.24 112.19
CA THR M 251 14.51 62.04 113.44
C THR M 251 12.99 62.18 113.22
N GLN M 252 12.61 62.86 112.14
CA GLN M 252 11.19 63.11 111.87
C GLN M 252 10.51 62.02 111.05
N ALA M 253 11.32 61.18 110.40
CA ALA M 253 10.80 60.10 109.57
C ALA M 253 10.10 59.04 110.43
N VAL M 254 9.10 58.39 109.84
CA VAL M 254 8.30 57.38 110.53
C VAL M 254 7.84 56.29 109.56
N VAL M 255 7.69 55.08 110.09
CA VAL M 255 7.21 53.92 109.33
C VAL M 255 5.74 53.75 109.64
N LEU M 256 4.96 53.34 108.65
CA LEU M 256 3.51 53.46 108.73
C LEU M 256 2.73 52.27 109.31
N ASN M 257 3.24 51.06 109.15
CA ASN M 257 2.55 49.86 109.65
C ASN M 257 3.52 48.74 110.01
N SER M 258 2.99 47.63 110.55
CA SER M 258 3.79 46.48 111.01
C SER M 258 3.99 45.41 109.95
N LYS M 259 3.63 45.75 108.71
CA LYS M 259 3.63 44.78 107.62
C LYS M 259 5.04 44.42 107.11
N ASP M 260 5.06 43.31 106.37
CA ASP M 260 6.28 42.67 105.86
C ASP M 260 7.11 43.60 104.97
N LYS M 261 6.46 44.27 104.04
CA LYS M 261 7.12 45.28 103.20
C LYS M 261 6.48 46.65 103.42
N ALA M 262 6.67 47.12 104.65
CA ALA M 262 6.04 48.35 105.08
C ALA M 262 6.56 49.55 104.29
N PRO M 263 5.65 50.44 103.93
CA PRO M 263 6.04 51.73 103.45
C PRO M 263 6.48 52.66 104.59
N TYR M 264 7.26 53.67 104.26
CA TYR M 264 7.71 54.62 105.26
C TYR M 264 7.71 56.05 104.73
N LEU M 265 7.38 57.00 105.61
CA LEU M 265 7.26 58.41 105.23
C LEU M 265 8.49 59.16 105.68
N ILE M 266 8.99 60.03 104.81
CA ILE M 266 10.12 60.89 105.18
C ILE M 266 9.89 62.32 104.76
N TYR M 267 10.56 63.22 105.45
CA TYR M 267 10.57 64.60 105.08
C TYR M 267 11.94 64.93 104.51
N VAL M 268 11.96 65.80 103.48
CA VAL M 268 13.22 66.15 102.79
C VAL M 268 13.37 67.66 102.61
N GLU M 269 14.59 68.16 102.81
CA GLU M 269 14.91 69.57 102.65
C GLU M 269 15.52 69.84 101.28
N VAL M 270 15.08 70.93 100.65
CA VAL M 270 15.56 71.31 99.32
C VAL M 270 15.75 72.81 99.13
N LEU M 271 16.58 73.14 98.15
CA LEU M 271 16.78 74.51 97.72
C LEU M 271 16.29 74.73 96.30
N GLU M 272 15.31 75.61 96.16
CA GLU M 272 14.65 75.82 94.87
C GLU M 272 15.60 76.35 93.78
N CYS M 273 15.34 75.93 92.55
CA CYS M 273 16.07 76.44 91.39
C CYS M 273 15.11 77.19 90.46
N GLU M 274 15.67 77.91 89.50
CA GLU M 274 14.94 78.33 88.31
C GLU M 274 15.13 77.32 87.19
N ASN M 275 16.37 76.83 87.08
CA ASN M 275 16.66 75.67 86.27
C ASN M 275 17.73 74.76 86.88
N PHE M 276 17.39 73.48 87.03
CA PHE M 276 18.29 72.47 87.61
C PHE M 276 19.50 72.16 86.75
N ASP M 277 19.26 72.02 85.44
CA ASP M 277 20.23 71.45 84.52
C ASP M 277 21.49 72.30 84.39
N THR M 278 21.38 73.58 84.77
CA THR M 278 22.43 74.56 84.52
C THR M 278 22.96 75.25 85.77
N THR M 279 22.69 74.69 86.95
CA THR M 279 23.03 75.40 88.17
C THR M 279 23.76 74.56 89.23
N SER M 280 24.46 75.29 90.09
CA SER M 280 24.86 74.86 91.44
C SER M 280 25.41 73.44 91.67
N VAL M 281 24.54 72.58 92.22
CA VAL M 281 24.82 71.72 93.39
C VAL M 281 25.40 72.58 94.52
N PRO M 282 24.53 73.11 95.42
CA PRO M 282 25.02 74.02 96.45
C PRO M 282 26.00 73.35 97.41
N ALA M 283 26.58 74.16 98.28
CA ALA M 283 27.66 73.71 99.15
C ALA M 283 27.14 73.14 100.46
N ARG M 284 27.84 72.13 100.97
CA ARG M 284 27.48 71.50 102.25
C ARG M 284 27.59 72.52 103.38
N ILE M 285 26.70 72.40 104.38
CA ILE M 285 26.79 73.13 105.62
C ILE M 285 26.75 72.11 106.77
N PRO M 286 27.86 71.98 107.53
CA PRO M 286 28.09 70.77 108.31
C PRO M 286 27.14 70.48 109.47
N GLU M 287 26.40 71.47 109.98
CA GLU M 287 25.28 71.23 110.91
C GLU M 287 25.63 71.37 112.39
N ASN M 288 24.58 71.49 113.19
CA ASN M 288 24.62 71.11 114.59
C ASN M 288 23.33 70.39 114.96
N PRO M 295 15.59 68.38 120.45
CA PRO M 295 14.85 69.66 120.42
C PRO M 295 14.12 69.87 119.08
N SER M 296 14.86 70.13 118.00
CA SER M 296 14.27 69.99 116.66
C SER M 296 14.18 68.48 116.39
N ALA M 297 14.99 67.70 117.12
CA ALA M 297 15.01 66.24 116.99
C ALA M 297 13.74 65.49 117.46
N VAL M 298 13.03 66.04 118.45
CA VAL M 298 11.85 65.34 119.02
C VAL M 298 10.67 65.35 118.04
N ALA M 299 9.95 64.23 117.95
CA ALA M 299 8.85 64.08 117.01
C ALA M 299 7.52 63.91 117.76
N LEU M 300 6.51 64.74 117.47
CA LEU M 300 5.13 64.53 117.97
C LEU M 300 4.05 65.03 116.98
N LYS M 301 2.82 64.53 117.19
CA LYS M 301 1.67 64.95 116.38
C LYS M 301 1.43 66.47 116.48
N GLU M 302 1.64 67.13 115.35
CA GLU M 302 1.46 68.58 115.21
C GLU M 302 1.14 68.92 113.75
N PRO M 303 0.47 70.07 113.52
CA PRO M 303 0.20 70.52 112.13
C PRO M 303 1.45 70.62 111.25
N TRP M 304 1.24 70.69 109.93
CA TRP M 304 2.33 70.73 108.95
C TRP M 304 3.20 71.98 109.11
N GLN M 305 2.57 73.15 109.27
CA GLN M 305 3.33 74.41 109.37
C GLN M 305 4.10 74.53 110.68
N GLU M 306 3.57 73.92 111.74
CA GLU M 306 4.28 73.85 113.01
C GLU M 306 5.49 72.91 112.92
N LYS M 307 5.34 71.86 112.11
CA LYS M 307 6.44 70.92 111.84
C LYS M 307 7.49 71.52 110.90
N VAL M 308 7.08 72.34 109.92
CA VAL M 308 8.05 73.06 109.06
C VAL M 308 8.89 73.99 109.93
N ARG M 309 8.23 74.75 110.80
CA ARG M 309 8.91 75.66 111.75
C ARG M 309 10.04 74.93 112.52
N ARG M 310 9.66 73.87 113.24
CA ARG M 310 10.58 73.09 114.07
C ARG M 310 11.80 72.56 113.30
N ILE M 311 11.53 71.99 112.13
CA ILE M 311 12.61 71.40 111.33
C ILE M 311 13.49 72.49 110.76
N ARG M 312 12.86 73.54 110.21
CA ARG M 312 13.55 74.69 109.62
C ARG M 312 14.48 75.30 110.66
N GLU M 313 13.93 75.65 111.82
CA GLU M 313 14.70 76.28 112.90
C GLU M 313 15.91 75.46 113.35
N GLY M 314 15.77 74.13 113.37
CA GLY M 314 16.89 73.24 113.66
C GLY M 314 17.88 73.07 112.51
N SER M 315 17.47 73.42 111.29
CA SER M 315 18.28 73.11 110.11
C SER M 315 19.37 74.14 109.81
N PRO M 316 20.57 73.66 109.43
CA PRO M 316 21.63 74.52 108.91
C PRO M 316 21.10 75.48 107.84
N TYR M 317 20.31 74.94 106.90
CA TYR M 317 19.89 75.66 105.70
C TYR M 317 18.58 76.44 105.89
N GLY M 318 17.97 76.31 107.07
CA GLY M 318 16.62 76.81 107.30
C GLY M 318 16.42 78.30 107.14
N HIS M 319 17.48 79.06 107.43
CA HIS M 319 17.45 80.50 107.27
C HIS M 319 17.17 80.99 105.82
N LEU M 320 17.59 80.23 104.81
CA LEU M 320 17.52 80.70 103.41
C LEU M 320 16.08 80.88 102.91
N PRO M 321 15.86 81.89 102.02
CA PRO M 321 14.56 82.06 101.36
C PRO M 321 14.36 81.01 100.28
N ASN M 322 15.49 80.46 99.84
CA ASN M 322 15.59 79.45 98.82
C ASN M 322 15.07 78.08 99.26
N TRP M 323 14.88 77.93 100.58
CA TRP M 323 14.67 76.66 101.25
C TRP M 323 13.21 76.26 101.27
N ARG M 324 12.94 75.00 100.96
CA ARG M 324 11.57 74.45 101.09
C ARG M 324 11.58 72.99 101.59
N LEU M 325 10.46 72.57 102.16
CA LEU M 325 10.31 71.21 102.72
C LEU M 325 9.33 70.34 101.93
N LEU M 326 9.78 69.13 101.56
CA LEU M 326 8.92 68.16 100.85
C LEU M 326 8.72 66.89 101.66
N SER M 327 7.84 66.02 101.17
CA SER M 327 7.51 64.77 101.82
C SER M 327 7.15 63.70 100.82
N VAL M 328 7.58 62.47 101.07
CA VAL M 328 7.18 61.32 100.26
C VAL M 328 7.04 60.08 101.10
N ILE M 329 6.10 59.24 100.69
CA ILE M 329 6.01 57.90 101.18
C ILE M 329 6.83 57.02 100.23
N VAL M 330 7.63 56.13 100.79
CA VAL M 330 8.45 55.23 99.97
C VAL M 330 7.93 53.81 100.03
N LYS M 331 7.50 53.28 98.88
CA LYS M 331 6.95 51.92 98.88
C LYS M 331 7.97 51.03 98.17
N CYS M 332 8.66 50.22 98.95
CA CYS M 332 9.78 49.45 98.42
C CYS M 332 9.34 48.17 97.69
N GLY M 333 8.23 47.59 98.14
CA GLY M 333 7.75 46.31 97.58
C GLY M 333 6.33 46.33 97.05
N ASP M 334 5.78 47.52 96.80
CA ASP M 334 4.41 47.63 96.27
C ASP M 334 4.38 48.21 94.82
N ASP M 335 3.59 47.58 93.93
CA ASP M 335 3.42 48.10 92.57
C ASP M 335 2.54 49.35 92.61
N LEU M 336 2.92 50.38 91.85
CA LEU M 336 2.19 51.67 91.86
C LEU M 336 1.55 52.05 90.52
N ARG M 337 1.45 51.12 89.58
CA ARG M 337 1.02 51.47 88.22
C ARG M 337 -0.50 51.74 88.15
N GLN M 338 -1.27 50.94 88.89
CA GLN M 338 -2.72 51.20 89.09
C GLN M 338 -2.88 52.58 89.74
N GLU M 339 -2.03 52.81 90.73
CA GLU M 339 -2.09 54.02 91.50
C GLU M 339 -1.81 55.23 90.60
N LEU M 340 -0.84 55.06 89.71
CA LEU M 340 -0.54 56.07 88.69
C LEU M 340 -1.71 56.27 87.72
N LEU M 341 -2.27 55.16 87.23
CA LEU M 341 -3.43 55.32 86.36
C LEU M 341 -4.54 56.12 87.04
N ALA M 342 -4.83 55.79 88.30
CA ALA M 342 -5.89 56.48 89.05
C ALA M 342 -5.65 57.98 89.16
N PHE M 343 -4.38 58.31 89.37
CA PHE M 343 -3.95 59.68 89.49
C PHE M 343 -4.38 60.49 88.26
N GLN M 344 -4.07 59.96 87.08
CA GLN M 344 -4.39 60.62 85.81
C GLN M 344 -5.89 60.83 85.66
N VAL M 345 -6.63 59.79 85.99
CA VAL M 345 -8.07 59.88 85.92
C VAL M 345 -8.59 60.97 86.86
N LEU M 346 -8.04 60.99 88.08
CA LEU M 346 -8.48 61.99 89.06
C LEU M 346 -8.16 63.39 88.57
N LYS M 347 -6.98 63.50 87.99
CA LYS M 347 -6.49 64.79 87.54
C LYS M 347 -7.34 65.28 86.38
N GLN M 348 -7.66 64.38 85.45
CA GLN M 348 -8.55 64.72 84.35
C GLN M 348 -9.93 65.14 84.88
N LEU M 349 -10.53 64.32 85.76
CA LEU M 349 -11.85 64.69 86.30
C LEU M 349 -11.83 66.04 87.00
N GLN M 350 -10.72 66.29 87.70
CA GLN M 350 -10.55 67.59 88.37
C GLN M 350 -10.62 68.75 87.37
N SER M 351 -9.88 68.62 86.26
CA SER M 351 -9.84 69.66 85.23
C SER M 351 -11.19 69.78 84.57
N ILE M 352 -11.81 68.63 84.28
CA ILE M 352 -13.16 68.62 83.73
C ILE M 352 -14.06 69.43 84.68
N TRP M 353 -14.01 69.15 85.99
CA TRP M 353 -14.89 69.85 86.93
C TRP M 353 -14.53 71.33 87.15
N GLU M 354 -13.25 71.69 86.97
CA GLU M 354 -12.88 73.11 86.93
C GLU M 354 -13.38 73.84 85.67
N GLN M 355 -13.20 73.20 84.52
CA GLN M 355 -13.58 73.74 83.23
C GLN M 355 -15.09 74.00 83.11
N GLU M 356 -15.93 72.96 83.30
CA GLU M 356 -17.36 73.17 83.61
C GLU M 356 -17.27 73.83 84.97
N ARG M 357 -18.35 74.27 85.56
CA ARG M 357 -18.16 75.02 86.80
C ARG M 357 -18.90 74.40 87.94
N VAL M 358 -18.43 73.21 88.27
CA VAL M 358 -18.95 72.41 89.35
C VAL M 358 -17.90 72.39 90.46
N PRO M 359 -18.25 72.94 91.63
CA PRO M 359 -17.27 73.05 92.69
C PRO M 359 -17.10 71.75 93.51
N LEU M 360 -17.12 70.58 92.87
CA LEU M 360 -16.70 69.34 93.53
C LEU M 360 -15.23 69.47 93.90
N TRP M 361 -14.80 68.67 94.86
CA TRP M 361 -13.42 68.72 95.36
C TRP M 361 -12.82 67.33 95.46
N ILE M 362 -11.64 67.15 94.89
CA ILE M 362 -10.87 65.92 95.10
C ILE M 362 -9.39 66.25 95.15
N LYS M 363 -8.59 65.28 95.58
CA LYS M 363 -7.16 65.46 95.67
C LYS M 363 -6.43 64.30 95.00
N PRO M 364 -5.97 64.53 93.77
CA PRO M 364 -4.99 63.65 93.15
C PRO M 364 -3.70 63.79 93.91
N TYR M 365 -3.09 62.66 94.23
CA TYR M 365 -1.80 62.68 94.88
C TYR M 365 -0.79 62.07 93.95
N LYS M 366 0.34 62.77 93.83
CA LYS M 366 1.37 62.42 92.85
C LYS M 366 1.94 61.03 93.09
N ILE M 367 2.29 60.38 91.99
CA ILE M 367 2.83 59.05 92.00
C ILE M 367 4.14 59.05 91.24
N LEU M 368 5.13 58.32 91.77
CA LEU M 368 6.33 58.06 90.99
C LEU M 368 6.57 56.58 90.95
N VAL M 369 6.41 56.00 89.76
CA VAL M 369 6.70 54.59 89.54
C VAL M 369 8.21 54.45 89.39
N ILE M 370 8.80 53.52 90.14
CA ILE M 370 10.24 53.29 90.06
C ILE M 370 10.58 51.93 89.43
N SER M 371 9.79 50.91 89.78
CA SER M 371 9.83 49.61 89.11
C SER M 371 8.40 49.06 89.07
N ALA M 372 8.22 47.89 88.47
CA ALA M 372 6.97 47.15 88.59
C ALA M 372 6.70 46.78 90.06
N ASP M 373 7.78 46.73 90.87
CA ASP M 373 7.73 46.39 92.30
C ASP M 373 7.59 47.59 93.23
N SER M 374 8.13 48.73 92.85
CA SER M 374 8.39 49.84 93.78
C SER M 374 8.13 51.24 93.22
N GLY M 375 7.87 52.16 94.16
CA GLY M 375 7.61 53.57 93.82
C GLY M 375 7.44 54.49 95.03
N MET M 376 7.04 55.74 94.75
CA MET M 376 6.74 56.75 95.80
C MET M 376 5.41 57.50 95.59
N ILE M 377 4.89 58.05 96.70
CA ILE M 377 3.64 58.79 96.73
C ILE M 377 3.82 60.07 97.52
N GLU M 378 3.34 61.19 96.99
CA GLU M 378 3.30 62.43 97.77
C GLU M 378 2.04 62.46 98.66
N PRO M 379 2.21 62.37 100.00
CA PRO M 379 1.05 62.24 100.88
C PRO M 379 0.37 63.56 101.08
N VAL M 380 -0.90 63.52 101.45
CA VAL M 380 -1.56 64.76 101.83
C VAL M 380 -1.22 65.02 103.26
N VAL M 381 -0.77 66.25 103.54
CA VAL M 381 -0.44 66.70 104.88
C VAL M 381 -1.65 67.28 105.62
N ASN M 382 -1.56 67.34 106.96
CA ASN M 382 -2.69 67.75 107.81
C ASN M 382 -3.93 66.92 107.56
N ALA M 383 -3.70 65.62 107.53
CA ALA M 383 -4.75 64.67 107.23
C ALA M 383 -4.41 63.35 107.88
N VAL M 384 -5.44 62.72 108.43
CA VAL M 384 -5.28 61.41 109.03
C VAL M 384 -6.53 60.58 108.76
N SER M 385 -6.35 59.26 108.88
CA SER M 385 -7.40 58.30 108.52
C SER M 385 -8.63 58.51 109.40
N ILE M 386 -9.80 58.32 108.81
CA ILE M 386 -11.03 58.38 109.58
C ILE M 386 -10.97 57.43 110.78
N HIS M 387 -10.48 56.22 110.52
CA HIS M 387 -10.48 55.16 111.53
C HIS M 387 -9.69 55.55 112.76
N GLN M 388 -8.50 56.11 112.55
CA GLN M 388 -7.63 56.44 113.67
C GLN M 388 -8.12 57.76 114.31
N VAL M 389 -8.74 58.65 113.53
CA VAL M 389 -9.44 59.84 114.10
C VAL M 389 -10.48 59.45 115.15
N LYS M 390 -11.13 58.32 114.92
CA LYS M 390 -12.10 57.82 115.88
C LYS M 390 -11.49 57.03 117.03
N LYS M 391 -10.28 56.51 116.84
CA LYS M 391 -9.60 55.75 117.91
C LYS M 391 -8.77 56.64 118.84
N GLN M 392 -8.19 57.72 118.33
CA GLN M 392 -7.49 58.64 119.21
C GLN M 392 -8.45 59.65 119.87
N SER M 393 -9.46 60.14 119.15
CA SER M 393 -10.50 61.00 119.74
C SER M 393 -11.49 60.25 120.66
N GLN M 394 -11.85 59.02 120.30
CA GLN M 394 -12.95 58.28 120.94
C GLN M 394 -14.31 58.94 120.70
N LEU M 395 -14.38 59.84 119.73
CA LEU M 395 -15.61 60.60 119.47
C LEU M 395 -16.35 60.08 118.25
N SER M 396 -17.59 60.55 118.07
CA SER M 396 -18.30 60.40 116.81
C SER M 396 -17.81 61.50 115.85
N LEU M 397 -17.83 61.17 114.56
CA LEU M 397 -17.27 62.02 113.50
C LEU M 397 -17.70 63.50 113.63
N LEU M 398 -19.01 63.65 113.82
CA LEU M 398 -19.60 64.95 114.03
C LEU M 398 -19.05 65.62 115.28
N ASP M 399 -19.03 64.88 116.39
CA ASP M 399 -18.48 65.40 117.64
C ASP M 399 -17.03 65.89 117.43
N TYR M 400 -16.25 65.11 116.67
CA TYR M 400 -14.90 65.55 116.29
C TYR M 400 -14.92 66.86 115.46
N PHE M 401 -15.79 66.91 114.45
CA PHE M 401 -15.98 68.17 113.69
C PHE M 401 -16.23 69.38 114.61
N LEU M 402 -17.18 69.17 115.52
CA LEU M 402 -17.57 70.20 116.45
C LEU M 402 -16.46 70.60 117.39
N GLN M 403 -15.71 69.61 117.91
CA GLN M 403 -14.55 69.91 118.74
C GLN M 403 -13.52 70.71 117.95
N GLU M 404 -13.19 70.25 116.73
CA GLU M 404 -12.04 70.81 116.00
C GLU M 404 -12.32 72.08 115.20
N HIS M 405 -13.58 72.35 114.89
CA HIS M 405 -13.92 73.56 114.13
C HIS M 405 -14.79 74.56 114.90
N GLY M 406 -15.75 74.04 115.66
CA GLY M 406 -16.63 74.87 116.49
C GLY M 406 -18.07 74.39 116.35
N SER M 407 -19.00 75.13 116.97
CA SER M 407 -20.41 74.80 116.86
C SER M 407 -20.89 75.01 115.42
N TYR M 408 -21.92 74.29 115.03
CA TYR M 408 -22.44 74.43 113.65
C TYR M 408 -22.98 75.81 113.30
N THR M 409 -23.03 76.74 114.25
CA THR M 409 -23.35 78.13 113.90
C THR M 409 -22.09 78.97 113.61
N THR M 410 -20.90 78.38 113.70
CA THR M 410 -19.66 79.14 113.38
C THR M 410 -19.27 79.02 111.89
N GLU M 411 -18.50 79.99 111.39
CA GLU M 411 -18.01 79.97 110.00
C GLU M 411 -17.20 78.72 109.73
N ALA M 412 -16.17 78.54 110.58
CA ALA M 412 -15.22 77.43 110.47
C ALA M 412 -15.92 76.10 110.26
N PHE M 413 -17.05 75.90 110.94
CA PHE M 413 -17.79 74.67 110.82
C PHE M 413 -18.52 74.64 109.49
N LEU M 414 -19.21 75.72 109.13
CA LEU M 414 -20.05 75.72 107.92
C LEU M 414 -19.19 75.54 106.69
N SER M 415 -18.03 76.18 106.71
CA SER M 415 -17.03 76.00 105.68
C SER M 415 -16.51 74.54 105.61
N ALA M 416 -16.20 73.94 106.75
CA ALA M 416 -15.73 72.53 106.82
C ALA M 416 -16.80 71.55 106.31
N GLN M 417 -18.05 71.83 106.68
CA GLN M 417 -19.20 71.03 106.26
C GLN M 417 -19.29 71.05 104.74
N ARG M 418 -19.20 72.25 104.18
CA ARG M 418 -19.24 72.42 102.73
C ARG M 418 -18.11 71.62 102.04
N ASN M 419 -16.88 71.74 102.55
CA ASN M 419 -15.75 70.95 102.05
C ASN M 419 -15.97 69.45 102.17
N PHE M 420 -16.58 69.04 103.28
CA PHE M 420 -16.97 67.64 103.45
C PHE M 420 -17.91 67.26 102.32
N VAL M 421 -18.99 68.03 102.17
CA VAL M 421 -20.02 67.68 101.19
C VAL M 421 -19.46 67.65 99.78
N GLN M 422 -18.65 68.65 99.46
CA GLN M 422 -18.07 68.76 98.13
C GLN M 422 -17.03 67.66 97.88
N SER M 423 -16.27 67.30 98.92
CA SER M 423 -15.29 66.21 98.74
C SER M 423 -15.96 64.83 98.66
N CYS M 424 -17.07 64.66 99.38
CA CYS M 424 -17.83 63.40 99.33
C CYS M 424 -18.44 63.15 97.96
N ALA M 425 -19.10 64.18 97.41
CA ALA M 425 -19.77 64.05 96.11
C ALA M 425 -18.74 63.70 95.06
N GLY M 426 -17.64 64.46 95.06
CA GLY M 426 -16.52 64.16 94.18
C GLY M 426 -16.13 62.68 94.25
N TYR M 427 -15.78 62.22 95.45
CA TYR M 427 -15.21 60.87 95.62
C TYR M 427 -16.23 59.74 95.38
N CYS M 428 -17.50 60.03 95.65
CA CYS M 428 -18.56 59.10 95.28
C CYS M 428 -18.49 58.81 93.77
N LEU M 429 -18.41 59.89 92.99
CA LEU M 429 -18.44 59.82 91.51
C LEU M 429 -17.25 59.03 91.03
N VAL M 430 -16.10 59.36 91.58
CA VAL M 430 -14.90 58.63 91.27
C VAL M 430 -15.04 57.13 91.60
N CYS M 431 -15.55 56.82 92.79
CA CYS M 431 -15.71 55.42 93.19
C CYS M 431 -16.64 54.66 92.27
N TYR M 432 -17.76 55.31 91.94
CA TYR M 432 -18.69 54.69 90.99
C TYR M 432 -18.05 54.50 89.61
N LEU M 433 -17.58 55.58 89.02
CA LEU M 433 -17.00 55.49 87.69
C LEU M 433 -15.83 54.50 87.61
N LEU M 434 -14.93 54.53 88.58
CA LEU M 434 -13.81 53.59 88.55
C LEU M 434 -14.09 52.23 89.21
N GLN M 435 -15.31 52.08 89.73
CA GLN M 435 -15.65 50.87 90.47
C GLN M 435 -14.56 50.60 91.50
N VAL M 436 -14.37 51.59 92.38
CA VAL M 436 -13.35 51.46 93.41
C VAL M 436 -13.90 50.55 94.48
N LYS M 437 -13.10 49.53 94.88
CA LYS M 437 -13.57 48.60 95.92
C LYS M 437 -12.69 48.70 97.19
N ASP M 438 -12.90 47.77 98.13
CA ASP M 438 -12.12 47.74 99.39
C ASP M 438 -12.23 49.09 100.11
N ARG M 439 -13.46 49.61 100.21
CA ARG M 439 -13.69 50.93 100.82
C ARG M 439 -14.01 50.81 102.32
N HIS M 440 -13.09 51.31 103.14
CA HIS M 440 -13.28 51.37 104.59
C HIS M 440 -12.51 52.57 105.14
N ASN M 441 -12.70 52.84 106.43
CA ASN M 441 -12.17 54.05 107.05
C ASN M 441 -10.63 54.13 107.21
N GLY M 442 -9.96 52.97 107.08
CA GLY M 442 -8.50 52.92 106.87
C GLY M 442 -8.03 53.49 105.55
N ASN M 443 -8.94 53.54 104.55
CA ASN M 443 -8.65 54.09 103.21
C ASN M 443 -9.20 55.50 102.90
N ILE M 444 -9.78 56.14 103.92
CA ILE M 444 -10.31 57.49 103.79
C ILE M 444 -9.69 58.44 104.79
N LEU M 445 -9.07 59.49 104.26
CA LEU M 445 -8.38 60.47 105.08
C LEU M 445 -9.31 61.65 105.31
N LEU M 446 -9.12 62.33 106.44
CA LEU M 446 -9.74 63.62 106.68
C LEU M 446 -8.70 64.73 106.86
N ASP M 447 -8.81 65.81 106.06
CA ASP M 447 -7.83 66.92 106.17
C ASP M 447 -8.30 67.99 107.18
N ALA M 448 -7.40 68.93 107.49
CA ALA M 448 -7.64 69.99 108.46
C ALA M 448 -8.81 70.94 108.16
N GLU M 449 -9.23 71.00 106.89
CA GLU M 449 -10.31 71.90 106.48
C GLU M 449 -11.64 71.17 106.29
N GLY M 450 -11.64 69.84 106.42
CA GLY M 450 -12.88 69.05 106.34
C GLY M 450 -13.11 68.27 105.06
N HIS M 451 -12.17 68.37 104.11
CA HIS M 451 -12.21 67.49 102.94
C HIS M 451 -11.85 66.08 103.38
N ILE M 452 -12.52 65.11 102.77
CA ILE M 452 -12.08 63.72 102.82
C ILE M 452 -11.25 63.42 101.58
N ILE M 453 -10.44 62.36 101.70
CA ILE M 453 -9.61 61.92 100.57
C ILE M 453 -9.48 60.38 100.57
N HIS M 454 -9.98 59.73 99.53
CA HIS M 454 -9.83 58.27 99.42
C HIS M 454 -8.42 57.92 98.97
N ILE M 455 -7.90 56.74 99.35
CA ILE M 455 -6.50 56.44 98.95
C ILE M 455 -6.05 55.08 98.37
N ASP M 456 -6.57 53.94 98.80
CA ASP M 456 -5.94 52.68 98.36
C ASP M 456 -6.58 52.12 97.08
N PHE M 457 -6.00 52.47 95.93
CA PHE M 457 -6.62 52.11 94.62
C PHE M 457 -6.09 50.79 94.04
N GLY M 458 -5.72 49.85 94.91
CA GLY M 458 -5.78 48.44 94.53
C GLY M 458 -7.28 48.18 94.43
N PHE M 459 -7.67 47.18 93.64
CA PHE M 459 -9.09 46.80 93.52
C PHE M 459 -9.96 47.91 92.89
N ILE M 460 -9.76 48.08 91.58
CA ILE M 460 -10.57 48.99 90.77
C ILE M 460 -10.96 48.32 89.46
N LEU M 461 -12.04 48.83 88.84
CA LEU M 461 -12.50 48.33 87.54
C LEU M 461 -12.80 46.82 87.58
N SER M 462 -12.19 46.06 86.67
CA SER M 462 -12.49 44.63 86.51
C SER M 462 -11.95 43.77 87.65
N SER M 463 -11.09 44.34 88.49
CA SER M 463 -10.42 43.57 89.56
C SER M 463 -11.39 42.90 90.53
N SER M 464 -11.11 41.62 90.77
CA SER M 464 -11.83 40.78 91.74
C SER M 464 -10.83 40.10 92.70
N SER M 473 -15.36 46.23 99.80
CA SER M 473 -16.69 46.63 99.35
C SER M 473 -16.68 48.01 98.67
N ALA M 474 -17.81 48.34 98.03
CA ALA M 474 -17.97 49.58 97.27
C ALA M 474 -18.19 50.79 98.17
N PHE M 475 -18.18 51.98 97.56
CA PHE M 475 -18.39 53.24 98.28
C PHE M 475 -19.67 53.23 99.09
N LYS M 476 -19.55 53.60 100.37
CA LYS M 476 -20.64 53.57 101.33
C LYS M 476 -20.93 54.95 101.91
N LEU M 477 -22.20 55.22 102.21
CA LEU M 477 -22.60 56.45 102.89
C LEU M 477 -23.23 56.08 104.23
N THR M 478 -22.39 55.98 105.26
CA THR M 478 -22.87 55.62 106.61
C THR M 478 -23.68 56.77 107.21
N THR M 479 -24.57 56.46 108.15
CA THR M 479 -25.39 57.50 108.78
C THR M 479 -24.52 58.48 109.59
N GLU M 480 -23.35 58.02 110.04
CA GLU M 480 -22.37 58.93 110.65
C GLU M 480 -21.92 60.03 109.68
N PHE M 481 -21.79 59.69 108.40
CA PHE M 481 -21.47 60.68 107.35
C PHE M 481 -22.66 61.59 107.07
N VAL M 482 -23.84 61.00 107.03
CA VAL M 482 -25.07 61.72 106.76
C VAL M 482 -25.37 62.72 107.89
N ASP M 483 -24.93 62.36 109.10
CA ASP M 483 -25.09 63.22 110.27
C ASP M 483 -24.24 64.50 110.15
N VAL M 484 -22.98 64.33 109.77
CA VAL M 484 -22.09 65.47 109.52
C VAL M 484 -22.68 66.40 108.44
N MET M 485 -23.41 65.82 107.48
CA MET M 485 -24.08 66.60 106.43
C MET M 485 -25.36 67.31 106.91
N GLY M 486 -25.74 67.05 108.15
CA GLY M 486 -26.94 67.65 108.73
C GLY M 486 -28.21 66.84 108.54
N GLY M 487 -28.07 65.60 108.04
CA GLY M 487 -29.21 64.70 107.92
C GLY M 487 -29.92 64.74 106.59
N LEU M 488 -30.79 63.75 106.41
CA LEU M 488 -31.45 63.47 105.13
C LEU M 488 -32.27 64.67 104.61
N ASP M 489 -32.87 65.41 105.53
CA ASP M 489 -33.66 66.60 105.18
C ASP M 489 -32.81 67.87 105.13
N GLY M 490 -31.51 67.74 105.37
CA GLY M 490 -30.62 68.91 105.34
C GLY M 490 -30.52 69.55 103.96
N ASP M 491 -30.28 70.86 103.93
CA ASP M 491 -30.09 71.61 102.68
C ASP M 491 -28.80 71.14 101.98
N MET M 492 -27.76 71.01 102.80
CA MET M 492 -26.45 70.61 102.34
C MET M 492 -26.48 69.20 101.79
N PHE M 493 -27.34 68.32 102.33
CA PHE M 493 -27.48 66.97 101.80
C PHE M 493 -28.19 66.97 100.45
N ASN M 494 -29.30 67.69 100.35
CA ASN M 494 -29.93 67.92 99.03
C ASN M 494 -28.93 68.45 98.03
N TYR M 495 -28.11 69.38 98.50
CA TYR M 495 -27.07 69.99 97.67
C TYR M 495 -26.02 68.93 97.25
N TYR M 496 -25.64 68.02 98.16
CA TYR M 496 -24.75 66.86 97.83
C TYR M 496 -25.24 66.08 96.61
N LYS M 497 -26.54 65.84 96.56
CA LYS M 497 -27.13 65.14 95.41
C LYS M 497 -27.11 66.02 94.18
N MET M 498 -27.27 67.33 94.42
CA MET M 498 -27.30 68.29 93.33
C MET M 498 -25.93 68.29 92.64
N LEU M 499 -24.88 68.22 93.46
CA LEU M 499 -23.51 68.25 93.00
C LEU M 499 -23.22 67.00 92.20
N MET M 500 -23.70 65.87 92.71
CA MET M 500 -23.46 64.58 92.06
C MET M 500 -24.00 64.57 90.63
N LEU M 501 -25.24 65.00 90.50
CA LEU M 501 -25.86 65.16 89.19
C LEU M 501 -25.04 66.10 88.28
N GLN M 502 -24.77 67.30 88.78
CA GLN M 502 -24.02 68.31 88.02
C GLN M 502 -22.69 67.77 87.53
N GLY M 503 -21.96 67.09 88.41
CA GLY M 503 -20.63 66.52 88.08
C GLY M 503 -20.67 65.36 87.10
N LEU M 504 -21.81 64.65 87.11
CA LEU M 504 -22.03 63.57 86.19
C LEU M 504 -22.36 64.15 84.82
N ILE M 505 -23.26 65.13 84.79
CA ILE M 505 -23.59 65.86 83.55
C ILE M 505 -22.31 66.37 82.89
N ALA M 506 -21.41 66.90 83.72
CA ALA M 506 -20.13 67.43 83.25
C ALA M 506 -19.24 66.30 82.66
N ALA M 507 -19.14 65.20 83.39
CA ALA M 507 -18.31 64.08 82.97
C ALA M 507 -18.70 63.53 81.58
N ARG M 508 -20.01 63.34 81.43
CA ARG M 508 -20.55 62.84 80.17
C ARG M 508 -20.09 63.68 78.97
N LYS M 509 -20.04 64.98 79.14
CA LYS M 509 -19.62 65.90 78.07
C LYS M 509 -18.14 65.79 77.71
N HIS M 510 -17.36 65.10 78.53
CA HIS M 510 -15.93 65.00 78.27
C HIS M 510 -15.45 63.57 78.38
N MET M 511 -16.41 62.65 78.33
CA MET M 511 -16.16 61.22 78.41
C MET M 511 -14.90 60.72 77.67
N ASP M 512 -14.67 61.18 76.44
CA ASP M 512 -13.56 60.68 75.59
C ASP M 512 -12.18 60.82 76.23
N LYS M 513 -11.97 61.99 76.84
CA LYS M 513 -10.72 62.31 77.54
C LYS M 513 -10.43 61.35 78.68
N VAL M 514 -11.47 60.89 79.36
CA VAL M 514 -11.30 59.95 80.46
C VAL M 514 -10.99 58.56 79.94
N VAL M 515 -11.86 58.07 79.06
CA VAL M 515 -11.71 56.73 78.48
C VAL M 515 -10.38 56.56 77.78
N GLN M 516 -9.97 57.59 77.02
CA GLN M 516 -8.67 57.56 76.33
C GLN M 516 -7.57 57.09 77.28
N ILE M 517 -7.52 57.70 78.48
CA ILE M 517 -6.45 57.45 79.45
C ILE M 517 -6.36 56.00 79.84
N VAL M 518 -7.52 55.41 80.11
CA VAL M 518 -7.58 54.05 80.57
C VAL M 518 -7.31 53.12 79.40
N GLU M 519 -7.95 53.42 78.26
CA GLU M 519 -7.97 52.51 77.12
C GLU M 519 -6.55 52.27 76.57
N ILE M 520 -5.75 53.33 76.55
CA ILE M 520 -4.38 53.23 76.08
C ILE M 520 -3.49 52.47 77.08
N MET M 521 -3.70 52.67 78.38
CA MET M 521 -2.94 51.94 79.40
C MET M 521 -3.18 50.43 79.41
N GLN M 522 -4.37 50.01 78.96
CA GLN M 522 -4.76 48.60 78.96
C GLN M 522 -3.90 47.77 78.00
N GLN M 523 -3.29 48.45 77.02
CA GLN M 523 -2.61 47.80 75.87
C GLN M 523 -1.84 46.51 76.07
N GLY M 524 -0.70 46.56 76.77
CA GLY M 524 0.08 45.35 77.02
C GLY M 524 0.14 45.12 78.50
N SER M 525 -0.96 45.42 79.15
CA SER M 525 -1.02 45.42 80.59
C SER M 525 -1.47 44.06 81.11
N GLN M 526 -0.84 43.62 82.19
CA GLN M 526 -1.20 42.36 82.83
C GLN M 526 -1.81 42.65 84.21
N LEU M 527 -2.13 43.92 84.44
CA LEU M 527 -2.60 44.39 85.73
C LEU M 527 -4.02 43.85 86.07
N PRO M 528 -4.24 43.45 87.34
CA PRO M 528 -5.52 42.94 87.84
C PRO M 528 -6.76 43.76 87.46
N CYS M 529 -6.61 45.08 87.36
CA CYS M 529 -7.74 45.94 86.97
C CYS M 529 -8.20 45.71 85.51
N PHE M 530 -7.36 45.09 84.68
CA PHE M 530 -7.75 44.77 83.30
C PHE M 530 -8.02 43.29 83.09
N HIS M 531 -8.26 42.55 84.18
CA HIS M 531 -8.48 41.11 84.07
C HIS M 531 -9.62 40.74 83.11
N GLY M 532 -10.64 41.59 83.02
CA GLY M 532 -11.80 41.33 82.18
C GLY M 532 -11.52 41.46 80.70
N SER M 533 -12.49 41.04 79.88
CA SER M 533 -12.49 41.34 78.45
C SER M 533 -13.29 42.61 78.14
N SER M 534 -14.08 43.10 79.09
CA SER M 534 -15.07 44.16 78.84
C SER M 534 -14.90 45.37 79.76
N THR M 535 -13.65 45.61 80.14
CA THR M 535 -13.32 46.67 81.07
C THR M 535 -13.77 48.03 80.51
N ILE M 536 -13.35 48.31 79.29
CA ILE M 536 -13.66 49.57 78.64
C ILE M 536 -15.16 49.68 78.31
N ARG M 537 -15.75 48.58 77.85
CA ARG M 537 -17.18 48.57 77.54
C ARG M 537 -18.01 48.87 78.76
N ASN M 538 -17.64 48.24 79.87
CA ASN M 538 -18.34 48.47 81.13
C ASN M 538 -18.17 49.93 81.59
N LEU M 539 -16.95 50.43 81.44
CA LEU M 539 -16.68 51.82 81.78
C LEU M 539 -17.58 52.79 81.01
N LYS M 540 -17.75 52.56 79.72
CA LYS M 540 -18.56 53.45 78.88
C LYS M 540 -20.02 53.44 79.26
N GLU M 541 -20.52 52.23 79.54
CA GLU M 541 -21.91 52.08 79.95
C GLU M 541 -22.19 52.93 81.19
N ARG M 542 -21.18 53.03 82.08
CA ARG M 542 -21.28 53.78 83.34
C ARG M 542 -21.40 55.28 83.18
N PHE M 543 -21.10 55.79 81.98
CA PHE M 543 -21.43 57.19 81.67
C PHE M 543 -22.88 57.37 81.24
N HIS M 544 -23.56 56.28 80.86
CA HIS M 544 -24.99 56.35 80.45
C HIS M 544 -25.29 57.46 79.45
N MET M 545 -24.55 57.42 78.35
CA MET M 545 -24.60 58.49 77.35
C MET M 545 -25.97 58.70 76.69
N SER M 546 -26.81 57.66 76.70
CA SER M 546 -28.17 57.77 76.18
C SER M 546 -29.11 58.60 77.06
N MET M 547 -28.79 58.72 78.36
CA MET M 547 -29.78 59.28 79.32
C MET M 547 -30.14 60.78 79.16
N THR M 548 -31.38 61.13 79.46
CA THR M 548 -31.76 62.53 79.72
C THR M 548 -31.52 62.85 81.20
N GLU M 549 -31.46 64.14 81.54
CA GLU M 549 -31.12 64.58 82.91
C GLU M 549 -32.01 63.94 83.96
N GLU M 550 -33.30 63.94 83.69
CA GLU M 550 -34.30 63.34 84.58
C GLU M 550 -33.93 61.89 84.86
N GLN M 551 -33.39 61.20 83.85
CA GLN M 551 -32.95 59.81 84.01
C GLN M 551 -31.73 59.72 84.94
N LEU M 552 -30.88 60.73 84.84
CA LEU M 552 -29.65 60.76 85.61
C LEU M 552 -29.97 61.05 87.06
N GLN M 553 -30.93 61.94 87.28
CA GLN M 553 -31.44 62.25 88.62
C GLN M 553 -31.86 60.99 89.33
N LEU M 554 -32.57 60.13 88.61
CA LEU M 554 -33.03 58.87 89.15
C LEU M 554 -31.86 57.92 89.44
N LEU M 555 -30.89 57.90 88.52
CA LEU M 555 -29.69 57.09 88.73
C LEU M 555 -28.90 57.53 89.96
N VAL M 556 -28.80 58.84 90.16
CA VAL M 556 -28.13 59.41 91.35
C VAL M 556 -28.86 58.95 92.62
N GLU M 557 -30.19 59.03 92.61
CA GLU M 557 -31.01 58.58 93.75
C GLU M 557 -30.74 57.11 94.02
N GLN M 558 -30.84 56.28 92.97
CA GLN M 558 -30.52 54.84 93.12
C GLN M 558 -29.14 54.62 93.72
N MET M 559 -28.16 55.32 93.14
CA MET M 559 -26.79 55.27 93.64
C MET M 559 -26.70 55.61 95.12
N VAL M 560 -27.33 56.72 95.53
CA VAL M 560 -27.29 57.18 96.94
C VAL M 560 -27.96 56.16 97.83
N ASP M 561 -29.19 55.81 97.47
CA ASP M 561 -29.93 54.85 98.27
C ASP M 561 -29.17 53.52 98.38
N GLY M 562 -28.51 53.13 97.30
CA GLY M 562 -27.58 51.99 97.31
C GLY M 562 -26.43 52.14 98.30
N SER M 563 -25.91 53.37 98.40
CA SER M 563 -24.76 53.62 99.24
C SER M 563 -25.09 53.52 100.73
N MET M 564 -26.37 53.61 101.07
CA MET M 564 -26.82 53.61 102.48
C MET M 564 -27.22 52.22 103.00
N ARG M 565 -27.74 51.35 102.12
CA ARG M 565 -28.17 50.01 102.53
C ARG M 565 -27.08 49.18 103.21
N SER M 566 -25.84 49.34 102.72
CA SER M 566 -24.66 48.56 103.15
C SER M 566 -24.46 47.37 102.21
N ASP N 9 -6.06 73.66 23.64
CA ASP N 9 -5.64 73.65 22.22
C ASP N 9 -4.24 73.00 22.02
N GLU N 10 -3.32 73.78 21.42
CA GLU N 10 -2.07 73.30 20.81
C GLU N 10 -0.87 73.38 21.75
N TYR N 11 -0.10 72.30 21.81
CA TYR N 11 1.22 72.33 22.45
C TYR N 11 2.30 72.21 21.37
N ASP N 12 3.52 72.64 21.71
CA ASP N 12 4.68 72.45 20.85
C ASP N 12 5.38 71.13 21.19
N TYR N 13 5.18 70.67 22.41
CA TYR N 13 5.82 69.46 22.86
C TYR N 13 4.99 68.67 23.86
N LEU N 14 5.18 67.36 23.81
CA LEU N 14 4.56 66.41 24.72
C LEU N 14 5.66 65.58 25.42
N PHE N 15 5.91 65.87 26.70
CA PHE N 15 7.00 65.16 27.41
C PHE N 15 6.44 64.07 28.31
N LYS N 16 6.88 62.81 28.11
CA LYS N 16 6.53 61.67 28.99
C LYS N 16 7.48 61.54 30.18
N VAL N 17 6.93 61.70 31.38
CA VAL N 17 7.74 61.65 32.60
C VAL N 17 7.18 60.64 33.57
N VAL N 18 8.08 59.90 34.22
CA VAL N 18 7.66 58.89 35.19
C VAL N 18 8.04 59.30 36.61
N LEU N 19 7.20 58.92 37.57
CA LEU N 19 7.53 59.07 38.99
C LEU N 19 7.87 57.73 39.58
N ILE N 20 9.07 57.60 40.14
CA ILE N 20 9.47 56.34 40.73
C ILE N 20 10.02 56.54 42.14
N GLY N 21 10.03 55.45 42.90
CA GLY N 21 10.61 55.42 44.24
C GLY N 21 9.98 54.34 45.09
N ASP N 22 10.50 54.18 46.31
CA ASP N 22 9.93 53.24 47.29
C ASP N 22 8.46 53.60 47.56
N SER N 23 7.69 52.58 47.92
CA SER N 23 6.29 52.77 48.24
C SER N 23 6.12 53.61 49.50
N GLY N 24 5.27 54.63 49.44
CA GLY N 24 4.96 55.47 50.61
C GLY N 24 5.67 56.83 50.67
N VAL N 25 6.59 57.08 49.73
CA VAL N 25 7.38 58.33 49.76
C VAL N 25 6.60 59.59 49.37
N GLY N 26 5.45 59.44 48.69
CA GLY N 26 4.56 60.58 48.38
C GLY N 26 4.31 60.91 46.92
N LYS N 27 4.63 59.96 46.04
CA LYS N 27 4.54 60.16 44.59
C LYS N 27 3.14 60.64 44.18
N SER N 28 2.12 59.93 44.65
CA SER N 28 0.74 60.23 44.22
C SER N 28 0.30 61.61 44.66
N ASN N 29 0.83 62.03 45.81
CA ASN N 29 0.51 63.35 46.33
C ASN N 29 1.33 64.47 45.70
N LEU N 30 2.58 64.18 45.34
CA LEU N 30 3.34 65.13 44.53
C LEU N 30 2.52 65.42 43.27
N LEU N 31 2.05 64.34 42.66
CA LEU N 31 1.27 64.44 41.43
C LEU N 31 -0.07 65.14 41.64
N SER N 32 -0.78 64.78 42.73
CA SER N 32 -2.06 65.44 42.99
C SER N 32 -1.90 66.93 43.35
N ARG N 33 -0.79 67.24 44.03
CA ARG N 33 -0.44 68.61 44.36
C ARG N 33 -0.16 69.37 43.07
N PHE N 34 0.75 68.82 42.27
CA PHE N 34 1.17 69.49 41.04
C PHE N 34 0.05 69.64 40.02
N THR N 35 -0.81 68.62 39.88
CA THR N 35 -1.83 68.72 38.81
C THR N 35 -3.20 69.30 39.19
N ARG N 36 -3.64 69.13 40.43
CA ARG N 36 -4.88 69.79 40.82
C ARG N 36 -4.78 70.54 42.16
N ASN N 37 -3.55 70.75 42.61
CA ASN N 37 -3.29 71.41 43.88
C ASN N 37 -4.11 70.81 45.02
N GLU N 38 -3.99 69.51 45.20
CA GLU N 38 -4.65 68.80 46.31
C GLU N 38 -3.67 67.87 47.01
N PHE N 39 -3.91 67.63 48.30
CA PHE N 39 -3.09 66.71 49.09
C PHE N 39 -3.96 65.92 50.05
N ASN N 40 -3.47 64.75 50.46
CA ASN N 40 -4.16 63.97 51.48
C ASN N 40 -3.26 63.08 52.34
N LEU N 41 -3.55 63.09 53.63
CA LEU N 41 -2.87 62.22 54.58
C LEU N 41 -3.28 60.77 54.40
N GLU N 42 -4.57 60.54 54.19
CA GLU N 42 -5.09 59.20 53.89
C GLU N 42 -4.73 58.87 52.45
N SER N 43 -4.30 57.64 52.21
CA SER N 43 -3.55 57.30 51.01
C SER N 43 -4.00 55.99 50.42
N LYS N 44 -3.97 55.92 49.10
CA LYS N 44 -4.61 54.82 48.39
C LYS N 44 -3.54 54.24 47.49
N SER N 45 -3.14 53.00 47.76
CA SER N 45 -1.97 52.44 47.10
C SER N 45 -2.13 52.57 45.61
N THR N 46 -1.04 52.93 44.96
CA THR N 46 -1.04 53.08 43.52
C THR N 46 -0.90 51.69 42.91
N ILE N 47 -1.91 51.29 42.13
CA ILE N 47 -1.94 49.93 41.57
C ILE N 47 -1.48 49.97 40.13
N GLY N 48 -0.24 49.51 39.90
CA GLY N 48 0.32 49.46 38.55
C GLY N 48 0.75 50.86 38.12
N VAL N 49 -0.17 51.63 37.56
CA VAL N 49 0.13 52.94 36.99
C VAL N 49 -1.07 53.87 37.09
N GLU N 50 -0.77 55.14 37.34
CA GLU N 50 -1.81 56.18 37.26
C GLU N 50 -1.35 57.33 36.36
N PHE N 51 -2.31 57.91 35.64
CA PHE N 51 -2.01 58.90 34.63
C PHE N 51 -2.54 60.29 34.97
N ALA N 52 -1.70 61.32 34.83
CA ALA N 52 -2.11 62.73 35.02
C ALA N 52 -1.29 63.70 34.17
N THR N 53 -1.89 64.85 33.83
CA THR N 53 -1.34 65.78 32.84
C THR N 53 -1.48 67.25 33.21
N ARG N 54 -0.51 68.05 32.78
CA ARG N 54 -0.52 69.49 32.97
C ARG N 54 0.45 70.17 31.98
N SER N 55 0.09 71.39 31.58
CA SER N 55 0.84 72.14 30.59
C SER N 55 1.63 73.28 31.26
N ILE N 56 2.86 73.54 30.81
CA ILE N 56 3.56 74.79 31.22
C ILE N 56 4.23 75.50 30.04
N GLN N 57 4.73 76.73 30.24
CA GLN N 57 5.61 77.36 29.23
C GLN N 57 7.03 77.54 29.72
N VAL N 58 7.95 77.10 28.89
CA VAL N 58 9.35 77.41 29.08
C VAL N 58 9.91 77.97 27.78
N ASP N 59 10.67 79.06 27.90
CA ASP N 59 11.34 79.69 26.77
C ASP N 59 10.36 80.00 25.63
N GLY N 60 9.12 80.38 26.00
CA GLY N 60 8.08 80.76 25.04
C GLY N 60 7.26 79.65 24.38
N LYS N 61 7.45 78.40 24.81
CA LYS N 61 6.81 77.26 24.15
C LYS N 61 5.90 76.54 25.11
N THR N 62 4.69 76.25 24.64
CA THR N 62 3.72 75.51 25.44
C THR N 62 4.09 74.00 25.41
N ILE N 63 4.49 73.48 26.58
CA ILE N 63 4.88 72.08 26.76
C ILE N 63 3.87 71.36 27.64
N LYS N 64 3.26 70.31 27.07
CA LYS N 64 2.35 69.47 27.84
C LYS N 64 3.13 68.30 28.45
N ALA N 65 3.06 68.21 29.77
CA ALA N 65 3.73 67.11 30.46
C ALA N 65 2.73 65.98 30.72
N GLN N 66 3.17 64.75 30.42
CA GLN N 66 2.39 63.56 30.74
C GLN N 66 3.10 62.77 31.81
N ILE N 67 2.48 62.75 33.00
CA ILE N 67 3.12 62.14 34.15
C ILE N 67 2.52 60.77 34.45
N TRP N 68 3.42 59.80 34.63
CA TRP N 68 3.02 58.44 34.94
C TRP N 68 3.48 58.11 36.36
N ASP N 69 2.49 57.91 37.23
CA ASP N 69 2.71 57.60 38.64
C ASP N 69 2.77 56.10 38.71
N THR N 70 3.98 55.57 38.90
CA THR N 70 4.24 54.14 38.67
C THR N 70 3.88 53.16 39.81
N ALA N 71 4.04 53.55 41.08
CA ALA N 71 3.82 52.66 42.25
C ALA N 71 5.12 52.01 42.69
N GLY N 72 5.47 52.19 43.96
CA GLY N 72 6.71 51.69 44.55
C GLY N 72 6.67 50.21 44.91
N LEU N 73 5.47 49.68 45.05
CA LEU N 73 5.28 48.27 45.36
C LEU N 73 5.84 47.35 44.25
N GLU N 74 6.49 46.28 44.70
CA GLU N 74 7.26 45.34 43.87
C GLU N 74 6.34 44.42 43.07
N ARG N 75 5.22 44.03 43.69
CA ARG N 75 4.12 43.29 43.04
C ARG N 75 3.91 43.71 41.58
N TYR N 76 4.03 45.02 41.31
CA TYR N 76 3.71 45.60 40.01
C TYR N 76 4.94 45.95 39.15
N ARG N 77 6.14 45.65 39.65
CA ARG N 77 7.38 46.10 39.00
C ARG N 77 7.66 45.43 37.61
N ALA N 78 7.06 44.27 37.32
CA ALA N 78 7.11 43.67 35.96
C ALA N 78 6.40 44.53 34.87
N ILE N 79 5.30 45.15 35.25
CA ILE N 79 4.46 45.89 34.30
C ILE N 79 4.70 47.44 34.31
N THR N 80 5.31 47.96 35.41
CA THR N 80 5.75 49.39 35.45
C THR N 80 6.87 49.58 34.48
N SER N 81 7.81 48.64 34.45
CA SER N 81 8.97 48.71 33.54
C SER N 81 8.57 48.79 32.06
N ALA N 82 7.39 48.25 31.71
CA ALA N 82 6.82 48.47 30.38
C ALA N 82 6.70 49.98 30.05
N TYR N 83 6.33 50.80 31.04
CA TYR N 83 6.21 52.29 30.89
C TYR N 83 7.49 53.12 30.89
N TYR N 84 8.60 52.51 31.26
CA TYR N 84 9.89 53.22 31.27
C TYR N 84 10.28 53.58 29.82
N ARG N 85 9.74 52.79 28.89
CA ARG N 85 9.93 52.96 27.43
C ARG N 85 9.75 54.41 26.96
N GLY N 86 10.84 54.98 26.47
CA GLY N 86 10.83 56.31 25.85
C GLY N 86 10.36 57.47 26.71
N ALA N 87 10.47 57.36 28.04
CA ALA N 87 10.18 58.48 28.92
C ALA N 87 11.39 59.40 28.91
N VAL N 88 11.15 60.70 28.77
CA VAL N 88 12.24 61.69 28.66
C VAL N 88 12.81 62.07 30.03
N GLY N 89 11.98 61.94 31.06
CA GLY N 89 12.36 62.32 32.41
C GLY N 89 11.84 61.37 33.50
N ALA N 90 12.63 61.24 34.56
CA ALA N 90 12.24 60.47 35.74
C ALA N 90 12.49 61.18 37.07
N LEU N 91 11.42 61.39 37.85
CA LEU N 91 11.53 61.95 39.19
C LEU N 91 11.71 60.80 40.15
N LEU N 92 12.92 60.70 40.69
CA LEU N 92 13.26 59.63 41.62
C LEU N 92 13.09 60.13 43.02
N VAL N 93 12.10 59.56 43.73
CA VAL N 93 11.72 60.16 44.99
C VAL N 93 12.04 59.29 46.21
N TYR N 94 12.51 59.95 47.27
CA TYR N 94 12.69 59.31 48.58
C TYR N 94 12.05 60.20 49.68
N ASP N 95 11.67 59.56 50.79
CA ASP N 95 11.20 60.26 52.01
C ASP N 95 12.35 60.73 52.94
N ILE N 96 12.50 62.06 53.06
CA ILE N 96 13.52 62.68 53.97
C ILE N 96 13.59 62.07 55.41
N ALA N 97 12.42 61.67 55.90
CA ALA N 97 12.27 61.15 57.28
C ALA N 97 12.43 59.62 57.43
N LYS N 98 12.68 58.90 56.34
CA LYS N 98 12.91 57.45 56.43
C LYS N 98 14.18 56.98 55.73
N HIS N 99 15.26 56.80 56.48
CA HIS N 99 16.61 56.60 55.88
C HIS N 99 16.70 55.46 54.86
N LEU N 100 16.04 54.34 55.17
CA LEU N 100 15.99 53.19 54.27
C LEU N 100 15.58 53.55 52.82
N THR N 101 14.61 54.45 52.71
CA THR N 101 14.13 54.90 51.40
C THR N 101 15.24 55.63 50.60
N TYR N 102 16.17 56.30 51.30
CA TYR N 102 17.34 56.93 50.62
C TYR N 102 18.33 55.85 50.21
N GLU N 103 18.44 54.81 51.03
CA GLU N 103 19.37 53.72 50.76
C GLU N 103 19.03 52.99 49.44
N ASN N 104 17.73 52.80 49.16
CA ASN N 104 17.28 52.04 47.96
C ASN N 104 17.30 52.79 46.64
N VAL N 105 17.69 54.07 46.70
CA VAL N 105 17.78 54.87 45.47
C VAL N 105 18.82 54.32 44.48
N GLU N 106 19.80 53.57 44.99
CA GLU N 106 20.82 52.95 44.14
C GLU N 106 20.22 51.81 43.31
N ARG N 107 19.33 51.00 43.91
CA ARG N 107 18.66 49.95 43.15
C ARG N 107 17.59 50.50 42.22
N TRP N 108 17.03 51.63 42.60
CA TRP N 108 16.11 52.30 41.71
C TRP N 108 16.74 52.97 40.46
N LEU N 109 18.05 53.25 40.45
CA LEU N 109 18.73 53.83 39.23
C LEU N 109 19.26 52.77 38.29
N LYS N 110 19.64 51.62 38.86
CA LYS N 110 20.00 50.46 38.05
C LYS N 110 18.75 50.04 37.27
N GLU N 111 17.60 50.10 37.95
CA GLU N 111 16.29 49.89 37.33
C GLU N 111 16.03 50.73 36.08
N LEU N 112 16.76 51.81 35.88
CA LEU N 112 16.64 52.61 34.66
C LEU N 112 17.69 52.23 33.62
N ARG N 113 18.83 51.71 34.06
CA ARG N 113 19.86 51.30 33.12
C ARG N 113 19.65 49.82 32.76
N ASP N 114 18.44 49.30 33.01
CA ASP N 114 18.01 48.01 32.47
C ASP N 114 16.76 48.09 31.58
N HIS N 115 15.77 48.92 31.97
CA HIS N 115 14.48 48.94 31.28
C HIS N 115 14.12 50.28 30.61
N ALA N 116 15.05 51.22 30.54
CA ALA N 116 14.74 52.56 30.01
C ALA N 116 15.88 53.16 29.18
N ASP N 117 15.56 54.18 28.38
CA ASP N 117 16.56 54.92 27.62
C ASP N 117 17.72 55.31 28.54
N SER N 118 18.93 55.01 28.08
CA SER N 118 20.15 55.27 28.84
C SER N 118 20.57 56.73 28.78
N ASN N 119 19.80 57.55 28.07
CA ASN N 119 20.04 58.99 28.01
C ASN N 119 18.80 59.75 28.48
N ILE N 120 18.36 59.44 29.71
CA ILE N 120 17.17 60.07 30.33
C ILE N 120 17.54 61.08 31.43
N VAL N 121 16.74 62.15 31.55
CA VAL N 121 16.92 63.19 32.59
C VAL N 121 16.32 62.77 33.94
N ILE N 122 17.15 62.78 34.99
CA ILE N 122 16.73 62.37 36.34
C ILE N 122 16.90 63.47 37.37
N MET N 123 15.84 63.70 38.14
CA MET N 123 15.93 64.53 39.34
C MET N 123 15.65 63.67 40.56
N LEU N 124 16.56 63.78 41.51
CA LEU N 124 16.46 63.24 42.84
C LEU N 124 15.58 64.16 43.68
N VAL N 125 14.60 63.57 44.37
CA VAL N 125 13.69 64.36 45.19
C VAL N 125 13.59 63.81 46.62
N GLY N 126 13.96 64.66 47.58
CA GLY N 126 13.74 64.41 49.00
C GLY N 126 12.41 65.03 49.37
N ASN N 127 11.41 64.16 49.60
CA ASN N 127 10.07 64.63 49.93
C ASN N 127 9.83 64.60 51.43
N LYS N 128 8.83 65.40 51.83
CA LYS N 128 8.35 65.51 53.21
C LYS N 128 9.30 66.41 54.00
N SER N 129 9.66 67.55 53.39
CA SER N 129 10.54 68.52 54.06
C SER N 129 9.86 69.17 55.24
N ASP N 130 8.54 69.12 55.26
CA ASP N 130 7.78 69.64 56.38
C ASP N 130 8.05 68.89 57.69
N LEU N 131 8.48 67.63 57.61
CA LEU N 131 8.79 66.84 58.80
C LEU N 131 10.19 67.13 59.32
N ARG N 132 10.42 68.38 59.66
CA ARG N 132 11.75 68.87 60.02
C ARG N 132 12.42 68.02 61.11
N HIS N 133 11.68 67.80 62.19
CA HIS N 133 12.23 67.17 63.41
C HIS N 133 12.54 65.67 63.27
N LEU N 134 11.99 65.02 62.24
CA LEU N 134 12.21 63.58 62.05
C LEU N 134 13.19 63.27 60.94
N ARG N 135 13.84 64.32 60.44
CA ARG N 135 14.79 64.20 59.32
C ARG N 135 15.82 63.09 59.55
N ALA N 136 15.90 62.14 58.60
CA ALA N 136 16.89 61.05 58.71
C ALA N 136 17.97 61.08 57.62
N VAL N 137 17.85 62.07 56.71
CA VAL N 137 18.79 62.25 55.60
C VAL N 137 19.13 63.74 55.47
N PRO N 138 20.38 64.10 55.81
CA PRO N 138 20.75 65.51 55.75
C PRO N 138 20.81 66.02 54.31
N THR N 139 20.35 67.25 54.12
CA THR N 139 20.31 67.88 52.80
C THR N 139 21.67 67.84 52.10
N ASP N 140 22.75 68.02 52.87
CA ASP N 140 24.12 68.05 52.31
C ASP N 140 24.59 66.68 51.76
N GLU N 141 24.38 65.62 52.54
CA GLU N 141 24.77 64.27 52.08
C GLU N 141 24.07 63.89 50.78
N ALA N 142 22.78 64.23 50.69
CA ALA N 142 21.99 63.89 49.51
C ALA N 142 22.51 64.62 48.27
N ARG N 143 22.64 65.97 48.35
CA ARG N 143 23.11 66.82 47.21
C ARG N 143 24.52 66.42 46.77
N ALA N 144 25.33 65.95 47.73
CA ALA N 144 26.65 65.39 47.42
C ALA N 144 26.49 64.17 46.50
N PHE N 145 25.69 63.20 46.95
CA PHE N 145 25.38 62.01 46.16
C PHE N 145 24.71 62.34 44.83
N ALA N 146 23.95 63.43 44.80
CA ALA N 146 23.17 63.80 43.63
C ALA N 146 24.06 64.04 42.42
N GLU N 147 25.09 64.87 42.57
CA GLU N 147 25.92 65.22 41.42
C GLU N 147 27.15 64.32 41.24
N LYS N 148 27.50 63.55 42.26
CA LYS N 148 28.39 62.38 42.11
C LYS N 148 27.81 61.39 41.09
N ASN N 149 26.48 61.31 40.99
CA ASN N 149 25.81 60.44 40.01
C ASN N 149 25.11 61.20 38.88
N GLY N 150 25.39 62.49 38.77
CA GLY N 150 24.90 63.31 37.65
C GLY N 150 23.40 63.49 37.59
N LEU N 151 22.83 63.75 38.76
CA LEU N 151 21.41 63.93 38.95
C LEU N 151 21.18 65.32 39.47
N SER N 152 20.07 65.95 39.07
CA SER N 152 19.67 67.23 39.68
C SER N 152 18.91 66.98 41.00
N PHE N 153 18.90 67.94 41.92
CA PHE N 153 18.44 67.70 43.33
C PHE N 153 17.55 68.82 43.90
N ILE N 154 16.54 68.44 44.68
CA ILE N 154 15.62 69.41 45.33
C ILE N 154 14.91 68.70 46.48
N GLU N 155 14.45 69.49 47.46
CA GLU N 155 13.64 68.96 48.55
C GLU N 155 12.23 69.58 48.51
N THR N 156 11.21 68.72 48.62
CA THR N 156 9.80 69.14 48.52
C THR N 156 8.96 68.72 49.72
N SER N 157 7.84 69.41 49.84
CA SER N 157 6.77 68.96 50.67
C SER N 157 5.53 69.04 49.82
N ALA N 158 5.00 67.88 49.44
CA ALA N 158 3.69 67.83 48.82
C ALA N 158 2.62 68.39 49.75
N LEU N 159 2.80 68.19 51.05
CA LEU N 159 1.83 68.62 52.06
C LEU N 159 1.67 70.15 52.12
N ASP N 160 2.76 70.88 52.34
CA ASP N 160 2.69 72.37 52.44
C ASP N 160 2.91 73.03 51.07
N SER N 161 3.26 72.19 50.08
CA SER N 161 3.41 72.58 48.65
C SER N 161 4.77 73.22 48.28
N THR N 162 5.66 73.34 49.26
CA THR N 162 7.02 73.84 49.01
C THR N 162 7.72 73.09 47.87
N ASN N 163 8.16 73.86 46.87
CA ASN N 163 9.02 73.37 45.77
C ASN N 163 8.41 72.38 44.79
N VAL N 164 7.10 72.17 44.87
CA VAL N 164 6.48 71.17 44.03
C VAL N 164 6.48 71.69 42.59
N GLU N 165 5.97 72.89 42.37
CA GLU N 165 5.97 73.48 41.03
C GLU N 165 7.40 73.62 40.52
N ALA N 166 8.26 74.17 41.39
CA ALA N 166 9.66 74.33 41.07
C ALA N 166 10.28 73.00 40.58
N ALA N 167 10.02 71.91 41.30
CA ALA N 167 10.64 70.61 40.99
C ALA N 167 10.32 70.15 39.56
N PHE N 168 9.02 70.13 39.23
CA PHE N 168 8.56 69.84 37.87
C PHE N 168 9.14 70.81 36.86
N GLN N 169 8.98 72.11 37.15
CA GLN N 169 9.44 73.17 36.21
C GLN N 169 10.93 73.08 35.90
N THR N 170 11.73 72.67 36.88
CA THR N 170 13.15 72.43 36.68
C THR N 170 13.40 71.28 35.69
N ILE N 171 12.85 70.12 36.01
CA ILE N 171 13.12 68.96 35.19
C ILE N 171 12.54 69.07 33.79
N LEU N 172 11.39 69.74 33.66
CA LEU N 172 10.82 69.91 32.32
C LEU N 172 11.66 70.87 31.46
N THR N 173 12.12 71.95 32.10
CA THR N 173 13.03 72.92 31.49
C THR N 173 14.36 72.25 31.06
N GLU N 174 14.97 71.56 32.02
CA GLU N 174 16.18 70.76 31.80
C GLU N 174 16.02 69.86 30.56
N ILE N 175 14.92 69.11 30.51
CA ILE N 175 14.58 68.29 29.35
C ILE N 175 14.45 69.12 28.08
N TYR N 176 13.65 70.19 28.11
CA TYR N 176 13.39 71.00 26.89
C TYR N 176 14.64 71.53 26.16
N ARG N 177 15.77 71.63 26.86
CA ARG N 177 17.04 71.94 26.16
C ARG N 177 18.07 70.81 26.08
N ILE N 178 17.69 69.56 26.37
CA ILE N 178 18.49 68.40 25.99
C ILE N 178 18.10 68.01 24.57
N VAL N 179 16.81 68.05 24.30
CA VAL N 179 16.26 67.61 23.01
C VAL N 179 16.87 68.32 21.78
N SER N 180 17.07 69.64 21.88
CA SER N 180 17.50 70.47 20.77
C SER N 180 18.90 70.05 20.29
N GLN N 181 19.05 69.90 18.98
CA GLN N 181 20.30 69.43 18.35
C GLN N 181 20.85 68.20 19.08
N SER O 10 57.56 15.60 -31.37
CA SER O 10 59.00 15.99 -31.48
C SER O 10 59.67 15.52 -32.82
N TRP O 11 58.90 14.92 -33.73
CA TRP O 11 59.44 14.41 -35.01
C TRP O 11 59.96 15.51 -35.96
N LEU O 12 59.27 16.64 -35.99
CA LEU O 12 59.72 17.81 -36.77
C LEU O 12 60.99 18.37 -36.14
N LEU O 13 60.94 18.72 -34.85
CA LEU O 13 62.14 19.18 -34.12
C LEU O 13 63.32 18.20 -34.24
N ARG O 14 63.04 16.91 -34.39
CA ARG O 14 64.10 15.92 -34.66
C ARG O 14 64.83 16.27 -35.92
N LEU O 15 64.05 16.50 -36.98
CA LEU O 15 64.58 16.90 -38.28
C LEU O 15 65.46 18.16 -38.14
N PHE O 16 64.87 19.21 -37.60
CA PHE O 16 65.57 20.50 -37.49
C PHE O 16 66.89 20.39 -36.70
N GLU O 17 66.98 19.43 -35.77
CA GLU O 17 68.20 19.25 -34.99
C GLU O 17 69.16 18.27 -35.63
N SER O 18 68.75 17.68 -36.75
CA SER O 18 69.62 16.76 -37.47
C SER O 18 70.58 17.50 -38.42
N LYS O 19 71.54 16.76 -38.99
CA LYS O 19 72.51 17.35 -39.92
C LYS O 19 71.86 17.78 -41.21
N LEU O 20 70.77 17.11 -41.57
CA LEU O 20 69.91 17.49 -42.70
C LEU O 20 69.61 18.98 -42.84
N PHE O 21 69.59 19.65 -41.69
CA PHE O 21 69.12 21.00 -41.62
C PHE O 21 70.18 21.90 -42.27
N ASP O 22 69.82 22.45 -43.44
CA ASP O 22 70.63 23.44 -44.12
C ASP O 22 69.80 24.65 -44.44
N ILE O 23 70.53 25.70 -44.74
CA ILE O 23 69.93 26.99 -45.03
C ILE O 23 68.69 26.89 -45.94
N SER O 24 68.78 26.01 -46.94
CA SER O 24 67.68 25.79 -47.86
C SER O 24 66.43 25.33 -47.10
N MET O 25 66.57 24.23 -46.38
CA MET O 25 65.47 23.68 -45.62
C MET O 25 64.93 24.74 -44.67
N ALA O 26 65.87 25.42 -44.00
CA ALA O 26 65.46 26.52 -43.11
C ALA O 26 64.53 27.51 -43.83
N ILE O 27 65.02 28.03 -44.95
CA ILE O 27 64.24 29.00 -45.71
C ILE O 27 62.90 28.42 -46.18
N SER O 28 62.89 27.16 -46.61
CA SER O 28 61.65 26.48 -47.09
C SER O 28 60.55 26.51 -46.04
N TYR O 29 60.92 26.06 -44.86
CA TYR O 29 59.99 25.99 -43.77
C TYR O 29 59.61 27.39 -43.33
N LEU O 30 60.61 28.29 -43.27
CA LEU O 30 60.32 29.71 -42.98
C LEU O 30 59.26 30.27 -43.93
N TYR O 31 59.37 29.90 -45.19
CA TYR O 31 58.46 30.38 -46.21
C TYR O 31 57.08 29.69 -46.12
N ASN O 32 57.07 28.39 -45.80
CA ASN O 32 55.83 27.59 -45.89
C ASN O 32 55.03 27.40 -44.59
N SER O 33 55.71 27.08 -43.49
CA SER O 33 55.02 26.99 -42.20
C SER O 33 54.33 28.31 -41.84
N LYS O 34 53.08 28.22 -41.41
CA LYS O 34 52.36 29.40 -40.90
C LYS O 34 52.39 29.41 -39.37
N GLU O 35 53.16 28.49 -38.79
CA GLU O 35 53.26 28.37 -37.34
C GLU O 35 54.29 29.39 -36.84
N PRO O 36 53.84 30.33 -35.98
CA PRO O 36 54.77 31.37 -35.53
C PRO O 36 55.95 30.83 -34.69
N GLY O 37 55.74 29.71 -34.01
CA GLY O 37 56.79 29.11 -33.19
C GLY O 37 57.90 28.53 -34.04
N VAL O 38 57.54 28.12 -35.25
CA VAL O 38 58.51 27.56 -36.19
C VAL O 38 59.35 28.69 -36.77
N GLN O 39 58.62 29.70 -37.23
CA GLN O 39 59.22 30.91 -37.79
C GLN O 39 60.29 31.45 -36.82
N ALA O 40 59.90 31.62 -35.56
CA ALA O 40 60.80 32.10 -34.52
C ALA O 40 61.97 31.13 -34.29
N TYR O 41 61.69 29.83 -34.24
CA TYR O 41 62.75 28.84 -34.04
C TYR O 41 63.80 28.89 -35.12
N ILE O 42 63.34 29.09 -36.34
CA ILE O 42 64.27 29.15 -37.42
C ILE O 42 65.00 30.51 -37.42
N GLY O 43 64.26 31.60 -37.20
CA GLY O 43 64.88 32.92 -37.01
C GLY O 43 66.07 32.85 -36.06
N ASN O 44 65.94 32.04 -35.01
CA ASN O 44 67.04 31.82 -34.05
C ASN O 44 68.14 30.96 -34.65
N ARG O 45 67.77 29.92 -35.38
CA ARG O 45 68.77 29.02 -35.90
C ARG O 45 69.59 29.59 -37.06
N LEU O 46 69.11 30.65 -37.73
CA LEU O 46 69.95 31.35 -38.74
C LEU O 46 71.36 31.68 -38.23
N PHE O 47 71.42 32.14 -36.98
CA PHE O 47 72.69 32.50 -36.35
C PHE O 47 73.62 31.33 -36.41
N CYS O 48 73.07 30.12 -36.31
CA CYS O 48 73.88 28.94 -36.27
C CYS O 48 74.62 28.64 -37.62
N PHE O 49 74.13 29.11 -38.75
CA PHE O 49 74.79 28.82 -40.06
C PHE O 49 76.06 29.63 -40.40
N ARG O 50 76.87 29.09 -41.32
CA ARG O 50 77.96 29.84 -41.92
C ARG O 50 77.44 31.01 -42.76
N ASN O 51 78.02 32.16 -42.48
CA ASN O 51 77.76 33.40 -43.22
C ASN O 51 77.68 33.28 -44.75
N GLU O 52 78.60 32.50 -45.32
CA GLU O 52 78.78 32.39 -46.77
C GLU O 52 77.49 31.79 -47.34
N ASP O 53 76.98 30.78 -46.62
CA ASP O 53 75.87 29.98 -47.15
C ASP O 53 74.60 30.79 -47.12
N VAL O 54 74.46 31.59 -46.07
CA VAL O 54 73.28 32.42 -45.89
C VAL O 54 73.33 33.59 -46.86
N ASP O 55 74.54 34.16 -47.04
CA ASP O 55 74.75 35.33 -47.95
C ASP O 55 74.00 35.15 -49.30
N PHE O 56 74.24 33.99 -49.90
CA PHE O 56 73.62 33.61 -51.18
C PHE O 56 72.10 33.82 -51.24
N TYR O 57 71.42 33.73 -50.10
CA TYR O 57 69.96 33.84 -50.06
C TYR O 57 69.46 35.20 -49.54
N LEU O 58 70.39 36.15 -49.37
CA LEU O 58 69.97 37.43 -48.79
C LEU O 58 68.77 38.08 -49.49
N PRO O 59 68.71 37.98 -50.83
CA PRO O 59 67.58 38.63 -51.51
C PRO O 59 66.25 38.01 -51.10
N GLN O 60 66.27 36.70 -50.86
CA GLN O 60 65.05 35.98 -50.51
C GLN O 60 64.59 36.46 -49.15
N LEU O 61 65.50 36.38 -48.20
CA LEU O 61 65.19 36.78 -46.85
C LEU O 61 64.59 38.18 -46.84
N LEU O 62 65.31 39.09 -47.46
CA LEU O 62 64.87 40.47 -47.50
C LEU O 62 63.54 40.64 -48.24
N ASN O 63 63.33 39.87 -49.30
CA ASN O 63 62.05 39.95 -50.01
C ASN O 63 60.91 39.52 -49.07
N MET O 64 61.12 38.37 -48.44
CA MET O 64 60.17 37.88 -47.45
C MET O 64 59.89 38.93 -46.36
N TYR O 65 60.96 39.48 -45.78
CA TYR O 65 60.82 40.53 -44.77
C TYR O 65 59.84 41.62 -45.22
N ILE O 66 60.06 42.09 -46.45
CA ILE O 66 59.29 43.20 -47.00
C ILE O 66 57.83 42.78 -47.23
N HIS O 67 57.65 41.67 -47.96
CA HIS O 67 56.30 41.41 -48.50
C HIS O 67 55.43 40.47 -47.69
N MET O 68 56.01 39.88 -46.63
CA MET O 68 55.29 38.85 -45.89
C MET O 68 54.77 39.36 -44.57
N ASP O 69 54.04 38.47 -43.87
CA ASP O 69 53.57 38.67 -42.50
C ASP O 69 54.63 39.31 -41.61
N GLU O 70 54.19 40.24 -40.77
CA GLU O 70 55.06 40.87 -39.78
C GLU O 70 55.81 39.82 -38.95
N ASP O 71 55.09 38.78 -38.52
CA ASP O 71 55.67 37.59 -37.87
C ASP O 71 56.96 37.15 -38.55
N VAL O 72 56.91 37.04 -39.88
CA VAL O 72 58.01 36.48 -40.66
C VAL O 72 59.19 37.46 -40.65
N GLY O 73 58.90 38.72 -40.98
CA GLY O 73 59.87 39.78 -40.91
C GLY O 73 60.60 39.82 -39.58
N ASP O 74 59.82 39.86 -38.51
CA ASP O 74 60.39 40.02 -37.16
C ASP O 74 61.30 38.85 -36.72
N ALA O 75 61.08 37.66 -37.30
CA ALA O 75 61.91 36.46 -37.02
C ALA O 75 63.28 36.56 -37.71
N ILE O 76 63.28 37.21 -38.85
CA ILE O 76 64.49 37.34 -39.63
C ILE O 76 65.40 38.49 -39.13
N LYS O 77 64.77 39.58 -38.71
CA LYS O 77 65.45 40.87 -38.47
C LYS O 77 66.73 40.79 -37.60
N PRO O 78 66.61 40.22 -36.40
CA PRO O 78 67.74 40.26 -35.46
C PRO O 78 69.04 39.69 -36.04
N TYR O 79 68.91 38.62 -36.82
CA TYR O 79 70.05 38.02 -37.51
C TYR O 79 70.67 39.02 -38.48
N ILE O 80 69.79 39.67 -39.23
CA ILE O 80 70.24 40.61 -40.22
C ILE O 80 70.98 41.73 -39.51
N VAL O 81 70.35 42.30 -38.48
CA VAL O 81 70.99 43.34 -37.64
C VAL O 81 72.35 42.86 -37.17
N HIS O 82 72.38 41.65 -36.63
CA HIS O 82 73.65 41.07 -36.20
C HIS O 82 74.70 41.08 -37.33
N ARG O 83 74.32 40.61 -38.53
CA ARG O 83 75.30 40.64 -39.64
C ARG O 83 75.75 42.05 -40.03
N CYS O 84 74.75 42.92 -40.13
CA CYS O 84 74.95 44.34 -40.47
C CYS O 84 75.96 45.02 -39.54
N ARG O 85 75.96 44.62 -38.26
CA ARG O 85 76.92 45.20 -37.28
C ARG O 85 78.36 44.75 -37.44
N GLN O 86 78.58 43.61 -38.08
CA GLN O 86 79.93 43.07 -38.17
C GLN O 86 80.55 43.21 -39.58
N SER O 87 79.79 43.73 -40.53
CA SER O 87 80.29 43.93 -41.90
C SER O 87 79.54 45.08 -42.57
N ILE O 88 80.26 46.14 -42.96
CA ILE O 88 79.57 47.25 -43.63
C ILE O 88 79.25 46.90 -45.07
N ASN O 89 80.03 46.01 -45.66
CA ASN O 89 79.68 45.44 -46.95
C ASN O 89 78.27 44.85 -46.84
N PHE O 90 78.07 43.98 -45.85
CA PHE O 90 76.75 43.40 -45.59
C PHE O 90 75.67 44.46 -45.45
N SER O 91 75.95 45.47 -44.63
CA SER O 91 75.00 46.56 -44.43
C SER O 91 74.62 47.19 -45.77
N LEU O 92 75.64 47.44 -46.58
CA LEU O 92 75.43 48.08 -47.86
C LEU O 92 74.44 47.31 -48.72
N GLN O 93 74.69 46.02 -48.88
CA GLN O 93 73.87 45.20 -49.78
C GLN O 93 72.44 45.18 -49.27
N CYS O 94 72.30 45.08 -47.94
CA CYS O 94 70.99 45.17 -47.31
C CYS O 94 70.32 46.47 -47.72
N ALA O 95 71.02 47.59 -47.48
CA ALA O 95 70.42 48.92 -47.77
C ALA O 95 70.02 49.04 -49.23
N LEU O 96 70.91 48.62 -50.10
CA LEU O 96 70.65 48.65 -51.53
C LEU O 96 69.44 47.80 -51.92
N LEU O 97 69.41 46.55 -51.43
CA LEU O 97 68.33 45.61 -51.77
C LEU O 97 66.96 46.03 -51.21
N LEU O 98 66.95 46.42 -49.94
CA LEU O 98 65.74 46.91 -49.32
C LEU O 98 65.09 48.01 -50.16
N GLY O 99 65.91 48.97 -50.59
CA GLY O 99 65.43 50.09 -51.42
C GLY O 99 64.92 49.62 -52.78
N ALA O 100 65.74 48.80 -53.44
CA ALA O 100 65.37 48.28 -54.75
C ALA O 100 64.08 47.45 -54.76
N TYR O 101 63.86 46.64 -53.71
CA TYR O 101 62.68 45.73 -53.70
C TYR O 101 61.40 46.36 -53.08
N SER O 102 61.31 47.69 -53.09
CA SER O 102 60.10 48.43 -52.67
C SER O 102 59.83 49.74 -53.46
N SER O 103 58.99 49.65 -54.49
CA SER O 103 58.56 50.79 -55.30
C SER O 103 57.18 50.61 -55.98
N ARG O 114 57.11 49.45 -44.89
CA ARG O 114 57.84 48.35 -44.22
C ARG O 114 59.37 48.39 -44.45
N GLY O 115 59.77 48.56 -45.70
CA GLY O 115 61.18 48.40 -46.04
C GLY O 115 61.96 49.59 -45.53
N THR O 116 61.34 50.72 -45.81
CA THR O 116 61.90 52.03 -45.61
C THR O 116 62.44 52.28 -44.16
N LYS O 117 61.64 51.90 -43.16
CA LYS O 117 62.03 52.19 -41.77
C LYS O 117 63.38 51.52 -41.42
N LEU O 118 63.59 50.29 -41.89
CA LEU O 118 64.83 49.53 -41.56
C LEU O 118 66.05 50.00 -42.35
N ARG O 119 65.83 50.37 -43.61
CA ARG O 119 66.89 50.90 -44.47
C ARG O 119 67.57 52.11 -43.83
N LYS O 120 66.73 53.06 -43.45
CA LYS O 120 67.18 54.23 -42.73
C LYS O 120 67.94 53.86 -41.42
N LEU O 121 67.47 52.81 -40.73
CA LEU O 121 68.12 52.34 -39.50
C LEU O 121 69.48 51.66 -39.75
N ILE O 122 69.62 51.00 -40.88
CA ILE O 122 70.92 50.44 -41.28
C ILE O 122 71.88 51.55 -41.74
N LEU O 123 71.39 52.45 -42.59
CA LEU O 123 72.16 53.61 -43.02
C LEU O 123 72.54 54.51 -41.82
N SER O 124 71.72 54.55 -40.76
CA SER O 124 72.14 55.09 -39.43
C SER O 124 73.19 54.21 -38.75
N ARG O 188 79.81 57.78 -42.24
CA ARG O 188 79.51 56.39 -41.91
C ARG O 188 79.75 55.45 -43.11
N LEU O 189 78.90 55.60 -44.13
CA LEU O 189 79.00 54.89 -45.43
C LEU O 189 79.08 55.90 -46.57
N ALA O 190 79.17 57.17 -46.20
CA ALA O 190 79.07 58.27 -47.14
C ALA O 190 80.08 58.16 -48.29
N PRO O 191 81.36 57.78 -48.00
CA PRO O 191 82.37 57.69 -49.07
C PRO O 191 81.90 56.77 -50.19
N GLU O 192 81.46 55.59 -49.81
CA GLU O 192 80.98 54.61 -50.77
C GLU O 192 79.71 55.11 -51.49
N ARG O 193 78.73 55.57 -50.72
CA ARG O 193 77.44 56.02 -51.32
C ARG O 193 77.62 57.17 -52.31
N GLU O 194 78.56 58.05 -52.00
CA GLU O 194 78.84 59.19 -52.86
C GLU O 194 79.69 58.76 -54.05
N PHE O 195 80.67 57.89 -53.80
CA PHE O 195 81.40 57.25 -54.87
C PHE O 195 80.43 56.65 -55.89
N ILE O 196 79.42 55.91 -55.40
CA ILE O 196 78.45 55.26 -56.30
C ILE O 196 77.51 56.27 -56.96
N LYS O 197 77.02 57.22 -56.15
CA LYS O 197 76.21 58.28 -56.73
C LYS O 197 76.94 58.99 -57.89
N SER O 198 78.22 59.30 -57.70
CA SER O 198 79.00 59.95 -58.77
C SER O 198 79.11 59.08 -60.04
N LEU O 199 79.45 57.80 -59.84
CA LEU O 199 79.50 56.85 -60.95
C LEU O 199 78.16 56.81 -61.68
N MET O 200 77.08 56.75 -60.91
CA MET O 200 75.72 56.79 -61.50
C MET O 200 75.48 58.08 -62.29
N ALA O 201 75.87 59.21 -61.69
CA ALA O 201 75.67 60.54 -62.23
C ALA O 201 76.38 60.70 -63.56
N ILE O 202 77.64 60.26 -63.59
CA ILE O 202 78.41 60.24 -64.83
C ILE O 202 77.61 59.60 -65.97
N GLY O 203 77.19 58.36 -65.76
CA GLY O 203 76.48 57.59 -66.80
C GLY O 203 75.26 58.30 -67.35
N LYS O 204 74.54 58.99 -66.48
CA LYS O 204 73.34 59.72 -66.86
C LYS O 204 73.67 60.89 -67.80
N ARG O 205 74.86 61.51 -67.63
CA ARG O 205 75.24 62.69 -68.45
C ARG O 205 75.52 62.31 -69.90
N LEU O 206 76.06 61.11 -70.10
CA LEU O 206 76.42 60.64 -71.45
C LEU O 206 75.23 60.55 -72.44
N ALA O 207 74.00 60.59 -71.93
CA ALA O 207 72.79 60.57 -72.75
C ALA O 207 72.75 61.64 -73.86
N THR O 208 73.32 62.81 -73.58
CA THR O 208 73.34 63.91 -74.54
C THR O 208 74.38 63.72 -75.68
N LEU O 209 75.30 62.77 -75.55
CA LEU O 209 76.28 62.53 -76.62
C LEU O 209 75.88 61.35 -77.51
N PRO O 210 75.42 61.63 -78.73
CA PRO O 210 74.80 60.61 -79.58
C PRO O 210 75.70 59.51 -80.13
N THR O 211 77.03 59.61 -80.01
CA THR O 211 77.93 58.56 -80.53
C THR O 211 78.84 57.96 -79.44
N LYS O 212 79.17 56.68 -79.65
CA LYS O 212 80.03 55.88 -78.78
C LYS O 212 81.32 56.66 -78.45
N GLU O 213 82.02 57.06 -79.51
CA GLU O 213 83.31 57.77 -79.41
C GLU O 213 83.26 59.05 -78.56
N GLN O 214 82.23 59.88 -78.78
CA GLN O 214 82.04 61.12 -78.01
C GLN O 214 81.83 60.79 -76.55
N LYS O 215 80.98 59.80 -76.33
CA LYS O 215 80.66 59.33 -74.98
C LYS O 215 81.94 58.89 -74.25
N THR O 216 82.68 57.99 -74.90
CA THR O 216 83.91 57.46 -74.31
C THR O 216 84.86 58.60 -73.91
N GLN O 217 84.97 59.61 -74.76
CA GLN O 217 85.83 60.74 -74.48
C GLN O 217 85.42 61.49 -73.22
N ARG O 218 84.11 61.74 -73.05
CA ARG O 218 83.62 62.42 -71.83
C ARG O 218 83.79 61.55 -70.60
N LEU O 219 83.51 60.25 -70.79
CA LEU O 219 83.68 59.29 -69.71
C LEU O 219 85.12 59.33 -69.22
N ILE O 220 86.07 59.14 -70.13
CA ILE O 220 87.52 59.09 -69.78
C ILE O 220 87.92 60.33 -68.99
N SER O 221 87.55 61.49 -69.51
CA SER O 221 87.85 62.73 -68.83
C SER O 221 87.21 62.74 -67.45
N GLU O 222 85.91 62.45 -67.39
CA GLU O 222 85.20 62.60 -66.10
C GLU O 222 85.64 61.59 -65.03
N LEU O 223 86.08 60.41 -65.46
CA LEU O 223 86.59 59.38 -64.55
C LEU O 223 87.87 59.82 -63.86
N SER O 224 88.70 60.57 -64.59
CA SER O 224 90.01 61.00 -64.09
C SER O 224 89.87 61.83 -62.81
N LEU O 225 88.76 62.55 -62.73
CA LEU O 225 88.46 63.40 -61.59
C LEU O 225 88.23 62.60 -60.31
N LEU O 226 87.75 61.37 -60.44
CA LEU O 226 87.47 60.55 -59.28
C LEU O 226 88.75 60.09 -58.56
N ASN O 227 89.88 59.96 -59.30
CA ASN O 227 91.18 59.61 -58.68
C ASN O 227 91.63 60.64 -57.67
N HIS O 228 91.16 61.85 -57.88
CA HIS O 228 91.35 62.93 -56.94
C HIS O 228 90.74 62.66 -55.56
N LYS O 229 89.76 61.73 -55.48
CA LYS O 229 89.20 61.32 -54.17
C LYS O 229 89.65 59.93 -53.64
N LEU O 230 90.65 59.34 -54.30
CA LEU O 230 91.19 58.03 -53.89
C LEU O 230 92.65 58.07 -53.39
N PRO O 231 93.02 57.14 -52.50
CA PRO O 231 92.18 56.08 -51.93
C PRO O 231 91.32 56.55 -50.75
N ALA O 232 90.24 55.82 -50.51
CA ALA O 232 89.27 56.16 -49.45
C ALA O 232 88.61 54.90 -48.87
N ARG O 233 87.71 55.09 -47.92
CA ARG O 233 86.89 54.00 -47.38
C ARG O 233 85.81 53.58 -48.42
N VAL O 234 86.26 53.00 -49.53
CA VAL O 234 85.38 52.62 -50.66
C VAL O 234 85.83 51.30 -51.32
N TRP O 235 84.86 50.53 -51.83
CA TRP O 235 85.12 49.21 -52.39
C TRP O 235 84.08 48.83 -53.45
N LEU O 236 84.37 47.74 -54.16
CA LEU O 236 83.51 47.15 -55.16
C LEU O 236 82.90 45.86 -54.64
N PRO O 237 81.62 45.91 -54.24
CA PRO O 237 80.95 44.74 -53.66
C PRO O 237 81.01 43.49 -54.53
N THR O 238 81.17 43.69 -55.84
CA THR O 238 81.31 42.60 -56.79
C THR O 238 82.67 41.85 -56.70
N ALA O 239 83.58 42.30 -55.84
CA ALA O 239 84.89 41.64 -55.71
C ALA O 239 84.89 40.38 -54.84
N GLY O 240 85.64 39.37 -55.28
CA GLY O 240 85.76 38.12 -54.54
C GLY O 240 86.33 38.24 -53.14
N PHE O 241 86.94 39.38 -52.81
CA PHE O 241 87.72 39.53 -51.56
C PHE O 241 87.50 40.90 -50.90
N ASP O 242 88.08 41.08 -49.71
CA ASP O 242 88.10 42.38 -49.05
C ASP O 242 89.24 43.20 -49.63
N HIS O 243 89.02 44.51 -49.72
CA HIS O 243 89.98 45.38 -50.37
C HIS O 243 89.69 46.87 -50.15
N HIS O 244 90.67 47.69 -50.53
CA HIS O 244 90.47 49.13 -50.69
C HIS O 244 90.73 49.49 -52.16
N VAL O 245 89.88 50.37 -52.73
CA VAL O 245 90.08 50.92 -54.08
C VAL O 245 91.07 52.07 -54.02
N VAL O 246 92.06 52.02 -54.92
CA VAL O 246 93.13 53.03 -54.88
C VAL O 246 93.17 53.95 -56.10
N ARG O 247 92.86 53.41 -57.28
CA ARG O 247 93.10 54.10 -58.55
C ARG O 247 92.23 53.60 -59.71
N VAL O 248 91.82 54.54 -60.57
CA VAL O 248 91.02 54.21 -61.77
C VAL O 248 91.80 54.58 -63.01
N PRO O 249 92.25 53.57 -63.76
CA PRO O 249 92.88 53.82 -65.07
C PRO O 249 91.89 54.29 -66.15
N HIS O 250 91.46 55.54 -65.96
CA HIS O 250 90.47 56.19 -66.81
C HIS O 250 90.68 56.06 -68.32
N THR O 251 91.93 56.12 -68.79
CA THR O 251 92.19 56.02 -70.23
C THR O 251 91.74 54.66 -70.78
N GLN O 252 91.61 53.67 -69.90
CA GLN O 252 91.25 52.31 -70.33
C GLN O 252 89.74 52.04 -70.37
N ALA O 253 88.98 52.91 -69.72
CA ALA O 253 87.54 52.77 -69.68
C ALA O 253 86.92 53.02 -71.07
N VAL O 254 85.79 52.34 -71.32
CA VAL O 254 85.10 52.42 -72.61
C VAL O 254 83.57 52.29 -72.43
N VAL O 255 82.83 52.94 -73.33
CA VAL O 255 81.36 52.91 -73.34
C VAL O 255 80.94 51.92 -74.40
N LEU O 256 79.88 51.17 -74.12
CA LEU O 256 79.57 49.97 -74.89
C LEU O 256 78.68 50.12 -76.14
N ASN O 257 77.77 51.08 -76.13
CA ASN O 257 76.86 51.30 -77.27
C ASN O 257 76.45 52.77 -77.42
N SER O 258 75.67 53.06 -78.47
CA SER O 258 75.24 54.44 -78.80
C SER O 258 73.88 54.80 -78.18
N LYS O 259 73.41 53.95 -77.28
CA LYS O 259 72.07 54.08 -76.72
C LYS O 259 71.93 55.24 -75.71
N ASP O 260 70.67 55.58 -75.47
CA ASP O 260 70.25 56.72 -74.64
C ASP O 260 70.80 56.64 -73.21
N LYS O 261 70.68 55.47 -72.59
CA LYS O 261 71.25 55.23 -71.26
C LYS O 261 72.28 54.12 -71.30
N ALA O 262 73.35 54.42 -72.03
CA ALA O 262 74.36 53.43 -72.32
C ALA O 262 75.08 52.99 -71.03
N PRO O 263 75.33 51.69 -70.92
CA PRO O 263 76.23 51.19 -69.93
C PRO O 263 77.68 51.45 -70.33
N TYR O 264 78.57 51.46 -69.34
CA TYR O 264 79.98 51.65 -69.61
C TYR O 264 80.86 50.76 -68.73
N LEU O 265 81.97 50.30 -69.31
CA LEU O 265 82.87 49.39 -68.62
C LEU O 265 84.05 50.13 -68.08
N ILE O 266 84.45 49.82 -66.85
CA ILE O 266 85.68 50.41 -66.29
C ILE O 266 86.55 49.38 -65.62
N TYR O 267 87.84 49.69 -65.54
CA TYR O 267 88.77 48.88 -64.79
C TYR O 267 89.15 49.64 -63.53
N VAL O 268 89.32 48.90 -62.42
CA VAL O 268 89.60 49.52 -61.09
C VAL O 268 90.77 48.82 -60.39
N GLU O 269 91.63 49.63 -59.76
CA GLU O 269 92.78 49.13 -59.01
C GLU O 269 92.48 49.06 -57.52
N VAL O 270 92.89 47.96 -56.90
CA VAL O 270 92.65 47.73 -55.46
C VAL O 270 93.83 47.07 -54.74
N LEU O 271 93.82 47.27 -53.42
CA LEU O 271 94.76 46.61 -52.55
C LEU O 271 94.05 45.65 -51.60
N GLU O 272 94.40 44.37 -51.71
CA GLU O 272 93.71 43.32 -50.95
C GLU O 272 93.86 43.47 -49.42
N CYS O 273 92.81 43.08 -48.71
CA CYS O 273 92.83 43.05 -47.25
C CYS O 273 92.69 41.62 -46.76
N GLU O 274 92.95 41.41 -45.47
CA GLU O 274 92.46 40.24 -44.76
C GLU O 274 91.12 40.53 -44.12
N ASN O 275 91.01 41.74 -43.56
CA ASN O 275 89.74 42.28 -43.13
C ASN O 275 89.63 43.79 -43.37
N PHE O 276 88.59 44.19 -44.08
CA PHE O 276 88.33 45.60 -44.41
C PHE O 276 87.98 46.46 -43.20
N ASP O 277 87.12 45.91 -42.33
CA ASP O 277 86.46 46.68 -41.28
C ASP O 277 87.44 47.23 -40.23
N THR O 278 88.63 46.63 -40.17
CA THR O 278 89.61 46.92 -39.12
C THR O 278 90.97 47.41 -39.62
N THR O 279 91.06 47.85 -40.88
CA THR O 279 92.37 48.14 -41.44
C THR O 279 92.45 49.49 -42.18
N SER O 280 93.70 49.96 -42.25
CA SER O 280 94.15 50.93 -43.27
C SER O 280 93.29 52.15 -43.63
N VAL O 281 92.62 52.06 -44.79
CA VAL O 281 92.60 53.09 -45.86
C VAL O 281 94.05 53.51 -46.21
N PRO O 282 94.68 52.86 -47.22
CA PRO O 282 96.10 53.12 -47.48
C PRO O 282 96.35 54.52 -47.94
N ALA O 283 97.63 54.86 -48.06
CA ALA O 283 98.05 56.22 -48.33
C ALA O 283 98.11 56.50 -49.83
N ARG O 284 97.77 57.74 -50.20
CA ARG O 284 97.83 58.16 -51.60
C ARG O 284 99.25 58.11 -52.12
N ILE O 285 99.40 57.77 -53.41
CA ILE O 285 100.68 57.87 -54.11
C ILE O 285 100.41 58.72 -55.36
N PRO O 286 101.01 59.92 -55.43
CA PRO O 286 100.49 60.95 -56.34
C PRO O 286 100.57 60.70 -57.86
N GLU O 287 101.42 59.79 -58.33
CA GLU O 287 101.39 59.30 -59.73
C GLU O 287 102.35 59.99 -60.69
N ASN O 288 102.53 59.35 -61.83
CA ASN O 288 102.96 60.02 -63.05
C ASN O 288 102.17 59.45 -64.22
N PRO O 295 101.22 55.93 -73.21
CA PRO O 295 102.02 54.69 -73.15
C PRO O 295 101.28 53.56 -72.38
N SER O 296 101.14 53.69 -71.06
CA SER O 296 100.16 52.87 -70.34
C SER O 296 98.78 53.46 -70.66
N ALA O 297 98.77 54.73 -71.08
CA ALA O 297 97.53 55.44 -71.43
C ALA O 297 96.80 54.94 -72.70
N VAL O 298 97.55 54.40 -73.67
CA VAL O 298 96.93 53.99 -74.95
C VAL O 298 96.08 52.72 -74.78
N ALA O 299 94.93 52.69 -75.44
CA ALA O 299 93.99 51.58 -75.30
C ALA O 299 93.85 50.83 -76.65
N LEU O 300 94.07 49.51 -76.66
CA LEU O 300 93.75 48.67 -77.84
C LEU O 300 93.33 47.23 -77.45
N LYS O 301 92.68 46.55 -78.39
CA LYS O 301 92.28 45.16 -78.21
C LYS O 301 93.49 44.25 -77.94
N GLU O 302 93.50 43.71 -76.72
CA GLU O 302 94.53 42.79 -76.24
C GLU O 302 93.94 41.90 -75.14
N PRO O 303 94.52 40.70 -74.92
CA PRO O 303 94.10 39.82 -73.81
C PRO O 303 94.10 40.49 -72.43
N TRP O 304 93.42 39.90 -71.47
CA TRP O 304 93.26 40.43 -70.12
C TRP O 304 94.60 40.57 -69.40
N GLN O 305 95.43 39.51 -69.47
CA GLN O 305 96.72 39.52 -68.76
C GLN O 305 97.73 40.50 -69.37
N GLU O 306 97.63 40.70 -70.67
CA GLU O 306 98.45 41.71 -71.33
C GLU O 306 97.98 43.13 -70.95
N LYS O 307 96.69 43.29 -70.71
CA LYS O 307 96.13 44.55 -70.24
C LYS O 307 96.42 44.81 -68.76
N VAL O 308 96.45 43.76 -67.94
CA VAL O 308 96.88 43.90 -66.51
C VAL O 308 98.33 44.40 -66.46
N ARG O 309 99.21 43.76 -67.25
CA ARG O 309 100.62 44.17 -67.38
C ARG O 309 100.75 45.68 -67.64
N ARG O 310 100.16 46.13 -68.74
CA ARG O 310 100.22 47.53 -69.19
C ARG O 310 99.75 48.53 -68.13
N ILE O 311 98.62 48.24 -67.51
CA ILE O 311 98.05 49.14 -66.51
C ILE O 311 98.89 49.12 -65.24
N ARG O 312 99.27 47.91 -64.80
CA ARG O 312 100.09 47.70 -63.61
C ARG O 312 101.40 48.49 -63.75
N GLU O 313 102.12 48.22 -64.84
CA GLU O 313 103.41 48.89 -65.09
C GLU O 313 103.34 50.42 -65.09
N GLY O 314 102.24 50.98 -65.61
CA GLY O 314 102.00 52.41 -65.56
C GLY O 314 101.56 52.92 -64.20
N SER O 315 101.08 52.03 -63.34
CA SER O 315 100.46 52.47 -62.08
C SER O 315 101.46 52.74 -60.95
N PRO O 316 101.23 53.83 -60.19
CA PRO O 316 101.97 54.08 -58.93
C PRO O 316 102.03 52.85 -58.03
N TYR O 317 100.88 52.19 -57.87
CA TYR O 317 100.72 51.10 -56.91
C TYR O 317 101.06 49.70 -57.50
N GLY O 318 101.38 49.65 -58.79
CA GLY O 318 101.51 48.38 -59.51
C GLY O 318 102.59 47.43 -59.02
N HIS O 319 103.65 47.99 -58.46
CA HIS O 319 104.73 47.21 -57.86
C HIS O 319 104.30 46.29 -56.69
N LEU O 320 103.28 46.68 -55.90
CA LEU O 320 102.91 45.94 -54.67
C LEU O 320 102.37 44.52 -54.94
N PRO O 321 102.64 43.57 -54.03
CA PRO O 321 102.08 42.22 -54.12
C PRO O 321 100.61 42.24 -53.70
N ASN O 322 100.27 43.29 -52.96
CA ASN O 322 98.96 43.55 -52.42
C ASN O 322 97.94 43.98 -53.49
N TRP O 323 98.46 44.31 -54.68
CA TRP O 323 97.71 44.98 -55.74
C TRP O 323 96.96 43.99 -56.64
N ARG O 324 95.69 44.31 -56.94
CA ARG O 324 94.92 43.51 -57.92
C ARG O 324 94.01 44.40 -58.79
N LEU O 325 93.63 43.89 -59.96
CA LEU O 325 92.78 44.63 -60.91
C LEU O 325 91.39 44.02 -61.09
N LEU O 326 90.36 44.88 -60.95
CA LEU O 326 88.98 44.43 -61.15
C LEU O 326 88.32 45.14 -62.32
N SER O 327 87.10 44.70 -62.65
CA SER O 327 86.32 45.30 -63.75
C SER O 327 84.81 45.22 -63.47
N VAL O 328 84.07 46.27 -63.84
CA VAL O 328 82.62 46.27 -63.74
C VAL O 328 82.01 47.06 -64.88
N ILE O 329 80.85 46.59 -65.31
CA ILE O 329 79.99 47.33 -66.20
C ILE O 329 79.04 48.13 -65.30
N VAL O 330 78.86 49.41 -65.61
CA VAL O 330 77.96 50.25 -64.82
C VAL O 330 76.69 50.56 -65.62
N LYS O 331 75.54 50.12 -65.10
CA LYS O 331 74.31 50.37 -65.82
C LYS O 331 73.52 51.40 -65.01
N CYS O 332 73.46 52.61 -65.53
CA CYS O 332 72.89 53.74 -64.76
C CYS O 332 71.36 53.79 -64.82
N GLY O 333 70.78 53.35 -65.94
CA GLY O 333 69.34 53.42 -66.15
C GLY O 333 68.67 52.09 -66.45
N ASP O 334 69.32 50.96 -66.16
CA ASP O 334 68.74 49.63 -66.42
C ASP O 334 68.45 48.85 -65.09
N ASP O 335 67.26 48.24 -64.99
CA ASP O 335 66.91 47.40 -63.84
C ASP O 335 67.69 46.08 -63.92
N LEU O 336 68.22 45.62 -62.79
CA LEU O 336 69.04 44.40 -62.77
C LEU O 336 68.48 43.27 -61.92
N ARG O 337 67.22 43.35 -61.54
CA ARG O 337 66.69 42.40 -60.56
C ARG O 337 66.43 41.03 -61.20
N GLN O 338 65.92 41.05 -62.44
CA GLN O 338 65.79 39.83 -63.25
C GLN O 338 67.18 39.20 -63.41
N GLU O 339 68.12 40.10 -63.69
CA GLU O 339 69.48 39.68 -63.93
C GLU O 339 70.04 39.00 -62.67
N LEU O 340 69.73 39.57 -61.50
CA LEU O 340 70.11 38.98 -60.21
C LEU O 340 69.43 37.65 -59.95
N LEU O 341 68.14 37.60 -60.21
CA LEU O 341 67.47 36.32 -60.10
C LEU O 341 68.15 35.23 -60.96
N ALA O 342 68.44 35.58 -62.22
CA ALA O 342 69.07 34.61 -63.16
C ALA O 342 70.41 34.08 -62.63
N PHE O 343 71.16 35.00 -62.02
CA PHE O 343 72.45 34.68 -61.45
C PHE O 343 72.34 33.55 -60.44
N GLN O 344 71.39 33.69 -59.52
CA GLN O 344 71.16 32.69 -58.46
C GLN O 344 70.81 31.33 -59.06
N VAL O 345 69.94 31.35 -60.05
CA VAL O 345 69.53 30.13 -60.69
C VAL O 345 70.74 29.47 -61.36
N LEU O 346 71.54 30.28 -62.03
CA LEU O 346 72.73 29.75 -62.72
C LEU O 346 73.69 29.14 -61.70
N LYS O 347 73.83 29.86 -60.59
CA LYS O 347 74.77 29.46 -59.56
C LYS O 347 74.33 28.17 -58.92
N GLN O 348 73.03 28.06 -58.65
CA GLN O 348 72.47 26.83 -58.14
C GLN O 348 72.68 25.68 -59.15
N LEU O 349 72.31 25.89 -60.42
CA LEU O 349 72.47 24.80 -61.41
C LEU O 349 73.92 24.36 -61.53
N GLN O 350 74.81 25.36 -61.42
CA GLN O 350 76.25 25.06 -61.43
C GLN O 350 76.64 24.09 -60.28
N SER O 351 76.18 24.39 -59.06
CA SER O 351 76.49 23.57 -57.87
C SER O 351 75.84 22.21 -58.03
N ILE O 352 74.59 22.21 -58.50
CA ILE O 352 73.90 20.95 -58.77
C ILE O 352 74.77 20.13 -59.71
N TRP O 353 75.23 20.73 -60.81
CA TRP O 353 76.03 19.96 -61.77
C TRP O 353 77.42 19.57 -61.26
N GLU O 354 77.99 20.36 -60.35
CA GLU O 354 79.23 19.93 -59.67
C GLU O 354 79.02 18.77 -58.71
N GLN O 355 77.97 18.87 -57.91
CA GLN O 355 77.60 17.88 -56.91
C GLN O 355 77.30 16.49 -57.53
N GLU O 356 76.33 16.41 -58.45
CA GLU O 356 76.23 15.25 -59.35
C GLU O 356 77.50 15.41 -60.17
N ARG O 357 77.82 14.51 -61.06
CA ARG O 357 79.11 14.67 -61.69
C ARG O 357 79.00 14.76 -63.18
N VAL O 358 78.37 15.86 -63.58
CA VAL O 358 78.16 16.18 -64.97
C VAL O 358 79.03 17.39 -65.31
N PRO O 359 80.00 17.22 -66.22
CA PRO O 359 80.91 18.29 -66.54
C PRO O 359 80.34 19.34 -67.53
N LEU O 360 79.06 19.70 -67.42
CA LEU O 360 78.55 20.88 -68.13
C LEU O 360 79.27 22.12 -67.62
N TRP O 361 79.26 23.18 -68.42
CA TRP O 361 79.97 24.42 -68.08
C TRP O 361 79.09 25.63 -68.30
N ILE O 362 79.00 26.48 -67.30
CA ILE O 362 78.33 27.78 -67.45
C ILE O 362 79.06 28.83 -66.62
N LYS O 363 78.74 30.10 -66.87
CA LYS O 363 79.35 31.18 -66.13
C LYS O 363 78.30 32.15 -65.61
N PRO O 364 77.98 32.01 -64.32
CA PRO O 364 77.23 33.04 -63.62
C PRO O 364 78.13 34.25 -63.53
N TYR O 365 77.57 35.41 -63.84
CA TYR O 365 78.30 36.65 -63.67
C TYR O 365 77.63 37.48 -62.62
N LYS O 366 78.45 38.01 -61.72
CA LYS O 366 77.98 38.69 -60.51
C LYS O 366 77.15 39.92 -60.84
N ILE O 367 76.17 40.17 -60.00
CA ILE O 367 75.26 41.28 -60.17
C ILE O 367 75.26 42.09 -58.90
N LEU O 368 75.24 43.41 -59.04
CA LEU O 368 74.97 44.26 -57.90
C LEU O 368 73.81 45.19 -58.21
N VAL O 369 72.69 44.97 -57.54
CA VAL O 369 71.53 45.84 -57.67
C VAL O 369 71.77 47.07 -56.82
N ILE O 370 71.59 48.26 -57.40
CA ILE O 370 71.79 49.49 -56.65
C ILE O 370 70.48 50.25 -56.42
N SER O 371 69.63 50.23 -57.44
CA SER O 371 68.25 50.69 -57.31
C SER O 371 67.36 49.82 -58.21
N ALA O 372 66.05 50.08 -58.20
CA ALA O 372 65.14 49.47 -59.17
C ALA O 372 65.52 49.93 -60.59
N ASP O 373 66.23 51.06 -60.69
CA ASP O 373 66.69 51.65 -61.96
C ASP O 373 68.08 51.24 -62.38
N SER O 374 68.97 50.97 -61.42
CA SER O 374 70.40 50.93 -61.67
C SER O 374 71.17 49.83 -60.93
N GLY O 375 72.30 49.45 -61.50
CA GLY O 375 73.19 48.42 -60.92
C GLY O 375 74.51 48.22 -61.67
N MET O 376 75.26 47.18 -61.25
CA MET O 376 76.51 46.78 -61.91
C MET O 376 76.61 45.27 -62.20
N ILE O 377 77.47 44.94 -63.17
CA ILE O 377 77.71 43.55 -63.61
C ILE O 377 79.20 43.33 -63.74
N GLU O 378 79.69 42.21 -63.18
CA GLU O 378 81.08 41.81 -63.42
C GLU O 378 81.16 41.07 -64.77
N PRO O 379 81.82 41.69 -65.77
CA PRO O 379 81.85 41.09 -67.11
C PRO O 379 82.83 39.93 -67.18
N VAL O 380 82.62 39.04 -68.13
CA VAL O 380 83.63 38.00 -68.36
C VAL O 380 84.68 38.61 -69.24
N VAL O 381 85.93 38.44 -68.82
CA VAL O 381 87.10 38.92 -69.58
C VAL O 381 87.60 37.88 -70.62
N ASN O 382 88.36 38.36 -71.62
CA ASN O 382 88.80 37.52 -72.74
C ASN O 382 87.65 36.86 -73.44
N ALA O 383 86.67 37.70 -73.74
CA ALA O 383 85.44 37.24 -74.35
C ALA O 383 84.81 38.38 -75.10
N VAL O 384 84.28 38.04 -76.27
CA VAL O 384 83.59 39.02 -77.08
C VAL O 384 82.41 38.35 -77.78
N SER O 385 81.46 39.18 -78.21
CA SER O 385 80.20 38.69 -78.78
C SER O 385 80.47 37.89 -80.04
N ILE O 386 79.66 36.84 -80.25
CA ILE O 386 79.74 36.06 -81.47
C ILE O 386 79.62 36.98 -82.70
N HIS O 387 78.67 37.89 -82.64
CA HIS O 387 78.33 38.75 -83.78
C HIS O 387 79.51 39.59 -84.22
N GLN O 388 80.21 40.19 -83.25
CA GLN O 388 81.31 41.08 -83.60
C GLN O 388 82.56 40.23 -83.93
N VAL O 389 82.69 39.04 -83.33
CA VAL O 389 83.73 38.08 -83.76
C VAL O 389 83.66 37.78 -85.25
N LYS O 390 82.45 37.75 -85.78
CA LYS O 390 82.26 37.51 -87.21
C LYS O 390 82.40 38.76 -88.05
N LYS O 391 82.25 39.94 -87.44
CA LYS O 391 82.38 41.20 -88.19
C LYS O 391 83.81 41.72 -88.22
N GLN O 392 84.58 41.48 -87.16
CA GLN O 392 85.97 41.88 -87.22
C GLN O 392 86.83 40.81 -87.92
N SER O 393 86.55 39.52 -87.70
CA SER O 393 87.26 38.46 -88.43
C SER O 393 86.86 38.32 -89.91
N GLN O 394 85.58 38.54 -90.21
CA GLN O 394 85.00 38.21 -91.53
C GLN O 394 85.00 36.72 -91.83
N LEU O 395 85.18 35.90 -90.80
CA LEU O 395 85.29 34.44 -91.00
C LEU O 395 84.01 33.73 -90.58
N SER O 396 83.94 32.43 -90.91
CA SER O 396 82.96 31.53 -90.31
C SER O 396 83.49 31.08 -88.94
N LEU O 397 82.55 30.81 -88.03
CA LEU O 397 82.86 30.50 -86.63
C LEU O 397 83.99 29.45 -86.48
N LEU O 398 83.82 28.38 -87.26
CA LEU O 398 84.79 27.32 -87.32
C LEU O 398 86.14 27.82 -87.81
N ASP O 399 86.12 28.57 -88.91
CA ASP O 399 87.34 29.14 -89.46
C ASP O 399 88.07 29.98 -88.38
N TYR O 400 87.28 30.76 -87.61
CA TYR O 400 87.84 31.52 -86.47
C TYR O 400 88.45 30.59 -85.40
N PHE O 401 87.71 29.53 -85.04
CA PHE O 401 88.28 28.51 -84.13
C PHE O 401 89.64 27.99 -84.61
N LEU O 402 89.67 27.61 -85.88
CA LEU O 402 90.87 27.07 -86.51
C LEU O 402 92.00 28.08 -86.54
N GLN O 403 91.69 29.33 -86.88
CA GLN O 403 92.71 30.39 -86.82
C GLN O 403 93.26 30.57 -85.41
N GLU O 404 92.34 30.69 -84.43
CA GLU O 404 92.75 31.09 -83.08
C GLU O 404 93.27 29.96 -82.17
N HIS O 405 92.96 28.71 -82.49
CA HIS O 405 93.44 27.58 -81.68
C HIS O 405 94.37 26.64 -82.44
N GLY O 406 94.06 26.36 -83.70
CA GLY O 406 94.88 25.50 -84.55
C GLY O 406 94.00 24.55 -85.32
N SER O 407 94.64 23.63 -86.05
CA SER O 407 93.90 22.60 -86.80
C SER O 407 93.18 21.67 -85.85
N TYR O 408 92.10 21.08 -86.30
CA TYR O 408 91.35 20.16 -85.42
C TYR O 408 92.10 18.91 -84.99
N THR O 409 93.32 18.70 -85.46
CA THR O 409 94.15 17.63 -84.91
C THR O 409 95.05 18.12 -83.76
N THR O 410 94.98 19.42 -83.40
CA THR O 410 95.81 19.92 -82.27
C THR O 410 95.07 19.82 -80.93
N GLU O 411 95.83 19.81 -79.83
CA GLU O 411 95.25 19.77 -78.49
C GLU O 411 94.35 20.96 -78.24
N ALA O 412 94.94 22.15 -78.43
CA ALA O 412 94.28 23.45 -78.21
C ALA O 412 92.88 23.47 -78.83
N PHE O 413 92.75 22.88 -80.02
CA PHE O 413 91.47 22.87 -80.69
C PHE O 413 90.54 21.87 -80.02
N LEU O 414 91.02 20.66 -79.74
CA LEU O 414 90.15 19.60 -79.22
C LEU O 414 89.63 19.99 -77.86
N SER O 415 90.50 20.60 -77.07
CA SER O 415 90.11 21.17 -75.78
C SER O 415 89.04 22.29 -75.94
N ALA O 416 89.26 23.21 -76.88
CA ALA O 416 88.28 24.32 -77.15
C ALA O 416 86.92 23.79 -77.62
N GLN O 417 86.96 22.75 -78.46
CA GLN O 417 85.76 22.11 -78.97
C GLN O 417 84.96 21.54 -77.81
N ARG O 418 85.66 20.84 -76.94
CA ARG O 418 85.05 20.26 -75.74
C ARG O 418 84.38 21.33 -74.87
N ASN O 419 85.10 22.42 -74.60
CA ASN O 419 84.54 23.57 -73.87
C ASN O 419 83.33 24.17 -74.57
N PHE O 420 83.40 24.24 -75.90
CA PHE O 420 82.25 24.68 -76.70
C PHE O 420 81.07 23.76 -76.41
N VAL O 421 81.28 22.45 -76.59
CA VAL O 421 80.20 21.49 -76.47
C VAL O 421 79.62 21.51 -75.05
N GLN O 422 80.49 21.55 -74.06
CA GLN O 422 80.06 21.55 -72.66
C GLN O 422 79.36 22.86 -72.28
N SER O 423 79.83 23.99 -72.82
CA SER O 423 79.15 25.27 -72.53
C SER O 423 77.80 25.40 -73.27
N CYS O 424 77.72 24.82 -74.47
CA CYS O 424 76.46 24.81 -75.22
C CYS O 424 75.36 24.01 -74.53
N ALA O 425 75.70 22.79 -74.11
CA ALA O 425 74.73 21.90 -73.48
C ALA O 425 74.20 22.58 -72.22
N GLY O 426 75.13 23.08 -71.42
CA GLY O 426 74.77 23.85 -70.24
C GLY O 426 73.72 24.92 -70.57
N TYR O 427 74.09 25.81 -71.49
CA TYR O 427 73.27 27.00 -71.75
C TYR O 427 71.94 26.66 -72.44
N CYS O 428 71.94 25.59 -73.23
CA CYS O 428 70.68 25.10 -73.79
C CYS O 428 69.69 24.82 -72.65
N LEU O 429 70.17 24.08 -71.66
CA LEU O 429 69.34 23.63 -70.53
C LEU O 429 68.80 24.84 -69.79
N VAL O 430 69.70 25.77 -69.52
CA VAL O 430 69.30 27.00 -68.87
C VAL O 430 68.23 27.74 -69.68
N CYS O 431 68.45 27.85 -70.99
CA CYS O 431 67.49 28.56 -71.85
C CYS O 431 66.13 27.90 -71.84
N TYR O 432 66.13 26.57 -71.96
CA TYR O 432 64.88 25.83 -71.90
C TYR O 432 64.20 26.01 -70.53
N LEU O 433 64.90 25.67 -69.44
CA LEU O 433 64.29 25.75 -68.10
C LEU O 433 63.81 27.14 -67.74
N LEU O 434 64.62 28.16 -68.04
CA LEU O 434 64.19 29.53 -67.77
C LEU O 434 63.35 30.19 -68.88
N GLN O 435 63.12 29.46 -69.97
CA GLN O 435 62.44 30.02 -71.14
C GLN O 435 63.08 31.36 -71.48
N VAL O 436 64.38 31.31 -71.77
CA VAL O 436 65.12 32.51 -72.10
C VAL O 436 64.79 32.88 -73.53
N LYS O 437 64.41 34.14 -73.77
CA LYS O 437 64.06 34.58 -75.13
C LYS O 437 65.05 35.63 -75.64
N ASP O 438 64.75 36.21 -76.80
CA ASP O 438 65.59 37.26 -77.39
C ASP O 438 67.02 36.73 -77.58
N ARG O 439 67.13 35.52 -78.12
CA ARG O 439 68.43 34.87 -78.30
C ARG O 439 69.03 35.14 -79.68
N HIS O 440 70.13 35.88 -79.71
CA HIS O 440 70.87 36.16 -80.93
C HIS O 440 72.35 36.35 -80.58
N ASN O 441 73.17 36.49 -81.61
CA ASN O 441 74.62 36.51 -81.44
C ASN O 441 75.20 37.76 -80.73
N GLY O 442 74.42 38.84 -80.66
CA GLY O 442 74.69 39.98 -79.78
C GLY O 442 74.61 39.64 -78.31
N ASN O 443 73.88 38.56 -77.97
CA ASN O 443 73.68 38.10 -76.57
C ASN O 443 74.51 36.85 -76.17
N ILE O 444 75.38 36.38 -77.07
CA ILE O 444 76.24 35.24 -76.79
C ILE O 444 77.71 35.59 -76.96
N LEU O 445 78.45 35.40 -75.88
CA LEU O 445 79.86 35.73 -75.85
C LEU O 445 80.66 34.47 -76.11
N LEU O 446 81.85 34.65 -76.69
CA LEU O 446 82.83 33.55 -76.81
C LEU O 446 84.12 33.89 -76.05
N ASP O 447 84.54 33.00 -75.13
CA ASP O 447 85.78 33.26 -74.36
C ASP O 447 87.01 32.68 -75.04
N ALA O 448 88.19 33.03 -74.50
CA ALA O 448 89.48 32.61 -75.07
C ALA O 448 89.73 31.11 -75.14
N GLU O 449 89.01 30.34 -74.32
CA GLU O 449 89.20 28.89 -74.27
C GLU O 449 88.12 28.12 -75.05
N GLY O 450 87.12 28.83 -75.57
CA GLY O 450 86.09 28.20 -76.41
C GLY O 450 84.72 28.01 -75.76
N HIS O 451 84.58 28.41 -74.49
CA HIS O 451 83.27 28.43 -73.85
C HIS O 451 82.46 29.57 -74.46
N ILE O 452 81.17 29.33 -74.63
CA ILE O 452 80.22 30.39 -74.91
C ILE O 452 79.59 30.83 -73.60
N ILE O 453 79.04 32.05 -73.62
CA ILE O 453 78.34 32.58 -72.45
C ILE O 453 77.14 33.44 -72.86
N HIS O 454 75.93 33.02 -72.50
CA HIS O 454 74.72 33.83 -72.82
C HIS O 454 74.61 34.99 -71.85
N ILE O 455 74.02 36.13 -72.27
CA ILE O 455 73.99 37.29 -71.34
C ILE O 455 72.73 38.14 -71.09
N ASP O 456 71.88 38.43 -72.07
CA ASP O 456 70.82 39.45 -71.81
C ASP O 456 69.53 38.81 -71.30
N PHE O 457 69.39 38.73 -69.96
CA PHE O 457 68.25 38.00 -69.36
C PHE O 457 67.03 38.90 -69.05
N GLY O 458 66.83 39.94 -69.86
CA GLY O 458 65.49 40.48 -70.05
C GLY O 458 64.79 39.38 -70.82
N PHE O 459 63.47 39.31 -70.72
CA PHE O 459 62.68 38.32 -71.48
C PHE O 459 62.98 36.87 -71.06
N ILE O 460 62.48 36.52 -69.88
CA ILE O 460 62.57 35.16 -69.36
C ILE O 460 61.24 34.75 -68.73
N LEU O 461 61.02 33.44 -68.63
CA LEU O 461 59.80 32.91 -68.01
C LEU O 461 58.53 33.44 -68.69
N SER O 462 57.62 34.02 -67.89
CA SER O 462 56.30 34.43 -68.38
C SER O 462 56.35 35.65 -69.30
N SER O 463 57.49 36.33 -69.34
CA SER O 463 57.62 37.59 -70.06
C SER O 463 57.30 37.47 -71.54
N SER O 464 56.46 38.42 -71.98
CA SER O 464 56.09 38.59 -73.37
C SER O 464 56.35 40.05 -73.78
N SER O 473 63.64 35.56 -79.88
CA SER O 473 63.34 34.15 -80.08
C SER O 473 64.10 33.24 -79.10
N ALA O 474 63.71 31.97 -79.06
CA ALA O 474 64.25 30.97 -78.13
C ALA O 474 65.63 30.48 -78.57
N PHE O 475 66.28 29.70 -77.69
CA PHE O 475 67.60 29.13 -77.96
C PHE O 475 67.64 28.37 -79.28
N LYS O 476 68.63 28.69 -80.10
CA LYS O 476 68.78 28.14 -81.43
C LYS O 476 70.11 27.39 -81.59
N LEU O 477 70.10 26.33 -82.40
CA LEU O 477 71.33 25.60 -82.76
C LEU O 477 71.53 25.73 -84.27
N THR O 478 72.23 26.78 -84.68
CA THR O 478 72.49 26.99 -86.11
C THR O 478 73.49 25.95 -86.64
N THR O 479 73.46 25.69 -87.94
CA THR O 479 74.39 24.71 -88.52
C THR O 479 75.85 25.18 -88.41
N GLU O 480 76.07 26.50 -88.30
CA GLU O 480 77.40 27.04 -87.99
C GLU O 480 77.92 26.53 -86.64
N PHE O 481 77.02 26.39 -85.66
CA PHE O 481 77.36 25.81 -84.35
C PHE O 481 77.62 24.32 -84.44
N VAL O 482 76.77 23.66 -85.22
CA VAL O 482 76.85 22.21 -85.40
C VAL O 482 78.14 21.84 -86.13
N ASP O 483 78.60 22.76 -86.97
CA ASP O 483 79.84 22.58 -87.70
C ASP O 483 81.05 22.56 -86.75
N VAL O 484 81.09 23.53 -85.86
CA VAL O 484 82.14 23.61 -84.84
C VAL O 484 82.15 22.33 -83.98
N MET O 485 80.97 21.73 -83.79
CA MET O 485 80.85 20.45 -83.06
C MET O 485 81.30 19.22 -83.87
N GLY O 486 81.63 19.45 -85.14
CA GLY O 486 82.06 18.37 -86.00
C GLY O 486 80.94 17.70 -86.75
N GLY O 487 79.73 18.25 -86.69
CA GLY O 487 78.61 17.76 -87.48
C GLY O 487 77.73 16.73 -86.77
N LEU O 488 76.59 16.47 -87.39
CA LEU O 488 75.51 15.67 -86.82
C LEU O 488 75.95 14.24 -86.45
N ASP O 489 76.86 13.68 -87.24
CA ASP O 489 77.40 12.36 -86.98
C ASP O 489 78.66 12.38 -86.10
N GLY O 490 79.06 13.56 -85.66
CA GLY O 490 80.24 13.69 -84.80
C GLY O 490 80.07 13.01 -83.45
N ASP O 491 81.17 12.53 -82.88
CA ASP O 491 81.17 11.91 -81.54
C ASP O 491 80.80 12.96 -80.48
N MET O 492 81.43 14.12 -80.64
CA MET O 492 81.26 15.24 -79.72
C MET O 492 79.83 15.75 -79.76
N PHE O 493 79.16 15.65 -80.92
CA PHE O 493 77.75 16.05 -81.01
C PHE O 493 76.85 15.05 -80.30
N ASN O 494 77.03 13.75 -80.56
CA ASN O 494 76.34 12.71 -79.78
C ASN O 494 76.55 12.94 -78.29
N TYR O 495 77.79 13.29 -77.94
CA TYR O 495 78.15 13.55 -76.56
C TYR O 495 77.39 14.79 -76.02
N TYR O 496 77.25 15.84 -76.85
CA TYR O 496 76.40 17.05 -76.50
C TYR O 496 75.01 16.65 -76.02
N LYS O 497 74.40 15.71 -76.75
CA LYS O 497 73.07 15.22 -76.36
C LYS O 497 73.15 14.40 -75.08
N MET O 498 74.27 13.69 -74.92
CA MET O 498 74.47 12.84 -73.77
C MET O 498 74.52 13.70 -72.51
N LEU O 499 75.19 14.84 -72.65
CA LEU O 499 75.38 15.79 -71.56
C LEU O 499 74.05 16.41 -71.19
N MET O 500 73.26 16.76 -72.21
CA MET O 500 71.96 17.39 -71.99
C MET O 500 71.07 16.50 -71.14
N LEU O 501 70.97 15.23 -71.55
CA LEU O 501 70.24 14.23 -70.79
C LEU O 501 70.75 14.14 -69.33
N GLN O 502 72.06 13.91 -69.19
CA GLN O 502 72.68 13.75 -67.87
C GLN O 502 72.39 14.95 -66.97
N GLY O 503 72.52 16.16 -67.52
CA GLY O 503 72.29 17.41 -66.76
C GLY O 503 70.83 17.64 -66.39
N LEU O 504 69.94 17.10 -67.20
CA LEU O 504 68.51 17.16 -66.93
C LEU O 504 68.16 16.17 -65.82
N ILE O 505 68.68 14.94 -65.96
CA ILE O 505 68.51 13.92 -64.92
C ILE O 505 68.96 14.46 -63.56
N ALA O 506 70.08 15.18 -63.57
CA ALA O 506 70.62 15.80 -62.37
C ALA O 506 69.68 16.88 -61.80
N ALA O 507 69.20 17.76 -62.69
CA ALA O 507 68.33 18.86 -62.29
C ALA O 507 67.08 18.37 -61.57
N ARG O 508 66.45 17.38 -62.19
CA ARG O 508 65.23 16.78 -61.64
C ARG O 508 65.40 16.35 -60.17
N LYS O 509 66.57 15.79 -59.85
CA LYS O 509 66.86 15.32 -58.50
C LYS O 509 67.01 16.46 -57.48
N HIS O 510 67.11 17.70 -57.95
CA HIS O 510 67.33 18.82 -57.03
C HIS O 510 66.39 19.95 -57.33
N MET O 511 65.34 19.63 -58.09
CA MET O 511 64.32 20.59 -58.48
C MET O 511 63.91 21.61 -57.41
N ASP O 512 63.70 21.17 -56.17
CA ASP O 512 63.17 22.04 -55.07
C ASP O 512 64.02 23.26 -54.84
N LYS O 513 65.34 23.04 -54.83
CA LYS O 513 66.33 24.10 -54.64
C LYS O 513 66.23 25.19 -55.71
N VAL O 514 65.90 24.80 -56.94
CA VAL O 514 65.79 25.75 -58.04
C VAL O 514 64.50 26.53 -57.90
N VAL O 515 63.39 25.79 -57.81
CA VAL O 515 62.07 26.40 -57.69
C VAL O 515 61.96 27.33 -56.50
N GLN O 516 62.50 26.91 -55.36
CA GLN O 516 62.52 27.74 -54.17
C GLN O 516 62.97 29.17 -54.48
N ILE O 517 64.09 29.29 -55.21
CA ILE O 517 64.71 30.59 -55.51
C ILE O 517 63.74 31.51 -56.22
N VAL O 518 63.06 30.96 -57.22
CA VAL O 518 62.20 31.75 -58.07
C VAL O 518 60.93 32.06 -57.32
N GLU O 519 60.41 31.04 -56.65
CA GLU O 519 59.08 31.12 -56.04
C GLU O 519 59.02 32.19 -54.96
N ILE O 520 60.09 32.31 -54.19
CA ILE O 520 60.17 33.31 -53.13
C ILE O 520 60.34 34.72 -53.71
N MET O 521 61.12 34.86 -54.78
CA MET O 521 61.29 36.18 -55.44
C MET O 521 60.02 36.75 -56.04
N GLN O 522 59.11 35.86 -56.44
CA GLN O 522 57.85 36.25 -57.09
C GLN O 522 56.95 37.05 -56.15
N GLN O 523 57.15 36.89 -54.84
CA GLN O 523 56.26 37.38 -53.79
C GLN O 523 55.55 38.72 -53.98
N GLY O 524 56.28 39.83 -53.94
CA GLY O 524 55.66 41.14 -54.13
C GLY O 524 56.25 41.79 -55.35
N SER O 525 56.51 40.95 -56.33
CA SER O 525 57.24 41.37 -57.50
C SER O 525 56.28 41.85 -58.58
N GLN O 526 56.68 42.92 -59.26
CA GLN O 526 55.88 43.46 -60.35
C GLN O 526 56.66 43.24 -61.68
N LEU O 527 57.70 42.42 -61.61
CA LEU O 527 58.61 42.23 -62.72
C LEU O 527 57.96 41.49 -63.88
N PRO O 528 58.25 41.92 -65.14
CA PRO O 528 57.70 41.31 -66.37
C PRO O 528 57.78 39.78 -66.42
N CYS O 529 58.83 39.20 -65.84
CA CYS O 529 58.99 37.73 -65.84
C CYS O 529 57.93 37.01 -64.99
N PHE O 530 57.25 37.74 -64.09
CA PHE O 530 56.17 37.15 -63.33
C PHE O 530 54.79 37.62 -63.77
N HIS O 531 54.68 38.14 -65.00
CA HIS O 531 53.40 38.64 -65.48
C HIS O 531 52.27 37.60 -65.44
N GLY O 532 52.61 36.33 -65.62
CA GLY O 532 51.61 35.25 -65.63
C GLY O 532 51.04 34.93 -64.26
N SER O 533 50.00 34.11 -64.26
CA SER O 533 49.50 33.52 -63.03
C SER O 533 50.12 32.14 -62.78
N SER O 534 50.77 31.58 -63.80
CA SER O 534 51.21 30.16 -63.76
C SER O 534 52.69 29.98 -64.01
N THR O 535 53.45 30.97 -63.59
CA THR O 535 54.88 31.01 -63.82
C THR O 535 55.55 29.79 -63.18
N ILE O 536 55.26 29.59 -61.90
CA ILE O 536 55.84 28.50 -61.15
C ILE O 536 55.31 27.15 -61.62
N ARG O 537 54.01 27.08 -61.91
CA ARG O 537 53.42 25.84 -62.41
C ARG O 537 54.07 25.42 -63.72
N ASN O 538 54.25 26.39 -64.60
CA ASN O 538 54.87 26.11 -65.90
C ASN O 538 56.33 25.66 -65.71
N LEU O 539 57.01 26.34 -64.79
CA LEU O 539 58.38 25.97 -64.47
C LEU O 539 58.49 24.50 -64.02
N LYS O 540 57.57 24.07 -63.16
CA LYS O 540 57.62 22.69 -62.62
C LYS O 540 57.37 21.65 -63.69
N GLU O 541 56.41 21.94 -64.56
CA GLU O 541 56.09 21.05 -65.66
C GLU O 541 57.33 20.79 -66.52
N ARG O 542 58.17 21.84 -66.67
CA ARG O 542 59.38 21.78 -67.47
C ARG O 542 60.46 20.86 -66.91
N PHE O 543 60.34 20.46 -65.64
CA PHE O 543 61.22 19.41 -65.10
C PHE O 543 60.72 18.02 -65.45
N HIS O 544 59.43 17.90 -65.86
CA HIS O 544 58.88 16.59 -66.26
C HIS O 544 59.15 15.46 -65.26
N MET O 545 58.76 15.74 -64.01
CA MET O 545 59.07 14.84 -62.91
C MET O 545 58.48 13.42 -63.04
N SER O 546 57.40 13.28 -63.81
CA SER O 546 56.82 11.96 -64.08
C SER O 546 57.67 11.07 -65.00
N MET O 547 58.54 11.67 -65.83
CA MET O 547 59.20 10.90 -66.91
C MET O 547 60.21 9.82 -66.48
N THR O 548 60.27 8.74 -67.27
CA THR O 548 61.41 7.81 -67.21
C THR O 548 62.52 8.32 -68.14
N GLU O 549 63.75 7.83 -67.96
CA GLU O 549 64.92 8.31 -68.71
C GLU O 549 64.69 8.26 -70.22
N GLU O 550 64.16 7.12 -70.67
CA GLU O 550 63.86 6.91 -72.08
C GLU O 550 62.96 8.03 -72.60
N GLN O 551 62.05 8.49 -71.74
CA GLN O 551 61.15 9.58 -72.10
C GLN O 551 61.92 10.91 -72.23
N LEU O 552 62.93 11.06 -71.38
CA LEU O 552 63.70 12.28 -71.35
C LEU O 552 64.61 12.33 -72.56
N GLN O 553 65.15 11.18 -72.94
CA GLN O 553 65.94 11.05 -74.16
C GLN O 553 65.18 11.57 -75.34
N LEU O 554 63.91 11.21 -75.42
CA LEU O 554 63.04 11.64 -76.49
C LEU O 554 62.77 13.16 -76.43
N LEU O 555 62.56 13.64 -75.20
CA LEU O 555 62.38 15.08 -75.01
C LEU O 555 63.61 15.89 -75.43
N VAL O 556 64.80 15.38 -75.11
CA VAL O 556 66.07 16.01 -75.53
C VAL O 556 66.14 16.06 -77.06
N GLU O 557 65.81 14.95 -77.71
CA GLU O 557 65.81 14.87 -79.18
C GLU O 557 64.85 15.92 -79.72
N GLN O 558 63.61 15.93 -79.22
CA GLN O 558 62.62 16.96 -79.65
C GLN O 558 63.16 18.36 -79.47
N MET O 559 63.71 18.61 -78.29
CA MET O 559 64.33 19.88 -77.99
C MET O 559 65.40 20.26 -79.01
N VAL O 560 66.32 19.32 -79.29
CA VAL O 560 67.43 19.58 -80.23
C VAL O 560 66.89 19.84 -81.61
N ASP O 561 66.05 18.93 -82.09
CA ASP O 561 65.49 19.06 -83.41
C ASP O 561 64.71 20.37 -83.53
N GLY O 562 64.03 20.77 -82.46
CA GLY O 562 63.38 22.07 -82.36
C GLY O 562 64.35 23.23 -82.49
N SER O 563 65.54 23.07 -81.90
CA SER O 563 66.51 24.13 -81.89
C SER O 563 67.11 24.39 -83.29
N MET O 564 66.99 23.43 -84.20
CA MET O 564 67.58 23.54 -85.52
C MET O 564 66.64 24.10 -86.59
N ARG O 565 65.34 23.84 -86.44
CA ARG O 565 64.35 24.27 -87.45
C ARG O 565 64.37 25.78 -87.70
N SER O 566 64.63 26.53 -86.62
CA SER O 566 64.56 28.01 -86.60
C SER O 566 63.17 28.45 -86.13
N ASP P 9 48.95 4.72 -5.74
CA ASP P 9 48.32 4.63 -4.38
C ASP P 9 48.13 6.03 -3.73
N GLU P 10 48.71 6.21 -2.54
CA GLU P 10 48.37 7.26 -1.59
C GLU P 10 49.29 8.48 -1.69
N TYR P 11 48.69 9.66 -1.71
CA TYR P 11 49.43 10.91 -1.53
C TYR P 11 49.09 11.50 -0.15
N ASP P 12 49.97 12.37 0.35
CA ASP P 12 49.71 13.12 1.57
C ASP P 12 49.03 14.44 1.24
N TYR P 13 49.23 14.90 0.01
CA TYR P 13 48.67 16.16 -0.41
C TYR P 13 48.31 16.21 -1.89
N LEU P 14 47.28 17.00 -2.18
CA LEU P 14 46.81 17.28 -3.52
C LEU P 14 46.82 18.79 -3.77
N PHE P 15 47.80 19.26 -4.55
CA PHE P 15 47.90 20.73 -4.78
C PHE P 15 47.33 21.11 -6.13
N LYS P 16 46.34 22.01 -6.14
CA LYS P 16 45.76 22.57 -7.38
C LYS P 16 46.56 23.79 -7.89
N VAL P 17 47.14 23.66 -9.09
CA VAL P 17 47.98 24.74 -9.66
C VAL P 17 47.49 25.10 -11.04
N VAL P 18 47.49 26.40 -11.32
CA VAL P 18 47.04 26.87 -12.64
C VAL P 18 48.21 27.43 -13.43
N LEU P 19 48.16 27.26 -14.76
CA LEU P 19 49.12 27.92 -15.66
C LEU P 19 48.43 29.05 -16.40
N ILE P 20 48.96 30.26 -16.25
CA ILE P 20 48.36 31.40 -16.92
C ILE P 20 49.41 32.20 -17.69
N GLY P 21 48.93 32.99 -18.62
CA GLY P 21 49.76 33.91 -19.40
C GLY P 21 49.14 34.21 -20.75
N ASP P 22 49.79 35.10 -21.50
CA ASP P 22 49.37 35.43 -22.87
C ASP P 22 49.37 34.15 -23.72
N SER P 23 48.52 34.15 -24.73
CA SER P 23 48.42 33.03 -25.64
C SER P 23 49.71 32.90 -26.46
N GLY P 24 50.25 31.69 -26.53
CA GLY P 24 51.44 31.40 -27.35
C GLY P 24 52.77 31.32 -26.60
N VAL P 25 52.76 31.63 -25.31
CA VAL P 25 54.00 31.67 -24.53
C VAL P 25 54.59 30.27 -24.21
N GLY P 26 53.79 29.20 -24.30
CA GLY P 26 54.30 27.81 -24.17
C GLY P 26 53.73 26.97 -23.02
N LYS P 27 52.62 27.42 -22.46
CA LYS P 27 52.01 26.79 -21.30
C LYS P 27 51.77 25.30 -21.56
N SER P 28 51.15 24.98 -22.68
CA SER P 28 50.76 23.58 -22.96
C SER P 28 51.99 22.68 -23.09
N ASN P 29 53.07 23.27 -23.59
CA ASN P 29 54.31 22.53 -23.74
C ASN P 29 55.13 22.43 -22.47
N LEU P 30 55.08 23.46 -21.63
CA LEU P 30 55.64 23.33 -20.29
C LEU P 30 54.99 22.12 -19.61
N LEU P 31 53.66 22.07 -19.72
CA LEU P 31 52.87 21.00 -19.12
C LEU P 31 53.17 19.64 -19.76
N SER P 32 53.23 19.60 -21.09
CA SER P 32 53.52 18.32 -21.77
C SER P 32 54.95 17.83 -21.49
N ARG P 33 55.87 18.79 -21.35
CA ARG P 33 57.25 18.50 -20.99
C ARG P 33 57.27 17.93 -19.58
N PHE P 34 56.68 18.67 -18.65
CA PHE P 34 56.71 18.28 -17.23
C PHE P 34 55.99 16.98 -16.96
N THR P 35 54.84 16.74 -17.62
CA THR P 35 54.09 15.53 -17.26
C THR P 35 54.36 14.28 -18.10
N ARG P 36 54.72 14.41 -19.36
CA ARG P 36 55.09 13.20 -20.11
C ARG P 36 56.40 13.35 -20.89
N ASN P 37 57.17 14.38 -20.54
CA ASN P 37 58.43 14.65 -21.20
C ASN P 37 58.31 14.66 -22.73
N GLU P 38 57.38 15.47 -23.23
CA GLU P 38 57.18 15.65 -24.66
C GLU P 38 57.08 17.11 -25.02
N PHE P 39 57.48 17.46 -26.24
CA PHE P 39 57.39 18.84 -26.73
C PHE P 39 56.99 18.84 -28.19
N ASN P 40 56.39 19.94 -28.64
CA ASN P 40 56.10 20.10 -30.06
C ASN P 40 56.06 21.56 -30.56
N LEU P 41 56.66 21.74 -31.73
CA LEU P 41 56.64 23.03 -32.41
C LEU P 41 55.25 23.36 -32.94
N GLU P 42 54.58 22.37 -33.51
CA GLU P 42 53.20 22.52 -33.97
C GLU P 42 52.30 22.51 -32.73
N SER P 43 51.31 23.39 -32.71
CA SER P 43 50.64 23.76 -31.47
C SER P 43 49.15 23.85 -31.65
N LYS P 44 48.42 23.48 -30.61
CA LYS P 44 46.99 23.29 -30.74
C LYS P 44 46.38 24.16 -29.67
N SER P 45 45.61 25.19 -30.08
CA SER P 45 45.16 26.20 -29.14
C SER P 45 44.45 25.51 -27.99
N THR P 46 44.74 26.00 -26.79
CA THR P 46 44.12 25.46 -25.59
C THR P 46 42.72 26.06 -25.48
N ILE P 47 41.70 25.21 -25.51
CA ILE P 47 40.30 25.66 -25.51
C ILE P 47 39.72 25.56 -24.13
N GLY P 48 39.61 26.70 -23.45
CA GLY P 48 39.04 26.75 -22.11
C GLY P 48 40.07 26.26 -21.10
N VAL P 49 40.13 24.94 -20.90
CA VAL P 49 40.98 24.36 -19.86
C VAL P 49 41.42 22.96 -20.25
N GLU P 50 42.66 22.64 -19.89
CA GLU P 50 43.15 21.27 -20.04
C GLU P 50 43.75 20.78 -18.71
N PHE P 51 43.56 19.50 -18.45
CA PHE P 51 43.95 18.92 -17.18
C PHE P 51 45.09 17.90 -17.28
N ALA P 52 46.10 18.03 -16.41
CA ALA P 52 47.21 17.05 -16.32
C ALA P 52 47.80 16.95 -14.91
N THR P 53 48.38 15.79 -14.59
CA THR P 53 48.78 15.45 -13.22
C THR P 53 50.11 14.71 -13.12
N ARG P 54 50.82 14.98 -12.02
CA ARG P 54 52.08 14.32 -11.71
C ARG P 54 52.40 14.43 -10.22
N SER P 55 53.07 13.41 -9.69
CA SER P 55 53.39 13.31 -8.27
C SER P 55 54.88 13.58 -8.02
N ILE P 56 55.21 14.29 -6.93
CA ILE P 56 56.64 14.38 -6.51
C ILE P 56 56.79 14.18 -4.99
N GLN P 57 58.02 14.05 -4.50
CA GLN P 57 58.26 14.11 -3.03
C GLN P 57 59.08 15.33 -2.64
N VAL P 58 58.57 16.03 -1.64
CA VAL P 58 59.31 17.06 -0.97
C VAL P 58 59.26 16.82 0.55
N ASP P 59 60.42 16.92 1.18
CA ASP P 59 60.55 16.78 2.63
C ASP P 59 59.94 15.46 3.13
N GLY P 60 60.07 14.40 2.33
CA GLY P 60 59.57 13.05 2.66
C GLY P 60 58.08 12.74 2.41
N LYS P 61 57.36 13.66 1.76
CA LYS P 61 55.90 13.52 1.59
C LYS P 61 55.55 13.44 0.12
N THR P 62 54.72 12.46 -0.22
CA THR P 62 54.27 12.30 -1.59
C THR P 62 53.14 13.33 -1.87
N ILE P 63 53.45 14.29 -2.75
CA ILE P 63 52.53 15.36 -3.14
C ILE P 63 52.10 15.19 -4.60
N LYS P 64 50.80 15.02 -4.80
CA LYS P 64 50.25 14.97 -6.15
C LYS P 64 49.85 16.37 -6.60
N ALA P 65 50.44 16.79 -7.72
CA ALA P 65 50.10 18.09 -8.29
C ALA P 65 49.02 17.93 -9.36
N GLN P 66 48.01 18.80 -9.30
CA GLN P 66 46.98 18.86 -10.34
C GLN P 66 47.10 20.17 -11.08
N ILE P 67 47.50 20.07 -12.35
CA ILE P 67 47.79 21.27 -13.13
C ILE P 67 46.69 21.56 -14.12
N TRP P 68 46.27 22.82 -14.11
CA TRP P 68 45.22 23.28 -14.98
C TRP P 68 45.82 24.28 -15.97
N ASP P 69 45.81 23.86 -17.23
CA ASP P 69 46.34 24.64 -18.34
C ASP P 69 45.18 25.46 -18.85
N THR P 70 45.21 26.77 -18.55
CA THR P 70 44.01 27.61 -18.68
C THR P 70 43.71 28.18 -20.09
N ALA P 71 44.73 28.53 -20.88
CA ALA P 71 44.55 29.18 -22.21
C ALA P 71 44.63 30.69 -22.08
N GLY P 72 45.54 31.30 -22.86
CA GLY P 72 45.77 32.73 -22.83
C GLY P 72 44.76 33.54 -23.62
N LEU P 73 44.05 32.88 -24.54
CA LEU P 73 43.02 33.53 -25.33
C LEU P 73 41.87 34.08 -24.45
N GLU P 74 41.42 35.29 -24.82
CA GLU P 74 40.45 36.10 -24.05
C GLU P 74 39.03 35.56 -24.19
N ARG P 75 38.71 35.07 -25.40
CA ARG P 75 37.47 34.33 -25.67
C ARG P 75 37.00 33.48 -24.48
N TYR P 76 37.95 32.85 -23.80
CA TYR P 76 37.66 31.87 -22.74
C TYR P 76 37.86 32.41 -21.31
N ARG P 77 38.22 33.69 -21.19
CA ARG P 77 38.61 34.24 -19.88
C ARG P 77 37.44 34.36 -18.84
N ALA P 78 36.18 34.36 -19.30
CA ALA P 78 35.01 34.25 -18.39
C ALA P 78 34.94 32.90 -17.61
N ILE P 79 35.31 31.83 -18.30
CA ILE P 79 35.17 30.47 -17.74
C ILE P 79 36.50 29.91 -17.13
N THR P 80 37.66 30.49 -17.51
CA THR P 80 38.97 30.14 -16.87
C THR P 80 38.95 30.64 -15.45
N SER P 81 38.46 31.86 -15.23
CA SER P 81 38.37 32.47 -13.90
C SER P 81 37.55 31.61 -12.90
N ALA P 82 36.61 30.81 -13.41
CA ALA P 82 35.92 29.82 -12.57
C ALA P 82 36.95 28.87 -11.89
N TYR P 83 38.01 28.48 -12.60
CA TYR P 83 39.10 27.60 -12.08
C TYR P 83 40.13 28.20 -11.17
N TYR P 84 40.15 29.53 -11.07
CA TYR P 84 41.09 30.22 -10.18
C TYR P 84 40.75 29.88 -8.72
N ARG P 85 39.48 29.53 -8.50
CA ARG P 85 38.91 29.13 -7.19
C ARG P 85 39.78 28.12 -6.45
N GLY P 86 40.32 28.54 -5.30
CA GLY P 86 41.07 27.69 -4.39
C GLY P 86 42.32 27.02 -4.94
N ALA P 87 42.95 27.61 -5.96
CA ALA P 87 44.22 27.09 -6.46
C ALA P 87 45.31 27.59 -5.54
N VAL P 88 46.21 26.70 -5.14
CA VAL P 88 47.27 27.05 -4.19
C VAL P 88 48.45 27.76 -4.86
N GLY P 89 48.63 27.49 -6.16
CA GLY P 89 49.75 28.05 -6.91
C GLY P 89 49.39 28.46 -8.33
N ALA P 90 50.06 29.51 -8.81
CA ALA P 90 49.92 29.96 -10.20
C ALA P 90 51.26 30.23 -10.88
N LEU P 91 51.51 29.51 -11.99
CA LEU P 91 52.70 29.76 -12.82
C LEU P 91 52.30 30.80 -13.85
N LEU P 92 52.86 32.00 -13.68
CA LEU P 92 52.56 33.10 -14.59
C LEU P 92 53.66 33.15 -15.64
N VAL P 93 53.29 32.87 -16.90
CA VAL P 93 54.31 32.68 -17.92
C VAL P 93 54.33 33.75 -19.01
N TYR P 94 55.54 34.15 -19.39
CA TYR P 94 55.74 35.04 -20.54
C TYR P 94 56.83 34.46 -21.44
N ASP P 95 56.79 34.83 -22.72
CA ASP P 95 57.84 34.51 -23.71
C ASP P 95 59.03 35.50 -23.70
N ILE P 96 60.20 34.99 -23.30
CA ILE P 96 61.46 35.80 -23.30
C ILE P 96 61.73 36.63 -24.59
N ALA P 97 61.30 36.06 -25.71
CA ALA P 97 61.56 36.63 -27.04
C ALA P 97 60.47 37.54 -27.57
N LYS P 98 59.40 37.76 -26.80
CA LYS P 98 58.36 38.69 -27.23
C LYS P 98 57.99 39.72 -26.14
N HIS P 99 58.54 40.94 -26.24
CA HIS P 99 58.46 41.93 -25.14
C HIS P 99 57.02 42.24 -24.66
N LEU P 100 56.09 42.36 -25.61
CA LEU P 100 54.69 42.60 -25.29
C LEU P 100 54.10 41.63 -24.23
N THR P 101 54.49 40.36 -24.36
CA THR P 101 54.05 39.32 -23.43
C THR P 101 54.54 39.59 -21.98
N TYR P 102 55.71 40.24 -21.83
CA TYR P 102 56.21 40.64 -20.49
C TYR P 102 55.41 41.84 -19.99
N GLU P 103 55.03 42.71 -20.92
CA GLU P 103 54.29 43.92 -20.58
C GLU P 103 52.94 43.58 -19.95
N ASN P 104 52.25 42.54 -20.46
CA ASN P 104 50.90 42.16 -19.99
C ASN P 104 50.83 41.37 -18.67
N VAL P 105 52.00 41.07 -18.11
CA VAL P 105 52.04 40.35 -16.84
C VAL P 105 51.38 41.14 -15.69
N GLU P 106 51.32 42.48 -15.82
CA GLU P 106 50.68 43.32 -14.82
C GLU P 106 49.16 43.13 -14.83
N ARG P 107 48.57 43.02 -16.03
CA ARG P 107 47.12 42.75 -16.10
C ARG P 107 46.79 41.32 -15.75
N TRP P 108 47.73 40.43 -15.97
CA TRP P 108 47.55 39.06 -15.55
C TRP P 108 47.61 38.83 -14.00
N LEU P 109 48.21 39.76 -13.22
CA LEU P 109 48.25 39.61 -11.74
C LEU P 109 47.07 40.26 -11.05
N LYS P 110 46.55 41.32 -11.67
CA LYS P 110 45.30 41.92 -11.22
C LYS P 110 44.20 40.88 -11.38
N GLU P 111 44.27 40.14 -12.49
CA GLU P 111 43.39 39.00 -12.75
C GLU P 111 43.35 37.96 -11.62
N LEU P 112 44.35 37.95 -10.73
CA LEU P 112 44.31 37.06 -9.57
C LEU P 112 43.77 37.75 -8.33
N ARG P 113 43.92 39.07 -8.25
CA ARG P 113 43.41 39.80 -7.11
C ARG P 113 41.96 40.26 -7.41
N ASP P 114 41.32 39.62 -8.40
CA ASP P 114 39.88 39.74 -8.61
C ASP P 114 39.12 38.40 -8.52
N HIS P 115 39.70 37.32 -9.08
CA HIS P 115 38.97 36.04 -9.18
C HIS P 115 39.60 34.87 -8.40
N ALA P 116 40.59 35.13 -7.55
CA ALA P 116 41.30 34.04 -6.87
C ALA P 116 41.68 34.39 -5.43
N ASP P 117 42.00 33.37 -4.64
CA ASP P 117 42.50 33.57 -3.29
C ASP P 117 43.63 34.61 -3.30
N SER P 118 43.52 35.58 -2.40
CA SER P 118 44.49 36.68 -2.30
C SER P 118 45.75 36.28 -1.54
N ASN P 119 45.82 35.02 -1.12
CA ASN P 119 47.01 34.48 -0.47
C ASN P 119 47.51 33.26 -1.26
N ILE P 120 47.78 33.45 -2.56
CA ILE P 120 48.26 32.37 -3.47
C ILE P 120 49.75 32.52 -3.84
N VAL P 121 50.44 31.38 -4.01
CA VAL P 121 51.86 31.35 -4.40
C VAL P 121 52.04 31.52 -5.93
N ILE P 122 52.83 32.52 -6.33
CA ILE P 122 53.07 32.83 -7.75
C ILE P 122 54.55 32.75 -8.13
N MET P 123 54.82 32.02 -9.21
CA MET P 123 56.12 32.08 -9.84
C MET P 123 55.98 32.67 -11.24
N LEU P 124 56.82 33.66 -11.48
CA LEU P 124 57.05 34.28 -12.76
C LEU P 124 57.97 33.39 -13.59
N VAL P 125 57.57 33.11 -14.83
CA VAL P 125 58.36 32.25 -15.70
C VAL P 125 58.62 32.91 -17.06
N GLY P 126 59.90 33.10 -17.35
CA GLY P 126 60.36 33.49 -18.67
C GLY P 126 60.66 32.23 -19.45
N ASN P 127 59.79 31.93 -20.43
CA ASN P 127 59.95 30.74 -21.24
C ASN P 127 60.62 31.05 -22.57
N LYS P 128 61.18 29.98 -23.15
CA LYS P 128 61.86 29.99 -24.47
C LYS P 128 63.26 30.56 -24.30
N SER P 129 63.97 30.09 -23.27
CA SER P 129 65.36 30.52 -23.03
C SER P 129 66.30 30.03 -24.12
N ASP P 130 65.88 29.01 -24.84
CA ASP P 130 66.66 28.49 -25.97
C ASP P 130 66.80 29.51 -27.12
N LEU P 131 65.86 30.44 -27.23
CA LEU P 131 65.94 31.49 -28.26
C LEU P 131 66.84 32.66 -27.85
N ARG P 132 68.11 32.33 -27.59
CA ARG P 132 69.08 33.28 -27.03
C ARG P 132 69.15 34.59 -27.82
N HIS P 133 69.30 34.46 -29.14
CA HIS P 133 69.58 35.59 -30.02
C HIS P 133 68.38 36.54 -30.24
N LEU P 134 67.17 36.09 -29.92
CA LEU P 134 65.98 36.91 -30.10
C LEU P 134 65.46 37.50 -28.79
N ARG P 135 66.23 37.35 -27.72
CA ARG P 135 65.83 37.81 -26.38
C ARG P 135 65.35 39.26 -26.37
N ALA P 136 64.12 39.49 -25.87
CA ALA P 136 63.58 40.87 -25.82
C ALA P 136 63.34 41.35 -24.38
N VAL P 137 63.63 40.48 -23.41
CA VAL P 137 63.48 40.77 -22.00
C VAL P 137 64.72 40.26 -21.22
N PRO P 138 65.54 41.20 -20.72
CA PRO P 138 66.76 40.77 -20.03
C PRO P 138 66.43 40.09 -18.71
N THR P 139 67.19 39.05 -18.39
CA THR P 139 67.03 38.29 -17.17
C THR P 139 67.03 39.18 -15.93
N ASP P 140 67.88 40.21 -15.91
CA ASP P 140 68.01 41.11 -14.76
C ASP P 140 66.77 42.00 -14.52
N GLU P 141 66.25 42.60 -15.58
CA GLU P 141 65.04 43.44 -15.45
C GLU P 141 63.85 42.65 -14.91
N ALA P 142 63.70 41.41 -15.38
CA ALA P 142 62.60 40.56 -14.97
C ALA P 142 62.71 40.22 -13.49
N ARG P 143 63.87 39.68 -13.06
CA ARG P 143 64.10 39.26 -11.63
C ARG P 143 63.96 40.45 -10.68
N ALA P 144 64.31 41.65 -11.17
CA ALA P 144 64.09 42.88 -10.42
C ALA P 144 62.60 43.07 -10.17
N PHE P 145 61.82 43.06 -11.25
CA PHE P 145 60.36 43.15 -11.16
C PHE P 145 59.75 42.00 -10.35
N ALA P 146 60.39 40.84 -10.37
CA ALA P 146 59.86 39.65 -9.72
C ALA P 146 59.67 39.86 -8.22
N GLU P 147 60.73 40.31 -7.55
CA GLU P 147 60.64 40.43 -6.09
C GLU P 147 60.20 41.81 -5.60
N LYS P 148 60.20 42.81 -6.49
CA LYS P 148 59.45 44.06 -6.27
C LYS P 148 57.96 43.76 -6.08
N ASN P 149 57.45 42.69 -6.71
CA ASN P 149 56.05 42.28 -6.57
C ASN P 149 55.87 40.97 -5.79
N GLY P 150 56.94 40.52 -5.13
CA GLY P 150 56.87 39.34 -4.23
C GLY P 150 56.55 38.03 -4.92
N LEU P 151 57.21 37.83 -6.05
CA LEU P 151 57.02 36.66 -6.89
C LEU P 151 58.36 35.94 -6.98
N SER P 152 58.32 34.61 -7.05
CA SER P 152 59.55 33.84 -7.32
C SER P 152 59.81 33.77 -8.84
N PHE P 153 61.06 33.58 -9.28
CA PHE P 153 61.46 33.79 -10.70
C PHE P 153 62.41 32.72 -11.26
N ILE P 154 62.21 32.36 -12.52
CA ILE P 154 63.05 31.35 -13.20
C ILE P 154 62.87 31.49 -14.70
N GLU P 155 63.87 31.04 -15.47
CA GLU P 155 63.79 30.99 -16.93
C GLU P 155 63.85 29.56 -17.42
N THR P 156 62.93 29.20 -18.31
CA THR P 156 62.80 27.83 -18.81
C THR P 156 62.84 27.75 -20.33
N SER P 157 63.14 26.55 -20.80
CA SER P 157 62.90 26.18 -22.17
C SER P 157 62.15 24.87 -22.11
N ALA P 158 60.88 24.89 -22.45
CA ALA P 158 60.12 23.66 -22.65
C ALA P 158 60.75 22.81 -23.77
N LEU P 159 61.31 23.49 -24.77
CA LEU P 159 61.88 22.83 -25.93
C LEU P 159 63.09 21.95 -25.57
N ASP P 160 64.12 22.54 -24.95
CA ASP P 160 65.34 21.78 -24.59
C ASP P 160 65.23 21.18 -23.18
N SER P 161 64.16 21.56 -22.48
CA SER P 161 63.80 21.02 -21.15
C SER P 161 64.51 21.68 -19.95
N THR P 162 65.37 22.66 -20.20
CA THR P 162 66.04 23.42 -19.15
C THR P 162 65.04 23.97 -18.11
N ASN P 163 65.27 23.62 -16.85
CA ASN P 163 64.56 24.20 -15.69
C ASN P 163 63.08 23.88 -15.55
N VAL P 164 62.58 22.96 -16.36
CA VAL P 164 61.16 22.69 -16.32
C VAL P 164 60.83 21.96 -15.01
N GLU P 165 61.54 20.88 -14.73
CA GLU P 165 61.31 20.15 -13.47
C GLU P 165 61.59 21.08 -12.29
N ALA P 166 62.73 21.76 -12.35
CA ALA P 166 63.11 22.72 -11.32
C ALA P 166 61.96 23.72 -11.03
N ALA P 167 61.38 24.28 -12.09
CA ALA P 167 60.35 25.33 -11.95
C ALA P 167 59.15 24.83 -11.12
N PHE P 168 58.59 23.70 -11.53
CA PHE P 168 57.52 23.02 -10.79
C PHE P 168 57.95 22.67 -9.37
N GLN P 169 59.09 21.98 -9.27
CA GLN P 169 59.60 21.53 -7.96
C GLN P 169 59.80 22.67 -6.96
N THR P 170 60.20 23.84 -7.47
CA THR P 170 60.32 25.06 -6.63
C THR P 170 58.97 25.50 -6.10
N ILE P 171 58.02 25.73 -7.01
CA ILE P 171 56.74 26.27 -6.60
C ILE P 171 55.95 25.29 -5.73
N LEU P 172 56.09 23.99 -6.02
CA LEU P 172 55.37 23.01 -5.19
C LEU P 172 55.94 22.93 -3.75
N THR P 173 57.28 22.97 -3.68
CA THR P 173 58.01 23.03 -2.42
C THR P 173 57.63 24.28 -1.60
N GLU P 174 57.75 25.43 -2.28
CA GLU P 174 57.34 26.73 -1.73
C GLU P 174 55.94 26.66 -1.11
N ILE P 175 55.00 26.13 -1.89
CA ILE P 175 53.64 25.90 -1.41
C ILE P 175 53.61 24.96 -0.20
N TYR P 176 54.25 23.79 -0.29
CA TYR P 176 54.19 22.80 0.80
C TYR P 176 54.60 23.30 2.20
N ARG P 177 55.38 24.39 2.26
CA ARG P 177 55.63 25.02 3.56
C ARG P 177 54.98 26.40 3.80
N ILE P 178 54.03 26.80 2.97
CA ILE P 178 53.12 27.91 3.31
C ILE P 178 51.95 27.33 4.10
N VAL P 179 51.46 26.19 3.66
CA VAL P 179 50.28 25.55 4.23
C VAL P 179 50.38 25.30 5.75
N SER P 180 51.54 24.85 6.21
CA SER P 180 51.73 24.42 7.60
C SER P 180 51.53 25.60 8.56
N GLN P 181 50.72 25.38 9.59
CA GLN P 181 50.35 26.43 10.57
C GLN P 181 49.95 27.74 9.87
N SER Q 10 -12.09 21.16 30.54
CA SER Q 10 -12.76 19.83 30.41
C SER Q 10 -11.91 18.64 30.96
N TRP Q 11 -10.74 18.93 31.53
CA TRP Q 11 -9.83 17.87 32.03
C TRP Q 11 -10.39 17.09 33.23
N LEU Q 12 -11.10 17.79 34.11
CA LEU Q 12 -11.80 17.14 35.23
C LEU Q 12 -12.95 16.27 34.68
N LEU Q 13 -13.87 16.87 33.92
CA LEU Q 13 -14.97 16.11 33.28
C LEU Q 13 -14.46 14.92 32.46
N ARG Q 14 -13.25 15.05 31.91
CA ARG Q 14 -12.62 13.91 31.23
C ARG Q 14 -12.47 12.73 32.17
N LEU Q 15 -11.90 13.02 33.34
CA LEU Q 15 -11.71 12.04 34.40
C LEU Q 15 -13.05 11.38 34.76
N PHE Q 16 -14.02 12.22 35.13
CA PHE Q 16 -15.33 11.72 35.58
C PHE Q 16 -16.03 10.84 34.52
N GLU Q 17 -15.74 11.06 33.23
CA GLU Q 17 -16.33 10.25 32.17
C GLU Q 17 -15.49 9.04 31.80
N SER Q 18 -14.32 8.93 32.41
CA SER Q 18 -13.46 7.79 32.17
C SER Q 18 -13.88 6.56 33.03
N LYS Q 19 -13.28 5.41 32.75
CA LYS Q 19 -13.55 4.19 33.50
C LYS Q 19 -13.07 4.27 34.94
N LEU Q 20 -12.02 5.08 35.15
CA LEU Q 20 -11.50 5.42 36.48
C LEU Q 20 -12.54 5.72 37.53
N PHE Q 21 -13.67 6.25 37.06
CA PHE Q 21 -14.65 6.78 37.93
C PHE Q 21 -15.36 5.61 38.61
N ASP Q 22 -15.09 5.48 39.92
CA ASP Q 22 -15.78 4.52 40.75
C ASP Q 22 -16.35 5.25 41.97
N ILE Q 23 -17.27 4.53 42.60
CA ILE Q 23 -18.00 5.05 43.74
C ILE Q 23 -17.11 5.78 44.77
N SER Q 24 -15.91 5.23 44.98
CA SER Q 24 -14.95 5.85 45.87
C SER Q 24 -14.60 7.26 45.40
N MET Q 25 -14.13 7.36 44.17
CA MET Q 25 -13.74 8.66 43.60
C MET Q 25 -14.92 9.60 43.66
N ALA Q 26 -16.08 9.08 43.27
CA ALA Q 26 -17.31 9.88 43.35
C ALA Q 26 -17.46 10.50 44.76
N ILE Q 27 -17.45 9.61 45.76
CA ILE Q 27 -17.64 10.07 47.13
C ILE Q 27 -16.55 11.05 47.57
N SER Q 28 -15.30 10.80 47.17
CA SER Q 28 -14.18 11.69 47.51
C SER Q 28 -14.41 13.13 47.06
N TYR Q 29 -14.75 13.26 45.79
CA TYR Q 29 -14.98 14.56 45.20
C TYR Q 29 -16.25 15.17 45.78
N LEU Q 30 -17.29 14.34 45.96
CA LEU Q 30 -18.50 14.81 46.65
C LEU Q 30 -18.16 15.43 48.01
N TYR Q 31 -17.24 14.78 48.72
CA TYR Q 31 -16.84 15.23 50.06
C TYR Q 31 -15.94 16.46 50.02
N ASN Q 32 -15.04 16.52 49.03
CA ASN Q 32 -13.98 17.57 49.01
C ASN Q 32 -14.28 18.82 48.17
N SER Q 33 -14.79 18.63 46.95
CA SER Q 33 -15.16 19.77 46.12
C SER Q 33 -16.22 20.64 46.82
N LYS Q 34 -16.01 21.96 46.82
CA LYS Q 34 -17.03 22.89 47.32
C LYS Q 34 -17.82 23.49 46.15
N GLU Q 35 -17.59 22.97 44.95
CA GLU Q 35 -18.26 23.47 43.74
C GLU Q 35 -19.64 22.81 43.62
N PRO Q 36 -20.70 23.63 43.61
CA PRO Q 36 -22.04 23.03 43.63
C PRO Q 36 -22.37 22.26 42.36
N GLY Q 37 -21.75 22.67 41.25
CA GLY Q 37 -21.97 22.01 39.98
C GLY Q 37 -21.39 20.61 39.96
N VAL Q 38 -20.33 20.40 40.74
CA VAL Q 38 -19.68 19.11 40.82
C VAL Q 38 -20.55 18.19 41.68
N GLN Q 39 -20.93 18.72 42.84
CA GLN Q 39 -21.80 18.02 43.77
C GLN Q 39 -23.04 17.48 43.03
N ALA Q 40 -23.71 18.38 42.30
CA ALA Q 40 -24.88 18.01 41.52
C ALA Q 40 -24.55 16.99 40.42
N TYR Q 41 -23.43 17.18 39.72
CA TYR Q 41 -23.03 16.23 38.66
C TYR Q 41 -22.83 14.84 39.21
N ILE Q 42 -22.26 14.76 40.41
CA ILE Q 42 -22.01 13.44 41.00
C ILE Q 42 -23.30 12.86 41.57
N GLY Q 43 -24.08 13.71 42.25
CA GLY Q 43 -25.43 13.33 42.66
C GLY Q 43 -26.21 12.63 41.53
N ASN Q 44 -26.06 13.14 40.31
CA ASN Q 44 -26.70 12.53 39.13
C ASN Q 44 -26.02 11.21 38.76
N ARG Q 45 -24.68 11.17 38.82
CA ARG Q 45 -23.96 9.98 38.37
C ARG Q 45 -24.05 8.79 39.34
N LEU Q 46 -24.45 9.03 40.60
CA LEU Q 46 -24.74 7.89 41.52
C LEU Q 46 -25.68 6.85 40.90
N PHE Q 47 -26.70 7.35 40.20
CA PHE Q 47 -27.67 6.48 39.53
C PHE Q 47 -26.96 5.51 38.59
N CYS Q 48 -25.87 5.97 37.99
CA CYS Q 48 -25.19 5.15 37.00
C CYS Q 48 -24.48 3.91 37.61
N PHE Q 49 -24.13 3.94 38.90
CA PHE Q 49 -23.43 2.79 39.53
C PHE Q 49 -24.27 1.55 39.87
N ARG Q 50 -23.60 0.41 40.03
CA ARG Q 50 -24.20 -0.80 40.60
C ARG Q 50 -24.58 -0.64 42.08
N ASN Q 51 -25.82 -1.00 42.35
CA ASN Q 51 -26.39 -0.95 43.69
C ASN Q 51 -25.49 -1.50 44.81
N GLU Q 52 -24.82 -2.61 44.49
CA GLU Q 52 -24.03 -3.38 45.48
C GLU Q 52 -22.87 -2.51 45.95
N ASP Q 53 -22.27 -1.84 44.99
CA ASP Q 53 -21.06 -1.08 45.27
C ASP Q 53 -21.39 0.14 46.11
N VAL Q 54 -22.51 0.78 45.80
CA VAL Q 54 -22.95 2.00 46.50
C VAL Q 54 -23.40 1.62 47.91
N ASP Q 55 -24.12 0.49 48.01
CA ASP Q 55 -24.67 -0.02 49.30
C ASP Q 55 -23.63 0.09 50.45
N PHE Q 56 -22.44 -0.44 50.16
CA PHE Q 56 -21.31 -0.43 51.08
C PHE Q 56 -21.01 0.94 51.71
N TYR Q 57 -21.31 2.02 51.00
CA TYR Q 57 -21.01 3.39 51.48
C TYR Q 57 -22.24 4.14 52.01
N LEU Q 58 -23.36 3.42 52.17
CA LEU Q 58 -24.58 4.10 52.61
C LEU Q 58 -24.40 4.94 53.88
N PRO Q 59 -23.62 4.44 54.85
CA PRO Q 59 -23.47 5.23 56.08
C PRO Q 59 -22.79 6.56 55.82
N GLN Q 60 -21.86 6.57 54.87
CA GLN Q 60 -21.11 7.78 54.55
C GLN Q 60 -22.04 8.80 53.94
N LEU Q 61 -22.71 8.36 52.89
CA LEU Q 61 -23.65 9.21 52.20
C LEU Q 61 -24.63 9.86 53.21
N LEU Q 62 -25.27 9.01 54.00
CA LEU Q 62 -26.24 9.49 54.98
C LEU Q 62 -25.63 10.39 56.04
N ASN Q 63 -24.41 10.08 56.46
CA ASN Q 63 -23.73 10.96 57.42
C ASN Q 63 -23.52 12.36 56.80
N MET Q 64 -22.98 12.36 55.58
CA MET Q 64 -22.81 13.61 54.83
C MET Q 64 -24.14 14.38 54.70
N TYR Q 65 -25.19 13.69 54.26
CA TYR Q 65 -26.53 14.30 54.17
C TYR Q 65 -26.91 15.07 55.44
N ILE Q 66 -26.73 14.39 56.57
CA ILE Q 66 -27.11 14.93 57.87
C ILE Q 66 -26.24 16.11 58.24
N HIS Q 67 -24.93 15.90 58.20
CA HIS Q 67 -24.05 16.87 58.87
C HIS Q 67 -23.43 17.93 57.95
N MET Q 68 -23.65 17.82 56.64
CA MET Q 68 -23.00 18.72 55.69
C MET Q 68 -23.96 19.77 55.15
N ASP Q 69 -23.38 20.66 54.35
CA ASP Q 69 -24.10 21.68 53.58
C ASP Q 69 -25.38 21.12 52.98
N GLU Q 70 -26.43 21.92 53.03
CA GLU Q 70 -27.68 21.60 52.36
C GLU Q 70 -27.46 21.20 50.89
N ASP Q 71 -26.64 21.97 50.17
CA ASP Q 71 -26.17 21.64 48.80
C ASP Q 71 -25.84 20.15 48.66
N VAL Q 72 -25.07 19.64 49.63
CA VAL Q 72 -24.52 18.28 49.56
C VAL Q 72 -25.65 17.29 49.78
N GLY Q 73 -26.42 17.49 50.85
CA GLY Q 73 -27.60 16.70 51.11
C GLY Q 73 -28.52 16.60 49.89
N ASP Q 74 -28.85 17.76 49.34
CA ASP Q 74 -29.82 17.82 48.25
C ASP Q 74 -29.36 17.12 46.94
N ALA Q 75 -28.05 17.02 46.74
CA ALA Q 75 -27.47 16.28 45.61
C ALA Q 75 -27.61 14.75 45.77
N ILE Q 76 -27.57 14.29 47.01
CA ILE Q 76 -27.61 12.87 47.31
C ILE Q 76 -29.04 12.31 47.34
N LYS Q 77 -29.96 13.14 47.84
CA LYS Q 77 -31.34 12.70 48.20
C LYS Q 77 -32.09 11.93 47.11
N PRO Q 78 -32.24 12.53 45.93
CA PRO Q 78 -33.02 11.87 44.88
C PRO Q 78 -32.61 10.41 44.59
N TYR Q 79 -31.30 10.12 44.59
CA TYR Q 79 -30.79 8.75 44.41
C TYR Q 79 -31.28 7.85 45.54
N ILE Q 80 -31.21 8.38 46.76
CA ILE Q 80 -31.61 7.63 47.91
C ILE Q 80 -33.09 7.33 47.81
N VAL Q 81 -33.90 8.36 47.58
CA VAL Q 81 -35.34 8.20 47.33
C VAL Q 81 -35.58 7.13 46.26
N HIS Q 82 -34.86 7.24 45.15
CA HIS Q 82 -34.95 6.23 44.10
C HIS Q 82 -34.70 4.81 44.65
N ARG Q 83 -33.61 4.62 45.41
CA ARG Q 83 -33.34 3.28 45.98
C ARG Q 83 -34.43 2.80 46.95
N CYS Q 84 -34.79 3.71 47.84
CA CYS Q 84 -35.85 3.49 48.82
C CYS Q 84 -37.17 3.00 48.20
N ARG Q 85 -37.49 3.51 47.00
CA ARG Q 85 -38.72 3.11 46.29
C ARG Q 85 -38.70 1.69 45.71
N GLN Q 86 -37.50 1.14 45.48
CA GLN Q 86 -37.41 -0.15 44.81
C GLN Q 86 -36.99 -1.30 45.76
N SER Q 87 -36.74 -0.97 47.03
CA SER Q 87 -36.36 -1.96 48.03
C SER Q 87 -36.74 -1.46 49.42
N ILE Q 88 -37.62 -2.19 50.10
CA ILE Q 88 -37.97 -1.79 51.46
C ILE Q 88 -36.83 -2.11 52.44
N ASN Q 89 -36.03 -3.15 52.15
CA ASN Q 89 -34.81 -3.43 52.91
C ASN Q 89 -33.98 -2.14 52.93
N PHE Q 90 -33.72 -1.59 51.74
CA PHE Q 90 -33.02 -0.32 51.60
C PHE Q 90 -33.65 0.80 52.43
N SER Q 91 -34.97 0.94 52.30
CA SER Q 91 -35.70 1.95 53.07
C SER Q 91 -35.39 1.78 54.57
N LEU Q 92 -35.47 0.53 55.02
CA LEU Q 92 -35.27 0.21 56.43
C LEU Q 92 -33.92 0.70 56.93
N GLN Q 93 -32.88 0.33 56.22
CA GLN Q 93 -31.53 0.65 56.66
C GLN Q 93 -31.36 2.18 56.70
N CYS Q 94 -31.93 2.86 55.70
CA CYS Q 94 -31.93 4.32 55.65
C CYS Q 94 -32.59 4.88 56.90
N ALA Q 95 -33.82 4.42 57.14
CA ALA Q 95 -34.55 4.89 58.32
C ALA Q 95 -33.77 4.65 59.63
N LEU Q 96 -33.23 3.44 59.78
CA LEU Q 96 -32.47 3.08 60.98
C LEU Q 96 -31.24 3.94 61.16
N LEU Q 97 -30.47 4.08 60.08
CA LEU Q 97 -29.23 4.87 60.12
C LEU Q 97 -29.47 6.38 60.37
N LEU Q 98 -30.44 6.92 59.64
CA LEU Q 98 -30.81 8.32 59.81
C LEU Q 98 -31.07 8.61 61.29
N GLY Q 99 -31.84 7.75 61.93
CA GLY Q 99 -32.20 7.90 63.34
C GLY Q 99 -30.99 7.77 64.24
N ALA Q 100 -30.22 6.72 64.00
CA ALA Q 100 -29.03 6.48 64.79
C ALA Q 100 -27.98 7.61 64.70
N TYR Q 101 -27.79 8.19 63.52
CA TYR Q 101 -26.74 9.21 63.33
C TYR Q 101 -27.19 10.68 63.60
N SER Q 102 -28.24 10.85 64.43
CA SER Q 102 -28.69 12.18 64.92
C SER Q 102 -29.26 12.18 66.36
N SER Q 103 -28.39 12.51 67.33
CA SER Q 103 -28.73 12.63 68.75
C SER Q 103 -27.74 13.54 69.52
N ARG Q 114 -32.70 18.22 60.48
CA ARG Q 114 -32.31 17.71 59.15
C ARG Q 114 -32.65 16.24 58.90
N GLY Q 115 -32.27 15.38 59.82
CA GLY Q 115 -32.39 13.93 59.56
C GLY Q 115 -33.84 13.52 59.64
N THR Q 116 -34.46 14.04 60.69
CA THR Q 116 -35.79 13.70 61.14
C THR Q 116 -36.85 13.83 60.04
N LYS Q 117 -36.83 14.94 59.31
CA LYS Q 117 -37.86 15.19 58.29
C LYS Q 117 -37.88 14.08 57.21
N LEU Q 118 -36.71 13.60 56.79
CA LEU Q 118 -36.63 12.58 55.74
C LEU Q 118 -36.96 11.17 56.23
N ARG Q 119 -36.53 10.87 57.47
CA ARG Q 119 -36.83 9.57 58.10
C ARG Q 119 -38.35 9.32 58.08
N LYS Q 120 -39.09 10.31 58.59
CA LYS Q 120 -40.54 10.27 58.62
C LYS Q 120 -41.15 10.12 57.21
N LEU Q 121 -40.52 10.77 56.24
CA LEU Q 121 -40.92 10.64 54.84
C LEU Q 121 -40.64 9.24 54.24
N ILE Q 122 -39.56 8.58 54.66
CA ILE Q 122 -39.26 7.20 54.22
C ILE Q 122 -40.20 6.21 54.92
N LEU Q 123 -40.36 6.36 56.23
CA LEU Q 123 -41.31 5.55 56.98
C LEU Q 123 -42.77 5.76 56.47
N SER Q 124 -43.10 6.96 55.95
CA SER Q 124 -44.36 7.16 55.16
C SER Q 124 -44.35 6.45 53.80
N ARG Q 188 -47.26 -0.85 56.49
CA ARG Q 188 -46.22 -0.50 55.53
C ARG Q 188 -44.92 -1.27 55.81
N LEU Q 189 -44.29 -0.92 56.93
CA LEU Q 189 -43.08 -1.60 57.46
C LEU Q 189 -43.34 -2.10 58.89
N ALA Q 190 -44.59 -1.96 59.32
CA ALA Q 190 -44.97 -2.18 60.71
C ALA Q 190 -44.57 -3.58 61.21
N PRO Q 191 -44.81 -4.62 60.37
CA PRO Q 191 -44.45 -5.96 60.81
C PRO Q 191 -43.00 -6.06 61.27
N GLU Q 192 -42.09 -5.58 60.42
CA GLU Q 192 -40.67 -5.61 60.70
C GLU Q 192 -40.34 -4.74 61.93
N ARG Q 193 -40.84 -3.50 61.94
CA ARG Q 193 -40.54 -2.55 63.05
C ARG Q 193 -41.02 -3.04 64.41
N GLU Q 194 -42.16 -3.73 64.39
CA GLU Q 194 -42.71 -4.29 65.60
C GLU Q 194 -41.99 -5.58 65.98
N PHE Q 195 -41.68 -6.39 64.97
CA PHE Q 195 -40.80 -7.55 65.19
C PHE Q 195 -39.50 -7.13 65.89
N ILE Q 196 -38.86 -6.07 65.40
CA ILE Q 196 -37.61 -5.59 66.01
C ILE Q 196 -37.84 -4.95 67.38
N LYS Q 197 -38.88 -4.12 67.48
CA LYS Q 197 -39.22 -3.56 68.79
C LYS Q 197 -39.42 -4.66 69.85
N SER Q 198 -40.14 -5.72 69.50
CA SER Q 198 -40.35 -6.83 70.45
C SER Q 198 -39.02 -7.49 70.86
N LEU Q 199 -38.18 -7.79 69.86
CA LEU Q 199 -36.84 -8.36 70.12
C LEU Q 199 -36.06 -7.46 71.06
N MET Q 200 -36.09 -6.16 70.78
CA MET Q 200 -35.42 -5.18 71.65
C MET Q 200 -36.00 -5.22 73.07
N ALA Q 201 -37.32 -5.27 73.13
CA ALA Q 201 -38.07 -5.23 74.39
C ALA Q 201 -37.71 -6.41 75.26
N ILE Q 202 -37.70 -7.59 74.64
CA ILE Q 202 -37.28 -8.81 75.32
C ILE Q 202 -35.96 -8.61 76.05
N GLY Q 203 -34.93 -8.22 75.30
CA GLY Q 203 -33.59 -8.02 75.85
C GLY Q 203 -33.54 -7.11 77.07
N LYS Q 204 -34.32 -6.03 77.04
CA LYS Q 204 -34.37 -5.05 78.15
C LYS Q 204 -34.95 -5.64 79.43
N ARG Q 205 -35.89 -6.58 79.30
CA ARG Q 205 -36.51 -7.22 80.47
C ARG Q 205 -35.52 -8.08 81.25
N LEU Q 206 -34.61 -8.75 80.54
CA LEU Q 206 -33.65 -9.69 81.16
C LEU Q 206 -32.73 -9.04 82.22
N ALA Q 207 -32.68 -7.71 82.23
CA ALA Q 207 -31.89 -6.96 83.21
C ALA Q 207 -32.18 -7.31 84.68
N THR Q 208 -33.43 -7.65 84.98
CA THR Q 208 -33.83 -8.01 86.34
C THR Q 208 -33.40 -9.42 86.78
N LEU Q 209 -32.96 -10.27 85.84
CA LEU Q 209 -32.51 -11.64 86.19
C LEU Q 209 -30.97 -11.72 86.30
N PRO Q 210 -30.45 -11.80 87.51
CA PRO Q 210 -29.01 -11.64 87.74
C PRO Q 210 -28.08 -12.77 87.23
N THR Q 211 -28.62 -13.91 86.79
CA THR Q 211 -27.75 -15.00 86.28
C THR Q 211 -28.09 -15.42 84.85
N LYS Q 212 -27.05 -15.88 84.16
CA LYS Q 212 -27.11 -16.35 82.78
C LYS Q 212 -28.28 -17.32 82.58
N GLU Q 213 -28.27 -18.37 83.40
CA GLU Q 213 -29.26 -19.47 83.33
C GLU Q 213 -30.72 -18.99 83.46
N GLN Q 214 -30.98 -18.09 84.44
CA GLN Q 214 -32.32 -17.51 84.64
C GLN Q 214 -32.74 -16.72 83.42
N LYS Q 215 -31.80 -15.91 82.91
CA LYS Q 215 -32.01 -15.10 81.72
C LYS Q 215 -32.39 -15.98 80.52
N THR Q 216 -31.55 -16.98 80.26
CA THR Q 216 -31.78 -17.90 79.14
C THR Q 216 -33.18 -18.52 79.21
N GLN Q 217 -33.59 -18.93 80.41
CA GLN Q 217 -34.92 -19.53 80.58
C GLN Q 217 -36.04 -18.56 80.19
N ARG Q 218 -35.95 -17.30 80.61
CA ARG Q 218 -36.98 -16.30 80.26
C ARG Q 218 -36.94 -16.00 78.76
N LEU Q 219 -35.72 -15.90 78.24
CA LEU Q 219 -35.54 -15.66 76.81
C LEU Q 219 -36.25 -16.75 76.03
N ILE Q 220 -35.90 -18.02 76.32
CA ILE Q 220 -36.45 -19.18 75.59
C ILE Q 220 -37.98 -19.14 75.61
N SER Q 221 -38.55 -18.95 76.79
CA SER Q 221 -40.00 -18.87 76.91
C SER Q 221 -40.52 -17.72 76.06
N GLU Q 222 -39.94 -16.53 76.22
CA GLU Q 222 -40.52 -15.34 75.57
C GLU Q 222 -40.37 -15.33 74.04
N LEU Q 223 -39.32 -15.98 73.54
CA LEU Q 223 -39.10 -16.14 72.10
C LEU Q 223 -40.16 -17.00 71.44
N SER Q 224 -40.64 -18.02 72.16
CA SER Q 224 -41.63 -18.96 71.62
C SER Q 224 -42.90 -18.23 71.18
N LEU Q 225 -43.21 -17.14 71.88
CA LEU Q 225 -44.40 -16.35 71.63
C LEU Q 225 -44.36 -15.62 70.28
N LEU Q 226 -43.17 -15.32 69.81
CA LEU Q 226 -43.01 -14.65 68.53
C LEU Q 226 -43.37 -15.55 67.33
N ASN Q 227 -43.20 -16.88 67.45
CA ASN Q 227 -43.60 -17.84 66.38
C ASN Q 227 -45.08 -17.74 66.07
N HIS Q 228 -45.83 -17.33 67.07
CA HIS Q 228 -47.24 -17.11 66.90
C HIS Q 228 -47.54 -16.02 65.89
N LYS Q 229 -46.56 -15.14 65.61
CA LYS Q 229 -46.76 -14.12 64.57
C LYS Q 229 -46.06 -14.41 63.23
N LEU Q 230 -45.53 -15.61 63.09
CA LEU Q 230 -44.81 -15.99 61.87
C LEU Q 230 -45.53 -17.08 61.07
N PRO Q 231 -45.35 -17.09 59.74
CA PRO Q 231 -44.51 -16.17 58.96
C PRO Q 231 -45.24 -14.87 58.62
N ALA Q 232 -44.46 -13.83 58.35
CA ALA Q 232 -44.98 -12.49 58.04
C ALA Q 232 -44.06 -11.73 57.07
N ARG Q 233 -44.45 -10.50 56.75
CA ARG Q 233 -43.59 -9.61 55.95
C ARG Q 233 -42.41 -9.08 56.82
N VAL Q 234 -41.49 -9.99 57.19
CA VAL Q 234 -40.36 -9.68 58.09
C VAL Q 234 -39.08 -10.45 57.70
N TRP Q 235 -37.92 -9.83 57.93
CA TRP Q 235 -36.63 -10.37 57.49
C TRP Q 235 -35.46 -9.89 58.38
N LEU Q 236 -34.31 -10.52 58.19
CA LEU Q 236 -33.06 -10.18 58.87
C LEU Q 236 -32.11 -9.49 57.90
N PRO Q 237 -32.01 -8.16 58.03
CA PRO Q 237 -31.17 -7.36 57.11
C PRO Q 237 -29.71 -7.85 57.02
N THR Q 238 -29.25 -8.52 58.07
CA THR Q 238 -27.92 -9.11 58.11
C THR Q 238 -27.74 -10.35 57.18
N ALA Q 239 -28.81 -10.80 56.51
CA ALA Q 239 -28.72 -11.98 55.64
C ALA Q 239 -28.15 -11.70 54.25
N GLY Q 240 -27.33 -12.63 53.77
CA GLY Q 240 -26.73 -12.52 52.45
C GLY Q 240 -27.70 -12.44 51.28
N PHE Q 241 -28.97 -12.79 51.49
CA PHE Q 241 -29.95 -12.96 50.40
C PHE Q 241 -31.32 -12.40 50.77
N ASP Q 242 -32.23 -12.41 49.80
CA ASP Q 242 -33.64 -12.08 50.06
C ASP Q 242 -34.35 -13.30 50.61
N HIS Q 243 -35.30 -13.07 51.51
CA HIS Q 243 -35.95 -14.16 52.23
C HIS Q 243 -37.18 -13.72 53.03
N HIS Q 244 -37.94 -14.71 53.48
CA HIS Q 244 -38.96 -14.51 54.50
C HIS Q 244 -38.57 -15.34 55.75
N VAL Q 245 -38.73 -14.74 56.95
CA VAL Q 245 -38.57 -15.46 58.23
C VAL Q 245 -39.82 -16.29 58.53
N VAL Q 246 -39.60 -17.56 58.89
CA VAL Q 246 -40.76 -18.45 59.13
C VAL Q 246 -40.90 -18.92 60.58
N ARG Q 247 -39.78 -19.16 61.25
CA ARG Q 247 -39.77 -19.85 62.54
C ARG Q 247 -38.52 -19.55 63.37
N VAL Q 248 -38.72 -19.48 64.69
CA VAL Q 248 -37.63 -19.29 65.64
C VAL Q 248 -37.50 -20.48 66.56
N PRO Q 249 -36.41 -21.26 66.41
CA PRO Q 249 -36.16 -22.38 67.32
C PRO Q 249 -35.71 -21.90 68.71
N HIS Q 250 -36.68 -21.36 69.43
CA HIS Q 250 -36.50 -20.77 70.75
C HIS Q 250 -35.68 -21.62 71.74
N THR Q 251 -35.86 -22.94 71.75
CA THR Q 251 -35.11 -23.78 72.70
C THR Q 251 -33.58 -23.69 72.47
N GLN Q 252 -33.19 -23.27 71.27
CA GLN Q 252 -31.76 -23.21 70.91
C GLN Q 252 -31.09 -21.87 71.26
N ALA Q 253 -31.91 -20.85 71.51
CA ALA Q 253 -31.39 -19.53 71.84
C ALA Q 253 -30.72 -19.53 73.21
N VAL Q 254 -29.74 -18.65 73.36
CA VAL Q 254 -28.95 -18.57 74.58
C VAL Q 254 -28.50 -17.11 74.83
N VAL Q 255 -28.38 -16.78 76.12
CA VAL Q 255 -27.89 -15.46 76.55
C VAL Q 255 -26.41 -15.58 76.90
N LEU Q 256 -25.63 -14.54 76.59
CA LEU Q 256 -24.16 -14.67 76.55
C LEU Q 256 -23.39 -14.36 77.84
N ASN Q 257 -23.93 -13.47 78.67
CA ASN Q 257 -23.26 -13.11 79.94
C ASN Q 257 -24.26 -12.70 81.03
N SER Q 258 -23.73 -12.44 82.24
CA SER Q 258 -24.53 -12.11 83.41
C SER Q 258 -24.75 -10.60 83.58
N LYS Q 259 -24.38 -9.85 82.56
CA LYS Q 259 -24.39 -8.38 82.63
C LYS Q 259 -25.79 -7.76 82.58
N ASP Q 260 -25.81 -6.49 82.98
CA ASP Q 260 -27.03 -5.70 83.16
C ASP Q 260 -27.86 -5.60 81.88
N LYS Q 261 -27.20 -5.30 80.76
CA LYS Q 261 -27.85 -5.28 79.44
C LYS Q 261 -27.19 -6.31 78.55
N ALA Q 262 -27.37 -7.56 78.94
CA ALA Q 262 -26.73 -8.69 78.27
C ALA Q 262 -27.23 -8.84 76.83
N PRO Q 263 -26.31 -9.15 75.93
CA PRO Q 263 -26.69 -9.54 74.59
C PRO Q 263 -27.11 -10.99 74.57
N TYR Q 264 -27.90 -11.37 73.57
CA TYR Q 264 -28.35 -12.74 73.45
C TYR Q 264 -28.33 -13.22 71.99
N LEU Q 265 -27.99 -14.49 71.82
CA LEU Q 265 -27.85 -15.08 70.49
C LEU Q 265 -29.08 -15.90 70.16
N ILE Q 266 -29.56 -15.77 68.93
CA ILE Q 266 -30.68 -16.60 68.47
C ILE Q 266 -30.43 -17.17 67.10
N TYR Q 267 -31.09 -18.29 66.82
CA TYR Q 267 -31.11 -18.87 65.50
C TYR Q 267 -32.48 -18.64 64.87
N VAL Q 268 -32.50 -18.37 63.56
CA VAL Q 268 -33.75 -18.04 62.85
C VAL Q 268 -33.87 -18.85 61.55
N GLU Q 269 -35.08 -19.33 61.29
CA GLU Q 269 -35.40 -20.10 60.08
C GLU Q 269 -36.02 -19.20 59.00
N VAL Q 270 -35.56 -19.39 57.76
CA VAL Q 270 -36.02 -18.59 56.63
C VAL Q 270 -36.20 -19.37 55.34
N LEU Q 271 -37.03 -18.81 54.46
CA LEU Q 271 -37.23 -19.34 53.11
C LEU Q 271 -36.72 -18.36 52.06
N GLU Q 272 -35.72 -18.79 51.29
CA GLU Q 272 -35.06 -17.90 50.33
C GLU Q 272 -35.99 -17.39 49.22
N CYS Q 273 -35.74 -16.16 48.79
CA CYS Q 273 -36.46 -15.56 47.67
C CYS Q 273 -35.52 -15.31 46.52
N GLU Q 274 -36.08 -15.03 45.35
CA GLU Q 274 -35.35 -14.38 44.28
C GLU Q 274 -35.54 -12.88 44.38
N ASN Q 275 -36.77 -12.48 44.69
CA ASN Q 275 -37.05 -11.12 45.06
C ASN Q 275 -38.13 -11.04 46.14
N PHE Q 276 -37.79 -10.36 47.24
CA PHE Q 276 -38.70 -10.17 48.38
C PHE Q 276 -39.92 -9.30 48.08
N ASP Q 277 -39.67 -8.19 47.38
CA ASP Q 277 -40.65 -7.11 47.25
C ASP Q 277 -41.91 -7.53 46.50
N THR Q 278 -41.79 -8.62 45.72
CA THR Q 278 -42.84 -9.04 44.80
C THR Q 278 -43.38 -10.45 45.04
N THR Q 279 -43.11 -11.03 46.21
CA THR Q 279 -43.43 -12.44 46.40
C THR Q 279 -44.17 -12.75 47.70
N SER Q 280 -44.88 -13.88 47.66
CA SER Q 280 -45.28 -14.67 48.83
C SER Q 280 -45.86 -13.97 50.07
N VAL Q 281 -44.98 -13.86 51.09
CA VAL Q 281 -45.27 -14.23 52.49
C VAL Q 281 -45.85 -15.67 52.52
N PRO Q 282 -44.97 -16.70 52.66
CA PRO Q 282 -45.45 -18.08 52.62
C PRO Q 282 -46.45 -18.40 53.73
N ALA Q 283 -47.03 -19.59 53.62
CA ALA Q 283 -48.12 -20.00 54.50
C ALA Q 283 -47.62 -20.66 55.78
N ARG Q 284 -48.34 -20.43 56.88
CA ARG Q 284 -47.98 -21.04 58.17
C ARG Q 284 -48.08 -22.56 58.09
N ILE Q 285 -47.19 -23.24 58.81
CA ILE Q 285 -47.27 -24.70 59.02
C ILE Q 285 -47.25 -24.95 60.52
N PRO Q 286 -48.36 -25.46 61.09
CA PRO Q 286 -48.61 -25.31 62.54
C PRO Q 286 -47.67 -26.01 63.52
N GLU Q 287 -46.92 -27.02 63.08
CA GLU Q 287 -45.79 -27.58 63.86
C GLU Q 287 -46.14 -28.82 64.71
N ASN Q 288 -45.09 -29.50 65.16
CA ASN Q 288 -45.15 -30.32 66.36
C ASN Q 288 -43.88 -30.14 67.19
N PRO Q 295 -36.13 -33.22 72.17
CA PRO Q 295 -35.37 -33.97 71.15
C PRO Q 295 -34.63 -33.07 70.14
N SER Q 296 -35.36 -32.39 69.25
CA SER Q 296 -34.77 -31.26 68.52
C SER Q 296 -34.69 -30.12 69.53
N ALA Q 297 -35.50 -30.20 70.59
CA ALA Q 297 -35.55 -29.18 71.64
C ALA Q 297 -34.29 -29.08 72.52
N VAL Q 298 -33.57 -30.19 72.72
CA VAL Q 298 -32.40 -30.20 73.63
C VAL Q 298 -31.23 -29.42 73.02
N ALA Q 299 -30.53 -28.64 73.84
CA ALA Q 299 -29.42 -27.80 73.39
C ALA Q 299 -28.10 -28.25 74.01
N LEU Q 300 -27.07 -28.52 73.19
CA LEU Q 300 -25.69 -28.77 73.69
C LEU Q 300 -24.60 -28.32 72.71
N LYS Q 301 -23.39 -28.16 73.22
CA LYS Q 301 -22.22 -27.81 72.41
C LYS Q 301 -21.97 -28.84 71.30
N GLU Q 302 -22.17 -28.39 70.07
CA GLU Q 302 -21.97 -29.19 68.87
C GLU Q 302 -21.63 -28.25 67.69
N PRO Q 303 -20.93 -28.76 66.67
CA PRO Q 303 -20.67 -27.98 65.44
C PRO Q 303 -21.92 -27.35 64.80
N TRP Q 304 -21.72 -26.38 63.93
CA TRP Q 304 -22.80 -25.64 63.26
C TRP Q 304 -23.66 -26.55 62.37
N GLN Q 305 -23.02 -27.40 61.55
CA GLN Q 305 -23.76 -28.28 60.62
C GLN Q 305 -24.54 -29.39 61.34
N GLU Q 306 -24.02 -29.84 62.48
CA GLU Q 306 -24.74 -30.79 63.32
C GLU Q 306 -25.95 -30.12 63.98
N LYS Q 307 -25.82 -28.83 64.30
CA LYS Q 307 -26.92 -28.06 64.86
C LYS Q 307 -27.96 -27.70 63.80
N VAL Q 308 -27.53 -27.44 62.55
CA VAL Q 308 -28.50 -27.23 61.44
C VAL Q 308 -29.34 -28.50 61.25
N ARG Q 309 -28.68 -29.66 61.21
CA ARG Q 309 -29.34 -30.96 61.10
C ARG Q 309 -30.49 -31.11 62.13
N ARG Q 310 -30.12 -31.00 63.41
CA ARG Q 310 -31.05 -31.15 64.55
C ARG Q 310 -32.26 -30.22 64.47
N ILE Q 311 -32.00 -28.95 64.18
CA ILE Q 311 -33.09 -27.97 64.11
C ILE Q 311 -33.95 -28.20 62.87
N ARG Q 312 -33.31 -28.43 61.73
CA ARG Q 312 -33.98 -28.70 60.45
C ARG Q 312 -34.93 -29.89 60.62
N GLU Q 313 -34.36 -31.03 61.07
CA GLU Q 313 -35.15 -32.26 61.24
C GLU Q 313 -36.39 -32.09 62.15
N GLY Q 314 -36.25 -31.28 63.20
CA GLY Q 314 -37.39 -30.97 64.07
C GLY Q 314 -38.38 -29.99 63.47
N SER Q 315 -37.96 -29.25 62.44
CA SER Q 315 -38.77 -28.14 61.95
C SER Q 315 -39.85 -28.56 60.96
N PRO Q 316 -41.05 -27.96 61.09
CA PRO Q 316 -42.09 -28.08 60.05
C PRO Q 316 -41.56 -27.84 58.64
N TYR Q 317 -40.78 -26.77 58.49
CA TYR Q 317 -40.34 -26.28 57.17
C TYR Q 317 -39.01 -26.92 56.69
N GLY Q 318 -38.41 -27.76 57.54
CA GLY Q 318 -37.04 -28.24 57.31
C GLY Q 318 -36.82 -29.06 56.06
N HIS Q 319 -37.87 -29.75 55.63
CA HIS Q 319 -37.83 -30.52 54.39
C HIS Q 319 -37.54 -29.71 53.11
N LEU Q 320 -37.98 -28.44 53.06
CA LEU Q 320 -37.90 -27.63 51.82
C LEU Q 320 -36.45 -27.35 51.37
N PRO Q 321 -36.20 -27.30 50.03
CA PRO Q 321 -34.91 -26.88 49.49
C PRO Q 321 -34.73 -25.37 49.65
N ASN Q 322 -35.86 -24.70 49.78
CA ASN Q 322 -35.98 -23.27 49.96
C ASN Q 322 -35.49 -22.75 51.33
N TRP Q 323 -35.30 -23.69 52.26
CA TRP Q 323 -35.10 -23.41 53.68
C TRP Q 323 -33.63 -23.18 54.02
N ARG Q 324 -33.36 -22.13 54.80
CA ARG Q 324 -32.00 -21.90 55.32
C ARG Q 324 -32.03 -21.39 56.77
N LEU Q 325 -30.91 -21.57 57.48
CA LEU Q 325 -30.77 -21.15 58.89
C LEU Q 325 -29.79 -19.99 59.10
N LEU Q 326 -30.25 -18.93 59.80
CA LEU Q 326 -29.39 -17.77 60.11
C LEU Q 326 -29.19 -17.62 61.60
N SER Q 327 -28.32 -16.69 61.98
CA SER Q 327 -28.02 -16.41 63.37
C SER Q 327 -27.67 -14.93 63.57
N VAL Q 328 -28.13 -14.35 64.69
CA VAL Q 328 -27.75 -13.00 65.08
C VAL Q 328 -27.61 -12.88 66.59
N ILE Q 329 -26.68 -12.04 67.01
CA ILE Q 329 -26.58 -11.56 68.38
C ILE Q 329 -27.39 -10.28 68.47
N VAL Q 330 -28.22 -10.16 69.50
CA VAL Q 330 -29.05 -8.98 69.66
C VAL Q 330 -28.53 -8.15 70.82
N LYS Q 331 -28.09 -6.93 70.52
CA LYS Q 331 -27.58 -6.07 71.59
C LYS Q 331 -28.60 -4.96 71.84
N CYS Q 332 -29.31 -5.05 72.97
CA CYS Q 332 -30.45 -4.16 73.21
C CYS Q 332 -30.03 -2.79 73.78
N GLY Q 333 -28.93 -2.78 74.52
CA GLY Q 333 -28.47 -1.56 75.16
C GLY Q 333 -27.04 -1.16 74.83
N ASP Q 334 -26.48 -1.69 73.74
CA ASP Q 334 -25.10 -1.34 73.34
C ASP Q 334 -25.05 -0.56 71.98
N ASP Q 335 -24.28 0.53 71.93
CA ASP Q 335 -24.10 1.28 70.68
C ASP Q 335 -23.23 0.45 69.74
N LEU Q 336 -23.59 0.39 68.45
CA LEU Q 336 -22.85 -0.42 67.46
C LEU Q 336 -22.21 0.39 66.33
N ARG Q 337 -22.11 1.71 66.47
CA ARG Q 337 -21.67 2.53 65.34
C ARG Q 337 -20.14 2.43 65.11
N GLN Q 338 -19.37 2.37 66.21
CA GLN Q 338 -17.93 2.07 66.15
C GLN Q 338 -17.74 0.71 65.49
N GLU Q 339 -18.59 -0.21 65.92
CA GLU Q 339 -18.51 -1.56 65.45
C GLU Q 339 -18.76 -1.59 63.94
N LEU Q 340 -19.75 -0.82 63.51
CA LEU Q 340 -20.05 -0.66 62.08
C LEU Q 340 -18.88 -0.02 61.33
N LEU Q 341 -18.32 1.04 61.90
CA LEU Q 341 -17.16 1.65 61.26
C LEU Q 341 -16.03 0.61 61.08
N ALA Q 342 -15.74 -0.16 62.13
CA ALA Q 342 -14.68 -1.17 62.08
C ALA Q 342 -14.90 -2.20 60.97
N PHE Q 343 -16.17 -2.58 60.82
CA PHE Q 343 -16.58 -3.53 59.81
C PHE Q 343 -16.15 -3.08 58.41
N GLN Q 344 -16.48 -1.83 58.08
CA GLN Q 344 -16.14 -1.25 56.78
C GLN Q 344 -14.62 -1.26 56.54
N VAL Q 345 -13.88 -0.88 57.57
CA VAL Q 345 -12.44 -0.84 57.48
C VAL Q 345 -11.91 -2.25 57.23
N LEU Q 346 -12.47 -3.23 57.96
CA LEU Q 346 -12.01 -4.63 57.80
C LEU Q 346 -12.32 -5.12 56.39
N LYS Q 347 -13.50 -4.74 55.92
CA LYS Q 347 -13.97 -5.19 54.62
C LYS Q 347 -13.13 -4.59 53.53
N GLN Q 348 -12.80 -3.31 53.66
CA GLN Q 348 -11.89 -2.65 52.72
C GLN Q 348 -10.51 -3.30 52.73
N LEU Q 349 -9.93 -3.47 53.92
CA LEU Q 349 -8.59 -4.12 53.99
C LEU Q 349 -8.61 -5.51 53.39
N GLN Q 350 -9.72 -6.22 53.61
CA GLN Q 350 -9.88 -7.55 53.03
C GLN Q 350 -9.80 -7.51 51.48
N SER Q 351 -10.56 -6.58 50.88
CA SER Q 351 -10.57 -6.42 49.43
C SER Q 351 -9.20 -5.97 48.94
N ILE Q 352 -8.60 -5.03 49.66
CA ILE Q 352 -7.24 -4.57 49.35
C ILE Q 352 -6.33 -5.79 49.31
N TRP Q 353 -6.39 -6.63 50.34
CA TRP Q 353 -5.50 -7.79 50.38
C TRP Q 353 -5.85 -8.88 49.35
N GLU Q 354 -7.11 -9.00 48.95
CA GLU Q 354 -7.48 -9.87 47.82
C GLU Q 354 -6.96 -9.34 46.48
N GLN Q 355 -7.15 -8.05 46.25
CA GLN Q 355 -6.75 -7.36 45.01
C GLN Q 355 -5.22 -7.42 44.75
N GLU Q 356 -4.42 -6.91 45.68
CA GLU Q 356 -2.98 -7.28 45.74
C GLU Q 356 -3.06 -8.76 46.06
N ARG Q 357 -1.95 -9.47 46.11
CA ARG Q 357 -2.14 -10.90 46.30
C ARG Q 357 -1.39 -11.39 47.50
N VAL Q 358 -1.89 -10.91 48.63
CA VAL Q 358 -1.39 -11.27 49.94
C VAL Q 358 -2.45 -12.14 50.64
N PRO Q 359 -2.12 -13.41 50.93
CA PRO Q 359 -3.10 -14.32 51.53
C PRO Q 359 -3.29 -14.14 53.07
N LEU Q 360 -3.28 -12.91 53.58
CA LEU Q 360 -3.71 -12.66 54.96
C LEU Q 360 -5.18 -13.04 55.07
N TRP Q 361 -5.63 -13.28 56.30
CA TRP Q 361 -7.00 -13.69 56.55
C TRP Q 361 -7.60 -12.89 57.69
N ILE Q 362 -8.79 -12.33 57.45
CA ILE Q 362 -9.58 -11.71 58.53
C ILE Q 362 -11.05 -11.95 58.28
N LYS Q 363 -11.87 -11.68 59.30
CA LYS Q 363 -13.30 -11.89 59.20
C LYS Q 363 -14.01 -10.65 59.69
N PRO Q 364 -14.43 -9.82 58.74
CA PRO Q 364 -15.46 -8.85 59.02
C PRO Q 364 -16.76 -9.54 59.37
N TYR Q 365 -17.40 -9.09 60.43
CA TYR Q 365 -18.70 -9.61 60.79
C TYR Q 365 -19.73 -8.52 60.67
N LYS Q 366 -20.85 -8.87 60.03
CA LYS Q 366 -21.90 -7.91 59.68
C LYS Q 366 -22.50 -7.23 60.91
N ILE Q 367 -22.86 -5.97 60.72
CA ILE Q 367 -23.41 -5.15 61.77
C ILE Q 367 -24.72 -4.58 61.27
N LEU Q 368 -25.72 -4.53 62.15
CA LEU Q 368 -26.92 -3.75 61.87
C LEU Q 368 -27.20 -2.77 63.00
N VAL Q 369 -27.03 -1.49 62.71
CA VAL Q 369 -27.32 -0.46 63.67
C VAL Q 369 -28.81 -0.26 63.67
N ILE Q 370 -29.41 -0.27 64.87
CA ILE Q 370 -30.85 -0.06 64.98
C ILE Q 370 -31.21 1.29 65.66
N SER Q 371 -30.45 1.65 66.68
CA SER Q 371 -30.50 2.98 67.27
C SER Q 371 -29.09 3.35 67.72
N ALA Q 372 -28.94 4.54 68.27
CA ALA Q 372 -27.68 4.93 68.90
C ALA Q 372 -27.41 4.03 70.11
N ASP Q 373 -28.49 3.43 70.63
CA ASP Q 373 -28.44 2.52 71.78
C ASP Q 373 -28.28 1.05 71.42
N SER Q 374 -28.82 0.64 70.28
CA SER Q 374 -29.07 -0.78 69.99
C SER Q 374 -28.79 -1.24 68.55
N GLY Q 375 -28.51 -2.54 68.40
CA GLY Q 375 -28.23 -3.15 67.12
C GLY Q 375 -28.05 -4.66 67.17
N MET Q 376 -27.62 -5.21 66.04
CA MET Q 376 -27.32 -6.65 65.92
C MET Q 376 -25.97 -6.96 65.24
N ILE Q 377 -25.45 -8.16 65.50
CA ILE Q 377 -24.20 -8.65 64.94
C ILE Q 377 -24.38 -10.07 64.41
N GLU Q 378 -23.91 -10.35 63.19
CA GLU Q 378 -23.85 -11.75 62.70
C GLU Q 378 -22.58 -12.43 63.25
N PRO Q 379 -22.76 -13.43 64.13
CA PRO Q 379 -21.59 -14.02 64.80
C PRO Q 379 -20.87 -14.98 63.88
N VAL Q 380 -19.61 -15.24 64.16
CA VAL Q 380 -18.92 -16.32 63.47
C VAL Q 380 -19.27 -17.61 64.17
N VAL Q 381 -19.69 -18.60 63.38
CA VAL Q 381 -20.03 -19.94 63.89
C VAL Q 381 -18.82 -20.87 63.90
N ASN Q 382 -18.91 -21.95 64.70
CA ASN Q 382 -17.79 -22.86 64.94
C ASN Q 382 -16.56 -22.12 65.43
N ALA Q 383 -16.80 -21.28 66.42
CA ALA Q 383 -15.76 -20.47 66.99
C ALA Q 383 -16.11 -20.16 68.43
N VAL Q 384 -15.09 -20.19 69.29
CA VAL Q 384 -15.27 -19.86 70.70
C VAL Q 384 -14.03 -19.12 71.21
N SER Q 385 -14.22 -18.38 72.30
CA SER Q 385 -13.20 -17.48 72.82
C SER Q 385 -11.98 -18.29 73.23
N ILE Q 386 -10.80 -17.69 73.03
CA ILE Q 386 -9.55 -18.32 73.48
C ILE Q 386 -9.63 -18.66 74.97
N HIS Q 387 -10.14 -17.71 75.74
CA HIS Q 387 -10.18 -17.84 77.19
C HIS Q 387 -10.96 -19.05 77.65
N GLN Q 388 -12.14 -19.25 77.06
CA GLN Q 388 -13.00 -20.35 77.48
C GLN Q 388 -12.51 -21.67 76.86
N VAL Q 389 -11.89 -21.62 75.67
CA VAL Q 389 -11.17 -22.79 75.12
C VAL Q 389 -10.13 -23.35 76.10
N LYS Q 390 -9.49 -22.46 76.87
CA LYS Q 390 -8.53 -22.88 77.87
C LYS Q 390 -9.15 -23.28 79.21
N LYS Q 391 -10.37 -22.82 79.47
CA LYS Q 391 -11.05 -23.19 80.72
C LYS Q 391 -11.85 -24.48 80.58
N GLN Q 392 -12.41 -24.77 79.41
CA GLN Q 392 -13.11 -26.05 79.24
C GLN Q 392 -12.13 -27.18 78.88
N SER Q 393 -11.12 -26.91 78.06
CA SER Q 393 -10.08 -27.91 77.78
C SER Q 393 -9.09 -28.15 78.96
N GLN Q 394 -8.76 -27.10 79.70
CA GLN Q 394 -7.67 -27.12 80.68
C GLN Q 394 -6.30 -27.33 80.04
N LEU Q 395 -6.21 -27.13 78.73
CA LEU Q 395 -4.97 -27.39 77.99
C LEU Q 395 -4.24 -26.10 77.63
N SER Q 396 -2.99 -26.24 77.18
CA SER Q 396 -2.28 -25.15 76.53
C SER Q 396 -2.77 -25.09 75.07
N LEU Q 397 -2.74 -23.88 74.52
CA LEU Q 397 -3.29 -23.61 73.18
C LEU Q 397 -2.83 -24.63 72.13
N LEU Q 398 -1.52 -24.85 72.14
CA LEU Q 398 -0.91 -25.84 71.26
C LEU Q 398 -1.46 -27.24 71.52
N ASP Q 399 -1.50 -27.64 72.78
CA ASP Q 399 -2.04 -28.95 73.16
C ASP Q 399 -3.48 -29.09 72.64
N TYR Q 400 -4.28 -28.03 72.75
CA TYR Q 400 -5.62 -28.01 72.16
C TYR Q 400 -5.58 -28.18 70.63
N PHE Q 401 -4.69 -27.41 69.96
CA PHE Q 401 -4.49 -27.61 68.49
C PHE Q 401 -4.21 -29.09 68.14
N LEU Q 402 -3.26 -29.66 68.89
CA LEU Q 402 -2.85 -31.04 68.68
C LEU Q 402 -3.98 -32.03 68.95
N GLN Q 403 -4.75 -31.81 70.02
CA GLN Q 403 -5.93 -32.65 70.29
C GLN Q 403 -6.96 -32.54 69.16
N GLU Q 404 -7.28 -31.30 68.76
CA GLU Q 404 -8.41 -31.09 67.84
C GLU Q 404 -8.11 -31.26 66.34
N HIS Q 405 -6.83 -31.17 65.95
CA HIS Q 405 -6.48 -31.34 64.53
C HIS Q 405 -5.59 -32.55 64.25
N GLY Q 406 -4.63 -32.81 65.14
CA GLY Q 406 -3.74 -33.97 65.04
C GLY Q 406 -2.32 -33.57 65.35
N SER Q 407 -1.39 -34.50 65.18
CA SER Q 407 0.03 -34.20 65.38
C SER Q 407 0.50 -33.22 64.32
N TYR Q 408 1.53 -32.45 64.63
CA TYR Q 408 2.05 -31.46 63.67
C TYR Q 408 2.61 -32.05 62.38
N THR Q 409 2.65 -33.38 62.25
CA THR Q 409 3.00 -33.98 60.96
C THR Q 409 1.77 -34.26 60.10
N THR Q 410 0.57 -33.97 60.60
CA THR Q 410 -0.66 -34.20 59.81
C THR Q 410 -1.06 -32.99 58.97
N GLU Q 411 -1.83 -33.23 57.91
CA GLU Q 411 -2.31 -32.16 57.04
C GLU Q 411 -3.14 -31.15 57.85
N ALA Q 412 -4.17 -31.70 58.50
CA ALA Q 412 -5.15 -30.92 59.28
C ALA Q 412 -4.45 -29.92 60.20
N PHE Q 413 -3.33 -30.34 60.78
CA PHE Q 413 -2.59 -29.45 61.66
C PHE Q 413 -1.85 -28.39 60.86
N LEU Q 414 -1.15 -28.79 59.80
CA LEU Q 414 -0.30 -27.84 59.07
C LEU Q 414 -1.16 -26.76 58.41
N SER Q 415 -2.32 -27.19 57.91
CA SER Q 415 -3.31 -26.27 57.39
C SER Q 415 -3.84 -25.30 58.47
N ALA Q 416 -4.17 -25.83 59.64
CA ALA Q 416 -4.65 -25.00 60.78
C ALA Q 416 -3.59 -23.99 61.24
N GLN Q 417 -2.33 -24.43 61.27
CA GLN Q 417 -1.19 -23.59 61.65
C GLN Q 417 -1.10 -22.43 60.70
N ARG Q 418 -1.18 -22.74 59.41
CA ARG Q 418 -1.14 -21.73 58.36
C ARG Q 418 -2.27 -20.70 58.54
N ASN Q 419 -3.50 -21.18 58.74
CA ASN Q 419 -4.64 -20.30 59.02
C ASN Q 419 -4.44 -19.44 60.28
N PHE Q 420 -3.84 -20.05 61.31
CA PHE Q 420 -3.46 -19.30 62.51
C PHE Q 420 -2.52 -18.16 62.10
N VAL Q 421 -1.43 -18.51 61.42
CA VAL Q 421 -0.39 -17.53 61.08
C VAL Q 421 -0.95 -16.43 60.20
N GLN Q 422 -1.74 -16.81 59.22
CA GLN Q 422 -2.35 -15.84 58.30
C GLN Q 422 -3.41 -14.97 58.99
N SER Q 423 -4.19 -15.55 59.93
CA SER Q 423 -5.20 -14.73 60.65
C SER Q 423 -4.54 -13.80 61.70
N CYS Q 424 -3.42 -14.25 62.29
CA CYS Q 424 -2.66 -13.42 63.24
C CYS Q 424 -2.03 -12.17 62.60
N ALA Q 425 -1.36 -12.38 61.46
CA ALA Q 425 -0.71 -11.29 60.73
C ALA Q 425 -1.74 -10.25 60.34
N GLY Q 426 -2.83 -10.74 59.73
CA GLY Q 426 -3.95 -9.88 59.40
C GLY Q 426 -4.34 -9.00 60.59
N TYR Q 427 -4.71 -9.66 61.70
CA TYR Q 427 -5.30 -8.94 62.84
C TYR Q 427 -4.29 -8.04 63.55
N CYS Q 428 -3.01 -8.43 63.53
CA CYS Q 428 -1.96 -7.55 64.05
C CYS Q 428 -2.02 -6.20 63.34
N LEU Q 429 -2.08 -6.27 62.01
CA LEU Q 429 -2.06 -5.08 61.14
C LEU Q 429 -3.27 -4.22 61.45
N VAL Q 430 -4.43 -4.87 61.52
CA VAL Q 430 -5.65 -4.18 61.88
C VAL Q 430 -5.53 -3.49 63.25
N CYS Q 431 -5.00 -4.22 64.24
CA CYS Q 431 -4.86 -3.66 65.59
C CYS Q 431 -3.93 -2.46 65.64
N TYR Q 432 -2.79 -2.58 64.95
CA TYR Q 432 -1.88 -1.46 64.82
C TYR Q 432 -2.53 -0.28 64.09
N LEU Q 433 -3.00 -0.48 62.87
CA LEU Q 433 -3.59 0.61 62.09
C LEU Q 433 -4.78 1.28 62.78
N LEU Q 434 -5.68 0.49 63.35
CA LEU Q 434 -6.82 1.09 64.08
C LEU Q 434 -6.54 1.43 65.54
N GLN Q 435 -5.33 1.14 66.01
CA GLN Q 435 -4.99 1.32 67.43
C GLN Q 435 -6.08 0.68 68.26
N VAL Q 436 -6.27 -0.63 68.06
CA VAL Q 436 -7.30 -1.36 68.79
C VAL Q 436 -6.76 -1.62 70.19
N LYS Q 437 -7.57 -1.29 71.22
CA LYS Q 437 -7.13 -1.51 72.61
C LYS Q 437 -7.99 -2.57 73.32
N ASP Q 438 -7.80 -2.75 74.63
CA ASP Q 438 -8.57 -3.71 75.43
C ASP Q 438 -8.46 -5.10 74.83
N ARG Q 439 -7.23 -5.49 74.50
CA ARG Q 439 -7.01 -6.80 73.87
C ARG Q 439 -6.70 -7.88 74.91
N HIS Q 440 -7.60 -8.85 75.01
CA HIS Q 440 -7.41 -10.02 75.86
C HIS Q 440 -8.17 -11.22 75.25
N ASN Q 441 -7.99 -12.39 75.85
CA ASN Q 441 -8.50 -13.66 75.27
C ASN Q 441 -10.03 -13.84 75.30
N GLY Q 442 -10.72 -13.03 76.10
CA GLY Q 442 -12.17 -12.83 76.00
C GLY Q 442 -12.62 -12.17 74.69
N ASN Q 443 -11.71 -11.42 74.04
CA ASN Q 443 -12.00 -10.69 72.78
C ASN Q 443 -11.43 -11.33 71.51
N ILE Q 444 -10.84 -12.52 71.67
CA ILE Q 444 -10.30 -13.25 70.53
C ILE Q 444 -10.92 -14.63 70.42
N LEU Q 445 -11.52 -14.88 69.26
CA LEU Q 445 -12.20 -16.13 68.99
C LEU Q 445 -11.26 -17.05 68.20
N LEU Q 446 -11.45 -18.36 68.37
CA LEU Q 446 -10.77 -19.34 67.53
C LEU Q 446 -11.79 -20.17 66.77
N ASP Q 447 -11.67 -20.23 65.45
CA ASP Q 447 -12.62 -21.03 64.65
C ASP Q 447 -12.15 -22.48 64.45
N ALA Q 448 -13.03 -23.30 63.89
CA ALA Q 448 -12.79 -24.74 63.67
C ALA Q 448 -11.58 -25.09 62.78
N GLU Q 449 -11.17 -24.16 61.94
CA GLU Q 449 -10.08 -24.40 61.01
C GLU Q 449 -8.75 -23.80 61.48
N GLY Q 450 -8.79 -23.06 62.59
CA GLY Q 450 -7.55 -22.47 63.17
C GLY Q 450 -7.36 -20.96 63.00
N HIS Q 451 -8.28 -20.29 62.32
CA HIS Q 451 -8.24 -18.82 62.25
C HIS Q 451 -8.64 -18.29 63.59
N ILE Q 452 -7.97 -17.20 63.97
CA ILE Q 452 -8.43 -16.39 65.08
C ILE Q 452 -9.27 -15.25 64.54
N ILE Q 453 -10.10 -14.69 65.41
CA ILE Q 453 -10.94 -13.52 65.05
C ILE Q 453 -11.09 -12.54 66.24
N HIS Q 454 -10.59 -11.32 66.10
CA HIS Q 454 -10.74 -10.32 67.18
C HIS Q 454 -12.14 -9.76 67.16
N ILE Q 455 -12.69 -9.33 68.30
CA ILE Q 455 -14.09 -8.85 68.28
C ILE Q 455 -14.57 -7.55 68.97
N ASP Q 456 -14.06 -7.18 70.14
CA ASP Q 456 -14.71 -6.04 70.84
C ASP Q 456 -14.07 -4.69 70.48
N PHE Q 457 -14.65 -4.01 69.47
CA PHE Q 457 -14.05 -2.77 68.95
C PHE Q 457 -14.60 -1.49 69.61
N GLY Q 458 -14.97 -1.58 70.89
CA GLY Q 458 -14.92 -0.41 71.75
C GLY Q 458 -13.44 -0.15 71.93
N PHE Q 459 -13.04 1.09 72.22
CA PHE Q 459 -11.63 1.44 72.44
C PHE Q 459 -10.74 1.25 71.19
N ILE Q 460 -10.92 2.18 70.25
CA ILE Q 460 -10.12 2.22 69.02
C ILE Q 460 -9.74 3.66 68.70
N LEU Q 461 -8.67 3.83 67.93
CA LEU Q 461 -8.21 5.15 67.52
C LEU Q 461 -7.94 6.06 68.74
N SER Q 462 -8.56 7.24 68.76
CA SER Q 462 -8.28 8.26 69.77
C SER Q 462 -8.82 7.93 71.16
N SER Q 463 -9.68 6.91 71.24
CA SER Q 463 -10.35 6.55 72.48
C SER Q 463 -9.40 6.21 73.63
N SER Q 464 -9.69 6.84 74.77
CA SER Q 464 -8.98 6.63 76.03
C SER Q 464 -10.01 6.28 77.13
N SER Q 473 -5.40 -3.03 76.87
CA SER Q 473 -4.05 -2.93 76.32
C SER Q 473 -4.03 -3.25 74.82
N ALA Q 474 -2.89 -2.95 74.17
CA ALA Q 474 -2.70 -3.14 72.72
C ALA Q 474 -2.44 -4.59 72.34
N PHE Q 475 -2.42 -4.86 71.02
CA PHE Q 475 -2.22 -6.22 70.48
C PHE Q 475 -0.93 -6.84 71.01
N LYS Q 476 -1.05 -8.06 71.51
CA LYS Q 476 0.04 -8.78 72.15
C LYS Q 476 0.35 -10.10 71.43
N LEU Q 477 1.62 -10.50 71.43
CA LEU Q 477 2.03 -11.80 70.91
C LEU Q 477 2.64 -12.61 72.05
N THR Q 478 1.81 -13.36 72.77
CA THR Q 478 2.27 -14.18 73.91
C THR Q 478 3.09 -15.36 73.41
N THR Q 479 3.98 -15.89 74.25
CA THR Q 479 4.80 -17.03 73.84
C THR Q 479 3.94 -18.27 73.57
N GLU Q 480 2.76 -18.36 74.20
CA GLU Q 480 1.78 -19.42 73.88
C GLU Q 480 1.36 -19.35 72.40
N PHE Q 481 1.24 -18.12 71.85
CA PHE Q 481 0.93 -17.93 70.41
C PHE Q 481 2.13 -18.27 69.53
N VAL Q 482 3.31 -17.85 69.98
CA VAL Q 482 4.56 -18.10 69.26
C VAL Q 482 4.86 -19.60 69.21
N ASP Q 483 4.41 -20.32 70.24
CA ASP Q 483 4.57 -21.78 70.31
C ASP Q 483 3.75 -22.48 69.22
N VAL Q 484 2.48 -22.11 69.11
CA VAL Q 484 1.60 -22.63 68.06
C VAL Q 484 2.21 -22.37 66.66
N MET Q 485 2.94 -21.25 66.52
CA MET Q 485 3.63 -20.90 65.27
C MET Q 485 4.92 -21.71 65.03
N GLY Q 486 5.29 -22.51 66.02
CA GLY Q 486 6.48 -23.33 65.92
C GLY Q 486 7.73 -22.67 66.44
N GLY Q 487 7.59 -21.49 67.07
CA GLY Q 487 8.72 -20.82 67.70
C GLY Q 487 9.42 -19.77 66.84
N LEU Q 488 10.29 -19.01 67.49
CA LEU Q 488 10.97 -17.85 66.91
C LEU Q 488 11.81 -18.19 65.67
N ASP Q 489 12.41 -19.39 65.66
CA ASP Q 489 13.21 -19.85 64.52
C ASP Q 489 12.39 -20.61 63.50
N GLY Q 490 11.08 -20.72 63.74
CA GLY Q 490 10.22 -21.44 62.82
C GLY Q 490 10.14 -20.76 61.46
N ASP Q 491 9.91 -21.57 60.41
CA ASP Q 491 9.70 -21.05 59.03
C ASP Q 491 8.42 -20.24 58.94
N MET Q 492 7.38 -20.81 59.55
CA MET Q 492 6.06 -20.23 59.58
C MET Q 492 6.08 -18.89 60.34
N PHE Q 493 6.94 -18.75 61.36
CA PHE Q 493 7.05 -17.48 62.11
C PHE Q 493 7.76 -16.42 61.27
N ASN Q 494 8.88 -16.78 60.65
CA ASN Q 494 9.51 -15.89 59.65
C ASN Q 494 8.51 -15.47 58.60
N TYR Q 495 7.71 -16.43 58.15
CA TYR Q 495 6.69 -16.17 57.16
C TYR Q 495 5.62 -15.19 57.71
N TYR Q 496 5.24 -15.34 58.99
CA TYR Q 496 4.33 -14.35 59.67
C TYR Q 496 4.80 -12.92 59.52
N LYS Q 497 6.11 -12.71 59.71
CA LYS Q 497 6.68 -11.38 59.54
C LYS Q 497 6.67 -10.98 58.08
N MET Q 498 6.82 -11.98 57.21
CA MET Q 498 6.88 -11.74 55.76
C MET Q 498 5.51 -11.21 55.29
N LEU Q 499 4.47 -11.81 55.86
CA LEU Q 499 3.09 -11.48 55.53
C LEU Q 499 2.76 -10.07 56.01
N MET Q 500 3.24 -9.75 57.22
CA MET Q 500 2.98 -8.44 57.82
C MET Q 500 3.52 -7.34 56.93
N LEU Q 501 4.78 -7.48 56.53
CA LEU Q 501 5.40 -6.56 55.59
C LEU Q 501 4.59 -6.45 54.28
N GLN Q 502 4.34 -7.59 53.66
CA GLN Q 502 3.61 -7.62 52.39
C GLN Q 502 2.27 -6.92 52.48
N GLY Q 503 1.53 -7.18 53.56
CA GLY Q 503 0.19 -6.58 53.78
C GLY Q 503 0.24 -5.10 54.07
N LEU Q 504 1.35 -4.65 54.64
CA LEU Q 504 1.56 -3.24 54.90
C LEU Q 504 1.88 -2.56 53.59
N ILE Q 505 2.79 -3.16 52.82
CA ILE Q 505 3.12 -2.64 51.47
C ILE Q 505 1.87 -2.47 50.63
N ALA Q 506 1.00 -3.46 50.71
CA ALA Q 506 -0.26 -3.42 50.01
C ALA Q 506 -1.15 -2.24 50.51
N ALA Q 507 -1.28 -2.10 51.82
CA ALA Q 507 -2.14 -1.07 52.42
C ALA Q 507 -1.77 0.36 51.98
N ARG Q 508 -0.46 0.60 52.05
CA ARG Q 508 0.08 1.91 51.66
C ARG Q 508 -0.38 2.31 50.27
N LYS Q 509 -0.42 1.34 49.37
CA LYS Q 509 -0.82 1.60 47.99
C LYS Q 509 -2.32 1.95 47.83
N HIS Q 510 -3.11 1.73 48.88
CA HIS Q 510 -4.53 1.99 48.76
C HIS Q 510 -5.03 2.77 49.93
N MET Q 511 -4.09 3.39 50.63
CA MET Q 511 -4.36 4.23 51.80
C MET Q 511 -5.62 5.10 51.71
N ASP Q 512 -5.85 5.77 50.57
CA ASP Q 512 -6.95 6.75 50.41
C ASP Q 512 -8.31 6.16 50.70
N LYS Q 513 -8.50 4.95 50.17
CA LYS Q 513 -9.76 4.20 50.34
C LYS Q 513 -10.07 3.92 51.82
N VAL Q 514 -9.02 3.68 52.60
CA VAL Q 514 -9.21 3.39 54.01
C VAL Q 514 -9.55 4.68 54.74
N VAL Q 515 -8.68 5.68 54.58
CA VAL Q 515 -8.82 6.98 55.27
C VAL Q 515 -10.16 7.61 54.96
N GLN Q 516 -10.55 7.54 53.69
CA GLN Q 516 -11.85 8.07 53.28
C GLN Q 516 -12.96 7.61 54.23
N ILE Q 517 -13.01 6.31 54.50
CA ILE Q 517 -14.07 5.69 55.30
C ILE Q 517 -14.18 6.32 56.67
N VAL Q 518 -13.04 6.48 57.31
CA VAL Q 518 -13.00 6.97 58.66
C VAL Q 518 -13.28 8.47 58.63
N GLU Q 519 -12.65 9.17 57.71
CA GLU Q 519 -12.65 10.64 57.69
C GLU Q 519 -14.05 11.23 57.50
N ILE Q 520 -14.83 10.58 56.66
CA ILE Q 520 -16.19 10.99 56.46
C ILE Q 520 -17.09 10.70 57.67
N MET Q 521 -16.90 9.55 58.33
CA MET Q 521 -17.69 9.19 59.54
C MET Q 521 -17.47 10.12 60.71
N GLN Q 522 -16.29 10.74 60.77
CA GLN Q 522 -15.91 11.62 61.87
C GLN Q 522 -16.79 12.87 61.91
N GLN Q 523 -17.39 13.21 60.77
CA GLN Q 523 -18.05 14.49 60.53
C GLN Q 523 -18.84 15.13 61.69
N GLY Q 524 -19.96 14.55 62.07
CA GLY Q 524 -20.77 15.12 63.16
C GLY Q 524 -20.85 14.12 64.26
N SER Q 525 -19.74 13.44 64.45
CA SER Q 525 -19.70 12.32 65.34
C SER Q 525 -19.29 12.77 66.73
N GLN Q 526 -19.93 12.20 67.74
CA GLN Q 526 -19.58 12.48 69.12
C GLN Q 526 -18.96 11.22 69.77
N LEU Q 527 -18.63 10.25 68.92
CA LEU Q 527 -18.14 8.95 69.37
C LEU Q 527 -16.75 9.04 70.01
N PRO Q 528 -16.55 8.29 71.12
CA PRO Q 528 -15.27 8.24 71.85
C PRO Q 528 -14.01 8.04 70.97
N CYS Q 529 -14.13 7.29 69.88
CA CYS Q 529 -12.98 7.07 68.98
C CYS Q 529 -12.52 8.34 68.25
N PHE Q 530 -13.38 9.37 68.21
CA PHE Q 530 -12.99 10.64 67.60
C PHE Q 530 -12.73 11.73 68.64
N HIS Q 531 -12.50 11.35 69.89
CA HIS Q 531 -12.30 12.34 70.95
C HIS Q 531 -11.15 13.32 70.66
N GLY Q 532 -10.12 12.87 69.95
CA GLY Q 532 -8.98 13.72 69.62
C GLY Q 532 -9.27 14.79 68.58
N SER Q 533 -8.32 15.70 68.38
CA SER Q 533 -8.32 16.61 67.23
C SER Q 533 -7.49 16.07 66.05
N SER Q 534 -6.69 15.04 66.31
CA SER Q 534 -5.67 14.56 65.34
C SER Q 534 -5.82 13.09 64.99
N THR Q 535 -7.07 12.61 65.02
CA THR Q 535 -7.40 11.22 64.78
C THR Q 535 -6.95 10.78 63.38
N ILE Q 536 -7.37 11.57 62.39
CA ILE Q 536 -7.01 11.29 61.02
C ILE Q 536 -5.51 11.51 60.75
N ARG Q 537 -4.93 12.57 61.32
CA ARG Q 537 -3.48 12.84 61.16
C ARG Q 537 -2.64 11.69 61.71
N ASN Q 538 -3.04 11.22 62.89
CA ASN Q 538 -2.32 10.10 63.50
C ASN Q 538 -2.49 8.83 62.64
N LEU Q 539 -3.71 8.62 62.13
CA LEU Q 539 -3.97 7.49 61.25
C LEU Q 539 -3.07 7.48 60.00
N LYS Q 540 -2.89 8.63 59.37
CA LYS Q 540 -2.05 8.72 58.16
C LYS Q 540 -0.59 8.46 58.43
N GLU Q 541 -0.11 9.00 59.55
CA GLU Q 541 1.28 8.80 59.97
C GLU Q 541 1.57 7.30 60.07
N ARG Q 542 0.57 6.54 60.54
CA ARG Q 542 0.69 5.08 60.76
C ARG Q 542 0.84 4.29 59.47
N PHE Q 543 0.53 4.90 58.31
CA PHE Q 543 0.86 4.28 57.04
C PHE Q 543 2.31 4.51 56.64
N HIS Q 544 2.97 5.51 57.25
CA HIS Q 544 4.40 5.77 56.95
C HIS Q 544 4.72 5.88 55.45
N MET Q 545 3.97 6.75 54.78
CA MET Q 545 4.03 6.88 53.32
C MET Q 545 5.39 7.29 52.76
N SER Q 546 6.22 7.94 53.58
CA SER Q 546 7.60 8.27 53.21
C SER Q 546 8.56 7.06 53.13
N MET Q 547 8.26 5.97 53.84
CA MET Q 547 9.25 4.88 53.99
C MET Q 547 9.62 4.07 52.73
N THR Q 548 10.87 3.62 52.65
CA THR Q 548 11.26 2.53 51.73
C THR Q 548 10.99 1.17 52.42
N GLU Q 549 10.95 0.08 51.64
CA GLU Q 549 10.64 -1.26 52.15
C GLU Q 549 11.53 -1.68 53.33
N GLU Q 550 12.82 -1.46 53.15
CA GLU Q 550 13.81 -1.77 54.18
C GLU Q 550 13.42 -1.09 55.48
N GLN Q 551 12.86 0.12 55.37
CA GLN Q 551 12.42 0.86 56.56
C GLN Q 551 11.20 0.19 57.21
N LEU Q 552 10.35 -0.36 56.36
CA LEU Q 552 9.12 -0.98 56.81
C LEU Q 552 9.45 -2.29 57.50
N GLN Q 553 10.41 -3.01 56.94
CA GLN Q 553 10.92 -4.24 57.56
C GLN Q 553 11.33 -3.99 58.99
N LEU Q 554 12.02 -2.88 59.20
CA LEU Q 554 12.47 -2.50 60.53
C LEU Q 554 11.30 -2.15 61.45
N LEU Q 555 10.34 -1.44 60.87
CA LEU Q 555 9.13 -1.10 61.62
C LEU Q 555 8.35 -2.36 62.04
N VAL Q 556 8.25 -3.35 61.14
CA VAL Q 556 7.59 -4.64 61.43
C VAL Q 556 8.31 -5.32 62.59
N GLU Q 557 9.66 -5.36 62.55
CA GLU Q 557 10.48 -5.95 63.62
C GLU Q 557 10.20 -5.24 64.94
N GLN Q 558 10.28 -3.89 64.92
CA GLN Q 558 9.93 -3.11 66.14
C GLN Q 558 8.56 -3.45 66.66
N MET Q 559 7.59 -3.46 65.75
CA MET Q 559 6.22 -3.82 66.08
C MET Q 559 6.12 -5.19 66.75
N VAL Q 560 6.76 -6.19 66.14
CA VAL Q 560 6.73 -7.58 66.66
C VAL Q 560 7.39 -7.62 68.03
N ASP Q 561 8.62 -7.11 68.10
CA ASP Q 561 9.36 -7.12 69.36
C ASP Q 561 8.57 -6.38 70.45
N GLY Q 562 7.89 -5.30 70.07
CA GLY Q 562 6.95 -4.60 70.95
C GLY Q 562 5.80 -5.47 71.42
N SER Q 563 5.30 -6.32 70.53
CA SER Q 563 4.15 -7.15 70.84
C SER Q 563 4.49 -8.26 71.86
N MET Q 564 5.77 -8.57 72.02
CA MET Q 564 6.20 -9.65 72.91
C MET Q 564 6.60 -9.19 74.33
N ARG Q 565 7.10 -7.97 74.47
CA ARG Q 565 7.52 -7.44 75.77
C ARG Q 565 6.41 -7.46 76.83
N SER Q 566 5.17 -7.20 76.40
CA SER Q 566 3.98 -7.06 77.27
C SER Q 566 3.70 -5.59 77.62
N ASP R 9 -13.77 39.25 6.91
CA ASP R 9 -14.34 40.38 6.11
C ASP R 9 -15.74 40.83 6.62
N GLU R 10 -16.73 40.80 5.72
CA GLU R 10 -18.00 41.52 5.83
C GLU R 10 -19.15 40.67 6.43
N TYR R 11 -19.89 41.23 7.37
CA TYR R 11 -21.19 40.68 7.76
C TYR R 11 -22.29 41.60 7.20
N ASP R 12 -23.48 41.03 7.04
CA ASP R 12 -24.65 41.81 6.62
C ASP R 12 -25.36 42.35 7.84
N TYR R 13 -25.17 41.69 8.97
CA TYR R 13 -25.83 42.09 10.20
C TYR R 13 -25.00 41.80 11.45
N LEU R 14 -25.23 42.67 12.43
CA LEU R 14 -24.64 42.56 13.75
C LEU R 14 -25.75 42.53 14.81
N PHE R 15 -26.01 41.34 15.37
CA PHE R 15 -27.12 41.22 16.35
C PHE R 15 -26.61 41.19 17.78
N LYS R 16 -27.07 42.13 18.60
CA LYS R 16 -26.73 42.17 20.03
C LYS R 16 -27.69 41.31 20.84
N VAL R 17 -27.15 40.28 21.50
CA VAL R 17 -27.98 39.36 22.29
C VAL R 17 -27.45 39.25 23.71
N VAL R 18 -28.37 39.20 24.67
CA VAL R 18 -27.98 39.09 26.09
C VAL R 18 -28.37 37.74 26.66
N LEU R 19 -27.55 37.24 27.58
CA LEU R 19 -27.91 36.04 28.34
C LEU R 19 -28.27 36.43 29.76
N ILE R 20 -29.48 36.07 30.17
CA ILE R 20 -29.90 36.39 31.53
C ILE R 20 -30.46 35.16 32.23
N GLY R 21 -30.51 35.26 33.56
CA GLY R 21 -31.10 34.24 34.40
C GLY R 21 -30.51 34.28 35.79
N ASP R 22 -31.04 33.42 36.66
CA ASP R 22 -30.51 33.26 38.02
C ASP R 22 -29.04 32.84 37.95
N SER R 23 -28.29 33.20 38.99
CA SER R 23 -26.88 32.84 39.08
C SER R 23 -26.70 31.33 39.24
N GLY R 24 -25.82 30.74 38.44
CA GLY R 24 -25.51 29.31 38.51
C GLY R 24 -26.16 28.41 37.46
N VAL R 25 -27.07 28.97 36.65
CA VAL R 25 -27.86 28.17 35.68
C VAL R 25 -27.06 27.68 34.47
N GLY R 26 -25.90 28.30 34.20
CA GLY R 26 -24.96 27.82 33.15
C GLY R 26 -24.71 28.75 31.97
N LYS R 27 -25.06 30.03 32.15
CA LYS R 27 -24.95 31.04 31.10
C LYS R 27 -23.52 31.07 30.51
N SER R 28 -22.51 31.16 31.38
CA SER R 28 -21.12 31.31 30.91
C SER R 28 -20.65 30.09 30.14
N ASN R 29 -21.19 28.93 30.52
CA ASN R 29 -20.86 27.69 29.81
C ASN R 29 -21.66 27.46 28.53
N LEU R 30 -22.92 27.90 28.49
CA LEU R 30 -23.62 27.95 27.22
C LEU R 30 -22.80 28.74 26.22
N LEU R 31 -22.34 29.90 26.69
CA LEU R 31 -21.52 30.81 25.86
C LEU R 31 -20.17 30.22 25.48
N SER R 32 -19.48 29.61 26.46
CA SER R 32 -18.18 28.98 26.16
C SER R 32 -18.34 27.76 25.21
N ARG R 33 -19.45 27.05 25.38
CA ARG R 33 -19.77 25.92 24.49
C ARG R 33 -20.02 26.43 23.10
N PHE R 34 -20.93 27.39 23.00
CA PHE R 34 -21.32 27.92 21.70
C PHE R 34 -20.19 28.62 20.97
N THR R 35 -19.34 29.37 21.68
CA THR R 35 -18.32 30.15 20.95
C THR R 35 -16.97 29.48 20.76
N ARG R 36 -16.55 28.63 21.68
CA ARG R 36 -15.27 27.93 21.46
C ARG R 36 -15.37 26.44 21.73
N ASN R 37 -16.60 25.94 21.82
CA ASN R 37 -16.86 24.54 22.09
C ASN R 37 -16.06 24.03 23.31
N GLU R 38 -16.21 24.72 24.44
CA GLU R 38 -15.57 24.32 25.70
C GLU R 38 -16.55 24.36 26.86
N PHE R 39 -16.31 23.53 27.87
CA PHE R 39 -17.18 23.49 29.05
C PHE R 39 -16.34 23.26 30.29
N ASN R 40 -16.87 23.67 31.45
CA ASN R 40 -16.23 23.34 32.73
C ASN R 40 -17.18 23.23 33.95
N LEU R 41 -16.93 22.21 34.77
CA LEU R 41 -17.65 22.02 36.02
C LEU R 41 -17.27 23.07 37.05
N GLU R 42 -15.99 23.38 37.14
CA GLU R 42 -15.51 24.45 38.02
C GLU R 42 -15.86 25.78 37.36
N SER R 43 -16.34 26.72 38.17
CA SER R 43 -17.07 27.87 37.64
C SER R 43 -16.66 29.14 38.32
N LYS R 44 -16.66 30.22 37.54
CA LYS R 44 -16.04 31.45 37.96
C LYS R 44 -17.12 32.50 37.82
N SER R 45 -17.54 33.09 38.93
CA SER R 45 -18.68 33.98 38.91
C SER R 45 -18.49 35.07 37.85
N THR R 46 -19.56 35.35 37.13
CA THR R 46 -19.52 36.36 36.08
C THR R 46 -19.68 37.71 36.75
N ILE R 47 -18.67 38.56 36.59
CA ILE R 47 -18.65 39.84 37.28
C ILE R 47 -19.10 40.93 36.34
N GLY R 48 -20.34 41.39 36.53
CA GLY R 48 -20.88 42.48 35.71
C GLY R 48 -21.28 41.94 34.34
N VAL R 49 -20.32 41.89 33.41
CA VAL R 49 -20.60 41.49 32.03
C VAL R 49 -19.38 40.84 31.41
N GLU R 50 -19.64 39.84 30.57
CA GLU R 50 -18.58 39.26 29.74
C GLU R 50 -19.01 39.21 28.26
N PHE R 51 -18.04 39.41 27.37
CA PHE R 51 -18.31 39.57 25.95
C PHE R 51 -17.74 38.44 25.09
N ALA R 52 -18.57 37.89 24.19
CA ALA R 52 -18.11 36.87 23.22
C ALA R 52 -18.91 36.92 21.92
N THR R 53 -18.28 36.47 20.83
CA THR R 53 -18.81 36.66 19.48
C THR R 53 -18.65 35.45 18.56
N ARG R 54 -19.61 35.27 17.66
CA ARG R 54 -19.57 34.20 16.66
C ARG R 54 -20.51 34.55 15.49
N SER R 55 -20.12 34.10 14.30
CA SER R 55 -20.84 34.39 13.06
C SER R 55 -21.61 33.15 12.58
N ILE R 56 -22.82 33.35 12.06
CA ILE R 56 -23.50 32.22 11.33
C ILE R 56 -24.15 32.71 10.03
N GLN R 57 -24.62 31.79 9.19
CA GLN R 57 -25.48 32.19 8.06
C GLN R 57 -26.89 31.67 8.21
N VAL R 58 -27.83 32.59 8.02
CA VAL R 58 -29.22 32.22 7.86
C VAL R 58 -29.78 32.88 6.58
N ASP R 59 -30.51 32.08 5.80
CA ASP R 59 -31.15 32.55 4.57
C ASP R 59 -30.15 33.26 3.63
N GLY R 60 -28.91 32.76 3.60
CA GLY R 60 -27.85 33.28 2.71
C GLY R 60 -27.07 34.52 3.18
N LYS R 61 -27.29 34.96 4.41
CA LYS R 61 -26.68 36.19 4.91
C LYS R 61 -25.77 35.91 6.09
N THR R 62 -24.57 36.49 6.05
CA THR R 62 -23.61 36.32 7.14
C THR R 62 -24.01 37.27 8.28
N ILE R 63 -24.44 36.68 9.41
CA ILE R 63 -24.86 37.42 10.60
C ILE R 63 -23.87 37.19 11.75
N LYS R 64 -23.26 38.29 12.21
CA LYS R 64 -22.35 38.24 13.37
C LYS R 64 -23.15 38.50 14.65
N ALA R 65 -23.10 37.52 15.55
CA ALA R 65 -23.80 37.65 16.82
C ALA R 65 -22.84 38.17 17.87
N GLN R 66 -23.31 39.16 18.62
CA GLN R 66 -22.56 39.67 19.77
C GLN R 66 -23.30 39.31 21.05
N ILE R 67 -22.69 38.41 21.83
CA ILE R 67 -23.35 37.90 23.02
C ILE R 67 -22.79 38.55 24.27
N TRP R 68 -23.70 39.00 25.11
CA TRP R 68 -23.34 39.62 26.38
C TRP R 68 -23.83 38.73 27.53
N ASP R 69 -22.84 38.18 28.25
CA ASP R 69 -23.09 37.27 29.37
C ASP R 69 -23.18 38.16 30.60
N THR R 70 -24.41 38.33 31.12
CA THR R 70 -24.71 39.43 32.07
C THR R 70 -24.40 39.15 33.56
N ALA R 71 -24.56 37.92 34.04
CA ALA R 71 -24.36 37.58 35.47
C ALA R 71 -25.69 37.66 36.21
N GLY R 72 -26.04 36.54 36.86
CA GLY R 72 -27.30 36.41 37.60
C GLY R 72 -27.30 37.07 38.96
N LEU R 73 -26.11 37.30 39.50
CA LEU R 73 -25.96 37.93 40.79
C LEU R 73 -26.53 39.37 40.79
N GLU R 74 -27.21 39.70 41.89
CA GLU R 74 -27.97 40.94 42.08
C GLU R 74 -27.06 42.14 42.31
N ARG R 75 -25.96 41.91 43.04
CA ARG R 75 -24.87 42.89 43.23
C ARG R 75 -24.63 43.76 41.98
N TYR R 76 -24.72 43.13 40.80
CA TYR R 76 -24.38 43.78 39.53
C TYR R 76 -25.58 44.21 38.69
N ARG R 77 -26.79 44.01 39.21
CA ARG R 77 -28.01 44.22 38.42
C ARG R 77 -28.29 45.73 38.05
N ALA R 78 -27.70 46.70 38.78
CA ALA R 78 -27.75 48.14 38.41
C ALA R 78 -27.01 48.45 37.08
N ILE R 79 -25.90 47.77 36.88
CA ILE R 79 -25.05 48.04 35.72
C ILE R 79 -25.28 47.05 34.52
N THR R 80 -25.89 45.87 34.78
CA THR R 80 -26.28 44.91 33.68
C THR R 80 -27.41 45.54 32.89
N SER R 81 -28.37 46.15 33.57
CA SER R 81 -29.51 46.80 32.94
C SER R 81 -29.08 47.90 31.95
N ALA R 82 -27.92 48.52 32.18
CA ALA R 82 -27.33 49.41 31.18
C ALA R 82 -27.18 48.71 29.80
N TYR R 83 -26.81 47.43 29.79
CA TYR R 83 -26.64 46.61 28.55
C TYR R 83 -27.89 46.06 27.88
N TYR R 84 -29.02 46.17 28.56
CA TYR R 84 -30.29 45.71 27.98
C TYR R 84 -30.66 46.60 26.78
N ARG R 85 -30.13 47.83 26.80
CA ARG R 85 -30.30 48.85 25.76
C ARG R 85 -30.09 48.30 24.34
N GLY R 86 -31.17 48.30 23.54
CA GLY R 86 -31.12 47.97 22.13
C GLY R 86 -30.65 46.58 21.76
N ALA R 87 -30.80 45.63 22.69
CA ALA R 87 -30.47 44.24 22.38
C ALA R 87 -31.64 43.66 21.63
N VAL R 88 -31.36 42.93 20.54
CA VAL R 88 -32.42 42.39 19.69
C VAL R 88 -32.99 41.08 20.25
N GLY R 89 -32.17 40.36 21.02
CA GLY R 89 -32.57 39.08 21.57
C GLY R 89 -32.08 38.83 22.99
N ALA R 90 -32.90 38.09 23.75
CA ALA R 90 -32.51 37.68 25.10
C ALA R 90 -32.76 36.18 25.36
N LEU R 91 -31.68 35.47 25.71
CA LEU R 91 -31.80 34.06 26.12
C LEU R 91 -32.04 34.04 27.62
N LEU R 92 -33.25 33.65 28.01
CA LEU R 92 -33.63 33.62 29.41
C LEU R 92 -33.45 32.20 29.91
N VAL R 93 -32.49 32.01 30.82
CA VAL R 93 -32.09 30.66 31.18
C VAL R 93 -32.43 30.25 32.62
N TYR R 94 -32.91 29.01 32.76
CA TYR R 94 -33.14 28.39 34.08
C TYR R 94 -32.52 26.99 34.09
N ASP R 95 -32.16 26.53 35.29
CA ASP R 95 -31.70 25.15 35.51
C ASP R 95 -32.85 24.14 35.70
N ILE R 96 -32.95 23.20 34.74
CA ILE R 96 -33.96 22.09 34.83
C ILE R 96 -34.07 21.36 36.20
N ALA R 97 -32.92 21.24 36.86
CA ALA R 97 -32.80 20.48 38.12
C ALA R 97 -32.96 21.31 39.39
N LYS R 98 -33.23 22.62 39.25
CA LYS R 98 -33.51 23.45 40.43
C LYS R 98 -34.78 24.30 40.30
N HIS R 99 -35.88 23.82 40.88
CA HIS R 99 -37.23 24.39 40.63
C HIS R 99 -37.31 25.92 40.87
N LEU R 100 -36.68 26.38 41.95
CA LEU R 100 -36.65 27.81 42.29
C LEU R 100 -36.23 28.70 41.11
N THR R 101 -35.25 28.22 40.36
CA THR R 101 -34.73 28.95 39.20
C THR R 101 -35.81 29.11 38.10
N TYR R 102 -36.74 28.14 37.99
CA TYR R 102 -37.89 28.26 37.05
C TYR R 102 -38.90 29.28 37.61
N GLU R 103 -39.05 29.30 38.93
CA GLU R 103 -40.01 30.19 39.58
C GLU R 103 -39.67 31.67 39.33
N ASN R 104 -38.39 32.01 39.34
CA ASN R 104 -37.94 33.42 39.19
C ASN R 104 -37.93 33.99 37.77
N VAL R 105 -38.28 33.14 36.80
CA VAL R 105 -38.33 33.59 35.41
C VAL R 105 -39.37 34.70 35.19
N GLU R 106 -40.37 34.77 36.06
CA GLU R 106 -41.38 35.82 35.99
C GLU R 106 -40.81 37.18 36.37
N ARG R 107 -39.94 37.23 37.40
CA ARG R 107 -39.29 38.50 37.74
C ARG R 107 -38.22 38.87 36.74
N TRP R 108 -37.63 37.87 36.10
CA TRP R 108 -36.66 38.12 35.07
C TRP R 108 -37.25 38.67 33.75
N LEU R 109 -38.55 38.51 33.51
CA LEU R 109 -39.20 39.07 32.29
C LEU R 109 -39.73 40.48 32.52
N LYS R 110 -40.15 40.76 33.76
CA LYS R 110 -40.52 42.12 34.14
C LYS R 110 -39.28 43.00 34.01
N GLU R 111 -38.14 42.44 34.41
CA GLU R 111 -36.82 43.06 34.21
C GLU R 111 -36.52 43.51 32.78
N LEU R 112 -37.24 42.97 31.79
CA LEU R 112 -37.08 43.43 30.41
C LEU R 112 -38.12 44.48 30.02
N ARG R 113 -39.27 44.46 30.68
CA ARG R 113 -40.31 45.45 30.37
C ARG R 113 -40.13 46.66 31.30
N ASP R 114 -38.94 46.80 31.88
CA ASP R 114 -38.53 48.02 32.56
C ASP R 114 -37.27 48.65 31.96
N HIS R 115 -36.27 47.84 31.58
CA HIS R 115 -34.97 48.37 31.16
C HIS R 115 -34.58 48.05 29.72
N ALA R 116 -35.49 47.50 28.92
CA ALA R 116 -35.14 47.07 27.57
C ALA R 116 -36.25 47.33 26.57
N ASP R 117 -35.89 47.30 25.28
CA ASP R 117 -36.87 47.42 24.21
C ASP R 117 -38.03 46.46 24.46
N SER R 118 -39.25 46.99 24.36
CA SER R 118 -40.47 46.23 24.62
C SER R 118 -40.87 45.35 23.43
N ASN R 119 -40.09 45.40 22.36
CA ASN R 119 -40.29 44.56 21.20
C ASN R 119 -39.05 43.70 20.93
N ILE R 120 -38.62 42.94 21.95
CA ILE R 120 -37.41 42.07 21.88
C ILE R 120 -37.78 40.59 21.78
N VAL R 121 -36.96 39.83 21.05
CA VAL R 121 -37.13 38.38 20.90
C VAL R 121 -36.55 37.61 22.11
N ILE R 122 -37.39 36.78 22.74
CA ILE R 122 -36.99 35.99 23.91
C ILE R 122 -37.15 34.48 23.70
N MET R 123 -36.09 33.75 24.03
CA MET R 123 -36.18 32.29 24.14
C MET R 123 -35.91 31.87 25.57
N LEU R 124 -36.84 31.06 26.05
CA LEU R 124 -36.76 30.37 27.32
C LEU R 124 -35.87 29.16 27.15
N VAL R 125 -34.93 28.99 28.06
CA VAL R 125 -34.00 27.86 27.99
C VAL R 125 -33.94 27.10 29.32
N GLY R 126 -34.31 25.82 29.24
CA GLY R 126 -34.08 24.88 30.34
C GLY R 126 -32.74 24.21 30.13
N ASN R 127 -31.77 24.56 30.97
CA ASN R 127 -30.42 24.02 30.85
C ASN R 127 -30.20 22.88 31.83
N LYS R 128 -29.17 22.08 31.48
CA LYS R 128 -28.71 20.93 32.28
C LYS R 128 -29.65 19.75 32.04
N SER R 129 -29.97 19.51 30.77
CA SER R 129 -30.84 18.37 30.40
C SER R 129 -30.15 17.03 30.67
N ASP R 130 -28.82 17.05 30.77
CA ASP R 130 -28.05 15.85 31.09
C ASP R 130 -28.35 15.29 32.48
N LEU R 131 -28.79 16.15 33.39
CA LEU R 131 -29.18 15.72 34.73
C LEU R 131 -30.60 15.13 34.80
N ARG R 132 -30.82 14.07 34.01
CA ARG R 132 -32.15 13.47 33.82
C ARG R 132 -32.85 13.16 35.15
N HIS R 133 -32.13 12.46 36.03
CA HIS R 133 -32.69 11.90 37.26
C HIS R 133 -33.02 12.96 38.33
N LEU R 134 -32.47 14.16 38.21
CA LEU R 134 -32.73 15.22 39.20
C LEU R 134 -33.71 16.29 38.72
N ARG R 135 -34.34 16.02 37.56
CA ARG R 135 -35.27 16.96 36.94
C ARG R 135 -36.34 17.48 37.92
N ALA R 136 -36.43 18.82 38.05
CA ALA R 136 -37.45 19.40 38.97
C ALA R 136 -38.51 20.23 38.23
N VAL R 137 -38.35 20.32 36.91
CA VAL R 137 -39.27 21.06 36.04
C VAL R 137 -39.58 20.23 34.79
N PRO R 138 -40.83 19.74 34.68
CA PRO R 138 -41.18 18.88 33.54
C PRO R 138 -41.22 19.67 32.24
N THR R 139 -40.73 19.04 31.18
CA THR R 139 -40.64 19.67 29.86
C THR R 139 -41.99 20.25 29.42
N ASP R 140 -43.08 19.54 29.74
CA ASP R 140 -44.43 19.94 29.33
C ASP R 140 -44.92 21.22 30.05
N GLU R 141 -44.74 21.28 31.36
CA GLU R 141 -45.13 22.48 32.13
C GLU R 141 -44.41 23.74 31.64
N ALA R 142 -43.12 23.62 31.33
CA ALA R 142 -42.33 24.75 30.85
C ALA R 142 -42.81 25.25 29.48
N ARG R 143 -42.93 24.35 28.48
CA ARG R 143 -43.37 24.69 27.09
C ARG R 143 -44.79 25.28 27.08
N ALA R 144 -45.62 24.81 28.01
CA ALA R 144 -46.93 25.41 28.22
C ALA R 144 -46.79 26.90 28.60
N PHE R 145 -46.03 27.16 29.65
CA PHE R 145 -45.75 28.53 30.10
C PHE R 145 -45.04 29.35 29.03
N ALA R 146 -44.25 28.69 28.19
CA ALA R 146 -43.46 29.38 27.18
C ALA R 146 -44.34 30.17 26.22
N GLU R 147 -45.35 29.53 25.64
CA GLU R 147 -46.16 30.20 24.63
C GLU R 147 -47.41 30.89 25.17
N LYS R 148 -47.79 30.57 26.41
CA LYS R 148 -48.71 31.41 27.19
C LYS R 148 -48.14 32.84 27.34
N ASN R 149 -46.81 32.98 27.37
CA ASN R 149 -46.16 34.29 27.47
C ASN R 149 -45.44 34.72 26.18
N GLY R 150 -45.69 34.00 25.09
CA GLY R 150 -45.16 34.35 23.76
C GLY R 150 -43.64 34.29 23.64
N LEU R 151 -43.08 33.21 24.18
CA LEU R 151 -41.65 32.94 24.21
C LEU R 151 -41.38 31.64 23.47
N SER R 152 -40.26 31.57 22.78
CA SER R 152 -39.84 30.29 22.15
C SER R 152 -39.10 29.44 23.19
N PHE R 153 -39.08 28.12 23.02
CA PHE R 153 -38.65 27.19 24.07
C PHE R 153 -37.74 26.05 23.59
N ILE R 154 -36.74 25.68 24.41
CA ILE R 154 -35.81 24.57 24.09
C ILE R 154 -35.11 24.13 25.38
N GLU R 155 -34.65 22.87 25.40
CA GLU R 155 -33.87 22.35 26.53
C GLU R 155 -32.45 22.00 26.06
N THR R 156 -31.45 22.45 26.82
CA THR R 156 -30.04 22.28 26.47
C THR R 156 -29.22 21.60 27.56
N SER R 157 -28.08 21.06 27.14
CA SER R 157 -27.02 20.72 28.05
C SER R 157 -25.77 21.33 27.49
N ALA R 158 -25.26 22.36 28.17
CA ALA R 158 -23.95 22.92 27.85
C ALA R 158 -22.88 21.83 28.03
N LEU R 159 -23.09 20.93 28.99
CA LEU R 159 -22.12 19.90 29.33
C LEU R 159 -21.91 18.87 28.18
N ASP R 160 -22.99 18.24 27.72
CA ASP R 160 -22.88 17.25 26.64
C ASP R 160 -23.06 17.90 25.26
N SER R 161 -23.42 19.19 25.26
CA SER R 161 -23.56 20.03 24.05
C SER R 161 -24.90 19.93 23.29
N THR R 162 -25.82 19.09 23.79
CA THR R 162 -27.16 18.95 23.21
C THR R 162 -27.85 20.31 23.05
N ASN R 163 -28.25 20.61 21.81
CA ASN R 163 -29.12 21.76 21.47
C ASN R 163 -28.51 23.16 21.64
N VAL R 164 -27.21 23.24 21.88
CA VAL R 164 -26.60 24.53 22.14
C VAL R 164 -26.56 25.33 20.84
N GLU R 165 -26.01 24.74 19.79
CA GLU R 165 -26.01 25.41 18.48
C GLU R 165 -27.43 25.69 18.02
N ALA R 166 -28.28 24.67 18.10
CA ALA R 166 -29.69 24.81 17.75
C ALA R 166 -30.35 26.02 18.45
N ALA R 167 -30.10 26.14 19.74
CA ALA R 167 -30.76 27.20 20.53
C ALA R 167 -30.42 28.59 19.98
N PHE R 168 -29.13 28.87 19.82
CA PHE R 168 -28.65 30.12 19.22
C PHE R 168 -29.21 30.29 17.82
N GLN R 169 -29.02 29.25 17.00
CA GLN R 169 -29.45 29.32 15.59
C GLN R 169 -30.93 29.61 15.43
N THR R 170 -31.76 29.11 16.36
CA THR R 170 -33.19 29.41 16.37
C THR R 170 -33.44 30.88 16.63
N ILE R 171 -32.91 31.38 17.74
CA ILE R 171 -33.20 32.75 18.14
C ILE R 171 -32.62 33.76 17.17
N LEU R 172 -31.45 33.46 16.61
CA LEU R 172 -30.87 34.39 15.64
C LEU R 172 -31.70 34.45 14.34
N THR R 173 -32.13 33.27 13.90
CA THR R 173 -33.01 33.13 12.73
C THR R 173 -34.35 33.89 12.96
N GLU R 174 -34.99 33.56 14.08
CA GLU R 174 -36.22 34.23 14.54
C GLU R 174 -36.07 35.76 14.46
N ILE R 175 -34.98 36.25 15.04
CA ILE R 175 -34.65 37.67 14.96
C ILE R 175 -34.49 38.16 13.51
N TYR R 176 -33.65 37.48 12.72
CA TYR R 176 -33.37 37.94 11.35
C TYR R 176 -34.61 38.18 10.45
N ARG R 177 -35.74 37.56 10.78
CA ARG R 177 -36.98 37.90 10.06
C ARG R 177 -38.05 38.68 10.87
N ILE R 178 -37.68 39.21 12.03
CA ILE R 178 -38.51 40.24 12.68
C ILE R 178 -38.11 41.59 12.10
N VAL R 179 -36.80 41.77 11.95
CA VAL R 179 -36.25 43.05 11.52
C VAL R 179 -36.81 43.59 10.20
N SER R 180 -36.99 42.70 9.23
CA SER R 180 -37.35 43.11 7.87
C SER R 180 -38.71 43.81 7.87
N GLN R 181 -38.76 44.97 7.21
CA GLN R 181 -39.98 45.82 7.16
C GLN R 181 -40.61 45.97 8.53
N SER S 10 8.55 28.55 -31.18
CA SER S 10 7.21 28.64 -31.84
C SER S 10 6.77 30.09 -32.20
N TRP S 11 7.64 31.08 -31.96
CA TRP S 11 7.31 32.49 -32.24
C TRP S 11 7.12 32.80 -33.74
N LEU S 12 7.93 32.15 -34.58
CA LEU S 12 7.78 32.28 -36.03
C LEU S 12 6.47 31.62 -36.49
N LEU S 13 6.28 30.34 -36.16
CA LEU S 13 5.02 29.64 -36.45
C LEU S 13 3.79 30.38 -35.92
N ARG S 14 3.97 31.12 -34.82
CA ARG S 14 2.89 31.99 -34.31
C ARG S 14 2.48 33.00 -35.36
N LEU S 15 3.49 33.69 -35.90
CA LEU S 15 3.29 34.66 -36.97
C LEU S 15 2.55 34.03 -38.15
N PHE S 16 3.12 32.94 -38.68
CA PHE S 16 2.57 32.29 -39.87
C PHE S 16 1.10 31.84 -39.68
N GLU S 17 0.71 31.54 -38.44
CA GLU S 17 -0.68 31.13 -38.16
C GLU S 17 -1.59 32.31 -37.83
N SER S 18 -1.00 33.51 -37.76
CA SER S 18 -1.79 34.69 -37.49
C SER S 18 -2.44 35.25 -38.77
N LYS S 19 -3.33 36.24 -38.61
CA LYS S 19 -4.00 36.87 -39.74
C LYS S 19 -3.05 37.67 -40.59
N LEU S 20 -1.98 38.17 -39.96
CA LEU S 20 -0.87 38.85 -40.63
C LEU S 20 -0.40 38.18 -41.92
N PHE S 21 -0.56 36.86 -41.95
CA PHE S 21 0.02 36.06 -42.98
C PHE S 21 -0.77 36.31 -44.25
N ASP S 22 -0.13 37.00 -45.20
CA ASP S 22 -0.66 37.19 -46.53
C ASP S 22 0.38 36.75 -47.56
N ILE S 23 -0.14 36.56 -48.76
CA ILE S 23 0.65 36.08 -49.87
C ILE S 23 2.03 36.75 -49.97
N SER S 24 2.07 38.06 -49.70
CA SER S 24 3.30 38.82 -49.71
C SER S 24 4.30 38.24 -48.71
N MET S 25 3.88 38.18 -47.45
CA MET S 25 4.74 37.66 -46.41
C MET S 25 5.17 36.24 -46.76
N ALA S 26 4.20 35.44 -47.21
CA ALA S 26 4.52 34.08 -47.65
C ALA S 26 5.70 34.08 -48.65
N ILE S 27 5.52 34.85 -49.72
CA ILE S 27 6.54 34.93 -50.76
C ILE S 27 7.89 35.45 -50.22
N SER S 28 7.85 36.45 -49.34
CA SER S 28 9.09 37.02 -48.75
C SER S 28 9.94 35.96 -48.05
N TYR S 29 9.28 35.21 -47.18
CA TYR S 29 9.96 34.18 -46.40
C TYR S 29 10.37 33.05 -47.32
N LEU S 30 9.47 32.69 -48.26
CA LEU S 30 9.85 31.69 -49.29
C LEU S 30 11.15 32.10 -49.99
N TYR S 31 11.26 33.38 -50.30
CA TYR S 31 12.42 33.90 -51.01
C TYR S 31 13.66 33.99 -50.11
N ASN S 32 13.47 34.37 -48.84
CA ASN S 32 14.61 34.69 -47.95
C ASN S 32 15.09 33.54 -47.04
N SER S 33 14.15 32.85 -46.40
CA SER S 33 14.53 31.71 -45.56
C SER S 33 15.28 30.65 -46.38
N LYS S 34 16.40 30.16 -45.84
CA LYS S 34 17.11 29.03 -46.46
C LYS S 34 16.75 27.71 -45.76
N GLU S 35 15.78 27.77 -44.86
CA GLU S 35 15.36 26.60 -44.11
C GLU S 35 14.38 25.80 -44.96
N PRO S 36 14.74 24.54 -45.27
CA PRO S 36 13.84 23.77 -46.11
C PRO S 36 12.45 23.48 -45.49
N GLY S 37 12.38 23.43 -44.16
CA GLY S 37 11.11 23.16 -43.47
C GLY S 37 10.14 24.33 -43.61
N VAL S 38 10.70 25.53 -43.77
CA VAL S 38 9.92 26.75 -43.91
C VAL S 38 9.36 26.80 -45.31
N GLN S 39 10.28 26.60 -46.25
CA GLN S 39 9.93 26.54 -47.65
C GLN S 39 8.73 25.57 -47.86
N ALA S 40 8.87 24.35 -47.34
CA ALA S 40 7.83 23.33 -47.45
C ALA S 40 6.55 23.75 -46.75
N TYR S 41 6.68 24.33 -45.56
CA TYR S 41 5.50 24.79 -44.83
C TYR S 41 4.72 25.84 -45.61
N ILE S 42 5.44 26.73 -46.28
CA ILE S 42 4.77 27.77 -47.04
C ILE S 42 4.21 27.21 -48.35
N GLY S 43 5.01 26.37 -49.02
CA GLY S 43 4.50 25.60 -50.17
C GLY S 43 3.14 24.98 -49.90
N ASN S 44 2.95 24.46 -48.68
CA ASN S 44 1.65 23.88 -48.27
C ASN S 44 0.60 24.97 -48.04
N ARG S 45 1.01 26.08 -47.43
CA ARG S 45 0.03 27.11 -47.09
C ARG S 45 -0.45 27.93 -48.29
N LEU S 46 0.28 27.90 -49.40
CA LEU S 46 -0.24 28.53 -50.65
C LEU S 46 -1.68 28.11 -50.97
N PHE S 47 -1.95 26.81 -50.79
CA PHE S 47 -3.27 26.25 -51.05
C PHE S 47 -4.32 27.01 -50.25
N CYS S 48 -3.95 27.47 -49.05
CA CYS S 48 -4.91 28.11 -48.18
C CYS S 48 -5.38 29.49 -48.71
N PHE S 49 -4.59 30.16 -49.55
CA PHE S 49 -4.97 31.52 -50.06
C PHE S 49 -6.05 31.57 -51.15
N ARG S 50 -6.69 32.74 -51.30
CA ARG S 50 -7.52 33.05 -52.47
C ARG S 50 -6.72 33.12 -53.78
N ASN S 51 -7.24 32.41 -54.77
CA ASN S 51 -6.68 32.36 -56.12
C ASN S 51 -6.27 33.71 -56.73
N GLU S 52 -7.12 34.70 -56.49
CA GLU S 52 -6.98 36.03 -57.10
C GLU S 52 -5.70 36.67 -56.61
N ASP S 53 -5.47 36.50 -55.31
CA ASP S 53 -4.37 37.19 -54.66
C ASP S 53 -3.04 36.58 -55.09
N VAL S 54 -3.03 35.26 -55.24
CA VAL S 54 -1.82 34.52 -55.61
C VAL S 54 -1.52 34.79 -57.08
N ASP S 55 -2.60 34.81 -57.89
CA ASP S 55 -2.49 35.03 -59.35
C ASP S 55 -1.49 36.18 -59.68
N PHE S 56 -1.73 37.30 -59.02
CA PHE S 56 -0.90 38.50 -59.19
C PHE S 56 0.61 38.24 -59.07
N TYR S 57 1.03 37.24 -58.31
CA TYR S 57 2.46 36.95 -58.11
C TYR S 57 2.97 35.76 -58.91
N LEU S 58 2.14 35.26 -59.84
CA LEU S 58 2.56 34.08 -60.61
C LEU S 58 3.94 34.19 -61.26
N PRO S 59 4.27 35.39 -61.80
CA PRO S 59 5.58 35.50 -62.43
C PRO S 59 6.73 35.29 -61.43
N GLN S 60 6.51 35.74 -60.19
CA GLN S 60 7.54 35.65 -59.16
C GLN S 60 7.76 34.19 -58.83
N LEU S 61 6.66 33.53 -58.49
CA LEU S 61 6.70 32.14 -58.15
C LEU S 61 7.43 31.35 -59.24
N LEU S 62 6.98 31.51 -60.47
CA LEU S 62 7.59 30.80 -61.60
C LEU S 62 9.05 31.18 -61.83
N ASN S 63 9.41 32.45 -61.61
CA ASN S 63 10.81 32.86 -61.74
C ASN S 63 11.68 32.13 -60.70
N MET S 64 11.21 32.19 -59.45
CA MET S 64 11.86 31.45 -58.36
C MET S 64 12.01 29.95 -58.70
N TYR S 65 10.91 29.31 -59.11
CA TYR S 65 10.97 27.89 -59.55
C TYR S 65 12.12 27.59 -60.50
N ILE S 66 12.22 28.45 -61.52
CA ILE S 66 13.22 28.27 -62.60
C ILE S 66 14.62 28.50 -62.06
N HIS S 67 14.82 29.65 -61.41
CA HIS S 67 16.20 30.08 -61.16
C HIS S 67 16.75 29.76 -59.78
N MET S 68 15.91 29.23 -58.89
CA MET S 68 16.34 29.00 -57.51
C MET S 68 16.60 27.53 -57.22
N ASP S 69 17.07 27.29 -55.99
CA ASP S 69 17.28 25.96 -55.44
C ASP S 69 16.14 25.00 -55.80
N GLU S 70 16.51 23.77 -56.12
CA GLU S 70 15.52 22.72 -56.33
C GLU S 70 14.49 22.63 -55.19
N ASP S 71 14.99 22.68 -53.94
CA ASP S 71 14.15 22.79 -52.72
C ASP S 71 12.98 23.75 -52.93
N VAL S 72 13.30 24.94 -53.46
CA VAL S 72 12.33 26.04 -53.58
C VAL S 72 11.31 25.71 -54.65
N GLY S 73 11.81 25.33 -55.82
CA GLY S 73 10.96 24.86 -56.89
C GLY S 73 9.98 23.80 -56.42
N ASP S 74 10.51 22.75 -55.78
CA ASP S 74 9.71 21.58 -55.40
C ASP S 74 8.62 21.90 -54.36
N ALA S 75 8.82 22.95 -53.57
CA ALA S 75 7.81 23.42 -52.62
C ALA S 75 6.62 24.13 -53.31
N ILE S 76 6.93 24.80 -54.42
CA ILE S 76 5.93 25.57 -55.14
C ILE S 76 5.09 24.71 -56.08
N LYS S 77 5.72 23.71 -56.68
CA LYS S 77 5.15 22.93 -57.81
C LYS S 77 3.73 22.37 -57.58
N PRO S 78 3.54 21.58 -56.52
CA PRO S 78 2.24 20.94 -56.30
C PRO S 78 1.04 21.89 -56.34
N TYR S 79 1.20 23.09 -55.76
CA TYR S 79 0.16 24.13 -55.82
C TYR S 79 -0.12 24.56 -57.26
N ILE S 80 0.97 24.75 -58.00
CA ILE S 80 0.84 25.18 -59.36
C ILE S 80 0.10 24.10 -60.14
N VAL S 81 0.57 22.86 -60.02
CA VAL S 81 -0.10 21.69 -60.63
C VAL S 81 -1.59 21.71 -60.27
N HIS S 82 -1.87 21.88 -58.98
CA HIS S 82 -3.25 21.98 -58.53
C HIS S 82 -4.02 23.07 -59.29
N ARG S 83 -3.45 24.28 -59.39
CA ARG S 83 -4.16 25.35 -60.13
C ARG S 83 -4.35 25.03 -61.62
N CYS S 84 -3.27 24.58 -62.23
CA CYS S 84 -3.26 24.16 -63.62
C CYS S 84 -4.36 23.15 -63.96
N ARG S 85 -4.67 22.25 -63.01
CA ARG S 85 -5.72 21.23 -63.23
C ARG S 85 -7.14 21.79 -63.23
N GLN S 86 -7.35 22.94 -62.60
CA GLN S 86 -8.71 23.45 -62.43
C GLN S 86 -9.01 24.65 -63.35
N SER S 87 -8.01 25.09 -64.11
CA SER S 87 -8.18 26.21 -65.04
C SER S 87 -7.17 26.10 -66.17
N ILE S 88 -7.65 25.98 -67.40
CA ILE S 88 -6.72 25.92 -68.53
C ILE S 88 -6.14 27.31 -68.82
N ASN S 89 -6.89 28.37 -68.51
CA ASN S 89 -6.34 29.74 -68.57
C ASN S 89 -5.06 29.75 -67.74
N PHE S 90 -5.17 29.31 -66.49
CA PHE S 90 -4.01 29.20 -65.59
C PHE S 90 -2.88 28.41 -66.21
N SER S 91 -3.22 27.23 -66.74
CA SER S 91 -2.23 26.40 -67.40
C SER S 91 -1.49 27.21 -68.49
N LEU S 92 -2.28 27.93 -69.29
CA LEU S 92 -1.74 28.69 -70.43
C LEU S 92 -0.70 29.68 -69.98
N GLN S 93 -1.05 30.49 -69.00
CA GLN S 93 -0.15 31.54 -68.53
C GLN S 93 1.14 30.91 -67.99
N CYS S 94 1.00 29.79 -67.26
CA CYS S 94 2.16 29.03 -66.74
C CYS S 94 3.05 28.63 -67.89
N ALA S 95 2.44 27.96 -68.87
CA ALA S 95 3.20 27.51 -70.04
C ALA S 95 3.92 28.69 -70.74
N LEU S 96 3.18 29.78 -70.97
CA LEU S 96 3.74 30.94 -71.65
C LEU S 96 4.88 31.54 -70.86
N LEU S 97 4.68 31.73 -69.57
CA LEU S 97 5.69 32.35 -68.69
C LEU S 97 6.96 31.49 -68.52
N LEU S 98 6.73 30.19 -68.26
CA LEU S 98 7.84 29.25 -68.14
C LEU S 98 8.77 29.37 -69.36
N GLY S 99 8.18 29.37 -70.55
CA GLY S 99 8.94 29.46 -71.80
C GLY S 99 9.65 30.78 -71.94
N ALA S 100 8.91 31.86 -71.71
CA ALA S 100 9.48 33.19 -71.80
C ALA S 100 10.64 33.44 -70.83
N TYR S 101 10.55 32.92 -69.59
CA TYR S 101 11.59 33.19 -68.58
C TYR S 101 12.76 32.17 -68.55
N SER S 102 13.02 31.50 -69.70
CA SER S 102 14.19 30.62 -69.89
C SER S 102 14.75 30.60 -71.34
N SER S 103 15.78 31.43 -71.58
CA SER S 103 16.49 31.51 -72.85
C SER S 103 17.91 32.10 -72.67
N ARG S 114 15.55 23.08 -66.46
CA ARG S 114 14.57 23.14 -65.35
C ARG S 114 13.16 23.53 -65.79
N GLY S 115 13.06 24.55 -66.62
CA GLY S 115 11.73 25.10 -66.96
C GLY S 115 11.02 24.16 -67.90
N THR S 116 11.79 23.74 -68.90
CA THR S 116 11.36 22.98 -70.04
C THR S 116 10.58 21.70 -69.68
N LYS S 117 11.08 20.93 -68.73
CA LYS S 117 10.45 19.65 -68.38
C LYS S 117 8.99 19.86 -67.91
N LEU S 118 8.74 20.90 -67.11
CA LEU S 118 7.40 21.13 -66.56
C LEU S 118 6.44 21.75 -67.59
N ARG S 119 6.96 22.63 -68.44
CA ARG S 119 6.16 23.24 -69.52
C ARG S 119 5.51 22.15 -70.37
N LYS S 120 6.36 21.24 -70.84
CA LYS S 120 5.90 20.09 -71.62
C LYS S 120 4.87 19.24 -70.86
N LEU S 121 5.06 19.10 -69.55
CA LEU S 121 4.11 18.38 -68.70
C LEU S 121 2.75 19.12 -68.53
N ILE S 122 2.77 20.46 -68.51
CA ILE S 122 1.52 21.25 -68.47
C ILE S 122 0.82 21.22 -69.81
N LEU S 123 1.58 21.44 -70.89
CA LEU S 123 1.04 21.31 -72.25
C LEU S 123 0.51 19.88 -72.51
N SER S 124 1.10 18.84 -71.89
CA SER S 124 0.50 17.48 -71.87
C SER S 124 -0.78 17.43 -71.01
N ARG S 188 -5.95 19.62 -77.05
CA ARG S 188 -5.94 19.95 -75.61
C ARG S 188 -6.04 21.46 -75.40
N LEU S 189 -5.00 22.16 -75.84
CA LEU S 189 -4.93 23.62 -75.87
C LEU S 189 -4.64 24.12 -77.28
N ALA S 190 -4.66 23.19 -78.23
CA ALA S 190 -4.25 23.44 -79.60
C ALA S 190 -5.00 24.62 -80.25
N PRO S 191 -6.34 24.69 -80.06
CA PRO S 191 -7.09 25.79 -80.65
C PRO S 191 -6.50 27.14 -80.29
N GLU S 192 -6.30 27.35 -79.00
CA GLU S 192 -5.75 28.61 -78.49
C GLU S 192 -4.32 28.83 -79.01
N ARG S 193 -3.46 27.81 -78.87
CA ARG S 193 -2.03 27.94 -79.28
C ARG S 193 -1.86 28.23 -80.76
N GLU S 194 -2.75 27.65 -81.55
CA GLU S 194 -2.74 27.87 -82.99
C GLU S 194 -3.36 29.22 -83.33
N PHE S 195 -4.45 29.56 -82.65
CA PHE S 195 -5.02 30.91 -82.74
C PHE S 195 -3.94 31.98 -82.49
N ILE S 196 -3.15 31.79 -81.44
CA ILE S 196 -2.08 32.76 -81.11
C ILE S 196 -0.92 32.70 -82.10
N LYS S 197 -0.50 31.47 -82.44
CA LYS S 197 0.53 31.35 -83.46
C LYS S 197 0.14 32.09 -84.75
N SER S 198 -1.11 31.94 -85.19
CA SER S 198 -1.56 32.64 -86.42
C SER S 198 -1.49 34.15 -86.26
N LEU S 199 -2.01 34.66 -85.14
CA LEU S 199 -1.94 36.10 -84.86
C LEU S 199 -0.50 36.57 -84.90
N MET S 200 0.39 35.81 -84.28
CA MET S 200 1.83 36.12 -84.31
C MET S 200 2.35 36.15 -85.74
N ALA S 201 1.98 35.12 -86.51
CA ALA S 201 2.44 34.90 -87.86
C ALA S 201 2.04 36.06 -88.76
N ILE S 202 0.77 36.47 -88.64
CA ILE S 202 0.28 37.65 -89.36
C ILE S 202 1.20 38.85 -89.18
N GLY S 203 1.42 39.24 -87.93
CA GLY S 203 2.25 40.39 -87.61
C GLY S 203 3.64 40.36 -88.25
N LYS S 204 4.27 39.18 -88.30
CA LYS S 204 5.61 39.00 -88.87
C LYS S 204 5.64 39.25 -90.38
N ARG S 205 4.54 38.93 -91.06
CA ARG S 205 4.47 39.13 -92.51
C ARG S 205 4.47 40.61 -92.90
N LEU S 206 3.83 41.44 -92.07
CA LEU S 206 3.68 42.87 -92.37
C LEU S 206 5.02 43.63 -92.52
N ALA S 207 6.11 43.00 -92.07
CA ALA S 207 7.45 43.59 -92.20
C ALA S 207 7.84 44.00 -93.62
N THR S 208 7.37 43.26 -94.62
CA THR S 208 7.67 43.57 -96.02
C THR S 208 6.89 44.76 -96.60
N LEU S 209 5.85 45.24 -95.90
CA LEU S 209 5.07 46.39 -96.39
C LEU S 209 5.51 47.70 -95.69
N PRO S 210 6.25 48.55 -96.41
CA PRO S 210 6.90 49.70 -95.80
C PRO S 210 5.99 50.84 -95.27
N THR S 211 4.69 50.85 -95.58
CA THR S 211 3.81 51.93 -95.09
C THR S 211 2.64 51.39 -94.26
N LYS S 212 2.21 52.25 -93.32
CA LYS S 212 1.10 51.99 -92.41
C LYS S 212 -0.12 51.48 -93.18
N GLU S 213 -0.55 52.29 -94.16
CA GLU S 213 -1.74 52.01 -94.97
C GLU S 213 -1.71 50.65 -95.68
N GLN S 214 -0.57 50.29 -96.28
CA GLN S 214 -0.39 49.00 -96.96
C GLN S 214 -0.51 47.86 -95.96
N LYS S 215 0.16 48.05 -94.83
CA LYS S 215 0.12 47.10 -93.73
C LYS S 215 -1.33 46.84 -93.25
N THR S 216 -2.02 47.94 -92.94
CA THR S 216 -3.42 47.86 -92.47
C THR S 216 -4.29 47.06 -93.45
N GLN S 217 -4.11 47.32 -94.75
CA GLN S 217 -4.88 46.60 -95.76
C GLN S 217 -4.65 45.10 -95.71
N ARG S 218 -3.38 44.68 -95.58
CA ARG S 218 -3.08 43.24 -95.52
C ARG S 218 -3.59 42.62 -94.22
N LEU S 219 -3.42 43.38 -93.14
CA LEU S 219 -3.92 42.96 -91.86
C LEU S 219 -5.42 42.68 -91.97
N ILE S 220 -6.18 43.69 -92.42
CA ILE S 220 -7.66 43.59 -92.50
C ILE S 220 -8.09 42.36 -93.31
N SER S 221 -7.49 42.19 -94.48
CA SER S 221 -7.77 41.02 -95.30
C SER S 221 -7.44 39.75 -94.53
N GLU S 222 -6.22 39.67 -93.97
CA GLU S 222 -5.77 38.41 -93.35
C GLU S 222 -6.52 38.03 -92.05
N LEU S 223 -6.99 39.04 -91.32
CA LEU S 223 -7.81 38.82 -90.12
C LEU S 223 -9.15 38.20 -90.43
N SER S 224 -9.74 38.56 -91.59
CA SER S 224 -11.05 38.05 -91.99
C SER S 224 -11.07 36.53 -92.07
N LEU S 225 -9.93 35.96 -92.43
CA LEU S 225 -9.76 34.52 -92.58
C LEU S 225 -9.88 33.77 -91.25
N LEU S 226 -9.55 34.43 -90.15
CA LEU S 226 -9.60 33.79 -88.84
C LEU S 226 -11.05 33.57 -88.36
N ASN S 227 -12.01 34.41 -88.81
CA ASN S 227 -13.44 34.21 -88.49
C ASN S 227 -13.94 32.89 -88.98
N HIS S 228 -13.29 32.41 -90.04
CA HIS S 228 -13.54 31.11 -90.58
C HIS S 228 -13.30 29.99 -89.53
N LYS S 229 -12.49 30.25 -88.50
CA LYS S 229 -12.28 29.24 -87.45
C LYS S 229 -13.04 29.50 -86.15
N LEU S 230 -13.94 30.49 -86.16
CA LEU S 230 -14.66 30.86 -84.94
C LEU S 230 -16.17 30.58 -85.04
N PRO S 231 -16.82 30.31 -83.89
CA PRO S 231 -16.26 30.26 -82.55
C PRO S 231 -15.60 28.91 -82.24
N ALA S 232 -14.67 28.92 -81.28
CA ALA S 232 -13.91 27.73 -80.87
C ALA S 232 -13.54 27.79 -79.37
N ARG S 233 -12.83 26.76 -78.91
CA ARG S 233 -12.29 26.74 -77.54
C ARG S 233 -11.07 27.70 -77.45
N VAL S 234 -11.34 29.00 -77.56
CA VAL S 234 -10.30 30.04 -77.59
C VAL S 234 -10.74 31.32 -76.85
N TRP S 235 -9.78 32.02 -76.23
CA TRP S 235 -10.06 33.20 -75.40
C TRP S 235 -8.87 34.18 -75.34
N LEU S 236 -9.13 35.37 -74.79
CA LEU S 236 -8.15 36.42 -74.59
C LEU S 236 -7.83 36.51 -73.11
N PRO S 237 -6.67 35.97 -72.71
CA PRO S 237 -6.25 35.97 -71.30
C PRO S 237 -6.26 37.35 -70.64
N THR S 238 -6.12 38.40 -71.45
CA THR S 238 -6.18 39.79 -70.98
C THR S 238 -7.60 40.25 -70.56
N ALA S 239 -8.62 39.39 -70.73
CA ALA S 239 -10.00 39.79 -70.37
C ALA S 239 -10.33 39.65 -68.88
N GLY S 240 -11.10 40.62 -68.37
CA GLY S 240 -11.52 40.62 -66.98
C GLY S 240 -12.36 39.43 -66.54
N PHE S 241 -12.90 38.65 -67.48
CA PHE S 241 -13.88 37.59 -67.17
C PHE S 241 -13.65 36.32 -68.00
N ASP S 242 -14.42 35.28 -67.72
CA ASP S 242 -14.45 34.06 -68.54
C ASP S 242 -15.35 34.28 -69.74
N HIS S 243 -14.97 33.69 -70.88
CA HIS S 243 -15.66 33.95 -72.13
C HIS S 243 -15.25 32.99 -73.25
N HIS S 244 -16.02 33.04 -74.32
CA HIS S 244 -15.64 32.44 -75.60
C HIS S 244 -15.54 33.57 -76.66
N VAL S 245 -14.49 33.52 -77.48
CA VAL S 245 -14.34 34.42 -78.65
C VAL S 245 -15.21 33.93 -79.81
N VAL S 246 -15.99 34.85 -80.39
CA VAL S 246 -16.91 34.45 -81.48
C VAL S 246 -16.57 35.03 -82.85
N ARG S 247 -16.08 36.27 -82.87
CA ARG S 247 -15.96 37.05 -84.11
C ARG S 247 -14.93 38.17 -84.02
N VAL S 248 -14.24 38.41 -85.15
CA VAL S 248 -13.28 39.49 -85.27
C VAL S 248 -13.73 40.50 -86.32
N PRO S 249 -14.10 41.71 -85.88
CA PRO S 249 -14.44 42.77 -86.83
C PRO S 249 -13.20 43.34 -87.54
N HIS S 250 -12.68 42.52 -88.45
CA HIS S 250 -11.47 42.80 -89.22
C HIS S 250 -11.38 44.20 -89.85
N THR S 251 -12.49 44.72 -90.37
CA THR S 251 -12.46 46.06 -90.99
C THR S 251 -12.06 47.16 -90.00
N GLN S 252 -12.24 46.86 -88.71
CA GLN S 252 -11.95 47.86 -87.67
C GLN S 252 -10.52 47.85 -87.18
N ALA S 253 -9.79 46.77 -87.47
CA ALA S 253 -8.42 46.62 -87.03
C ALA S 253 -7.51 47.60 -87.77
N VAL S 254 -6.44 48.00 -87.08
CA VAL S 254 -5.51 49.00 -87.61
C VAL S 254 -4.07 48.71 -87.11
N VAL S 255 -3.09 49.05 -87.94
CA VAL S 255 -1.66 48.92 -87.61
C VAL S 255 -1.14 50.27 -87.15
N LEU S 256 -0.24 50.28 -86.17
CA LEU S 256 0.05 51.51 -85.42
C LEU S 256 1.21 52.39 -85.93
N ASN S 257 2.20 51.78 -86.58
CA ASN S 257 3.34 52.55 -87.12
C ASN S 257 3.94 51.90 -88.37
N SER S 258 4.94 52.58 -88.96
CA SER S 258 5.58 52.12 -90.20
C SER S 258 6.81 51.24 -89.96
N LYS S 259 6.99 50.83 -88.70
CA LYS S 259 8.20 50.12 -88.31
C LYS S 259 8.26 48.67 -88.79
N ASP S 260 9.48 48.14 -88.72
CA ASP S 260 9.86 46.82 -89.24
C ASP S 260 9.02 45.70 -88.63
N LYS S 261 8.88 45.72 -87.30
CA LYS S 261 8.03 44.76 -86.59
C LYS S 261 6.93 45.52 -85.87
N ALA S 262 6.09 46.14 -86.67
CA ALA S 262 5.03 46.99 -86.17
C ALA S 262 4.01 46.19 -85.33
N PRO S 263 3.56 46.79 -84.23
CA PRO S 263 2.44 46.27 -83.51
C PRO S 263 1.12 46.64 -84.20
N TYR S 264 0.07 45.88 -83.93
CA TYR S 264 -1.24 46.17 -84.51
C TYR S 264 -2.37 45.96 -83.52
N LEU S 265 -3.39 46.81 -83.61
CA LEU S 265 -4.50 46.78 -82.68
C LEU S 265 -5.69 46.10 -83.32
N ILE S 266 -6.37 45.25 -82.55
CA ILE S 266 -7.60 44.63 -83.04
C ILE S 266 -8.71 44.68 -82.00
N TYR S 267 -9.94 44.62 -82.49
CA TYR S 267 -11.10 44.47 -81.64
C TYR S 267 -11.65 43.06 -81.79
N VAL S 268 -12.11 42.48 -80.67
CA VAL S 268 -12.58 41.08 -80.64
C VAL S 268 -13.94 40.98 -79.94
N GLU S 269 -14.82 40.14 -80.52
CA GLU S 269 -16.14 39.90 -79.97
C GLU S 269 -16.16 38.62 -79.13
N VAL S 270 -16.82 38.68 -77.97
CA VAL S 270 -16.91 37.52 -77.06
C VAL S 270 -18.27 37.36 -76.38
N LEU S 271 -18.52 36.13 -75.93
CA LEU S 271 -19.71 35.80 -75.15
C LEU S 271 -19.33 35.37 -73.75
N GLU S 272 -19.79 36.14 -72.77
CA GLU S 272 -19.39 35.93 -71.37
C GLU S 272 -19.83 34.56 -70.82
N CYS S 273 -18.99 34.01 -69.94
CA CYS S 273 -19.31 32.77 -69.25
C CYS S 273 -19.43 33.04 -67.76
N GLU S 274 -19.99 32.06 -67.03
CA GLU S 274 -19.81 31.98 -65.59
C GLU S 274 -18.63 31.10 -65.28
N ASN S 275 -18.52 30.01 -66.03
CA ASN S 275 -17.31 29.23 -66.04
C ASN S 275 -16.99 28.69 -67.43
N PHE S 276 -15.78 28.97 -67.90
CA PHE S 276 -15.30 28.51 -69.21
C PHE S 276 -15.10 27.00 -69.32
N ASP S 277 -14.51 26.42 -68.28
CA ASP S 277 -13.98 25.04 -68.33
C ASP S 277 -15.08 24.00 -68.52
N THR S 278 -16.33 24.38 -68.21
CA THR S 278 -17.45 23.46 -68.16
C THR S 278 -18.61 23.82 -69.09
N THR S 279 -18.39 24.69 -70.06
CA THR S 279 -19.52 25.21 -70.85
C THR S 279 -19.30 25.18 -72.36
N SER S 280 -20.42 25.17 -73.07
CA SER S 280 -20.56 25.61 -74.45
C SER S 280 -19.52 25.20 -75.50
N VAL S 281 -18.63 26.17 -75.81
CA VAL S 281 -18.29 26.58 -77.20
C VAL S 281 -19.60 26.84 -77.98
N PRO S 282 -20.11 28.10 -77.97
CA PRO S 282 -21.37 28.41 -78.64
C PRO S 282 -21.33 28.14 -80.14
N ALA S 283 -22.49 28.23 -80.76
CA ALA S 283 -22.68 27.84 -82.16
C ALA S 283 -22.41 28.98 -83.11
N ARG S 284 -21.87 28.65 -84.28
CA ARG S 284 -21.59 29.65 -85.31
C ARG S 284 -22.88 30.31 -85.79
N ILE S 285 -22.81 31.60 -86.11
CA ILE S 285 -23.89 32.33 -86.78
C ILE S 285 -23.29 32.95 -88.05
N PRO S 286 -23.74 32.49 -89.24
CA PRO S 286 -22.93 32.68 -90.46
C PRO S 286 -22.70 34.11 -90.97
N GLU S 287 -23.53 35.09 -90.55
CA GLU S 287 -23.25 36.53 -90.78
C GLU S 287 -23.91 37.12 -92.01
N ASN S 288 -23.92 38.45 -92.04
CA ASN S 288 -23.97 39.21 -93.29
C ASN S 288 -23.02 40.40 -93.25
N PRO S 295 -20.64 49.81 -94.16
CA PRO S 295 -21.56 50.45 -93.20
C PRO S 295 -21.14 50.26 -91.72
N SER S 296 -21.26 49.04 -91.19
CA SER S 296 -20.56 48.71 -89.94
C SER S 296 -19.09 48.52 -90.32
N ALA S 297 -18.84 48.27 -91.61
CA ALA S 297 -17.49 48.05 -92.14
C ALA S 297 -16.58 49.30 -92.16
N VAL S 298 -17.17 50.49 -92.29
CA VAL S 298 -16.36 51.72 -92.40
C VAL S 298 -15.71 52.08 -91.05
N ALA S 299 -14.45 52.52 -91.11
CA ALA S 299 -13.69 52.84 -89.90
C ALA S 299 -13.36 54.34 -89.85
N LEU S 300 -13.71 55.03 -88.77
CA LEU S 300 -13.25 56.43 -88.53
C LEU S 300 -13.09 56.76 -87.02
N LYS S 301 -12.32 57.83 -86.76
CA LYS S 301 -12.12 58.32 -85.38
C LYS S 301 -13.43 58.69 -84.71
N GLU S 302 -13.77 57.90 -83.69
CA GLU S 302 -14.98 58.07 -82.90
C GLU S 302 -14.73 57.50 -81.48
N PRO S 303 -15.47 57.99 -80.47
CA PRO S 303 -15.41 57.40 -79.10
C PRO S 303 -15.62 55.87 -79.04
N TRP S 304 -15.22 55.27 -77.93
CA TRP S 304 -15.29 53.81 -77.73
C TRP S 304 -16.73 53.28 -77.77
N GLN S 305 -17.65 53.96 -77.06
CA GLN S 305 -19.04 53.50 -77.00
C GLN S 305 -19.79 53.67 -78.34
N GLU S 306 -19.41 54.68 -79.10
CA GLU S 306 -19.96 54.85 -80.46
C GLU S 306 -19.43 53.75 -81.40
N LYS S 307 -18.18 53.31 -81.16
CA LYS S 307 -17.58 52.22 -81.92
C LYS S 307 -18.15 50.85 -81.51
N VAL S 308 -18.47 50.68 -80.22
CA VAL S 308 -19.16 49.43 -79.76
C VAL S 308 -20.53 49.33 -80.46
N ARG S 309 -21.29 50.43 -80.46
CA ARG S 309 -22.59 50.52 -81.14
C ARG S 309 -22.50 50.00 -82.59
N ARG S 310 -21.64 50.65 -83.37
CA ARG S 310 -21.44 50.36 -84.82
C ARG S 310 -21.10 48.89 -85.09
N ILE S 311 -20.15 48.36 -84.32
CA ILE S 311 -19.71 46.99 -84.51
C ILE S 311 -20.80 46.02 -84.06
N ARG S 312 -21.40 46.28 -82.89
CA ARG S 312 -22.46 45.45 -82.32
C ARG S 312 -23.62 45.35 -83.31
N GLU S 313 -24.13 46.50 -83.73
CA GLU S 313 -25.26 46.54 -84.67
C GLU S 313 -25.00 45.77 -85.99
N GLY S 314 -23.77 45.83 -86.50
CA GLY S 314 -23.40 45.06 -87.67
C GLY S 314 -23.18 43.57 -87.40
N SER S 315 -23.02 43.20 -86.12
CA SER S 315 -22.63 41.83 -85.79
C SER S 315 -23.80 40.84 -85.70
N PRO S 316 -23.62 39.62 -86.25
CA PRO S 316 -24.55 38.51 -86.02
C PRO S 316 -24.92 38.37 -84.55
N TYR S 317 -23.91 38.40 -83.66
CA TYR S 317 -24.08 38.09 -82.25
C TYR S 317 -24.44 39.33 -81.39
N GLY S 318 -24.49 40.50 -82.01
CA GLY S 318 -24.61 41.76 -81.28
C GLY S 318 -25.86 41.94 -80.44
N HIS S 319 -26.94 41.33 -80.87
CA HIS S 319 -28.20 41.33 -80.12
C HIS S 319 -28.12 40.73 -78.69
N LEU S 320 -27.27 39.73 -78.46
CA LEU S 320 -27.25 39.00 -77.18
C LEU S 320 -26.84 39.87 -75.98
N PRO S 321 -27.42 39.61 -74.79
CA PRO S 321 -26.99 40.27 -73.56
C PRO S 321 -25.64 39.70 -73.09
N ASN S 322 -25.35 38.51 -73.58
CA ASN S 322 -24.14 37.74 -73.29
C ASN S 322 -22.88 38.33 -73.96
N TRP S 323 -23.09 39.24 -74.90
CA TRP S 323 -22.07 39.73 -75.82
C TRP S 323 -21.27 40.90 -75.25
N ARG S 324 -19.95 40.85 -75.39
CA ARG S 324 -19.09 41.99 -75.02
C ARG S 324 -17.93 42.17 -76.02
N LEU S 325 -17.38 43.39 -76.06
CA LEU S 325 -16.27 43.75 -76.96
C LEU S 325 -14.94 44.02 -76.24
N LEU S 326 -13.87 43.35 -76.70
CA LEU S 326 -12.53 43.55 -76.12
C LEU S 326 -11.56 44.12 -77.16
N SER S 327 -10.36 44.47 -76.70
CA SER S 327 -9.32 45.02 -77.57
C SER S 327 -7.94 44.63 -77.07
N VAL S 328 -7.03 44.34 -78.00
CA VAL S 328 -5.63 44.10 -77.68
C VAL S 328 -4.71 44.65 -78.78
N ILE S 329 -3.54 45.11 -78.34
CA ILE S 329 -2.42 45.39 -79.22
C ILE S 329 -1.57 44.12 -79.29
N VAL S 330 -1.18 43.72 -80.49
CA VAL S 330 -0.40 42.52 -80.67
C VAL S 330 1.02 42.90 -81.03
N LYS S 331 1.98 42.53 -80.18
CA LYS S 331 3.37 42.85 -80.49
C LYS S 331 4.09 41.54 -80.86
N CYS S 332 4.39 41.38 -82.15
CA CYS S 332 4.90 40.10 -82.65
C CYS S 332 6.41 39.93 -82.44
N GLY S 333 7.14 41.04 -82.45
CA GLY S 333 8.60 41.01 -82.32
C GLY S 333 9.17 41.85 -81.17
N ASP S 334 8.35 42.22 -80.20
CA ASP S 334 8.82 43.02 -79.06
C ASP S 334 8.76 42.22 -77.72
N ASP S 335 9.82 42.26 -76.93
CA ASP S 335 9.81 41.64 -75.62
C ASP S 335 8.93 42.45 -74.67
N LEU S 336 8.12 41.78 -73.85
CA LEU S 336 7.18 42.48 -72.95
C LEU S 336 7.43 42.23 -71.46
N ARG S 337 8.57 41.69 -71.11
CA ARG S 337 8.78 41.26 -69.73
C ARG S 337 9.02 42.46 -68.79
N GLN S 338 9.76 43.46 -69.30
CA GLN S 338 9.92 44.75 -68.60
C GLN S 338 8.54 45.37 -68.41
N GLU S 339 7.78 45.28 -69.49
CA GLU S 339 6.47 45.89 -69.50
C GLU S 339 5.59 45.22 -68.45
N LEU S 340 5.69 43.90 -68.36
CA LEU S 340 4.99 43.13 -67.32
C LEU S 340 5.46 43.52 -65.93
N LEU S 341 6.77 43.60 -65.74
CA LEU S 341 7.28 44.04 -64.44
C LEU S 341 6.69 45.40 -64.04
N ALA S 342 6.71 46.36 -64.99
CA ALA S 342 6.18 47.71 -64.72
C ALA S 342 4.70 47.68 -64.30
N PHE S 343 3.95 46.81 -64.96
CA PHE S 343 2.53 46.64 -64.67
C PHE S 343 2.30 46.31 -63.20
N GLN S 344 3.02 45.30 -62.70
CA GLN S 344 2.93 44.88 -61.29
C GLN S 344 3.25 46.04 -60.34
N VAL S 345 4.30 46.77 -60.65
CA VAL S 345 4.71 47.89 -59.82
C VAL S 345 3.60 48.95 -59.81
N LEU S 346 3.04 49.23 -61.00
CA LEU S 346 1.97 50.23 -61.10
C LEU S 346 0.75 49.78 -60.30
N LYS S 347 0.46 48.50 -60.41
CA LYS S 347 -0.72 47.93 -59.76
C LYS S 347 -0.54 47.97 -58.26
N GLN S 348 0.65 47.63 -57.78
CA GLN S 348 0.95 47.73 -56.34
C GLN S 348 0.84 49.17 -55.87
N LEU S 349 1.49 50.10 -56.56
CA LEU S 349 1.41 51.51 -56.14
C LEU S 349 -0.03 52.01 -56.11
N GLN S 350 -0.80 51.53 -57.09
CA GLN S 350 -2.22 51.89 -57.14
C GLN S 350 -2.95 51.44 -55.85
N SER S 351 -2.72 50.19 -55.46
CA SER S 351 -3.37 49.62 -54.27
C SER S 351 -2.85 50.34 -53.03
N ILE S 352 -1.55 50.60 -52.98
CA ILE S 352 -0.96 51.36 -51.91
C ILE S 352 -1.69 52.69 -51.81
N TRP S 353 -1.84 53.39 -52.93
CA TRP S 353 -2.50 54.72 -52.89
C TRP S 353 -4.01 54.67 -52.60
N GLU S 354 -4.68 53.59 -52.98
CA GLU S 354 -6.08 53.38 -52.54
C GLU S 354 -6.18 53.10 -51.02
N GLN S 355 -5.32 52.22 -50.52
CA GLN S 355 -5.30 51.81 -49.10
C GLN S 355 -5.02 52.97 -48.13
N GLU S 356 -3.89 53.66 -48.30
CA GLU S 356 -3.73 55.01 -47.73
C GLU S 356 -4.78 55.80 -48.51
N ARG S 357 -5.00 57.06 -48.21
CA ARG S 357 -6.10 57.69 -48.90
C ARG S 357 -5.66 58.92 -49.65
N VAL S 358 -4.83 58.63 -50.65
CA VAL S 358 -4.29 59.62 -51.55
C VAL S 358 -4.93 59.44 -52.94
N PRO S 359 -5.67 60.44 -53.43
CA PRO S 359 -6.40 60.29 -54.69
C PRO S 359 -5.53 60.53 -55.94
N LEU S 360 -4.27 60.07 -55.94
CA LEU S 360 -3.49 60.02 -57.17
C LEU S 360 -4.17 59.07 -58.14
N TRP S 361 -3.86 59.22 -59.41
CA TRP S 361 -4.48 58.40 -60.46
C TRP S 361 -3.43 57.87 -61.41
N ILE S 362 -3.45 56.57 -61.66
CA ILE S 362 -2.64 55.97 -62.72
C ILE S 362 -3.40 54.83 -63.35
N LYS S 363 -2.89 54.35 -64.48
CA LYS S 363 -3.53 53.28 -65.18
C LYS S 363 -2.49 52.24 -65.54
N PRO S 364 -2.41 51.18 -64.73
CA PRO S 364 -1.80 49.95 -65.18
C PRO S 364 -2.58 49.36 -66.35
N TYR S 365 -1.85 48.96 -67.38
CA TYR S 365 -2.47 48.28 -68.51
C TYR S 365 -1.96 46.87 -68.59
N LYS S 366 -2.90 45.94 -68.77
CA LYS S 366 -2.63 44.51 -68.72
C LYS S 366 -1.62 44.08 -69.77
N ILE S 367 -0.81 43.10 -69.41
CA ILE S 367 0.23 42.58 -70.25
C ILE S 367 0.04 41.09 -70.36
N LEU S 368 0.23 40.55 -71.56
CA LEU S 368 0.36 39.09 -71.71
C LEU S 368 1.65 38.75 -72.43
N VAL S 369 2.58 38.15 -71.71
CA VAL S 369 3.82 37.70 -72.29
C VAL S 369 3.53 36.40 -73.00
N ILE S 370 3.97 36.31 -74.25
CA ILE S 370 3.78 35.09 -75.01
C ILE S 370 5.11 34.34 -75.30
N SER S 371 6.16 35.09 -75.59
CA SER S 371 7.51 34.56 -75.66
C SER S 371 8.46 35.65 -75.18
N ALA S 372 9.75 35.34 -75.16
CA ALA S 372 10.76 36.36 -74.88
C ALA S 372 10.75 37.42 -76.00
N ASP S 373 10.22 37.03 -77.15
CA ASP S 373 10.12 37.89 -78.32
C ASP S 373 8.81 38.63 -78.44
N SER S 374 7.72 38.05 -77.94
CA SER S 374 6.34 38.47 -78.29
C SER S 374 5.29 38.44 -77.16
N GLY S 375 4.25 39.27 -77.33
CA GLY S 375 3.19 39.40 -76.36
C GLY S 375 2.06 40.32 -76.80
N MET S 376 1.16 40.59 -75.86
CA MET S 376 0.04 41.53 -76.06
C MET S 376 -0.16 42.54 -74.92
N ILE S 377 -0.83 43.64 -75.25
CA ILE S 377 -1.16 44.71 -74.31
C ILE S 377 -2.63 45.10 -74.45
N GLU S 378 -3.34 45.24 -73.33
CA GLU S 378 -4.71 45.83 -73.35
C GLU S 378 -4.61 47.36 -73.35
N PRO S 379 -5.02 48.00 -74.46
CA PRO S 379 -4.78 49.44 -74.58
C PRO S 379 -5.83 50.22 -73.79
N VAL S 380 -5.51 51.45 -73.46
CA VAL S 380 -6.53 52.32 -72.91
C VAL S 380 -7.31 52.91 -74.06
N VAL S 381 -8.64 52.80 -73.98
CA VAL S 381 -9.56 53.36 -74.98
C VAL S 381 -9.93 54.81 -74.69
N ASN S 382 -10.42 55.53 -75.71
CA ASN S 382 -10.69 56.97 -75.61
C ASN S 382 -9.47 57.75 -75.15
N ALA S 383 -8.35 57.45 -75.79
CA ALA S 383 -7.08 58.05 -75.45
C ALA S 383 -6.20 58.07 -76.67
N VAL S 384 -5.48 59.17 -76.84
CA VAL S 384 -4.54 59.30 -77.94
C VAL S 384 -3.31 60.09 -77.48
N SER S 385 -2.20 59.92 -78.21
CA SER S 385 -0.91 60.45 -77.80
C SER S 385 -0.99 61.98 -77.75
N ILE S 386 -0.26 62.57 -76.80
CA ILE S 386 -0.16 64.03 -76.73
C ILE S 386 0.32 64.60 -78.06
N HIS S 387 1.33 63.95 -78.63
CA HIS S 387 1.98 64.45 -79.84
C HIS S 387 1.01 64.57 -81.01
N GLN S 388 0.19 63.53 -81.20
CA GLN S 388 -0.73 63.53 -82.34
C GLN S 388 -1.96 64.39 -82.02
N VAL S 389 -2.35 64.48 -80.73
CA VAL S 389 -3.36 65.48 -80.32
C VAL S 389 -3.00 66.90 -80.76
N LYS S 390 -1.70 67.21 -80.74
CA LYS S 390 -1.22 68.52 -81.18
C LYS S 390 -1.02 68.64 -82.69
N LYS S 391 -0.87 67.51 -83.38
CA LYS S 391 -0.73 67.53 -84.83
C LYS S 391 -2.07 67.49 -85.57
N GLN S 392 -3.08 66.81 -85.01
CA GLN S 392 -4.39 66.84 -85.65
C GLN S 392 -5.21 68.09 -85.24
N SER S 393 -5.12 68.51 -83.98
CA SER S 393 -5.76 69.76 -83.55
C SER S 393 -5.06 71.04 -84.05
N GLN S 394 -3.72 71.02 -84.13
CA GLN S 394 -2.92 72.23 -84.37
C GLN S 394 -3.02 73.23 -83.22
N LEU S 395 -3.51 72.79 -82.06
CA LEU S 395 -3.73 73.69 -80.93
C LEU S 395 -2.66 73.51 -79.84
N SER S 396 -2.65 74.45 -78.89
CA SER S 396 -1.91 74.27 -77.64
C SER S 396 -2.75 73.38 -76.71
N LEU S 397 -2.06 72.63 -75.87
CA LEU S 397 -2.69 71.63 -75.00
C LEU S 397 -3.93 72.17 -74.26
N LEU S 398 -3.72 73.34 -73.67
CA LEU S 398 -4.79 74.05 -72.97
C LEU S 398 -5.95 74.39 -73.92
N ASP S 399 -5.62 74.96 -75.08
CA ASP S 399 -6.63 75.29 -76.09
C ASP S 399 -7.44 74.05 -76.45
N TYR S 400 -6.75 72.91 -76.59
CA TYR S 400 -7.45 71.63 -76.81
C TYR S 400 -8.37 71.26 -75.64
N PHE S 401 -7.84 71.38 -74.40
CA PHE S 401 -8.70 71.18 -73.20
C PHE S 401 -9.98 72.03 -73.27
N LEU S 402 -9.78 73.31 -73.56
CA LEU S 402 -10.87 74.26 -73.62
C LEU S 402 -11.86 73.93 -74.73
N GLN S 403 -11.35 73.53 -75.91
CA GLN S 403 -12.24 73.10 -77.00
C GLN S 403 -13.04 71.86 -76.60
N GLU S 404 -12.35 70.85 -76.04
CA GLU S 404 -12.98 69.53 -75.83
C GLU S 404 -13.81 69.40 -74.54
N HIS S 405 -13.56 70.26 -73.55
CA HIS S 405 -14.33 70.19 -72.30
C HIS S 405 -15.19 71.41 -72.02
N GLY S 406 -14.65 72.59 -72.32
CA GLY S 406 -15.38 73.86 -72.16
C GLY S 406 -14.48 74.91 -71.54
N SER S 407 -15.05 76.07 -71.23
CA SER S 407 -14.29 77.13 -70.56
C SER S 407 -13.90 76.68 -69.15
N TYR S 408 -12.82 77.22 -68.62
CA TYR S 408 -12.38 76.84 -67.26
C TYR S 408 -13.36 77.17 -66.15
N THR S 409 -14.47 77.83 -66.47
CA THR S 409 -15.52 78.01 -65.45
C THR S 409 -16.56 76.89 -65.50
N THR S 410 -16.41 75.94 -66.43
CA THR S 410 -17.38 74.81 -66.51
C THR S 410 -16.95 73.62 -65.64
N GLU S 411 -17.92 72.78 -65.27
CA GLU S 411 -17.66 71.58 -64.46
C GLU S 411 -16.69 70.66 -65.20
N ALA S 412 -17.08 70.31 -66.43
CA ALA S 412 -16.34 69.39 -67.29
C ALA S 412 -14.86 69.73 -67.33
N PHE S 413 -14.55 71.03 -67.35
CA PHE S 413 -13.16 71.47 -67.40
C PHE S 413 -12.51 71.29 -66.03
N LEU S 414 -13.18 71.72 -64.96
CA LEU S 414 -12.55 71.69 -63.63
C LEU S 414 -12.28 70.25 -63.20
N SER S 415 -13.22 69.37 -63.53
CA SER S 415 -13.04 67.95 -63.32
C SER S 415 -11.86 67.38 -64.14
N ALA S 416 -11.77 67.76 -65.43
CA ALA S 416 -10.65 67.30 -66.30
C ALA S 416 -9.29 67.80 -65.81
N GLN S 417 -9.25 69.05 -65.33
CA GLN S 417 -8.05 69.66 -64.77
C GLN S 417 -7.59 68.84 -63.57
N ARG S 418 -8.54 68.53 -62.69
CA ARG S 418 -8.26 67.73 -61.51
C ARG S 418 -7.68 66.36 -61.89
N ASN S 419 -8.32 65.68 -62.83
CA ASN S 419 -7.80 64.41 -63.37
C ASN S 419 -6.39 64.53 -63.98
N PHE S 420 -6.17 65.65 -64.69
CA PHE S 420 -4.84 65.96 -65.21
C PHE S 420 -3.85 66.02 -64.04
N VAL S 421 -4.17 66.86 -63.04
CA VAL S 421 -3.25 67.08 -61.92
C VAL S 421 -2.99 65.81 -61.15
N GLN S 422 -4.04 65.05 -60.88
CA GLN S 422 -3.91 63.79 -60.15
C GLN S 422 -3.17 62.72 -60.97
N SER S 423 -3.39 62.67 -62.29
CA SER S 423 -2.65 61.69 -63.12
C SER S 423 -1.16 62.09 -63.33
N CYS S 424 -0.89 63.39 -63.38
CA CYS S 424 0.50 63.88 -63.46
C CYS S 424 1.33 63.54 -62.22
N ALA S 425 0.78 63.83 -61.04
CA ALA S 425 1.48 63.60 -59.76
C ALA S 425 1.81 62.11 -59.64
N GLY S 426 0.79 61.29 -59.88
CA GLY S 426 0.97 59.84 -59.93
C GLY S 426 2.17 59.47 -60.80
N TYR S 427 2.10 59.85 -62.07
CA TYR S 427 3.08 59.37 -63.05
C TYR S 427 4.49 59.97 -62.81
N CYS S 428 4.55 61.18 -62.25
CA CYS S 428 5.83 61.75 -61.84
C CYS S 428 6.53 60.80 -60.87
N LEU S 429 5.76 60.37 -59.85
CA LEU S 429 6.28 59.51 -58.77
C LEU S 429 6.77 58.19 -59.36
N VAL S 430 5.95 57.63 -60.23
CA VAL S 430 6.33 56.41 -60.92
C VAL S 430 7.63 56.59 -61.72
N CYS S 431 7.71 57.69 -62.48
CA CYS S 431 8.91 57.96 -63.29
C CYS S 431 10.16 58.12 -62.46
N TYR S 432 10.04 58.88 -61.37
CA TYR S 432 11.16 59.03 -60.44
C TYR S 432 11.54 57.68 -59.82
N LEU S 433 10.59 57.01 -59.14
CA LEU S 433 10.90 55.74 -58.47
C LEU S 433 11.45 54.66 -59.42
N LEU S 434 10.84 54.52 -60.59
CA LEU S 434 11.36 53.52 -61.57
C LEU S 434 12.49 54.04 -62.46
N GLN S 435 12.85 55.33 -62.31
CA GLN S 435 13.84 55.95 -63.22
C GLN S 435 13.43 55.68 -64.66
N VAL S 436 12.22 56.12 -65.00
CA VAL S 436 11.69 55.88 -66.35
C VAL S 436 12.36 56.87 -67.27
N LYS S 437 12.92 56.38 -68.39
CA LYS S 437 13.59 57.29 -69.34
C LYS S 437 12.84 57.34 -70.68
N ASP S 438 13.44 57.98 -71.68
CA ASP S 438 12.85 58.09 -73.02
C ASP S 438 11.44 58.70 -72.94
N ARG S 439 11.32 59.79 -72.17
CA ARG S 439 10.02 60.43 -71.98
C ARG S 439 9.77 61.55 -72.99
N HIS S 440 8.78 61.34 -73.86
CA HIS S 440 8.34 62.34 -74.82
C HIS S 440 6.85 62.13 -75.12
N ASN S 441 6.27 63.05 -75.88
CA ASN S 441 4.82 63.10 -76.10
C ASN S 441 4.24 61.97 -76.96
N GLY S 442 5.10 61.25 -77.69
CA GLY S 442 4.77 59.95 -78.28
C GLY S 442 4.49 58.86 -77.26
N ASN S 443 5.02 59.01 -76.04
CA ASN S 443 4.87 58.01 -74.94
C ASN S 443 3.86 58.39 -73.85
N ILE S 444 3.15 59.50 -74.07
CA ILE S 444 2.15 59.95 -73.12
C ILE S 444 0.80 60.11 -73.80
N LEU S 445 -0.17 59.39 -73.27
CA LEU S 445 -1.52 59.38 -73.81
C LEU S 445 -2.38 60.36 -73.00
N LEU S 446 -3.39 60.90 -73.66
CA LEU S 446 -4.42 61.68 -72.97
C LEU S 446 -5.79 61.03 -73.17
N ASP S 447 -6.49 60.73 -72.06
CA ASP S 447 -7.83 60.12 -72.17
C ASP S 447 -8.96 61.17 -72.24
N ALA S 448 -10.17 60.69 -72.51
CA ALA S 448 -11.34 61.54 -72.68
C ALA S 448 -11.73 62.40 -71.47
N GLU S 449 -11.29 61.99 -70.29
CA GLU S 449 -11.65 62.71 -69.06
C GLU S 449 -10.53 63.62 -68.56
N GLY S 450 -9.36 63.58 -69.22
CA GLY S 450 -8.24 64.47 -68.86
C GLY S 450 -7.06 63.81 -68.13
N HIS S 451 -7.15 62.50 -67.84
CA HIS S 451 -6.00 61.77 -67.29
C HIS S 451 -4.99 61.59 -68.39
N ILE S 452 -3.74 61.70 -67.99
CA ILE S 452 -2.65 61.29 -68.85
C ILE S 452 -2.27 59.89 -68.47
N ILE S 453 -1.60 59.22 -69.42
CA ILE S 453 -1.10 57.85 -69.18
C ILE S 453 0.26 57.62 -69.88
N HIS S 454 1.33 57.37 -69.12
CA HIS S 454 2.63 57.07 -69.73
C HIS S 454 2.66 55.65 -70.25
N ILE S 455 3.43 55.36 -71.30
CA ILE S 455 3.38 53.98 -71.86
C ILE S 455 4.64 53.16 -72.24
N ASP S 456 5.72 53.74 -72.78
CA ASP S 456 6.79 52.88 -73.29
C ASP S 456 7.88 52.61 -72.24
N PHE S 457 7.74 51.50 -71.51
CA PHE S 457 8.65 51.20 -70.39
C PHE S 457 9.86 50.35 -70.77
N GLY S 458 10.34 50.50 -72.01
CA GLY S 458 11.73 50.21 -72.30
C GLY S 458 12.46 51.32 -71.59
N PHE S 459 13.72 51.09 -71.22
CA PHE S 459 14.53 52.12 -70.56
C PHE S 459 14.01 52.54 -69.17
N ILE S 460 14.21 51.63 -68.21
CA ILE S 460 13.87 51.86 -66.82
C ILE S 460 14.97 51.34 -65.90
N LEU S 461 15.02 51.88 -64.68
CA LEU S 461 16.00 51.45 -63.70
C LEU S 461 17.44 51.60 -64.23
N SER S 462 18.21 50.52 -64.16
CA SER S 462 19.64 50.54 -64.49
C SER S 462 19.92 50.72 -65.99
N SER S 463 18.89 50.56 -66.83
CA SER S 463 19.05 50.58 -68.28
C SER S 463 19.68 51.85 -68.81
N SER S 464 20.67 51.64 -69.66
CA SER S 464 21.35 52.69 -70.42
C SER S 464 21.31 52.34 -71.91
N SER S 473 15.08 60.81 -72.36
CA SER S 473 15.27 61.65 -71.17
C SER S 473 14.23 61.35 -70.07
N ALA S 474 14.48 61.90 -68.87
CA ALA S 474 13.64 61.70 -67.68
C ALA S 474 12.36 62.51 -67.72
N PHE S 475 11.47 62.24 -66.74
CA PHE S 475 10.16 62.91 -66.66
C PHE S 475 10.31 64.42 -66.61
N LYS S 476 9.55 65.11 -67.47
CA LYS S 476 9.63 66.54 -67.65
C LYS S 476 8.30 67.22 -67.36
N LEU S 477 8.36 68.44 -66.82
CA LEU S 477 7.16 69.27 -66.63
C LEU S 477 7.29 70.54 -67.48
N THR S 478 6.82 70.48 -68.72
CA THR S 478 6.90 71.63 -69.64
C THR S 478 5.93 72.71 -69.19
N THR S 479 6.21 73.95 -69.57
CA THR S 479 5.32 75.05 -69.21
C THR S 479 3.93 74.90 -69.85
N GLU S 480 3.83 74.19 -70.97
CA GLU S 480 2.53 73.83 -71.56
C GLU S 480 1.69 72.99 -70.59
N PHE S 481 2.34 72.10 -69.83
CA PHE S 481 1.67 71.30 -68.78
C PHE S 481 1.29 72.15 -67.58
N VAL S 482 2.21 73.03 -67.19
CA VAL S 482 2.00 73.92 -66.07
C VAL S 482 0.86 74.90 -66.36
N ASP S 483 0.68 75.24 -67.63
CA ASP S 483 -0.40 76.12 -68.09
C ASP S 483 -1.77 75.49 -67.88
N VAL S 484 -1.90 74.23 -68.32
CA VAL S 484 -3.13 73.45 -68.09
C VAL S 484 -3.46 73.36 -66.58
N MET S 485 -2.42 73.34 -65.74
CA MET S 485 -2.58 73.33 -64.27
C MET S 485 -2.95 74.69 -63.69
N GLY S 486 -2.97 75.71 -64.55
CA GLY S 486 -3.35 77.05 -64.12
C GLY S 486 -2.17 77.90 -63.67
N GLY S 487 -0.95 77.40 -63.87
CA GLY S 487 0.24 78.16 -63.57
C GLY S 487 0.83 77.93 -62.19
N LEU S 488 2.04 78.46 -62.02
CA LEU S 488 2.89 78.24 -60.84
C LEU S 488 2.20 78.70 -59.53
N ASP S 489 1.42 79.79 -59.60
CA ASP S 489 0.68 80.31 -58.44
C ASP S 489 -0.71 79.70 -58.31
N GLY S 490 -1.05 78.77 -59.20
CA GLY S 490 -2.36 78.13 -59.14
C GLY S 490 -2.55 77.31 -57.88
N ASP S 491 -3.79 77.19 -57.41
CA ASP S 491 -4.15 76.34 -56.27
C ASP S 491 -3.91 74.86 -56.59
N MET S 492 -4.37 74.50 -57.79
CA MET S 492 -4.27 73.15 -58.30
C MET S 492 -2.81 72.74 -58.48
N PHE S 493 -1.92 73.69 -58.81
CA PHE S 493 -0.48 73.39 -58.92
C PHE S 493 0.15 73.16 -57.55
N ASN S 494 -0.13 74.04 -56.59
CA ASN S 494 0.25 73.80 -55.19
C ASN S 494 -0.24 72.43 -54.73
N TYR S 495 -1.48 72.13 -55.11
CA TYR S 495 -2.09 70.86 -54.75
C TYR S 495 -1.34 69.69 -55.41
N TYR S 496 -0.91 69.84 -56.67
CA TYR S 496 -0.04 68.84 -57.35
C TYR S 496 1.17 68.46 -56.51
N LYS S 497 1.81 69.47 -55.93
CA LYS S 497 2.96 69.21 -55.07
C LYS S 497 2.52 68.53 -53.79
N MET S 498 1.32 68.89 -53.33
CA MET S 498 0.79 68.35 -52.09
C MET S 498 0.56 66.85 -52.24
N LEU S 499 0.06 66.48 -53.43
CA LEU S 499 -0.25 65.09 -53.76
C LEU S 499 1.02 64.29 -53.86
N MET S 500 2.05 64.88 -54.47
CA MET S 500 3.33 64.22 -54.65
C MET S 500 3.90 63.81 -53.30
N LEU S 501 3.95 64.78 -52.38
CA LEU S 501 4.40 64.52 -51.01
C LEU S 501 3.59 63.40 -50.36
N GLN S 502 2.28 63.58 -50.36
CA GLN S 502 1.38 62.60 -49.73
C GLN S 502 1.61 61.20 -50.28
N GLY S 503 1.72 61.08 -51.61
CA GLY S 503 1.92 59.76 -52.27
C GLY S 503 3.27 59.13 -51.99
N LEU S 504 4.25 59.99 -51.71
CA LEU S 504 5.59 59.54 -51.36
C LEU S 504 5.55 59.04 -49.93
N ILE S 505 4.93 59.83 -49.05
CA ILE S 505 4.75 59.43 -47.64
C ILE S 505 4.09 58.07 -47.57
N ALA S 506 3.08 57.87 -48.42
CA ALA S 506 2.38 56.60 -48.51
C ALA S 506 3.30 55.46 -48.98
N ALA S 507 4.05 55.70 -50.05
CA ALA S 507 4.95 54.69 -50.62
C ALA S 507 5.97 54.14 -49.61
N ARG S 508 6.60 55.08 -48.91
CA ARG S 508 7.60 54.74 -47.89
C ARG S 508 7.09 53.73 -46.88
N LYS S 509 5.83 53.91 -46.50
CA LYS S 509 5.20 53.01 -45.52
C LYS S 509 4.95 51.58 -46.07
N HIS S 510 5.08 51.37 -47.38
CA HIS S 510 4.80 50.05 -47.94
C HIS S 510 5.90 49.65 -48.87
N MET S 511 7.05 50.32 -48.74
CA MET S 511 8.24 50.05 -49.53
C MET S 511 8.52 48.56 -49.83
N ASP S 512 8.42 47.69 -48.82
CA ASP S 512 8.80 46.26 -48.96
C ASP S 512 8.05 45.55 -50.07
N LYS S 513 6.75 45.83 -50.13
CA LYS S 513 5.87 45.26 -51.15
C LYS S 513 6.30 45.62 -52.57
N VAL S 514 6.84 46.82 -52.74
CA VAL S 514 7.28 47.28 -54.05
C VAL S 514 8.59 46.58 -54.39
N VAL S 515 9.57 46.73 -53.50
CA VAL S 515 10.91 46.18 -53.71
C VAL S 515 10.85 44.70 -53.95
N GLN S 516 10.03 44.00 -53.15
CA GLN S 516 9.86 42.55 -53.31
C GLN S 516 9.65 42.19 -54.78
N ILE S 517 8.73 42.89 -55.44
CA ILE S 517 8.34 42.59 -56.82
C ILE S 517 9.52 42.63 -57.76
N VAL S 518 10.33 43.67 -57.62
CA VAL S 518 11.43 43.89 -58.53
C VAL S 518 12.56 42.91 -58.17
N GLU S 519 12.82 42.79 -56.88
CA GLU S 519 13.98 42.04 -56.39
C GLU S 519 13.93 40.56 -56.79
N ILE S 520 12.74 39.98 -56.74
CA ILE S 520 12.55 38.59 -57.14
C ILE S 520 12.68 38.41 -58.64
N MET S 521 12.17 39.35 -59.44
CA MET S 521 12.27 39.28 -60.92
C MET S 521 13.69 39.36 -61.43
N GLN S 522 14.57 40.02 -60.67
CA GLN S 522 15.96 40.23 -61.07
C GLN S 522 16.74 38.91 -61.14
N GLN S 523 16.24 37.90 -60.43
CA GLN S 523 16.95 36.64 -60.17
C GLN S 523 17.83 36.05 -61.27
N GLY S 524 17.22 35.56 -62.35
CA GLY S 524 18.00 34.96 -63.44
C GLY S 524 17.74 35.75 -64.70
N SER S 525 17.61 37.05 -64.49
CA SER S 525 17.18 37.90 -65.55
C SER S 525 18.39 38.43 -66.30
N GLN S 526 18.26 38.52 -67.60
CA GLN S 526 19.29 39.09 -68.44
C GLN S 526 18.81 40.44 -69.04
N LEU S 527 17.70 40.94 -68.49
CA LEU S 527 17.05 42.13 -69.02
C LEU S 527 17.87 43.41 -68.78
N PRO S 528 17.90 44.29 -69.80
CA PRO S 528 18.61 45.58 -69.73
C PRO S 528 18.37 46.40 -68.46
N CYS S 529 17.16 46.34 -67.90
CA CYS S 529 16.86 47.11 -66.68
C CYS S 529 17.62 46.60 -65.44
N PHE S 530 18.17 45.38 -65.52
CA PHE S 530 18.99 44.87 -64.43
C PHE S 530 20.49 44.84 -64.76
N HIS S 531 20.91 45.60 -65.77
CA HIS S 531 22.31 45.59 -66.17
C HIS S 531 23.28 45.91 -65.03
N GLY S 532 22.86 46.73 -64.09
CA GLY S 532 23.70 47.11 -62.96
C GLY S 532 23.92 45.99 -61.93
N SER S 533 24.81 46.22 -60.98
CA SER S 533 24.92 45.40 -59.77
C SER S 533 24.14 46.00 -58.58
N SER S 534 23.71 47.26 -58.73
CA SER S 534 23.15 48.05 -57.62
C SER S 534 21.74 48.58 -57.90
N THR S 535 21.01 47.84 -58.72
CA THR S 535 19.67 48.20 -59.15
C THR S 535 18.74 48.34 -57.93
N ILE S 536 18.72 47.30 -57.10
CA ILE S 536 17.90 47.28 -55.91
C ILE S 536 18.38 48.30 -54.85
N ARG S 537 19.70 48.42 -54.67
CA ARG S 537 20.27 49.40 -53.72
C ARG S 537 19.88 50.81 -54.09
N ASN S 538 19.99 51.10 -55.39
CA ASN S 538 19.62 52.42 -55.87
C ASN S 538 18.10 52.66 -55.68
N LEU S 539 17.32 51.63 -55.97
CA LEU S 539 15.87 51.71 -55.77
C LEU S 539 15.49 52.06 -54.31
N LYS S 540 16.14 51.43 -53.35
CA LYS S 540 15.84 51.66 -51.92
C LYS S 540 16.20 53.05 -51.46
N GLU S 541 17.35 53.52 -51.95
CA GLU S 541 17.79 54.88 -51.64
C GLU S 541 16.73 55.90 -52.06
N ARG S 542 16.07 55.62 -53.19
CA ARG S 542 15.06 56.51 -53.77
C ARG S 542 13.79 56.62 -52.93
N PHE S 543 13.59 55.71 -51.98
CA PHE S 543 12.53 55.89 -51.00
C PHE S 543 12.94 56.83 -49.86
N HIS S 544 14.25 57.05 -49.68
CA HIS S 544 14.72 57.97 -48.62
C HIS S 544 14.12 57.69 -47.23
N MET S 545 14.26 56.43 -46.79
CA MET S 545 13.62 55.95 -45.56
C MET S 545 14.05 56.66 -44.28
N SER S 546 15.24 57.25 -44.30
CA SER S 546 15.71 58.08 -43.17
C SER S 546 14.97 59.44 -43.02
N MET S 547 14.37 59.97 -44.09
CA MET S 547 13.89 61.37 -44.07
C MET S 547 12.70 61.68 -43.14
N THR S 548 12.67 62.89 -42.58
CA THR S 548 11.43 63.45 -42.00
C THR S 548 10.62 64.15 -43.12
N GLU S 549 9.33 64.41 -42.86
CA GLU S 549 8.42 64.99 -43.88
C GLU S 549 8.96 66.29 -44.48
N GLU S 550 9.43 67.16 -43.61
CA GLU S 550 10.01 68.45 -44.03
C GLU S 550 11.12 68.20 -45.04
N GLN S 551 11.87 67.11 -44.84
CA GLN S 551 12.93 66.76 -45.76
C GLN S 551 12.38 66.33 -47.13
N LEU S 552 11.24 65.65 -47.07
CA LEU S 552 10.62 65.10 -48.26
C LEU S 552 10.02 66.24 -49.07
N GLN S 553 9.45 67.21 -48.37
CA GLN S 553 8.93 68.42 -48.99
C GLN S 553 9.99 69.06 -49.85
N LEU S 554 11.21 69.14 -49.30
CA LEU S 554 12.32 69.74 -50.00
C LEU S 554 12.73 68.90 -51.21
N LEU S 555 12.72 67.58 -51.02
CA LEU S 555 13.02 66.68 -52.13
C LEU S 555 12.00 66.81 -53.27
N VAL S 556 10.72 66.95 -52.92
CA VAL S 556 9.65 67.16 -53.91
C VAL S 556 9.90 68.46 -54.69
N GLU S 557 10.26 69.53 -53.98
CA GLU S 557 10.58 70.83 -54.60
C GLU S 557 11.75 70.64 -55.56
N GLN S 558 12.84 70.04 -55.07
CA GLN S 558 14.00 69.75 -55.96
C GLN S 558 13.60 68.97 -57.19
N MET S 559 12.84 67.91 -56.96
CA MET S 559 12.31 67.10 -58.05
C MET S 559 11.53 67.93 -59.07
N VAL S 560 10.60 68.76 -58.58
CA VAL S 560 9.75 69.59 -59.47
C VAL S 560 10.62 70.57 -60.23
N ASP S 561 11.43 71.33 -59.50
CA ASP S 561 12.29 72.32 -60.11
C ASP S 561 13.22 71.65 -61.14
N GLY S 562 13.69 70.44 -60.85
CA GLY S 562 14.43 69.61 -61.81
C GLY S 562 13.64 69.28 -63.05
N SER S 563 12.34 69.03 -62.87
CA SER S 563 11.50 68.62 -63.99
C SER S 563 11.24 69.77 -64.98
N MET S 564 11.46 71.01 -64.55
CA MET S 564 11.17 72.18 -65.38
C MET S 564 12.39 72.70 -66.16
N ARG S 565 13.59 72.54 -65.60
CA ARG S 565 14.83 73.02 -66.25
C ARG S 565 15.02 72.48 -67.66
N SER S 566 14.63 71.22 -67.87
CA SER S 566 14.83 70.45 -69.13
C SER S 566 16.12 69.62 -69.08
N ASP T 9 10.01 10.56 -7.95
CA ASP T 9 10.47 9.35 -7.19
C ASP T 9 10.72 8.13 -8.10
N GLU T 10 10.03 7.02 -7.80
CA GLU T 10 10.38 5.67 -8.25
C GLU T 10 9.63 5.28 -9.53
N TYR T 11 10.35 4.70 -10.48
CA TYR T 11 9.72 4.04 -11.62
C TYR T 11 9.85 2.52 -11.45
N ASP T 12 8.97 1.77 -12.12
CA ASP T 12 9.04 0.31 -12.15
C ASP T 12 9.90 -0.12 -13.32
N TYR T 13 9.99 0.74 -14.32
CA TYR T 13 10.77 0.42 -15.49
C TYR T 13 11.42 1.62 -16.15
N LEU T 14 12.57 1.35 -16.77
CA LEU T 14 13.34 2.31 -17.55
C LEU T 14 13.54 1.78 -18.98
N PHE T 15 12.80 2.33 -19.95
CA PHE T 15 12.87 1.81 -21.34
C PHE T 15 13.72 2.70 -22.20
N LYS T 16 14.77 2.13 -22.80
CA LYS T 16 15.66 2.86 -23.74
C LYS T 16 15.13 2.79 -25.16
N VAL T 17 14.79 3.96 -25.73
CA VAL T 17 14.21 4.01 -27.08
C VAL T 17 14.99 4.96 -27.96
N VAL T 18 15.18 4.55 -29.22
CA VAL T 18 15.94 5.39 -30.15
C VAL T 18 15.03 5.93 -31.24
N LEU T 19 15.34 7.14 -31.70
CA LEU T 19 14.66 7.70 -32.89
C LEU T 19 15.60 7.68 -34.06
N ILE T 20 15.19 7.03 -35.14
CA ILE T 20 16.02 6.97 -36.31
C ILE T 20 15.23 7.37 -37.56
N GLY T 21 15.99 7.72 -38.61
CA GLY T 21 15.42 8.01 -39.92
C GLY T 21 16.33 8.92 -40.70
N ASP T 22 15.94 9.21 -41.94
CA ASP T 22 16.66 10.17 -42.80
C ASP T 22 16.71 11.52 -42.12
N SER T 23 17.74 12.28 -42.43
CA SER T 23 17.92 13.63 -41.89
C SER T 23 16.83 14.57 -42.40
N GLY T 24 16.19 15.30 -41.49
CA GLY T 24 15.16 16.29 -41.86
C GLY T 24 13.70 15.85 -41.65
N VAL T 25 13.47 14.58 -41.31
CA VAL T 25 12.09 14.04 -41.20
C VAL T 25 11.31 14.53 -39.97
N GLY T 26 12.01 15.05 -38.96
CA GLY T 26 11.35 15.69 -37.80
C GLY T 26 11.57 15.05 -36.43
N LYS T 27 12.59 14.20 -36.34
CA LYS T 27 12.89 13.45 -35.13
C LYS T 27 13.03 14.39 -33.90
N SER T 28 13.83 15.44 -34.04
CA SER T 28 14.13 16.34 -32.89
C SER T 28 12.88 17.06 -32.43
N ASN T 29 11.98 17.34 -33.39
CA ASN T 29 10.70 17.98 -33.07
C ASN T 29 9.63 17.03 -32.55
N LEU T 30 9.60 15.80 -33.01
CA LEU T 30 8.78 14.78 -32.37
C LEU T 30 9.15 14.72 -30.90
N LEU T 31 10.46 14.66 -30.65
CA LEU T 31 10.99 14.59 -29.29
C LEU T 31 10.71 15.86 -28.47
N SER T 32 10.91 17.03 -29.08
CA SER T 32 10.63 18.29 -28.36
C SER T 32 9.12 18.47 -28.09
N ARG T 33 8.30 17.99 -29.03
CA ARG T 33 6.86 18.00 -28.88
C ARG T 33 6.47 17.08 -27.72
N PHE T 34 6.93 15.84 -27.81
CA PHE T 34 6.57 14.84 -26.80
C PHE T 34 7.08 15.17 -25.41
N THR T 35 8.31 15.71 -25.29
CA THR T 35 8.85 15.90 -23.94
C THR T 35 8.59 17.26 -23.30
N ARG T 36 8.52 18.32 -24.09
CA ARG T 36 8.19 19.62 -23.48
C ARG T 36 7.10 20.37 -24.21
N ASN T 37 6.39 19.64 -25.08
CA ASN T 37 5.34 20.23 -25.88
C ASN T 37 5.79 21.52 -26.59
N GLU T 38 6.89 21.43 -27.34
CA GLU T 38 7.40 22.56 -28.14
C GLU T 38 7.73 22.11 -29.55
N PHE T 39 7.64 23.04 -30.50
CA PHE T 39 7.96 22.76 -31.90
C PHE T 39 8.64 23.95 -32.52
N ASN T 40 9.41 23.71 -33.58
CA ASN T 40 10.00 24.80 -34.34
C ASN T 40 10.27 24.50 -35.83
N LEU T 41 9.94 25.48 -36.66
CA LEU T 41 10.23 25.43 -38.09
C LEU T 41 11.72 25.54 -38.36
N GLU T 42 12.39 26.45 -37.66
CA GLU T 42 13.85 26.60 -37.76
C GLU T 42 14.48 25.44 -37.01
N SER T 43 15.52 24.85 -37.58
CA SER T 43 15.97 23.52 -37.19
C SER T 43 17.47 23.44 -37.08
N LYS T 44 17.93 22.65 -36.13
CA LYS T 44 19.32 22.67 -35.75
C LYS T 44 19.77 21.23 -35.86
N SER T 45 20.71 20.96 -36.77
CA SER T 45 21.09 19.59 -37.06
C SER T 45 21.49 18.87 -35.78
N THR T 46 21.03 17.63 -35.67
CA THR T 46 21.32 16.81 -34.52
C THR T 46 22.71 16.25 -34.70
N ILE T 47 23.61 16.57 -33.77
CA ILE T 47 25.00 16.17 -33.88
C ILE T 47 25.27 14.97 -33.02
N GLY T 48 25.39 13.80 -33.68
CA GLY T 48 25.69 12.55 -32.98
C GLY T 48 24.42 12.05 -32.28
N VAL T 49 24.18 12.55 -31.06
CA VAL T 49 23.08 12.08 -30.24
C VAL T 49 22.58 13.17 -29.32
N GLU T 50 21.26 13.18 -29.12
CA GLU T 50 20.67 14.05 -28.10
C GLU T 50 19.74 13.24 -27.16
N PHE T 51 19.72 13.63 -25.88
CA PHE T 51 19.04 12.87 -24.84
C PHE T 51 17.84 13.61 -24.23
N ALA T 52 16.70 12.93 -24.12
CA ALA T 52 15.52 13.48 -23.46
C ALA T 52 14.65 12.38 -22.83
N THR T 53 13.91 12.76 -21.78
CA THR T 53 13.21 11.79 -20.93
C THR T 53 11.80 12.23 -20.50
N ARG T 54 10.91 11.25 -20.34
CA ARG T 54 9.55 11.48 -19.88
C ARG T 54 8.96 10.18 -19.33
N SER T 55 8.09 10.32 -18.34
CA SER T 55 7.47 9.19 -17.64
C SER T 55 6.01 9.02 -18.04
N ILE T 56 5.54 7.78 -18.19
CA ILE T 56 4.06 7.54 -18.34
C ILE T 56 3.61 6.35 -17.49
N GLN T 57 2.29 6.16 -17.36
CA GLN T 57 1.77 4.89 -16.78
C GLN T 57 1.03 4.07 -17.81
N VAL T 58 1.41 2.80 -17.87
CA VAL T 58 0.62 1.80 -18.59
C VAL T 58 0.33 0.61 -17.65
N ASP T 59 -0.92 0.17 -17.66
CA ASP T 59 -1.36 -0.98 -16.88
C ASP T 59 -0.99 -0.85 -15.38
N GLY T 60 -1.06 0.39 -14.86
CA GLY T 60 -0.78 0.70 -13.45
C GLY T 60 0.68 0.86 -13.03
N LYS T 61 1.62 0.87 -13.97
CA LYS T 61 3.05 0.91 -13.65
C LYS T 61 3.69 2.16 -14.20
N THR T 62 4.47 2.84 -13.35
CA THR T 62 5.17 4.05 -13.77
C THR T 62 6.42 3.63 -14.58
N ILE T 63 6.40 3.96 -15.87
CA ILE T 63 7.49 3.64 -16.81
C ILE T 63 8.18 4.94 -17.26
N LYS T 64 9.48 5.02 -16.95
CA LYS T 64 10.29 6.15 -17.43
C LYS T 64 10.93 5.80 -18.78
N ALA T 65 10.62 6.62 -19.79
CA ALA T 65 11.19 6.41 -21.12
C ALA T 65 12.44 7.27 -21.29
N GLN T 66 13.49 6.66 -21.81
CA GLN T 66 14.71 7.39 -22.15
C GLN T 66 14.87 7.39 -23.67
N ILE T 67 14.73 8.58 -24.25
CA ILE T 67 14.73 8.69 -25.71
C ILE T 67 16.05 9.24 -26.20
N TRP T 68 16.60 8.56 -27.19
CA TRP T 68 17.84 8.95 -27.80
C TRP T 68 17.57 9.37 -29.24
N ASP T 69 17.78 10.67 -29.49
CA ASP T 69 17.56 11.29 -30.78
C ASP T 69 18.90 11.17 -31.51
N THR T 70 18.95 10.26 -32.50
CA THR T 70 20.24 9.80 -33.06
C THR T 70 20.87 10.68 -34.17
N ALA T 71 20.08 11.31 -35.03
CA ALA T 71 20.60 12.11 -36.18
C ALA T 71 20.66 11.26 -37.43
N GLY T 72 20.00 11.75 -38.49
CA GLY T 72 19.91 11.03 -39.77
C GLY T 72 21.14 11.17 -40.64
N LEU T 73 21.95 12.19 -40.38
CA LEU T 73 23.18 12.42 -41.11
C LEU T 73 24.17 11.24 -40.93
N GLU T 74 24.81 10.90 -42.05
CA GLU T 74 25.68 9.72 -42.21
C GLU T 74 27.04 9.93 -41.54
N ARG T 75 27.54 11.17 -41.61
CA ARG T 75 28.73 11.63 -40.88
C ARG T 75 28.86 10.97 -39.50
N TYR T 76 27.72 10.82 -38.80
CA TYR T 76 27.70 10.36 -37.41
C TYR T 76 27.27 8.89 -37.24
N ARG T 77 27.02 8.20 -38.35
CA ARG T 77 26.44 6.85 -38.28
C ARG T 77 27.38 5.76 -37.66
N ALA T 78 28.71 5.98 -37.63
CA ALA T 78 29.66 5.10 -36.89
C ALA T 78 29.43 5.10 -35.36
N ILE T 79 29.10 6.27 -34.84
CA ILE T 79 28.96 6.46 -33.39
C ILE T 79 27.48 6.38 -32.87
N THR T 80 26.48 6.56 -33.76
CA THR T 80 25.04 6.36 -33.40
C THR T 80 24.81 4.88 -33.16
N SER T 81 25.38 4.03 -34.01
CA SER T 81 25.25 2.57 -33.88
C SER T 81 25.76 2.05 -32.52
N ALA T 82 26.70 2.75 -31.90
CA ALA T 82 27.08 2.46 -30.52
C ALA T 82 25.86 2.47 -29.58
N TYR T 83 24.93 3.40 -29.79
CA TYR T 83 23.68 3.53 -28.99
C TYR T 83 22.54 2.57 -29.28
N TYR T 84 22.64 1.83 -30.38
CA TYR T 84 21.60 0.86 -30.72
C TYR T 84 21.60 -0.28 -29.68
N ARG T 85 22.75 -0.45 -29.03
CA ARG T 85 22.99 -1.44 -27.96
C ARG T 85 21.87 -1.47 -26.90
N GLY T 86 21.17 -2.59 -26.83
CA GLY T 86 20.17 -2.84 -25.80
C GLY T 86 19.00 -1.87 -25.72
N ALA T 87 18.67 -1.22 -26.83
CA ALA T 87 17.47 -0.37 -26.87
C ALA T 87 16.28 -1.28 -27.08
N VAL T 88 15.21 -1.05 -26.30
CA VAL T 88 14.02 -1.91 -26.35
C VAL T 88 13.09 -1.55 -27.50
N GLY T 89 13.15 -0.28 -27.92
CA GLY T 89 12.28 0.23 -28.98
C GLY T 89 12.95 1.20 -29.92
N ALA T 90 12.50 1.17 -31.19
CA ALA T 90 12.98 2.13 -32.18
C ALA T 90 11.84 2.74 -33.00
N LEU T 91 11.75 4.07 -32.95
CA LEU T 91 10.80 4.81 -33.78
C LEU T 91 11.49 5.13 -35.10
N LEU T 92 11.03 4.47 -36.17
CA LEU T 92 11.62 4.64 -37.49
C LEU T 92 10.79 5.66 -38.26
N VAL T 93 11.37 6.82 -38.53
CA VAL T 93 10.58 7.92 -39.04
C VAL T 93 10.89 8.30 -40.48
N TYR T 94 9.83 8.59 -41.23
CA TYR T 94 9.95 9.16 -42.58
C TYR T 94 9.01 10.37 -42.71
N ASP T 95 9.35 11.27 -43.63
CA ASP T 95 8.48 12.39 -44.03
C ASP T 95 7.43 12.04 -45.09
N ILE T 96 6.14 12.10 -44.70
CA ILE T 96 5.00 11.85 -45.64
C ILE T 96 5.08 12.57 -47.00
N ALA T 97 5.66 13.78 -46.97
CA ALA T 97 5.74 14.67 -48.15
C ALA T 97 7.02 14.53 -48.98
N LYS T 98 7.93 13.62 -48.59
CA LYS T 98 9.13 13.38 -49.40
C LYS T 98 9.39 11.91 -49.69
N HIS T 99 8.98 11.44 -50.88
CA HIS T 99 8.93 10.00 -51.19
C HIS T 99 10.26 9.25 -50.94
N LEU T 100 11.36 9.88 -51.32
CA LEU T 100 12.71 9.31 -51.12
C LEU T 100 12.94 8.82 -49.68
N THR T 101 12.45 9.61 -48.72
CA THR T 101 12.59 9.28 -47.31
C THR T 101 11.85 7.97 -46.95
N TYR T 102 10.74 7.66 -47.66
CA TYR T 102 10.02 6.38 -47.47
C TYR T 102 10.83 5.25 -48.11
N GLU T 103 11.48 5.55 -49.23
CA GLU T 103 12.26 4.55 -49.95
C GLU T 103 13.42 4.01 -49.10
N ASN T 104 14.07 4.87 -48.32
CA ASN T 104 15.27 4.49 -47.52
C ASN T 104 15.00 3.76 -46.20
N VAL T 105 13.72 3.58 -45.88
CA VAL T 105 13.35 2.85 -44.67
C VAL T 105 13.84 1.40 -44.70
N GLU T 106 14.05 0.83 -45.89
CA GLU T 106 14.58 -0.53 -46.02
C GLU T 106 16.03 -0.61 -45.58
N ARG T 107 16.85 0.39 -45.93
CA ARG T 107 18.23 0.40 -45.45
C ARG T 107 18.33 0.75 -43.97
N TRP T 108 17.35 1.51 -43.50
CA TRP T 108 17.32 1.83 -42.09
C TRP T 108 16.91 0.65 -41.18
N LEU T 109 16.27 -0.40 -41.73
CA LEU T 109 15.91 -1.60 -40.92
C LEU T 109 17.02 -2.65 -40.93
N LYS T 110 17.76 -2.72 -42.02
CA LYS T 110 18.94 -3.57 -42.09
C LYS T 110 19.95 -3.05 -41.05
N GLU T 111 20.04 -1.72 -40.95
CA GLU T 111 20.80 -1.04 -39.92
C GLU T 111 20.52 -1.49 -38.48
N LEU T 112 19.36 -2.12 -38.24
CA LEU T 112 19.05 -2.69 -36.92
C LEU T 112 19.41 -4.16 -36.81
N ARG T 113 19.41 -4.87 -37.95
CA ARG T 113 19.74 -6.29 -37.91
C ARG T 113 21.24 -6.45 -38.15
N ASP T 114 21.99 -5.36 -37.95
CA ASP T 114 23.44 -5.43 -37.88
C ASP T 114 24.01 -4.93 -36.55
N HIS T 115 23.45 -3.84 -36.00
CA HIS T 115 24.04 -3.19 -34.82
C HIS T 115 23.16 -3.19 -33.58
N ALA T 116 22.04 -3.90 -33.60
CA ALA T 116 21.08 -3.85 -32.49
C ALA T 116 20.45 -5.20 -32.20
N ASP T 117 19.86 -5.32 -31.01
CA ASP T 117 19.13 -6.51 -30.63
C ASP T 117 18.15 -6.88 -31.74
N SER T 118 18.19 -8.16 -32.13
CA SER T 118 17.36 -8.69 -33.21
C SER T 118 15.92 -8.96 -32.75
N ASN T 119 15.63 -8.69 -31.48
CA ASN T 119 14.28 -8.82 -30.94
C ASN T 119 13.82 -7.48 -30.35
N ILE T 120 13.86 -6.43 -31.17
CA ILE T 120 13.48 -5.06 -30.78
C ILE T 120 12.12 -4.64 -31.37
N VAL T 121 11.36 -3.84 -30.62
CA VAL T 121 10.07 -3.32 -31.06
C VAL T 121 10.24 -2.07 -31.95
N ILE T 122 9.66 -2.14 -33.15
CA ILE T 122 9.74 -1.04 -34.13
C ILE T 122 8.37 -0.48 -34.53
N MET T 123 8.25 0.84 -34.47
CA MET T 123 7.10 1.52 -35.07
C MET T 123 7.58 2.40 -36.20
N LEU T 124 6.91 2.23 -37.33
CA LEU T 124 7.02 3.04 -38.51
C LEU T 124 6.20 4.30 -38.32
N VAL T 125 6.82 5.45 -38.59
CA VAL T 125 6.14 6.72 -38.41
C VAL T 125 6.23 7.59 -39.66
N GLY T 126 5.06 7.91 -40.20
CA GLY T 126 4.92 8.92 -41.25
C GLY T 126 4.66 10.26 -40.59
N ASN T 127 5.66 11.14 -40.63
CA ASN T 127 5.55 12.44 -40.02
C ASN T 127 5.19 13.52 -41.05
N LYS T 128 4.67 14.62 -40.51
CA LYS T 128 4.28 15.81 -41.26
C LYS T 128 2.93 15.58 -41.94
N SER T 129 1.98 15.02 -41.18
CA SER T 129 0.62 14.77 -41.71
C SER T 129 -0.14 16.07 -41.99
N ASP T 130 0.30 17.16 -41.37
CA ASP T 130 -0.28 18.48 -41.61
C ASP T 130 -0.09 18.96 -43.05
N LEU T 131 0.93 18.46 -43.73
CA LEU T 131 1.18 18.82 -45.14
C LEU T 131 0.33 17.99 -46.11
N ARG T 132 -1.00 18.08 -45.95
CA ARG T 132 -1.95 17.24 -46.67
C ARG T 132 -1.73 17.28 -48.19
N HIS T 133 -1.65 18.49 -48.74
CA HIS T 133 -1.61 18.70 -50.19
C HIS T 133 -0.30 18.27 -50.88
N LEU T 134 0.76 18.07 -50.10
CA LEU T 134 2.06 17.68 -50.66
C LEU T 134 2.39 16.20 -50.46
N ARG T 135 1.40 15.46 -49.97
CA ARG T 135 1.57 14.03 -49.65
C ARG T 135 2.20 13.24 -50.80
N ALA T 136 3.32 12.56 -50.54
CA ALA T 136 3.98 11.76 -51.59
C ALA T 136 3.95 10.24 -51.29
N VAL T 137 3.39 9.89 -50.13
CA VAL T 137 3.27 8.50 -49.67
C VAL T 137 1.87 8.25 -49.11
N PRO T 138 1.05 7.44 -49.84
CA PRO T 138 -0.31 7.22 -49.39
C PRO T 138 -0.35 6.37 -48.14
N THR T 139 -1.26 6.73 -47.24
CA THR T 139 -1.41 6.05 -45.96
C THR T 139 -1.55 4.53 -46.14
N ASP T 140 -2.26 4.11 -47.19
CA ASP T 140 -2.54 2.69 -47.43
C ASP T 140 -1.29 1.91 -47.84
N GLU T 141 -0.51 2.47 -48.77
CA GLU T 141 0.73 1.80 -49.19
C GLU T 141 1.71 1.59 -48.02
N ALA T 142 1.81 2.58 -47.14
CA ALA T 142 2.72 2.50 -46.00
C ALA T 142 2.27 1.42 -44.99
N ARG T 143 1.00 1.45 -44.55
CA ARG T 143 0.43 0.46 -43.59
C ARG T 143 0.51 -0.97 -44.13
N ALA T 144 0.38 -1.10 -45.45
CA ALA T 144 0.59 -2.39 -46.12
C ALA T 144 2.02 -2.89 -45.87
N PHE T 145 3.00 -2.06 -46.23
CA PHE T 145 4.40 -2.36 -45.99
C PHE T 145 4.72 -2.55 -44.50
N ALA T 146 3.98 -1.86 -43.64
CA ALA T 146 4.24 -1.89 -42.20
C ALA T 146 4.13 -3.31 -41.65
N GLU T 147 3.02 -3.99 -41.93
CA GLU T 147 2.82 -5.30 -41.33
C GLU T 147 3.31 -6.48 -42.19
N LYS T 148 3.58 -6.21 -43.48
CA LYS T 148 4.41 -7.11 -44.31
C LYS T 148 5.79 -7.31 -43.68
N ASN T 149 6.29 -6.29 -42.96
CA ASN T 149 7.58 -6.40 -42.27
C ASN T 149 7.47 -6.45 -40.74
N GLY T 150 6.25 -6.65 -40.24
CA GLY T 150 6.00 -6.83 -38.79
C GLY T 150 6.31 -5.63 -37.93
N LEU T 151 5.89 -4.47 -38.41
CA LEU T 151 6.10 -3.17 -37.77
C LEU T 151 4.74 -2.57 -37.47
N SER T 152 4.63 -1.86 -36.35
CA SER T 152 3.41 -1.08 -36.04
C SER T 152 3.47 0.28 -36.75
N PHE T 153 2.32 0.89 -37.02
CA PHE T 153 2.24 2.05 -37.95
C PHE T 153 1.33 3.18 -37.46
N ILE T 154 1.73 4.43 -37.71
CA ILE T 154 0.94 5.62 -37.32
C ILE T 154 1.44 6.82 -38.12
N GLU T 155 0.57 7.82 -38.30
CA GLU T 155 0.96 9.08 -38.94
C GLU T 155 0.85 10.25 -37.95
N THR T 156 1.89 11.08 -37.89
CA THR T 156 1.97 12.19 -36.94
C THR T 156 2.22 13.54 -37.60
N SER T 157 1.90 14.58 -36.84
CA SER T 157 2.39 15.91 -37.11
C SER T 157 2.96 16.41 -35.82
N ALA T 158 4.29 16.54 -35.76
CA ALA T 158 4.94 17.21 -34.64
C ALA T 158 4.46 18.66 -34.57
N LEU T 159 4.18 19.25 -35.73
CA LEU T 159 3.80 20.66 -35.83
C LEU T 159 2.45 20.96 -35.14
N ASP T 160 1.39 20.27 -35.54
CA ASP T 160 0.06 20.49 -34.95
C ASP T 160 -0.18 19.58 -33.74
N SER T 161 0.76 18.64 -33.52
CA SER T 161 0.79 17.72 -32.36
C SER T 161 -0.08 16.43 -32.49
N THR T 162 -0.76 16.27 -33.62
CA THR T 162 -1.55 15.07 -33.90
C THR T 162 -0.73 13.79 -33.70
N ASN T 163 -1.25 12.92 -32.84
CA ASN T 163 -0.74 11.53 -32.66
C ASN T 163 0.64 11.39 -32.03
N VAL T 164 1.20 12.48 -31.52
CA VAL T 164 2.55 12.42 -31.00
C VAL T 164 2.54 11.63 -29.69
N GLU T 165 1.67 12.01 -28.76
CA GLU T 165 1.54 11.26 -27.51
C GLU T 165 1.13 9.82 -27.79
N ALA T 166 0.11 9.65 -28.63
CA ALA T 166 -0.36 8.34 -29.04
C ALA T 166 0.78 7.45 -29.54
N ALA T 167 1.62 8.01 -30.41
CA ALA T 167 2.68 7.23 -31.04
C ALA T 167 3.62 6.63 -29.98
N PHE T 168 4.13 7.47 -29.10
CA PHE T 168 4.97 7.03 -27.98
C PHE T 168 4.22 6.04 -27.10
N GLN T 169 3.01 6.44 -26.68
CA GLN T 169 2.22 5.61 -25.76
C GLN T 169 1.94 4.21 -26.31
N THR T 170 1.76 4.11 -27.62
CA THR T 170 1.61 2.81 -28.28
C THR T 170 2.86 1.97 -28.13
N ILE T 171 4.00 2.51 -28.58
CA ILE T 171 5.21 1.71 -28.61
C ILE T 171 5.70 1.37 -27.21
N LEU T 172 5.50 2.28 -26.27
CA LEU T 172 5.93 1.96 -24.90
C LEU T 172 5.06 0.85 -24.28
N THR T 173 3.76 0.94 -24.53
CA THR T 173 2.79 -0.08 -24.13
C THR T 173 3.12 -1.46 -24.76
N GLU T 174 3.27 -1.45 -26.08
CA GLU T 174 3.69 -2.62 -26.87
C GLU T 174 4.92 -3.28 -26.24
N ILE T 175 5.94 -2.47 -25.96
CA ILE T 175 7.14 -2.93 -25.27
C ILE T 175 6.83 -3.50 -23.89
N TYR T 176 6.11 -2.76 -23.06
CA TYR T 176 5.85 -3.22 -21.68
C TYR T 176 5.24 -4.62 -21.54
N ARG T 177 4.56 -5.12 -22.57
CA ARG T 177 4.10 -6.52 -22.55
C ARG T 177 4.83 -7.49 -23.49
N ILE T 178 5.97 -7.08 -24.05
CA ILE T 178 6.88 -8.05 -24.67
C ILE T 178 7.78 -8.59 -23.55
N VAL T 179 8.23 -7.69 -22.68
CA VAL T 179 9.21 -8.01 -21.65
C VAL T 179 8.81 -9.16 -20.74
N SER T 180 7.54 -9.19 -20.34
CA SER T 180 7.06 -10.13 -19.33
C SER T 180 7.22 -11.58 -19.82
N GLN T 181 7.80 -12.42 -18.97
CA GLN T 181 8.10 -13.82 -19.30
C GLN T 181 8.74 -13.97 -20.68
N SER U 8 46.49 40.78 -50.96
CA SER U 8 46.69 39.86 -52.13
C SER U 8 45.77 38.66 -51.97
N ARG U 9 45.13 38.25 -53.06
CA ARG U 9 44.00 37.32 -52.99
C ARG U 9 44.43 35.88 -52.59
N ASP U 10 45.64 35.52 -53.03
CA ASP U 10 46.26 34.25 -52.64
C ASP U 10 46.48 34.19 -51.12
N GLU U 11 46.91 35.31 -50.53
CA GLU U 11 47.12 35.43 -49.07
C GLU U 11 45.78 35.42 -48.30
N LEU U 12 44.77 36.10 -48.85
CA LEU U 12 43.41 36.06 -48.30
C LEU U 12 42.82 34.64 -48.32
N MET U 13 42.96 33.96 -49.46
CA MET U 13 42.49 32.57 -49.60
C MET U 13 43.18 31.61 -48.60
N GLU U 14 44.49 31.79 -48.49
CA GLU U 14 45.32 31.03 -47.53
C GLU U 14 44.90 31.30 -46.08
N ALA U 15 44.54 32.55 -45.76
CA ALA U 15 44.02 32.90 -44.41
C ALA U 15 42.70 32.21 -44.12
N ILE U 16 41.82 32.16 -45.12
CA ILE U 16 40.51 31.54 -44.96
C ILE U 16 40.60 30.00 -44.81
N GLN U 17 41.41 29.39 -45.71
CA GLN U 17 41.70 27.92 -45.60
C GLN U 17 42.27 27.51 -44.22
N LYS U 18 43.18 28.34 -43.70
CA LYS U 18 43.76 28.13 -42.37
C LYS U 18 42.73 28.23 -41.23
N GLN U 19 41.83 29.22 -41.32
CA GLN U 19 40.76 29.39 -40.32
C GLN U 19 39.76 28.19 -40.35
N GLU U 20 39.41 27.70 -41.54
CA GLU U 20 38.52 26.52 -41.51
C GLU U 20 39.15 25.20 -41.12
N GLU U 21 40.45 25.03 -41.44
CA GLU U 21 41.26 23.87 -40.96
C GLU U 21 41.22 23.80 -39.44
N ILE U 22 41.42 24.95 -38.79
CA ILE U 22 41.39 25.05 -37.34
C ILE U 22 39.98 24.68 -36.86
N ASN U 23 38.94 25.29 -37.43
CA ASN U 23 37.59 24.97 -37.02
C ASN U 23 37.20 23.47 -37.12
N PHE U 24 37.59 22.89 -38.26
CA PHE U 24 37.34 21.44 -38.47
C PHE U 24 38.11 20.54 -37.49
N ARG U 25 39.36 20.92 -37.22
CA ARG U 25 40.18 20.27 -36.17
C ARG U 25 39.52 20.36 -34.81
N LEU U 26 39.06 21.58 -34.50
CA LEU U 26 38.47 21.84 -33.19
C LEU U 26 37.17 21.04 -33.07
N GLN U 27 36.34 21.03 -34.11
CA GLN U 27 35.15 20.18 -34.06
C GLN U 27 35.48 18.68 -33.81
N ASP U 28 36.50 18.17 -34.51
CA ASP U 28 36.94 16.80 -34.27
C ASP U 28 37.45 16.54 -32.83
N TYR U 29 38.31 17.48 -32.35
CA TYR U 29 38.80 17.48 -30.92
C TYR U 29 37.62 17.35 -29.98
N ILE U 30 36.59 18.15 -30.23
CA ILE U 30 35.38 18.12 -29.43
C ILE U 30 34.59 16.82 -29.54
N ASP U 31 34.37 16.34 -30.77
CA ASP U 31 33.64 15.07 -30.97
C ASP U 31 34.35 13.88 -30.28
N ARG U 32 35.68 13.91 -30.32
CA ARG U 32 36.47 12.89 -29.59
C ARG U 32 36.30 12.96 -28.06
N ILE U 33 36.15 14.16 -27.52
CA ILE U 33 35.82 14.33 -26.10
C ILE U 33 34.40 13.85 -25.83
N ILE U 34 33.48 14.25 -26.69
CA ILE U 34 32.07 13.91 -26.49
C ILE U 34 31.84 12.40 -26.52
N VAL U 35 32.44 11.72 -27.51
CA VAL U 35 32.28 10.26 -27.59
C VAL U 35 32.71 9.54 -26.29
N ALA U 36 33.81 10.00 -25.69
CA ALA U 36 34.27 9.46 -24.40
C ALA U 36 33.22 9.61 -23.27
N ILE U 37 32.54 10.76 -23.23
CA ILE U 37 31.47 11.01 -22.23
C ILE U 37 30.27 10.13 -22.53
N MET U 38 29.92 10.07 -23.81
CA MET U 38 28.81 9.25 -24.27
C MET U 38 28.98 7.77 -23.87
N GLU U 39 30.22 7.28 -23.89
CA GLU U 39 30.51 5.87 -23.50
C GLU U 39 30.82 5.61 -22.01
N THR U 40 30.83 6.67 -21.19
CA THR U 40 31.13 6.53 -19.77
C THR U 40 29.97 7.04 -18.93
N ASN U 41 29.65 8.33 -19.06
CA ASN U 41 28.59 8.92 -18.25
C ASN U 41 27.69 9.85 -19.06
N PRO U 42 26.79 9.25 -19.88
CA PRO U 42 25.90 10.08 -20.70
C PRO U 42 24.85 10.93 -19.89
N SER U 43 24.61 10.61 -18.62
CA SER U 43 23.69 11.40 -17.74
C SER U 43 24.02 12.89 -17.72
N ILE U 44 25.32 13.16 -17.80
CA ILE U 44 25.86 14.51 -17.89
C ILE U 44 25.15 15.34 -19.00
N LEU U 45 24.71 14.65 -20.07
CA LEU U 45 24.26 15.32 -21.29
C LEU U 45 22.76 15.58 -21.31
N GLU U 46 22.12 15.36 -20.17
CA GLU U 46 20.69 15.59 -20.00
C GLU U 46 20.23 17.02 -20.31
N VAL U 47 19.14 17.13 -21.08
CA VAL U 47 18.44 18.39 -21.31
C VAL U 47 17.38 18.65 -20.21
N LYS U 48 17.73 19.54 -19.25
CA LYS U 48 16.83 20.02 -18.16
C LYS U 48 16.27 21.40 -18.53
N VAL V 7 28.95 28.78 -59.10
CA VAL V 7 27.75 29.46 -58.48
C VAL V 7 28.01 30.95 -58.18
N SER V 8 26.92 31.70 -58.02
CA SER V 8 26.99 33.15 -57.78
C SER V 8 27.60 33.44 -56.45
N ARG V 9 28.07 34.66 -56.32
CA ARG V 9 28.74 35.11 -55.12
C ARG V 9 27.79 35.18 -53.92
N ASP V 10 26.53 35.48 -54.21
CA ASP V 10 25.47 35.44 -53.20
C ASP V 10 25.30 34.03 -52.63
N GLU V 11 25.36 33.01 -53.49
CA GLU V 11 25.28 31.59 -53.07
C GLU V 11 26.52 31.16 -52.29
N LEU V 12 27.70 31.64 -52.71
CA LEU V 12 28.96 31.40 -51.98
C LEU V 12 28.95 32.01 -50.59
N MET V 13 28.51 33.28 -50.52
CA MET V 13 28.38 34.00 -49.23
C MET V 13 27.42 33.29 -48.28
N GLU V 14 26.27 32.87 -48.84
CA GLU V 14 25.25 32.11 -48.11
C GLU V 14 25.78 30.77 -47.59
N ALA V 15 26.62 30.08 -48.39
CA ALA V 15 27.28 28.82 -47.96
C ALA V 15 28.24 29.04 -46.79
N ILE V 16 28.98 30.13 -46.87
CA ILE V 16 29.92 30.45 -45.80
C ILE V 16 29.22 30.89 -44.47
N GLN V 17 28.20 31.77 -44.61
CA GLN V 17 27.35 32.18 -43.46
C GLN V 17 26.73 30.97 -42.74
N LYS V 18 26.26 30.01 -43.52
CA LYS V 18 25.67 28.77 -43.00
C LYS V 18 26.69 27.93 -42.23
N GLN V 19 27.91 27.82 -42.78
CA GLN V 19 29.00 27.11 -42.08
C GLN V 19 29.41 27.81 -40.78
N GLU V 20 29.44 29.15 -40.80
CA GLU V 20 29.74 29.84 -39.54
C GLU V 20 28.69 29.74 -38.42
N GLU V 21 27.43 29.80 -38.85
CA GLU V 21 26.26 29.65 -37.94
C GLU V 21 26.34 28.31 -37.21
N ILE V 22 26.69 27.26 -37.98
CA ILE V 22 26.88 25.93 -37.42
C ILE V 22 28.06 25.96 -36.43
N ASN V 23 29.22 26.51 -36.82
CA ASN V 23 30.38 26.59 -35.89
C ASN V 23 30.07 27.29 -34.56
N PHE V 24 29.40 28.42 -34.67
CA PHE V 24 29.02 29.20 -33.48
C PHE V 24 28.01 28.46 -32.57
N ARG V 25 27.06 27.79 -33.21
CA ARG V 25 26.12 26.89 -32.50
C ARG V 25 26.85 25.76 -31.78
N LEU V 26 27.79 25.16 -32.52
CA LEU V 26 28.52 24.01 -31.99
C LEU V 26 29.39 24.46 -30.84
N GLN V 27 30.07 25.60 -30.94
CA GLN V 27 30.79 26.13 -29.78
C GLN V 27 29.92 26.38 -28.52
N ASP V 28 28.75 26.97 -28.74
CA ASP V 28 27.80 27.13 -27.62
C ASP V 28 27.31 25.75 -27.01
N TYR V 29 26.94 24.81 -27.91
CA TYR V 29 26.57 23.40 -27.52
C TYR V 29 27.66 22.83 -26.62
N ILE V 30 28.91 23.02 -27.04
CA ILE V 30 30.04 22.53 -26.29
C ILE V 30 30.23 23.25 -24.95
N ASP V 31 30.15 24.58 -24.97
CA ASP V 31 30.29 25.33 -23.71
C ASP V 31 29.19 24.95 -22.68
N ARG V 32 27.98 24.70 -23.20
CA ARG V 32 26.87 24.21 -22.35
C ARG V 32 27.17 22.79 -21.73
N ILE V 33 27.87 21.93 -22.47
CA ILE V 33 28.35 20.63 -21.94
C ILE V 33 29.46 20.81 -20.93
N ILE V 34 30.42 21.68 -21.28
CA ILE V 34 31.55 21.93 -20.39
C ILE V 34 31.13 22.52 -19.04
N VAL V 35 30.23 23.53 -19.08
CA VAL V 35 29.74 24.11 -17.79
C VAL V 35 29.13 23.05 -16.83
N ALA V 36 28.37 22.11 -17.39
CA ALA V 36 27.81 21.01 -16.60
C ALA V 36 28.91 20.14 -15.92
N ILE V 37 29.99 19.87 -16.66
CA ILE V 37 31.11 19.06 -16.15
C ILE V 37 31.84 19.83 -15.05
N MET V 38 32.06 21.13 -15.35
CA MET V 38 32.65 22.08 -14.35
C MET V 38 31.86 22.02 -13.03
N SER W 10 -33.14 -89.68 13.09
CA SER W 10 -34.60 -89.75 13.47
C SER W 10 -35.06 -88.57 14.37
N TRP W 11 -34.17 -87.62 14.65
CA TRP W 11 -34.52 -86.46 15.53
C TRP W 11 -35.59 -85.52 14.95
N LEU W 12 -35.54 -85.31 13.63
CA LEU W 12 -36.56 -84.51 12.93
C LEU W 12 -37.90 -85.27 12.95
N LEU W 13 -37.90 -86.51 12.45
CA LEU W 13 -39.10 -87.36 12.51
C LEU W 13 -39.68 -87.46 13.94
N ARG W 14 -38.79 -87.36 14.95
CA ARG W 14 -39.24 -87.32 16.35
C ARG W 14 -40.17 -86.14 16.57
N LEU W 15 -39.70 -84.98 16.14
CA LEU W 15 -40.48 -83.75 16.21
C LEU W 15 -41.85 -83.92 15.51
N PHE W 16 -41.81 -84.32 14.23
CA PHE W 16 -43.03 -84.44 13.42
C PHE W 16 -44.06 -85.41 14.03
N GLU W 17 -43.59 -86.40 14.80
CA GLU W 17 -44.50 -87.35 15.45
C GLU W 17 -44.92 -86.91 16.86
N SER W 18 -44.35 -85.80 17.32
CA SER W 18 -44.72 -85.27 18.62
C SER W 18 -46.00 -84.42 18.57
N LYS W 19 -46.51 -84.04 19.74
CA LYS W 19 -47.71 -83.20 19.83
C LYS W 19 -47.49 -81.80 19.30
N LEU W 20 -46.25 -81.34 19.40
CA LEU W 20 -45.81 -80.08 18.80
C LEU W 20 -46.31 -79.80 17.38
N PHE W 21 -46.51 -80.88 16.65
CA PHE W 21 -46.75 -80.80 15.24
C PHE W 21 -48.16 -80.24 15.04
N ASP W 22 -48.22 -79.00 14.56
CA ASP W 22 -49.46 -78.38 14.16
C ASP W 22 -49.34 -77.85 12.72
N ILE W 23 -50.51 -77.59 12.16
CA ILE W 23 -50.64 -77.13 10.79
C ILE W 23 -49.62 -76.02 10.39
N SER W 24 -49.35 -75.12 11.35
CA SER W 24 -48.35 -74.07 11.16
C SER W 24 -46.98 -74.67 10.89
N MET W 25 -46.51 -75.49 11.82
CA MET W 25 -45.20 -76.12 11.68
C MET W 25 -45.17 -76.90 10.36
N ALA W 26 -46.26 -77.65 10.10
CA ALA W 26 -46.36 -78.43 8.83
C ALA W 26 -46.10 -77.53 7.62
N ILE W 27 -46.88 -76.45 7.56
CA ILE W 27 -46.72 -75.51 6.47
C ILE W 27 -45.30 -74.88 6.42
N SER W 28 -44.72 -74.52 7.57
CA SER W 28 -43.37 -73.92 7.63
C SER W 28 -42.34 -74.81 6.96
N TYR W 29 -42.35 -76.07 7.35
CA TYR W 29 -41.38 -77.02 6.84
C TYR W 29 -41.69 -77.33 5.37
N LEU W 30 -42.99 -77.47 5.06
CA LEU W 30 -43.38 -77.61 3.64
C LEU W 30 -42.80 -76.48 2.80
N TYR W 31 -42.85 -75.26 3.34
CA TYR W 31 -42.38 -74.08 2.64
C TYR W 31 -40.84 -74.01 2.57
N ASN W 32 -40.17 -74.42 3.65
CA ASN W 32 -38.70 -74.21 3.76
C ASN W 32 -37.82 -75.40 3.36
N SER W 33 -38.17 -76.60 3.80
CA SER W 33 -37.41 -77.79 3.40
C SER W 33 -37.41 -77.97 1.87
N LYS W 34 -36.23 -78.22 1.30
CA LYS W 34 -36.11 -78.55 -0.13
C LYS W 34 -36.01 -80.05 -0.33
N GLU W 35 -36.19 -80.80 0.76
CA GLU W 35 -36.09 -82.26 0.73
C GLU W 35 -37.43 -82.84 0.24
N PRO W 36 -37.42 -83.56 -0.90
CA PRO W 36 -38.69 -84.07 -1.42
C PRO W 36 -39.37 -85.10 -0.51
N GLY W 37 -38.59 -85.82 0.28
CA GLY W 37 -39.13 -86.81 1.21
C GLY W 37 -39.91 -86.16 2.35
N VAL W 38 -39.51 -84.93 2.70
CA VAL W 38 -40.16 -84.19 3.77
C VAL W 38 -41.48 -83.63 3.25
N GLN W 39 -41.39 -82.99 2.10
CA GLN W 39 -42.54 -82.46 1.40
C GLN W 39 -43.64 -83.54 1.30
N ALA W 40 -43.26 -84.71 0.79
CA ALA W 40 -44.18 -85.85 0.66
C ALA W 40 -44.71 -86.33 2.03
N TYR W 41 -43.83 -86.43 3.03
CA TYR W 41 -44.27 -86.85 4.36
C TYR W 41 -45.31 -85.91 4.95
N ILE W 42 -45.11 -84.61 4.72
CA ILE W 42 -46.07 -83.64 5.25
C ILE W 42 -47.36 -83.65 4.42
N GLY W 43 -47.21 -83.70 3.09
CA GLY W 43 -48.35 -83.92 2.20
C GLY W 43 -49.28 -85.03 2.68
N ASN W 44 -48.68 -86.12 3.19
CA ASN W 44 -49.45 -87.23 3.77
C ASN W 44 -50.05 -86.85 5.12
N ARG W 45 -49.30 -86.13 5.95
CA ARG W 45 -49.78 -85.83 7.29
C ARG W 45 -50.89 -84.76 7.33
N LEU W 46 -51.04 -83.97 6.26
CA LEU W 46 -52.20 -83.03 6.18
C LEU W 46 -53.53 -83.70 6.48
N PHE W 47 -53.68 -84.91 5.93
CA PHE W 47 -54.88 -85.69 6.13
C PHE W 47 -55.15 -85.85 7.60
N CYS W 48 -54.08 -85.96 8.39
CA CYS W 48 -54.22 -86.21 9.80
C CYS W 48 -54.84 -85.00 10.59
N PHE W 49 -54.75 -83.77 10.09
CA PHE W 49 -55.30 -82.60 10.83
C PHE W 49 -56.83 -82.39 10.76
N ARG W 50 -57.36 -81.62 11.73
CA ARG W 50 -58.75 -81.14 11.68
C ARG W 50 -58.96 -80.16 10.55
N ASN W 51 -60.01 -80.44 9.79
CA ASN W 51 -60.42 -79.62 8.66
C ASN W 51 -60.43 -78.10 8.91
N GLU W 52 -60.89 -77.72 10.10
CA GLU W 52 -61.12 -76.32 10.46
C GLU W 52 -59.77 -75.61 10.48
N ASP W 53 -58.76 -76.30 11.03
CA ASP W 53 -57.46 -75.69 11.28
C ASP W 53 -56.74 -75.48 9.96
N VAL W 54 -56.89 -76.44 9.05
CA VAL W 54 -56.23 -76.39 7.74
C VAL W 54 -56.93 -75.36 6.85
N ASP W 55 -58.28 -75.33 6.94
CA ASP W 55 -59.10 -74.38 6.15
C ASP W 55 -58.49 -72.94 6.12
N PHE W 56 -58.19 -72.45 7.33
CA PHE W 56 -57.60 -71.11 7.52
C PHE W 56 -56.39 -70.82 6.63
N TYR W 57 -55.65 -71.86 6.26
CA TYR W 57 -54.42 -71.67 5.48
C TYR W 57 -54.60 -72.02 4.01
N LEU W 58 -55.85 -72.24 3.58
CA LEU W 58 -56.06 -72.67 2.19
C LEU W 58 -55.41 -71.75 1.14
N PRO W 59 -55.44 -70.42 1.38
CA PRO W 59 -54.80 -69.57 0.39
C PRO W 59 -53.30 -69.83 0.26
N GLN W 60 -52.65 -70.16 1.38
CA GLN W 60 -51.20 -70.38 1.40
C GLN W 60 -50.88 -71.64 0.60
N LEU W 61 -51.54 -72.71 0.99
CA LEU W 61 -51.36 -73.97 0.31
C LEU W 61 -51.52 -73.78 -1.20
N LEU W 62 -52.65 -73.20 -1.60
CA LEU W 62 -52.94 -72.98 -3.02
C LEU W 62 -51.93 -72.04 -3.70
N ASN W 63 -51.46 -71.01 -2.99
CA ASN W 63 -50.43 -70.14 -3.55
C ASN W 63 -49.13 -70.92 -3.82
N MET W 64 -48.70 -71.65 -2.80
CA MET W 64 -47.55 -72.54 -2.95
C MET W 64 -47.73 -73.50 -4.14
N TYR W 65 -48.87 -74.21 -4.20
CA TYR W 65 -49.16 -75.12 -5.34
C TYR W 65 -48.88 -74.45 -6.70
N ILE W 66 -49.41 -73.23 -6.84
CA ILE W 66 -49.32 -72.48 -8.09
C ILE W 66 -47.88 -72.08 -8.36
N HIS W 67 -47.26 -71.42 -7.38
CA HIS W 67 -46.02 -70.71 -7.68
C HIS W 67 -44.73 -71.44 -7.33
N MET W 68 -44.83 -72.60 -6.70
CA MET W 68 -43.65 -73.33 -6.24
C MET W 68 -43.33 -74.54 -7.11
N ASP W 69 -42.21 -75.18 -6.77
CA ASP W 69 -41.76 -76.45 -7.36
C ASP W 69 -42.90 -77.42 -7.57
N GLU W 70 -42.88 -78.10 -8.71
CA GLU W 70 -43.84 -79.15 -8.98
C GLU W 70 -43.93 -80.16 -7.81
N ASP W 71 -42.76 -80.56 -7.29
CA ASP W 71 -42.63 -81.38 -6.07
C ASP W 71 -43.61 -80.93 -4.99
N VAL W 72 -43.65 -79.63 -4.74
CA VAL W 72 -44.41 -79.06 -3.63
C VAL W 72 -45.90 -79.16 -3.94
N GLY W 73 -46.28 -78.70 -5.13
CA GLY W 73 -47.64 -78.84 -5.62
C GLY W 73 -48.16 -80.25 -5.49
N ASP W 74 -47.39 -81.19 -6.03
CA ASP W 74 -47.84 -82.59 -6.08
C ASP W 74 -48.01 -83.25 -4.70
N ALA W 75 -47.29 -82.74 -3.68
CA ALA W 75 -47.44 -83.22 -2.29
C ALA W 75 -48.75 -82.72 -1.65
N ILE W 76 -49.19 -81.54 -2.08
CA ILE W 76 -50.39 -80.92 -1.52
C ILE W 76 -51.69 -81.42 -2.16
N LYS W 77 -51.63 -81.67 -3.47
CA LYS W 77 -52.80 -81.95 -4.29
C LYS W 77 -53.78 -83.02 -3.74
N PRO W 78 -53.28 -84.24 -3.47
CA PRO W 78 -54.19 -85.34 -3.08
C PRO W 78 -55.10 -84.98 -1.88
N TYR W 79 -54.55 -84.27 -0.89
CA TYR W 79 -55.33 -83.78 0.25
C TYR W 79 -56.43 -82.83 -0.21
N ILE W 80 -56.05 -81.93 -1.10
CA ILE W 80 -57.00 -80.96 -1.59
C ILE W 80 -58.12 -81.68 -2.33
N VAL W 81 -57.74 -82.55 -3.27
CA VAL W 81 -58.71 -83.41 -3.99
C VAL W 81 -59.64 -84.10 -2.98
N HIS W 82 -59.02 -84.72 -1.97
CA HIS W 82 -59.80 -85.38 -0.92
C HIS W 82 -60.83 -84.42 -0.29
N ARG W 83 -60.39 -83.21 0.09
CA ARG W 83 -61.35 -82.24 0.67
C ARG W 83 -62.46 -81.83 -0.31
N CYS W 84 -62.03 -81.53 -1.54
CA CYS W 84 -62.92 -81.15 -2.64
C CYS W 84 -64.04 -82.16 -2.89
N ARG W 85 -63.73 -83.45 -2.73
CA ARG W 85 -64.74 -84.50 -2.91
C ARG W 85 -65.81 -84.57 -1.82
N GLN W 86 -65.52 -84.05 -0.63
CA GLN W 86 -66.44 -84.21 0.52
C GLN W 86 -67.18 -82.92 0.87
N SER W 87 -66.87 -81.83 0.16
CA SER W 87 -67.51 -80.56 0.39
C SER W 87 -67.46 -79.73 -0.90
N ILE W 88 -68.61 -79.39 -1.45
CA ILE W 88 -68.62 -78.53 -2.64
C ILE W 88 -68.30 -77.07 -2.27
N ASN W 89 -68.63 -76.65 -1.05
CA ASN W 89 -68.19 -75.35 -0.54
C ASN W 89 -66.66 -75.29 -0.70
N PHE W 90 -65.98 -76.29 -0.16
CA PHE W 90 -64.52 -76.41 -0.30
C PHE W 90 -64.07 -76.33 -1.76
N SER W 91 -64.73 -77.11 -2.62
CA SER W 91 -64.41 -77.10 -4.05
C SER W 91 -64.49 -75.67 -4.60
N LEU W 92 -65.57 -74.98 -4.22
CA LEU W 92 -65.82 -73.63 -4.69
C LEU W 92 -64.69 -72.69 -4.36
N GLN W 93 -64.30 -72.65 -3.10
CA GLN W 93 -63.27 -71.74 -2.66
C GLN W 93 -61.94 -72.04 -3.38
N CYS W 94 -61.64 -73.34 -3.54
CA CYS W 94 -60.47 -73.78 -4.30
C CYS W 94 -60.54 -73.21 -5.71
N ALA W 95 -61.65 -73.48 -6.40
CA ALA W 95 -61.81 -73.00 -7.79
C ALA W 95 -61.64 -71.46 -7.87
N LEU W 96 -62.30 -70.75 -6.94
CA LEU W 96 -62.22 -69.29 -6.91
C LEU W 96 -60.82 -68.77 -6.67
N LEU W 97 -60.16 -69.33 -5.66
CA LEU W 97 -58.80 -68.93 -5.31
C LEU W 97 -57.75 -69.26 -6.40
N LEU W 98 -57.83 -70.48 -6.92
CA LEU W 98 -56.94 -70.90 -8.02
C LEU W 98 -56.98 -69.89 -9.18
N GLY W 99 -58.19 -69.50 -9.58
CA GLY W 99 -58.39 -68.53 -10.66
C GLY W 99 -57.87 -67.16 -10.30
N ALA W 100 -58.23 -66.68 -9.13
CA ALA W 100 -57.78 -65.39 -8.66
C ALA W 100 -56.25 -65.25 -8.53
N TYR W 101 -55.58 -66.30 -8.06
CA TYR W 101 -54.11 -66.21 -7.82
C TYR W 101 -53.22 -66.58 -9.03
N SER W 102 -53.79 -66.45 -10.23
CA SER W 102 -53.06 -66.64 -11.48
C SER W 102 -53.53 -65.71 -12.60
N SER W 103 -52.85 -64.58 -12.73
CA SER W 103 -53.02 -63.66 -13.85
C SER W 103 -51.72 -62.84 -14.03
N ARG W 114 -50.27 -73.76 -14.72
CA ARG W 114 -50.28 -74.66 -13.56
C ARG W 114 -51.64 -74.64 -12.86
N GLY W 115 -52.20 -73.44 -12.66
CA GLY W 115 -53.41 -73.33 -11.84
C GLY W 115 -54.62 -73.83 -12.59
N THR W 116 -54.66 -73.36 -13.82
CA THR W 116 -55.73 -73.58 -14.75
C THR W 116 -56.16 -75.08 -14.91
N LYS W 117 -55.19 -76.00 -15.09
CA LYS W 117 -55.52 -77.41 -15.35
C LYS W 117 -56.34 -78.01 -14.19
N LEU W 118 -55.99 -77.67 -12.95
CA LEU W 118 -56.66 -78.22 -11.77
C LEU W 118 -58.03 -77.59 -11.49
N ARG W 119 -58.12 -76.29 -11.74
CA ARG W 119 -59.39 -75.56 -11.59
C ARG W 119 -60.49 -76.22 -12.42
N LYS W 120 -60.17 -76.42 -13.69
CA LYS W 120 -61.07 -77.11 -14.61
C LYS W 120 -61.44 -78.53 -14.12
N LEU W 121 -60.46 -79.22 -13.54
CA LEU W 121 -60.68 -80.55 -12.98
C LEU W 121 -61.58 -80.54 -11.73
N ILE W 122 -61.50 -79.48 -10.93
CA ILE W 122 -62.40 -79.32 -9.77
C ILE W 122 -63.79 -78.95 -10.22
N LEU W 123 -63.87 -77.96 -11.11
CA LEU W 123 -65.14 -77.58 -11.72
C LEU W 123 -65.79 -78.77 -12.47
N SER W 124 -64.99 -79.69 -13.03
CA SER W 124 -65.51 -81.01 -13.50
C SER W 124 -65.94 -81.90 -12.33
N ARG W 188 -73.69 -79.13 -11.89
CA ARG W 188 -72.75 -79.53 -10.86
C ARG W 188 -72.63 -78.47 -9.78
N LEU W 189 -72.07 -77.32 -10.17
CA LEU W 189 -71.95 -76.12 -9.35
C LEU W 189 -72.61 -74.93 -10.05
N ALA W 190 -73.27 -75.22 -11.17
CA ALA W 190 -73.80 -74.20 -12.06
C ALA W 190 -74.74 -73.22 -11.34
N PRO W 191 -75.67 -73.72 -10.50
CA PRO W 191 -76.56 -72.81 -9.77
C PRO W 191 -75.81 -71.69 -9.05
N GLU W 192 -74.83 -72.09 -8.24
CA GLU W 192 -74.02 -71.15 -7.47
C GLU W 192 -73.22 -70.21 -8.40
N ARG W 193 -72.51 -70.79 -9.37
CA ARG W 193 -71.66 -70.00 -10.29
C ARG W 193 -72.46 -68.97 -11.10
N GLU W 194 -73.67 -69.36 -11.47
CA GLU W 194 -74.55 -68.48 -12.20
C GLU W 194 -75.18 -67.45 -11.26
N PHE W 195 -75.59 -67.90 -10.08
CA PHE W 195 -76.02 -66.98 -9.03
C PHE W 195 -74.98 -65.87 -8.80
N ILE W 196 -73.71 -66.25 -8.69
CA ILE W 196 -72.62 -65.27 -8.47
C ILE W 196 -72.37 -64.42 -9.71
N LYS W 197 -72.32 -65.08 -10.87
CA LYS W 197 -72.17 -64.32 -12.11
C LYS W 197 -73.25 -63.23 -12.25
N SER W 198 -74.51 -63.58 -11.95
CA SER W 198 -75.60 -62.59 -12.02
C SER W 198 -75.38 -61.43 -11.04
N LEU W 199 -75.03 -61.76 -9.80
CA LEU W 199 -74.73 -60.72 -8.78
C LEU W 199 -73.61 -59.81 -9.26
N MET W 200 -72.56 -60.40 -9.81
CA MET W 200 -71.46 -59.63 -10.40
C MET W 200 -71.95 -58.73 -11.53
N ALA W 201 -72.76 -59.32 -12.41
CA ALA W 201 -73.28 -58.66 -13.61
C ALA W 201 -74.10 -57.44 -13.24
N ILE W 202 -74.98 -57.62 -12.25
CA ILE W 202 -75.77 -56.50 -11.72
C ILE W 202 -74.90 -55.29 -11.36
N GLY W 203 -73.92 -55.53 -10.49
CA GLY W 203 -73.02 -54.47 -10.05
C GLY W 203 -72.36 -53.68 -11.16
N LYS W 204 -71.96 -54.39 -12.22
CA LYS W 204 -71.30 -53.77 -13.37
C LYS W 204 -72.20 -52.81 -14.12
N ARG W 205 -73.51 -53.13 -14.15
CA ARG W 205 -74.46 -52.30 -14.90
C ARG W 205 -74.62 -50.94 -14.24
N LEU W 206 -74.54 -50.90 -12.91
CA LEU W 206 -74.78 -49.68 -12.14
C LEU W 206 -73.81 -48.55 -12.45
N ALA W 207 -72.70 -48.88 -13.11
CA ALA W 207 -71.75 -47.88 -13.57
C ALA W 207 -72.35 -46.70 -14.38
N THR W 208 -73.38 -46.97 -15.19
CA THR W 208 -74.00 -45.93 -16.02
C THR W 208 -74.92 -44.97 -15.25
N LEU W 209 -75.26 -45.30 -14.00
CA LEU W 209 -76.11 -44.40 -13.19
C LEU W 209 -75.27 -43.54 -12.21
N PRO W 210 -75.09 -42.23 -12.51
CA PRO W 210 -74.16 -41.36 -11.80
C PRO W 210 -74.49 -41.03 -10.32
N THR W 211 -75.68 -41.35 -9.82
CA THR W 211 -76.00 -41.06 -8.41
C THR W 211 -76.40 -42.32 -7.63
N LYS W 212 -76.10 -42.25 -6.33
CA LYS W 212 -76.41 -43.28 -5.35
C LYS W 212 -77.87 -43.74 -5.48
N GLU W 213 -78.79 -42.77 -5.36
CA GLU W 213 -80.24 -43.02 -5.38
C GLU W 213 -80.74 -43.75 -6.65
N GLN W 214 -80.26 -43.33 -7.83
CA GLN W 214 -80.61 -43.98 -9.10
C GLN W 214 -80.12 -45.42 -9.11
N LYS W 215 -78.88 -45.59 -8.66
CA LYS W 215 -78.25 -46.89 -8.58
C LYS W 215 -79.07 -47.84 -7.70
N THR W 216 -79.36 -47.37 -6.48
CA THR W 216 -80.14 -48.17 -5.52
C THR W 216 -81.46 -48.63 -6.15
N GLN W 217 -82.13 -47.72 -6.86
CA GLN W 217 -83.40 -48.05 -7.50
C GLN W 217 -83.26 -49.19 -8.50
N ARG W 218 -82.23 -49.15 -9.33
CA ARG W 218 -82.01 -50.23 -10.32
C ARG W 218 -81.61 -51.53 -9.64
N LEU W 219 -80.77 -51.40 -8.62
CA LEU W 219 -80.35 -52.54 -7.83
C LEU W 219 -81.59 -53.23 -7.29
N ILE W 220 -82.42 -52.47 -6.55
CA ILE W 220 -83.64 -53.04 -5.89
C ILE W 220 -84.52 -53.78 -6.89
N SER W 221 -84.80 -53.13 -8.01
CA SER W 221 -85.58 -53.77 -9.06
C SER W 221 -84.89 -55.04 -9.51
N GLU W 222 -83.60 -54.95 -9.87
CA GLU W 222 -82.91 -56.10 -10.50
C GLU W 222 -82.67 -57.30 -9.56
N LEU W 223 -82.55 -57.02 -8.27
CA LEU W 223 -82.46 -58.06 -7.25
C LEU W 223 -83.72 -58.89 -7.11
N SER W 224 -84.88 -58.24 -7.27
CA SER W 224 -86.17 -58.91 -7.12
C SER W 224 -86.30 -60.10 -8.08
N LEU W 225 -85.66 -59.98 -9.26
CA LEU W 225 -85.72 -60.99 -10.32
C LEU W 225 -85.00 -62.28 -9.90
N LEU W 226 -84.02 -62.17 -9.01
CA LEU W 226 -83.28 -63.34 -8.55
C LEU W 226 -84.10 -64.25 -7.64
N ASN W 227 -85.08 -63.69 -6.91
CA ASN W 227 -86.01 -64.52 -6.09
C ASN W 227 -86.78 -65.53 -6.93
N HIS W 228 -86.97 -65.18 -8.18
CA HIS W 228 -87.59 -66.06 -9.16
C HIS W 228 -86.80 -67.36 -9.34
N LYS W 229 -85.51 -67.36 -8.99
CA LYS W 229 -84.72 -68.59 -9.06
C LYS W 229 -84.46 -69.29 -7.71
N LEU W 230 -85.11 -68.81 -6.64
CA LEU W 230 -84.89 -69.35 -5.29
C LEU W 230 -86.12 -70.04 -4.73
N PRO W 231 -85.91 -71.05 -3.83
CA PRO W 231 -84.63 -71.55 -3.37
C PRO W 231 -83.99 -72.56 -4.33
N ALA W 232 -82.66 -72.70 -4.23
CA ALA W 232 -81.86 -73.58 -5.11
C ALA W 232 -80.64 -74.14 -4.38
N ARG W 233 -79.84 -74.94 -5.09
CA ARG W 233 -78.55 -75.43 -4.59
C ARG W 233 -77.52 -74.26 -4.60
N VAL W 234 -77.73 -73.26 -3.74
CA VAL W 234 -76.90 -72.04 -3.68
C VAL W 234 -76.73 -71.50 -2.23
N TRP W 235 -75.58 -70.90 -1.95
CA TRP W 235 -75.21 -70.48 -0.58
C TRP W 235 -74.24 -69.31 -0.58
N LEU W 236 -74.04 -68.74 0.59
CA LEU W 236 -73.08 -67.68 0.84
C LEU W 236 -71.87 -68.23 1.62
N PRO W 237 -70.76 -68.44 0.93
CA PRO W 237 -69.54 -69.00 1.55
C PRO W 237 -69.07 -68.22 2.80
N THR W 238 -69.41 -66.94 2.86
CA THR W 238 -69.10 -66.09 4.00
C THR W 238 -69.91 -66.43 5.28
N ALA W 239 -70.85 -67.38 5.21
CA ALA W 239 -71.67 -67.73 6.39
C ALA W 239 -70.99 -68.69 7.36
N GLY W 240 -71.21 -68.42 8.66
CA GLY W 240 -70.65 -69.25 9.71
C GLY W 240 -71.06 -70.72 9.68
N PHE W 241 -72.11 -71.05 8.93
CA PHE W 241 -72.73 -72.38 8.99
C PHE W 241 -73.14 -72.91 7.60
N ASP W 242 -73.61 -74.16 7.54
CA ASP W 242 -74.20 -74.73 6.33
C ASP W 242 -75.63 -74.28 6.22
N HIS W 243 -76.07 -74.05 4.99
CA HIS W 243 -77.38 -73.48 4.77
C HIS W 243 -77.82 -73.56 3.30
N HIS W 244 -79.10 -73.26 3.09
CA HIS W 244 -79.64 -72.99 1.76
C HIS W 244 -80.18 -71.54 1.76
N VAL W 245 -79.89 -70.80 0.67
CA VAL W 245 -80.48 -69.46 0.44
C VAL W 245 -81.90 -69.58 -0.10
N VAL W 246 -82.84 -68.85 0.51
CA VAL W 246 -84.26 -68.97 0.11
C VAL W 246 -84.84 -67.71 -0.56
N ARG W 247 -84.41 -66.54 -0.08
CA ARG W 247 -85.07 -65.29 -0.41
C ARG W 247 -84.16 -64.06 -0.24
N VAL W 248 -84.32 -63.08 -1.13
CA VAL W 248 -83.60 -61.80 -1.06
C VAL W 248 -84.58 -60.64 -0.86
N PRO W 249 -84.55 -60.03 0.34
CA PRO W 249 -85.35 -58.84 0.59
C PRO W 249 -84.80 -57.61 -0.15
N HIS W 250 -85.00 -57.65 -1.46
CA HIS W 250 -84.55 -56.62 -2.40
C HIS W 250 -84.82 -55.16 -1.98
N THR W 251 -85.98 -54.87 -1.40
CA THR W 251 -86.29 -53.49 -0.99
C THR W 251 -85.29 -52.96 0.05
N GLN W 252 -84.63 -53.89 0.75
CA GLN W 252 -83.72 -53.49 1.83
C GLN W 252 -82.29 -53.25 1.36
N ALA W 253 -81.97 -53.72 0.16
CA ALA W 253 -80.64 -53.58 -0.39
C ALA W 253 -80.35 -52.11 -0.72
N VAL W 254 -79.09 -51.74 -0.61
CA VAL W 254 -78.64 -50.36 -0.80
C VAL W 254 -77.24 -50.32 -1.41
N VAL W 255 -76.99 -49.29 -2.22
CA VAL W 255 -75.69 -49.06 -2.85
C VAL W 255 -74.94 -48.02 -2.02
N LEU W 256 -73.62 -48.18 -1.90
CA LEU W 256 -72.85 -47.47 -0.87
C LEU W 256 -72.25 -46.11 -1.27
N ASN W 257 -71.93 -45.92 -2.54
CA ASN W 257 -71.35 -44.64 -3.01
C ASN W 257 -71.70 -44.33 -4.46
N SER W 258 -71.27 -43.16 -4.93
CA SER W 258 -71.57 -42.69 -6.30
C SER W 258 -70.49 -43.06 -7.32
N LYS W 259 -69.57 -43.94 -6.91
CA LYS W 259 -68.41 -44.27 -7.73
C LYS W 259 -68.73 -45.19 -8.91
N ASP W 260 -67.79 -45.22 -9.83
CA ASP W 260 -67.91 -45.89 -11.13
C ASP W 260 -68.23 -47.38 -10.99
N LYS W 261 -67.51 -48.07 -10.11
CA LYS W 261 -67.75 -49.47 -9.83
C LYS W 261 -68.12 -49.64 -8.38
N ALA W 262 -69.25 -49.03 -8.05
CA ALA W 262 -69.68 -48.96 -6.67
C ALA W 262 -69.97 -50.36 -6.11
N PRO W 263 -69.58 -50.57 -4.85
CA PRO W 263 -70.02 -51.74 -4.14
C PRO W 263 -71.46 -51.57 -3.64
N TYR W 264 -72.15 -52.68 -3.40
CA TYR W 264 -73.51 -52.63 -2.89
C TYR W 264 -73.77 -53.68 -1.81
N LEU W 265 -74.57 -53.30 -0.82
CA LEU W 265 -74.85 -54.18 0.33
C LEU W 265 -76.21 -54.82 0.15
N ILE W 266 -76.30 -56.12 0.44
CA ILE W 266 -77.59 -56.80 0.41
C ILE W 266 -77.78 -57.67 1.65
N TYR W 267 -79.05 -57.91 1.96
CA TYR W 267 -79.40 -58.85 3.01
C TYR W 267 -79.98 -60.09 2.35
N VAL W 268 -79.66 -61.26 2.93
CA VAL W 268 -80.07 -62.56 2.33
C VAL W 268 -80.69 -63.47 3.40
N GLU W 269 -81.77 -64.16 3.01
CA GLU W 269 -82.47 -65.10 3.91
C GLU W 269 -82.03 -66.54 3.63
N VAL W 270 -81.80 -67.29 4.73
CA VAL W 270 -81.34 -68.68 4.63
C VAL W 270 -81.97 -69.61 5.65
N LEU W 271 -81.93 -70.89 5.30
CA LEU W 271 -82.38 -71.95 6.21
C LEU W 271 -81.21 -72.83 6.60
N GLU W 272 -80.90 -72.86 7.90
CA GLU W 272 -79.72 -73.59 8.39
C GLU W 272 -79.77 -75.11 8.13
N CYS W 273 -78.60 -75.67 7.88
CA CYS W 273 -78.44 -77.12 7.72
C CYS W 273 -77.57 -77.66 8.83
N GLU W 274 -77.57 -78.98 8.97
CA GLU W 274 -76.51 -79.67 9.70
C GLU W 274 -75.43 -80.10 8.72
N ASN W 275 -75.87 -80.56 7.55
CA ASN W 275 -74.98 -80.79 6.44
C ASN W 275 -75.65 -80.44 5.11
N PHE W 276 -75.02 -79.55 4.35
CA PHE W 276 -75.50 -79.11 3.04
C PHE W 276 -75.50 -80.21 1.96
N ASP W 277 -74.41 -80.97 1.93
CA ASP W 277 -74.11 -81.86 0.81
C ASP W 277 -75.15 -82.98 0.65
N THR W 278 -75.89 -83.27 1.74
CA THR W 278 -76.75 -84.44 1.81
C THR W 278 -78.23 -84.12 2.08
N THR W 279 -78.63 -82.86 1.89
CA THR W 279 -79.97 -82.46 2.34
C THR W 279 -80.76 -81.66 1.29
N SER W 280 -82.08 -81.73 1.46
CA SER W 280 -83.04 -80.75 0.94
C SER W 280 -82.91 -80.20 -0.48
N VAL W 281 -82.39 -78.96 -0.55
CA VAL W 281 -82.97 -77.82 -1.32
C VAL W 281 -84.47 -77.67 -0.95
N PRO W 282 -84.80 -76.83 0.06
CA PRO W 282 -86.19 -76.73 0.51
C PRO W 282 -87.13 -76.21 -0.57
N ALA W 283 -88.42 -76.24 -0.28
CA ALA W 283 -89.46 -75.95 -1.25
C ALA W 283 -89.79 -74.46 -1.28
N ARG W 284 -90.12 -73.96 -2.48
CA ARG W 284 -90.50 -72.57 -2.64
C ARG W 284 -91.78 -72.26 -1.86
N ILE W 285 -91.86 -71.04 -1.32
CA ILE W 285 -93.09 -70.51 -0.72
C ILE W 285 -93.40 -69.18 -1.42
N PRO W 286 -94.52 -69.12 -2.18
CA PRO W 286 -94.66 -68.08 -3.21
C PRO W 286 -94.74 -66.61 -2.78
N GLU W 287 -95.06 -66.32 -1.52
CA GLU W 287 -94.91 -64.94 -0.95
C GLU W 287 -96.15 -64.05 -1.02
N ASN W 288 -96.10 -62.95 -0.27
CA ASN W 288 -96.85 -61.73 -0.57
C ASN W 288 -96.01 -60.51 -0.30
N PRO W 295 -94.44 -51.78 3.66
CA PRO W 295 -94.52 -52.06 5.10
C PRO W 295 -93.27 -52.78 5.65
N SER W 296 -93.08 -54.07 5.31
CA SER W 296 -91.76 -54.70 5.50
C SER W 296 -90.88 -54.14 4.38
N ALA W 297 -91.52 -53.64 3.32
CA ALA W 297 -90.81 -53.07 2.16
C ALA W 297 -90.06 -51.76 2.42
N VAL W 298 -90.54 -50.94 3.36
CA VAL W 298 -89.92 -49.61 3.60
C VAL W 298 -88.54 -49.75 4.29
N ALA W 299 -87.57 -48.94 3.86
CA ALA W 299 -86.19 -49.01 4.37
C ALA W 299 -85.81 -47.71 5.11
N LEU W 300 -85.36 -47.81 6.36
CA LEU W 300 -84.79 -46.66 7.09
C LEU W 300 -83.70 -47.08 8.12
N LYS W 301 -82.90 -46.10 8.53
CA LYS W 301 -81.88 -46.32 9.56
C LYS W 301 -82.47 -46.82 10.87
N GLU W 302 -82.12 -48.06 11.21
CA GLU W 302 -82.56 -48.73 12.42
C GLU W 302 -81.50 -49.80 12.83
N PRO W 303 -81.42 -50.16 14.13
CA PRO W 303 -80.55 -51.26 14.56
C PRO W 303 -80.73 -52.59 13.79
N TRP W 304 -79.76 -53.48 13.88
CA TRP W 304 -79.75 -54.76 13.16
C TRP W 304 -80.91 -55.67 13.58
N GLN W 305 -81.15 -55.78 14.89
CA GLN W 305 -82.22 -56.67 15.40
C GLN W 305 -83.63 -56.14 15.08
N GLU W 306 -83.77 -54.83 15.02
CA GLU W 306 -85.03 -54.23 14.60
C GLU W 306 -85.26 -54.45 13.09
N LYS W 307 -84.18 -54.49 12.32
CA LYS W 307 -84.25 -54.78 10.89
C LYS W 307 -84.49 -56.28 10.62
N VAL W 308 -83.93 -57.16 11.45
CA VAL W 308 -84.24 -58.61 11.35
C VAL W 308 -85.74 -58.84 11.58
N ARG W 309 -86.28 -58.23 12.63
CA ARG W 309 -87.71 -58.28 12.95
C ARG W 309 -88.58 -57.95 11.72
N ARG W 310 -88.37 -56.74 11.19
CA ARG W 310 -89.14 -56.22 10.04
C ARG W 310 -89.11 -57.13 8.82
N ILE W 311 -87.92 -57.61 8.47
CA ILE W 311 -87.76 -58.45 7.29
C ILE W 311 -88.36 -59.83 7.55
N ARG W 312 -88.08 -60.39 8.73
CA ARG W 312 -88.59 -61.70 9.14
C ARG W 312 -90.12 -61.69 9.08
N GLU W 313 -90.72 -60.73 9.78
CA GLU W 313 -92.19 -60.62 9.84
C GLU W 313 -92.86 -60.51 8.45
N GLY W 314 -92.22 -59.81 7.53
CA GLY W 314 -92.70 -59.73 6.15
C GLY W 314 -92.41 -60.98 5.32
N SER W 315 -91.50 -61.84 5.77
CA SER W 315 -91.06 -62.95 4.94
C SER W 315 -91.94 -64.19 5.03
N PRO W 316 -92.18 -64.84 3.86
CA PRO W 316 -92.83 -66.16 3.83
C PRO W 316 -92.22 -67.15 4.83
N TYR W 317 -90.88 -67.20 4.85
CA TYR W 317 -90.14 -68.19 5.60
C TYR W 317 -89.83 -67.75 7.05
N GLY W 318 -90.22 -66.53 7.42
CA GLY W 318 -89.77 -65.91 8.68
C GLY W 318 -90.21 -66.61 9.95
N HIS W 319 -91.35 -67.27 9.89
CA HIS W 319 -91.85 -68.08 10.99
C HIS W 319 -90.91 -69.23 11.46
N LEU W 320 -90.15 -69.84 10.55
CA LEU W 320 -89.35 -71.05 10.86
C LEU W 320 -88.23 -70.78 11.89
N PRO W 321 -87.94 -71.78 12.75
CA PRO W 321 -86.79 -71.70 13.66
C PRO W 321 -85.48 -71.90 12.90
N ASN W 322 -85.63 -72.53 11.74
CA ASN W 322 -84.55 -72.86 10.83
C ASN W 322 -83.95 -71.63 10.12
N TRP W 323 -84.66 -70.51 10.22
CA TRP W 323 -84.43 -69.30 9.42
C TRP W 323 -83.41 -68.38 10.05
N ARG W 324 -82.48 -67.89 9.23
CA ARG W 324 -81.53 -66.86 9.69
C ARG W 324 -81.28 -65.82 8.59
N LEU W 325 -80.82 -64.63 9.02
CA LEU W 325 -80.52 -63.53 8.10
C LEU W 325 -79.02 -63.19 8.00
N LEU W 326 -78.50 -63.12 6.76
CA LEU W 326 -77.09 -62.76 6.53
C LEU W 326 -76.97 -61.45 5.76
N SER W 327 -75.73 -60.97 5.62
CA SER W 327 -75.45 -59.73 4.89
C SER W 327 -74.06 -59.82 4.22
N VAL W 328 -73.96 -59.29 3.00
CA VAL W 328 -72.68 -59.17 2.30
C VAL W 328 -72.63 -57.88 1.48
N ILE W 329 -71.43 -57.31 1.41
CA ILE W 329 -71.12 -56.27 0.47
C ILE W 329 -70.58 -56.96 -0.78
N VAL W 330 -71.06 -56.54 -1.96
CA VAL W 330 -70.61 -57.13 -3.22
C VAL W 330 -69.72 -56.15 -3.96
N LYS W 331 -68.46 -56.51 -4.18
CA LYS W 331 -67.55 -55.60 -4.88
C LYS W 331 -67.28 -56.20 -6.27
N CYS W 332 -67.87 -55.61 -7.29
CA CYS W 332 -67.87 -56.20 -8.63
C CYS W 332 -66.57 -55.91 -9.38
N GLY W 333 -65.95 -54.76 -9.09
CA GLY W 333 -64.75 -54.34 -9.80
C GLY W 333 -63.56 -54.04 -8.91
N ASP W 334 -63.58 -54.51 -7.66
CA ASP W 334 -62.45 -54.27 -6.74
C ASP W 334 -61.69 -55.58 -6.37
N ASP W 335 -60.35 -55.54 -6.41
CA ASP W 335 -59.53 -56.69 -6.00
C ASP W 335 -59.59 -56.82 -4.47
N LEU W 336 -59.73 -58.04 -3.96
CA LEU W 336 -59.87 -58.26 -2.51
C LEU W 336 -58.74 -59.09 -1.89
N ARG W 337 -57.64 -59.28 -2.61
CA ARG W 337 -56.63 -60.25 -2.15
C ARG W 337 -55.79 -59.67 -1.00
N GLN W 338 -55.50 -58.37 -1.08
CA GLN W 338 -54.88 -57.62 0.04
C GLN W 338 -55.81 -57.70 1.26
N GLU W 339 -57.08 -57.50 0.95
CA GLU W 339 -58.07 -57.49 1.98
C GLU W 339 -58.13 -58.86 2.68
N LEU W 340 -58.05 -59.93 1.89
CA LEU W 340 -57.97 -61.30 2.42
C LEU W 340 -56.71 -61.53 3.23
N LEU W 341 -55.58 -61.09 2.70
CA LEU W 341 -54.36 -61.23 3.50
C LEU W 341 -54.51 -60.55 4.86
N ALA W 342 -55.05 -59.32 4.85
CA ALA W 342 -55.21 -58.56 6.11
C ALA W 342 -56.07 -59.32 7.12
N PHE W 343 -57.11 -59.94 6.59
CA PHE W 343 -58.03 -60.71 7.39
C PHE W 343 -57.29 -61.78 8.20
N GLN W 344 -56.46 -62.55 7.51
CA GLN W 344 -55.68 -63.64 8.14
C GLN W 344 -54.77 -63.10 9.24
N VAL W 345 -54.11 -62.00 8.94
CA VAL W 345 -53.25 -61.37 9.92
C VAL W 345 -54.04 -60.92 11.15
N LEU W 346 -55.20 -60.30 10.91
CA LEU W 346 -56.03 -59.83 12.03
C LEU W 346 -56.49 -61.01 12.86
N LYS W 347 -56.86 -62.08 12.16
CA LYS W 347 -57.40 -63.27 12.82
C LYS W 347 -56.34 -63.93 13.65
N GLN W 348 -55.12 -64.01 13.10
CA GLN W 348 -53.99 -64.54 13.88
C GLN W 348 -53.71 -63.66 15.10
N LEU W 349 -53.60 -62.33 14.92
CA LEU W 349 -53.31 -61.46 16.06
C LEU W 349 -54.36 -61.59 17.12
N GLN W 350 -55.61 -61.75 16.66
CA GLN W 350 -56.72 -61.95 17.58
C GLN W 350 -56.49 -63.19 18.46
N SER W 351 -56.13 -64.29 17.82
CA SER W 351 -55.91 -65.54 18.54
C SER W 351 -54.71 -65.40 19.44
N ILE W 352 -53.65 -64.78 18.94
CA ILE W 352 -52.47 -64.53 19.73
C ILE W 352 -52.91 -63.78 20.98
N TRP W 353 -53.70 -62.72 20.82
CA TRP W 353 -54.11 -61.94 21.98
C TRP W 353 -55.09 -62.67 22.92
N GLU W 354 -55.91 -63.58 22.38
CA GLU W 354 -56.74 -64.44 23.25
C GLU W 354 -55.90 -65.45 24.04
N GLN W 355 -54.97 -66.10 23.35
CA GLN W 355 -54.09 -67.10 23.94
C GLN W 355 -53.22 -66.54 25.08
N GLU W 356 -52.41 -65.50 24.80
CA GLU W 356 -51.83 -64.67 25.88
C GLU W 356 -53.07 -64.03 26.42
N ARG W 357 -52.98 -63.25 27.49
CA ARG W 357 -54.24 -62.80 28.04
C ARG W 357 -54.29 -61.31 28.12
N VAL W 358 -54.30 -60.74 26.92
CA VAL W 358 -54.41 -59.32 26.70
C VAL W 358 -55.79 -59.01 26.09
N PRO W 359 -56.62 -58.22 26.80
CA PRO W 359 -57.99 -58.00 26.34
C PRO W 359 -58.11 -56.91 25.28
N LEU W 360 -57.16 -56.83 24.34
CA LEU W 360 -57.32 -55.97 23.16
C LEU W 360 -58.50 -56.49 22.35
N TRP W 361 -59.08 -55.62 21.53
CA TRP W 361 -60.26 -55.96 20.75
C TRP W 361 -60.06 -55.52 19.31
N ILE W 362 -60.29 -56.44 18.38
CA ILE W 362 -60.36 -56.10 16.96
C ILE W 362 -61.42 -56.96 16.27
N LYS W 363 -61.77 -56.59 15.05
CA LYS W 363 -62.76 -57.33 14.29
C LYS W 363 -62.25 -57.61 12.89
N PRO W 364 -61.74 -58.84 12.68
CA PRO W 364 -61.56 -59.37 11.35
C PRO W 364 -62.91 -59.53 10.68
N TYR W 365 -63.02 -59.07 9.45
CA TYR W 365 -64.25 -59.25 8.69
C TYR W 365 -63.98 -60.13 7.53
N LYS W 366 -64.87 -61.10 7.34
CA LYS W 366 -64.68 -62.17 6.37
C LYS W 366 -64.58 -61.63 4.96
N ILE W 367 -63.77 -62.31 4.16
CA ILE W 367 -63.53 -61.95 2.78
C ILE W 367 -63.79 -63.15 1.91
N LEU W 368 -64.43 -62.93 0.76
CA LEU W 368 -64.48 -63.95 -0.25
C LEU W 368 -63.95 -63.40 -1.56
N VAL W 369 -62.80 -63.92 -1.98
CA VAL W 369 -62.23 -63.57 -3.28
C VAL W 369 -62.94 -64.36 -4.35
N ILE W 370 -63.39 -63.68 -5.40
CA ILE W 370 -64.11 -64.34 -6.49
C ILE W 370 -63.31 -64.32 -7.80
N SER W 371 -62.66 -63.20 -8.07
CA SER W 371 -61.67 -63.11 -9.13
C SER W 371 -60.57 -62.14 -8.66
N ALA W 372 -59.55 -61.95 -9.50
CA ALA W 372 -58.55 -60.92 -9.25
C ALA W 372 -59.22 -59.54 -9.28
N ASP W 373 -60.38 -59.46 -9.95
CA ASP W 373 -61.18 -58.24 -10.09
C ASP W 373 -62.23 -58.05 -9.00
N SER W 374 -62.78 -59.15 -8.48
CA SER W 374 -64.03 -59.11 -7.73
C SER W 374 -64.10 -60.04 -6.48
N GLY W 375 -64.95 -59.65 -5.53
CA GLY W 375 -65.18 -60.43 -4.31
C GLY W 375 -66.29 -59.86 -3.41
N MET W 376 -66.41 -60.44 -2.21
CA MET W 376 -67.39 -60.01 -1.21
C MET W 376 -66.78 -59.84 0.18
N ILE W 377 -67.48 -59.04 1.00
CA ILE W 377 -67.07 -58.75 2.38
C ILE W 377 -68.28 -58.86 3.31
N GLU W 378 -68.12 -59.53 4.44
CA GLU W 378 -69.17 -59.54 5.47
C GLU W 378 -69.03 -58.29 6.33
N PRO W 379 -70.00 -57.36 6.25
CA PRO W 379 -69.86 -56.08 6.94
C PRO W 379 -70.15 -56.20 8.42
N VAL W 380 -69.62 -55.28 9.21
CA VAL W 380 -70.00 -55.24 10.62
C VAL W 380 -71.30 -54.46 10.70
N VAL W 381 -72.28 -55.06 11.37
CA VAL W 381 -73.59 -54.44 11.58
C VAL W 381 -73.61 -53.57 12.85
N ASN W 382 -74.59 -52.67 12.92
CA ASN W 382 -74.69 -51.68 14.00
C ASN W 382 -73.42 -50.88 14.14
N ALA W 383 -72.96 -50.40 13.00
CA ALA W 383 -71.74 -49.67 12.92
C ALA W 383 -71.82 -48.74 11.74
N VAL W 384 -71.31 -47.53 11.94
CA VAL W 384 -71.25 -46.55 10.86
C VAL W 384 -69.96 -45.73 10.98
N SER W 385 -69.58 -45.11 9.87
CA SER W 385 -68.30 -44.43 9.76
C SER W 385 -68.25 -43.27 10.77
N ILE W 386 -67.06 -43.03 11.32
CA ILE W 386 -66.86 -41.87 12.21
C ILE W 386 -67.30 -40.58 11.52
N HIS W 387 -66.90 -40.45 10.25
CA HIS W 387 -67.12 -39.23 9.49
C HIS W 387 -68.61 -38.89 9.38
N GLN W 388 -69.42 -39.90 9.05
CA GLN W 388 -70.85 -39.67 8.85
C GLN W 388 -71.57 -39.58 10.21
N VAL W 389 -71.05 -40.28 11.23
CA VAL W 389 -71.51 -40.06 12.62
C VAL W 389 -71.43 -38.59 13.05
N LYS W 390 -70.40 -37.89 12.56
CA LYS W 390 -70.25 -36.47 12.84
C LYS W 390 -71.06 -35.56 11.91
N LYS W 391 -71.43 -36.06 10.73
CA LYS W 391 -72.24 -35.28 9.79
C LYS W 391 -73.75 -35.41 10.02
N GLN W 392 -74.21 -36.58 10.46
CA GLN W 392 -75.63 -36.70 10.79
C GLN W 392 -75.93 -36.21 12.22
N SER W 393 -75.05 -36.46 13.18
CA SER W 393 -75.21 -35.91 14.56
C SER W 393 -74.94 -34.40 14.66
N GLN W 394 -73.95 -33.91 13.91
CA GLN W 394 -73.42 -32.55 14.08
C GLN W 394 -72.73 -32.37 15.44
N LEU W 395 -72.39 -33.47 16.11
CA LEU W 395 -71.80 -33.41 17.44
C LEU W 395 -70.31 -33.70 17.43
N SER W 396 -69.67 -33.42 18.57
CA SER W 396 -68.30 -33.92 18.81
C SER W 396 -68.40 -35.38 19.28
N LEU W 397 -67.38 -36.16 18.96
CA LEU W 397 -67.37 -37.61 19.19
C LEU W 397 -67.83 -37.98 20.62
N LEU W 398 -67.23 -37.26 21.57
CA LEU W 398 -67.58 -37.42 22.96
C LEU W 398 -69.04 -37.10 23.23
N ASP W 399 -69.48 -35.95 22.69
CA ASP W 399 -70.88 -35.54 22.83
C ASP W 399 -71.81 -36.65 22.30
N TYR W 400 -71.44 -37.24 21.16
CA TYR W 400 -72.18 -38.39 20.61
C TYR W 400 -72.17 -39.59 21.56
N PHE W 401 -70.98 -39.93 22.10
CA PHE W 401 -70.90 -40.99 23.15
C PHE W 401 -71.88 -40.74 24.30
N LEU W 402 -71.84 -39.50 24.80
CA LEU W 402 -72.69 -39.09 25.91
C LEU W 402 -74.17 -39.14 25.57
N GLN W 403 -74.53 -38.67 24.37
CA GLN W 403 -75.91 -38.80 23.92
C GLN W 403 -76.34 -40.27 23.83
N GLU W 404 -75.52 -41.11 23.18
CA GLU W 404 -75.95 -42.48 22.84
C GLU W 404 -75.78 -43.53 23.95
N HIS W 405 -74.92 -43.27 24.94
CA HIS W 405 -74.71 -44.22 26.05
C HIS W 405 -75.13 -43.69 27.42
N GLY W 406 -74.84 -42.41 27.68
CA GLY W 406 -75.27 -41.74 28.92
C GLY W 406 -74.13 -40.89 29.44
N SER W 407 -74.33 -40.33 30.61
CA SER W 407 -73.25 -39.56 31.25
C SER W 407 -72.07 -40.47 31.60
N TYR W 408 -70.88 -39.91 31.69
CA TYR W 408 -69.69 -40.74 32.03
C TYR W 408 -69.71 -41.37 33.43
N THR W 409 -70.72 -41.08 34.23
CA THR W 409 -70.87 -41.81 35.48
C THR W 409 -71.76 -43.05 35.32
N THR W 410 -72.29 -43.30 34.12
CA THR W 410 -73.16 -44.50 33.89
C THR W 410 -72.35 -45.73 33.45
N GLU W 411 -72.90 -46.93 33.68
CA GLU W 411 -72.25 -48.18 33.28
C GLU W 411 -72.02 -48.19 31.77
N ALA W 412 -73.13 -47.99 31.04
CA ALA W 412 -73.16 -48.03 29.58
C ALA W 412 -72.03 -47.21 28.97
N PHE W 413 -71.73 -46.06 29.59
CA PHE W 413 -70.67 -45.21 29.10
C PHE W 413 -69.30 -45.81 29.45
N LEU W 414 -69.11 -46.24 30.71
CA LEU W 414 -67.77 -46.71 31.17
C LEU W 414 -67.38 -47.97 30.41
N SER W 415 -68.36 -48.83 30.17
CA SER W 415 -68.18 -49.99 29.31
C SER W 415 -67.82 -49.61 27.86
N ALA W 416 -68.53 -48.65 27.28
CA ALA W 416 -68.26 -48.17 25.88
C ALA W 416 -66.87 -47.54 25.78
N GLN W 417 -66.47 -46.80 26.81
CA GLN W 417 -65.15 -46.16 26.89
C GLN W 417 -64.07 -47.23 26.89
N ARG W 418 -64.27 -48.24 27.73
CA ARG W 418 -63.36 -49.37 27.78
C ARG W 418 -63.23 -50.07 26.39
N ASN W 419 -64.36 -50.37 25.75
CA ASN W 419 -64.36 -50.94 24.37
C ASN W 419 -63.65 -50.03 23.34
N PHE W 420 -63.87 -48.72 23.48
CA PHE W 420 -63.14 -47.73 22.67
C PHE W 420 -61.64 -47.92 22.90
N VAL W 421 -61.23 -47.85 24.16
CA VAL W 421 -59.80 -47.90 24.49
C VAL W 421 -59.18 -49.20 24.02
N GLN W 422 -59.88 -50.31 24.26
CA GLN W 422 -59.38 -51.63 23.88
C GLN W 422 -59.37 -51.82 22.36
N SER W 423 -60.37 -51.28 21.65
CA SER W 423 -60.38 -51.39 20.20
C SER W 423 -59.31 -50.45 19.55
N CYS W 424 -59.06 -49.30 20.18
CA CYS W 424 -58.01 -48.36 19.70
C CYS W 424 -56.58 -48.93 19.80
N ALA W 425 -56.25 -49.49 20.97
CA ALA W 425 -54.93 -50.06 21.22
C ALA W 425 -54.68 -51.20 20.23
N GLY W 426 -55.65 -52.09 20.12
CA GLY W 426 -55.63 -53.15 19.11
C GLY W 426 -55.27 -52.60 17.73
N TYR W 427 -56.11 -51.69 17.22
CA TYR W 427 -55.98 -51.22 15.83
C TYR W 427 -54.69 -50.37 15.61
N CYS W 428 -54.24 -49.66 16.66
CA CYS W 428 -52.94 -48.96 16.58
C CYS W 428 -51.82 -49.94 16.22
N LEU W 429 -51.80 -51.05 16.96
CA LEU W 429 -50.77 -52.08 16.80
C LEU W 429 -50.83 -52.64 15.38
N VAL W 430 -52.04 -52.96 14.95
CA VAL W 430 -52.24 -53.48 13.60
C VAL W 430 -51.73 -52.48 12.57
N CYS W 431 -52.09 -51.21 12.75
CA CYS W 431 -51.67 -50.17 11.79
C CYS W 431 -50.16 -50.03 11.73
N TYR W 432 -49.54 -50.02 12.91
CA TYR W 432 -48.09 -49.96 12.97
C TYR W 432 -47.47 -51.19 12.32
N LEU W 433 -47.81 -52.37 12.81
CA LEU W 433 -47.22 -53.61 12.29
C LEU W 433 -47.43 -53.78 10.77
N LEU W 434 -48.64 -53.52 10.30
CA LEU W 434 -48.89 -53.66 8.85
C LEU W 434 -48.56 -52.41 8.04
N GLN W 435 -48.13 -51.34 8.71
CA GLN W 435 -47.92 -50.06 8.05
C GLN W 435 -49.15 -49.71 7.23
N VAL W 436 -50.28 -49.62 7.91
CA VAL W 436 -51.55 -49.31 7.25
C VAL W 436 -51.57 -47.83 6.95
N LYS W 437 -51.87 -47.46 5.70
CA LYS W 437 -51.89 -46.03 5.33
C LYS W 437 -53.31 -45.60 4.93
N ASP W 438 -53.43 -44.37 4.42
CA ASP W 438 -54.72 -43.82 3.98
C ASP W 438 -55.72 -43.89 5.16
N ARG W 439 -55.30 -43.44 6.34
CA ARG W 439 -56.15 -43.50 7.54
C ARG W 439 -56.93 -42.20 7.78
N HIS W 440 -58.25 -42.29 7.65
CA HIS W 440 -59.13 -41.16 7.91
C HIS W 440 -60.48 -41.70 8.36
N ASN W 441 -61.36 -40.78 8.76
CA ASN W 441 -62.62 -41.16 9.40
C ASN W 441 -63.68 -41.83 8.49
N GLY W 442 -63.50 -41.72 7.17
CA GLY W 442 -64.20 -42.56 6.20
C GLY W 442 -63.82 -44.03 6.27
N ASN W 443 -62.64 -44.33 6.82
CA ASN W 443 -62.12 -45.72 6.96
C ASN W 443 -62.18 -46.32 8.38
N ILE W 444 -62.79 -45.59 9.31
CA ILE W 444 -62.97 -46.06 10.69
C ILE W 444 -64.44 -46.09 11.09
N LEU W 445 -64.91 -47.27 11.47
CA LEU W 445 -66.30 -47.48 11.83
C LEU W 445 -66.41 -47.40 13.35
N LEU W 446 -67.58 -46.99 13.82
CA LEU W 446 -67.92 -47.08 15.24
C LEU W 446 -69.14 -47.98 15.45
N ASP W 447 -69.00 -49.02 16.30
CA ASP W 447 -70.14 -49.94 16.54
C ASP W 447 -71.01 -49.49 17.72
N ALA W 448 -72.14 -50.16 17.90
CA ALA W 448 -73.13 -49.82 18.93
C ALA W 448 -72.63 -49.89 20.37
N GLU W 449 -71.55 -50.64 20.60
CA GLU W 449 -71.01 -50.81 21.94
C GLU W 449 -69.77 -49.94 22.22
N GLY W 450 -69.29 -49.21 21.20
CA GLY W 450 -68.15 -48.29 21.38
C GLY W 450 -66.82 -48.76 20.81
N HIS W 451 -66.77 -49.96 20.25
CA HIS W 451 -65.57 -50.41 19.53
C HIS W 451 -65.48 -49.61 18.25
N ILE W 452 -64.24 -49.26 17.87
CA ILE W 452 -63.95 -48.80 16.53
C ILE W 452 -63.47 -49.96 15.69
N ILE W 453 -63.58 -49.80 14.37
CA ILE W 453 -63.14 -50.82 13.42
C ILE W 453 -62.54 -50.19 12.16
N HIS W 454 -61.25 -50.40 11.91
CA HIS W 454 -60.61 -49.88 10.69
C HIS W 454 -60.99 -50.74 9.48
N ILE W 455 -61.07 -50.18 8.28
CA ILE W 455 -61.52 -51.02 7.14
C ILE W 455 -60.81 -51.03 5.77
N ASP W 456 -60.30 -49.92 5.24
CA ASP W 456 -59.84 -49.96 3.84
C ASP W 456 -58.35 -50.32 3.74
N PHE W 457 -58.07 -51.61 3.56
CA PHE W 457 -56.66 -52.09 3.58
C PHE W 457 -56.01 -52.16 2.19
N GLY W 458 -56.41 -51.26 1.29
CA GLY W 458 -55.51 -50.85 0.22
C GLY W 458 -54.45 -50.07 0.94
N PHE W 459 -53.25 -49.98 0.37
CA PHE W 459 -52.17 -49.19 0.96
C PHE W 459 -51.69 -49.74 2.32
N ILE W 460 -50.99 -50.85 2.23
CA ILE W 460 -50.37 -51.48 3.38
C ILE W 460 -48.96 -51.93 3.05
N LEU W 461 -48.12 -52.10 4.07
CA LEU W 461 -46.76 -52.59 3.89
C LEU W 461 -45.97 -51.69 2.91
N SER W 462 -45.39 -52.31 1.87
CA SER W 462 -44.47 -51.61 0.96
C SER W 462 -45.19 -50.61 0.05
N SER W 463 -46.52 -50.68 0.01
CA SER W 463 -47.30 -49.87 -0.92
C SER W 463 -47.10 -48.36 -0.70
N SER W 464 -46.87 -47.68 -1.81
CA SER W 464 -46.74 -46.21 -1.89
C SER W 464 -47.65 -45.59 -2.98
N SER W 473 -52.43 -41.23 4.88
CA SER W 473 -51.51 -41.07 6.01
C SER W 473 -51.64 -42.23 7.02
N ALA W 474 -50.67 -42.30 7.94
CA ALA W 474 -50.59 -43.34 8.96
C ALA W 474 -51.59 -43.14 10.10
N PHE W 475 -51.69 -44.14 10.98
CA PHE W 475 -52.60 -44.11 12.13
C PHE W 475 -52.37 -42.88 13.00
N LYS W 476 -53.47 -42.19 13.30
CA LYS W 476 -53.45 -40.93 14.03
C LYS W 476 -54.26 -41.03 15.32
N LEU W 477 -53.82 -40.30 16.35
CA LEU W 477 -54.58 -40.17 17.58
C LEU W 477 -54.96 -38.70 17.77
N THR W 478 -56.12 -38.30 17.23
CA THR W 478 -56.58 -36.90 17.34
C THR W 478 -57.01 -36.59 18.78
N THR W 479 -56.97 -35.31 19.15
CA THR W 479 -57.35 -34.93 20.52
C THR W 479 -58.85 -35.22 20.77
N GLU W 480 -59.68 -35.25 19.71
CA GLU W 480 -61.07 -35.71 19.83
C GLU W 480 -61.15 -37.16 20.33
N PHE W 481 -60.20 -38.01 19.90
CA PHE W 481 -60.10 -39.41 20.40
C PHE W 481 -59.60 -39.46 21.85
N VAL W 482 -58.62 -38.63 22.14
CA VAL W 482 -58.00 -38.56 23.46
C VAL W 482 -59.02 -38.03 24.49
N ASP W 483 -59.95 -37.20 24.01
CA ASP W 483 -61.03 -36.67 24.85
C ASP W 483 -61.98 -37.77 25.29
N VAL W 484 -62.41 -38.60 24.34
CA VAL W 484 -63.26 -39.76 24.63
C VAL W 484 -62.57 -40.70 25.65
N MET W 485 -61.24 -40.77 25.59
CA MET W 485 -60.45 -41.57 26.54
C MET W 485 -60.32 -40.92 27.92
N GLY W 486 -60.82 -39.69 28.05
CA GLY W 486 -60.77 -38.97 29.32
C GLY W 486 -59.53 -38.11 29.49
N GLY W 487 -58.74 -37.97 28.43
CA GLY W 487 -57.58 -37.08 28.44
C GLY W 487 -56.27 -37.73 28.82
N LEU W 488 -55.21 -36.96 28.60
CA LEU W 488 -53.81 -37.44 28.73
C LEU W 488 -53.49 -37.97 30.14
N ASP W 489 -54.07 -37.35 31.16
CA ASP W 489 -53.86 -37.80 32.54
C ASP W 489 -54.86 -38.83 32.97
N GLY W 490 -55.76 -39.22 32.07
CA GLY W 490 -56.79 -40.22 32.41
C GLY W 490 -56.20 -41.58 32.74
N ASP W 491 -56.89 -42.34 33.60
CA ASP W 491 -56.49 -43.71 33.96
C ASP W 491 -56.58 -44.63 32.76
N MET W 492 -57.70 -44.48 32.06
CA MET W 492 -58.01 -45.26 30.88
C MET W 492 -57.00 -44.99 29.77
N PHE W 493 -56.47 -43.76 29.68
CA PHE W 493 -55.45 -43.45 28.68
C PHE W 493 -54.11 -44.09 29.03
N ASN W 494 -53.68 -43.96 30.29
CA ASN W 494 -52.51 -44.72 30.79
C ASN W 494 -52.66 -46.20 30.51
N TYR W 495 -53.86 -46.69 30.74
CA TYR W 495 -54.17 -48.09 30.50
C TYR W 495 -54.07 -48.42 28.99
N TYR W 496 -54.53 -47.52 28.10
CA TYR W 496 -54.34 -47.66 26.62
C TYR W 496 -52.91 -47.96 26.25
N LYS W 497 -51.99 -47.23 26.88
CA LYS W 497 -50.56 -47.45 26.65
C LYS W 497 -50.13 -48.78 27.22
N MET W 498 -50.76 -49.14 28.34
CA MET W 498 -50.42 -50.37 29.05
C MET W 498 -50.75 -51.56 28.14
N LEU W 499 -51.90 -51.42 27.46
CA LEU W 499 -52.41 -52.46 26.59
C LEU W 499 -51.53 -52.60 25.38
N MET W 500 -51.10 -51.47 24.85
CA MET W 500 -50.26 -51.46 23.68
C MET W 500 -48.97 -52.25 23.94
N LEU W 501 -48.31 -51.93 25.05
CA LEU W 501 -47.10 -52.66 25.46
C LEU W 501 -47.36 -54.15 25.61
N GLN W 502 -48.36 -54.48 26.41
CA GLN W 502 -48.72 -55.87 26.65
C GLN W 502 -48.95 -56.63 25.33
N GLY W 503 -49.71 -56.02 24.41
CA GLY W 503 -50.05 -56.67 23.11
C GLY W 503 -48.86 -56.84 22.18
N LEU W 504 -47.89 -55.94 22.36
CA LEU W 504 -46.66 -56.00 21.60
C LEU W 504 -45.79 -57.13 22.16
N ILE W 505 -45.67 -57.14 23.50
CA ILE W 505 -44.93 -58.24 24.19
C ILE W 505 -45.46 -59.59 23.73
N ALA W 506 -46.77 -59.67 23.62
CA ALA W 506 -47.44 -60.89 23.18
C ALA W 506 -47.08 -61.24 21.72
N ALA W 507 -47.18 -60.24 20.84
CA ALA W 507 -46.93 -60.44 19.40
C ALA W 507 -45.54 -61.02 19.16
N ARG W 508 -44.56 -60.40 19.84
CA ARG W 508 -43.16 -60.81 19.71
C ARG W 508 -42.97 -62.30 19.99
N LYS W 509 -43.69 -62.81 20.98
CA LYS W 509 -43.60 -64.22 21.34
C LYS W 509 -44.22 -65.16 20.29
N HIS W 510 -44.94 -64.63 19.31
CA HIS W 510 -45.58 -65.48 18.30
C HIS W 510 -45.34 -64.96 16.90
N MET W 511 -44.34 -64.09 16.79
CA MET W 511 -43.93 -63.50 15.52
C MET W 511 -43.98 -64.42 14.29
N ASP W 512 -43.48 -65.64 14.44
CA ASP W 512 -43.33 -66.57 13.32
C ASP W 512 -44.62 -66.84 12.61
N LYS W 513 -45.65 -67.05 13.42
CA LYS W 513 -47.00 -67.32 12.92
C LYS W 513 -47.55 -66.18 12.07
N VAL W 514 -47.17 -64.96 12.43
CA VAL W 514 -47.63 -63.80 11.69
C VAL W 514 -46.87 -63.71 10.37
N VAL W 515 -45.54 -63.69 10.48
CA VAL W 515 -44.65 -63.56 9.31
C VAL W 515 -44.91 -64.65 8.28
N GLN W 516 -45.08 -65.88 8.75
CA GLN W 516 -45.37 -67.00 7.87
C GLN W 516 -46.49 -66.63 6.88
N ILE W 517 -47.59 -66.07 7.39
CA ILE W 517 -48.79 -65.77 6.61
C ILE W 517 -48.46 -64.84 5.45
N VAL W 518 -47.70 -63.80 5.75
CA VAL W 518 -47.40 -62.79 4.76
C VAL W 518 -46.35 -63.35 3.80
N GLU W 519 -45.34 -64.01 4.35
CA GLU W 519 -44.17 -64.41 3.58
C GLU W 519 -44.51 -65.41 2.48
N ILE W 520 -45.43 -66.32 2.78
CA ILE W 520 -45.90 -67.29 1.80
C ILE W 520 -46.77 -66.63 0.71
N MET W 521 -47.62 -65.66 1.08
CA MET W 521 -48.48 -64.95 0.10
C MET W 521 -47.71 -64.12 -0.92
N GLN W 522 -46.51 -63.66 -0.51
CA GLN W 522 -45.66 -62.81 -1.35
C GLN W 522 -45.19 -63.56 -2.60
N GLN W 523 -45.17 -64.89 -2.53
CA GLN W 523 -44.51 -65.77 -3.51
C GLN W 523 -44.57 -65.40 -4.99
N GLY W 524 -45.73 -65.46 -5.62
CA GLY W 524 -45.85 -65.10 -7.03
C GLY W 524 -46.81 -63.94 -7.15
N SER W 525 -46.71 -63.06 -6.17
CA SER W 525 -47.64 -61.97 -6.05
C SER W 525 -47.15 -60.73 -6.79
N GLN W 526 -48.08 -60.05 -7.45
CA GLN W 526 -47.76 -58.81 -8.16
C GLN W 526 -48.44 -57.63 -7.44
N LEU W 527 -48.94 -57.91 -6.24
CA LEU W 527 -49.74 -56.95 -5.50
C LEU W 527 -48.91 -55.77 -5.00
N PRO W 528 -49.49 -54.55 -5.07
CA PRO W 528 -48.84 -53.31 -4.64
C PRO W 528 -48.17 -53.36 -3.26
N CYS W 529 -48.75 -54.12 -2.33
CA CYS W 529 -48.17 -54.24 -0.99
C CYS W 529 -46.82 -54.98 -0.97
N PHE W 530 -46.49 -55.71 -2.04
CA PHE W 530 -45.19 -56.37 -2.13
C PHE W 530 -44.25 -55.68 -3.13
N HIS W 531 -44.53 -54.43 -3.47
CA HIS W 531 -43.72 -53.72 -4.44
C HIS W 531 -42.23 -53.64 -4.08
N GLY W 532 -41.93 -53.60 -2.78
CA GLY W 532 -40.54 -53.51 -2.33
C GLY W 532 -39.75 -54.81 -2.52
N SER W 533 -38.45 -54.71 -2.28
CA SER W 533 -37.59 -55.90 -2.15
C SER W 533 -37.42 -56.33 -0.67
N SER W 534 -37.82 -55.47 0.27
CA SER W 534 -37.53 -55.69 1.70
C SER W 534 -38.79 -55.63 2.58
N THR W 535 -39.90 -56.08 2.02
CA THR W 535 -41.18 -56.10 2.70
C THR W 535 -41.11 -56.93 3.99
N ILE W 536 -40.64 -58.18 3.86
CA ILE W 536 -40.54 -59.09 5.02
C ILE W 536 -39.47 -58.66 6.01
N ARG W 537 -38.33 -58.19 5.49
CA ARG W 537 -37.26 -57.70 6.36
C ARG W 537 -37.73 -56.52 7.20
N ASN W 538 -38.43 -55.60 6.55
CA ASN W 538 -38.97 -54.44 7.26
C ASN W 538 -40.00 -54.88 8.31
N LEU W 539 -40.84 -55.84 7.93
CA LEU W 539 -41.84 -56.37 8.85
C LEU W 539 -41.20 -56.95 10.12
N LYS W 540 -40.11 -57.70 9.96
CA LYS W 540 -39.43 -58.33 11.12
C LYS W 540 -38.80 -57.32 12.05
N GLU W 541 -38.19 -56.31 11.46
CA GLU W 541 -37.58 -55.23 12.24
C GLU W 541 -38.62 -54.59 13.15
N ARG W 542 -39.86 -54.49 12.65
CA ARG W 542 -40.98 -53.85 13.37
C ARG W 542 -41.43 -54.63 14.60
N PHE W 543 -41.02 -55.90 14.72
CA PHE W 543 -41.22 -56.63 15.97
C PHE W 543 -40.15 -56.32 17.01
N HIS W 544 -39.02 -55.75 16.56
CA HIS W 544 -37.93 -55.38 17.50
C HIS W 544 -37.55 -56.49 18.48
N MET W 545 -37.24 -57.63 17.90
CA MET W 545 -36.97 -58.85 18.68
C MET W 545 -35.78 -58.76 19.67
N SER W 546 -34.84 -57.86 19.41
CA SER W 546 -33.72 -57.61 20.31
C SER W 546 -34.13 -56.86 21.60
N MET W 547 -35.25 -56.13 21.59
CA MET W 547 -35.54 -55.21 22.71
C MET W 547 -35.86 -55.85 24.08
N THR W 548 -35.47 -55.18 25.15
CA THR W 548 -36.02 -55.46 26.49
C THR W 548 -37.32 -54.65 26.66
N GLU W 549 -38.14 -55.04 27.65
CA GLU W 549 -39.46 -54.40 27.88
C GLU W 549 -39.36 -52.87 28.03
N GLU W 550 -38.40 -52.43 28.83
CA GLU W 550 -38.14 -51.01 29.06
C GLU W 550 -37.94 -50.30 27.71
N GLN W 551 -37.29 -50.99 26.78
CA GLN W 551 -37.06 -50.43 25.45
C GLN W 551 -38.39 -50.31 24.67
N LEU W 552 -39.28 -51.28 24.90
CA LEU W 552 -40.56 -51.34 24.18
C LEU W 552 -41.49 -50.27 24.71
N GLN W 553 -41.43 -50.06 26.02
CA GLN W 553 -42.15 -48.95 26.65
C GLN W 553 -41.83 -47.64 25.99
N LEU W 554 -40.55 -47.41 25.73
CA LEU W 554 -40.10 -46.19 25.08
C LEU W 554 -40.60 -46.10 23.64
N LEU W 555 -40.56 -47.26 22.95
CA LEU W 555 -41.07 -47.33 21.58
C LEU W 555 -42.57 -47.03 21.50
N VAL W 556 -43.33 -47.55 22.47
CA VAL W 556 -44.77 -47.26 22.58
C VAL W 556 -45.00 -45.75 22.77
N GLU W 557 -44.22 -45.14 23.67
CA GLU W 557 -44.31 -43.70 23.92
C GLU W 557 -44.03 -42.94 22.64
N GLN W 558 -42.89 -43.26 22.00
CA GLN W 558 -42.57 -42.63 20.70
C GLN W 558 -43.72 -42.77 19.72
N MET W 559 -44.23 -44.00 19.60
CA MET W 559 -45.35 -44.31 18.72
C MET W 559 -46.56 -43.43 19.01
N VAL W 560 -46.93 -43.35 20.28
CA VAL W 560 -48.09 -42.54 20.70
C VAL W 560 -47.85 -41.08 20.40
N ASP W 561 -46.72 -40.56 20.88
CA ASP W 561 -46.40 -39.16 20.66
C ASP W 561 -46.36 -38.83 19.15
N GLY W 562 -45.87 -39.77 18.35
CA GLY W 562 -45.93 -39.68 16.89
C GLY W 562 -47.35 -39.62 16.35
N SER W 563 -48.25 -40.38 16.98
CA SER W 563 -49.63 -40.46 16.51
C SER W 563 -50.40 -39.16 16.76
N MET W 564 -49.90 -38.31 17.66
CA MET W 564 -50.58 -37.05 18.02
C MET W 564 -50.10 -35.81 17.25
N ARG W 565 -48.83 -35.76 16.85
CA ARG W 565 -48.28 -34.62 16.12
C ARG W 565 -49.06 -34.27 14.85
N SER W 566 -49.55 -35.31 14.16
CA SER W 566 -50.21 -35.21 12.82
C SER W 566 -49.21 -35.42 11.67
N ASP X 9 -18.91 -114.90 16.01
CA ASP X 9 -18.14 -116.13 15.64
C ASP X 9 -18.49 -116.64 14.22
N GLU X 10 -18.93 -117.91 14.15
CA GLU X 10 -18.97 -118.72 12.92
C GLU X 10 -20.34 -118.65 12.25
N TYR X 11 -20.34 -118.44 10.93
CA TYR X 11 -21.56 -118.62 10.16
C TYR X 11 -21.42 -119.90 9.31
N ASP X 12 -22.56 -120.45 8.91
CA ASP X 12 -22.60 -121.57 7.98
C ASP X 12 -22.67 -121.08 6.54
N TYR X 13 -23.18 -119.86 6.37
CA TYR X 13 -23.34 -119.29 5.05
C TYR X 13 -23.17 -117.78 5.02
N LEU X 14 -22.68 -117.32 3.88
CA LEU X 14 -22.50 -115.91 3.58
C LEU X 14 -23.27 -115.57 2.29
N PHE X 15 -24.41 -114.90 2.41
CA PHE X 15 -25.23 -114.60 1.22
C PHE X 15 -25.04 -113.15 0.76
N LYS X 16 -24.62 -112.96 -0.50
CA LYS X 16 -24.47 -111.62 -1.12
C LYS X 16 -25.79 -111.14 -1.75
N VAL X 17 -26.33 -110.04 -1.22
CA VAL X 17 -27.62 -109.53 -1.72
C VAL X 17 -27.50 -108.07 -2.09
N VAL X 18 -28.16 -107.72 -3.19
CA VAL X 18 -28.09 -106.33 -3.66
C VAL X 18 -29.44 -105.66 -3.51
N LEU X 19 -29.41 -104.35 -3.23
CA LEU X 19 -30.63 -103.54 -3.26
C LEU X 19 -30.64 -102.66 -4.50
N ILE X 20 -31.68 -102.79 -5.31
CA ILE X 20 -31.77 -101.97 -6.51
C ILE X 20 -33.14 -101.29 -6.62
N GLY X 21 -33.18 -100.25 -7.43
CA GLY X 21 -34.41 -99.54 -7.75
C GLY X 21 -34.12 -98.12 -8.18
N ASP X 22 -35.17 -97.40 -8.56
CA ASP X 22 -35.07 -95.97 -8.89
C ASP X 22 -34.53 -95.18 -7.68
N SER X 23 -33.88 -94.07 -7.98
CA SER X 23 -33.31 -93.21 -6.95
C SER X 23 -34.43 -92.57 -6.12
N GLY X 24 -34.31 -92.64 -4.79
CA GLY X 24 -35.28 -92.01 -3.86
C GLY X 24 -36.33 -92.92 -3.24
N VAL X 25 -36.37 -94.19 -3.66
CA VAL X 25 -37.41 -95.13 -3.19
C VAL X 25 -37.23 -95.61 -1.74
N GLY X 26 -36.02 -95.48 -1.18
CA GLY X 26 -35.77 -95.76 0.25
C GLY X 26 -34.80 -96.90 0.57
N LYS X 27 -34.00 -97.28 -0.42
CA LYS X 27 -33.05 -98.38 -0.28
C LYS X 27 -32.13 -98.18 0.95
N SER X 28 -31.52 -96.99 1.06
CA SER X 28 -30.54 -96.75 2.13
C SER X 28 -31.19 -96.80 3.52
N ASN X 29 -32.46 -96.40 3.59
CA ASN X 29 -33.21 -96.49 4.84
C ASN X 29 -33.78 -97.87 5.16
N LEU X 30 -34.16 -98.64 4.15
CA LEU X 30 -34.46 -100.06 4.35
C LEU X 30 -33.27 -100.73 5.02
N LEU X 31 -32.10 -100.46 4.45
CA LEU X 31 -30.85 -101.02 4.95
C LEU X 31 -30.51 -100.50 6.35
N SER X 32 -30.66 -99.18 6.57
CA SER X 32 -30.34 -98.61 7.90
C SER X 32 -31.33 -99.10 8.98
N ARG X 33 -32.58 -99.29 8.57
CA ARG X 33 -33.60 -99.85 9.43
C ARG X 33 -33.22 -101.28 9.77
N PHE X 34 -32.99 -102.08 8.74
CA PHE X 34 -32.72 -103.51 8.92
C PHE X 34 -31.44 -103.78 9.68
N THR X 35 -30.38 -103.00 9.43
CA THR X 35 -29.10 -103.33 10.09
C THR X 35 -28.81 -102.63 11.41
N ARG X 36 -29.29 -101.41 11.62
CA ARG X 36 -29.08 -100.79 12.93
C ARG X 36 -30.36 -100.18 13.51
N ASN X 37 -31.49 -100.56 12.94
CA ASN X 37 -32.78 -100.06 13.37
C ASN X 37 -32.82 -98.52 13.46
N GLU X 38 -32.45 -97.85 12.37
CA GLU X 38 -32.47 -96.39 12.30
C GLU X 38 -33.13 -95.95 11.02
N PHE X 39 -33.73 -94.76 11.05
CA PHE X 39 -34.34 -94.18 9.84
C PHE X 39 -34.13 -92.67 9.82
N ASN X 40 -34.19 -92.07 8.62
CA ASN X 40 -34.11 -90.62 8.51
C ASN X 40 -34.84 -90.03 7.29
N LEU X 41 -35.54 -88.94 7.55
CA LEU X 41 -36.19 -88.17 6.51
C LEU X 41 -35.19 -87.44 5.63
N GLU X 42 -34.16 -86.85 6.24
CA GLU X 42 -33.07 -86.22 5.50
C GLU X 42 -32.17 -87.31 4.94
N SER X 43 -31.74 -87.14 3.70
CA SER X 43 -31.26 -88.27 2.90
C SER X 43 -30.02 -87.92 2.13
N LYS X 44 -29.13 -88.88 1.99
CA LYS X 44 -27.80 -88.63 1.49
C LYS X 44 -27.63 -89.57 0.32
N SER X 45 -27.51 -89.02 -0.89
CA SER X 45 -27.51 -89.84 -2.10
C SER X 45 -26.44 -90.91 -1.97
N THR X 46 -26.80 -92.10 -2.41
CA THR X 46 -25.89 -93.23 -2.37
C THR X 46 -24.98 -93.13 -3.56
N ILE X 47 -23.68 -93.02 -3.28
CA ILE X 47 -22.70 -92.81 -4.33
C ILE X 47 -22.03 -94.11 -4.66
N GLY X 48 -22.41 -94.69 -5.80
CA GLY X 48 -21.79 -95.94 -6.28
C GLY X 48 -22.37 -97.11 -5.48
N VAL X 49 -21.77 -97.41 -4.33
CA VAL X 49 -22.15 -98.56 -3.52
C VAL X 49 -21.91 -98.30 -2.05
N GLU X 50 -22.81 -98.84 -1.22
CA GLU X 50 -22.58 -98.83 0.22
C GLU X 50 -22.76 -100.25 0.79
N PHE X 51 -21.95 -100.57 1.79
CA PHE X 51 -21.89 -101.92 2.33
C PHE X 51 -22.41 -102.03 3.77
N ALA X 52 -23.28 -103.01 4.04
CA ALA X 52 -23.77 -103.31 5.42
C ALA X 52 -24.14 -104.77 5.62
N THR X 53 -24.05 -105.23 6.88
CA THR X 53 -24.12 -106.64 7.19
C THR X 53 -24.92 -106.96 8.45
N ARG X 54 -25.57 -108.12 8.43
CA ARG X 54 -26.31 -108.64 9.58
C ARG X 54 -26.54 -110.16 9.45
N SER X 55 -26.58 -110.81 10.59
CA SER X 55 -26.70 -112.27 10.67
C SER X 55 -28.11 -112.68 11.09
N ILE X 56 -28.65 -113.75 10.50
CA ILE X 56 -29.90 -114.37 11.06
C ILE X 56 -29.83 -115.88 11.12
N GLN X 57 -30.79 -116.54 11.78
CA GLN X 57 -30.91 -118.00 11.65
C GLN X 57 -32.18 -118.42 10.93
N VAL X 58 -31.99 -119.30 9.95
CA VAL X 58 -33.10 -120.00 9.34
C VAL X 58 -32.80 -121.53 9.35
N ASP X 59 -33.81 -122.30 9.75
CA ASP X 59 -33.74 -123.76 9.78
C ASP X 59 -32.52 -124.26 10.56
N GLY X 60 -32.19 -123.55 11.65
CA GLY X 60 -31.08 -123.91 12.54
C GLY X 60 -29.64 -123.53 12.13
N LYS X 61 -29.50 -122.74 11.07
CA LYS X 61 -28.19 -122.37 10.54
C LYS X 61 -27.96 -120.87 10.60
N THR X 62 -26.78 -120.48 11.10
CA THR X 62 -26.43 -119.06 11.20
C THR X 62 -25.97 -118.59 9.80
N ILE X 63 -26.77 -117.70 9.20
CA ILE X 63 -26.52 -117.12 7.88
C ILE X 63 -26.19 -115.63 7.99
N LYS X 64 -24.98 -115.28 7.55
CA LYS X 64 -24.57 -113.87 7.50
C LYS X 64 -24.95 -113.29 6.13
N ALA X 65 -25.77 -112.23 6.17
CA ALA X 65 -26.17 -111.55 4.94
C ALA X 65 -25.23 -110.36 4.70
N GLN X 66 -24.75 -110.25 3.46
CA GLN X 66 -23.96 -109.09 3.04
C GLN X 66 -24.76 -108.28 2.04
N ILE X 67 -25.17 -107.08 2.46
CA ILE X 67 -26.05 -106.27 1.65
C ILE X 67 -25.30 -105.14 0.97
N TRP X 68 -25.55 -105.02 -0.34
CA TRP X 68 -24.92 -103.99 -1.14
C TRP X 68 -26.00 -103.03 -1.61
N ASP X 69 -25.90 -101.82 -1.10
CA ASP X 69 -26.83 -100.73 -1.41
C ASP X 69 -26.26 -100.02 -2.62
N THR X 70 -26.89 -100.25 -3.78
CA THR X 70 -26.27 -99.91 -5.07
C THR X 70 -26.40 -98.44 -5.56
N ALA X 71 -27.52 -97.76 -5.29
CA ALA X 71 -27.77 -96.39 -5.79
C ALA X 71 -28.55 -96.42 -7.10
N GLY X 72 -29.69 -95.73 -7.09
CA GLY X 72 -30.60 -95.69 -8.24
C GLY X 72 -30.18 -94.74 -9.35
N LEU X 73 -29.31 -93.79 -9.00
CA LEU X 73 -28.80 -92.84 -9.97
C LEU X 73 -27.98 -93.54 -11.09
N GLU X 74 -28.20 -93.04 -12.31
CA GLU X 74 -27.69 -93.63 -13.57
C GLU X 74 -26.19 -93.35 -13.74
N ARG X 75 -25.78 -92.16 -13.33
CA ARG X 75 -24.36 -91.75 -13.24
C ARG X 75 -23.45 -92.92 -12.85
N TYR X 76 -23.93 -93.76 -11.92
CA TYR X 76 -23.12 -94.84 -11.33
C TYR X 76 -23.44 -96.25 -11.87
N ARG X 77 -24.37 -96.34 -12.83
CA ARG X 77 -24.87 -97.64 -13.28
C ARG X 77 -23.83 -98.52 -14.06
N ALA X 78 -22.77 -97.91 -14.61
CA ALA X 78 -21.62 -98.68 -15.17
C ALA X 78 -20.85 -99.52 -14.11
N ILE X 79 -20.71 -98.96 -12.91
CA ILE X 79 -19.89 -99.57 -11.85
C ILE X 79 -20.72 -100.37 -10.81
N THR X 80 -22.05 -100.10 -10.72
CA THR X 80 -22.95 -100.93 -9.87
C THR X 80 -23.07 -102.31 -10.49
N SER X 81 -23.21 -102.38 -11.82
CA SER X 81 -23.33 -103.65 -12.54
C SER X 81 -22.13 -104.58 -12.31
N ALA X 82 -20.96 -104.02 -12.02
CA ALA X 82 -19.83 -104.83 -11.55
C ALA X 82 -20.21 -105.69 -10.31
N TYR X 83 -21.00 -105.14 -9.38
CA TYR X 83 -21.46 -105.84 -8.14
C TYR X 83 -22.59 -106.85 -8.28
N TYR X 84 -23.24 -106.86 -9.44
CA TYR X 84 -24.33 -107.83 -9.71
C TYR X 84 -23.78 -109.25 -9.75
N ARG X 85 -22.47 -109.33 -10.07
CA ARG X 85 -21.68 -110.57 -10.12
C ARG X 85 -21.89 -111.47 -8.91
N GLY X 86 -22.48 -112.65 -9.16
CA GLY X 86 -22.61 -113.69 -8.16
C GLY X 86 -23.40 -113.33 -6.90
N ALA X 87 -24.32 -112.37 -7.01
CA ALA X 87 -25.22 -112.06 -5.90
C ALA X 87 -26.34 -113.09 -5.92
N VAL X 88 -26.68 -113.65 -4.76
CA VAL X 88 -27.69 -114.72 -4.67
C VAL X 88 -29.11 -114.15 -4.65
N GLY X 89 -29.25 -112.91 -4.19
CA GLY X 89 -30.55 -112.26 -4.07
C GLY X 89 -30.55 -110.78 -4.41
N ALA X 90 -31.68 -110.34 -4.95
CA ALA X 90 -31.88 -108.91 -5.26
C ALA X 90 -33.23 -108.38 -4.79
N LEU X 91 -33.19 -107.35 -3.92
CA LEU X 91 -34.41 -106.66 -3.49
C LEU X 91 -34.66 -105.53 -4.45
N LEU X 92 -35.72 -105.68 -5.26
CA LEU X 92 -36.06 -104.69 -6.27
C LEU X 92 -37.12 -103.78 -5.69
N VAL X 93 -36.75 -102.52 -5.48
CA VAL X 93 -37.62 -101.64 -4.71
C VAL X 93 -38.25 -100.52 -5.53
N TYR X 94 -39.54 -100.27 -5.25
CA TYR X 94 -40.25 -99.09 -5.80
C TYR X 94 -40.99 -98.36 -4.66
N ASP X 95 -41.23 -97.06 -4.87
CA ASP X 95 -42.06 -96.25 -3.96
C ASP X 95 -43.57 -96.34 -4.27
N ILE X 96 -44.33 -96.91 -3.31
CA ILE X 96 -45.82 -97.02 -3.43
C ILE X 96 -46.55 -95.72 -3.88
N ALA X 97 -46.00 -94.59 -3.45
CA ALA X 97 -46.60 -93.27 -3.68
C ALA X 97 -46.13 -92.54 -4.93
N LYS X 98 -45.24 -93.16 -5.71
CA LYS X 98 -44.82 -92.55 -6.98
C LYS X 98 -44.89 -93.50 -8.17
N HIS X 99 -45.96 -93.41 -8.96
CA HIS X 99 -46.29 -94.44 -9.97
C HIS X 99 -45.15 -94.74 -10.97
N LEU X 100 -44.48 -93.67 -11.42
CA LEU X 100 -43.36 -93.79 -12.34
C LEU X 100 -42.31 -94.83 -11.88
N THR X 101 -42.05 -94.83 -10.58
CA THR X 101 -41.09 -95.75 -9.99
C THR X 101 -41.53 -97.23 -10.16
N TYR X 102 -42.85 -97.49 -10.16
CA TYR X 102 -43.38 -98.85 -10.44
C TYR X 102 -43.23 -99.16 -11.93
N GLU X 103 -43.40 -98.14 -12.78
CA GLU X 103 -43.29 -98.33 -14.22
C GLU X 103 -41.89 -98.79 -14.65
N ASN X 104 -40.85 -98.27 -14.00
CA ASN X 104 -39.43 -98.59 -14.37
C ASN X 104 -38.88 -99.93 -13.86
N VAL X 105 -39.71 -100.66 -13.10
CA VAL X 105 -39.29 -101.97 -12.60
C VAL X 105 -39.01 -102.98 -13.74
N GLU X 106 -39.61 -102.76 -14.90
CA GLU X 106 -39.37 -103.61 -16.08
C GLU X 106 -37.97 -103.41 -16.63
N ARG X 107 -37.48 -102.16 -16.69
CA ARG X 107 -36.11 -101.93 -17.13
C ARG X 107 -35.09 -102.35 -16.07
N TRP X 108 -35.50 -102.29 -14.82
CA TRP X 108 -34.64 -102.78 -13.75
C TRP X 108 -34.47 -104.32 -13.69
N LEU X 109 -35.38 -105.10 -14.29
CA LEU X 109 -35.24 -106.59 -14.32
C LEU X 109 -34.45 -107.06 -15.54
N LYS X 110 -34.56 -106.32 -16.64
CA LYS X 110 -33.73 -106.57 -17.81
C LYS X 110 -32.26 -106.34 -17.40
N GLU X 111 -32.06 -105.29 -16.60
CA GLU X 111 -30.77 -105.00 -15.97
C GLU X 111 -30.13 -106.19 -15.21
N LEU X 112 -30.91 -107.18 -14.83
CA LEU X 112 -30.37 -108.41 -14.21
C LEU X 112 -30.12 -109.52 -15.21
N ARG X 113 -30.87 -109.52 -16.32
CA ARG X 113 -30.68 -110.56 -17.32
C ARG X 113 -29.67 -110.07 -18.36
N ASP X 114 -28.89 -109.05 -17.98
CA ASP X 114 -27.71 -108.64 -18.75
C ASP X 114 -26.41 -108.72 -17.94
N HIS X 115 -26.44 -108.31 -16.67
CA HIS X 115 -25.21 -108.18 -15.87
C HIS X 115 -25.14 -109.09 -14.64
N ALA X 116 -26.07 -110.03 -14.49
CA ALA X 116 -26.11 -110.86 -13.28
C ALA X 116 -26.51 -112.29 -13.57
N ASP X 117 -26.22 -113.18 -12.63
CA ASP X 117 -26.63 -114.57 -12.74
C ASP X 117 -28.12 -114.65 -13.12
N SER X 118 -28.41 -115.46 -14.13
CA SER X 118 -29.77 -115.64 -14.66
C SER X 118 -30.61 -116.57 -13.79
N ASN X 119 -30.03 -117.09 -12.72
CA ASN X 119 -30.76 -117.90 -11.76
C ASN X 119 -30.69 -117.26 -10.35
N ILE X 120 -31.12 -116.00 -10.23
CA ILE X 120 -31.09 -115.22 -8.96
C ILE X 120 -32.48 -115.04 -8.34
N VAL X 121 -32.55 -115.02 -7.01
CA VAL X 121 -33.80 -114.81 -6.25
C VAL X 121 -34.15 -113.30 -6.15
N ILE X 122 -35.34 -112.95 -6.60
CA ILE X 122 -35.81 -111.56 -6.59
C ILE X 122 -37.10 -111.36 -5.78
N MET X 123 -37.07 -110.37 -4.89
CA MET X 123 -38.29 -109.90 -4.24
C MET X 123 -38.56 -108.46 -4.68
N LEU X 124 -39.80 -108.27 -5.11
CA LEU X 124 -40.40 -106.99 -5.41
C LEU X 124 -40.83 -106.35 -4.10
N VAL X 125 -40.45 -105.09 -3.90
CA VAL X 125 -40.79 -104.37 -2.67
C VAL X 125 -41.44 -103.02 -2.96
N GLY X 126 -42.67 -102.89 -2.48
CA GLY X 126 -43.36 -101.61 -2.45
C GLY X 126 -43.05 -100.96 -1.12
N ASN X 127 -42.24 -99.90 -1.16
CA ASN X 127 -41.87 -99.18 0.05
C ASN X 127 -42.72 -97.92 0.25
N LYS X 128 -42.73 -97.48 1.52
CA LYS X 128 -43.42 -96.26 1.97
C LYS X 128 -44.91 -96.56 2.12
N SER X 129 -45.22 -97.70 2.75
CA SER X 129 -46.62 -98.08 2.99
C SER X 129 -47.29 -97.13 3.98
N ASP X 130 -46.48 -96.43 4.76
CA ASP X 130 -47.00 -95.44 5.71
C ASP X 130 -47.71 -94.27 5.04
N LEU X 131 -47.36 -93.98 3.78
CA LEU X 131 -48.01 -92.92 3.03
C LEU X 131 -49.33 -93.38 2.40
N ARG X 132 -50.24 -93.82 3.25
CA ARG X 132 -51.50 -94.42 2.81
C ARG X 132 -52.25 -93.56 1.79
N HIS X 133 -52.44 -92.28 2.13
CA HIS X 133 -53.32 -91.37 1.37
C HIS X 133 -52.75 -90.95 0.01
N LEU X 134 -51.45 -91.14 -0.20
CA LEU X 134 -50.82 -90.76 -1.47
C LEU X 134 -50.53 -91.97 -2.38
N ARG X 135 -51.05 -93.14 -2.00
CA ARG X 135 -50.82 -94.39 -2.74
C ARG X 135 -51.10 -94.24 -4.23
N ALA X 136 -50.11 -94.55 -5.08
CA ALA X 136 -50.30 -94.46 -6.52
C ALA X 136 -50.23 -95.83 -7.22
N VAL X 137 -49.97 -96.89 -6.43
CA VAL X 137 -49.88 -98.26 -6.93
C VAL X 137 -50.66 -99.19 -6.00
N PRO X 138 -51.79 -99.71 -6.48
CA PRO X 138 -52.58 -100.58 -5.62
C PRO X 138 -51.87 -101.90 -5.34
N THR X 139 -52.01 -102.36 -4.11
CA THR X 139 -51.38 -103.61 -3.65
C THR X 139 -51.70 -104.79 -4.58
N ASP X 140 -52.94 -104.85 -5.07
CA ASP X 140 -53.39 -105.95 -5.93
C ASP X 140 -52.70 -105.96 -7.30
N GLU X 141 -52.63 -104.81 -7.96
CA GLU X 141 -51.98 -104.73 -9.28
C GLU X 141 -50.52 -105.14 -9.22
N ALA X 142 -49.82 -104.73 -8.16
CA ALA X 142 -48.42 -105.08 -7.99
C ALA X 142 -48.24 -106.59 -7.79
N ARG X 143 -48.94 -107.20 -6.83
CA ARG X 143 -48.84 -108.67 -6.52
C ARG X 143 -49.23 -109.53 -7.73
N ALA X 144 -50.15 -109.01 -8.54
CA ALA X 144 -50.48 -109.65 -9.81
C ALA X 144 -49.24 -109.70 -10.72
N PHE X 145 -48.64 -108.53 -10.96
CA PHE X 145 -47.42 -108.43 -11.74
C PHE X 145 -46.26 -109.23 -11.12
N ALA X 146 -46.26 -109.36 -9.80
CA ALA X 146 -45.18 -110.02 -9.09
C ALA X 146 -45.01 -111.46 -9.53
N GLU X 147 -46.09 -112.22 -9.52
CA GLU X 147 -45.97 -113.65 -9.83
C GLU X 147 -46.21 -114.00 -11.31
N LYS X 148 -46.76 -113.06 -12.07
CA LYS X 148 -46.70 -113.10 -13.54
C LYS X 148 -45.24 -113.12 -14.01
N ASN X 149 -44.34 -112.50 -13.24
CA ASN X 149 -42.90 -112.50 -13.57
C ASN X 149 -42.04 -113.33 -12.59
N GLY X 150 -42.70 -114.14 -11.76
CA GLY X 150 -42.01 -115.10 -10.88
C GLY X 150 -41.15 -114.46 -9.79
N LEU X 151 -41.71 -113.43 -9.17
CA LEU X 151 -41.06 -112.64 -8.14
C LEU X 151 -41.88 -112.77 -6.88
N SER X 152 -41.22 -112.78 -5.72
CA SER X 152 -41.93 -112.72 -4.44
C SER X 152 -42.24 -111.25 -4.09
N PHE X 153 -43.27 -110.99 -3.28
CA PHE X 153 -43.82 -109.63 -3.11
C PHE X 153 -44.15 -109.26 -1.66
N ILE X 154 -43.90 -108.00 -1.29
CA ILE X 154 -44.21 -107.50 0.07
C ILE X 154 -44.25 -105.97 0.03
N GLU X 155 -44.97 -105.36 0.97
CA GLU X 155 -44.99 -103.90 1.13
C GLU X 155 -44.39 -103.51 2.48
N THR X 156 -43.49 -102.54 2.47
CA THR X 156 -42.78 -102.11 3.65
C THR X 156 -42.92 -100.62 3.92
N SER X 157 -42.64 -100.27 5.17
CA SER X 157 -42.33 -98.91 5.53
C SER X 157 -41.04 -98.94 6.32
N ALA X 158 -39.96 -98.44 5.73
CA ALA X 158 -38.71 -98.23 6.47
C ALA X 158 -38.94 -97.26 7.63
N LEU X 159 -39.84 -96.31 7.43
CA LEU X 159 -40.12 -95.26 8.41
C LEU X 159 -40.73 -95.82 9.72
N ASP X 160 -41.85 -96.53 9.62
CA ASP X 160 -42.51 -97.08 10.81
C ASP X 160 -42.01 -98.50 11.13
N SER X 161 -41.19 -99.04 10.21
CA SER X 161 -40.51 -100.36 10.34
C SER X 161 -41.35 -101.60 9.96
N THR X 162 -42.59 -101.38 9.53
CA THR X 162 -43.47 -102.46 9.05
C THR X 162 -42.79 -103.33 8.00
N ASN X 163 -42.70 -104.64 8.28
CA ASN X 163 -42.29 -105.67 7.31
C ASN X 163 -40.83 -105.64 6.89
N VAL X 164 -40.02 -104.84 7.55
CA VAL X 164 -38.64 -104.70 7.10
C VAL X 164 -37.89 -105.99 7.43
N GLU X 165 -37.97 -106.42 8.68
CA GLU X 165 -37.34 -107.69 9.04
C GLU X 165 -37.93 -108.83 8.22
N ALA X 166 -39.26 -108.87 8.15
CA ALA X 166 -39.97 -109.88 7.38
C ALA X 166 -39.46 -109.98 5.94
N ALA X 167 -39.30 -108.83 5.30
CA ALA X 167 -38.89 -108.78 3.89
C ALA X 167 -37.54 -109.48 3.67
N PHE X 168 -36.54 -109.05 4.44
CA PHE X 168 -35.23 -109.69 4.44
C PHE X 168 -35.32 -111.17 4.78
N GLN X 169 -35.98 -111.47 5.90
CA GLN X 169 -36.08 -112.87 6.40
C GLN X 169 -36.74 -113.81 5.38
N THR X 170 -37.69 -113.29 4.60
CA THR X 170 -38.31 -114.04 3.51
C THR X 170 -37.30 -114.37 2.41
N ILE X 171 -36.66 -113.34 1.86
CA ILE X 171 -35.76 -113.57 0.73
C ILE X 171 -34.53 -114.38 1.14
N LEU X 172 -34.05 -114.20 2.37
CA LEU X 172 -32.87 -114.99 2.79
C LEU X 172 -33.22 -116.48 2.97
N THR X 173 -34.39 -116.73 3.56
CA THR X 173 -34.96 -118.06 3.72
C THR X 173 -35.17 -118.74 2.34
N GLU X 174 -35.88 -118.01 1.47
CA GLU X 174 -36.12 -118.42 0.07
C GLU X 174 -34.81 -118.87 -0.60
N ILE X 175 -33.79 -118.01 -0.49
CA ILE X 175 -32.46 -118.33 -0.98
C ILE X 175 -31.89 -119.59 -0.31
N TYR X 176 -31.88 -119.64 1.02
CA TYR X 176 -31.26 -120.78 1.74
C TYR X 176 -31.75 -122.17 1.33
N ARG X 177 -32.95 -122.27 0.74
CA ARG X 177 -33.37 -123.56 0.16
C ARG X 177 -33.45 -123.63 -1.38
N ILE X 178 -32.89 -122.65 -2.08
CA ILE X 178 -32.61 -122.82 -3.52
C ILE X 178 -31.25 -123.52 -3.66
N VAL X 179 -30.30 -123.08 -2.84
CA VAL X 179 -28.90 -123.54 -2.92
C VAL X 179 -28.75 -125.06 -2.83
N SER X 180 -29.50 -125.68 -1.93
CA SER X 180 -29.36 -127.10 -1.62
C SER X 180 -29.71 -127.94 -2.85
N GLN X 181 -28.83 -128.89 -3.17
CA GLN X 181 -28.98 -129.75 -4.37
C GLN X 181 -29.34 -128.91 -5.60
N SER Y 10 2.79 -83.20 -23.02
CA SER Y 10 3.85 -82.28 -23.55
C SER Y 10 3.61 -81.81 -25.02
N TRP Y 11 2.48 -82.18 -25.62
CA TRP Y 11 2.16 -81.79 -27.03
C TRP Y 11 1.95 -80.27 -27.23
N LEU Y 12 1.33 -79.64 -26.25
CA LEU Y 12 1.15 -78.18 -26.26
C LEU Y 12 2.51 -77.50 -26.11
N LEU Y 13 3.24 -77.83 -25.04
CA LEU Y 13 4.61 -77.31 -24.85
C LEU Y 13 5.51 -77.56 -26.05
N ARG Y 14 5.26 -78.66 -26.79
CA ARG Y 14 5.97 -78.90 -28.05
C ARG Y 14 5.76 -77.76 -29.02
N LEU Y 15 4.48 -77.41 -29.21
CA LEU Y 15 4.09 -76.28 -30.05
C LEU Y 15 4.80 -74.98 -29.63
N PHE Y 16 4.63 -74.63 -28.35
CA PHE Y 16 5.19 -73.37 -27.84
C PHE Y 16 6.72 -73.28 -27.99
N GLU Y 17 7.40 -74.44 -27.99
CA GLU Y 17 8.85 -74.46 -28.21
C GLU Y 17 9.27 -74.56 -29.66
N SER Y 18 8.28 -74.70 -30.55
CA SER Y 18 8.56 -74.77 -31.98
C SER Y 18 8.72 -73.35 -32.58
N LYS Y 19 9.17 -73.31 -33.83
CA LYS Y 19 9.33 -72.04 -34.53
C LYS Y 19 8.01 -71.36 -34.80
N LEU Y 20 6.95 -72.17 -34.93
CA LEU Y 20 5.56 -71.69 -35.05
C LEU Y 20 5.17 -70.56 -34.12
N PHE Y 21 5.82 -70.56 -32.97
CA PHE Y 21 5.44 -69.69 -31.90
C PHE Y 21 5.84 -68.26 -32.30
N ASP Y 22 4.83 -67.44 -32.56
CA ASP Y 22 5.02 -66.02 -32.79
C ASP Y 22 4.10 -65.24 -31.86
N ILE Y 23 4.45 -63.96 -31.75
CA ILE Y 23 3.74 -63.05 -30.89
C ILE Y 23 2.19 -63.18 -30.96
N SER Y 24 1.69 -63.41 -32.18
CA SER Y 24 0.26 -63.60 -32.42
C SER Y 24 -0.25 -64.80 -31.62
N MET Y 25 0.36 -65.96 -31.87
CA MET Y 25 -0.02 -67.18 -31.18
C MET Y 25 0.08 -66.98 -29.69
N ALA Y 26 1.20 -66.38 -29.28
CA ALA Y 26 1.38 -66.08 -27.85
C ALA Y 26 0.15 -65.34 -27.30
N ILE Y 27 -0.18 -64.22 -27.96
CA ILE Y 27 -1.28 -63.39 -27.50
C ILE Y 27 -2.61 -64.18 -27.52
N SER Y 28 -2.82 -65.00 -28.55
CA SER Y 28 -4.06 -65.80 -28.69
C SER Y 28 -4.29 -66.71 -27.49
N TYR Y 29 -3.25 -67.46 -27.16
CA TYR Y 29 -3.33 -68.37 -26.03
C TYR Y 29 -3.39 -67.62 -24.71
N LEU Y 30 -2.60 -66.53 -24.61
CA LEU Y 30 -2.73 -65.66 -23.43
C LEU Y 30 -4.18 -65.19 -23.22
N TYR Y 31 -4.84 -64.85 -24.31
CA TYR Y 31 -6.22 -64.35 -24.25
C TYR Y 31 -7.21 -65.48 -23.97
N ASN Y 32 -6.98 -66.67 -24.54
CA ASN Y 32 -7.99 -67.76 -24.49
C ASN Y 32 -7.81 -68.79 -23.38
N SER Y 33 -6.58 -69.28 -23.18
CA SER Y 33 -6.33 -70.22 -22.09
C SER Y 33 -6.71 -69.61 -20.73
N LYS Y 34 -7.43 -70.38 -19.90
CA LYS Y 34 -7.73 -69.96 -18.52
C LYS Y 34 -6.76 -70.65 -17.54
N GLU Y 35 -5.76 -71.34 -18.08
CA GLU Y 35 -4.78 -72.06 -17.26
C GLU Y 35 -3.71 -71.07 -16.80
N PRO Y 36 -3.57 -70.90 -15.48
CA PRO Y 36 -2.62 -69.90 -15.01
C PRO Y 36 -1.16 -70.23 -15.35
N GLY Y 37 -0.85 -71.52 -15.48
CA GLY Y 37 0.51 -71.95 -15.81
C GLY Y 37 0.89 -71.57 -17.22
N VAL Y 38 -0.11 -71.49 -18.09
CA VAL Y 38 0.09 -71.13 -19.49
C VAL Y 38 0.35 -69.64 -19.57
N GLN Y 39 -0.56 -68.91 -18.93
CA GLN Y 39 -0.48 -67.46 -18.84
C GLN Y 39 0.94 -67.06 -18.37
N ALA Y 40 1.38 -67.65 -17.27
CA ALA Y 40 2.72 -67.40 -16.73
C ALA Y 40 3.83 -67.83 -17.70
N TYR Y 41 3.69 -69.00 -18.33
CA TYR Y 41 4.69 -69.46 -19.29
C TYR Y 41 4.85 -68.50 -20.47
N ILE Y 42 3.73 -67.95 -20.93
CA ILE Y 42 3.80 -67.03 -22.05
C ILE Y 42 4.32 -65.66 -21.58
N GLY Y 43 3.83 -65.19 -20.43
CA GLY Y 43 4.39 -64.00 -19.77
C GLY Y 43 5.92 -64.02 -19.75
N ASN Y 44 6.50 -65.19 -19.50
CA ASN Y 44 7.96 -65.37 -19.52
C ASN Y 44 8.50 -65.34 -20.95
N ARG Y 45 7.80 -65.96 -21.89
CA ARG Y 45 8.31 -66.05 -23.25
C ARG Y 45 8.21 -64.75 -24.04
N LEU Y 46 7.38 -63.80 -23.60
CA LEU Y 46 7.42 -62.44 -24.21
C LEU Y 46 8.83 -61.85 -24.35
N PHE Y 47 9.62 -62.05 -23.28
CA PHE Y 47 11.00 -61.56 -23.25
C PHE Y 47 11.78 -62.09 -24.43
N CYS Y 48 11.46 -63.31 -24.87
CA CYS Y 48 12.22 -63.95 -25.92
C CYS Y 48 11.99 -63.28 -27.31
N PHE Y 49 10.87 -62.58 -27.52
CA PHE Y 49 10.58 -61.95 -28.84
C PHE Y 49 11.34 -60.66 -29.17
N ARG Y 50 11.42 -60.34 -30.46
CA ARG Y 50 11.87 -59.02 -30.91
C ARG Y 50 10.91 -57.89 -30.50
N ASN Y 51 11.50 -56.87 -29.91
CA ASN Y 51 10.81 -55.65 -29.48
C ASN Y 51 9.80 -55.07 -30.50
N GLU Y 52 10.22 -55.08 -31.76
CA GLU Y 52 9.47 -54.43 -32.85
C GLU Y 52 8.13 -55.15 -33.00
N ASP Y 53 8.20 -56.48 -32.92
CA ASP Y 53 7.04 -57.30 -33.22
C ASP Y 53 6.01 -57.16 -32.12
N VAL Y 54 6.50 -57.10 -30.88
CA VAL Y 54 5.64 -57.01 -29.71
C VAL Y 54 5.04 -55.61 -29.66
N ASP Y 55 5.87 -54.59 -29.99
CA ASP Y 55 5.45 -53.17 -29.96
C ASP Y 55 4.04 -52.99 -30.59
N PHE Y 56 3.92 -53.54 -31.79
CA PHE Y 56 2.67 -53.48 -32.55
C PHE Y 56 1.42 -53.91 -31.77
N TYR Y 57 1.57 -54.78 -30.78
CA TYR Y 57 0.42 -55.27 -30.00
C TYR Y 57 0.29 -54.65 -28.60
N LEU Y 58 1.08 -53.59 -28.36
CA LEU Y 58 1.06 -52.99 -27.01
C LEU Y 58 -0.35 -52.63 -26.52
N PRO Y 59 -1.21 -52.14 -27.42
CA PRO Y 59 -2.54 -51.75 -26.93
C PRO Y 59 -3.33 -52.96 -26.44
N GLN Y 60 -3.11 -54.11 -27.08
CA GLN Y 60 -3.83 -55.32 -26.73
C GLN Y 60 -3.40 -55.78 -25.37
N LEU Y 61 -2.10 -55.94 -25.24
CA LEU Y 61 -1.54 -56.33 -23.98
C LEU Y 61 -2.07 -55.44 -22.84
N LEU Y 62 -1.91 -54.13 -23.01
CA LEU Y 62 -2.35 -53.17 -21.98
C LEU Y 62 -3.87 -53.21 -21.74
N ASN Y 63 -4.66 -53.44 -22.80
CA ASN Y 63 -6.11 -53.58 -22.63
C ASN Y 63 -6.46 -54.82 -21.78
N MET Y 64 -5.86 -55.93 -22.16
CA MET Y 64 -5.96 -57.14 -21.36
C MET Y 64 -5.57 -56.91 -19.89
N TYR Y 65 -4.37 -56.33 -19.67
CA TYR Y 65 -3.93 -56.00 -18.28
C TYR Y 65 -5.01 -55.31 -17.46
N ILE Y 66 -5.61 -54.29 -18.08
CA ILE Y 66 -6.60 -53.45 -17.41
C ILE Y 66 -7.86 -54.26 -17.16
N HIS Y 67 -8.40 -54.88 -18.22
CA HIS Y 67 -9.77 -55.37 -18.15
C HIS Y 67 -9.94 -56.86 -17.87
N MET Y 68 -8.83 -57.60 -17.78
CA MET Y 68 -8.87 -59.02 -17.55
C MET Y 68 -8.46 -59.43 -16.13
N ASP Y 69 -8.58 -60.75 -15.87
CA ASP Y 69 -8.15 -61.42 -14.62
C ASP Y 69 -6.82 -60.90 -14.13
N GLU Y 70 -6.71 -60.71 -12.81
CA GLU Y 70 -5.45 -60.31 -12.20
C GLU Y 70 -4.30 -61.23 -12.64
N ASP Y 71 -4.57 -62.53 -12.67
CA ASP Y 71 -3.67 -63.56 -13.24
C ASP Y 71 -3.04 -63.10 -14.55
N VAL Y 72 -3.88 -62.59 -15.44
CA VAL Y 72 -3.45 -62.23 -16.79
C VAL Y 72 -2.56 -60.99 -16.74
N GLY Y 73 -3.05 -59.95 -16.06
CA GLY Y 73 -2.26 -58.75 -15.81
C GLY Y 73 -0.86 -59.05 -15.26
N ASP Y 74 -0.84 -59.82 -14.18
CA ASP Y 74 0.43 -60.09 -13.47
C ASP Y 74 1.47 -60.88 -14.31
N ALA Y 75 0.99 -61.65 -15.29
CA ALA Y 75 1.88 -62.36 -16.22
C ALA Y 75 2.56 -61.42 -17.23
N ILE Y 76 1.83 -60.38 -17.59
CA ILE Y 76 2.29 -59.44 -18.60
C ILE Y 76 3.27 -58.42 -18.01
N LYS Y 77 2.99 -58.01 -16.77
CA LYS Y 77 3.61 -56.82 -16.15
C LYS Y 77 5.15 -56.79 -16.21
N PRO Y 78 5.80 -57.85 -15.72
CA PRO Y 78 7.28 -57.82 -15.63
C PRO Y 78 7.98 -57.49 -16.96
N TYR Y 79 7.45 -58.02 -18.07
CA TYR Y 79 7.95 -57.71 -19.40
C TYR Y 79 7.80 -56.23 -19.72
N ILE Y 80 6.63 -55.71 -19.39
CA ILE Y 80 6.36 -54.32 -19.66
C ILE Y 80 7.33 -53.47 -18.85
N VAL Y 81 7.43 -53.73 -17.55
CA VAL Y 81 8.41 -53.05 -16.66
C VAL Y 81 9.81 -53.11 -17.27
N HIS Y 82 10.21 -54.32 -17.68
CA HIS Y 82 11.48 -54.48 -18.35
C HIS Y 82 11.62 -53.54 -19.56
N ARG Y 83 10.62 -53.49 -20.44
CA ARG Y 83 10.70 -52.57 -21.60
C ARG Y 83 10.77 -51.10 -21.19
N CYS Y 84 9.88 -50.74 -20.26
CA CYS Y 84 9.79 -49.39 -19.70
C CYS Y 84 11.12 -48.88 -19.16
N ARG Y 85 11.91 -49.79 -18.58
CA ARG Y 85 13.23 -49.42 -18.04
C ARG Y 85 14.30 -49.14 -19.09
N GLN Y 86 14.12 -49.66 -20.30
CA GLN Y 86 15.17 -49.53 -21.32
C GLN Y 86 14.81 -48.53 -22.43
N SER Y 87 13.60 -47.96 -22.35
CA SER Y 87 13.17 -46.95 -23.31
C SER Y 87 12.11 -46.03 -22.67
N ILE Y 88 12.41 -44.73 -22.58
CA ILE Y 88 11.41 -43.80 -22.03
C ILE Y 88 10.29 -43.56 -23.06
N ASN Y 89 10.59 -43.68 -24.35
CA ASN Y 89 9.55 -43.65 -25.40
C ASN Y 89 8.51 -44.72 -25.05
N PHE Y 90 8.99 -45.95 -24.85
CA PHE Y 90 8.14 -47.04 -24.43
C PHE Y 90 7.31 -46.70 -23.17
N SER Y 91 8.00 -46.17 -22.16
CA SER Y 91 7.33 -45.78 -20.93
C SER Y 91 6.17 -44.81 -21.24
N LEU Y 92 6.48 -43.84 -22.10
CA LEU Y 92 5.51 -42.80 -22.46
C LEU Y 92 4.24 -43.41 -23.02
N GLN Y 93 4.40 -44.27 -24.03
CA GLN Y 93 3.24 -44.84 -24.71
C GLN Y 93 2.41 -45.66 -23.73
N CYS Y 94 3.12 -46.41 -22.87
CA CYS Y 94 2.46 -47.16 -21.79
C CYS Y 94 1.61 -46.21 -20.95
N ALA Y 95 2.27 -45.17 -20.42
CA ALA Y 95 1.56 -44.21 -19.56
C ALA Y 95 0.34 -43.61 -20.27
N LEU Y 96 0.53 -43.19 -21.51
CA LEU Y 96 -0.55 -42.60 -22.29
C LEU Y 96 -1.70 -43.56 -22.53
N LEU Y 97 -1.39 -44.78 -22.95
CA LEU Y 97 -2.41 -45.82 -23.23
C LEU Y 97 -3.16 -46.31 -21.99
N LEU Y 98 -2.41 -46.58 -20.92
CA LEU Y 98 -3.02 -46.92 -19.64
C LEU Y 98 -4.09 -45.92 -19.21
N GLY Y 99 -3.74 -44.62 -19.28
CA GLY Y 99 -4.67 -43.55 -18.94
C GLY Y 99 -5.86 -43.50 -19.87
N ALA Y 100 -5.59 -43.53 -21.17
CA ALA Y 100 -6.64 -43.46 -22.18
C ALA Y 100 -7.64 -44.63 -22.10
N TYR Y 101 -7.15 -45.84 -21.81
CA TYR Y 101 -8.03 -47.02 -21.78
C TYR Y 101 -8.71 -47.34 -20.40
N SER Y 102 -8.85 -46.31 -19.55
CA SER Y 102 -9.58 -46.42 -18.29
C SER Y 102 -10.31 -45.11 -17.89
N SER Y 103 -11.59 -45.04 -18.26
CA SER Y 103 -12.46 -43.94 -17.88
C SER Y 103 -13.94 -44.38 -17.91
N ARG Y 114 -7.22 -50.38 -11.37
CA ARG Y 114 -6.20 -51.31 -11.89
C ARG Y 114 -5.17 -50.57 -12.73
N GLY Y 115 -5.63 -49.68 -13.60
CA GLY Y 115 -4.70 -49.04 -14.53
C GLY Y 115 -3.84 -48.01 -13.83
N THR Y 116 -4.54 -47.23 -13.02
CA THR Y 116 -4.03 -46.07 -12.32
C THR Y 116 -2.75 -46.32 -11.49
N LYS Y 117 -2.75 -47.40 -10.70
CA LYS Y 117 -1.61 -47.67 -9.83
C LYS Y 117 -0.29 -47.84 -10.62
N LEU Y 118 -0.35 -48.51 -11.76
CA LEU Y 118 0.86 -48.79 -12.57
C LEU Y 118 1.33 -47.56 -13.35
N ARG Y 119 0.36 -46.78 -13.86
CA ARG Y 119 0.67 -45.55 -14.60
C ARG Y 119 1.55 -44.64 -13.73
N LYS Y 120 1.08 -44.40 -12.52
CA LYS Y 120 1.82 -43.60 -11.54
C LYS Y 120 3.22 -44.19 -11.25
N LEU Y 121 3.31 -45.51 -11.22
CA LEU Y 121 4.59 -46.18 -11.02
C LEU Y 121 5.54 -46.04 -12.23
N ILE Y 122 5.00 -46.00 -13.43
CA ILE Y 122 5.81 -45.76 -14.64
C ILE Y 122 6.25 -44.30 -14.69
N LEU Y 123 5.30 -43.38 -14.47
CA LEU Y 123 5.62 -41.95 -14.40
C LEU Y 123 6.62 -41.66 -13.25
N SER Y 124 6.59 -42.44 -12.17
CA SER Y 124 7.69 -42.44 -11.15
C SER Y 124 9.00 -43.04 -11.68
N ARG Y 188 11.89 -35.97 -14.89
CA ARG Y 188 11.94 -37.35 -15.38
C ARG Y 188 11.45 -37.45 -16.82
N LEU Y 189 10.16 -37.20 -17.01
CA LEU Y 189 9.50 -37.12 -18.33
C LEU Y 189 8.82 -35.75 -18.49
N ALA Y 190 9.07 -34.87 -17.52
CA ALA Y 190 8.38 -33.60 -17.42
C ALA Y 190 8.50 -32.76 -18.69
N PRO Y 191 9.73 -32.66 -19.27
CA PRO Y 191 9.86 -31.90 -20.51
C PRO Y 191 8.84 -32.30 -21.59
N GLU Y 192 8.76 -33.61 -21.88
CA GLU Y 192 7.85 -34.15 -22.89
C GLU Y 192 6.38 -33.94 -22.49
N ARG Y 193 6.04 -34.32 -21.26
CA ARG Y 193 4.66 -34.16 -20.77
C ARG Y 193 4.14 -32.71 -20.80
N GLU Y 194 5.05 -31.77 -20.49
CA GLU Y 194 4.71 -30.34 -20.49
C GLU Y 194 4.69 -29.80 -21.92
N PHE Y 195 5.66 -30.24 -22.73
CA PHE Y 195 5.61 -29.97 -24.16
C PHE Y 195 4.25 -30.39 -24.75
N ILE Y 196 3.76 -31.59 -24.42
CA ILE Y 196 2.46 -32.09 -24.95
C ILE Y 196 1.28 -31.35 -24.34
N LYS Y 197 1.34 -31.15 -23.01
CA LYS Y 197 0.31 -30.35 -22.37
C LYS Y 197 0.16 -28.96 -23.03
N SER Y 198 1.28 -28.28 -23.29
CA SER Y 198 1.22 -26.98 -23.95
C SER Y 198 0.57 -27.07 -25.34
N LEU Y 199 1.01 -28.06 -26.15
CA LEU Y 199 0.43 -28.28 -27.49
C LEU Y 199 -1.07 -28.50 -27.39
N MET Y 200 -1.47 -29.33 -26.43
CA MET Y 200 -2.89 -29.54 -26.17
C MET Y 200 -3.61 -28.23 -25.81
N ALA Y 201 -2.98 -27.48 -24.91
CA ALA Y 201 -3.53 -26.24 -24.37
C ALA Y 201 -3.77 -25.21 -25.47
N ILE Y 202 -2.77 -25.06 -26.33
CA ILE Y 202 -2.90 -24.19 -27.51
C ILE Y 202 -4.18 -24.49 -28.28
N GLY Y 203 -4.34 -25.74 -28.70
CA GLY Y 203 -5.50 -26.16 -29.50
C GLY Y 203 -6.85 -25.81 -28.88
N LYS Y 204 -6.94 -25.97 -27.55
CA LYS Y 204 -8.18 -25.67 -26.83
C LYS Y 204 -8.53 -24.17 -26.86
N ARG Y 205 -7.51 -23.31 -26.89
CA ARG Y 205 -7.75 -21.85 -26.90
C ARG Y 205 -8.39 -21.39 -28.21
N LEU Y 206 -8.02 -22.03 -29.32
CA LEU Y 206 -8.50 -21.64 -30.66
C LEU Y 206 -10.04 -21.74 -30.84
N ALA Y 207 -10.71 -22.44 -29.92
CA ALA Y 207 -12.17 -22.52 -29.92
C ALA Y 207 -12.91 -21.16 -29.98
N THR Y 208 -12.35 -20.12 -29.35
CA THR Y 208 -12.97 -18.79 -29.33
C THR Y 208 -12.82 -18.00 -30.64
N LEU Y 209 -11.96 -18.45 -31.56
CA LEU Y 209 -11.78 -17.76 -32.86
C LEU Y 209 -12.58 -18.43 -33.98
N PRO Y 210 -13.69 -17.82 -34.42
CA PRO Y 210 -14.67 -18.50 -35.29
C PRO Y 210 -14.22 -18.76 -36.73
N THR Y 211 -13.10 -18.21 -37.18
CA THR Y 211 -12.64 -18.47 -38.55
C THR Y 211 -11.21 -19.09 -38.62
N LYS Y 212 -11.02 -19.87 -39.68
CA LYS Y 212 -9.77 -20.57 -39.98
C LYS Y 212 -8.58 -19.61 -39.87
N GLU Y 213 -8.66 -18.53 -40.64
CA GLU Y 213 -7.59 -17.51 -40.73
C GLU Y 213 -7.19 -16.90 -39.38
N GLN Y 214 -8.18 -16.56 -38.54
CA GLN Y 214 -7.95 -16.00 -37.19
C GLN Y 214 -7.23 -17.01 -36.35
N LYS Y 215 -7.71 -18.25 -36.41
CA LYS Y 215 -7.14 -19.37 -35.68
C LYS Y 215 -5.67 -19.57 -36.05
N THR Y 216 -5.43 -19.69 -37.35
CA THR Y 216 -4.07 -19.87 -37.83
C THR Y 216 -3.13 -18.78 -37.32
N GLN Y 217 -3.61 -17.54 -37.33
CA GLN Y 217 -2.79 -16.42 -36.85
C GLN Y 217 -2.40 -16.60 -35.38
N ARG Y 218 -3.35 -17.00 -34.53
CA ARG Y 218 -3.05 -17.20 -33.10
C ARG Y 218 -2.14 -18.41 -32.88
N LEU Y 219 -2.41 -19.46 -33.67
CA LEU Y 219 -1.59 -20.65 -33.63
C LEU Y 219 -0.15 -20.28 -33.94
N ILE Y 220 0.08 -19.64 -35.10
CA ILE Y 220 1.44 -19.26 -35.53
C ILE Y 220 2.18 -18.46 -34.45
N SER Y 221 1.53 -17.44 -33.92
CA SER Y 221 2.12 -16.64 -32.85
C SER Y 221 2.45 -17.53 -31.66
N GLU Y 222 1.46 -18.32 -31.22
CA GLU Y 222 1.66 -19.09 -29.96
C GLU Y 222 2.67 -20.23 -30.05
N LEU Y 223 2.81 -20.80 -31.25
CA LEU Y 223 3.83 -21.80 -31.51
C LEU Y 223 5.24 -21.25 -31.38
N SER Y 224 5.44 -19.99 -31.78
CA SER Y 224 6.77 -19.36 -31.78
C SER Y 224 7.38 -19.37 -30.38
N LEU Y 225 6.50 -19.29 -29.36
CA LEU Y 225 6.90 -19.25 -27.96
C LEU Y 225 7.51 -20.57 -27.48
N LEU Y 226 7.11 -21.67 -28.11
CA LEU Y 226 7.65 -22.98 -27.75
C LEU Y 226 9.12 -23.17 -28.15
N ASN Y 227 9.57 -22.49 -29.22
CA ASN Y 227 11.00 -22.53 -29.61
C ASN Y 227 11.91 -22.03 -28.50
N HIS Y 228 11.36 -21.15 -27.66
CA HIS Y 228 12.06 -20.63 -26.50
C HIS Y 228 12.43 -21.73 -25.53
N LYS Y 229 11.74 -22.88 -25.59
CA LYS Y 229 12.11 -24.03 -24.76
C LYS Y 229 12.87 -25.16 -25.48
N LEU Y 230 13.28 -24.93 -26.72
CA LEU Y 230 14.00 -25.95 -27.50
C LEU Y 230 15.46 -25.57 -27.82
N PRO Y 231 16.34 -26.58 -27.98
CA PRO Y 231 16.06 -28.00 -27.88
C PRO Y 231 16.05 -28.50 -26.45
N ALA Y 232 15.36 -29.63 -26.24
CA ALA Y 232 15.21 -30.24 -24.90
C ALA Y 232 15.08 -31.78 -24.98
N ARG Y 233 14.92 -32.43 -23.82
CA ARG Y 233 14.66 -33.87 -23.76
C ARG Y 233 13.21 -34.15 -24.19
N VAL Y 234 12.92 -33.92 -25.48
CA VAL Y 234 11.56 -34.04 -26.03
C VAL Y 234 11.58 -34.61 -27.47
N TRP Y 235 10.53 -35.36 -27.82
CA TRP Y 235 10.44 -36.06 -29.12
C TRP Y 235 8.99 -36.29 -29.57
N LEU Y 236 8.85 -36.70 -30.82
CA LEU Y 236 7.58 -37.05 -31.42
C LEU Y 236 7.47 -38.57 -31.57
N PRO Y 237 6.68 -39.21 -30.70
CA PRO Y 237 6.53 -40.68 -30.71
C PRO Y 237 6.08 -41.29 -32.06
N THR Y 238 5.41 -40.47 -32.87
CA THR Y 238 5.02 -40.85 -34.21
C THR Y 238 6.20 -41.00 -35.21
N ALA Y 239 7.42 -40.66 -34.79
CA ALA Y 239 8.57 -40.68 -35.74
C ALA Y 239 9.16 -42.07 -35.92
N GLY Y 240 9.54 -42.36 -37.16
CA GLY Y 240 10.15 -43.64 -37.49
C GLY Y 240 11.44 -43.97 -36.75
N PHE Y 241 12.10 -42.98 -36.13
CA PHE Y 241 13.46 -43.13 -35.60
C PHE Y 241 13.63 -42.42 -34.26
N ASP Y 242 14.80 -42.60 -33.64
CA ASP Y 242 15.17 -41.85 -32.42
C ASP Y 242 15.70 -40.49 -32.82
N HIS Y 243 15.42 -39.50 -31.98
CA HIS Y 243 15.74 -38.12 -32.32
C HIS Y 243 15.57 -37.16 -31.15
N HIS Y 244 16.07 -35.95 -31.36
CA HIS Y 244 15.74 -34.81 -30.50
C HIS Y 244 15.04 -33.73 -31.37
N VAL Y 245 13.98 -33.12 -30.82
CA VAL Y 245 13.31 -31.96 -31.45
C VAL Y 245 14.09 -30.69 -31.18
N VAL Y 246 14.33 -29.91 -32.24
CA VAL Y 246 15.16 -28.69 -32.08
C VAL Y 246 14.40 -27.38 -32.31
N ARG Y 247 13.45 -27.39 -33.25
CA ARG Y 247 12.85 -26.16 -33.77
C ARG Y 247 11.48 -26.40 -34.40
N VAL Y 248 10.59 -25.43 -34.21
CA VAL Y 248 9.27 -25.44 -34.82
C VAL Y 248 9.12 -24.26 -35.79
N PRO Y 249 9.05 -24.54 -37.09
CA PRO Y 249 8.79 -23.48 -38.07
C PRO Y 249 7.33 -22.99 -38.04
N HIS Y 250 7.03 -22.25 -36.98
CA HIS Y 250 5.71 -21.73 -36.68
C HIS Y 250 4.98 -21.05 -37.84
N THR Y 251 5.70 -20.29 -38.67
CA THR Y 251 5.03 -19.62 -39.81
C THR Y 251 4.39 -20.61 -40.78
N GLN Y 252 4.86 -21.86 -40.75
CA GLN Y 252 4.37 -22.88 -41.69
C GLN Y 252 3.17 -23.66 -41.20
N ALA Y 253 2.91 -23.57 -39.90
CA ALA Y 253 1.80 -24.28 -39.29
C ALA Y 253 0.47 -23.70 -39.76
N VAL Y 254 -0.54 -24.56 -39.82
CA VAL Y 254 -1.86 -24.19 -40.32
C VAL Y 254 -2.97 -24.97 -39.59
N VAL Y 255 -4.12 -24.32 -39.44
CA VAL Y 255 -5.29 -24.92 -38.80
C VAL Y 255 -6.20 -25.41 -39.93
N LEU Y 256 -6.86 -26.55 -39.71
CA LEU Y 256 -7.52 -27.28 -40.82
C LEU Y 256 -9.01 -26.95 -41.13
N ASN Y 257 -9.77 -26.53 -40.12
CA ASN Y 257 -11.19 -26.18 -40.33
C ASN Y 257 -11.68 -25.10 -39.33
N SER Y 258 -12.94 -24.69 -39.50
CA SER Y 258 -13.53 -23.61 -38.69
C SER Y 258 -14.26 -24.13 -37.44
N LYS Y 259 -14.06 -25.42 -37.15
CA LYS Y 259 -14.81 -26.09 -36.09
C LYS Y 259 -14.36 -25.71 -34.66
N ASP Y 260 -15.25 -26.04 -33.72
CA ASP Y 260 -15.13 -25.66 -32.30
C ASP Y 260 -13.84 -26.18 -31.68
N LYS Y 261 -13.51 -27.44 -31.91
CA LYS Y 261 -12.25 -28.03 -31.44
C LYS Y 261 -11.43 -28.48 -32.63
N ALA Y 262 -11.04 -27.49 -33.42
CA ALA Y 262 -10.35 -27.74 -34.68
C ALA Y 262 -8.98 -28.40 -34.45
N PRO Y 263 -8.64 -29.36 -35.30
CA PRO Y 263 -7.30 -29.89 -35.35
C PRO Y 263 -6.37 -28.96 -36.13
N TYR Y 264 -5.09 -29.06 -35.86
CA TYR Y 264 -4.12 -28.21 -36.53
C TYR Y 264 -2.88 -28.99 -36.91
N LEU Y 265 -2.33 -28.65 -38.06
CA LEU Y 265 -1.15 -29.32 -38.56
C LEU Y 265 0.10 -28.49 -38.27
N ILE Y 266 1.17 -29.15 -37.82
CA ILE Y 266 2.46 -28.46 -37.65
C ILE Y 266 3.62 -29.26 -38.23
N TYR Y 267 4.68 -28.55 -38.57
CA TYR Y 267 5.90 -29.17 -39.00
C TYR Y 267 6.91 -29.01 -37.88
N VAL Y 268 7.75 -30.05 -37.68
CA VAL Y 268 8.74 -30.03 -36.61
C VAL Y 268 10.12 -30.44 -37.11
N GLU Y 269 11.15 -29.75 -36.62
CA GLU Y 269 12.54 -30.04 -36.99
C GLU Y 269 13.19 -30.92 -35.92
N VAL Y 270 13.96 -31.91 -36.39
CA VAL Y 270 14.64 -32.84 -35.47
C VAL Y 270 16.06 -33.22 -35.93
N LEU Y 271 16.84 -33.67 -34.94
CA LEU Y 271 18.18 -34.23 -35.19
C LEU Y 271 18.25 -35.72 -34.83
N GLU Y 272 18.53 -36.56 -35.83
CA GLU Y 272 18.44 -38.01 -35.66
C GLU Y 272 19.45 -38.54 -34.65
N CYS Y 273 19.05 -39.58 -33.93
CA CYS Y 273 19.92 -40.26 -33.01
C CYS Y 273 20.16 -41.69 -33.48
N GLU Y 274 21.15 -42.35 -32.88
CA GLU Y 274 21.25 -43.82 -32.92
C GLU Y 274 20.57 -44.41 -31.70
N ASN Y 275 20.77 -43.74 -30.58
CA ASN Y 275 19.99 -44.01 -29.39
C ASN Y 275 19.71 -42.74 -28.59
N PHE Y 276 18.42 -42.50 -28.33
CA PHE Y 276 17.97 -41.34 -27.56
C PHE Y 276 18.37 -41.33 -26.09
N ASP Y 277 18.25 -42.51 -25.46
CA ASP Y 277 18.32 -42.62 -24.00
C ASP Y 277 19.69 -42.26 -23.45
N THR Y 278 20.70 -42.31 -24.30
CA THR Y 278 22.10 -42.18 -23.87
C THR Y 278 22.86 -41.03 -24.51
N THR Y 279 22.16 -40.07 -25.11
CA THR Y 279 22.84 -39.07 -25.91
C THR Y 279 22.42 -37.65 -25.61
N SER Y 280 23.33 -36.75 -25.95
CA SER Y 280 23.06 -35.34 -26.24
C SER Y 280 22.10 -34.55 -25.35
N VAL Y 281 20.87 -34.36 -25.86
CA VAL Y 281 20.19 -33.05 -25.94
C VAL Y 281 21.15 -32.00 -26.58
N PRO Y 282 21.09 -31.82 -27.93
CA PRO Y 282 22.04 -30.91 -28.61
C PRO Y 282 21.88 -29.45 -28.17
N ALA Y 283 22.80 -28.61 -28.63
CA ALA Y 283 22.92 -27.24 -28.17
C ALA Y 283 22.05 -26.29 -28.99
N ARG Y 284 21.50 -25.28 -28.32
CA ARG Y 284 20.67 -24.28 -28.99
C ARG Y 284 21.50 -23.51 -30.01
N ILE Y 285 20.85 -23.13 -31.12
CA ILE Y 285 21.44 -22.22 -32.10
C ILE Y 285 20.44 -21.07 -32.27
N PRO Y 286 20.84 -19.85 -31.85
CA PRO Y 286 19.85 -18.80 -31.59
C PRO Y 286 18.99 -18.27 -32.75
N GLU Y 287 19.39 -18.45 -34.01
CA GLU Y 287 18.52 -18.20 -35.18
C GLU Y 287 18.64 -16.81 -35.80
N ASN Y 288 18.08 -16.68 -37.02
CA ASN Y 288 17.60 -15.38 -37.52
C ASN Y 288 16.27 -15.52 -38.24
N PRO Y 295 10.41 -14.73 -46.04
CA PRO Y 295 11.14 -15.43 -47.10
C PRO Y 295 11.07 -16.96 -46.95
N SER Y 296 11.74 -17.53 -45.94
CA SER Y 296 11.43 -18.90 -45.50
C SER Y 296 10.11 -18.82 -44.73
N ALA Y 297 9.79 -17.62 -44.22
CA ALA Y 297 8.56 -17.39 -43.44
C ALA Y 297 7.24 -17.49 -44.21
N VAL Y 298 7.26 -17.17 -45.50
CA VAL Y 298 6.01 -17.16 -46.29
C VAL Y 298 5.50 -18.60 -46.53
N ALA Y 299 4.19 -18.78 -46.44
CA ALA Y 299 3.56 -20.10 -46.61
C ALA Y 299 2.65 -20.15 -47.85
N LEU Y 300 2.87 -21.11 -48.75
CA LEU Y 300 1.94 -21.35 -49.88
C LEU Y 300 1.89 -22.84 -50.30
N LYS Y 301 0.84 -23.21 -51.03
CA LYS Y 301 0.68 -24.56 -51.59
C LYS Y 301 1.83 -24.95 -52.52
N GLU Y 302 2.59 -25.92 -52.06
CA GLU Y 302 3.75 -26.44 -52.77
C GLU Y 302 4.00 -27.89 -52.34
N PRO Y 303 4.65 -28.70 -53.21
CA PRO Y 303 5.05 -30.06 -52.82
C PRO Y 303 5.84 -30.16 -51.50
N TRP Y 304 5.92 -31.36 -50.94
CA TRP Y 304 6.61 -31.61 -49.68
C TRP Y 304 8.12 -31.32 -49.75
N GLN Y 305 8.79 -31.78 -50.81
CA GLN Y 305 10.26 -31.60 -50.93
C GLN Y 305 10.65 -30.13 -51.19
N GLU Y 306 9.77 -29.41 -51.88
CA GLU Y 306 9.97 -27.98 -52.07
C GLU Y 306 9.77 -27.22 -50.74
N LYS Y 307 8.86 -27.72 -49.90
CA LYS Y 307 8.64 -27.15 -48.56
C LYS Y 307 9.77 -27.51 -47.58
N VAL Y 308 10.33 -28.72 -47.71
CA VAL Y 308 11.52 -29.08 -46.89
C VAL Y 308 12.68 -28.14 -47.22
N ARG Y 309 12.92 -27.94 -48.52
CA ARG Y 309 13.96 -27.00 -49.02
C ARG Y 309 13.85 -25.63 -48.33
N ARG Y 310 12.69 -25.00 -48.49
CA ARG Y 310 12.40 -23.65 -47.96
C ARG Y 310 12.63 -23.55 -46.45
N ILE Y 311 12.12 -24.52 -45.71
CA ILE Y 311 12.23 -24.49 -44.26
C ILE Y 311 13.66 -24.77 -43.82
N ARG Y 312 14.28 -25.78 -44.44
CA ARG Y 312 15.66 -26.15 -44.17
C ARG Y 312 16.58 -24.95 -44.39
N GLU Y 313 16.51 -24.37 -45.59
CA GLU Y 313 17.36 -23.21 -45.95
C GLU Y 313 17.24 -22.04 -44.98
N GLY Y 314 16.04 -21.80 -44.47
CA GLY Y 314 15.81 -20.76 -43.47
C GLY Y 314 16.24 -21.16 -42.06
N SER Y 315 16.43 -22.46 -41.81
CA SER Y 315 16.67 -22.93 -40.46
C SER Y 315 18.13 -22.83 -40.02
N PRO Y 316 18.36 -22.40 -38.77
CA PRO Y 316 19.69 -22.50 -38.15
C PRO Y 316 20.33 -23.89 -38.34
N TYR Y 317 19.56 -24.94 -38.09
CA TYR Y 317 20.06 -26.32 -38.06
C TYR Y 317 20.03 -27.02 -39.43
N GLY Y 318 19.49 -26.34 -40.44
CA GLY Y 318 19.21 -26.97 -41.73
C GLY Y 318 20.42 -27.54 -42.46
N HIS Y 319 21.57 -26.94 -42.24
CA HIS Y 319 22.83 -27.41 -42.84
C HIS Y 319 23.23 -28.84 -42.46
N LEU Y 320 22.88 -29.29 -41.24
CA LEU Y 320 23.36 -30.59 -40.73
C LEU Y 320 22.83 -31.80 -41.52
N PRO Y 321 23.67 -32.86 -41.66
CA PRO Y 321 23.21 -34.12 -42.27
C PRO Y 321 22.28 -34.88 -41.32
N ASN Y 322 22.40 -34.51 -40.04
CA ASN Y 322 21.67 -35.08 -38.93
C ASN Y 322 20.20 -34.67 -38.90
N TRP Y 323 19.87 -33.65 -39.71
CA TRP Y 323 18.62 -32.90 -39.63
C TRP Y 323 17.53 -33.55 -40.47
N ARG Y 324 16.33 -33.67 -39.90
CA ARG Y 324 15.16 -34.14 -40.65
C ARG Y 324 13.89 -33.39 -40.24
N LEU Y 325 12.91 -33.41 -41.14
CA LEU Y 325 11.64 -32.73 -40.92
C LEU Y 325 10.46 -33.70 -40.75
N LEU Y 326 9.68 -33.50 -39.69
CA LEU Y 326 8.46 -34.30 -39.44
C LEU Y 326 7.20 -33.44 -39.44
N SER Y 327 6.05 -34.12 -39.37
CA SER Y 327 4.76 -33.45 -39.38
C SER Y 327 3.75 -34.23 -38.55
N VAL Y 328 2.89 -33.52 -37.82
CA VAL Y 328 1.77 -34.12 -37.11
C VAL Y 328 0.54 -33.21 -37.11
N ILE Y 329 -0.64 -33.84 -37.15
CA ILE Y 329 -1.89 -33.17 -36.88
C ILE Y 329 -2.14 -33.33 -35.40
N VAL Y 330 -2.52 -32.26 -34.73
CA VAL Y 330 -2.80 -32.31 -33.31
C VAL Y 330 -4.30 -32.20 -33.08
N LYS Y 331 -4.89 -33.25 -32.50
CA LYS Y 331 -6.33 -33.21 -32.22
C LYS Y 331 -6.55 -33.07 -30.71
N CYS Y 332 -6.95 -31.87 -30.28
CA CYS Y 332 -6.98 -31.54 -28.85
C CYS Y 332 -8.24 -32.06 -28.16
N GLY Y 333 -9.34 -32.13 -28.92
CA GLY Y 333 -10.62 -32.54 -28.35
C GLY Y 333 -11.29 -33.71 -29.06
N ASP Y 334 -10.53 -34.50 -29.81
CA ASP Y 334 -11.09 -35.67 -30.52
C ASP Y 334 -10.50 -37.02 -29.99
N ASP Y 335 -11.37 -38.01 -29.73
CA ASP Y 335 -10.91 -39.34 -29.32
C ASP Y 335 -10.28 -40.04 -30.51
N LEU Y 336 -9.14 -40.71 -30.30
CA LEU Y 336 -8.41 -41.36 -31.40
C LEU Y 336 -8.30 -42.89 -31.27
N ARG Y 337 -9.08 -43.50 -30.39
CA ARG Y 337 -8.88 -44.93 -30.10
C ARG Y 337 -9.43 -45.83 -31.23
N GLN Y 338 -10.57 -45.44 -31.79
CA GLN Y 338 -11.11 -46.07 -33.01
C GLN Y 338 -10.09 -45.95 -34.13
N GLU Y 339 -9.54 -44.75 -34.21
CA GLU Y 339 -8.59 -44.44 -35.25
C GLU Y 339 -7.35 -45.32 -35.10
N LEU Y 340 -6.91 -45.49 -33.86
CA LEU Y 340 -5.80 -46.42 -33.55
C LEU Y 340 -6.16 -47.86 -33.90
N LEU Y 341 -7.36 -48.29 -33.51
CA LEU Y 341 -7.76 -49.65 -33.88
C LEU Y 341 -7.70 -49.84 -35.41
N ALA Y 342 -8.23 -48.87 -36.16
CA ALA Y 342 -8.26 -48.95 -37.63
C ALA Y 342 -6.86 -49.09 -38.22
N PHE Y 343 -5.95 -48.34 -37.62
CA PHE Y 343 -4.56 -48.35 -38.03
C PHE Y 343 -4.00 -49.77 -38.00
N GLN Y 344 -4.20 -50.45 -36.88
CA GLN Y 344 -3.68 -51.81 -36.70
C GLN Y 344 -4.26 -52.73 -37.76
N VAL Y 345 -5.56 -52.58 -37.99
CA VAL Y 345 -6.23 -53.41 -38.97
C VAL Y 345 -5.66 -53.17 -40.38
N LEU Y 346 -5.47 -51.90 -40.71
CA LEU Y 346 -4.91 -51.55 -41.99
C LEU Y 346 -3.49 -52.12 -42.13
N LYS Y 347 -2.74 -52.01 -41.04
CA LYS Y 347 -1.33 -52.44 -41.06
C LYS Y 347 -1.24 -53.93 -41.22
N GLN Y 348 -2.10 -54.66 -40.51
CA GLN Y 348 -2.19 -56.11 -40.67
C GLN Y 348 -2.60 -56.49 -42.10
N LEU Y 349 -3.68 -55.88 -42.62
CA LEU Y 349 -4.10 -56.19 -43.99
C LEU Y 349 -2.99 -55.89 -45.01
N GLN Y 350 -2.24 -54.81 -44.76
CA GLN Y 350 -1.10 -54.47 -45.60
C GLN Y 350 -0.05 -55.61 -45.63
N SER Y 351 0.31 -56.12 -44.44
CA SER Y 351 1.30 -57.19 -44.31
C SER Y 351 0.76 -58.47 -44.92
N ILE Y 352 -0.51 -58.76 -44.66
CA ILE Y 352 -1.16 -59.90 -45.28
C ILE Y 352 -1.02 -59.77 -46.80
N TRP Y 353 -1.34 -58.60 -47.36
CA TRP Y 353 -1.27 -58.45 -48.82
C TRP Y 353 0.17 -58.44 -49.38
N GLU Y 354 1.13 -57.99 -48.58
CA GLU Y 354 2.55 -58.15 -48.99
C GLU Y 354 3.01 -59.63 -48.97
N GLN Y 355 2.65 -60.33 -47.90
CA GLN Y 355 3.03 -61.73 -47.67
C GLN Y 355 2.49 -62.66 -48.76
N GLU Y 356 1.16 -62.68 -48.95
CA GLU Y 356 0.58 -63.22 -50.20
C GLU Y 356 1.11 -62.20 -51.21
N ARG Y 357 0.87 -62.38 -52.49
CA ARG Y 357 1.52 -61.43 -53.40
C ARG Y 357 0.54 -60.70 -54.26
N VAL Y 358 -0.27 -59.91 -53.57
CA VAL Y 358 -1.32 -59.10 -54.17
C VAL Y 358 -0.88 -57.63 -54.06
N PRO Y 359 -0.65 -56.97 -55.20
CA PRO Y 359 -0.16 -55.61 -55.18
C PRO Y 359 -1.26 -54.55 -54.93
N LEU Y 360 -2.22 -54.82 -54.05
CA LEU Y 360 -3.11 -53.76 -53.55
C LEU Y 360 -2.26 -52.73 -52.83
N TRP Y 361 -2.81 -51.52 -52.69
CA TRP Y 361 -2.11 -50.43 -52.03
C TRP Y 361 -3.02 -49.73 -51.02
N ILE Y 362 -2.54 -49.57 -49.80
CA ILE Y 362 -3.21 -48.72 -48.79
C ILE Y 362 -2.18 -48.01 -47.95
N LYS Y 363 -2.63 -47.01 -47.18
CA LYS Y 363 -1.73 -46.25 -46.34
C LYS Y 363 -2.30 -46.14 -44.95
N PRO Y 364 -1.79 -46.99 -44.06
CA PRO Y 364 -1.98 -46.77 -42.63
C PRO Y 364 -1.25 -45.53 -42.22
N TYR Y 365 -1.93 -44.69 -41.45
CA TYR Y 365 -1.28 -43.51 -40.93
C TYR Y 365 -1.20 -43.61 -39.44
N LYS Y 366 0.00 -43.31 -38.92
CA LYS Y 366 0.32 -43.48 -37.51
C LYS Y 366 -0.60 -42.67 -36.61
N ILE Y 367 -0.91 -43.24 -35.45
CA ILE Y 367 -1.78 -42.63 -34.47
C ILE Y 367 -1.05 -42.58 -33.14
N LEU Y 368 -1.21 -41.48 -32.43
CA LEU Y 368 -0.76 -41.44 -31.05
C LEU Y 368 -1.91 -41.00 -30.17
N VAL Y 369 -2.39 -41.93 -29.35
CA VAL Y 369 -3.43 -41.63 -28.37
C VAL Y 369 -2.78 -40.96 -27.18
N ILE Y 370 -3.33 -39.82 -26.77
CA ILE Y 370 -2.78 -39.09 -25.63
C ILE Y 370 -3.72 -39.12 -24.42
N SER Y 371 -5.01 -39.01 -24.69
CA SER Y 371 -6.03 -39.23 -23.70
C SER Y 371 -7.25 -39.84 -24.40
N ALA Y 372 -8.30 -40.14 -23.64
CA ALA Y 372 -9.57 -40.54 -24.22
C ALA Y 372 -10.15 -39.40 -25.06
N ASP Y 373 -9.71 -38.18 -24.75
CA ASP Y 373 -10.14 -36.97 -25.43
C ASP Y 373 -9.27 -36.56 -26.61
N SER Y 374 -7.97 -36.86 -26.54
CA SER Y 374 -6.98 -36.20 -27.38
C SER Y 374 -5.86 -37.11 -27.91
N GLY Y 375 -5.29 -36.71 -29.05
CA GLY Y 375 -4.19 -37.43 -29.69
C GLY Y 375 -3.61 -36.74 -30.94
N MET Y 376 -2.73 -37.46 -31.64
CA MET Y 376 -2.10 -36.97 -32.86
C MET Y 376 -2.13 -37.98 -34.00
N ILE Y 377 -2.01 -37.46 -35.22
CA ILE Y 377 -2.00 -38.26 -36.44
C ILE Y 377 -0.85 -37.82 -37.35
N GLU Y 378 -0.07 -38.76 -37.88
CA GLU Y 378 0.92 -38.42 -38.92
C GLU Y 378 0.22 -38.36 -40.29
N PRO Y 379 0.13 -37.16 -40.87
CA PRO Y 379 -0.64 -37.01 -42.10
C PRO Y 379 0.12 -37.54 -43.32
N VAL Y 380 -0.59 -37.88 -44.38
CA VAL Y 380 0.10 -38.16 -45.65
C VAL Y 380 0.37 -36.86 -46.35
N VAL Y 381 1.63 -36.68 -46.76
CA VAL Y 381 2.05 -35.47 -47.47
C VAL Y 381 1.86 -35.60 -48.98
N ASN Y 382 1.84 -34.47 -49.67
CA ASN Y 382 1.56 -34.41 -51.11
C ASN Y 382 0.23 -35.08 -51.42
N ALA Y 383 -0.76 -34.68 -50.66
CA ALA Y 383 -2.08 -35.24 -50.78
C ALA Y 383 -3.11 -34.23 -50.30
N VAL Y 384 -4.22 -34.16 -51.01
CA VAL Y 384 -5.31 -33.26 -50.64
C VAL Y 384 -6.65 -33.93 -50.95
N SER Y 385 -7.69 -33.44 -50.29
CA SER Y 385 -9.00 -34.06 -50.36
C SER Y 385 -9.52 -34.02 -51.81
N ILE Y 386 -10.25 -35.06 -52.20
CA ILE Y 386 -10.91 -35.07 -53.52
C ILE Y 386 -11.80 -33.85 -53.72
N HIS Y 387 -12.56 -33.53 -52.67
CA HIS Y 387 -13.54 -32.46 -52.73
C HIS Y 387 -12.90 -31.11 -53.07
N GLN Y 388 -11.78 -30.80 -52.38
CA GLN Y 388 -11.14 -29.51 -52.59
C GLN Y 388 -10.31 -29.52 -53.88
N VAL Y 389 -9.78 -30.69 -54.28
CA VAL Y 389 -9.18 -30.85 -55.62
C VAL Y 389 -10.14 -30.43 -56.75
N LYS Y 390 -11.42 -30.69 -56.55
CA LYS Y 390 -12.43 -30.30 -57.53
C LYS Y 390 -12.89 -28.85 -57.37
N LYS Y 391 -12.69 -28.27 -56.19
CA LYS Y 391 -13.09 -26.87 -55.97
C LYS Y 391 -11.97 -25.88 -56.35
N GLN Y 392 -10.72 -26.26 -56.17
CA GLN Y 392 -9.63 -25.37 -56.60
C GLN Y 392 -9.32 -25.54 -58.09
N SER Y 393 -9.36 -26.77 -58.61
CA SER Y 393 -9.20 -27.00 -60.06
C SER Y 393 -10.41 -26.58 -60.91
N GLN Y 394 -11.62 -26.77 -60.39
CA GLN Y 394 -12.86 -26.63 -61.17
C GLN Y 394 -12.96 -27.67 -62.29
N LEU Y 395 -12.16 -28.73 -62.20
CA LEU Y 395 -12.13 -29.76 -63.23
C LEU Y 395 -12.87 -31.05 -62.80
N SER Y 396 -13.09 -31.94 -63.78
CA SER Y 396 -13.48 -33.32 -63.49
C SER Y 396 -12.21 -34.11 -63.12
N LEU Y 397 -12.40 -35.11 -62.26
CA LEU Y 397 -11.30 -35.87 -61.68
C LEU Y 397 -10.26 -36.34 -62.74
N LEU Y 398 -10.80 -36.89 -63.82
CA LEU Y 398 -10.00 -37.32 -64.95
C LEU Y 398 -9.24 -36.16 -65.59
N ASP Y 399 -9.96 -35.07 -65.83
CA ASP Y 399 -9.33 -33.87 -66.41
C ASP Y 399 -8.16 -33.41 -65.51
N TYR Y 400 -8.37 -33.45 -64.19
CA TYR Y 400 -7.27 -33.16 -63.24
C TYR Y 400 -6.09 -34.15 -63.40
N PHE Y 401 -6.42 -35.46 -63.46
CA PHE Y 401 -5.36 -36.48 -63.76
C PHE Y 401 -4.54 -36.13 -65.00
N LEU Y 402 -5.27 -35.82 -66.06
CA LEU Y 402 -4.67 -35.47 -67.33
C LEU Y 402 -3.83 -34.20 -67.26
N GLN Y 403 -4.34 -33.18 -66.59
CA GLN Y 403 -3.54 -31.96 -66.37
C GLN Y 403 -2.27 -32.27 -65.59
N GLU Y 404 -2.42 -32.99 -64.46
CA GLU Y 404 -1.29 -33.14 -63.51
C GLU Y 404 -0.27 -34.23 -63.84
N HIS Y 405 -0.66 -35.20 -64.66
CA HIS Y 405 0.27 -36.28 -65.02
C HIS Y 405 0.63 -36.31 -66.51
N GLY Y 406 -0.36 -36.06 -67.36
CA GLY Y 406 -0.16 -36.01 -68.80
C GLY Y 406 -1.26 -36.76 -69.50
N SER Y 407 -1.14 -36.89 -70.81
CA SER Y 407 -2.13 -37.63 -71.61
C SER Y 407 -2.08 -39.11 -71.22
N TYR Y 408 -3.19 -39.81 -71.38
CA TYR Y 408 -3.24 -41.26 -71.04
C TYR Y 408 -2.27 -42.12 -71.87
N THR Y 409 -1.56 -41.56 -72.85
CA THR Y 409 -0.48 -42.31 -73.53
C THR Y 409 0.89 -42.09 -72.89
N THR Y 410 0.94 -41.27 -71.84
CA THR Y 410 2.23 -41.08 -71.13
C THR Y 410 2.42 -42.09 -69.99
N GLU Y 411 3.69 -42.33 -69.62
CA GLU Y 411 4.01 -43.22 -68.51
C GLU Y 411 3.37 -42.75 -67.21
N ALA Y 412 3.68 -41.50 -66.88
CA ALA Y 412 3.21 -40.83 -65.64
C ALA Y 412 1.73 -41.07 -65.41
N PHE Y 413 0.94 -41.03 -66.49
CA PHE Y 413 -0.48 -41.24 -66.37
C PHE Y 413 -0.78 -42.71 -66.12
N LEU Y 414 -0.18 -43.61 -66.91
CA LEU Y 414 -0.52 -45.04 -66.81
C LEU Y 414 -0.14 -45.58 -65.44
N SER Y 415 1.01 -45.11 -64.95
CA SER Y 415 1.42 -45.43 -63.59
C SER Y 415 0.45 -44.90 -62.53
N ALA Y 416 0.01 -43.64 -62.67
CA ALA Y 416 -0.97 -43.03 -61.74
C ALA Y 416 -2.31 -43.76 -61.75
N GLN Y 417 -2.74 -44.17 -62.94
CA GLN Y 417 -3.99 -44.93 -63.13
C GLN Y 417 -3.89 -46.22 -62.34
N ARG Y 418 -2.77 -46.91 -62.52
CA ARG Y 418 -2.53 -48.16 -61.83
C ARG Y 418 -2.59 -47.96 -60.31
N ASN Y 419 -1.90 -46.94 -59.81
CA ASN Y 419 -1.95 -46.60 -58.38
C ASN Y 419 -3.35 -46.27 -57.89
N PHE Y 420 -4.11 -45.57 -58.74
CA PHE Y 420 -5.51 -45.32 -58.48
C PHE Y 420 -6.22 -46.67 -58.31
N VAL Y 421 -6.10 -47.53 -59.32
CA VAL Y 421 -6.85 -48.80 -59.32
C VAL Y 421 -6.48 -49.67 -58.14
N GLN Y 422 -5.18 -49.76 -57.86
CA GLN Y 422 -4.70 -50.57 -56.75
C GLN Y 422 -5.07 -49.98 -55.40
N SER Y 423 -5.06 -48.64 -55.28
CA SER Y 423 -5.47 -48.04 -54.00
C SER Y 423 -7.01 -48.14 -53.80
N CYS Y 424 -7.77 -48.07 -54.88
CA CYS Y 424 -9.24 -48.22 -54.79
C CYS Y 424 -9.69 -49.61 -54.34
N ALA Y 425 -9.10 -50.64 -54.96
CA ALA Y 425 -9.43 -52.03 -54.64
C ALA Y 425 -9.12 -52.29 -53.17
N GLY Y 426 -7.91 -51.89 -52.77
CA GLY Y 426 -7.53 -51.96 -51.36
C GLY Y 426 -8.59 -51.37 -50.44
N TYR Y 427 -8.89 -50.09 -50.66
CA TYR Y 427 -9.77 -49.34 -49.72
C TYR Y 427 -11.23 -49.83 -49.77
N CYS Y 428 -11.67 -50.32 -50.95
CA CYS Y 428 -13.00 -50.95 -51.04
C CYS Y 428 -13.10 -52.08 -50.00
N LEU Y 429 -12.07 -52.95 -50.02
CA LEU Y 429 -12.04 -54.14 -49.17
C LEU Y 429 -12.07 -53.75 -47.71
N VAL Y 430 -11.23 -52.77 -47.38
CA VAL Y 430 -11.20 -52.24 -46.03
C VAL Y 430 -12.57 -51.71 -45.62
N CYS Y 431 -13.19 -50.92 -46.50
CA CYS Y 431 -14.52 -50.35 -46.19
C CYS Y 431 -15.57 -51.40 -45.97
N TYR Y 432 -15.57 -52.41 -46.86
CA TYR Y 432 -16.50 -53.53 -46.69
C TYR Y 432 -16.21 -54.27 -45.39
N LEU Y 433 -15.00 -54.77 -45.23
CA LEU Y 433 -14.66 -55.55 -44.02
C LEU Y 433 -14.89 -54.79 -42.71
N LEU Y 434 -14.48 -53.53 -42.64
CA LEU Y 434 -14.72 -52.76 -41.41
C LEU Y 434 -16.08 -52.08 -41.34
N GLN Y 435 -16.89 -52.23 -42.41
CA GLN Y 435 -18.16 -51.50 -42.50
C GLN Y 435 -17.89 -50.02 -42.20
N VAL Y 436 -17.03 -49.42 -43.02
CA VAL Y 436 -16.69 -47.99 -42.85
C VAL Y 436 -17.83 -47.16 -43.40
N LYS Y 437 -18.33 -46.20 -42.61
CA LYS Y 437 -19.46 -45.37 -43.07
C LYS Y 437 -19.03 -43.91 -43.23
N ASP Y 438 -19.98 -43.02 -43.48
CA ASP Y 438 -19.72 -41.58 -43.63
C ASP Y 438 -18.68 -41.36 -44.72
N ARG Y 439 -18.86 -42.03 -45.86
CA ARG Y 439 -17.91 -41.95 -46.96
C ARG Y 439 -18.29 -40.85 -47.97
N HIS Y 440 -17.45 -39.81 -48.03
CA HIS Y 440 -17.62 -38.73 -48.99
C HIS Y 440 -16.23 -38.15 -49.33
N ASN Y 441 -16.20 -37.23 -50.30
CA ASN Y 441 -14.94 -36.73 -50.88
C ASN Y 441 -14.11 -35.82 -49.93
N GLY Y 442 -14.75 -35.32 -48.86
CA GLY Y 442 -14.04 -34.72 -47.72
C GLY Y 442 -13.20 -35.72 -46.94
N ASN Y 443 -13.54 -37.02 -47.03
CA ASN Y 443 -12.82 -38.11 -46.32
C ASN Y 443 -11.88 -38.98 -47.19
N ILE Y 444 -11.73 -38.59 -48.46
CA ILE Y 444 -10.82 -39.30 -49.38
C ILE Y 444 -9.77 -38.36 -49.96
N LEU Y 445 -8.51 -38.72 -49.72
CA LEU Y 445 -7.38 -37.91 -50.13
C LEU Y 445 -6.86 -38.48 -51.44
N LEU Y 446 -6.27 -37.60 -52.25
CA LEU Y 446 -5.52 -38.03 -53.42
C LEU Y 446 -4.05 -37.60 -53.32
N ASP Y 447 -3.12 -38.55 -53.46
CA ASP Y 447 -1.70 -38.21 -53.37
C ASP Y 447 -1.10 -37.88 -54.74
N ALA Y 448 0.14 -37.38 -54.73
CA ALA Y 448 0.85 -36.94 -55.94
C ALA Y 448 1.07 -38.00 -57.02
N GLU Y 449 1.03 -39.27 -56.62
CA GLU Y 449 1.27 -40.35 -57.55
C GLU Y 449 -0.01 -41.02 -58.02
N GLY Y 450 -1.17 -40.60 -57.48
CA GLY Y 450 -2.46 -41.15 -57.91
C GLY Y 450 -3.15 -42.13 -56.99
N HIS Y 451 -2.50 -42.47 -55.86
CA HIS Y 451 -3.16 -43.26 -54.83
C HIS Y 451 -4.22 -42.39 -54.16
N ILE Y 452 -5.35 -43.02 -53.82
CA ILE Y 452 -6.31 -42.41 -52.91
C ILE Y 452 -6.04 -42.94 -51.52
N ILE Y 453 -6.53 -42.18 -50.53
CA ILE Y 453 -6.41 -42.59 -49.13
C ILE Y 453 -7.66 -42.19 -48.33
N HIS Y 454 -8.40 -43.16 -47.79
CA HIS Y 454 -9.58 -42.85 -46.93
C HIS Y 454 -9.14 -42.43 -45.55
N ILE Y 455 -9.90 -41.57 -44.86
CA ILE Y 455 -9.39 -41.09 -43.55
C ILE Y 455 -10.25 -41.04 -42.29
N ASP Y 456 -11.53 -40.68 -42.35
CA ASP Y 456 -12.24 -40.41 -41.09
C ASP Y 456 -12.94 -41.67 -40.55
N PHE Y 457 -12.25 -42.40 -39.68
CA PHE Y 457 -12.76 -43.70 -39.19
C PHE Y 457 -13.57 -43.61 -37.88
N GLY Y 458 -14.25 -42.47 -37.68
CA GLY Y 458 -15.46 -42.49 -36.86
C GLY Y 458 -16.45 -43.29 -37.71
N PHE Y 459 -17.44 -43.91 -37.07
CA PHE Y 459 -18.49 -44.65 -37.81
C PHE Y 459 -17.96 -45.89 -38.56
N ILE Y 460 -17.62 -46.91 -37.78
CA ILE Y 460 -17.18 -48.20 -38.31
C ILE Y 460 -17.84 -49.33 -37.54
N LEU Y 461 -17.91 -50.51 -38.17
CA LEU Y 461 -18.46 -51.70 -37.54
C LEU Y 461 -19.91 -51.46 -37.07
N SER Y 462 -20.17 -51.72 -35.79
CA SER Y 462 -21.52 -51.68 -35.23
C SER Y 462 -22.09 -50.27 -35.10
N SER Y 463 -21.23 -49.25 -35.23
CA SER Y 463 -21.62 -47.86 -35.00
C SER Y 463 -22.78 -47.38 -35.88
N SER Y 464 -23.75 -46.75 -35.20
CA SER Y 464 -24.92 -46.10 -35.81
C SER Y 464 -25.11 -44.62 -35.35
N SER Y 473 -22.70 -42.53 -45.34
CA SER Y 473 -22.99 -43.68 -46.21
C SER Y 473 -21.76 -44.56 -46.46
N ALA Y 474 -22.01 -45.74 -47.04
CA ALA Y 474 -20.98 -46.76 -47.29
C ALA Y 474 -20.12 -46.41 -48.50
N PHE Y 475 -19.05 -47.19 -48.71
CA PHE Y 475 -18.13 -47.01 -49.84
C PHE Y 475 -18.87 -47.00 -51.18
N LYS Y 476 -18.57 -45.97 -51.98
CA LYS Y 476 -19.24 -45.74 -53.27
C LYS Y 476 -18.24 -45.74 -54.44
N LEU Y 477 -18.69 -46.20 -55.60
CA LEU Y 477 -17.90 -46.12 -56.84
C LEU Y 477 -18.63 -45.25 -57.85
N THR Y 478 -18.37 -43.95 -57.81
CA THR Y 478 -19.04 -42.99 -58.71
C THR Y 478 -18.52 -43.17 -60.14
N THR Y 479 -19.32 -42.77 -61.13
CA THR Y 479 -18.90 -42.92 -62.53
C THR Y 479 -17.68 -42.02 -62.84
N GLU Y 480 -17.51 -40.95 -62.07
CA GLU Y 480 -16.29 -40.14 -62.15
C GLU Y 480 -15.03 -40.96 -61.82
N PHE Y 481 -15.15 -41.89 -60.85
CA PHE Y 481 -14.06 -42.83 -60.50
C PHE Y 481 -13.85 -43.88 -61.58
N VAL Y 482 -14.97 -44.37 -62.09
CA VAL Y 482 -14.95 -45.39 -63.14
C VAL Y 482 -14.35 -44.83 -64.44
N ASP Y 483 -14.53 -43.53 -64.65
CA ASP Y 483 -13.96 -42.85 -65.81
C ASP Y 483 -12.44 -42.83 -65.76
N VAL Y 484 -11.90 -42.45 -64.60
CA VAL Y 484 -10.45 -42.45 -64.37
C VAL Y 484 -9.87 -43.86 -64.61
N MET Y 485 -10.67 -44.88 -64.30
CA MET Y 485 -10.25 -46.27 -64.54
C MET Y 485 -10.32 -46.69 -66.02
N GLY Y 486 -10.83 -45.79 -66.86
CA GLY Y 486 -10.97 -46.07 -68.27
C GLY Y 486 -12.30 -46.69 -68.65
N GLY Y 487 -13.24 -46.77 -67.71
CA GLY Y 487 -14.60 -47.25 -68.01
C GLY Y 487 -14.82 -48.73 -67.76
N LEU Y 488 -16.10 -49.10 -67.82
CA LEU Y 488 -16.58 -50.43 -67.45
C LEU Y 488 -15.92 -51.55 -68.30
N ASP Y 489 -15.64 -51.25 -69.58
CA ASP Y 489 -14.97 -52.19 -70.48
C ASP Y 489 -13.47 -52.07 -70.48
N GLY Y 490 -12.95 -51.19 -69.63
CA GLY Y 490 -11.50 -51.04 -69.51
C GLY Y 490 -10.80 -52.28 -68.96
N ASP Y 491 -9.53 -52.47 -69.38
CA ASP Y 491 -8.72 -53.61 -68.88
C ASP Y 491 -8.39 -53.43 -67.40
N MET Y 492 -8.04 -52.20 -67.09
CA MET Y 492 -7.70 -51.80 -65.75
C MET Y 492 -8.88 -51.96 -64.80
N PHE Y 493 -10.11 -51.76 -65.30
CA PHE Y 493 -11.32 -51.95 -64.46
C PHE Y 493 -11.56 -53.43 -64.19
N ASN Y 494 -11.50 -54.26 -65.23
CA ASN Y 494 -11.53 -55.73 -65.05
C ASN Y 494 -10.48 -56.16 -64.04
N TYR Y 495 -9.30 -55.56 -64.17
CA TYR Y 495 -8.19 -55.86 -63.27
C TYR Y 495 -8.52 -55.41 -61.82
N TYR Y 496 -9.17 -54.25 -61.66
CA TYR Y 496 -9.69 -53.81 -60.31
C TYR Y 496 -10.51 -54.88 -59.61
N LYS Y 497 -11.38 -55.53 -60.37
CA LYS Y 497 -12.19 -56.60 -59.80
C LYS Y 497 -11.31 -57.80 -59.49
N MET Y 498 -10.28 -57.98 -60.33
CA MET Y 498 -9.40 -59.13 -60.21
C MET Y 498 -8.63 -59.01 -58.90
N LEU Y 499 -8.23 -57.78 -58.61
CA LEU Y 499 -7.48 -57.47 -57.41
C LEU Y 499 -8.34 -57.67 -56.18
N MET Y 500 -9.59 -57.24 -56.27
CA MET Y 500 -10.54 -57.35 -55.15
C MET Y 500 -10.69 -58.81 -54.72
N LEU Y 501 -10.96 -59.67 -55.70
CA LEU Y 501 -11.03 -61.10 -55.46
C LEU Y 501 -9.75 -61.65 -54.81
N GLN Y 502 -8.61 -61.37 -55.46
CA GLN Y 502 -7.30 -61.86 -54.98
C GLN Y 502 -7.03 -61.46 -53.56
N GLY Y 503 -7.31 -60.19 -53.24
CA GLY Y 503 -7.10 -59.66 -51.89
C GLY Y 503 -8.04 -60.24 -50.83
N LEU Y 504 -9.23 -60.63 -51.28
CA LEU Y 504 -10.21 -61.26 -50.40
C LEU Y 504 -9.75 -62.67 -50.13
N ILE Y 505 -9.35 -63.38 -51.20
CA ILE Y 505 -8.80 -64.75 -51.08
C ILE Y 505 -7.64 -64.78 -50.10
N ALA Y 506 -6.79 -63.77 -50.19
CA ALA Y 506 -5.68 -63.61 -49.27
C ALA Y 506 -6.15 -63.40 -47.82
N ALA Y 507 -7.12 -62.49 -47.63
CA ALA Y 507 -7.62 -62.14 -46.27
C ALA Y 507 -8.18 -63.34 -45.50
N ARG Y 508 -9.00 -64.10 -46.22
CA ARG Y 508 -9.59 -65.30 -45.66
C ARG Y 508 -8.56 -66.25 -45.06
N LYS Y 509 -7.43 -66.38 -45.74
CA LYS Y 509 -6.36 -67.26 -45.29
C LYS Y 509 -5.67 -66.78 -44.01
N HIS Y 510 -5.94 -65.54 -43.61
CA HIS Y 510 -5.26 -64.98 -42.43
C HIS Y 510 -6.24 -64.30 -41.50
N MET Y 511 -7.51 -64.61 -41.71
CA MET Y 511 -8.60 -64.09 -40.91
C MET Y 511 -8.30 -63.92 -39.41
N ASP Y 512 -7.69 -64.93 -38.79
CA ASP Y 512 -7.49 -64.96 -37.32
C ASP Y 512 -6.75 -63.77 -36.81
N LYS Y 513 -5.69 -63.43 -37.55
CA LYS Y 513 -4.82 -62.31 -37.22
C LYS Y 513 -5.59 -60.99 -37.22
N VAL Y 514 -6.58 -60.88 -38.10
CA VAL Y 514 -7.37 -59.66 -38.16
C VAL Y 514 -8.36 -59.61 -37.01
N VAL Y 515 -9.15 -60.66 -36.88
CA VAL Y 515 -10.17 -60.75 -35.83
C VAL Y 515 -9.58 -60.62 -34.44
N GLN Y 516 -8.44 -61.28 -34.21
CA GLN Y 516 -7.73 -61.16 -32.92
C GLN Y 516 -7.62 -59.70 -32.48
N ILE Y 517 -7.17 -58.83 -33.38
CA ILE Y 517 -6.92 -57.40 -33.08
C ILE Y 517 -8.15 -56.71 -32.55
N VAL Y 518 -9.28 -56.94 -33.23
CA VAL Y 518 -10.51 -56.27 -32.90
C VAL Y 518 -11.08 -56.89 -31.63
N GLU Y 519 -11.06 -58.21 -31.58
CA GLU Y 519 -11.74 -58.95 -30.52
C GLU Y 519 -11.17 -58.63 -29.14
N ILE Y 520 -9.85 -58.49 -29.06
CA ILE Y 520 -9.18 -58.14 -27.81
C ILE Y 520 -9.46 -56.68 -27.40
N MET Y 521 -9.52 -55.76 -28.37
CA MET Y 521 -9.83 -54.35 -28.08
C MET Y 521 -11.24 -54.11 -27.55
N GLN Y 522 -12.17 -54.99 -27.92
CA GLN Y 522 -13.59 -54.87 -27.52
C GLN Y 522 -13.77 -55.02 -26.01
N GLN Y 523 -12.80 -55.66 -25.35
CA GLN Y 523 -12.88 -56.13 -23.95
C GLN Y 523 -13.61 -55.25 -22.95
N GLY Y 524 -13.04 -54.11 -22.59
CA GLY Y 524 -13.69 -53.24 -21.62
C GLY Y 524 -13.98 -51.93 -22.31
N SER Y 525 -14.35 -52.05 -23.57
CA SER Y 525 -14.51 -50.90 -24.40
C SER Y 525 -15.94 -50.38 -24.37
N GLN Y 526 -16.08 -49.06 -24.33
CA GLN Y 526 -17.38 -48.42 -24.34
C GLN Y 526 -17.56 -47.66 -25.68
N LEU Y 527 -16.67 -47.95 -26.62
CA LEU Y 527 -16.61 -47.22 -27.87
C LEU Y 527 -17.80 -47.54 -28.78
N PRO Y 528 -18.34 -46.51 -29.46
CA PRO Y 528 -19.49 -46.65 -30.37
C PRO Y 528 -19.39 -47.78 -31.39
N CYS Y 529 -18.18 -48.09 -31.85
CA CYS Y 529 -18.01 -49.17 -32.81
C CYS Y 529 -18.32 -50.56 -32.21
N PHE Y 530 -18.34 -50.67 -30.88
CA PHE Y 530 -18.71 -51.93 -30.24
C PHE Y 530 -20.12 -51.87 -29.63
N HIS Y 531 -20.96 -50.94 -30.06
CA HIS Y 531 -22.31 -50.81 -29.49
C HIS Y 531 -23.16 -52.08 -29.61
N GLY Y 532 -22.96 -52.87 -30.65
CA GLY Y 532 -23.71 -54.09 -30.85
C GLY Y 532 -23.34 -55.21 -29.87
N SER Y 533 -24.13 -56.28 -29.90
CA SER Y 533 -23.77 -57.53 -29.22
C SER Y 533 -23.07 -58.51 -30.18
N SER Y 534 -23.13 -58.23 -31.48
CA SER Y 534 -22.69 -59.18 -32.51
C SER Y 534 -21.67 -58.59 -33.48
N THR Y 535 -20.84 -57.69 -32.96
CA THR Y 535 -19.79 -57.04 -33.71
C THR Y 535 -18.82 -58.05 -34.33
N ILE Y 536 -18.25 -58.93 -33.48
CA ILE Y 536 -17.29 -59.94 -33.93
C ILE Y 536 -17.94 -61.01 -34.81
N ARG Y 537 -19.15 -61.44 -34.44
CA ARG Y 537 -19.89 -62.41 -35.26
C ARG Y 537 -20.16 -61.89 -36.66
N ASN Y 538 -20.59 -60.63 -36.72
CA ASN Y 538 -20.85 -60.01 -38.01
C ASN Y 538 -19.55 -59.89 -38.83
N LEU Y 539 -18.48 -59.50 -38.16
CA LEU Y 539 -17.17 -59.40 -38.81
C LEU Y 539 -16.75 -60.73 -39.46
N LYS Y 540 -16.94 -61.83 -38.73
CA LYS Y 540 -16.53 -63.16 -39.23
C LYS Y 540 -17.33 -63.59 -40.44
N GLU Y 541 -18.63 -63.33 -40.39
CA GLU Y 541 -19.50 -63.65 -41.50
C GLU Y 541 -19.03 -62.96 -42.77
N ARG Y 542 -18.51 -61.74 -42.62
CA ARG Y 542 -18.02 -60.93 -43.75
C ARG Y 542 -16.77 -61.50 -44.45
N PHE Y 543 -16.08 -62.44 -43.82
CA PHE Y 543 -15.01 -63.18 -44.51
C PHE Y 543 -15.56 -64.30 -45.37
N HIS Y 544 -16.82 -64.72 -45.12
CA HIS Y 544 -17.45 -65.80 -45.90
C HIS Y 544 -16.56 -67.05 -46.04
N MET Y 545 -16.13 -67.58 -44.90
CA MET Y 545 -15.17 -68.69 -44.85
C MET Y 545 -15.64 -70.00 -45.51
N SER Y 546 -16.95 -70.19 -45.60
CA SER Y 546 -17.51 -71.34 -46.30
C SER Y 546 -17.36 -71.27 -47.84
N MET Y 547 -17.20 -70.07 -48.40
CA MET Y 547 -17.31 -69.92 -49.88
C MET Y 547 -16.19 -70.59 -50.74
N THR Y 548 -16.57 -71.08 -51.92
CA THR Y 548 -15.59 -71.39 -52.98
C THR Y 548 -15.30 -70.09 -53.78
N GLU Y 549 -14.18 -70.07 -54.54
CA GLU Y 549 -13.73 -68.87 -55.28
C GLU Y 549 -14.81 -68.30 -56.20
N GLU Y 550 -15.44 -69.20 -56.93
CA GLU Y 550 -16.53 -68.84 -57.82
C GLU Y 550 -17.61 -68.06 -57.06
N GLN Y 551 -17.85 -68.46 -55.81
CA GLN Y 551 -18.85 -67.79 -54.98
C GLN Y 551 -18.38 -66.37 -54.62
N LEU Y 552 -17.07 -66.23 -54.45
CA LEU Y 552 -16.47 -64.97 -54.04
C LEU Y 552 -16.49 -64.01 -55.22
N GLN Y 553 -16.23 -64.53 -56.41
CA GLN Y 553 -16.34 -63.74 -57.64
C GLN Y 553 -17.66 -63.08 -57.75
N LEU Y 554 -18.70 -63.85 -57.44
CA LEU Y 554 -20.07 -63.35 -57.47
C LEU Y 554 -20.31 -62.29 -56.39
N LEU Y 555 -19.76 -62.54 -55.20
CA LEU Y 555 -19.87 -61.58 -54.10
C LEU Y 555 -19.19 -60.25 -54.48
N VAL Y 556 -18.03 -60.33 -55.14
CA VAL Y 556 -17.29 -59.15 -55.61
C VAL Y 556 -18.13 -58.36 -56.60
N GLU Y 557 -18.73 -59.08 -57.54
CA GLU Y 557 -19.63 -58.47 -58.51
C GLU Y 557 -20.76 -57.76 -57.78
N GLN Y 558 -21.44 -58.48 -56.88
CA GLN Y 558 -22.55 -57.87 -56.09
C GLN Y 558 -22.09 -56.62 -55.37
N MET Y 559 -20.95 -56.74 -54.70
CA MET Y 559 -20.34 -55.63 -54.02
C MET Y 559 -20.11 -54.44 -54.95
N VAL Y 560 -19.50 -54.68 -56.13
CA VAL Y 560 -19.20 -53.61 -57.10
C VAL Y 560 -20.48 -52.98 -57.59
N ASP Y 561 -21.39 -53.81 -58.07
CA ASP Y 561 -22.67 -53.31 -58.56
C ASP Y 561 -23.42 -52.52 -57.47
N GLY Y 562 -23.33 -52.98 -56.22
CA GLY Y 562 -23.83 -52.24 -55.06
C GLY Y 562 -23.18 -50.89 -54.89
N SER Y 563 -21.88 -50.82 -55.17
CA SER Y 563 -21.13 -49.58 -54.96
C SER Y 563 -21.50 -48.51 -55.98
N MET Y 564 -22.11 -48.91 -57.11
CA MET Y 564 -22.48 -47.97 -58.19
C MET Y 564 -23.91 -47.43 -58.11
N ARG Y 565 -24.86 -48.21 -57.57
CA ARG Y 565 -26.26 -47.78 -57.46
C ARG Y 565 -26.45 -46.46 -56.70
N SER Y 566 -25.64 -46.25 -55.66
CA SER Y 566 -25.73 -45.10 -54.71
C SER Y 566 -26.51 -45.40 -53.43
N ASP Z 9 12.68 -106.50 -8.67
CA ASP Z 9 12.96 -107.46 -7.57
C ASP Z 9 13.16 -106.75 -6.19
N GLU Z 10 14.33 -106.98 -5.57
CA GLU Z 10 14.61 -106.72 -4.15
C GLU Z 10 15.27 -105.36 -3.93
N TYR Z 11 14.76 -104.62 -2.95
CA TYR Z 11 15.44 -103.41 -2.49
C TYR Z 11 16.05 -103.67 -1.11
N ASP Z 12 17.05 -102.86 -0.75
CA ASP Z 12 17.65 -102.89 0.58
C ASP Z 12 16.91 -101.91 1.50
N TYR Z 13 16.29 -100.91 0.90
CA TYR Z 13 15.59 -99.89 1.66
C TYR Z 13 14.39 -99.33 0.95
N LEU Z 14 13.42 -98.95 1.77
CA LEU Z 14 12.20 -98.29 1.34
C LEU Z 14 12.06 -96.95 2.05
N PHE Z 15 12.31 -95.85 1.34
CA PHE Z 15 12.26 -94.50 1.98
C PHE Z 15 10.95 -93.77 1.65
N LYS Z 16 10.19 -93.41 2.69
CA LYS Z 16 8.94 -92.62 2.54
C LYS Z 16 9.24 -91.13 2.52
N VAL Z 17 8.93 -90.47 1.40
CA VAL Z 17 9.21 -89.04 1.25
C VAL Z 17 7.94 -88.30 0.86
N VAL Z 18 7.75 -87.11 1.45
CA VAL Z 18 6.57 -86.30 1.13
C VAL Z 18 6.97 -85.05 0.36
N LEU Z 19 6.08 -84.60 -0.53
CA LEU Z 19 6.25 -83.32 -1.21
C LEU Z 19 5.27 -82.34 -0.65
N ILE Z 20 5.78 -81.22 -0.14
CA ILE Z 20 4.90 -80.20 0.41
C ILE Z 20 5.24 -78.80 -0.16
N GLY Z 21 4.27 -77.90 -0.03
CA GLY Z 21 4.43 -76.51 -0.42
C GLY Z 21 3.10 -75.89 -0.76
N ASP Z 22 3.13 -74.60 -1.06
CA ASP Z 22 1.92 -73.87 -1.48
C ASP Z 22 1.35 -74.49 -2.74
N SER Z 23 0.05 -74.35 -2.91
CA SER Z 23 -0.63 -74.89 -4.10
C SER Z 23 -0.16 -74.15 -5.35
N GLY Z 24 0.19 -74.90 -6.39
CA GLY Z 24 0.58 -74.34 -7.70
C GLY Z 24 2.08 -74.26 -7.97
N VAL Z 25 2.90 -74.61 -6.97
CA VAL Z 25 4.36 -74.49 -7.11
C VAL Z 25 5.02 -75.55 -8.02
N GLY Z 26 4.34 -76.66 -8.28
CA GLY Z 26 4.80 -77.66 -9.28
C GLY Z 26 5.12 -79.04 -8.75
N LYS Z 27 4.62 -79.34 -7.55
CA LYS Z 27 4.87 -80.61 -6.89
C LYS Z 27 4.50 -81.81 -7.80
N SER Z 28 3.29 -81.81 -8.37
CA SER Z 28 2.80 -82.97 -9.16
C SER Z 28 3.63 -83.18 -10.43
N ASN Z 29 4.15 -82.08 -10.96
CA ASN Z 29 5.02 -82.16 -12.13
C ASN Z 29 6.48 -82.50 -11.79
N LEU Z 30 6.99 -82.07 -10.64
CA LEU Z 30 8.28 -82.57 -10.17
C LEU Z 30 8.22 -84.09 -10.10
N LEU Z 31 7.14 -84.57 -9.51
CA LEU Z 31 6.91 -86.00 -9.37
C LEU Z 31 6.71 -86.70 -10.71
N SER Z 32 5.90 -86.11 -11.60
CA SER Z 32 5.67 -86.74 -12.92
C SER Z 32 6.95 -86.74 -13.77
N ARG Z 33 7.75 -85.69 -13.60
CA ARG Z 33 9.04 -85.57 -14.26
C ARG Z 33 9.96 -86.66 -13.73
N PHE Z 34 10.11 -86.70 -12.41
CA PHE Z 34 11.03 -87.63 -11.79
C PHE Z 34 10.64 -89.08 -11.99
N THR Z 35 9.34 -89.41 -11.96
CA THR Z 35 8.98 -90.84 -12.04
C THR Z 35 8.66 -91.38 -13.41
N ARG Z 36 8.14 -90.57 -14.32
CA ARG Z 36 7.94 -91.08 -15.68
C ARG Z 36 8.46 -90.13 -16.75
N ASN Z 37 9.28 -89.18 -16.35
CA ASN Z 37 9.82 -88.20 -17.24
C ASN Z 37 8.73 -87.55 -18.13
N GLU Z 38 7.69 -87.00 -17.49
CA GLU Z 38 6.61 -86.27 -18.19
C GLU Z 38 6.29 -84.96 -17.50
N PHE Z 39 5.80 -83.99 -18.28
CA PHE Z 39 5.45 -82.69 -17.72
C PHE Z 39 4.19 -82.20 -18.40
N ASN Z 40 3.46 -81.32 -17.72
CA ASN Z 40 2.34 -80.66 -18.36
C ASN Z 40 2.02 -79.24 -17.82
N LEU Z 41 1.74 -78.35 -18.77
CA LEU Z 41 1.29 -76.99 -18.45
C LEU Z 41 -0.11 -76.98 -17.87
N GLU Z 42 -1.00 -77.78 -18.46
CA GLU Z 42 -2.35 -77.93 -17.93
C GLU Z 42 -2.26 -78.81 -16.69
N SER Z 43 -3.01 -78.44 -15.66
CA SER Z 43 -2.75 -78.93 -14.32
C SER Z 43 -4.01 -79.30 -13.60
N LYS Z 44 -3.91 -80.33 -12.78
CA LYS Z 44 -5.08 -80.96 -12.20
C LYS Z 44 -4.81 -80.97 -10.71
N SER Z 45 -5.63 -80.24 -9.96
CA SER Z 45 -5.37 -80.05 -8.55
C SER Z 45 -5.20 -81.40 -7.88
N THR Z 46 -4.23 -81.46 -6.98
CA THR Z 46 -3.95 -82.67 -6.24
C THR Z 46 -4.93 -82.76 -5.10
N ILE Z 47 -5.73 -83.81 -5.09
CA ILE Z 47 -6.79 -83.97 -4.10
C ILE Z 47 -6.35 -84.89 -2.99
N GLY Z 48 -6.02 -84.30 -1.84
CA GLY Z 48 -5.62 -85.08 -0.67
C GLY Z 48 -4.18 -85.56 -0.86
N VAL Z 49 -4.02 -86.69 -1.54
CA VAL Z 49 -2.72 -87.32 -1.69
C VAL Z 49 -2.63 -88.10 -2.98
N GLU Z 50 -1.45 -88.07 -3.60
CA GLU Z 50 -1.17 -88.94 -4.74
C GLU Z 50 0.14 -89.73 -4.50
N PHE Z 51 0.16 -90.97 -5.00
CA PHE Z 51 1.25 -91.89 -4.74
C PHE Z 51 2.05 -92.25 -5.99
N ALA Z 52 3.39 -92.16 -5.88
CA ALA Z 52 4.29 -92.59 -6.97
C ALA Z 52 5.64 -93.09 -6.44
N THR Z 53 6.27 -93.97 -7.24
CA THR Z 53 7.46 -94.70 -6.79
C THR Z 53 8.55 -94.86 -7.85
N ARG Z 54 9.80 -94.89 -7.39
CA ARG Z 54 10.97 -95.09 -8.24
C ARG Z 54 12.16 -95.56 -7.39
N SER Z 55 13.00 -96.38 -8.01
CA SER Z 55 14.17 -96.97 -7.35
C SER Z 55 15.48 -96.31 -7.82
N ILE Z 56 16.43 -96.09 -6.90
CA ILE Z 56 17.81 -95.69 -7.33
C ILE Z 56 18.89 -96.47 -6.59
N GLN Z 57 20.15 -96.36 -7.00
CA GLN Z 57 21.27 -96.87 -6.17
C GLN Z 57 22.14 -95.74 -5.65
N VAL Z 58 22.39 -95.80 -4.35
CA VAL Z 58 23.42 -94.98 -3.74
C VAL Z 58 24.35 -95.89 -2.90
N ASP Z 59 25.66 -95.67 -3.04
CA ASP Z 59 26.69 -96.39 -2.30
C ASP Z 59 26.54 -97.91 -2.43
N GLY Z 60 26.11 -98.38 -3.63
CA GLY Z 60 25.93 -99.81 -3.94
C GLY Z 60 24.62 -100.49 -3.51
N LYS Z 61 23.65 -99.73 -3.02
CA LYS Z 61 22.43 -100.30 -2.45
C LYS Z 61 21.23 -99.83 -3.22
N THR Z 62 20.36 -100.78 -3.57
CA THR Z 62 19.13 -100.45 -4.26
C THR Z 62 18.10 -99.90 -3.23
N ILE Z 63 17.77 -98.61 -3.38
CA ILE Z 63 16.80 -97.91 -2.52
C ILE Z 63 15.54 -97.55 -3.30
N LYS Z 64 14.41 -98.08 -2.85
CA LYS Z 64 13.12 -97.72 -3.44
C LYS Z 64 12.53 -96.52 -2.70
N ALA Z 65 12.27 -95.46 -3.46
CA ALA Z 65 11.66 -94.25 -2.87
C ALA Z 65 10.15 -94.29 -3.08
N GLN Z 66 9.42 -93.99 -2.01
CA GLN Z 66 7.96 -93.86 -2.08
C GLN Z 66 7.60 -92.42 -1.85
N ILE Z 67 7.10 -91.79 -2.90
CA ILE Z 67 6.81 -90.38 -2.84
C ILE Z 67 5.33 -90.11 -2.68
N TRP Z 68 5.02 -89.25 -1.72
CA TRP Z 68 3.64 -88.86 -1.45
C TRP Z 68 3.46 -87.37 -1.78
N ASP Z 69 2.66 -87.14 -2.82
CA ASP Z 69 2.37 -85.80 -3.35
C ASP Z 69 1.16 -85.31 -2.59
N THR Z 70 1.39 -84.38 -1.65
CA THR Z 70 0.38 -84.08 -0.61
C THR Z 70 -0.74 -83.10 -0.99
N ALA Z 71 -0.47 -82.09 -1.83
CA ALA Z 71 -1.45 -81.04 -2.18
C ALA Z 71 -1.31 -79.83 -1.26
N GLY Z 72 -1.10 -78.67 -1.87
CA GLY Z 72 -0.89 -77.40 -1.15
C GLY Z 72 -2.15 -76.75 -0.62
N LEU Z 73 -3.29 -77.13 -1.21
CA LEU Z 73 -4.57 -76.63 -0.79
C LEU Z 73 -4.88 -77.01 0.69
N GLU Z 74 -5.45 -76.04 1.40
CA GLU Z 74 -5.71 -76.09 2.84
C GLU Z 74 -6.90 -77.00 3.17
N ARG Z 75 -7.92 -76.98 2.30
CA ARG Z 75 -9.07 -77.91 2.34
C ARG Z 75 -8.68 -79.31 2.83
N TYR Z 76 -7.51 -79.79 2.39
CA TYR Z 76 -7.06 -81.16 2.65
C TYR Z 76 -5.99 -81.30 3.74
N ARG Z 77 -5.62 -80.18 4.39
CA ARG Z 77 -4.48 -80.16 5.31
C ARG Z 77 -4.71 -80.97 6.65
N ALA Z 78 -5.98 -81.23 7.01
CA ALA Z 78 -6.30 -82.16 8.13
C ALA Z 78 -5.86 -83.63 7.86
N ILE Z 79 -6.02 -84.05 6.62
CA ILE Z 79 -5.78 -85.45 6.24
C ILE Z 79 -4.37 -85.69 5.60
N THR Z 80 -3.72 -84.62 5.09
CA THR Z 80 -2.32 -84.71 4.61
C THR Z 80 -1.42 -84.96 5.80
N SER Z 81 -1.66 -84.25 6.91
CA SER Z 81 -0.87 -84.39 8.14
C SER Z 81 -0.86 -85.82 8.69
N ALA Z 82 -1.93 -86.58 8.43
CA ALA Z 82 -1.90 -88.01 8.70
C ALA Z 82 -0.68 -88.71 8.04
N TYR Z 83 -0.32 -88.33 6.82
CA TYR Z 83 0.84 -88.90 6.05
C TYR Z 83 2.24 -88.43 6.43
N TYR Z 84 2.32 -87.39 7.26
CA TYR Z 84 3.61 -86.89 7.71
C TYR Z 84 4.30 -87.94 8.60
N ARG Z 85 3.45 -88.79 9.20
CA ARG Z 85 3.84 -89.92 10.06
C ARG Z 85 4.99 -90.75 9.48
N GLY Z 86 6.14 -90.72 10.16
CA GLY Z 86 7.27 -91.56 9.84
C GLY Z 86 7.87 -91.41 8.45
N ALA Z 87 7.71 -90.23 7.84
CA ALA Z 87 8.36 -89.94 6.56
C ALA Z 87 9.79 -89.55 6.86
N VAL Z 88 10.75 -90.10 6.10
CA VAL Z 88 12.18 -89.87 6.36
C VAL Z 88 12.66 -88.56 5.72
N GLY Z 89 11.98 -88.13 4.67
CA GLY Z 89 12.35 -86.93 3.95
C GLY Z 89 11.18 -86.09 3.47
N ALA Z 90 11.40 -84.78 3.43
CA ALA Z 90 10.40 -83.84 2.91
C ALA Z 90 10.98 -82.80 1.95
N LEU Z 91 10.46 -82.80 0.72
CA LEU Z 91 10.84 -81.78 -0.27
C LEU Z 91 9.88 -80.62 -0.10
N LEU Z 92 10.42 -79.51 0.41
CA LEU Z 92 9.63 -78.31 0.66
C LEU Z 92 9.78 -77.37 -0.53
N VAL Z 93 8.69 -77.18 -1.28
CA VAL Z 93 8.82 -76.50 -2.56
C VAL Z 93 8.14 -75.15 -2.61
N TYR Z 94 8.84 -74.21 -3.25
CA TYR Z 94 8.28 -72.89 -3.56
C TYR Z 94 8.53 -72.54 -5.04
N ASP Z 95 7.68 -71.68 -5.59
CA ASP Z 95 7.86 -71.11 -6.95
C ASP Z 95 8.78 -69.88 -6.99
N ILE Z 96 9.94 -70.04 -7.66
CA ILE Z 96 10.90 -68.91 -7.84
C ILE Z 96 10.30 -67.55 -8.31
N ALA Z 97 9.25 -67.67 -9.13
CA ALA Z 97 8.60 -66.51 -9.76
C ALA Z 97 7.41 -65.93 -8.98
N LYS Z 98 7.09 -66.50 -7.81
CA LYS Z 98 6.01 -65.94 -6.97
C LYS Z 98 6.42 -65.73 -5.52
N HIS Z 99 6.81 -64.50 -5.15
CA HIS Z 99 7.47 -64.21 -3.84
C HIS Z 99 6.68 -64.72 -2.61
N LEU Z 100 5.36 -64.53 -2.64
CA LEU Z 100 4.48 -64.99 -1.56
C LEU Z 100 4.72 -66.47 -1.18
N THR Z 101 4.94 -67.30 -2.20
CA THR Z 101 5.18 -68.73 -2.00
C THR Z 101 6.48 -68.98 -1.20
N TYR Z 102 7.48 -68.09 -1.34
CA TYR Z 102 8.71 -68.18 -0.54
C TYR Z 102 8.42 -67.73 0.89
N GLU Z 103 7.54 -66.74 1.03
CA GLU Z 103 7.21 -66.20 2.32
C GLU Z 103 6.56 -67.25 3.22
N ASN Z 104 5.72 -68.11 2.65
CA ASN Z 104 4.97 -69.15 3.44
C ASN Z 104 5.75 -70.41 3.82
N VAL Z 105 7.02 -70.49 3.39
CA VAL Z 105 7.85 -71.63 3.75
C VAL Z 105 8.10 -71.74 5.28
N GLU Z 106 7.99 -70.62 5.99
CA GLU Z 106 8.12 -70.63 7.46
C GLU Z 106 6.94 -71.33 8.14
N ARG Z 107 5.71 -71.11 7.65
CA ARG Z 107 4.57 -71.82 8.21
C ARG Z 107 4.54 -73.28 7.79
N TRP Z 108 5.13 -73.55 6.63
CA TRP Z 108 5.24 -74.92 6.17
C TRP Z 108 6.26 -75.77 6.95
N LEU Z 109 7.22 -75.15 7.66
CA LEU Z 109 8.20 -75.92 8.47
C LEU Z 109 7.71 -76.13 9.90
N LYS Z 110 6.93 -75.19 10.41
CA LYS Z 110 6.26 -75.37 11.68
C LYS Z 110 5.30 -76.55 11.55
N GLU Z 111 4.63 -76.62 10.39
CA GLU Z 111 3.79 -77.75 10.01
C GLU Z 111 4.47 -79.13 10.13
N LEU Z 112 5.81 -79.17 10.16
CA LEU Z 112 6.52 -80.44 10.39
C LEU Z 112 6.90 -80.64 11.85
N ARG Z 113 7.05 -79.54 12.60
CA ARG Z 113 7.40 -79.66 14.01
C ARG Z 113 6.12 -79.71 14.85
N ASP Z 114 4.99 -80.01 14.19
CA ASP Z 114 3.74 -80.34 14.89
C ASP Z 114 3.22 -81.75 14.55
N HIS Z 115 3.30 -82.17 13.28
CA HIS Z 115 2.67 -83.42 12.83
C HIS Z 115 3.64 -84.49 12.30
N ALA Z 116 4.95 -84.29 12.45
CA ALA Z 116 5.92 -85.20 11.85
C ALA Z 116 7.14 -85.41 12.74
N ASP Z 117 7.89 -86.48 12.46
CA ASP Z 117 9.15 -86.76 13.16
C ASP Z 117 10.01 -85.49 13.19
N SER Z 118 10.50 -85.16 14.38
CA SER Z 118 11.30 -83.95 14.60
C SER Z 118 12.76 -84.14 14.17
N ASN Z 119 13.09 -85.33 13.67
CA ASN Z 119 14.41 -85.61 13.12
C ASN Z 119 14.30 -86.06 11.66
N ILE Z 120 13.67 -85.21 10.84
CA ILE Z 120 13.45 -85.50 9.39
C ILE Z 120 14.36 -84.67 8.48
N VAL Z 121 14.76 -85.25 7.35
CA VAL Z 121 15.59 -84.58 6.35
C VAL Z 121 14.75 -83.69 5.40
N ILE Z 122 15.11 -82.42 5.32
CA ILE Z 122 14.39 -81.45 4.50
C ILE Z 122 15.29 -80.80 3.44
N MET Z 123 14.80 -80.80 2.20
CA MET Z 123 15.39 -79.98 1.15
C MET Z 123 14.39 -78.93 0.69
N LEU Z 124 14.90 -77.70 0.68
CA LEU Z 124 14.25 -76.53 0.13
C LEU Z 124 14.41 -76.54 -1.38
N VAL Z 125 13.31 -76.35 -2.09
CA VAL Z 125 13.36 -76.36 -3.54
C VAL Z 125 12.70 -75.11 -4.14
N GLY Z 126 13.51 -74.36 -4.89
CA GLY Z 126 13.01 -73.27 -5.73
C GLY Z 126 12.73 -73.83 -7.10
N ASN Z 127 11.45 -73.95 -7.44
CA ASN Z 127 11.02 -74.51 -8.72
C ASN Z 127 10.69 -73.41 -9.73
N LYS Z 128 10.74 -73.83 -11.00
CA LYS Z 128 10.41 -72.97 -12.16
C LYS Z 128 11.61 -72.08 -12.47
N SER Z 129 12.82 -72.67 -12.48
CA SER Z 129 14.06 -71.91 -12.80
C SER Z 129 14.08 -71.48 -14.26
N ASP Z 130 13.29 -72.14 -15.11
CA ASP Z 130 13.15 -71.76 -16.51
C ASP Z 130 12.54 -70.36 -16.70
N LEU Z 131 11.75 -69.88 -15.74
CA LEU Z 131 11.17 -68.53 -15.79
C LEU Z 131 12.14 -67.42 -15.33
N ARG Z 132 13.28 -67.33 -16.01
CA ARG Z 132 14.40 -66.46 -15.59
C ARG Z 132 13.97 -65.03 -15.37
N HIS Z 133 13.25 -64.49 -16.35
CA HIS Z 133 12.90 -63.07 -16.37
C HIS Z 133 11.84 -62.65 -15.34
N LEU Z 134 11.10 -63.60 -14.77
CA LEU Z 134 10.06 -63.28 -13.77
C LEU Z 134 10.46 -63.59 -12.34
N ARG Z 135 11.75 -63.91 -12.17
CA ARG Z 135 12.30 -64.27 -10.86
C ARG Z 135 11.94 -63.28 -9.77
N ALA Z 136 11.30 -63.77 -8.69
CA ALA Z 136 10.94 -62.88 -7.58
C ALA Z 136 11.69 -63.22 -6.27
N VAL Z 137 12.53 -64.27 -6.33
CA VAL Z 137 13.33 -64.70 -5.20
C VAL Z 137 14.76 -64.99 -5.68
N PRO Z 138 15.71 -64.13 -5.27
CA PRO Z 138 17.09 -64.36 -5.70
C PRO Z 138 17.70 -65.62 -5.10
N THR Z 139 18.49 -66.32 -5.90
CA THR Z 139 19.12 -67.58 -5.49
C THR Z 139 19.93 -67.43 -4.20
N ASP Z 140 20.59 -66.29 -4.04
CA ASP Z 140 21.43 -66.04 -2.86
C ASP Z 140 20.62 -65.91 -1.55
N GLU Z 141 19.54 -65.13 -1.58
CA GLU Z 141 18.71 -64.93 -0.38
C GLU Z 141 18.13 -66.26 0.10
N ALA Z 142 17.71 -67.11 -0.82
CA ALA Z 142 17.13 -68.39 -0.48
C ALA Z 142 18.16 -69.31 0.16
N ARG Z 143 19.33 -69.51 -0.47
CA ARG Z 143 20.42 -70.39 0.05
C ARG Z 143 20.93 -69.91 1.42
N ALA Z 144 20.90 -68.59 1.63
CA ALA Z 144 21.21 -68.00 2.94
C ALA Z 144 20.22 -68.51 4.00
N PHE Z 145 18.93 -68.33 3.73
CA PHE Z 145 17.88 -68.83 4.60
C PHE Z 145 17.93 -70.36 4.74
N ALA Z 146 18.39 -71.05 3.71
CA ALA Z 146 18.39 -72.52 3.69
C ALA Z 146 19.21 -73.09 4.84
N GLU Z 147 20.46 -72.63 4.97
CA GLU Z 147 21.33 -73.21 5.99
C GLU Z 147 21.33 -72.47 7.33
N LYS Z 148 20.78 -71.26 7.36
CA LYS Z 148 20.34 -70.61 8.61
C LYS Z 148 19.31 -71.51 9.34
N ASN Z 149 18.50 -72.27 8.60
CA ASN Z 149 17.51 -73.20 9.19
C ASN Z 149 17.86 -74.70 9.01
N GLY Z 150 19.09 -74.97 8.58
CA GLY Z 150 19.61 -76.34 8.49
C GLY Z 150 18.92 -77.22 7.47
N LEU Z 151 18.70 -76.62 6.30
CA LEU Z 151 18.03 -77.26 5.18
C LEU Z 151 19.00 -77.31 4.02
N SER Z 152 18.93 -78.37 3.22
CA SER Z 152 19.68 -78.42 1.96
C SER Z 152 18.90 -77.69 0.85
N PHE Z 153 19.59 -77.18 -0.18
CA PHE Z 153 18.98 -76.24 -1.15
C PHE Z 153 19.33 -76.53 -2.63
N ILE Z 154 18.37 -76.33 -3.53
CA ILE Z 154 18.57 -76.52 -4.98
C ILE Z 154 17.46 -75.80 -5.75
N GLU Z 155 17.74 -75.43 -7.00
CA GLU Z 155 16.74 -74.83 -7.88
C GLU Z 155 16.46 -75.76 -9.06
N THR Z 156 15.18 -75.99 -9.34
CA THR Z 156 14.75 -76.91 -10.39
C THR Z 156 13.82 -76.28 -11.41
N SER Z 157 13.75 -76.94 -12.56
CA SER Z 157 12.67 -76.71 -13.49
C SER Z 157 12.13 -78.08 -13.82
N ALA Z 158 10.92 -78.38 -13.35
CA ALA Z 158 10.21 -79.57 -13.80
C ALA Z 158 9.98 -79.52 -15.32
N LEU Z 159 9.77 -78.32 -15.85
CA LEU Z 159 9.46 -78.13 -17.26
C LEU Z 159 10.61 -78.55 -18.18
N ASP Z 160 11.81 -77.98 -17.99
CA ASP Z 160 12.97 -78.31 -18.83
C ASP Z 160 13.78 -79.47 -18.26
N SER Z 161 13.40 -79.88 -17.04
CA SER Z 161 13.97 -81.04 -16.33
C SER Z 161 15.29 -80.77 -15.56
N THR Z 162 15.79 -79.54 -15.61
CA THR Z 162 16.99 -79.15 -14.86
C THR Z 162 16.90 -79.53 -13.37
N ASN Z 163 17.89 -80.31 -12.91
CA ASN Z 163 18.09 -80.62 -11.49
C ASN Z 163 17.04 -81.50 -10.81
N VAL Z 164 16.12 -82.08 -11.59
CA VAL Z 164 15.04 -82.83 -10.98
C VAL Z 164 15.60 -84.13 -10.42
N GLU Z 165 16.32 -84.88 -11.26
CA GLU Z 165 16.96 -86.09 -10.78
C GLU Z 165 17.93 -85.77 -9.64
N ALA Z 166 18.77 -84.76 -9.86
CA ALA Z 166 19.74 -84.32 -8.86
C ALA Z 166 19.08 -84.05 -7.50
N ALA Z 167 17.96 -83.35 -7.53
CA ALA Z 167 17.28 -82.96 -6.30
C ALA Z 167 16.88 -84.18 -5.46
N PHE Z 168 16.18 -85.12 -6.09
CA PHE Z 168 15.80 -86.39 -5.45
C PHE Z 168 17.05 -87.14 -4.99
N GLN Z 169 18.01 -87.31 -5.91
CA GLN Z 169 19.23 -88.10 -5.64
C GLN Z 169 20.03 -87.55 -4.46
N THR Z 170 20.03 -86.23 -4.30
CA THR Z 170 20.64 -85.58 -3.16
C THR Z 170 19.93 -85.97 -1.86
N ILE Z 171 18.63 -85.72 -1.79
CA ILE Z 171 17.91 -85.93 -0.54
C ILE Z 171 17.85 -87.41 -0.15
N LEU Z 172 17.77 -88.29 -1.16
CA LEU Z 172 17.73 -89.72 -0.84
C LEU Z 172 19.10 -90.21 -0.29
N THR Z 173 20.17 -89.72 -0.92
CA THR Z 173 21.54 -89.97 -0.49
C THR Z 173 21.78 -89.45 0.95
N GLU Z 174 21.45 -88.17 1.14
CA GLU Z 174 21.49 -87.51 2.46
C GLU Z 174 20.81 -88.37 3.52
N ILE Z 175 19.59 -88.81 3.21
CA ILE Z 175 18.85 -89.71 4.08
C ILE Z 175 19.61 -91.02 4.32
N TYR Z 176 20.02 -91.68 3.25
CA TYR Z 176 20.67 -93.01 3.38
C TYR Z 176 21.88 -93.07 4.33
N ARG Z 177 22.53 -91.93 4.59
CA ARG Z 177 23.56 -91.90 5.62
C ARG Z 177 23.23 -91.13 6.92
N ILE Z 178 21.96 -90.78 7.13
CA ILE Z 178 21.51 -90.37 8.47
C ILE Z 178 21.13 -91.64 9.24
N VAL Z 179 20.47 -92.56 8.56
CA VAL Z 179 19.94 -93.77 9.18
C VAL Z 179 21.00 -94.60 9.92
N SER Z 180 22.17 -94.74 9.31
CA SER Z 180 23.21 -95.64 9.81
C SER Z 180 23.70 -95.16 11.18
N GLN Z 181 23.80 -96.09 12.11
CA GLN Z 181 24.21 -95.79 13.51
C GLN Z 181 23.44 -94.55 14.01
N SER AA 8 -17.86 -59.03 -13.27
CA SER AA 8 -18.25 -59.14 -14.71
C SER AA 8 -18.81 -60.53 -14.94
N ARG AA 9 -19.88 -60.60 -15.70
CA ARG AA 9 -20.64 -61.83 -15.81
C ARG AA 9 -19.92 -62.94 -16.51
N ASP AA 10 -19.11 -62.55 -17.50
CA ASP AA 10 -18.29 -63.49 -18.24
C ASP AA 10 -17.32 -64.19 -17.28
N GLU AA 11 -16.74 -63.41 -16.35
CA GLU AA 11 -15.81 -63.94 -15.33
C GLU AA 11 -16.53 -64.82 -14.31
N LEU AA 12 -17.74 -64.41 -13.91
CA LEU AA 12 -18.60 -65.20 -13.04
C LEU AA 12 -18.98 -66.55 -13.65
N MET AA 13 -19.43 -66.51 -14.91
CA MET AA 13 -19.79 -67.73 -15.66
C MET AA 13 -18.60 -68.68 -15.78
N GLU AA 14 -17.43 -68.10 -16.12
CA GLU AA 14 -16.17 -68.83 -16.24
C GLU AA 14 -15.76 -69.47 -14.92
N ALA AA 15 -15.97 -68.77 -13.81
CA ALA AA 15 -15.71 -69.33 -12.46
C ALA AA 15 -16.62 -70.51 -12.14
N ILE AA 16 -17.89 -70.39 -12.51
CA ILE AA 16 -18.86 -71.45 -12.25
C ILE AA 16 -18.60 -72.72 -13.11
N GLN AA 17 -18.37 -72.48 -14.42
CA GLN AA 17 -18.00 -73.60 -15.35
C GLN AA 17 -16.76 -74.36 -14.89
N LYS AA 18 -15.75 -73.59 -14.43
CA LYS AA 18 -14.50 -74.16 -13.93
C LYS AA 18 -14.75 -74.97 -12.68
N GLN AA 19 -15.60 -74.48 -11.75
CA GLN AA 19 -15.92 -75.23 -10.50
C GLN AA 19 -16.63 -76.56 -10.81
N GLU AA 20 -17.58 -76.55 -11.77
CA GLU AA 20 -18.20 -77.88 -12.04
C GLU AA 20 -17.37 -78.88 -12.81
N GLU AA 21 -16.52 -78.36 -13.72
CA GLU AA 21 -15.52 -79.20 -14.44
C GLU AA 21 -14.65 -79.95 -13.44
N ILE AA 22 -14.18 -79.20 -12.42
CA ILE AA 22 -13.34 -79.75 -11.36
C ILE AA 22 -14.15 -80.80 -10.60
N ASN AA 23 -15.36 -80.46 -10.18
CA ASN AA 23 -16.18 -81.43 -9.47
C ASN AA 23 -16.46 -82.75 -10.22
N PHE AA 24 -16.79 -82.61 -11.49
CA PHE AA 24 -17.03 -83.78 -12.34
C PHE AA 24 -15.77 -84.65 -12.55
N ARG AA 25 -14.64 -83.97 -12.75
CA ARG AA 25 -13.31 -84.62 -12.79
C ARG AA 25 -13.01 -85.39 -11.50
N LEU AA 26 -13.25 -84.70 -10.40
CA LEU AA 26 -12.94 -85.25 -9.08
C LEU AA 26 -13.83 -86.45 -8.83
N GLN AA 27 -15.13 -86.35 -9.13
CA GLN AA 27 -15.99 -87.55 -9.00
C GLN AA 27 -15.49 -88.77 -9.82
N ASP AA 28 -15.11 -88.51 -11.07
CA ASP AA 28 -14.54 -89.58 -11.90
C ASP AA 28 -13.21 -90.17 -11.34
N TYR AA 29 -12.30 -89.26 -10.91
CA TYR AA 29 -11.02 -89.64 -10.21
C TYR AA 29 -11.33 -90.57 -9.06
N ILE AA 30 -12.33 -90.20 -8.26
CA ILE AA 30 -12.75 -91.01 -7.12
C ILE AA 30 -13.35 -92.35 -7.52
N ASP AA 31 -14.28 -92.34 -8.48
CA ASP AA 31 -14.91 -93.61 -8.94
C ASP AA 31 -13.86 -94.60 -9.49
N ARG AA 32 -12.86 -94.03 -10.20
CA ARG AA 32 -11.73 -94.87 -10.68
C ARG AA 32 -10.89 -95.48 -9.53
N ILE AA 33 -10.71 -94.73 -8.44
CA ILE AA 33 -10.05 -95.27 -7.24
C ILE AA 33 -10.92 -96.33 -6.58
N ILE AA 34 -12.20 -96.03 -6.45
CA ILE AA 34 -13.12 -96.94 -5.78
C ILE AA 34 -13.23 -98.28 -6.51
N VAL AA 35 -13.39 -98.23 -7.85
CA VAL AA 35 -13.47 -99.50 -8.62
C VAL AA 35 -12.25 -100.44 -8.37
N ALA AA 36 -11.05 -99.84 -8.29
CA ALA AA 36 -9.84 -100.60 -7.98
C ALA AA 36 -9.91 -101.32 -6.61
N ILE AA 37 -10.48 -100.63 -5.60
CA ILE AA 37 -10.64 -101.22 -4.24
C ILE AA 37 -11.68 -102.32 -4.28
N MET AA 38 -12.77 -102.02 -4.97
CA MET AA 38 -13.86 -102.97 -5.14
C MET AA 38 -13.40 -104.30 -5.76
N GLU AA 39 -12.45 -104.22 -6.71
CA GLU AA 39 -11.88 -105.42 -7.37
C GLU AA 39 -10.65 -106.08 -6.70
N THR AA 40 -10.17 -105.50 -5.58
CA THR AA 40 -9.00 -106.05 -4.87
C THR AA 40 -9.33 -106.35 -3.41
N ASN AA 41 -9.72 -105.33 -2.65
CA ASN AA 41 -10.03 -105.54 -1.24
C ASN AA 41 -11.31 -104.82 -0.80
N PRO AA 42 -12.50 -105.37 -1.19
CA PRO AA 42 -13.76 -104.73 -0.79
C PRO AA 42 -14.07 -104.72 0.76
N SER AA 43 -13.40 -105.58 1.55
CA SER AA 43 -13.55 -105.57 3.05
C SER AA 43 -13.34 -104.19 3.71
N ILE AA 44 -12.42 -103.44 3.10
CA ILE AA 44 -12.15 -102.05 3.44
C ILE AA 44 -13.44 -101.20 3.52
N LEU AA 45 -14.44 -101.53 2.68
CA LEU AA 45 -15.61 -100.67 2.48
C LEU AA 45 -16.75 -100.92 3.43
N GLU AA 46 -16.50 -101.75 4.44
CA GLU AA 46 -17.48 -102.00 5.50
C GLU AA 46 -17.91 -100.74 6.26
N VAL AA 47 -19.23 -100.61 6.43
CA VAL AA 47 -19.83 -99.58 7.27
C VAL AA 47 -19.95 -100.09 8.72
N LYS AA 48 -19.01 -99.63 9.56
CA LYS AA 48 -19.06 -99.83 11.02
C LYS AA 48 -19.68 -98.55 11.59
N VAL BA 7 -36.86 -67.71 -14.48
CA VAL BA 7 -37.41 -68.07 -13.14
C VAL BA 7 -37.07 -67.00 -12.07
N SER BA 8 -37.83 -67.01 -10.98
CA SER BA 8 -37.65 -66.03 -9.90
C SER BA 8 -36.36 -66.26 -9.17
N ARG BA 9 -35.94 -65.21 -8.46
CA ARG BA 9 -34.70 -65.23 -7.75
C ARG BA 9 -34.70 -66.25 -6.60
N ASP BA 10 -35.87 -66.43 -6.01
CA ASP BA 10 -36.05 -67.44 -4.94
C ASP BA 10 -35.78 -68.86 -5.49
N GLU BA 11 -36.25 -69.14 -6.71
CA GLU BA 11 -35.99 -70.45 -7.37
C GLU BA 11 -34.51 -70.59 -7.80
N LEU BA 12 -33.89 -69.50 -8.26
CA LEU BA 12 -32.44 -69.47 -8.60
C LEU BA 12 -31.58 -69.73 -7.38
N MET BA 13 -31.91 -69.03 -6.29
CA MET BA 13 -31.19 -69.20 -5.02
C MET BA 13 -31.29 -70.64 -4.51
N GLU BA 14 -32.52 -71.17 -4.58
CA GLU BA 14 -32.83 -72.55 -4.17
C GLU BA 14 -32.06 -73.57 -5.01
N ALA BA 15 -31.92 -73.30 -6.32
CA ALA BA 15 -31.09 -74.14 -7.21
C ALA BA 15 -29.61 -74.15 -6.83
N ILE BA 16 -29.11 -72.96 -6.51
CA ILE BA 16 -27.69 -72.82 -6.14
C ILE BA 16 -27.36 -73.45 -4.78
N GLN BA 17 -28.23 -73.17 -3.79
CA GLN BA 17 -28.12 -73.80 -2.45
C GLN BA 17 -28.13 -75.35 -2.53
N LYS BA 18 -29.01 -75.89 -3.37
CA LYS BA 18 -29.10 -77.34 -3.59
C LYS BA 18 -27.83 -77.90 -4.21
N GLN BA 19 -27.27 -77.19 -5.19
CA GLN BA 19 -25.99 -77.60 -5.78
C GLN BA 19 -24.84 -77.55 -4.79
N GLU BA 20 -24.81 -76.50 -3.95
CA GLU BA 20 -23.76 -76.45 -2.93
C GLU BA 20 -23.81 -77.53 -1.84
N GLU BA 21 -25.04 -77.80 -1.39
CA GLU BA 21 -25.34 -78.86 -0.38
C GLU BA 21 -24.81 -80.20 -0.86
N ILE BA 22 -25.07 -80.50 -2.14
CA ILE BA 22 -24.58 -81.73 -2.78
C ILE BA 22 -23.03 -81.70 -2.80
N ASN BA 23 -22.40 -80.61 -3.29
CA ASN BA 23 -20.91 -80.53 -3.31
C ASN BA 23 -20.24 -80.75 -1.95
N PHE BA 24 -20.80 -80.09 -0.94
CA PHE BA 24 -20.29 -80.22 0.42
C PHE BA 24 -20.45 -81.64 1.01
N ARG BA 25 -21.62 -82.25 0.74
CA ARG BA 25 -21.91 -83.64 1.09
C ARG BA 25 -20.91 -84.57 0.43
N LEU BA 26 -20.70 -84.34 -0.87
CA LEU BA 26 -19.84 -85.21 -1.65
C LEU BA 26 -18.41 -85.08 -1.15
N GLN BA 27 -17.95 -83.86 -0.90
CA GLN BA 27 -16.62 -83.70 -0.31
C GLN BA 27 -16.43 -84.43 1.04
N ASP BA 28 -17.44 -84.32 1.92
CA ASP BA 28 -17.41 -85.06 3.17
C ASP BA 28 -17.42 -86.61 2.98
N TYR BA 29 -18.30 -87.09 2.08
CA TYR BA 29 -18.38 -88.54 1.66
C TYR BA 29 -16.99 -89.01 1.26
N ILE BA 30 -16.32 -88.19 0.44
CA ILE BA 30 -14.97 -88.51 0.00
C ILE BA 30 -13.93 -88.48 1.12
N ASP BA 31 -13.93 -87.44 1.94
CA ASP BA 31 -12.97 -87.35 3.05
C ASP BA 31 -13.13 -88.54 4.02
N ARG BA 32 -14.39 -88.95 4.24
CA ARG BA 32 -14.67 -90.14 5.07
C ARG BA 32 -14.11 -91.44 4.45
N ILE BA 33 -14.12 -91.55 3.11
CA ILE BA 33 -13.47 -92.66 2.42
C ILE BA 33 -11.95 -92.57 2.54
N ILE BA 34 -11.44 -91.36 2.32
CA ILE BA 34 -10.00 -91.16 2.35
C ILE BA 34 -9.39 -91.46 3.73
N VAL BA 35 -10.05 -90.96 4.79
CA VAL BA 35 -9.56 -91.25 6.15
C VAL BA 35 -9.42 -92.78 6.43
N ALA BA 36 -10.40 -93.56 5.98
CA ALA BA 36 -10.34 -95.02 6.12
C ALA BA 36 -9.11 -95.64 5.43
N ILE BA 37 -8.80 -95.14 4.23
CA ILE BA 37 -7.67 -95.64 3.45
C ILE BA 37 -6.37 -95.27 4.16
N MET BA 38 -6.35 -94.00 4.63
CA MET BA 38 -5.20 -93.50 5.45
C MET BA 38 -4.94 -94.46 6.63
N SER CA 10 -35.66 -40.91 8.07
CA SER CA 10 -34.95 -40.70 9.39
C SER CA 10 -35.41 -41.68 10.53
N TRP CA 11 -36.31 -42.61 10.23
CA TRP CA 11 -36.82 -43.58 11.24
C TRP CA 11 -35.75 -44.56 11.78
N LEU CA 12 -34.85 -44.99 10.90
CA LEU CA 12 -33.72 -45.84 11.30
C LEU CA 12 -32.77 -45.02 12.20
N LEU CA 13 -32.28 -43.90 11.69
CA LEU CA 13 -31.44 -42.98 12.48
C LEU CA 13 -32.08 -42.60 13.82
N ARG CA 14 -33.43 -42.56 13.86
CA ARG CA 14 -34.13 -42.34 15.12
C ARG CA 14 -33.78 -43.41 16.12
N LEU CA 15 -33.89 -44.66 15.66
CA LEU CA 15 -33.54 -45.82 16.47
C LEU CA 15 -32.10 -45.73 16.99
N PHE CA 16 -31.16 -45.57 16.05
CA PHE CA 16 -29.73 -45.54 16.41
C PHE CA 16 -29.39 -44.43 17.41
N GLU CA 17 -30.18 -43.34 17.41
CA GLU CA 17 -29.95 -42.23 18.37
C GLU CA 17 -30.74 -42.39 19.67
N SER CA 18 -31.57 -43.44 19.73
CA SER CA 18 -32.32 -43.72 20.93
C SER CA 18 -31.48 -44.49 21.96
N LYS CA 19 -32.01 -44.62 23.17
CA LYS CA 19 -31.33 -45.36 24.24
C LYS CA 19 -31.24 -46.84 23.94
N LEU CA 20 -32.20 -47.35 23.17
CA LEU CA 20 -32.20 -48.72 22.64
C LEU CA 20 -30.88 -49.23 22.11
N PHE CA 21 -30.10 -48.28 21.60
CA PHE CA 21 -28.91 -48.61 20.88
C PHE CA 21 -27.87 -49.13 21.88
N ASP CA 22 -27.59 -50.44 21.80
CA ASP CA 22 -26.53 -51.05 22.56
C ASP CA 22 -25.63 -51.82 21.61
N ILE CA 23 -24.46 -52.12 22.16
CA ILE CA 23 -23.42 -52.80 21.42
C ILE CA 23 -23.96 -53.98 20.56
N SER CA 24 -24.92 -54.72 21.11
CA SER CA 24 -25.54 -55.84 20.42
C SER CA 24 -26.21 -55.38 19.13
N MET CA 25 -27.11 -54.43 19.26
CA MET CA 25 -27.82 -53.92 18.11
C MET CA 25 -26.80 -53.39 17.12
N ALA CA 26 -25.83 -52.63 17.65
CA ALA CA 26 -24.76 -52.08 16.77
C ALA CA 26 -24.15 -53.21 15.92
N ILE CA 27 -23.68 -54.24 16.61
CA ILE CA 27 -23.05 -55.36 15.92
C ILE CA 27 -24.01 -56.05 14.93
N SER CA 28 -25.29 -56.20 15.31
CA SER CA 28 -26.29 -56.84 14.45
C SER CA 28 -26.42 -56.15 13.10
N TYR CA 29 -26.59 -54.84 13.17
CA TYR CA 29 -26.75 -54.05 11.97
C TYR CA 29 -25.44 -53.99 11.22
N LEU CA 30 -24.32 -53.86 11.94
CA LEU CA 30 -23.00 -53.94 11.28
C LEU CA 30 -22.87 -55.23 10.47
N TYR CA 31 -23.35 -56.32 11.04
CA TYR CA 31 -23.26 -57.62 10.40
C TYR CA 31 -24.25 -57.77 9.24
N ASN CA 32 -25.46 -57.22 9.39
CA ASN CA 32 -26.57 -57.47 8.44
C ASN CA 32 -26.76 -56.42 7.34
N SER CA 33 -26.74 -55.13 7.70
CA SER CA 33 -26.83 -54.09 6.69
C SER CA 33 -25.70 -54.19 5.65
N LYS CA 34 -26.03 -54.09 4.37
CA LYS CA 34 -25.02 -54.02 3.30
C LYS CA 34 -24.80 -52.57 2.87
N GLU CA 35 -25.40 -51.63 3.60
CA GLU CA 35 -25.30 -50.21 3.28
C GLU CA 35 -24.00 -49.67 3.87
N PRO CA 36 -23.10 -49.17 2.99
CA PRO CA 36 -21.81 -48.70 3.51
C PRO CA 36 -21.92 -47.50 4.47
N GLY CA 37 -22.96 -46.68 4.31
CA GLY CA 37 -23.17 -45.51 5.17
C GLY CA 37 -23.56 -45.90 6.59
N VAL CA 38 -24.21 -47.06 6.72
CA VAL CA 38 -24.61 -47.59 8.01
C VAL CA 38 -23.39 -48.15 8.72
N GLN CA 39 -22.66 -48.98 7.98
CA GLN CA 39 -21.42 -49.58 8.46
C GLN CA 39 -20.51 -48.49 9.04
N ALA CA 40 -20.29 -47.44 8.25
CA ALA CA 40 -19.46 -46.30 8.68
C ALA CA 40 -20.07 -45.57 9.89
N TYR CA 41 -21.38 -45.33 9.88
CA TYR CA 41 -22.03 -44.67 11.02
C TYR CA 41 -21.88 -45.45 12.32
N ILE CA 42 -21.95 -46.77 12.23
CA ILE CA 42 -21.79 -47.57 13.43
C ILE CA 42 -20.31 -47.66 13.84
N GLY CA 43 -19.44 -47.85 12.84
CA GLY CA 43 -17.97 -47.74 13.08
C GLY CA 43 -17.61 -46.52 13.91
N ASN CA 44 -18.27 -45.39 13.63
CA ASN CA 44 -18.08 -44.16 14.41
C ASN CA 44 -18.70 -44.27 15.80
N ARG CA 45 -19.88 -44.86 15.91
CA ARG CA 45 -20.58 -44.91 17.18
C ARG CA 45 -20.00 -45.93 18.17
N LEU CA 46 -19.20 -46.89 17.70
CA LEU CA 46 -18.43 -47.74 18.65
C LEU CA 46 -17.69 -46.94 19.74
N PHE CA 47 -17.07 -45.83 19.32
CA PHE CA 47 -16.32 -44.97 20.23
C PHE CA 47 -17.21 -44.52 21.37
N CYS CA 48 -18.50 -44.34 21.08
CA CYS CA 48 -19.38 -43.83 22.09
C CYS CA 48 -19.65 -44.83 23.24
N PHE CA 49 -19.47 -46.14 23.02
CA PHE CA 49 -19.77 -47.16 24.06
C PHE CA 49 -18.72 -47.32 25.17
N ARG CA 50 -19.15 -47.88 26.31
CA ARG CA 50 -18.24 -48.33 27.36
C ARG CA 50 -17.35 -49.48 26.92
N ASN CA 51 -16.06 -49.29 27.16
CA ASN CA 51 -15.04 -50.27 26.87
C ASN CA 51 -15.38 -51.72 27.27
N GLU CA 52 -15.99 -51.85 28.45
CA GLU CA 52 -16.23 -53.17 29.08
C GLU CA 52 -17.20 -53.94 28.20
N ASP CA 53 -18.21 -53.21 27.72
CA ASP CA 53 -19.30 -53.83 27.00
C ASP CA 53 -18.84 -54.31 25.64
N VAL CA 54 -17.99 -53.50 25.02
CA VAL CA 54 -17.48 -53.79 23.69
C VAL CA 54 -16.48 -54.93 23.78
N ASP CA 55 -15.64 -54.89 24.84
CA ASP CA 55 -14.59 -55.92 25.08
C ASP CA 55 -15.12 -57.35 24.83
N PHE CA 56 -16.26 -57.63 25.48
CA PHE CA 56 -16.93 -58.92 25.37
C PHE CA 56 -17.13 -59.42 23.93
N TYR CA 57 -17.25 -58.51 22.97
CA TYR CA 57 -17.50 -58.90 21.57
C TYR CA 57 -16.27 -58.81 20.67
N LEU CA 58 -15.09 -58.59 21.29
CA LEU CA 58 -13.87 -58.40 20.47
C LEU CA 58 -13.65 -59.52 19.44
N PRO CA 59 -13.94 -60.78 19.80
CA PRO CA 59 -13.72 -61.84 18.82
C PRO CA 59 -14.61 -61.69 17.58
N GLN CA 60 -15.84 -61.19 17.79
CA GLN CA 60 -16.80 -61.03 16.70
C GLN CA 60 -16.35 -59.96 15.74
N LEU CA 61 -16.09 -58.80 16.32
CA LEU CA 61 -15.54 -57.70 15.57
C LEU CA 61 -14.32 -58.14 14.71
N LEU CA 62 -13.33 -58.71 15.38
CA LEU CA 62 -12.10 -59.16 14.70
C LEU CA 62 -12.36 -60.26 13.66
N ASN CA 63 -13.31 -61.16 13.93
CA ASN CA 63 -13.68 -62.18 12.92
C ASN CA 63 -14.30 -61.54 11.66
N MET CA 64 -15.27 -60.67 11.90
CA MET CA 64 -15.83 -59.86 10.83
C MET CA 64 -14.73 -59.12 10.03
N TYR CA 65 -13.87 -58.37 10.73
CA TYR CA 65 -12.73 -57.67 10.05
C TYR CA 65 -11.98 -58.57 9.06
N ILE CA 66 -11.63 -59.78 9.54
CA ILE CA 66 -10.82 -60.72 8.78
C ILE CA 66 -11.63 -61.24 7.60
N HIS CA 67 -12.84 -61.74 7.88
CA HIS CA 67 -13.52 -62.56 6.88
C HIS CA 67 -14.59 -61.86 6.04
N MET CA 68 -14.89 -60.59 6.37
CA MET CA 68 -15.94 -59.85 5.68
C MET CA 68 -15.41 -58.82 4.69
N ASP CA 69 -16.34 -58.18 3.98
CA ASP CA 69 -16.10 -57.05 3.06
C ASP CA 69 -15.09 -56.06 3.61
N GLU CA 70 -14.20 -55.58 2.75
CA GLU CA 70 -13.24 -54.54 3.13
C GLU CA 70 -13.94 -53.35 3.80
N ASP CA 71 -15.07 -52.93 3.21
CA ASP CA 71 -15.98 -51.94 3.80
C ASP CA 71 -16.18 -52.14 5.30
N VAL CA 72 -16.46 -53.39 5.68
CA VAL CA 72 -16.82 -53.72 7.06
C VAL CA 72 -15.57 -53.60 7.96
N GLY CA 73 -14.48 -54.23 7.52
CA GLY CA 73 -13.19 -54.10 8.18
C GLY CA 73 -12.80 -52.66 8.44
N ASP CA 74 -12.82 -51.86 7.37
CA ASP CA 74 -12.35 -50.46 7.46
C ASP CA 74 -13.19 -49.57 8.40
N ALA CA 75 -14.46 -49.94 8.61
CA ALA CA 75 -15.35 -49.23 9.56
C ALA CA 75 -14.98 -49.54 11.03
N ILE CA 76 -14.51 -50.75 11.25
CA ILE CA 76 -14.18 -51.18 12.59
C ILE CA 76 -12.78 -50.71 13.04
N LYS CA 77 -11.84 -50.68 12.10
CA LYS CA 77 -10.41 -50.54 12.39
C LYS CA 77 -10.05 -49.35 13.30
N PRO CA 78 -10.47 -48.14 12.92
CA PRO CA 78 -10.04 -46.96 13.70
C PRO CA 78 -10.35 -47.05 15.22
N TYR CA 79 -11.50 -47.61 15.57
CA TYR CA 79 -11.86 -47.87 16.97
C TYR CA 79 -10.89 -48.84 17.63
N ILE CA 80 -10.57 -49.89 16.90
CA ILE CA 80 -9.66 -50.88 17.44
C ILE CA 80 -8.28 -50.25 17.66
N VAL CA 81 -7.75 -49.57 16.63
CA VAL CA 81 -6.49 -48.78 16.75
C VAL CA 81 -6.55 -47.88 17.98
N HIS CA 82 -7.64 -47.12 18.10
CA HIS CA 82 -7.84 -46.25 19.27
C HIS CA 82 -7.71 -47.04 20.58
N ARG CA 83 -8.40 -48.19 20.69
CA ARG CA 83 -8.27 -48.99 21.93
C ARG CA 83 -6.83 -49.49 22.16
N CYS CA 84 -6.25 -50.02 21.09
CA CYS CA 84 -4.90 -50.56 21.08
C CYS CA 84 -3.87 -49.55 21.58
N ARG CA 85 -4.09 -48.27 21.26
CA ARG CA 85 -3.18 -47.21 21.73
C ARG CA 85 -3.28 -46.89 23.22
N GLN CA 86 -4.40 -47.22 23.87
CA GLN CA 86 -4.59 -46.82 25.28
C GLN CA 86 -4.47 -48.00 26.26
N SER CA 87 -4.27 -49.21 25.72
CA SER CA 87 -4.09 -50.41 26.56
C SER CA 87 -3.26 -51.45 25.81
N ILE CA 88 -2.10 -51.82 26.35
CA ILE CA 88 -1.30 -52.87 25.70
C ILE CA 88 -1.93 -54.24 25.92
N ASN CA 89 -2.66 -54.42 27.03
CA ASN CA 89 -3.48 -55.63 27.24
C ASN CA 89 -4.40 -55.80 26.02
N PHE CA 90 -5.15 -54.76 25.73
CA PHE CA 90 -6.00 -54.75 24.54
C PHE CA 90 -5.24 -55.10 23.26
N SER CA 91 -4.09 -54.45 23.06
CA SER CA 91 -3.25 -54.72 21.89
C SER CA 91 -2.93 -56.22 21.81
N LEU CA 92 -2.55 -56.77 22.96
CA LEU CA 92 -2.16 -58.17 23.04
C LEU CA 92 -3.27 -59.09 22.55
N GLN CA 93 -4.46 -58.91 23.08
CA GLN CA 93 -5.57 -59.79 22.76
C GLN CA 93 -5.90 -59.70 21.28
N CYS CA 94 -5.87 -58.46 20.76
CA CYS CA 94 -6.03 -58.22 19.33
C CYS CA 94 -5.01 -59.03 18.56
N ALA CA 95 -3.74 -58.83 18.88
CA ALA CA 95 -2.66 -59.55 18.16
C ALA CA 95 -2.87 -61.07 18.22
N LEU CA 96 -3.18 -61.58 19.42
CA LEU CA 96 -3.39 -63.02 19.60
C LEU CA 96 -4.57 -63.56 18.82
N LEU CA 97 -5.69 -62.86 18.90
CA LEU CA 97 -6.90 -63.27 18.16
C LEU CA 97 -6.78 -63.18 16.64
N LEU CA 98 -6.23 -62.05 16.18
CA LEU CA 98 -5.96 -61.89 14.74
C LEU CA 98 -5.17 -63.08 14.16
N GLY CA 99 -4.10 -63.46 14.85
CA GLY CA 99 -3.27 -64.59 14.45
C GLY CA 99 -4.03 -65.89 14.50
N ALA CA 100 -4.70 -66.15 15.62
CA ALA CA 100 -5.46 -67.38 15.80
C ALA CA 100 -6.59 -67.57 14.78
N TYR CA 101 -7.29 -66.48 14.41
CA TYR CA 101 -8.43 -66.60 13.49
C TYR CA 101 -8.09 -66.48 11.97
N SER CA 102 -6.84 -66.78 11.61
CA SER CA 102 -6.38 -66.83 10.21
C SER CA 102 -5.28 -67.90 9.93
N SER CA 103 -5.70 -69.09 9.50
CA SER CA 103 -4.78 -70.17 9.13
C SER CA 103 -5.37 -71.15 8.11
N ARG CA 114 -5.25 -60.58 4.99
CA ARG CA 114 -6.01 -59.46 5.59
C ARG CA 114 -5.63 -59.29 7.06
N GLY CA 115 -5.51 -60.40 7.78
CA GLY CA 115 -5.29 -60.31 9.22
C GLY CA 115 -3.88 -59.87 9.53
N THR CA 116 -2.98 -60.51 8.80
CA THR CA 116 -1.54 -60.42 8.97
C THR CA 116 -0.98 -58.96 8.97
N LYS CA 117 -1.41 -58.15 8.00
CA LYS CA 117 -0.87 -56.79 7.88
C LYS CA 117 -1.12 -55.96 9.16
N LEU CA 118 -2.31 -56.11 9.75
CA LEU CA 118 -2.67 -55.32 10.93
C LEU CA 118 -2.03 -55.84 12.23
N ARG CA 119 -1.91 -57.15 12.33
CA ARG CA 119 -1.24 -57.77 13.47
C ARG CA 119 0.19 -57.20 13.62
N LYS CA 120 0.93 -57.25 12.53
CA LYS CA 120 2.29 -56.70 12.48
C LYS CA 120 2.32 -55.20 12.85
N LEU CA 121 1.30 -54.47 12.42
CA LEU CA 121 1.18 -53.05 12.77
C LEU CA 121 0.86 -52.80 14.25
N ILE CA 122 0.10 -53.71 14.86
CA ILE CA 122 -0.17 -53.62 16.31
C ILE CA 122 1.08 -54.02 17.10
N LEU CA 123 1.70 -55.14 16.73
CA LEU CA 123 2.97 -55.56 17.33
C LEU CA 123 4.09 -54.50 17.12
N SER CA 124 4.05 -53.73 16.03
CA SER CA 124 4.89 -52.50 15.86
C SER CA 124 4.43 -51.38 16.80
N ARG CA 188 9.02 -53.71 23.27
CA ARG CA 188 7.66 -53.17 23.19
C ARG CA 188 6.66 -54.03 23.97
N LEU CA 189 6.45 -55.25 23.48
CA LEU CA 189 5.63 -56.29 24.12
C LEU CA 189 6.47 -57.56 24.32
N ALA CA 190 7.76 -57.45 24.03
CA ALA CA 190 8.66 -58.58 24.01
C ALA CA 190 8.66 -59.36 25.32
N PRO CA 191 8.71 -58.65 26.47
CA PRO CA 191 8.69 -59.37 27.75
C PRO CA 191 7.52 -60.38 27.86
N GLU CA 192 6.31 -59.89 27.58
CA GLU CA 192 5.10 -60.72 27.64
C GLU CA 192 5.13 -61.85 26.59
N ARG CA 193 5.44 -61.49 25.34
CA ARG CA 193 5.48 -62.48 24.25
C ARG CA 193 6.50 -63.60 24.47
N GLU CA 194 7.63 -63.22 25.06
CA GLU CA 194 8.68 -64.19 25.38
C GLU CA 194 8.32 -65.01 26.62
N PHE CA 195 7.76 -64.32 27.62
CA PHE CA 195 7.19 -65.01 28.79
C PHE CA 195 6.21 -66.11 28.33
N ILE CA 196 5.31 -65.77 27.41
CA ILE CA 196 4.31 -66.75 26.91
C ILE CA 196 4.94 -67.83 26.03
N LYS CA 197 5.84 -67.40 25.13
CA LYS CA 197 6.57 -68.38 24.34
C LYS CA 197 7.29 -69.41 25.23
N SER CA 198 7.95 -68.94 26.29
CA SER CA 198 8.64 -69.88 27.20
C SER CA 198 7.65 -70.85 27.87
N LEU CA 199 6.54 -70.32 28.38
CA LEU CA 199 5.49 -71.15 28.98
C LEU CA 199 4.98 -72.21 27.99
N MET CA 200 4.75 -71.77 26.75
CA MET CA 200 4.38 -72.69 25.69
C MET CA 200 5.44 -73.77 25.44
N ALA CA 201 6.69 -73.32 25.37
CA ALA CA 201 7.86 -74.16 25.09
C ALA CA 201 8.01 -75.25 26.14
N ILE CA 202 7.90 -74.85 27.42
CA ILE CA 202 7.93 -75.80 28.53
C ILE CA 202 6.96 -76.96 28.29
N GLY CA 203 5.68 -76.62 28.08
CA GLY CA 203 4.64 -77.63 27.91
C GLY CA 203 4.91 -78.63 26.80
N LYS CA 204 5.49 -78.14 25.71
CA LYS CA 204 5.84 -79.00 24.58
C LYS CA 204 6.93 -80.03 24.92
N ARG CA 205 7.86 -79.66 25.81
CA ARG CA 205 8.97 -80.57 26.19
C ARG CA 205 8.46 -81.79 26.97
N LEU CA 206 7.43 -81.58 27.80
CA LEU CA 206 6.89 -82.64 28.66
C LEU CA 206 6.34 -83.88 27.90
N ALA CA 207 6.13 -83.74 26.59
CA ALA CA 207 5.69 -84.85 25.74
C ALA CA 207 6.56 -86.12 25.83
N THR CA 208 7.87 -85.95 26.03
CA THR CA 208 8.80 -87.09 26.13
C THR CA 208 8.75 -87.83 27.48
N LEU CA 209 8.10 -87.27 28.50
CA LEU CA 209 7.99 -87.95 29.80
C LEU CA 209 6.63 -88.66 29.96
N PRO CA 210 6.60 -90.00 29.87
CA PRO CA 210 5.36 -90.76 29.77
C PRO CA 210 4.46 -90.81 31.03
N THR CA 211 4.93 -90.35 32.20
CA THR CA 211 4.08 -90.37 33.40
C THR CA 211 3.90 -88.97 34.03
N LYS CA 212 2.75 -88.82 34.68
CA LYS CA 212 2.34 -87.58 35.35
C LYS CA 212 3.45 -87.05 36.27
N GLU CA 213 3.88 -87.93 37.19
CA GLU CA 213 4.90 -87.62 38.20
C GLU CA 213 6.21 -87.10 37.60
N GLN CA 214 6.71 -87.76 36.54
CA GLN CA 214 7.95 -87.35 35.85
C GLN CA 214 7.78 -85.96 35.26
N LYS CA 215 6.63 -85.77 34.62
CA LYS CA 215 6.28 -84.50 34.00
C LYS CA 215 6.28 -83.37 35.02
N THR CA 216 5.54 -83.61 36.09
CA THR CA 216 5.45 -82.63 37.16
C THR CA 216 6.85 -82.22 37.67
N GLN CA 217 7.72 -83.20 37.84
CA GLN CA 217 9.07 -82.92 38.32
C GLN CA 217 9.82 -82.01 37.37
N ARG CA 218 9.73 -82.24 36.06
CA ARG CA 218 10.41 -81.39 35.07
C ARG CA 218 9.79 -80.01 34.99
N LEU CA 219 8.46 -79.99 35.07
CA LEU CA 219 7.73 -78.75 35.11
C LEU CA 219 8.22 -77.89 36.27
N ILE CA 220 8.14 -78.45 37.49
CA ILE CA 220 8.54 -77.72 38.72
C ILE CA 220 9.96 -77.13 38.58
N SER CA 221 10.90 -77.95 38.17
CA SER CA 221 12.27 -77.49 37.98
C SER CA 221 12.29 -76.36 36.95
N GLU CA 222 11.66 -76.59 35.78
CA GLU CA 222 11.78 -75.60 34.68
C GLU CA 222 11.06 -74.27 34.91
N LEU CA 223 9.99 -74.32 35.71
CA LEU CA 223 9.29 -73.12 36.14
C LEU CA 223 10.14 -72.23 37.04
N SER CA 224 10.97 -72.83 37.88
CA SER CA 224 11.81 -72.08 38.83
C SER CA 224 12.73 -71.09 38.11
N LEU CA 225 13.14 -71.45 36.89
CA LEU CA 225 14.04 -70.65 36.06
C LEU CA 225 13.39 -69.34 35.58
N LEU CA 226 12.06 -69.34 35.47
CA LEU CA 226 11.35 -68.14 35.03
C LEU CA 226 11.33 -67.04 36.09
N ASN CA 227 11.39 -67.40 37.39
CA ASN CA 227 11.49 -66.40 38.47
C ASN CA 227 12.74 -65.51 38.31
N HIS CA 228 13.76 -66.09 37.68
CA HIS CA 228 14.98 -65.37 37.36
C HIS CA 228 14.71 -64.19 36.44
N LYS CA 229 13.58 -64.19 35.71
CA LYS CA 229 13.20 -63.02 34.89
C LYS CA 229 12.11 -62.12 35.47
N LEU CA 230 11.73 -62.35 36.73
CA LEU CA 230 10.66 -61.57 37.38
C LEU CA 230 11.16 -60.71 38.55
N PRO CA 231 10.49 -59.58 38.82
CA PRO CA 231 9.32 -59.07 38.10
C PRO CA 231 9.70 -58.30 36.85
N ALA CA 232 8.75 -58.21 35.91
CA ALA CA 232 8.94 -57.54 34.61
C ALA CA 232 7.63 -56.91 34.09
N ARG CA 233 7.71 -56.29 32.90
CA ARG CA 233 6.52 -55.78 32.22
C ARG CA 233 5.69 -56.96 31.63
N VAL CA 234 5.11 -57.76 32.52
CA VAL CA 234 4.37 -59.00 32.14
C VAL CA 234 3.14 -59.24 33.05
N TRP CA 235 2.08 -59.82 32.47
CA TRP CA 235 0.80 -60.01 33.16
C TRP CA 235 0.01 -61.21 32.60
N LEU CA 236 -1.05 -61.57 33.32
CA LEU CA 236 -1.97 -62.62 32.95
C LEU CA 236 -3.28 -62.03 32.48
N PRO CA 237 -3.51 -62.03 31.15
CA PRO CA 237 -4.73 -61.42 30.58
C PRO CA 237 -6.04 -61.99 31.15
N THR CA 238 -5.99 -63.21 31.65
CA THR CA 238 -7.13 -63.83 32.32
C THR CA 238 -7.49 -63.21 33.71
N ALA CA 239 -6.70 -62.25 34.19
CA ALA CA 239 -6.97 -61.65 35.53
C ALA CA 239 -8.05 -60.57 35.53
N GLY CA 240 -8.87 -60.58 36.57
CA GLY CA 240 -9.92 -59.59 36.73
C GLY CA 240 -9.48 -58.14 36.80
N PHE CA 241 -8.18 -57.89 37.02
CA PHE CA 241 -7.67 -56.53 37.31
C PHE CA 241 -6.32 -56.25 36.63
N ASP CA 242 -5.84 -55.01 36.74
CA ASP CA 242 -4.48 -54.65 36.29
C ASP CA 242 -3.48 -55.03 37.35
N HIS CA 243 -2.29 -55.43 36.90
CA HIS CA 243 -1.31 -55.96 37.81
C HIS CA 243 0.06 -56.14 37.17
N HIS CA 244 1.04 -56.41 38.02
CA HIS CA 244 2.34 -56.93 37.58
C HIS CA 244 2.55 -58.33 38.21
N VAL CA 245 3.08 -59.28 37.41
CA VAL CA 245 3.51 -60.61 37.91
C VAL CA 245 4.86 -60.52 38.58
N VAL CA 246 4.96 -61.09 39.79
CA VAL CA 246 6.24 -60.97 40.55
C VAL CA 246 6.97 -62.30 40.74
N ARG CA 247 6.21 -63.39 40.93
CA ARG CA 247 6.77 -64.66 41.40
C ARG CA 247 5.90 -65.86 41.03
N VAL CA 248 6.56 -66.97 40.70
CA VAL CA 248 5.88 -68.25 40.43
C VAL CA 248 6.27 -69.29 41.48
N PRO CA 249 5.32 -69.68 42.34
CA PRO CA 249 5.57 -70.76 43.30
C PRO CA 249 5.63 -72.14 42.63
N HIS CA 250 6.73 -72.35 41.92
CA HIS CA 250 6.99 -73.55 41.12
C HIS CA 250 6.73 -74.88 41.82
N THR CA 251 7.05 -74.99 43.11
CA THR CA 251 6.81 -76.25 43.84
C THR CA 251 5.32 -76.63 43.87
N GLN CA 252 4.44 -75.64 43.69
CA GLN CA 252 3.00 -75.87 43.78
C GLN CA 252 2.35 -76.29 42.46
N ALA CA 253 3.07 -76.06 41.36
CA ALA CA 253 2.56 -76.36 40.05
C ALA CA 253 2.44 -77.86 39.87
N VAL CA 254 1.46 -78.26 39.05
CA VAL CA 254 1.16 -79.67 38.81
C VAL CA 254 0.66 -79.90 37.37
N VAL CA 255 0.99 -81.07 36.83
CA VAL CA 255 0.58 -81.47 35.48
C VAL CA 255 -0.65 -82.35 35.65
N LEU CA 256 -1.61 -82.24 34.73
CA LEU CA 256 -2.96 -82.80 34.94
C LEU CA 256 -3.23 -84.26 34.46
N ASN CA 257 -2.53 -84.70 33.42
CA ASN CA 257 -2.71 -86.08 32.89
C ASN CA 257 -1.41 -86.64 32.24
N SER CA 258 -1.48 -87.90 31.81
CA SER CA 258 -0.32 -88.60 31.22
C SER CA 258 -0.23 -88.46 29.69
N LYS CA 259 -1.05 -87.56 29.14
CA LYS CA 259 -1.20 -87.44 27.69
C LYS CA 259 -0.01 -86.75 26.99
N ASP CA 260 0.02 -86.94 25.68
CA ASP CA 260 1.12 -86.53 24.79
C ASP CA 260 1.38 -85.02 24.87
N LYS CA 261 0.32 -84.22 24.80
CA LYS CA 261 0.43 -82.76 24.95
C LYS CA 261 -0.39 -82.34 26.16
N ALA CA 262 0.07 -82.80 27.31
CA ALA CA 262 -0.65 -82.58 28.55
C ALA CA 262 -0.73 -81.09 28.91
N PRO CA 263 -1.90 -80.66 29.40
CA PRO CA 263 -2.01 -79.36 30.03
C PRO CA 263 -1.45 -79.36 31.45
N TYR CA 264 -1.07 -78.21 31.95
CA TYR CA 264 -0.53 -78.10 33.29
C TYR CA 264 -1.05 -76.87 34.00
N LEU CA 265 -1.27 -77.02 35.30
CA LEU CA 265 -1.80 -75.94 36.10
C LEU CA 265 -0.68 -75.26 36.88
N ILE CA 266 -0.71 -73.92 36.92
CA ILE CA 266 0.25 -73.17 37.75
C ILE CA 266 -0.42 -72.07 38.55
N TYR CA 267 0.23 -71.71 39.65
CA TYR CA 267 -0.19 -70.59 40.44
C TYR CA 267 0.80 -69.46 40.22
N VAL CA 268 0.28 -68.23 40.17
CA VAL CA 268 1.12 -67.06 39.92
C VAL CA 268 0.85 -65.94 40.94
N GLU CA 269 1.93 -65.29 41.39
CA GLU CA 269 1.83 -64.17 42.33
C GLU CA 269 1.87 -62.83 41.60
N VAL CA 270 1.00 -61.91 42.04
CA VAL CA 270 0.92 -60.57 41.41
C VAL CA 270 0.71 -59.43 42.40
N LEU CA 271 1.09 -58.23 41.94
CA LEU CA 271 0.85 -56.98 42.69
C LEU CA 271 -0.12 -56.08 41.94
N GLU CA 272 -1.28 -55.83 42.56
CA GLU CA 272 -2.37 -55.11 41.88
C GLU CA 272 -1.97 -53.69 41.49
N CYS CA 273 -2.51 -53.23 40.37
CA CYS CA 273 -2.37 -51.86 39.93
C CYS CA 273 -3.72 -51.14 39.93
N GLU CA 274 -3.68 -49.82 39.81
CA GLU CA 274 -4.85 -49.03 39.41
C GLU CA 274 -4.81 -48.85 37.91
N ASN CA 275 -3.61 -48.60 37.40
CA ASN CA 275 -3.37 -48.65 35.97
C ASN CA 275 -2.00 -49.22 35.65
N PHE CA 276 -1.98 -50.26 34.81
CA PHE CA 276 -0.74 -50.91 34.37
C PHE CA 276 0.16 -50.04 33.48
N ASP CA 277 -0.46 -49.34 32.53
CA ASP CA 277 0.26 -48.69 31.44
C ASP CA 277 1.19 -47.57 31.91
N THR CA 278 0.94 -47.06 33.11
CA THR CA 278 1.61 -45.86 33.62
C THR CA 278 2.40 -46.05 34.92
N THR CA 279 2.66 -47.30 35.30
CA THR CA 279 3.19 -47.54 36.64
C THR CA 279 4.40 -48.46 36.67
N SER CA 280 5.15 -48.30 37.74
CA SER CA 280 6.06 -49.32 38.28
C SER CA 280 6.95 -50.13 37.34
N VAL CA 281 6.52 -51.39 37.10
CA VAL CA 281 7.36 -52.62 37.23
C VAL CA 281 8.09 -52.62 38.61
N PRO CA 282 7.47 -53.23 39.65
CA PRO CA 282 8.07 -53.18 41.00
C PRO CA 282 9.44 -53.84 41.06
N ALA CA 283 10.09 -53.69 42.21
CA ALA CA 283 11.48 -54.13 42.39
C ALA CA 283 11.56 -55.57 42.85
N ARG CA 284 12.60 -56.27 42.38
CA ARG CA 284 12.82 -57.66 42.76
C ARG CA 284 13.08 -57.75 44.27
N ILE CA 285 12.61 -58.86 44.87
CA ILE CA 285 12.94 -59.20 46.24
C ILE CA 285 13.52 -60.63 46.20
N PRO CA 286 14.84 -60.78 46.49
CA PRO CA 286 15.57 -62.00 46.12
C PRO CA 286 15.14 -63.35 46.70
N GLU CA 287 14.42 -63.38 47.83
CA GLU CA 287 13.76 -64.60 48.34
C GLU CA 287 14.57 -65.41 49.36
N ASN CA 288 13.87 -66.32 50.03
CA ASN CA 288 14.53 -67.51 50.60
C ASN CA 288 13.69 -68.76 50.39
N PRO CA 295 8.63 -76.55 53.22
CA PRO CA 295 7.66 -76.05 54.20
C PRO CA 295 6.51 -75.33 53.50
N SER CA 296 6.77 -74.16 52.92
CA SER CA 296 5.84 -73.59 51.94
C SER CA 296 6.00 -74.39 50.64
N ALA CA 297 7.16 -75.03 50.50
CA ALA CA 297 7.48 -75.83 49.31
C ALA CA 297 6.65 -77.13 49.12
N VAL CA 298 6.19 -77.73 50.23
CA VAL CA 298 5.48 -79.02 50.13
C VAL CA 298 4.06 -78.82 49.53
N ALA CA 299 3.65 -79.74 48.67
CA ALA CA 299 2.36 -79.65 47.99
C ALA CA 299 1.42 -80.81 48.41
N LEU CA 300 0.21 -80.50 48.88
CA LEU CA 300 -0.83 -81.53 49.12
C LEU CA 300 -2.27 -80.99 48.90
N LYS CA 301 -3.22 -81.91 48.71
CA LYS CA 301 -4.64 -81.58 48.57
C LYS CA 301 -5.18 -80.82 49.79
N GLU CA 302 -5.52 -79.57 49.53
CA GLU CA 302 -6.04 -78.67 50.56
C GLU CA 302 -6.92 -77.61 49.86
N PRO CA 303 -7.88 -77.03 50.59
CA PRO CA 303 -8.67 -75.90 50.07
C PRO CA 303 -7.84 -74.73 49.47
N TRP CA 304 -8.48 -73.88 48.68
CA TRP CA 304 -7.82 -72.76 48.02
C TRP CA 304 -7.27 -71.73 49.02
N GLN CA 305 -8.06 -71.37 50.04
CA GLN CA 305 -7.62 -70.34 51.01
C GLN CA 305 -6.50 -70.83 51.94
N GLU CA 306 -6.49 -72.13 52.21
CA GLU CA 306 -5.40 -72.73 52.96
C GLU CA 306 -4.11 -72.76 52.10
N LYS CA 307 -4.28 -72.92 50.79
CA LYS CA 307 -3.15 -72.90 49.86
C LYS CA 307 -2.64 -71.48 49.63
N VAL CA 308 -3.54 -70.48 49.62
CA VAL CA 308 -3.08 -69.07 49.55
C VAL CA 308 -2.23 -68.74 50.77
N ARG CA 309 -2.71 -69.11 51.95
CA ARG CA 309 -1.98 -68.93 53.23
C ARG CA 309 -0.54 -69.43 53.13
N ARG CA 310 -0.40 -70.73 52.82
CA ARG CA 310 0.89 -71.41 52.71
C ARG CA 310 1.86 -70.73 51.73
N ILE CA 311 1.37 -70.38 50.55
CA ILE CA 311 2.23 -69.78 49.53
C ILE CA 311 2.58 -68.35 49.90
N ARG CA 312 1.58 -67.60 50.37
CA ARG CA 312 1.77 -66.22 50.81
C ARG CA 312 2.84 -66.17 51.91
N GLU CA 313 2.62 -66.94 52.98
CA GLU CA 313 3.56 -66.96 54.12
C GLU CA 313 5.01 -67.27 53.73
N GLY CA 314 5.19 -68.17 52.75
CA GLY CA 314 6.52 -68.48 52.23
C GLY CA 314 7.07 -67.43 51.29
N SER CA 315 6.21 -66.57 50.76
CA SER CA 315 6.64 -65.66 49.70
C SER CA 315 7.33 -64.39 50.21
N PRO CA 316 8.42 -63.99 49.55
CA PRO CA 316 8.99 -62.66 49.78
C PRO CA 316 7.93 -61.53 49.81
N TYR CA 317 7.03 -61.52 48.83
CA TYR CA 317 6.09 -60.43 48.61
C TYR CA 317 4.76 -60.60 49.39
N GLY CA 318 4.62 -61.73 50.09
CA GLY CA 318 3.34 -62.12 50.70
C GLY CA 318 2.77 -61.16 51.72
N HIS CA 319 3.65 -60.48 52.42
CA HIS CA 319 3.26 -59.47 53.39
C HIS CA 319 2.42 -58.30 52.82
N LEU CA 320 2.64 -57.90 51.57
CA LEU CA 320 2.01 -56.69 51.01
C LEU CA 320 0.48 -56.79 50.90
N PRO CA 321 -0.23 -55.66 51.09
CA PRO CA 321 -1.69 -55.62 50.87
C PRO CA 321 -1.99 -55.62 49.37
N ASN CA 322 -0.98 -55.22 48.60
CA ASN CA 322 -0.99 -55.14 47.16
C ASN CA 322 -1.00 -56.51 46.45
N TRP CA 323 -0.70 -57.55 47.22
CA TRP CA 323 -0.40 -58.90 46.72
C TRP CA 323 -1.67 -59.74 46.52
N ARG CA 324 -1.74 -60.42 45.37
CA ARG CA 324 -2.83 -61.40 45.12
C ARG CA 324 -2.32 -62.62 44.35
N LEU CA 325 -3.07 -63.72 44.48
CA LEU CA 325 -2.71 -64.99 43.85
C LEU CA 325 -3.67 -65.38 42.73
N LEU CA 326 -3.11 -65.70 41.56
CA LEU CA 326 -3.92 -66.20 40.43
C LEU CA 326 -3.53 -67.63 40.01
N SER CA 327 -4.31 -68.20 39.08
CA SER CA 327 -4.11 -69.56 38.60
C SER CA 327 -4.54 -69.68 37.15
N VAL CA 328 -3.79 -70.44 36.37
CA VAL CA 328 -4.16 -70.77 35.01
C VAL CA 328 -3.74 -72.19 34.65
N ILE CA 329 -4.54 -72.82 33.81
CA ILE CA 329 -4.15 -74.03 33.12
C ILE CA 329 -3.53 -73.61 31.78
N VAL CA 330 -2.41 -74.21 31.43
CA VAL CA 330 -1.73 -73.88 30.19
C VAL CA 330 -1.90 -75.03 29.21
N LYS CA 331 -2.56 -74.78 28.07
CA LYS CA 331 -2.72 -75.84 27.07
C LYS CA 331 -1.82 -75.52 25.86
N CYS CA 332 -0.73 -76.27 25.73
CA CYS CA 332 0.32 -75.92 24.75
C CYS CA 332 -0.02 -76.42 23.35
N GLY CA 333 -0.76 -77.52 23.28
CA GLY CA 333 -1.09 -78.13 21.99
C GLY CA 333 -2.58 -78.34 21.74
N ASP CA 334 -3.44 -77.62 22.47
CA ASP CA 334 -4.90 -77.77 22.30
C ASP CA 334 -5.54 -76.45 21.76
N ASP CA 335 -6.40 -76.56 20.74
CA ASP CA 335 -7.11 -75.38 20.21
C ASP CA 335 -8.18 -74.98 21.22
N LEU CA 336 -8.31 -73.67 21.47
CA LEU CA 336 -9.26 -73.18 22.49
C LEU CA 336 -10.37 -72.30 21.93
N ARG CA 337 -10.56 -72.29 20.61
CA ARG CA 337 -11.49 -71.35 20.00
C ARG CA 337 -12.96 -71.75 20.23
N GLN CA 338 -13.23 -73.07 20.16
CA GLN CA 338 -14.54 -73.63 20.54
C GLN CA 338 -14.81 -73.31 22.02
N GLU CA 339 -13.77 -73.47 22.80
CA GLU CA 339 -13.86 -73.23 24.21
C GLU CA 339 -14.19 -71.77 24.50
N LEU CA 340 -13.55 -70.87 23.75
CA LEU CA 340 -13.84 -69.44 23.82
C LEU CA 340 -15.28 -69.17 23.38
N LEU CA 341 -15.71 -69.77 22.28
CA LEU CA 341 -17.09 -69.56 21.84
C LEU CA 341 -18.09 -69.99 22.93
N ALA CA 342 -17.85 -71.16 23.53
CA ALA CA 342 -18.71 -71.67 24.61
C ALA CA 342 -18.80 -70.70 25.78
N PHE CA 343 -17.65 -70.13 26.12
CA PHE CA 343 -17.56 -69.16 27.21
C PHE CA 343 -18.56 -68.01 27.01
N GLN CA 344 -18.53 -67.41 25.82
CA GLN CA 344 -19.40 -66.27 25.49
C GLN CA 344 -20.85 -66.67 25.62
N VAL CA 345 -21.18 -67.85 25.12
CA VAL CA 345 -22.54 -68.35 25.20
C VAL CA 345 -22.96 -68.54 26.65
N LEU CA 346 -22.07 -69.11 27.45
CA LEU CA 346 -22.37 -69.32 28.86
C LEU CA 346 -22.58 -67.98 29.55
N LYS CA 347 -21.71 -67.03 29.20
CA LYS CA 347 -21.72 -65.72 29.86
C LYS CA 347 -22.99 -64.99 29.51
N GLN CA 348 -23.38 -65.06 28.24
CA GLN CA 348 -24.66 -64.47 27.81
C GLN CA 348 -25.83 -65.12 28.53
N LEU CA 349 -25.88 -66.47 28.53
CA LEU CA 349 -26.99 -67.16 29.21
C LEU CA 349 -27.05 -66.80 30.70
N GLN CA 350 -25.87 -66.64 31.30
CA GLN CA 350 -25.80 -66.20 32.69
C GLN CA 350 -26.48 -64.83 32.90
N SER CA 351 -26.13 -63.87 32.04
CA SER CA 351 -26.69 -62.51 32.13
C SER CA 351 -28.18 -62.54 31.83
N ILE CA 352 -28.56 -63.31 30.83
CA ILE CA 352 -29.97 -63.50 30.51
C ILE CA 352 -30.66 -63.99 31.78
N TRP CA 353 -30.11 -65.02 32.44
CA TRP CA 353 -30.78 -65.59 33.63
C TRP CA 353 -30.74 -64.66 34.84
N GLU CA 354 -29.72 -63.82 34.95
CA GLU CA 354 -29.73 -62.76 35.98
C GLU CA 354 -30.78 -61.66 35.71
N GLN CA 355 -30.84 -61.21 34.46
CA GLN CA 355 -31.75 -60.14 34.02
C GLN CA 355 -33.23 -60.53 34.20
N GLU CA 356 -33.68 -61.64 33.58
CA GLU CA 356 -34.92 -62.30 34.00
C GLU CA 356 -34.54 -62.75 35.40
N ARG CA 357 -35.45 -63.32 36.18
CA ARG CA 357 -35.04 -63.59 37.54
C ARG CA 357 -35.18 -65.06 37.89
N VAL CA 358 -34.36 -65.83 37.18
CA VAL CA 358 -34.28 -67.27 37.33
C VAL CA 358 -32.95 -67.59 38.01
N PRO CA 359 -32.98 -68.15 39.23
CA PRO CA 359 -31.77 -68.41 39.98
C PRO CA 359 -31.02 -69.69 39.54
N LEU CA 360 -30.98 -70.00 38.24
CA LEU CA 360 -30.08 -71.05 37.73
C LEU CA 360 -28.65 -70.62 38.03
N TRP CA 361 -27.75 -71.60 38.06
CA TRP CA 361 -26.35 -71.33 38.34
C TRP CA 361 -25.43 -72.03 37.33
N ILE CA 362 -24.49 -71.27 36.76
CA ILE CA 362 -23.44 -71.86 35.92
C ILE CA 362 -22.15 -71.09 36.13
N LYS CA 363 -21.05 -71.64 35.66
CA LYS CA 363 -19.77 -70.98 35.78
C LYS CA 363 -19.04 -70.96 34.44
N PRO CA 364 -19.08 -69.81 33.75
CA PRO CA 364 -18.19 -69.55 32.63
C PRO CA 364 -16.80 -69.41 33.17
N TYR CA 365 -15.88 -70.09 32.51
CA TYR CA 365 -14.48 -69.97 32.92
C TYR CA 365 -13.72 -69.31 31.81
N LYS CA 366 -12.91 -68.32 32.21
CA LYS CA 366 -12.20 -67.47 31.26
C LYS CA 366 -11.28 -68.26 30.34
N ILE CA 367 -11.18 -67.79 29.09
CA ILE CA 367 -10.36 -68.42 28.07
C ILE CA 367 -9.43 -67.39 27.49
N LEU CA 368 -8.18 -67.80 27.25
CA LEU CA 368 -7.29 -66.95 26.48
C LEU CA 368 -6.75 -67.77 25.31
N VAL CA 369 -7.17 -67.40 24.10
CA VAL CA 369 -6.63 -68.00 22.89
C VAL CA 369 -5.29 -67.37 22.58
N ILE CA 370 -4.29 -68.21 22.36
CA ILE CA 370 -2.93 -67.71 22.06
C ILE CA 370 -2.52 -68.00 20.62
N SER CA 371 -2.88 -69.19 20.14
CA SER CA 371 -2.75 -69.53 18.73
C SER CA 371 -3.91 -70.44 18.38
N ALA CA 372 -3.98 -70.83 17.12
CA ALA CA 372 -4.93 -71.86 16.71
C ALA CA 372 -4.60 -73.19 17.39
N ASP CA 373 -3.36 -73.32 17.84
CA ASP CA 373 -2.87 -74.51 18.53
C ASP CA 373 -2.99 -74.45 20.04
N SER CA 374 -2.89 -73.26 20.61
CA SER CA 374 -2.61 -73.10 22.03
C SER CA 374 -3.39 -71.98 22.74
N GLY CA 375 -3.54 -72.15 24.06
CA GLY CA 375 -4.18 -71.15 24.92
C GLY CA 375 -4.18 -71.49 26.42
N MET CA 376 -4.93 -70.68 27.18
CA MET CA 376 -5.03 -70.87 28.64
C MET CA 376 -6.48 -70.82 29.11
N ILE CA 377 -6.69 -71.42 30.28
CA ILE CA 377 -8.01 -71.45 30.95
C ILE CA 377 -7.88 -71.11 32.45
N GLU CA 378 -8.76 -70.24 32.95
CA GLU CA 378 -8.81 -69.98 34.40
C GLU CA 378 -9.66 -71.05 35.06
N PRO CA 379 -9.04 -71.90 35.88
CA PRO CA 379 -9.78 -73.04 36.41
C PRO CA 379 -10.67 -72.64 37.56
N VAL CA 380 -11.69 -73.45 37.84
CA VAL CA 380 -12.46 -73.24 39.07
C VAL CA 380 -11.71 -73.92 40.20
N VAL CA 381 -11.49 -73.16 41.28
CA VAL CA 381 -10.83 -73.67 42.49
C VAL CA 381 -11.82 -74.31 43.46
N ASN CA 382 -11.30 -75.14 44.37
CA ASN CA 382 -12.12 -75.92 45.32
C ASN CA 382 -13.15 -76.76 44.60
N ALA CA 383 -12.65 -77.44 43.60
CA ALA CA 383 -13.50 -78.26 42.75
C ALA CA 383 -12.66 -79.39 42.19
N VAL CA 384 -13.27 -80.57 42.13
CA VAL CA 384 -12.61 -81.74 41.54
C VAL CA 384 -13.64 -82.59 40.81
N SER CA 385 -13.14 -83.41 39.89
CA SER CA 385 -13.99 -84.17 38.98
C SER CA 385 -14.89 -85.11 39.78
N ILE CA 386 -16.11 -85.32 39.30
CA ILE CA 386 -17.00 -86.32 39.91
C ILE CA 386 -16.32 -87.69 39.98
N HIS CA 387 -15.68 -88.07 38.88
CA HIS CA 387 -15.07 -89.39 38.75
C HIS CA 387 -14.03 -89.65 39.83
N GLN CA 388 -13.16 -88.69 40.06
CA GLN CA 388 -12.07 -88.88 41.02
C GLN CA 388 -12.60 -88.69 42.45
N VAL CA 389 -13.63 -87.85 42.63
CA VAL CA 389 -14.35 -87.78 43.92
C VAL CA 389 -14.86 -89.15 44.37
N LYS CA 390 -15.26 -89.97 43.41
CA LYS CA 390 -15.71 -91.32 43.71
C LYS CA 390 -14.58 -92.33 43.84
N LYS CA 391 -13.41 -92.04 43.27
CA LYS CA 391 -12.27 -92.94 43.38
C LYS CA 391 -11.42 -92.69 44.63
N GLN CA 392 -11.32 -91.44 45.07
CA GLN CA 392 -10.59 -91.17 46.32
C GLN CA 392 -11.49 -91.38 47.55
N SER CA 393 -12.76 -91.00 47.48
CA SER CA 393 -13.71 -91.29 48.58
C SER CA 393 -14.12 -92.77 48.69
N GLN CA 394 -14.26 -93.45 47.55
CA GLN CA 394 -14.88 -94.78 47.50
C GLN CA 394 -16.36 -94.77 47.91
N LEU CA 395 -16.97 -93.58 47.92
CA LEU CA 395 -18.36 -93.44 48.36
C LEU CA 395 -19.33 -93.24 47.17
N SER CA 396 -20.63 -93.34 47.47
CA SER CA 396 -21.66 -92.87 46.54
C SER CA 396 -21.78 -91.34 46.69
N LEU CA 397 -22.15 -90.69 45.59
CA LEU CA 397 -22.19 -89.23 45.51
C LEU CA 397 -22.90 -88.59 46.72
N LEU CA 398 -24.07 -89.14 47.02
CA LEU CA 398 -24.85 -88.71 48.16
C LEU CA 398 -24.10 -88.90 49.47
N ASP CA 399 -23.52 -90.09 49.65
CA ASP CA 399 -22.74 -90.39 50.84
C ASP CA 399 -21.62 -89.36 51.00
N TYR CA 400 -20.96 -89.02 49.88
CA TYR CA 400 -19.96 -87.94 49.89
C TYR CA 400 -20.55 -86.59 50.32
N PHE CA 401 -21.72 -86.23 49.72
CA PHE CA 401 -22.45 -85.00 50.18
C PHE CA 401 -22.69 -84.97 51.70
N LEU CA 402 -23.20 -86.09 52.18
CA LEU CA 402 -23.48 -86.25 53.61
C LEU CA 402 -22.23 -86.18 54.48
N GLN CA 403 -21.15 -86.84 54.04
CA GLN CA 403 -19.87 -86.72 54.76
C GLN CA 403 -19.38 -85.27 54.79
N GLU CA 404 -19.37 -84.62 53.61
CA GLU CA 404 -18.69 -83.31 53.49
C GLU CA 404 -19.50 -82.10 53.93
N HIS CA 405 -20.83 -82.24 53.98
CA HIS CA 405 -21.66 -81.12 54.40
C HIS CA 405 -22.40 -81.37 55.70
N GLY CA 406 -22.91 -82.60 55.86
CA GLY CA 406 -23.65 -82.98 57.05
C GLY CA 406 -24.90 -83.77 56.68
N SER CA 407 -25.72 -84.08 57.68
CA SER CA 407 -26.97 -84.78 57.43
C SER CA 407 -27.94 -83.88 56.66
N TYR CA 408 -28.85 -84.48 55.92
CA TYR CA 408 -29.79 -83.64 55.14
C TYR CA 408 -30.73 -82.77 55.96
N THR CA 409 -30.68 -82.86 57.28
CA THR CA 409 -31.41 -81.91 58.11
C THR CA 409 -30.54 -80.71 58.53
N THR CA 410 -29.28 -80.66 58.09
CA THR CA 410 -28.43 -79.47 58.35
C THR CA 410 -28.52 -78.38 57.25
N GLU CA 411 -28.19 -77.13 57.60
CA GLU CA 411 -28.22 -76.00 56.64
C GLU CA 411 -27.28 -76.23 55.47
N ALA CA 412 -26.03 -76.48 55.84
CA ALA CA 412 -24.96 -76.75 54.90
C ALA CA 412 -25.37 -77.73 53.81
N PHE CA 413 -26.11 -78.76 54.18
CA PHE CA 413 -26.54 -79.75 53.21
C PHE CA 413 -27.65 -79.18 52.32
N LEU CA 414 -28.66 -78.54 52.93
CA LEU CA 414 -29.83 -78.09 52.16
C LEU CA 414 -29.41 -77.03 51.17
N SER CA 415 -28.49 -76.18 51.61
CA SER CA 415 -27.88 -75.19 50.73
C SER CA 415 -27.11 -75.83 49.57
N ALA CA 416 -26.30 -76.84 49.89
CA ALA CA 416 -25.53 -77.58 48.84
C ALA CA 416 -26.43 -78.29 47.83
N GLN CA 417 -27.52 -78.87 48.34
CA GLN CA 417 -28.52 -79.55 47.51
C GLN CA 417 -29.10 -78.56 46.53
N ARG CA 418 -29.48 -77.39 47.05
CA ARG CA 418 -30.04 -76.34 46.22
C ARG CA 418 -29.06 -75.92 45.13
N ASN CA 419 -27.81 -75.70 45.50
CA ASN CA 419 -26.75 -75.38 44.52
C ASN CA 419 -26.56 -76.48 43.47
N PHE CA 420 -26.64 -77.72 43.94
CA PHE CA 420 -26.62 -78.86 43.03
C PHE CA 420 -27.77 -78.71 42.02
N VAL CA 421 -28.99 -78.58 42.54
CA VAL CA 421 -30.18 -78.58 41.68
C VAL CA 421 -30.12 -77.41 40.70
N GLN CA 422 -29.71 -76.24 41.19
CA GLN CA 422 -29.65 -75.03 40.37
C GLN CA 422 -28.53 -75.11 39.36
N SER CA 423 -27.40 -75.72 39.74
CA SER CA 423 -26.32 -75.89 38.75
C SER CA 423 -26.64 -76.98 37.69
N CYS CA 424 -27.38 -78.02 38.09
CA CYS CA 424 -27.79 -79.09 37.16
C CYS CA 424 -28.75 -78.60 36.08
N ALA CA 425 -29.77 -77.86 36.51
CA ALA CA 425 -30.78 -77.33 35.59
C ALA CA 425 -30.10 -76.42 34.57
N GLY CA 426 -29.28 -75.50 35.09
CA GLY CA 426 -28.47 -74.64 34.24
C GLY CA 426 -27.76 -75.44 33.17
N TYR CA 427 -26.93 -76.37 33.62
CA TYR CA 427 -26.03 -77.09 32.69
C TYR CA 427 -26.80 -78.03 31.72
N CYS CA 428 -27.94 -78.56 32.17
CA CYS CA 428 -28.80 -79.34 31.26
C CYS CA 428 -29.19 -78.50 30.04
N LEU CA 429 -29.65 -77.27 30.32
CA LEU CA 429 -30.11 -76.34 29.28
C LEU CA 429 -29.00 -76.03 28.33
N VAL CA 430 -27.85 -75.72 28.89
CA VAL CA 430 -26.66 -75.46 28.09
C VAL CA 430 -26.34 -76.67 27.19
N CYS CA 431 -26.35 -77.87 27.78
CA CYS CA 431 -26.01 -79.09 27.01
C CYS CA 431 -26.98 -79.33 25.87
N TYR CA 432 -28.27 -79.17 26.18
CA TYR CA 432 -29.29 -79.29 25.17
C TYR CA 432 -29.11 -78.22 24.08
N LEU CA 433 -29.13 -76.95 24.46
CA LEU CA 433 -29.01 -75.86 23.49
C LEU CA 433 -27.74 -75.94 22.63
N LEU CA 434 -26.59 -76.20 23.26
CA LEU CA 434 -25.34 -76.31 22.48
C LEU CA 434 -25.07 -77.70 21.90
N GLN CA 435 -25.97 -78.65 22.19
CA GLN CA 435 -25.74 -80.04 21.79
C GLN CA 435 -24.33 -80.43 22.23
N VAL CA 436 -24.11 -80.34 23.54
CA VAL CA 436 -22.80 -80.70 24.10
C VAL CA 436 -22.71 -82.21 24.15
N LYS CA 437 -21.61 -82.78 23.61
CA LYS CA 437 -21.46 -84.25 23.62
C LYS CA 437 -20.26 -84.67 24.49
N ASP CA 438 -19.92 -85.96 24.46
CA ASP CA 438 -18.78 -86.50 25.23
C ASP CA 438 -18.98 -86.18 26.73
N ARG CA 439 -20.18 -86.43 27.24
CA ARG CA 439 -20.51 -86.12 28.64
C ARG CA 439 -20.28 -87.31 29.56
N HIS CA 440 -19.29 -87.18 30.44
CA HIS CA 440 -18.99 -88.19 31.45
C HIS CA 440 -18.39 -87.51 32.68
N ASN CA 441 -18.19 -88.28 33.74
CA ASN CA 441 -17.81 -87.74 35.05
C ASN CA 441 -16.35 -87.19 35.13
N GLY CA 442 -15.52 -87.53 34.16
CA GLY CA 442 -14.25 -86.85 33.91
C GLY CA 442 -14.40 -85.41 33.44
N ASN CA 443 -15.57 -85.07 32.85
CA ASN CA 443 -15.89 -83.72 32.34
C ASN CA 443 -16.84 -82.87 33.22
N ILE CA 444 -17.19 -83.41 34.40
CA ILE CA 444 -18.05 -82.68 35.35
C ILE CA 444 -17.38 -82.51 36.71
N LEU CA 445 -17.25 -81.27 37.12
CA LEU CA 445 -16.57 -80.93 38.35
C LEU CA 445 -17.63 -80.77 39.42
N LEU CA 446 -17.24 -81.03 40.66
CA LEU CA 446 -18.01 -80.62 41.80
C LEU CA 446 -17.27 -79.62 42.71
N ASP CA 447 -17.87 -78.47 42.99
CA ASP CA 447 -17.21 -77.45 43.87
C ASP CA 447 -17.54 -77.63 45.37
N ALA CA 448 -16.84 -76.89 46.22
CA ALA CA 448 -16.98 -76.96 47.69
C ALA CA 448 -18.37 -76.64 48.25
N GLU CA 449 -19.18 -75.92 47.48
CA GLU CA 449 -20.52 -75.55 47.91
C GLU CA 449 -21.63 -76.41 47.29
N GLY CA 450 -21.27 -77.32 46.38
CA GLY CA 450 -22.25 -78.27 45.79
C GLY CA 450 -22.69 -78.00 44.36
N HIS CA 451 -22.18 -76.92 43.77
CA HIS CA 451 -22.41 -76.69 42.35
C HIS CA 451 -21.58 -77.70 41.56
N ILE CA 452 -22.16 -78.16 40.45
CA ILE CA 452 -21.40 -78.88 39.44
C ILE CA 452 -21.00 -77.90 38.37
N ILE CA 453 -19.97 -78.30 37.63
CA ILE CA 453 -19.49 -77.49 36.50
C ILE CA 453 -19.02 -78.39 35.33
N HIS CA 454 -19.68 -78.30 34.18
CA HIS CA 454 -19.24 -79.07 32.99
C HIS CA 454 -18.03 -78.41 32.35
N ILE CA 455 -17.14 -79.17 31.71
CA ILE CA 455 -15.92 -78.52 31.18
C ILE CA 455 -15.38 -78.79 29.77
N ASP CA 456 -15.44 -79.99 29.21
CA ASP CA 456 -14.71 -80.21 27.97
C ASP CA 456 -15.60 -79.98 26.74
N PHE CA 457 -15.55 -78.74 26.20
CA PHE CA 457 -16.43 -78.34 25.08
C PHE CA 457 -15.84 -78.54 23.68
N GLY CA 458 -14.99 -79.57 23.54
CA GLY CA 458 -14.82 -80.21 22.24
C GLY CA 458 -16.15 -80.93 22.04
N PHE CA 459 -16.53 -81.18 20.79
CA PHE CA 459 -17.77 -81.91 20.50
C PHE CA 459 -19.05 -81.16 20.93
N ILE CA 460 -19.35 -80.11 20.18
CA ILE CA 460 -20.57 -79.33 20.37
C ILE CA 460 -21.21 -79.01 19.01
N LEU CA 461 -22.51 -78.71 19.03
CA LEU CA 461 -23.25 -78.35 17.81
C LEU CA 461 -23.15 -79.43 16.74
N SER CA 462 -22.72 -79.04 15.54
CA SER CA 462 -22.70 -79.94 14.38
C SER CA 462 -21.62 -81.02 14.46
N SER CA 463 -20.68 -80.88 15.39
CA SER CA 463 -19.54 -81.80 15.50
C SER CA 463 -19.94 -83.27 15.71
N SER CA 464 -19.31 -84.12 14.90
CA SER CA 464 -19.43 -85.60 14.96
C SER CA 464 -18.05 -86.28 15.04
N SER CA 473 -21.21 -89.07 24.54
CA SER CA 473 -22.67 -89.05 24.61
C SER CA 473 -23.23 -87.74 25.20
N ALA CA 474 -24.55 -87.56 25.05
CA ALA CA 474 -25.25 -86.34 25.48
C ALA CA 474 -25.43 -86.27 26.98
N PHE CA 475 -25.90 -85.11 27.46
CA PHE CA 475 -26.17 -84.90 28.88
C PHE CA 475 -27.07 -85.97 29.47
N LYS CA 476 -26.63 -86.54 30.59
CA LYS CA 476 -27.31 -87.64 31.25
C LYS CA 476 -27.73 -87.29 32.68
N LEU CA 477 -28.85 -87.83 33.14
CA LEU CA 477 -29.28 -87.71 34.53
C LEU CA 477 -29.31 -89.10 35.18
N THR CA 478 -28.18 -89.50 35.75
CA THR CA 478 -28.08 -90.83 36.39
C THR CA 478 -28.89 -90.86 37.70
N THR CA 479 -29.31 -92.04 38.13
CA THR CA 479 -30.10 -92.15 39.37
C THR CA 479 -29.27 -91.73 40.59
N GLU CA 480 -27.94 -91.84 40.51
CA GLU CA 480 -27.05 -91.29 41.55
C GLU CA 480 -27.23 -89.77 41.71
N PHE CA 481 -27.46 -89.06 40.59
CA PHE CA 481 -27.76 -87.62 40.62
C PHE CA 481 -29.15 -87.35 41.17
N VAL CA 482 -30.09 -88.18 40.74
CA VAL CA 482 -31.47 -88.06 41.16
C VAL CA 482 -31.59 -88.32 42.68
N ASP CA 483 -30.69 -89.16 43.20
CA ASP CA 483 -30.65 -89.49 44.64
C ASP CA 483 -30.25 -88.29 45.49
N VAL CA 484 -29.19 -87.62 45.05
CA VAL CA 484 -28.76 -86.38 45.68
C VAL CA 484 -29.88 -85.32 45.71
N MET CA 485 -30.70 -85.33 44.66
CA MET CA 485 -31.85 -84.41 44.58
C MET CA 485 -33.00 -84.79 45.50
N GLY CA 486 -32.87 -85.94 46.15
CA GLY CA 486 -33.93 -86.45 47.01
C GLY CA 486 -34.95 -87.35 46.34
N GLY CA 487 -34.71 -87.72 45.07
CA GLY CA 487 -35.58 -88.65 44.36
C GLY CA 487 -36.70 -88.03 43.53
N LEU CA 488 -37.31 -88.88 42.71
CA LEU CA 488 -38.28 -88.46 41.68
C LEU CA 488 -39.49 -87.70 42.28
N ASP CA 489 -39.91 -88.09 43.48
CA ASP CA 489 -41.02 -87.42 44.19
C ASP CA 489 -40.56 -86.30 45.09
N GLY CA 490 -39.27 -86.02 45.08
CA GLY CA 490 -38.74 -84.90 45.87
C GLY CA 490 -39.27 -83.53 45.42
N ASP CA 491 -39.36 -82.59 46.38
CA ASP CA 491 -39.77 -81.18 46.09
C ASP CA 491 -38.74 -80.48 45.22
N MET CA 492 -37.49 -80.68 45.63
CA MET CA 492 -36.34 -80.12 44.95
C MET CA 492 -36.22 -80.65 43.51
N PHE CA 493 -36.63 -81.90 43.27
CA PHE CA 493 -36.61 -82.45 41.90
C PHE CA 493 -37.69 -81.84 41.04
N ASN CA 494 -38.92 -81.77 41.56
CA ASN CA 494 -39.99 -81.01 40.90
C ASN CA 494 -39.53 -79.59 40.59
N TYR CA 495 -38.84 -78.97 41.56
CA TYR CA 495 -38.33 -77.62 41.41
C TYR CA 495 -37.24 -77.56 40.31
N TYR CA 496 -36.37 -78.58 40.22
CA TYR CA 496 -35.40 -78.73 39.07
C TYR CA 496 -36.07 -78.60 37.71
N LYS CA 497 -37.20 -79.27 37.54
CA LYS CA 497 -37.97 -79.18 36.29
C LYS CA 497 -38.55 -77.78 36.15
N MET CA 498 -38.91 -77.17 37.28
CA MET CA 498 -39.55 -75.85 37.30
C MET CA 498 -38.55 -74.79 36.82
N LEU CA 499 -37.32 -74.97 37.26
CA LEU CA 499 -36.24 -74.12 36.88
C LEU CA 499 -35.91 -74.24 35.41
N MET CA 500 -35.90 -75.50 34.93
CA MET CA 500 -35.59 -75.76 33.51
C MET CA 500 -36.57 -75.01 32.59
N LEU CA 501 -37.86 -75.16 32.88
CA LEU CA 501 -38.91 -74.44 32.16
C LEU CA 501 -38.68 -72.91 32.21
N GLN CA 502 -38.55 -72.38 33.43
CA GLN CA 502 -38.36 -70.96 33.63
C GLN CA 502 -37.19 -70.41 32.86
N GLY CA 503 -36.06 -71.14 32.91
CA GLY CA 503 -34.83 -70.74 32.19
C GLY CA 503 -34.93 -70.81 30.66
N LEU CA 504 -35.78 -71.72 30.19
CA LEU CA 504 -36.03 -71.88 28.76
C LEU CA 504 -36.92 -70.72 28.31
N ILE CA 505 -37.98 -70.45 29.09
CA ILE CA 505 -38.87 -69.30 28.83
C ILE CA 505 -38.08 -68.00 28.75
N ALA CA 506 -37.13 -67.85 29.66
CA ALA CA 506 -36.23 -66.70 29.66
C ALA CA 506 -35.38 -66.66 28.36
N ALA CA 507 -34.77 -67.80 27.99
CA ALA CA 507 -33.85 -67.88 26.80
C ALA CA 507 -34.51 -67.44 25.50
N ARG CA 508 -35.72 -67.98 25.32
CA ARG CA 508 -36.52 -67.67 24.15
C ARG CA 508 -36.70 -66.15 23.95
N LYS CA 509 -36.91 -65.44 25.06
CA LYS CA 509 -37.12 -64.00 25.02
C LYS CA 509 -35.85 -63.23 24.63
N HIS CA 510 -34.69 -63.90 24.61
CA HIS CA 510 -33.43 -63.21 24.30
C HIS CA 510 -32.60 -63.99 23.31
N MET CA 511 -33.27 -64.91 22.62
CA MET CA 511 -32.67 -65.74 21.61
C MET CA 511 -31.65 -65.03 20.71
N ASP CA 512 -31.98 -63.82 20.23
CA ASP CA 512 -31.15 -63.11 19.22
C ASP CA 512 -29.73 -62.92 19.69
N LYS CA 513 -29.61 -62.52 20.96
CA LYS CA 513 -28.32 -62.27 21.60
C LYS CA 513 -27.46 -63.51 21.62
N VAL CA 514 -28.08 -64.68 21.77
CA VAL CA 514 -27.33 -65.94 21.78
C VAL CA 514 -26.88 -66.34 20.38
N VAL CA 515 -27.84 -66.42 19.47
CA VAL CA 515 -27.58 -66.78 18.06
C VAL CA 515 -26.57 -65.86 17.44
N GLN CA 516 -26.69 -64.55 17.68
CA GLN CA 516 -25.74 -63.56 17.16
C GLN CA 516 -24.30 -64.02 17.39
N ILE CA 517 -24.00 -64.42 18.62
CA ILE CA 517 -22.65 -64.81 19.03
C ILE CA 517 -22.10 -65.94 18.17
N VAL CA 518 -22.93 -66.96 17.95
CA VAL CA 518 -22.52 -68.16 17.24
C VAL CA 518 -22.45 -67.86 15.74
N GLU CA 519 -23.48 -67.17 15.26
CA GLU CA 519 -23.64 -66.94 13.84
C GLU CA 519 -22.49 -66.13 13.23
N ILE CA 520 -22.00 -65.13 13.97
CA ILE CA 520 -20.88 -64.31 13.53
C ILE CA 520 -19.56 -65.07 13.57
N MET CA 521 -19.36 -65.92 14.58
CA MET CA 521 -18.15 -66.75 14.68
C MET CA 521 -18.00 -67.79 13.56
N GLN CA 522 -19.13 -68.24 13.01
CA GLN CA 522 -19.16 -69.28 11.97
C GLN CA 522 -18.49 -68.78 10.67
N GLN CA 523 -18.43 -67.45 10.50
CA GLN CA 523 -18.05 -66.78 9.23
C GLN CA 523 -16.96 -67.40 8.35
N GLY CA 524 -15.71 -67.38 8.80
CA GLY CA 524 -14.63 -67.98 8.01
C GLY CA 524 -14.02 -69.11 8.82
N SER CA 525 -14.88 -69.80 9.52
CA SER CA 525 -14.45 -70.79 10.47
C SER CA 525 -14.35 -72.16 9.82
N GLN CA 526 -13.30 -72.89 10.18
CA GLN CA 526 -13.10 -74.24 9.69
C GLN CA 526 -13.29 -75.25 10.86
N LEU CA 527 -13.83 -74.75 11.96
CA LEU CA 527 -13.94 -75.51 13.20
C LEU CA 527 -14.97 -76.63 13.09
N PRO CA 528 -14.64 -77.81 13.67
CA PRO CA 528 -15.51 -79.00 13.66
C PRO CA 528 -16.96 -78.74 14.07
N CYS CA 529 -17.19 -77.80 14.99
CA CYS CA 529 -18.55 -77.49 15.42
C CYS CA 529 -19.40 -76.83 14.32
N PHE CA 530 -18.75 -76.31 13.27
CA PHE CA 530 -19.49 -75.75 12.14
C PHE CA 530 -19.45 -76.67 10.90
N HIS CA 531 -19.15 -77.94 11.08
CA HIS CA 531 -19.03 -78.86 9.95
C HIS CA 531 -20.31 -78.95 9.10
N GLY CA 532 -21.46 -78.78 9.72
CA GLY CA 532 -22.73 -78.87 9.02
C GLY CA 532 -23.00 -77.68 8.10
N SER CA 533 -24.06 -77.81 7.30
CA SER CA 533 -24.62 -76.68 6.56
C SER CA 533 -25.76 -76.01 7.33
N SER CA 534 -26.26 -76.66 8.37
CA SER CA 534 -27.48 -76.22 9.07
C SER CA 534 -27.30 -76.04 10.58
N THR CA 535 -26.10 -75.62 10.96
CA THR CA 535 -25.74 -75.40 12.36
C THR CA 535 -26.66 -74.36 13.03
N ILE CA 536 -26.75 -73.18 12.41
CA ILE CA 536 -27.58 -72.08 12.93
C ILE CA 536 -29.07 -72.40 12.83
N ARG CA 537 -29.49 -73.02 11.72
CA ARG CA 537 -30.89 -73.43 11.57
C ARG CA 537 -31.31 -74.42 12.65
N ASN CA 538 -30.45 -75.40 12.90
CA ASN CA 538 -30.73 -76.39 13.93
C ASN CA 538 -30.77 -75.71 15.33
N LEU CA 539 -29.84 -74.80 15.55
CA LEU CA 539 -29.80 -74.04 16.81
C LEU CA 539 -31.13 -73.29 17.07
N LYS CA 540 -31.66 -72.64 16.05
CA LYS CA 540 -32.90 -71.85 16.20
C LYS CA 540 -34.10 -72.71 16.50
N GLU CA 541 -34.16 -73.85 15.81
CA GLU CA 541 -35.24 -74.80 16.02
C GLU CA 541 -35.28 -75.21 17.49
N ARG CA 542 -34.09 -75.35 18.09
CA ARG CA 542 -33.96 -75.78 19.49
C ARG CA 542 -34.50 -74.76 20.52
N PHE CA 543 -34.74 -73.52 20.10
CA PHE CA 543 -35.46 -72.57 20.96
C PHE CA 543 -36.96 -72.79 20.91
N HIS CA 544 -37.44 -73.48 19.87
CA HIS CA 544 -38.89 -73.73 19.73
C HIS CA 544 -39.77 -72.47 19.90
N MET CA 545 -39.46 -71.45 19.09
CA MET CA 545 -40.09 -70.13 19.21
C MET CA 545 -41.62 -70.10 18.98
N SER CA 546 -42.13 -71.08 18.24
CA SER CA 546 -43.57 -71.23 18.06
C SER CA 546 -44.32 -71.71 19.32
N MET CA 547 -43.63 -72.38 20.26
CA MET CA 547 -44.35 -73.07 21.35
C MET CA 547 -45.09 -72.18 22.38
N THR CA 548 -46.22 -72.67 22.89
CA THR CA 548 -46.80 -72.14 24.13
C THR CA 548 -46.14 -72.82 25.34
N GLU CA 549 -46.28 -72.22 26.54
CA GLU CA 549 -45.63 -72.73 27.77
C GLU CA 549 -45.95 -74.20 28.06
N GLU CA 550 -47.22 -74.54 27.94
CA GLU CA 550 -47.68 -75.91 28.12
C GLU CA 550 -46.90 -76.86 27.20
N GLN CA 551 -46.59 -76.39 25.99
CA GLN CA 551 -45.81 -77.19 25.03
C GLN CA 551 -44.37 -77.38 25.53
N LEU CA 552 -43.85 -76.33 26.18
CA LEU CA 552 -42.47 -76.32 26.65
C LEU CA 552 -42.34 -77.24 27.87
N GLN CA 553 -43.37 -77.23 28.73
CA GLN CA 553 -43.46 -78.16 29.86
C GLN CA 553 -43.31 -79.59 29.40
N LEU CA 554 -43.99 -79.92 28.32
CA LEU CA 554 -43.92 -81.26 27.73
C LEU CA 554 -42.53 -81.57 27.17
N LEU CA 555 -41.94 -80.58 26.50
CA LEU CA 555 -40.58 -80.71 25.96
C LEU CA 555 -39.55 -80.93 27.09
N VAL CA 556 -39.71 -80.22 28.21
CA VAL CA 556 -38.86 -80.40 29.39
C VAL CA 556 -38.99 -81.82 29.93
N GLU CA 557 -40.22 -82.31 30.05
CA GLU CA 557 -40.48 -83.68 30.47
C GLU CA 557 -39.78 -84.67 29.53
N GLN CA 558 -40.03 -84.51 28.21
CA GLN CA 558 -39.34 -85.39 27.21
C GLN CA 558 -37.84 -85.36 27.37
N MET CA 559 -37.31 -84.16 27.48
CA MET CA 559 -35.89 -83.95 27.71
C MET CA 559 -35.39 -84.69 28.96
N VAL CA 560 -36.10 -84.54 30.09
CA VAL CA 560 -35.71 -85.18 31.37
C VAL CA 560 -35.78 -86.70 31.22
N ASP CA 561 -36.92 -87.19 30.76
CA ASP CA 561 -37.11 -88.62 30.59
C ASP CA 561 -36.06 -89.19 29.62
N GLY CA 562 -35.71 -88.44 28.59
CA GLY CA 562 -34.58 -88.76 27.70
C GLY CA 562 -33.25 -88.84 28.41
N SER CA 563 -33.05 -87.95 29.38
CA SER CA 563 -31.77 -87.88 30.09
C SER CA 563 -31.57 -89.08 31.02
N MET CA 564 -32.65 -89.78 31.37
CA MET CA 564 -32.57 -90.92 32.30
C MET CA 564 -32.43 -92.31 31.63
N ARG CA 565 -32.98 -92.47 30.42
CA ARG CA 565 -32.93 -93.75 29.70
C ARG CA 565 -31.50 -94.26 29.50
N SER CA 566 -30.57 -93.34 29.25
CA SER CA 566 -29.15 -93.62 28.89
C SER CA 566 -28.91 -93.63 27.38
N ASP DA 9 -44.18 -16.30 -5.69
CA ASP DA 9 -44.20 -15.20 -6.69
C ASP DA 9 -42.79 -14.93 -7.31
N GLU DA 10 -42.34 -13.68 -7.20
CA GLU DA 10 -41.25 -13.08 -8.00
C GLU DA 10 -39.89 -13.21 -7.30
N TYR DA 11 -38.88 -13.61 -8.06
CA TYR DA 11 -37.50 -13.51 -7.60
C TYR DA 11 -36.80 -12.41 -8.39
N ASP DA 12 -35.72 -11.88 -7.82
CA ASP DA 12 -34.87 -10.92 -8.52
C ASP DA 12 -33.77 -11.65 -9.29
N TYR DA 13 -33.44 -12.85 -8.82
CA TYR DA 13 -32.39 -13.62 -9.44
C TYR DA 13 -32.62 -15.12 -9.37
N LEU DA 14 -32.11 -15.79 -10.40
CA LEU DA 14 -32.12 -17.24 -10.50
C LEU DA 14 -30.68 -17.76 -10.65
N PHE DA 15 -30.14 -18.35 -9.59
CA PHE DA 15 -28.71 -18.81 -9.65
C PHE DA 15 -28.63 -20.31 -9.87
N LYS DA 16 -27.95 -20.73 -10.94
CA LYS DA 16 -27.69 -22.16 -11.23
C LYS DA 16 -26.42 -22.65 -10.53
N VAL DA 17 -26.59 -23.60 -9.62
CA VAL DA 17 -25.44 -24.13 -8.85
C VAL DA 17 -25.37 -25.64 -8.98
N VAL DA 18 -24.14 -26.15 -9.11
CA VAL DA 18 -23.95 -27.59 -9.24
C VAL DA 18 -23.28 -28.16 -8.00
N LEU DA 19 -23.63 -29.41 -7.67
CA LEU DA 19 -22.92 -30.15 -6.61
C LEU DA 19 -22.06 -31.22 -7.24
N ILE DA 20 -20.76 -31.17 -6.96
CA ILE DA 20 -19.86 -32.17 -7.51
C ILE DA 20 -18.98 -32.77 -6.41
N GLY DA 21 -18.43 -33.94 -6.74
CA GLY DA 21 -17.48 -34.63 -5.87
C GLY DA 21 -17.49 -36.12 -6.13
N ASP DA 22 -16.60 -36.83 -5.44
CA ASP DA 22 -16.54 -38.30 -5.51
C ASP DA 22 -17.90 -38.89 -5.09
N SER DA 23 -18.20 -40.08 -5.62
CA SER DA 23 -19.44 -40.77 -5.29
C SER DA 23 -19.45 -41.24 -3.82
N GLY DA 24 -20.53 -40.95 -3.10
CA GLY DA 24 -20.68 -41.36 -1.71
C GLY DA 24 -20.42 -40.29 -0.65
N VAL DA 25 -19.93 -39.11 -1.06
CA VAL DA 25 -19.53 -38.05 -0.10
C VAL DA 25 -20.71 -37.35 0.60
N GLY DA 26 -21.92 -37.45 0.02
CA GLY DA 26 -23.15 -36.94 0.68
C GLY DA 26 -23.91 -35.83 -0.04
N LYS DA 27 -23.61 -35.65 -1.33
CA LYS DA 27 -24.21 -34.59 -2.14
C LYS DA 27 -25.75 -34.63 -2.08
N SER DA 28 -26.35 -35.81 -2.30
CA SER DA 28 -27.83 -35.93 -2.36
C SER DA 28 -28.49 -35.62 -1.02
N ASN DA 29 -27.77 -35.92 0.06
CA ASN DA 29 -28.24 -35.59 1.39
C ASN DA 29 -27.99 -34.15 1.83
N LEU DA 30 -26.90 -33.55 1.40
CA LEU DA 30 -26.73 -32.11 1.57
C LEU DA 30 -27.94 -31.41 0.95
N LEU DA 31 -28.26 -31.84 -0.27
CA LEU DA 31 -29.38 -31.26 -1.01
C LEU DA 31 -30.72 -31.55 -0.36
N SER DA 32 -30.94 -32.81 0.08
CA SER DA 32 -32.21 -33.16 0.73
C SER DA 32 -32.36 -32.43 2.08
N ARG DA 33 -31.22 -32.24 2.75
CA ARG DA 33 -31.18 -31.50 4.01
C ARG DA 33 -31.54 -30.05 3.74
N PHE DA 34 -30.81 -29.44 2.81
CA PHE DA 34 -31.00 -28.03 2.52
C PHE DA 34 -32.37 -27.71 1.96
N THR DA 35 -32.93 -28.58 1.11
CA THR DA 35 -34.20 -28.21 0.46
C THR DA 35 -35.47 -28.68 1.14
N ARG DA 36 -35.43 -29.82 1.82
CA ARG DA 36 -36.62 -30.21 2.56
C ARG DA 36 -36.33 -30.65 3.99
N ASN DA 37 -35.14 -30.31 4.46
CA ASN DA 37 -34.71 -30.66 5.79
C ASN DA 37 -34.95 -32.16 6.08
N GLU DA 38 -34.42 -33.03 5.21
CA GLU DA 38 -34.49 -34.49 5.41
C GLU DA 38 -33.12 -35.14 5.17
N PHE DA 39 -32.88 -36.27 5.84
CA PHE DA 39 -31.61 -37.00 5.69
C PHE DA 39 -31.90 -38.48 5.72
N ASN DA 40 -31.01 -39.25 5.11
CA ASN DA 40 -31.11 -40.70 5.19
C ASN DA 40 -29.76 -41.45 5.09
N LEU DA 41 -29.63 -42.44 5.96
CA LEU DA 41 -28.49 -43.34 5.93
C LEU DA 41 -28.51 -44.25 4.72
N GLU DA 42 -29.69 -44.76 4.39
CA GLU DA 42 -29.88 -45.58 3.19
C GLU DA 42 -29.88 -44.63 1.99
N SER DA 43 -29.20 -45.04 0.93
CA SER DA 43 -28.80 -44.10 -0.12
C SER DA 43 -29.01 -44.67 -1.49
N LYS DA 44 -29.36 -43.79 -2.41
CA LYS DA 44 -29.83 -44.21 -3.71
C LYS DA 44 -28.95 -43.48 -4.71
N SER DA 45 -28.15 -44.24 -5.47
CA SER DA 45 -27.15 -43.63 -6.34
C SER DA 45 -27.81 -42.61 -7.23
N THR DA 46 -27.12 -41.48 -7.39
CA THR DA 46 -27.62 -40.40 -8.21
C THR DA 46 -27.31 -40.74 -9.66
N ILE DA 47 -28.35 -40.86 -10.47
CA ILE DA 47 -28.18 -41.28 -11.86
C ILE DA 47 -28.21 -40.09 -12.77
N GLY DA 48 -27.03 -39.70 -13.26
CA GLY DA 48 -26.93 -38.57 -14.20
C GLY DA 48 -27.05 -37.27 -13.44
N VAL DA 49 -28.30 -36.81 -13.23
CA VAL DA 49 -28.56 -35.52 -12.60
C VAL DA 49 -29.88 -35.54 -11.85
N GLU DA 50 -29.90 -34.83 -10.72
CA GLU DA 50 -31.16 -34.60 -10.00
C GLU DA 50 -31.34 -33.11 -9.71
N PHE DA 51 -32.61 -32.68 -9.76
CA PHE DA 51 -32.93 -31.27 -9.68
C PHE DA 51 -33.71 -30.88 -8.42
N ALA DA 52 -33.26 -29.83 -7.74
CA ALA DA 52 -33.98 -29.29 -6.56
C ALA DA 52 -33.76 -27.78 -6.38
N THR DA 53 -34.74 -27.12 -5.74
CA THR DA 53 -34.81 -25.66 -5.69
C THR DA 53 -35.25 -25.08 -4.34
N ARG DA 54 -34.72 -23.91 -4.02
CA ARG DA 54 -35.06 -23.17 -2.79
C ARG DA 54 -34.68 -21.70 -2.93
N SER DA 55 -35.47 -20.85 -2.28
CA SER DA 55 -35.31 -19.41 -2.34
C SER DA 55 -34.71 -18.84 -1.05
N ILE DA 56 -33.80 -17.86 -1.15
CA ILE DA 56 -33.37 -17.10 0.06
C ILE DA 56 -33.33 -15.59 -0.18
N GLN DA 57 -33.15 -14.78 0.87
CA GLN DA 57 -32.84 -13.36 0.68
C GLN DA 57 -31.45 -13.01 1.16
N VAL DA 58 -30.72 -12.31 0.30
CA VAL DA 58 -29.47 -11.68 0.67
C VAL DA 58 -29.51 -10.20 0.23
N ASP DA 59 -29.09 -9.31 1.14
CA ASP DA 59 -29.02 -7.87 0.88
C ASP DA 59 -30.36 -7.30 0.38
N GLY DA 60 -31.48 -7.84 0.89
CA GLY DA 60 -32.84 -7.40 0.53
C GLY DA 60 -33.47 -7.95 -0.75
N LYS DA 61 -32.82 -8.92 -1.41
CA LYS DA 61 -33.27 -9.42 -2.70
C LYS DA 61 -33.61 -10.89 -2.62
N THR DA 62 -34.77 -11.24 -3.16
CA THR DA 62 -35.19 -12.63 -3.20
C THR DA 62 -34.43 -13.35 -4.34
N ILE DA 63 -33.57 -14.30 -3.97
CA ILE DA 63 -32.77 -15.10 -4.89
C ILE DA 63 -33.21 -16.57 -4.87
N LYS DA 64 -33.66 -17.06 -6.04
CA LYS DA 64 -34.03 -18.48 -6.18
C LYS DA 64 -32.81 -19.27 -6.65
N ALA DA 65 -32.44 -20.27 -5.85
CA ALA DA 65 -31.30 -21.12 -6.21
C ALA DA 65 -31.81 -22.37 -6.91
N GLN DA 66 -31.17 -22.72 -8.01
CA GLN DA 66 -31.45 -23.97 -8.72
C GLN DA 66 -30.25 -24.89 -8.60
N ILE DA 67 -30.44 -25.97 -7.84
CA ILE DA 67 -29.33 -26.86 -7.54
C ILE DA 67 -29.40 -28.12 -8.39
N TRP DA 68 -28.25 -28.45 -8.98
CA TRP DA 68 -28.12 -29.64 -9.80
C TRP DA 68 -27.16 -30.61 -9.14
N ASP DA 69 -27.74 -31.73 -8.72
CA ASP DA 69 -27.03 -32.79 -8.01
C ASP DA 69 -26.52 -33.72 -9.09
N THR DA 70 -25.20 -33.67 -9.35
CA THR DA 70 -24.63 -34.23 -10.58
C THR DA 70 -24.31 -35.76 -10.57
N ALA DA 71 -23.88 -36.32 -9.43
CA ALA DA 71 -23.48 -37.74 -9.33
C ALA DA 71 -21.98 -37.89 -9.53
N GLY DA 72 -21.34 -38.52 -8.55
CA GLY DA 72 -19.88 -38.69 -8.54
C GLY DA 72 -19.39 -39.83 -9.40
N LEU DA 73 -20.28 -40.76 -9.72
CA LEU DA 73 -19.96 -41.89 -10.57
C LEU DA 73 -19.54 -41.42 -11.99
N GLU DA 74 -18.51 -42.09 -12.51
CA GLU DA 74 -17.81 -41.76 -13.76
C GLU DA 74 -18.64 -42.14 -14.99
N ARG DA 75 -19.35 -43.27 -14.88
CA ARG DA 75 -20.35 -43.71 -15.87
C ARG DA 75 -21.11 -42.55 -16.52
N TYR DA 76 -21.44 -41.55 -15.71
CA TYR DA 76 -22.30 -40.43 -16.13
C TYR DA 76 -21.56 -39.13 -16.41
N ARG DA 77 -20.22 -39.15 -16.30
CA ARG DA 77 -19.43 -37.92 -16.36
C ARG DA 77 -19.41 -37.24 -17.78
N ALA DA 78 -19.72 -37.99 -18.85
CA ALA DA 78 -19.93 -37.39 -20.20
C ALA DA 78 -21.16 -36.43 -20.27
N ILE DA 79 -22.22 -36.78 -19.56
CA ILE DA 79 -23.49 -36.05 -19.64
C ILE DA 79 -23.70 -35.05 -18.47
N THR DA 80 -22.96 -35.23 -17.35
CA THR DA 80 -22.94 -34.23 -16.23
C THR DA 80 -22.26 -32.97 -16.73
N SER DA 81 -21.14 -33.11 -17.44
CA SER DA 81 -20.39 -31.97 -17.98
C SER DA 81 -21.24 -31.08 -18.91
N ALA DA 82 -22.26 -31.64 -19.55
CA ALA DA 82 -23.26 -30.83 -20.26
C ALA DA 82 -23.88 -29.75 -19.33
N TYR DA 83 -24.15 -30.09 -18.07
CA TYR DA 83 -24.74 -29.17 -17.06
C TYR DA 83 -23.81 -28.14 -16.41
N TYR DA 84 -22.52 -28.29 -16.63
CA TYR DA 84 -21.53 -27.34 -16.09
C TYR DA 84 -21.73 -25.97 -16.76
N ARG DA 85 -22.29 -26.02 -17.97
CA ARG DA 85 -22.63 -24.85 -18.79
C ARG DA 85 -23.35 -23.74 -18.02
N GLY DA 86 -22.67 -22.60 -17.89
CA GLY DA 86 -23.25 -21.39 -17.30
C GLY DA 86 -23.73 -21.50 -15.86
N ALA DA 87 -23.18 -22.42 -15.09
CA ALA DA 87 -23.49 -22.49 -13.66
C ALA DA 87 -22.65 -21.43 -12.95
N VAL DA 88 -23.29 -20.67 -12.06
CA VAL DA 88 -22.61 -19.55 -11.38
C VAL DA 88 -21.79 -20.02 -10.18
N GLY DA 89 -22.19 -21.15 -9.61
CA GLY DA 89 -21.52 -21.69 -8.43
C GLY DA 89 -21.40 -23.21 -8.44
N ALA DA 90 -20.30 -23.68 -7.84
CA ALA DA 90 -20.08 -25.13 -7.66
C ALA DA 90 -19.63 -25.52 -6.24
N LEU DA 91 -20.43 -26.36 -5.59
CA LEU DA 91 -20.07 -26.90 -4.27
C LEU DA 91 -19.27 -28.17 -4.52
N LEU DA 92 -17.97 -28.09 -4.22
CA LEU DA 92 -17.08 -29.20 -4.42
C LEU DA 92 -16.95 -29.95 -3.11
N VAL DA 93 -17.47 -31.19 -3.07
CA VAL DA 93 -17.60 -31.88 -1.80
C VAL DA 93 -16.70 -33.12 -1.65
N TYR DA 94 -16.12 -33.23 -0.45
CA TYR DA 94 -15.37 -34.44 -0.08
C TYR DA 94 -15.84 -34.93 1.30
N ASP DA 95 -15.66 -36.23 1.55
CA ASP DA 95 -15.89 -36.85 2.87
C ASP DA 95 -14.70 -36.72 3.85
N ILE DA 96 -14.90 -35.95 4.94
CA ILE DA 96 -13.86 -35.79 6.01
C ILE DA 96 -13.17 -37.10 6.51
N ALA DA 97 -13.96 -38.17 6.51
CA ALA DA 97 -13.53 -39.48 7.03
C ALA DA 97 -12.91 -40.42 5.98
N LYS DA 98 -12.82 -39.99 4.72
CA LYS DA 98 -12.17 -40.82 3.69
C LYS DA 98 -11.12 -40.07 2.90
N HIS DA 99 -9.84 -40.23 3.25
CA HIS DA 99 -8.75 -39.38 2.72
C HIS DA 99 -8.67 -39.32 1.17
N LEU DA 100 -8.86 -40.47 0.53
CA LEU DA 100 -8.87 -40.57 -0.94
C LEU DA 100 -9.78 -39.54 -1.62
N THR DA 101 -10.94 -39.33 -1.02
CA THR DA 101 -11.91 -38.38 -1.53
C THR DA 101 -11.36 -36.93 -1.51
N TYR DA 102 -10.49 -36.60 -0.54
CA TYR DA 102 -9.80 -35.28 -0.49
C TYR DA 102 -8.73 -35.23 -1.56
N GLU DA 103 -8.07 -36.36 -1.81
CA GLU DA 103 -7.02 -36.43 -2.79
C GLU DA 103 -7.54 -36.10 -4.20
N ASN DA 104 -8.74 -36.57 -4.53
CA ASN DA 104 -9.31 -36.40 -5.90
C ASN DA 104 -9.92 -35.00 -6.21
N VAL DA 105 -9.90 -34.12 -5.22
CA VAL DA 105 -10.42 -32.77 -5.42
C VAL DA 105 -9.63 -31.98 -6.48
N GLU DA 106 -8.37 -32.35 -6.69
CA GLU DA 106 -7.54 -31.73 -7.72
C GLU DA 106 -8.02 -32.09 -9.14
N ARG DA 107 -8.41 -33.35 -9.36
CA ARG DA 107 -8.96 -33.72 -10.67
C ARG DA 107 -10.38 -33.19 -10.87
N TRP DA 108 -11.08 -33.01 -9.77
CA TRP DA 108 -12.40 -32.42 -9.84
C TRP DA 108 -12.40 -30.89 -10.15
N LEU DA 109 -11.29 -30.18 -9.95
CA LEU DA 109 -11.21 -28.73 -10.29
C LEU DA 109 -10.73 -28.50 -11.71
N LYS DA 110 -9.88 -29.41 -12.21
CA LYS DA 110 -9.49 -29.40 -13.62
C LYS DA 110 -10.75 -29.64 -14.45
N GLU DA 111 -11.60 -30.56 -13.98
CA GLU DA 111 -12.93 -30.82 -14.54
C GLU DA 111 -13.79 -29.56 -14.74
N LEU DA 112 -13.49 -28.46 -14.04
CA LEU DA 112 -14.20 -27.19 -14.24
C LEU DA 112 -13.47 -26.27 -15.22
N ARG DA 113 -12.15 -26.41 -15.31
CA ARG DA 113 -11.40 -25.57 -16.23
C ARG DA 113 -11.28 -26.28 -17.59
N ASP DA 114 -12.16 -27.27 -17.83
CA ASP DA 114 -12.35 -27.85 -19.16
C ASP DA 114 -13.79 -27.71 -19.68
N HIS DA 115 -14.79 -27.90 -18.81
CA HIS DA 115 -16.20 -27.95 -19.26
C HIS DA 115 -17.10 -26.84 -18.72
N ALA DA 116 -16.55 -25.84 -18.05
CA ALA DA 116 -17.37 -24.83 -17.37
C ALA DA 116 -16.75 -23.44 -17.45
N ASP DA 117 -17.58 -22.43 -17.19
CA ASP DA 117 -17.11 -21.05 -17.13
C ASP DA 117 -15.87 -20.97 -16.23
N SER DA 118 -14.83 -20.31 -16.74
CA SER DA 118 -13.55 -20.17 -16.04
C SER DA 118 -13.59 -19.06 -14.99
N ASN DA 119 -14.74 -18.41 -14.84
CA ASN DA 119 -14.94 -17.43 -13.81
C ASN DA 119 -16.13 -17.82 -12.92
N ILE DA 120 -16.06 -19.02 -12.34
CA ILE DA 120 -17.14 -19.58 -11.47
C ILE DA 120 -16.74 -19.59 -9.98
N VAL DA 121 -17.73 -19.38 -9.10
CA VAL DA 121 -17.54 -19.39 -7.64
C VAL DA 121 -17.55 -20.83 -7.09
N ILE DA 122 -16.47 -21.20 -6.37
CA ILE DA 122 -16.32 -22.54 -5.81
C ILE DA 122 -16.16 -22.52 -4.28
N MET DA 123 -16.96 -23.34 -3.61
CA MET DA 123 -16.73 -23.62 -2.21
C MET DA 123 -16.38 -25.10 -2.05
N LEU DA 124 -15.29 -25.30 -1.33
CA LEU DA 124 -14.80 -26.59 -0.87
C LEU DA 124 -15.59 -26.98 0.36
N VAL DA 125 -16.10 -28.21 0.38
CA VAL DA 125 -16.90 -28.68 1.50
C VAL DA 125 -16.40 -30.02 2.02
N GLY DA 126 -16.00 -30.01 3.30
CA GLY DA 126 -15.70 -31.24 4.04
C GLY DA 126 -16.98 -31.68 4.73
N ASN DA 127 -17.57 -32.77 4.23
CA ASN DA 127 -18.81 -33.30 4.78
C ASN DA 127 -18.56 -34.45 5.74
N LYS DA 128 -19.57 -34.68 6.59
CA LYS DA 128 -19.61 -35.75 7.58
C LYS DA 128 -18.75 -35.35 8.80
N SER DA 129 -18.93 -34.10 9.25
CA SER DA 129 -18.20 -33.61 10.44
C SER DA 129 -18.65 -34.32 11.70
N ASP DA 130 -19.84 -34.93 11.68
CA ASP DA 130 -20.33 -35.73 12.80
C ASP DA 130 -19.46 -36.97 13.10
N LEU DA 131 -18.75 -37.48 12.09
CA LEU DA 131 -17.83 -38.62 12.29
C LEU DA 131 -16.46 -38.22 12.87
N ARG DA 132 -16.48 -37.59 14.05
CA ARG DA 132 -15.29 -36.96 14.67
C ARG DA 132 -14.13 -37.93 14.76
N HIS DA 133 -14.40 -39.12 15.29
CA HIS DA 133 -13.37 -40.09 15.61
C HIS DA 133 -12.72 -40.77 14.39
N LEU DA 134 -13.36 -40.70 13.22
CA LEU DA 134 -12.81 -41.32 12.00
C LEU DA 134 -12.18 -40.33 11.03
N ARG DA 135 -12.04 -39.09 11.50
CA ARG DA 135 -11.47 -37.99 10.68
C ARG DA 135 -10.16 -38.40 9.99
N ALA DA 136 -10.12 -38.28 8.66
CA ALA DA 136 -8.89 -38.60 7.93
C ALA DA 136 -8.28 -37.36 7.23
N VAL DA 137 -8.94 -36.21 7.36
CA VAL DA 137 -8.48 -34.94 6.80
C VAL DA 137 -8.62 -33.84 7.84
N PRO DA 138 -7.48 -33.35 8.37
CA PRO DA 138 -7.55 -32.29 9.37
C PRO DA 138 -8.09 -30.98 8.80
N THR DA 139 -8.91 -30.29 9.61
CA THR DA 139 -9.54 -29.02 9.22
C THR DA 139 -8.51 -28.00 8.74
N ASP DA 140 -7.35 -27.96 9.38
CA ASP DA 140 -6.29 -26.99 9.04
C ASP DA 140 -5.66 -27.24 7.65
N GLU DA 141 -5.31 -28.49 7.35
CA GLU DA 141 -4.71 -28.83 6.05
C GLU DA 141 -5.64 -28.47 4.90
N ALA DA 142 -6.93 -28.72 5.08
CA ALA DA 142 -7.93 -28.44 4.04
C ALA DA 142 -8.06 -26.93 3.80
N ARG DA 143 -8.29 -26.13 4.86
CA ARG DA 143 -8.45 -24.65 4.75
C ARG DA 143 -7.19 -23.99 4.18
N ALA DA 144 -6.02 -24.59 4.46
CA ALA DA 144 -4.76 -24.15 3.84
C ALA DA 144 -4.84 -24.31 2.33
N PHE DA 145 -5.15 -25.53 1.87
CA PHE DA 145 -5.33 -25.82 0.45
C PHE DA 145 -6.46 -25.00 -0.17
N ALA DA 146 -7.47 -24.66 0.63
CA ALA DA 146 -8.64 -23.95 0.14
C ALA DA 146 -8.28 -22.62 -0.49
N GLU DA 147 -7.53 -21.79 0.26
CA GLU DA 147 -7.24 -20.45 -0.24
C GLU DA 147 -5.92 -20.33 -1.01
N LYS DA 148 -5.06 -21.36 -0.92
CA LYS DA 148 -3.97 -21.56 -1.87
C LYS DA 148 -4.53 -21.71 -3.30
N ASN DA 149 -5.74 -22.25 -3.43
CA ASN DA 149 -6.41 -22.38 -4.74
C ASN DA 149 -7.62 -21.45 -4.92
N GLY DA 150 -7.76 -20.48 -4.02
CA GLY DA 150 -8.78 -19.42 -4.15
C GLY DA 150 -10.22 -19.92 -4.06
N LEU DA 151 -10.44 -20.79 -3.10
CA LEU DA 151 -11.72 -21.42 -2.86
C LEU DA 151 -12.16 -21.04 -1.46
N SER DA 152 -13.46 -20.86 -1.25
CA SER DA 152 -14.01 -20.68 0.10
C SER DA 152 -14.21 -22.06 0.76
N PHE DA 153 -14.20 -22.12 2.10
CA PHE DA 153 -14.12 -23.41 2.84
C PHE DA 153 -15.07 -23.51 4.05
N ILE DA 154 -15.63 -24.70 4.28
CA ILE DA 154 -16.53 -24.95 5.42
C ILE DA 154 -16.63 -26.46 5.63
N GLU DA 155 -16.97 -26.85 6.86
CA GLU DA 155 -17.22 -28.27 7.17
C GLU DA 155 -18.68 -28.46 7.59
N THR DA 156 -19.32 -29.48 7.01
CA THR DA 156 -20.74 -29.75 7.26
C THR DA 156 -21.01 -31.17 7.73
N SER DA 157 -22.18 -31.32 8.34
CA SER DA 157 -22.77 -32.62 8.53
C SER DA 157 -24.18 -32.50 8.01
N ALA DA 158 -24.45 -33.16 6.89
CA ALA DA 158 -25.83 -33.31 6.41
C ALA DA 158 -26.68 -34.06 7.45
N LEU DA 159 -26.05 -35.00 8.16
CA LEU DA 159 -26.74 -35.84 9.13
C LEU DA 159 -27.31 -35.04 10.30
N ASP DA 160 -26.45 -34.30 11.01
CA ASP DA 160 -26.90 -33.51 12.18
C ASP DA 160 -27.32 -32.10 11.79
N SER DA 161 -27.07 -31.77 10.51
CA SER DA 161 -27.47 -30.49 9.88
C SER DA 161 -26.52 -29.29 10.12
N THR DA 162 -25.43 -29.51 10.85
CA THR DA 162 -24.42 -28.47 11.09
C THR DA 162 -23.94 -27.84 9.79
N ASN DA 163 -24.07 -26.51 9.71
CA ASN DA 163 -23.49 -25.69 8.63
C ASN DA 163 -24.08 -25.87 7.23
N VAL DA 164 -25.19 -26.60 7.11
CA VAL DA 164 -25.73 -26.87 5.78
C VAL DA 164 -26.34 -25.59 5.22
N GLU DA 165 -27.21 -24.95 5.98
CA GLU DA 165 -27.77 -23.67 5.55
C GLU DA 165 -26.66 -22.64 5.33
N ALA DA 166 -25.77 -22.54 6.32
CA ALA DA 166 -24.63 -21.62 6.25
C ALA DA 166 -23.85 -21.80 4.95
N ALA DA 167 -23.56 -23.06 4.60
CA ALA DA 167 -22.74 -23.35 3.43
C ALA DA 167 -23.35 -22.77 2.15
N PHE DA 168 -24.63 -23.10 1.91
CA PHE DA 168 -25.38 -22.55 0.78
C PHE DA 168 -25.43 -21.02 0.84
N GLN DA 169 -25.86 -20.52 2.01
CA GLN DA 169 -26.03 -19.06 2.20
C GLN DA 169 -24.75 -18.27 1.92
N THR DA 170 -23.60 -18.86 2.27
CA THR DA 170 -22.30 -18.26 1.97
C THR DA 170 -22.08 -18.17 0.47
N ILE DA 171 -22.16 -19.32 -0.21
CA ILE DA 171 -21.83 -19.34 -1.62
C ILE DA 171 -22.82 -18.55 -2.47
N LEU DA 172 -24.09 -18.54 -2.06
CA LEU DA 172 -25.07 -17.75 -2.82
C LEU DA 172 -24.83 -16.24 -2.65
N THR DA 173 -24.52 -15.83 -1.42
CA THR DA 173 -24.15 -14.45 -1.08
C THR DA 173 -22.89 -14.01 -1.86
N GLU DA 174 -21.85 -14.83 -1.74
CA GLU DA 174 -20.58 -14.65 -2.49
C GLU DA 174 -20.85 -14.39 -3.97
N ILE DA 175 -21.66 -15.27 -4.57
CA ILE DA 175 -22.10 -15.11 -5.96
C ILE DA 175 -22.84 -13.79 -6.18
N TYR DA 176 -23.87 -13.52 -5.37
CA TYR DA 176 -24.69 -12.30 -5.59
C TYR DA 176 -23.93 -10.98 -5.68
N ARG DA 177 -22.72 -10.92 -5.12
CA ARG DA 177 -21.88 -9.73 -5.34
C ARG DA 177 -20.64 -9.91 -6.25
N ILE DA 178 -20.54 -11.03 -6.96
CA ILE DA 178 -19.61 -11.15 -8.08
C ILE DA 178 -20.29 -10.57 -9.33
N VAL DA 179 -21.56 -10.91 -9.49
CA VAL DA 179 -22.33 -10.55 -10.67
C VAL DA 179 -22.34 -9.05 -10.98
N SER DA 180 -22.49 -8.23 -9.94
CA SER DA 180 -22.67 -6.78 -10.11
C SER DA 180 -21.41 -6.16 -10.76
N GLN DA 181 -21.62 -5.36 -11.80
CA GLN DA 181 -20.52 -4.76 -12.59
C GLN DA 181 -19.43 -5.78 -12.92
N SER EA 8 -1.33 38.85 69.63
CA SER EA 8 -2.59 39.10 70.39
C SER EA 8 -3.78 39.04 69.44
N ARG EA 9 -4.86 38.41 69.88
CA ARG EA 9 -5.93 38.01 68.97
C ARG EA 9 -6.76 39.21 68.43
N ASP EA 10 -6.90 40.23 69.27
CA ASP EA 10 -7.55 41.50 68.90
C ASP EA 10 -6.77 42.17 67.77
N GLU EA 11 -5.42 42.14 67.86
CA GLU EA 11 -4.53 42.71 66.83
C GLU EA 11 -4.56 41.88 65.54
N LEU EA 12 -4.62 40.55 65.67
CA LEU EA 12 -4.80 39.65 64.52
C LEU EA 12 -6.12 39.88 63.79
N MET EA 13 -7.20 39.98 64.58
CA MET EA 13 -8.54 40.28 64.03
C MET EA 13 -8.58 41.64 63.27
N GLU EA 14 -7.98 42.64 63.91
CA GLU EA 14 -7.85 43.98 63.33
C GLU EA 14 -7.04 43.97 62.02
N ALA EA 15 -5.98 43.15 61.97
CA ALA EA 15 -5.16 42.97 60.74
C ALA EA 15 -5.99 42.36 59.61
N ILE EA 16 -6.81 41.37 59.96
CA ILE EA 16 -7.63 40.68 58.96
C ILE EA 16 -8.76 41.58 58.40
N GLN EA 17 -9.45 42.29 59.34
CA GLN EA 17 -10.49 43.30 58.94
C GLN EA 17 -9.93 44.37 58.00
N LYS EA 18 -8.72 44.85 58.33
CA LYS EA 18 -8.02 45.83 57.49
C LYS EA 18 -7.67 45.29 56.09
N GLN EA 19 -7.19 44.03 56.01
CA GLN EA 19 -6.86 43.40 54.73
C GLN EA 19 -8.12 43.22 53.84
N GLU EA 20 -9.25 42.82 54.44
CA GLU EA 20 -10.43 42.72 53.55
C GLU EA 20 -11.08 44.03 53.13
N GLU EA 21 -11.00 45.04 54.01
CA GLU EA 21 -11.43 46.43 53.68
C GLU EA 21 -10.69 46.92 52.43
N ILE EA 22 -9.37 46.68 52.42
CA ILE EA 22 -8.52 47.06 51.28
C ILE EA 22 -8.99 46.28 50.05
N ASN EA 23 -9.13 44.97 50.16
CA ASN EA 23 -9.57 44.19 49.01
C ASN EA 23 -10.93 44.61 48.40
N PHE EA 24 -11.87 44.86 49.30
CA PHE EA 24 -13.18 45.35 48.86
C PHE EA 24 -13.15 46.75 48.19
N ARG EA 25 -12.32 47.62 48.77
CA ARG EA 25 -12.02 48.95 48.17
C ARG EA 25 -11.43 48.80 46.79
N LEU EA 26 -10.45 47.91 46.70
CA LEU EA 26 -9.73 47.72 45.45
C LEU EA 26 -10.69 47.14 44.41
N GLN EA 27 -11.53 46.16 44.78
CA GLN EA 27 -12.55 45.70 43.83
C GLN EA 27 -13.48 46.83 43.32
N ASP EA 28 -13.92 47.68 44.24
CA ASP EA 28 -14.73 48.82 43.84
C ASP EA 28 -13.99 49.82 42.90
N TYR EA 29 -12.74 50.15 43.28
CA TYR EA 29 -11.82 50.97 42.44
C TYR EA 29 -11.77 50.41 41.04
N ILE EA 30 -11.61 49.09 40.95
CA ILE EA 30 -11.57 48.40 39.66
C ILE EA 30 -12.90 48.45 38.90
N ASP EA 31 -14.00 48.14 39.59
CA ASP EA 31 -15.32 48.20 38.93
C ASP EA 31 -15.66 49.61 38.38
N ARG EA 32 -15.23 50.63 39.15
CA ARG EA 32 -15.37 52.02 38.68
C ARG EA 32 -14.55 52.33 37.41
N ILE EA 33 -13.36 51.74 37.32
CA ILE EA 33 -12.56 51.85 36.09
C ILE EA 33 -13.25 51.09 34.95
N ILE EA 34 -13.68 49.88 35.26
CA ILE EA 34 -14.27 49.04 34.23
C ILE EA 34 -15.53 49.67 33.63
N VAL EA 35 -16.40 50.19 34.51
CA VAL EA 35 -17.63 50.82 34.00
C VAL EA 35 -17.34 51.95 32.98
N ALA EA 36 -16.31 52.75 33.27
CA ALA EA 36 -15.90 53.79 32.34
C ALA EA 36 -15.49 53.25 30.95
N ILE EA 37 -14.80 52.10 30.92
CA ILE EA 37 -14.39 51.46 29.64
C ILE EA 37 -15.61 50.92 28.93
N MET EA 38 -16.45 50.27 29.73
CA MET EA 38 -17.69 49.70 29.20
C MET EA 38 -18.57 50.76 28.49
N GLU EA 39 -18.58 51.99 29.02
CA GLU EA 39 -19.37 53.11 28.43
C GLU EA 39 -18.67 53.96 27.37
N THR EA 40 -17.40 53.65 27.07
CA THR EA 40 -16.62 54.40 26.07
C THR EA 40 -16.12 53.49 24.97
N ASN EA 41 -15.29 52.50 25.34
CA ASN EA 41 -14.73 51.60 24.32
C ASN EA 41 -14.74 50.13 24.77
N PRO EA 42 -15.94 49.50 24.74
CA PRO EA 42 -16.01 48.08 25.14
C PRO EA 42 -15.24 47.07 24.24
N SER EA 43 -14.86 47.45 23.00
CA SER EA 43 -14.03 46.58 22.09
C SER EA 43 -12.74 46.05 22.74
N ILE EA 44 -12.18 46.89 23.60
CA ILE EA 44 -11.03 46.56 24.41
C ILE EA 44 -11.21 45.22 25.17
N LEU EA 45 -12.46 44.92 25.55
CA LEU EA 45 -12.75 43.82 26.49
C LEU EA 45 -13.04 42.49 25.79
N GLU EA 46 -12.81 42.45 24.47
CA GLU EA 46 -13.14 41.27 23.66
C GLU EA 46 -12.44 39.97 24.09
N VAL EA 47 -13.23 38.90 24.18
CA VAL EA 47 -12.73 37.55 24.40
C VAL EA 47 -12.38 36.87 23.06
N LYS EA 48 -11.08 36.83 22.76
CA LYS EA 48 -10.51 36.09 21.64
C LYS EA 48 -10.01 34.74 22.16
N VAL FA 7 -20.35 27.92 62.89
CA VAL FA 7 -19.80 26.87 61.96
C VAL FA 7 -18.37 26.46 62.36
N SER FA 8 -17.97 25.29 61.88
CA SER FA 8 -16.65 24.74 62.18
C SER FA 8 -15.56 25.57 61.58
N ARG FA 9 -14.37 25.38 62.12
CA ARG FA 9 -13.20 26.11 61.70
C ARG FA 9 -12.78 25.75 60.27
N ASP FA 10 -13.03 24.49 59.91
CA ASP FA 10 -12.82 24.00 58.54
C ASP FA 10 -13.71 24.77 57.55
N GLU FA 11 -14.97 25.02 57.93
CA GLU FA 11 -15.92 25.80 57.10
C GLU FA 11 -15.54 27.29 57.03
N LEU FA 12 -15.06 27.85 58.15
CA LEU FA 12 -14.53 29.23 58.19
C LEU FA 12 -13.30 29.41 57.29
N MET FA 13 -12.35 28.46 57.41
CA MET FA 13 -11.13 28.46 56.58
C MET FA 13 -11.49 28.37 55.08
N GLU FA 14 -12.43 27.47 54.77
CA GLU FA 14 -12.94 27.28 53.41
C GLU FA 14 -13.63 28.53 52.87
N ALA FA 15 -14.36 29.26 53.72
CA ALA FA 15 -14.98 30.56 53.32
C ALA FA 15 -13.93 31.62 53.00
N ILE FA 16 -12.88 31.65 53.80
CA ILE FA 16 -11.80 32.62 53.59
C ILE FA 16 -10.95 32.30 52.31
N GLN FA 17 -10.60 31.01 52.15
CA GLN FA 17 -9.91 30.52 50.92
C GLN FA 17 -10.68 30.86 49.65
N LYS FA 18 -12.00 30.68 49.69
CA LYS FA 18 -12.90 31.02 48.57
C LYS FA 18 -12.90 32.51 48.25
N GLN FA 19 -12.93 33.36 49.29
CA GLN FA 19 -12.82 34.82 49.10
C GLN FA 19 -11.47 35.25 48.53
N GLU FA 20 -10.39 34.61 49.01
CA GLU FA 20 -9.08 34.92 48.41
C GLU FA 20 -8.86 34.50 46.94
N GLU FA 21 -9.39 33.30 46.63
CA GLU FA 21 -9.35 32.75 45.25
C GLU FA 21 -10.03 33.72 44.28
N ILE FA 22 -11.17 34.27 44.72
CA ILE FA 22 -11.91 35.26 43.94
C ILE FA 22 -11.04 36.52 43.78
N ASN FA 23 -10.48 37.06 44.87
CA ASN FA 23 -9.60 38.25 44.78
C ASN FA 23 -8.41 38.10 43.80
N PHE FA 24 -7.75 36.95 43.93
CA PHE FA 24 -6.60 36.65 43.05
C PHE FA 24 -7.00 36.49 41.57
N ARG FA 25 -8.15 35.84 41.34
CA ARG FA 25 -8.76 35.74 40.01
C ARG FA 25 -9.07 37.12 39.44
N LEU FA 26 -9.68 37.95 40.29
CA LEU FA 26 -10.10 39.27 39.88
C LEU FA 26 -8.87 40.11 39.55
N GLN FA 27 -7.83 40.05 40.38
CA GLN FA 27 -6.58 40.74 40.02
C GLN FA 27 -5.98 40.30 38.66
N ASP FA 28 -5.96 38.99 38.43
CA ASP FA 28 -5.52 38.49 37.12
C ASP FA 28 -6.43 38.96 35.92
N TYR FA 29 -7.77 38.87 36.11
CA TYR FA 29 -8.79 39.39 35.14
C TYR FA 29 -8.45 40.84 34.80
N ILE FA 30 -8.17 41.62 35.83
CA ILE FA 30 -7.81 43.02 35.65
C ILE FA 30 -6.47 43.22 34.94
N ASP FA 31 -5.44 42.49 35.36
CA ASP FA 31 -4.13 42.60 34.69
C ASP FA 31 -4.21 42.21 33.18
N ARG FA 32 -5.04 41.20 32.88
CA ARG FA 32 -5.31 40.81 31.47
C ARG FA 32 -6.00 41.93 30.65
N ILE FA 33 -6.88 42.70 31.30
CA ILE FA 33 -7.49 43.90 30.67
C ILE FA 33 -6.47 45.01 30.50
N ILE FA 34 -5.70 45.25 31.56
CA ILE FA 34 -4.71 46.31 31.53
C ILE FA 34 -3.63 46.08 30.46
N VAL FA 35 -3.10 44.84 30.38
CA VAL FA 35 -2.09 44.54 29.34
C VAL FA 35 -2.59 44.85 27.89
N ALA FA 36 -3.85 44.55 27.61
CA ALA FA 36 -4.46 44.89 26.33
C ALA FA 36 -4.46 46.41 26.05
N ILE FA 37 -4.77 47.21 27.08
CA ILE FA 37 -4.81 48.67 26.96
C ILE FA 37 -3.41 49.20 26.73
N MET FA 38 -2.47 48.64 27.53
CA MET FA 38 -1.02 48.94 27.38
C MET FA 38 -0.59 48.70 25.92
N SER GA 10 -32.82 -55.27 -40.48
CA SER GA 10 -33.10 -56.28 -41.56
C SER GA 10 -31.82 -56.97 -42.12
N TRP GA 11 -30.65 -56.65 -41.57
CA TRP GA 11 -29.37 -57.23 -42.06
C TRP GA 11 -29.25 -58.77 -41.85
N LEU GA 12 -29.78 -59.26 -40.73
CA LEU GA 12 -29.82 -60.70 -40.46
C LEU GA 12 -30.81 -61.36 -41.43
N LEU GA 13 -32.06 -60.90 -41.44
CA LEU GA 13 -33.04 -61.39 -42.41
C LEU GA 13 -32.54 -61.32 -43.85
N ARG GA 14 -31.67 -60.35 -44.16
CA ARG GA 14 -31.02 -60.29 -45.48
C ARG GA 14 -30.24 -61.55 -45.76
N LEU GA 15 -29.41 -61.91 -44.79
CA LEU GA 15 -28.62 -63.13 -44.85
C LEU GA 15 -29.52 -64.35 -45.07
N PHE GA 16 -30.49 -64.53 -44.19
CA PHE GA 16 -31.38 -65.71 -44.25
C PHE GA 16 -32.11 -65.82 -45.60
N GLU GA 17 -32.35 -64.70 -46.28
CA GLU GA 17 -33.03 -64.71 -47.58
C GLU GA 17 -32.07 -64.80 -48.75
N SER GA 18 -30.78 -64.78 -48.44
CA SER GA 18 -29.78 -64.91 -49.47
C SER GA 18 -29.52 -66.40 -49.83
N LYS GA 19 -28.75 -66.62 -50.90
CA LYS GA 19 -28.40 -67.97 -51.34
C LYS GA 19 -27.51 -68.69 -50.34
N LEU GA 20 -26.72 -67.91 -49.61
CA LEU GA 20 -25.90 -68.39 -48.48
C LEU GA 20 -26.58 -69.39 -47.56
N PHE GA 21 -27.90 -69.24 -47.44
CA PHE GA 21 -28.65 -69.94 -46.45
C PHE GA 21 -28.73 -71.39 -46.86
N ASP GA 22 -28.02 -72.23 -46.11
CA ASP GA 22 -28.09 -73.67 -46.25
C ASP GA 22 -28.40 -74.31 -44.91
N ILE GA 23 -28.83 -75.57 -45.02
CA ILE GA 23 -29.23 -76.35 -43.87
C ILE GA 23 -28.26 -76.21 -42.66
N SER GA 24 -26.95 -76.15 -42.96
CA SER GA 24 -25.93 -75.97 -41.94
C SER GA 24 -26.14 -74.67 -41.18
N MET GA 25 -26.16 -73.58 -41.94
CA MET GA 25 -26.35 -72.28 -41.32
C MET GA 25 -27.66 -72.29 -40.53
N ALA GA 26 -28.71 -72.84 -41.16
CA ALA GA 26 -30.05 -72.93 -40.47
C ALA GA 26 -29.89 -73.58 -39.09
N ILE GA 27 -29.30 -74.76 -39.12
CA ILE GA 27 -29.09 -75.49 -37.87
C ILE GA 27 -28.22 -74.71 -36.87
N SER GA 28 -27.17 -74.04 -37.35
CA SER GA 28 -26.25 -73.26 -36.49
C SER GA 28 -27.01 -72.22 -35.70
N TYR GA 29 -27.79 -71.44 -36.43
CA TYR GA 29 -28.54 -70.36 -35.80
C TYR GA 29 -29.65 -70.93 -34.93
N LEU GA 30 -30.31 -71.99 -35.41
CA LEU GA 30 -31.29 -72.69 -34.57
C LEU GA 30 -30.68 -73.11 -33.24
N TYR GA 31 -29.44 -73.57 -33.29
CA TYR GA 31 -28.74 -74.04 -32.10
C TYR GA 31 -28.27 -72.88 -31.22
N ASN GA 32 -27.82 -71.79 -31.82
CA ASN GA 32 -27.17 -70.70 -31.06
C ASN GA 32 -28.07 -69.53 -30.65
N SER GA 33 -28.90 -69.04 -31.58
CA SER GA 33 -29.82 -67.95 -31.26
C SER GA 33 -30.75 -68.35 -30.12
N LYS GA 34 -30.92 -67.47 -29.13
CA LYS GA 34 -31.90 -67.67 -28.07
C LYS GA 34 -33.17 -66.89 -28.36
N GLU GA 35 -33.25 -66.29 -29.55
CA GLU GA 35 -34.39 -65.49 -29.93
C GLU GA 35 -35.50 -66.40 -30.46
N PRO GA 36 -36.68 -66.40 -29.80
CA PRO GA 36 -37.75 -67.31 -30.22
C PRO GA 36 -38.28 -67.02 -31.63
N GLY GA 37 -38.20 -65.77 -32.07
CA GLY GA 37 -38.65 -65.40 -33.42
C GLY GA 37 -37.75 -65.97 -34.51
N VAL GA 38 -36.48 -66.16 -34.16
CA VAL GA 38 -35.51 -66.71 -35.10
C VAL GA 38 -35.75 -68.21 -35.23
N GLN GA 39 -35.85 -68.85 -34.06
CA GLN GA 39 -36.13 -70.27 -33.97
C GLN GA 39 -37.35 -70.64 -34.82
N ALA GA 40 -38.43 -69.89 -34.61
CA ALA GA 40 -39.66 -70.08 -35.39
C ALA GA 40 -39.47 -69.79 -36.88
N TYR GA 41 -38.77 -68.72 -37.21
CA TYR GA 41 -38.52 -68.41 -38.63
C TYR GA 41 -37.76 -69.52 -39.33
N ILE GA 42 -36.80 -70.12 -38.62
CA ILE GA 42 -36.01 -71.20 -39.24
C ILE GA 42 -36.84 -72.48 -39.27
N GLY GA 43 -37.55 -72.77 -38.18
CA GLY GA 43 -38.54 -73.87 -38.16
C GLY GA 43 -39.43 -73.87 -39.40
N ASN GA 44 -39.84 -72.67 -39.83
CA ASN GA 44 -40.64 -72.51 -41.05
C ASN GA 44 -39.80 -72.76 -42.31
N ARG GA 45 -38.57 -72.25 -42.32
CA ARG GA 45 -37.77 -72.36 -43.53
C ARG GA 45 -37.21 -73.77 -43.79
N LEU GA 46 -37.20 -74.65 -42.78
CA LEU GA 46 -36.84 -76.07 -43.02
C LEU GA 46 -37.61 -76.68 -44.19
N PHE GA 47 -38.90 -76.35 -44.23
CA PHE GA 47 -39.76 -76.84 -45.29
C PHE GA 47 -39.17 -76.49 -46.62
N CYS GA 48 -38.54 -75.34 -46.70
CA CYS GA 48 -38.01 -74.86 -47.94
C CYS GA 48 -36.82 -75.71 -48.51
N PHE GA 49 -36.08 -76.43 -47.69
CA PHE GA 49 -34.91 -77.23 -48.18
C PHE GA 49 -35.23 -78.56 -48.87
N ARG GA 50 -34.27 -79.05 -49.65
CA ARG GA 50 -34.31 -80.41 -50.18
C ARG GA 50 -34.21 -81.46 -49.08
N ASN GA 51 -35.14 -82.39 -49.13
CA ASN GA 51 -35.21 -83.52 -48.22
C ASN GA 51 -33.88 -84.24 -47.93
N GLU GA 52 -33.09 -84.40 -48.99
CA GLU GA 52 -31.84 -85.18 -48.93
C GLU GA 52 -30.86 -84.47 -47.99
N ASP GA 53 -30.83 -83.15 -48.11
CA ASP GA 53 -29.83 -82.34 -47.41
C ASP GA 53 -30.16 -82.31 -45.93
N VAL GA 54 -31.45 -82.23 -45.63
CA VAL GA 54 -31.93 -82.18 -44.24
C VAL GA 54 -31.79 -83.54 -43.58
N ASP GA 55 -32.10 -84.59 -44.36
CA ASP GA 55 -32.02 -86.00 -43.87
C ASP GA 55 -30.72 -86.25 -43.06
N PHE GA 56 -29.59 -85.88 -43.68
CA PHE GA 56 -28.26 -86.03 -43.09
C PHE GA 56 -28.15 -85.52 -41.64
N TYR GA 57 -28.96 -84.51 -41.29
CA TYR GA 57 -28.86 -83.89 -39.96
C TYR GA 57 -29.97 -84.33 -39.02
N LEU GA 58 -30.74 -85.35 -39.43
CA LEU GA 58 -31.88 -85.76 -38.62
C LEU GA 58 -31.52 -86.03 -37.15
N PRO GA 59 -30.35 -86.66 -36.92
CA PRO GA 59 -30.02 -86.92 -35.51
C PRO GA 59 -29.85 -85.65 -34.68
N GLN GA 60 -29.33 -84.60 -35.32
CA GLN GA 60 -29.07 -83.34 -34.62
C GLN GA 60 -30.38 -82.70 -34.25
N LEU GA 61 -31.22 -82.54 -35.26
CA LEU GA 61 -32.54 -81.98 -35.06
C LEU GA 61 -33.24 -82.70 -33.90
N LEU GA 62 -33.34 -84.03 -34.01
CA LEU GA 62 -34.01 -84.84 -32.98
C LEU GA 62 -33.32 -84.75 -31.59
N ASN GA 63 -31.99 -84.66 -31.55
CA ASN GA 63 -31.29 -84.48 -30.28
C ASN GA 63 -31.66 -83.14 -29.63
N MET GA 64 -31.57 -82.08 -30.44
CA MET GA 64 -32.03 -80.76 -30.00
C MET GA 64 -33.48 -80.79 -29.47
N TYR GA 65 -34.40 -81.34 -30.28
CA TYR GA 65 -35.81 -81.50 -29.83
C TYR GA 65 -35.93 -82.06 -28.41
N ILE GA 66 -35.18 -83.15 -28.18
CA ILE GA 66 -35.25 -83.88 -26.92
C ILE GA 66 -34.65 -83.04 -25.81
N HIS GA 67 -33.44 -82.56 -26.04
CA HIS GA 67 -32.67 -82.05 -24.91
C HIS GA 67 -32.68 -80.54 -24.72
N MET GA 68 -33.29 -79.81 -25.65
CA MET GA 68 -33.28 -78.36 -25.62
C MET GA 68 -34.62 -77.77 -25.17
N ASP GA 69 -34.61 -76.44 -25.05
CA ASP GA 69 -35.79 -75.62 -24.75
C ASP GA 69 -37.01 -76.10 -25.52
N GLU GA 70 -38.15 -76.10 -24.85
CA GLU GA 70 -39.40 -76.41 -25.50
C GLU GA 70 -39.60 -75.58 -26.77
N ASP GA 71 -39.28 -74.28 -26.69
CA ASP GA 71 -39.25 -73.35 -27.83
C ASP GA 71 -38.61 -74.00 -29.05
N VAL GA 72 -37.45 -74.62 -28.83
CA VAL GA 72 -36.64 -75.16 -29.92
C VAL GA 72 -37.32 -76.39 -30.50
N GLY GA 73 -37.70 -77.32 -29.62
CA GLY GA 73 -38.48 -78.47 -30.02
C GLY GA 73 -39.69 -78.12 -30.87
N ASP GA 74 -40.50 -77.21 -30.34
CA ASP GA 74 -41.76 -76.85 -31.01
C ASP GA 74 -41.59 -76.20 -32.40
N ALA GA 75 -40.44 -75.56 -32.64
CA ALA GA 75 -40.12 -74.97 -33.96
C ALA GA 75 -39.78 -76.06 -34.99
N ILE GA 76 -39.20 -77.16 -34.51
CA ILE GA 76 -38.76 -78.24 -35.39
C ILE GA 76 -39.87 -79.22 -35.75
N LYS GA 77 -40.75 -79.46 -34.78
CA LYS GA 77 -41.75 -80.52 -34.85
C LYS GA 77 -42.59 -80.56 -36.14
N PRO GA 78 -43.27 -79.45 -36.48
CA PRO GA 78 -44.19 -79.48 -37.63
C PRO GA 78 -43.54 -79.99 -38.94
N TYR GA 79 -42.28 -79.61 -39.18
CA TYR GA 79 -41.52 -80.10 -40.33
C TYR GA 79 -41.33 -81.62 -40.26
N ILE GA 80 -40.98 -82.06 -39.07
CA ILE GA 80 -40.75 -83.47 -38.87
C ILE GA 80 -42.04 -84.23 -39.12
N VAL GA 81 -43.13 -83.80 -38.47
CA VAL GA 81 -44.49 -84.35 -38.73
C VAL GA 81 -44.77 -84.39 -40.22
N HIS GA 82 -44.54 -83.26 -40.89
CA HIS GA 82 -44.73 -83.19 -42.35
C HIS GA 82 -43.92 -84.29 -43.07
N ARG GA 83 -42.64 -84.45 -42.74
CA ARG GA 83 -41.84 -85.53 -43.38
C ARG GA 83 -42.37 -86.93 -43.08
N CYS GA 84 -42.64 -87.15 -41.80
CA CYS GA 84 -43.20 -88.41 -41.29
C CYS GA 84 -44.46 -88.85 -42.02
N ARG GA 85 -45.29 -87.89 -42.40
CA ARG GA 85 -46.53 -88.20 -43.15
C ARG GA 85 -46.31 -88.65 -44.59
N GLN GA 86 -45.18 -88.29 -45.20
CA GLN GA 86 -44.97 -88.56 -46.63
C GLN GA 86 -43.98 -89.70 -46.87
N SER GA 87 -43.40 -90.24 -45.80
CA SER GA 87 -42.46 -91.34 -45.90
C SER GA 87 -42.48 -92.15 -44.59
N ILE GA 88 -42.85 -93.41 -44.67
CA ILE GA 88 -42.80 -94.25 -43.47
C ILE GA 88 -41.36 -94.63 -43.11
N ASN GA 89 -40.47 -94.70 -44.09
CA ASN GA 89 -39.03 -94.86 -43.82
C ASN GA 89 -38.63 -93.74 -42.86
N PHE GA 90 -38.94 -92.51 -43.25
CA PHE GA 90 -38.67 -91.33 -42.41
C PHE GA 90 -39.25 -91.50 -41.00
N SER GA 91 -40.52 -91.89 -40.95
CA SER GA 91 -41.19 -92.12 -39.67
C SER GA 91 -40.36 -93.11 -38.82
N LEU GA 92 -39.92 -94.19 -39.47
CA LEU GA 92 -39.20 -95.25 -38.78
C LEU GA 92 -37.95 -94.72 -38.12
N GLN GA 93 -37.14 -94.02 -38.89
CA GLN GA 93 -35.88 -93.53 -38.38
C GLN GA 93 -36.11 -92.57 -37.21
N CYS GA 94 -37.14 -91.71 -37.36
CA CYS GA 94 -37.54 -90.81 -36.28
C CYS GA 94 -37.86 -91.62 -35.03
N ALA GA 95 -38.77 -92.58 -35.17
CA ALA GA 95 -39.17 -93.41 -34.02
C ALA GA 95 -37.94 -94.10 -33.37
N LEU GA 96 -37.07 -94.68 -34.20
CA LEU GA 96 -35.88 -95.36 -33.69
C LEU GA 96 -34.93 -94.44 -32.97
N LEU GA 97 -34.64 -93.29 -33.58
CA LEU GA 97 -33.74 -92.31 -32.98
C LEU GA 97 -34.28 -91.67 -31.69
N LEU GA 98 -35.55 -91.28 -31.73
CA LEU GA 98 -36.21 -90.72 -30.54
C LEU GA 98 -36.05 -91.64 -29.32
N GLY GA 99 -36.31 -92.93 -29.53
CA GLY GA 99 -36.17 -93.95 -28.49
C GLY GA 99 -34.74 -94.11 -28.03
N ALA GA 100 -33.84 -94.26 -28.99
CA ALA GA 100 -32.42 -94.42 -28.69
C ALA GA 100 -31.80 -93.24 -27.92
N TYR GA 101 -32.19 -92.01 -28.27
CA TYR GA 101 -31.56 -90.83 -27.63
C TYR GA 101 -32.24 -90.33 -26.33
N SER GA 102 -32.96 -91.23 -25.66
CA SER GA 102 -33.56 -90.95 -24.35
C SER GA 102 -33.56 -92.17 -23.41
N SER GA 103 -32.53 -92.25 -22.58
CA SER GA 103 -32.43 -93.23 -21.50
C SER GA 103 -31.50 -92.73 -20.38
N ARG GA 114 -40.14 -86.15 -22.65
CA ARG GA 114 -40.22 -85.33 -23.87
C ARG GA 114 -40.23 -86.20 -25.13
N GLY GA 115 -39.35 -87.18 -25.19
CA GLY GA 115 -39.16 -87.92 -26.46
C GLY GA 115 -40.31 -88.86 -26.69
N THR GA 116 -40.62 -89.52 -25.60
CA THR GA 116 -41.60 -90.56 -25.53
C THR GA 116 -43.01 -90.19 -26.12
N LYS GA 117 -43.54 -89.02 -25.75
CA LYS GA 117 -44.89 -88.65 -26.20
C LYS GA 117 -44.98 -88.60 -27.74
N LEU GA 118 -43.94 -88.10 -28.40
CA LEU GA 118 -43.95 -87.95 -29.87
C LEU GA 118 -43.70 -89.28 -30.60
N ARG GA 119 -42.83 -90.10 -30.04
CA ARG GA 119 -42.54 -91.43 -30.60
C ARG GA 119 -43.84 -92.24 -30.76
N LYS GA 120 -44.58 -92.31 -29.66
CA LYS GA 120 -45.89 -92.96 -29.64
C LYS GA 120 -46.86 -92.35 -30.66
N LEU GA 121 -46.81 -91.03 -30.82
CA LEU GA 121 -47.63 -90.34 -31.82
C LEU GA 121 -47.21 -90.66 -33.29
N ILE GA 122 -45.91 -90.86 -33.52
CA ILE GA 122 -45.43 -91.27 -34.86
C ILE GA 122 -45.79 -92.73 -35.12
N LEU GA 123 -45.51 -93.59 -34.15
CA LEU GA 123 -45.90 -95.00 -34.24
C LEU GA 123 -47.45 -95.15 -34.37
N SER GA 124 -48.24 -94.24 -33.81
CA SER GA 124 -49.69 -94.12 -34.14
C SER GA 124 -49.93 -93.59 -35.56
N ARG GA 188 -49.72 -101.01 -39.23
CA ARG GA 188 -49.20 -99.70 -39.64
C ARG GA 188 -47.74 -99.79 -40.06
N LEU GA 189 -46.89 -100.07 -39.08
CA LEU GA 189 -45.46 -100.32 -39.26
C LEU GA 189 -45.08 -101.70 -38.67
N ALA GA 190 -46.12 -102.45 -38.26
CA ALA GA 190 -45.93 -103.69 -37.53
C ALA GA 190 -45.05 -104.71 -38.27
N PRO GA 191 -45.27 -104.89 -39.60
CA PRO GA 191 -44.42 -105.83 -40.35
C PRO GA 191 -42.92 -105.57 -40.15
N GLU GA 192 -42.51 -104.32 -40.36
CA GLU GA 192 -41.11 -103.91 -40.22
C GLU GA 192 -40.63 -104.07 -38.76
N ARG GA 193 -41.41 -103.53 -37.81
CA ARG GA 193 -41.02 -103.57 -36.38
C ARG GA 193 -40.88 -104.99 -35.83
N GLU GA 194 -41.74 -105.87 -36.34
CA GLU GA 194 -41.69 -107.27 -35.96
C GLU GA 194 -40.56 -107.99 -36.68
N PHE GA 195 -40.39 -107.68 -37.97
CA PHE GA 195 -39.23 -108.14 -38.71
C PHE GA 195 -37.92 -107.82 -37.97
N ILE GA 196 -37.80 -106.58 -37.49
CA ILE GA 196 -36.59 -106.17 -36.76
C ILE GA 196 -36.51 -106.79 -35.38
N LYS GA 197 -37.64 -106.80 -34.66
CA LYS GA 197 -37.66 -107.47 -33.37
C LYS GA 197 -37.19 -108.93 -33.50
N SER GA 198 -37.67 -109.65 -34.51
CA SER GA 198 -37.25 -111.05 -34.71
C SER GA 198 -35.73 -111.16 -34.98
N LEU GA 199 -35.22 -110.30 -35.87
CA LEU GA 199 -33.78 -110.26 -36.15
C LEU GA 199 -32.99 -110.02 -34.88
N MET GA 200 -33.45 -109.06 -34.08
CA MET GA 200 -32.83 -108.77 -32.78
C MET GA 200 -32.87 -110.00 -31.86
N ALA GA 201 -34.04 -110.63 -31.80
CA ALA GA 201 -34.31 -111.77 -30.94
C ALA GA 201 -33.38 -112.93 -31.27
N ILE GA 202 -33.26 -113.21 -32.58
CA ILE GA 202 -32.32 -114.24 -33.06
C ILE GA 202 -30.93 -114.04 -32.45
N GLY GA 203 -30.36 -112.86 -32.67
CA GLY GA 203 -29.01 -112.55 -32.20
C GLY GA 203 -28.79 -112.79 -30.71
N LYS GA 204 -29.80 -112.45 -29.91
CA LYS GA 204 -29.74 -112.62 -28.45
C LYS GA 204 -29.67 -114.10 -28.04
N ARG GA 205 -30.31 -114.97 -28.83
CA ARG GA 205 -30.34 -116.42 -28.51
C ARG GA 205 -28.95 -117.04 -28.67
N LEU GA 206 -28.18 -116.57 -29.65
CA LEU GA 206 -26.86 -117.13 -29.97
C LEU GA 206 -25.84 -117.03 -28.82
N ALA GA 207 -26.13 -116.20 -27.83
CA ALA GA 207 -25.32 -116.11 -26.63
C ALA GA 207 -25.00 -117.46 -25.93
N THR GA 208 -25.95 -118.39 -25.93
CA THR GA 208 -25.76 -119.69 -25.29
C THR GA 208 -24.85 -120.66 -26.07
N LEU GA 209 -24.53 -120.35 -27.33
CA LEU GA 209 -23.65 -121.23 -28.13
C LEU GA 209 -22.19 -120.69 -28.14
N PRO GA 210 -21.27 -121.32 -27.38
CA PRO GA 210 -19.93 -120.79 -27.15
C PRO GA 210 -18.97 -120.73 -28.37
N THR GA 211 -19.30 -121.35 -29.50
CA THR GA 211 -18.40 -121.31 -30.68
C THR GA 211 -19.09 -120.73 -31.93
N LYS GA 212 -18.25 -120.11 -32.77
CA LYS GA 212 -18.64 -119.50 -34.02
C LYS GA 212 -19.50 -120.44 -34.86
N GLU GA 213 -18.94 -121.63 -35.13
CA GLU GA 213 -19.58 -122.66 -35.95
C GLU GA 213 -20.98 -123.08 -35.48
N GLN GA 214 -21.14 -123.30 -34.17
CA GLN GA 214 -22.45 -123.67 -33.56
C GLN GA 214 -23.44 -122.54 -33.77
N LYS GA 215 -22.97 -121.32 -33.52
CA LYS GA 215 -23.78 -120.11 -33.69
C LYS GA 215 -24.29 -119.97 -35.12
N THR GA 216 -23.34 -120.05 -36.06
CA THR GA 216 -23.69 -119.95 -37.49
C THR GA 216 -24.77 -120.97 -37.87
N GLN GA 217 -24.63 -122.21 -37.37
CA GLN GA 217 -25.62 -123.24 -37.67
C GLN GA 217 -27.03 -122.87 -37.19
N ARG GA 218 -27.14 -122.34 -35.97
CA ARG GA 218 -28.45 -121.93 -35.43
C ARG GA 218 -28.99 -120.73 -36.18
N LEU GA 219 -28.08 -119.80 -36.48
CA LEU GA 219 -28.44 -118.63 -37.24
C LEU GA 219 -29.06 -119.07 -38.56
N ILE GA 220 -28.31 -119.87 -39.33
CA ILE GA 220 -28.76 -120.31 -40.68
C ILE GA 220 -30.14 -120.96 -40.62
N SER GA 221 -30.31 -121.88 -39.68
CA SER GA 221 -31.60 -122.52 -39.51
C SER GA 221 -32.66 -121.48 -39.18
N GLU GA 222 -32.39 -120.62 -38.20
CA GLU GA 222 -33.45 -119.70 -37.72
C GLU GA 222 -33.83 -118.59 -38.72
N LEU GA 223 -32.87 -118.20 -39.56
CA LEU GA 223 -33.11 -117.25 -40.64
C LEU GA 223 -34.07 -117.78 -41.69
N SER GA 224 -33.99 -119.08 -41.97
CA SER GA 224 -34.82 -119.71 -43.00
C SER GA 224 -36.31 -119.52 -42.72
N LEU GA 225 -36.65 -119.45 -41.42
CA LEU GA 225 -38.04 -119.31 -40.95
C LEU GA 225 -38.63 -117.93 -41.30
N LEU GA 226 -37.77 -116.93 -41.42
CA LEU GA 226 -38.23 -115.61 -41.78
C LEU GA 226 -38.70 -115.48 -43.24
N ASN GA 227 -38.15 -116.30 -44.16
CA ASN GA 227 -38.64 -116.34 -45.56
C ASN GA 227 -40.12 -116.70 -45.64
N HIS GA 228 -40.57 -117.44 -44.64
CA HIS GA 228 -41.98 -117.80 -44.51
C HIS GA 228 -42.86 -116.56 -44.38
N LYS GA 229 -42.29 -115.43 -43.96
CA LYS GA 229 -43.07 -114.18 -43.88
C LYS GA 229 -42.82 -113.19 -45.03
N LEU GA 230 -42.06 -113.60 -46.05
CA LEU GA 230 -41.71 -112.70 -47.17
C LEU GA 230 -42.32 -113.13 -48.51
N PRO GA 231 -42.59 -112.17 -49.41
CA PRO GA 231 -42.34 -110.73 -49.24
C PRO GA 231 -43.46 -110.02 -48.49
N ALA GA 232 -43.13 -108.87 -47.90
CA ALA GA 232 -44.07 -108.07 -47.08
C ALA GA 232 -43.76 -106.57 -47.15
N ARG GA 233 -44.53 -105.77 -46.43
CA ARG GA 233 -44.28 -104.33 -46.29
C ARG GA 233 -43.07 -104.12 -45.35
N VAL GA 234 -41.88 -104.52 -45.81
CA VAL GA 234 -40.63 -104.47 -45.02
C VAL GA 234 -39.40 -104.12 -45.88
N TRP GA 235 -38.42 -103.42 -45.29
CA TRP GA 235 -37.25 -102.90 -46.00
C TRP GA 235 -36.03 -102.74 -45.08
N LEU GA 236 -34.89 -102.49 -45.70
CA LEU GA 236 -33.64 -102.20 -45.03
C LEU GA 236 -33.29 -100.72 -45.15
N PRO GA 237 -33.50 -99.95 -44.06
CA PRO GA 237 -33.25 -98.49 -44.08
C PRO GA 237 -31.83 -98.11 -44.52
N THR GA 238 -30.89 -99.02 -44.34
CA THR GA 238 -29.51 -98.84 -44.82
C THR GA 238 -29.32 -98.89 -46.36
N ALA GA 239 -30.40 -99.17 -47.12
CA ALA GA 239 -30.29 -99.25 -48.60
C ALA GA 239 -30.32 -97.90 -49.31
N GLY GA 240 -29.49 -97.78 -50.35
CA GLY GA 240 -29.41 -96.56 -51.14
C GLY GA 240 -30.70 -96.13 -51.81
N PHE GA 241 -31.68 -97.03 -51.90
CA PHE GA 241 -32.88 -96.83 -52.72
C PHE GA 241 -34.16 -97.34 -52.03
N ASP GA 242 -35.32 -97.08 -52.64
CA ASP GA 242 -36.59 -97.65 -52.21
C ASP GA 242 -36.72 -99.05 -52.75
N HIS GA 243 -37.34 -99.92 -51.97
CA HIS GA 243 -37.40 -101.33 -52.31
C HIS GA 243 -38.35 -102.11 -51.43
N HIS GA 244 -38.61 -103.35 -51.86
CA HIS GA 244 -39.26 -104.36 -51.02
C HIS GA 244 -38.26 -105.53 -50.83
N VAL GA 245 -38.17 -106.04 -49.59
CA VAL GA 245 -37.41 -107.27 -49.29
C VAL GA 245 -38.22 -108.50 -49.69
N VAL GA 246 -37.59 -109.42 -50.42
CA VAL GA 246 -38.32 -110.61 -50.91
C VAL GA 246 -37.83 -111.94 -50.30
N ARG GA 247 -36.53 -112.05 -50.06
CA ARG GA 247 -35.91 -113.34 -49.73
C ARG GA 247 -34.59 -113.18 -48.97
N VAL GA 248 -34.35 -114.10 -48.03
CA VAL GA 248 -33.09 -114.17 -47.28
C VAL GA 248 -32.34 -115.47 -47.59
N PRO GA 249 -31.19 -115.36 -48.30
CA PRO GA 249 -30.36 -116.55 -48.53
C PRO GA 249 -29.63 -117.00 -47.27
N HIS GA 250 -30.42 -117.58 -46.37
CA HIS GA 250 -29.98 -118.05 -45.06
C HIS GA 250 -28.68 -118.87 -45.05
N THR GA 251 -28.49 -119.75 -46.04
CA THR GA 251 -27.26 -120.58 -46.07
C THR GA 251 -25.99 -119.73 -46.16
N GLN GA 252 -26.14 -118.49 -46.66
CA GLN GA 252 -24.98 -117.62 -46.87
C GLN GA 252 -24.62 -116.77 -45.66
N ALA GA 253 -25.55 -116.68 -44.70
CA ALA GA 253 -25.34 -115.87 -43.51
C ALA GA 253 -24.27 -116.51 -42.62
N VAL GA 254 -23.55 -115.65 -41.91
CA VAL GA 254 -22.43 -116.08 -41.08
C VAL GA 254 -22.32 -115.20 -39.83
N VAL GA 255 -21.87 -115.80 -38.73
CA VAL GA 255 -21.65 -115.10 -37.46
C VAL GA 255 -20.16 -114.78 -37.35
N LEU GA 256 -19.84 -113.62 -36.79
CA LEU GA 256 -18.50 -113.03 -36.95
C LEU GA 256 -17.45 -113.40 -35.87
N ASN GA 257 -17.88 -113.65 -34.65
CA ASN GA 257 -16.95 -114.00 -33.56
C ASN GA 257 -17.59 -114.93 -32.52
N SER GA 258 -16.78 -115.35 -31.53
CA SER GA 258 -17.23 -116.28 -30.49
C SER GA 258 -17.77 -115.56 -29.23
N LYS GA 259 -17.97 -114.24 -29.34
CA LYS GA 259 -18.35 -113.43 -28.19
C LYS GA 259 -19.80 -113.59 -27.73
N ASP GA 260 -20.04 -113.12 -26.52
CA ASP GA 260 -21.31 -113.29 -25.78
C ASP GA 260 -22.50 -112.73 -26.55
N LYS GA 261 -22.35 -111.51 -27.07
CA LYS GA 261 -23.39 -110.89 -27.90
C LYS GA 261 -22.82 -110.60 -29.27
N ALA GA 262 -22.50 -111.71 -29.94
CA ALA GA 262 -21.84 -111.65 -31.23
C ALA GA 262 -22.73 -110.96 -32.29
N PRO GA 263 -22.10 -110.14 -33.13
CA PRO GA 263 -22.78 -109.64 -34.30
C PRO GA 263 -22.79 -110.71 -35.41
N TYR GA 264 -23.74 -110.60 -36.32
CA TYR GA 264 -23.84 -111.54 -37.43
C TYR GA 264 -24.16 -110.84 -38.76
N LEU GA 265 -23.56 -111.34 -39.84
CA LEU GA 265 -23.72 -110.75 -41.17
C LEU GA 265 -24.73 -111.55 -41.98
N ILE GA 266 -25.62 -110.86 -42.68
CA ILE GA 266 -26.57 -111.53 -43.57
C ILE GA 266 -26.64 -110.83 -44.92
N TYR GA 267 -27.04 -111.59 -45.92
CA TYR GA 267 -27.32 -111.05 -47.23
C TYR GA 267 -28.84 -111.08 -47.44
N VAL GA 268 -29.35 -110.04 -48.11
CA VAL GA 268 -30.82 -109.89 -48.30
C VAL GA 268 -31.14 -109.55 -49.75
N GLU GA 269 -32.22 -110.18 -50.25
CA GLU GA 269 -32.68 -109.95 -51.61
C GLU GA 269 -33.83 -108.92 -51.63
N VAL GA 270 -33.77 -108.01 -52.59
CA VAL GA 270 -34.80 -106.95 -52.74
C VAL GA 270 -35.16 -106.64 -54.18
N LEU GA 271 -36.37 -106.07 -54.32
CA LEU GA 271 -36.84 -105.58 -55.61
C LEU GA 271 -37.00 -104.07 -55.58
N GLU GA 272 -36.23 -103.38 -56.43
CA GLU GA 272 -36.19 -101.92 -56.40
C GLU GA 272 -37.55 -101.26 -56.74
N CYS GA 273 -37.79 -100.12 -56.10
CA CYS GA 273 -38.96 -99.30 -56.36
C CYS GA 273 -38.55 -97.97 -56.93
N GLU GA 274 -39.52 -97.24 -57.47
CA GLU GA 274 -39.37 -95.80 -57.69
C GLU GA 274 -39.91 -95.06 -56.48
N ASN GA 275 -41.04 -95.55 -55.96
CA ASN GA 275 -41.54 -95.10 -54.69
C ASN GA 275 -42.18 -96.25 -53.91
N PHE GA 276 -41.71 -96.46 -52.68
CA PHE GA 276 -42.21 -97.50 -51.79
C PHE GA 276 -43.65 -97.30 -51.30
N ASP GA 277 -43.95 -96.05 -50.94
CA ASP GA 277 -45.18 -95.73 -50.21
C ASP GA 277 -46.45 -96.01 -51.03
N THR GA 278 -46.31 -96.09 -52.35
CA THR GA 278 -47.46 -96.16 -53.27
C THR GA 278 -47.49 -97.40 -54.16
N THR GA 279 -46.72 -98.43 -53.83
CA THR GA 279 -46.56 -99.54 -54.74
C THR GA 279 -46.72 -100.92 -54.10
N SER GA 280 -47.06 -101.86 -54.96
CA SER GA 280 -46.83 -103.30 -54.76
C SER GA 280 -47.10 -103.94 -53.40
N VAL GA 281 -46.02 -104.20 -52.66
CA VAL GA 281 -45.71 -105.51 -52.00
C VAL GA 281 -45.83 -106.65 -53.05
N PRO GA 282 -44.72 -107.01 -53.73
CA PRO GA 282 -44.80 -108.02 -54.81
C PRO GA 282 -45.24 -109.38 -54.31
N ALA GA 283 -45.49 -110.29 -55.25
CA ALA GA 283 -46.08 -111.58 -54.95
C ALA GA 283 -45.02 -112.62 -54.62
N ARG GA 284 -45.36 -113.53 -53.70
CA ARG GA 284 -44.46 -114.60 -53.31
C ARG GA 284 -44.17 -115.52 -54.50
N ILE GA 285 -42.94 -116.04 -54.56
CA ILE GA 285 -42.55 -117.08 -55.50
C ILE GA 285 -41.98 -118.24 -54.67
N PRO GA 286 -42.67 -119.40 -54.65
CA PRO GA 286 -42.43 -120.39 -53.58
C PRO GA 286 -41.06 -121.05 -53.48
N GLU GA 287 -40.24 -121.06 -54.55
CA GLU GA 287 -38.80 -121.47 -54.44
C GLU GA 287 -38.49 -122.94 -54.75
N ASN GA 288 -37.20 -123.22 -54.94
CA ASN GA 288 -36.62 -124.55 -54.69
C ASN GA 288 -35.27 -124.48 -54.03
N PRO GA 295 -25.77 -126.34 -53.54
CA PRO GA 295 -25.24 -125.79 -54.79
C PRO GA 295 -25.15 -124.25 -54.77
N SER GA 296 -26.30 -123.56 -54.83
CA SER GA 296 -26.33 -122.14 -54.46
C SER GA 296 -26.22 -122.09 -52.92
N ALA GA 297 -26.58 -123.21 -52.28
CA ALA GA 297 -26.55 -123.32 -50.82
C ALA GA 297 -25.15 -123.33 -50.18
N VAL GA 298 -24.13 -123.83 -50.90
CA VAL GA 298 -22.78 -123.94 -50.32
C VAL GA 298 -22.13 -122.55 -50.16
N ALA GA 299 -21.42 -122.34 -49.04
CA ALA GA 299 -20.80 -121.05 -48.72
C ALA GA 299 -19.26 -121.17 -48.65
N LEU GA 300 -18.53 -120.35 -49.42
CA LEU GA 300 -17.05 -120.24 -49.30
C LEU GA 300 -16.53 -118.83 -49.65
N LYS GA 301 -15.30 -118.57 -49.21
CA LYS GA 301 -14.62 -117.31 -49.54
C LYS GA 301 -14.50 -117.10 -51.04
N GLU GA 302 -15.20 -116.07 -51.51
CA GLU GA 302 -15.21 -115.65 -52.91
C GLU GA 302 -15.54 -114.13 -53.00
N PRO GA 303 -15.10 -113.45 -54.09
CA PRO GA 303 -15.48 -112.05 -54.32
C PRO GA 303 -16.99 -111.78 -54.24
N TRP GA 304 -17.36 -110.52 -54.08
CA TRP GA 304 -18.76 -110.08 -53.95
C TRP GA 304 -19.58 -110.41 -55.21
N GLN GA 305 -19.04 -110.11 -56.40
CA GLN GA 305 -19.78 -110.33 -57.66
C GLN GA 305 -19.95 -111.82 -58.00
N GLU GA 306 -18.98 -112.62 -57.60
CA GLU GA 306 -19.10 -114.07 -57.74
C GLU GA 306 -20.16 -114.64 -56.76
N LYS GA 307 -20.28 -114.01 -55.59
CA LYS GA 307 -21.31 -114.39 -54.60
C LYS GA 307 -22.70 -113.90 -55.02
N VAL GA 308 -22.79 -112.72 -55.67
CA VAL GA 308 -24.09 -112.26 -56.23
C VAL GA 308 -24.59 -113.24 -57.30
N ARG GA 309 -23.69 -113.63 -58.21
CA ARG GA 309 -23.98 -114.64 -59.25
C ARG GA 309 -24.63 -115.90 -58.65
N ARG GA 310 -23.91 -116.53 -57.71
CA ARG GA 310 -24.33 -117.78 -57.06
C ARG GA 310 -25.70 -117.69 -56.40
N ILE GA 311 -25.91 -116.61 -55.64
CA ILE GA 311 -27.16 -116.45 -54.93
C ILE GA 311 -28.29 -116.13 -55.89
N ARG GA 312 -28.02 -115.22 -56.84
CA ARG GA 312 -28.99 -114.82 -57.86
C ARG GA 312 -29.45 -116.05 -58.63
N GLU GA 313 -28.50 -116.80 -59.20
CA GLU GA 313 -28.81 -118.00 -59.99
C GLU GA 313 -29.67 -119.05 -59.24
N GLY GA 314 -29.41 -119.21 -57.94
CA GLY GA 314 -30.23 -120.08 -57.10
C GLY GA 314 -31.57 -119.49 -56.71
N SER GA 315 -31.75 -118.17 -56.86
CA SER GA 315 -32.95 -117.51 -56.34
C SER GA 315 -34.14 -117.54 -57.28
N PRO GA 316 -35.35 -117.78 -56.72
CA PRO GA 316 -36.60 -117.63 -57.49
C PRO GA 316 -36.66 -116.30 -58.25
N TYR GA 317 -36.30 -115.22 -57.57
CA TYR GA 317 -36.47 -113.86 -58.08
C TYR GA 317 -35.25 -113.36 -58.90
N GLY GA 318 -34.18 -114.17 -58.98
CA GLY GA 318 -32.90 -113.72 -59.51
C GLY GA 318 -32.90 -113.28 -60.97
N HIS GA 319 -33.80 -113.86 -61.75
CA HIS GA 319 -33.99 -113.49 -63.15
C HIS GA 319 -34.37 -112.00 -63.39
N LEU GA 320 -35.12 -111.38 -62.47
CA LEU GA 320 -35.67 -110.03 -62.67
C LEU GA 320 -34.59 -108.94 -62.80
N PRO GA 321 -34.83 -107.91 -63.64
CA PRO GA 321 -33.94 -106.74 -63.71
C PRO GA 321 -34.14 -105.84 -62.48
N ASN GA 322 -35.29 -106.02 -61.85
CA ASN GA 322 -35.73 -105.30 -60.67
C ASN GA 322 -34.96 -105.69 -59.39
N TRP GA 323 -34.22 -106.81 -59.48
CA TRP GA 323 -33.63 -107.51 -58.34
C TRP GA 323 -32.26 -106.96 -57.98
N ARG GA 324 -32.05 -106.75 -56.68
CA ARG GA 324 -30.71 -106.40 -56.19
C ARG GA 324 -30.39 -107.07 -54.85
N LEU GA 325 -29.09 -107.18 -54.54
CA LEU GA 325 -28.62 -107.82 -53.30
C LEU GA 325 -27.98 -106.84 -52.31
N LEU GA 326 -28.44 -106.90 -51.07
CA LEU GA 326 -27.87 -106.04 -50.01
C LEU GA 326 -27.22 -106.88 -48.90
N SER GA 327 -26.55 -106.20 -47.98
CA SER GA 327 -25.88 -106.85 -46.85
C SER GA 327 -25.89 -105.94 -45.61
N VAL GA 328 -26.10 -106.53 -44.44
CA VAL GA 328 -26.00 -105.80 -43.17
C VAL GA 328 -25.40 -106.69 -42.08
N ILE GA 329 -24.64 -106.06 -41.20
CA ILE GA 329 -24.22 -106.66 -39.95
C ILE GA 329 -25.27 -106.30 -38.90
N VAL GA 330 -25.70 -107.27 -38.12
CA VAL GA 330 -26.72 -107.03 -37.10
C VAL GA 330 -26.06 -107.07 -35.72
N LYS GA 331 -26.10 -105.95 -35.00
CA LYS GA 331 -25.50 -105.93 -33.67
C LYS GA 331 -26.65 -105.86 -32.63
N CYS GA 332 -26.90 -106.98 -31.95
CA CYS GA 332 -28.11 -107.11 -31.10
C CYS GA 332 -27.89 -106.49 -29.73
N GLY GA 333 -26.65 -106.50 -29.26
CA GLY GA 333 -26.33 -106.00 -27.93
C GLY GA 333 -25.25 -104.93 -27.88
N ASP GA 334 -24.98 -104.28 -29.00
CA ASP GA 334 -23.96 -103.21 -29.02
C ASP GA 334 -24.58 -101.80 -29.33
N ASP GA 335 -24.19 -100.77 -28.56
CA ASP GA 335 -24.63 -99.40 -28.83
C ASP GA 335 -23.92 -98.89 -30.09
N LEU GA 336 -24.65 -98.21 -30.97
CA LEU GA 336 -24.10 -97.72 -32.24
C LEU GA 336 -24.09 -96.19 -32.39
N ARG GA 337 -24.30 -95.45 -31.31
CA ARG GA 337 -24.51 -94.00 -31.43
C ARG GA 337 -23.20 -93.25 -31.69
N GLN GA 338 -22.12 -93.71 -31.04
CA GLN GA 338 -20.76 -93.24 -31.35
C GLN GA 338 -20.44 -93.53 -32.82
N GLU GA 339 -20.82 -94.73 -33.20
CA GLU GA 339 -20.56 -95.21 -34.54
C GLU GA 339 -21.29 -94.32 -35.56
N LEU GA 340 -22.53 -93.97 -35.25
CA LEU GA 340 -23.31 -93.03 -36.06
C LEU GA 340 -22.68 -91.66 -36.10
N LEU GA 341 -22.27 -91.15 -34.94
CA LEU GA 341 -21.60 -89.85 -34.94
C LEU GA 341 -20.37 -89.86 -35.84
N ALA GA 342 -19.55 -90.90 -35.72
CA ALA GA 342 -18.34 -91.02 -36.55
C ALA GA 342 -18.66 -90.98 -38.05
N PHE GA 343 -19.75 -91.66 -38.40
CA PHE GA 343 -20.19 -91.73 -39.78
C PHE GA 343 -20.40 -90.35 -40.38
N GLN GA 344 -21.15 -89.50 -39.66
CA GLN GA 344 -21.44 -88.13 -40.07
C GLN GA 344 -20.15 -87.34 -40.27
N VAL GA 345 -19.24 -87.48 -39.32
CA VAL GA 345 -17.95 -86.80 -39.39
C VAL GA 345 -17.17 -87.25 -40.64
N LEU GA 346 -17.15 -88.56 -40.86
CA LEU GA 346 -16.44 -89.10 -42.03
C LEU GA 346 -17.07 -88.57 -43.32
N LYS GA 347 -18.41 -88.54 -43.31
CA LYS GA 347 -19.15 -88.15 -44.52
C LYS GA 347 -18.91 -86.70 -44.80
N GLN GA 348 -18.92 -85.87 -43.76
CA GLN GA 348 -18.59 -84.45 -43.92
C GLN GA 348 -17.16 -84.28 -44.45
N LEU GA 349 -16.19 -84.93 -43.80
CA LEU GA 349 -14.79 -84.78 -44.25
C LEU GA 349 -14.63 -85.21 -45.70
N GLN GA 350 -15.38 -86.25 -46.06
CA GLN GA 350 -15.37 -86.73 -47.43
C GLN GA 350 -15.82 -85.63 -48.39
N SER GA 351 -16.94 -84.98 -48.06
CA SER GA 351 -17.48 -83.92 -48.90
C SER GA 351 -16.54 -82.72 -48.92
N ILE GA 352 -16.00 -82.37 -47.77
CA ILE GA 352 -15.02 -81.31 -47.68
C ILE GA 352 -13.88 -81.64 -48.64
N TRP GA 353 -13.36 -82.85 -48.57
CA TRP GA 353 -12.23 -83.21 -49.45
C TRP GA 353 -12.59 -83.32 -50.95
N GLU GA 354 -13.84 -83.67 -51.26
CA GLU GA 354 -14.30 -83.58 -52.67
C GLU GA 354 -14.46 -82.13 -53.17
N GLN GA 355 -15.06 -81.29 -52.34
CA GLN GA 355 -15.30 -79.89 -52.65
C GLN GA 355 -13.99 -79.12 -52.90
N GLU GA 356 -13.08 -79.09 -51.91
CA GLU GA 356 -11.68 -78.70 -52.18
C GLU GA 356 -11.24 -79.84 -53.08
N ARG GA 357 -10.03 -79.82 -53.60
CA ARG GA 357 -9.74 -80.88 -54.54
C ARG GA 357 -8.53 -81.68 -54.15
N VAL GA 358 -8.74 -82.38 -53.04
CA VAL GA 358 -7.74 -83.26 -52.46
C VAL GA 358 -8.23 -84.71 -52.64
N PRO GA 359 -7.48 -85.52 -53.40
CA PRO GA 359 -7.93 -86.88 -53.67
C PRO GA 359 -7.65 -87.90 -52.52
N LEU GA 360 -7.81 -87.49 -51.26
CA LEU GA 360 -7.81 -88.45 -50.13
C LEU GA 360 -9.01 -89.38 -50.30
N TRP GA 361 -8.93 -90.55 -49.67
CA TRP GA 361 -9.95 -91.56 -49.82
C TRP GA 361 -10.32 -92.10 -48.45
N ILE GA 362 -11.61 -92.12 -48.16
CA ILE GA 362 -12.11 -92.82 -46.98
C ILE GA 362 -13.46 -93.44 -47.29
N LYS GA 363 -13.93 -94.30 -46.40
CA LYS GA 363 -15.22 -94.97 -46.58
C LYS GA 363 -16.03 -94.87 -45.30
N PRO GA 364 -16.97 -93.91 -45.26
CA PRO GA 364 -18.05 -93.94 -44.31
C PRO GA 364 -18.92 -95.15 -44.58
N TYR GA 365 -19.25 -95.87 -43.51
CA TYR GA 365 -20.16 -97.00 -43.66
C TYR GA 365 -21.40 -96.71 -42.89
N LYS GA 366 -22.54 -96.98 -43.54
CA LYS GA 366 -23.85 -96.60 -43.03
C LYS GA 366 -24.17 -97.27 -41.70
N ILE GA 367 -24.88 -96.53 -40.85
CA ILE GA 367 -25.25 -96.98 -39.53
C ILE GA 367 -26.76 -96.84 -39.37
N LEU GA 368 -27.37 -97.84 -38.75
CA LEU GA 368 -28.74 -97.68 -38.34
C LEU GA 368 -28.84 -97.97 -36.85
N VAL GA 369 -29.13 -96.93 -36.08
CA VAL GA 369 -29.39 -97.09 -34.67
C VAL GA 369 -30.81 -97.60 -34.46
N ILE GA 370 -30.96 -98.66 -33.66
CA ILE GA 370 -32.27 -99.23 -33.42
C ILE GA 370 -32.73 -99.03 -31.96
N SER GA 371 -31.79 -99.17 -31.04
CA SER GA 371 -32.00 -98.80 -29.65
C SER GA 371 -30.68 -98.29 -29.11
N ALA GA 372 -30.68 -97.87 -27.85
CA ALA GA 372 -29.43 -97.53 -27.18
C ALA GA 372 -28.54 -98.78 -27.06
N ASP GA 373 -29.18 -99.94 -27.15
CA ASP GA 373 -28.50 -101.22 -27.06
C ASP GA 373 -28.08 -101.79 -28.41
N SER GA 374 -28.82 -101.49 -29.46
CA SER GA 374 -28.76 -102.26 -30.70
C SER GA 374 -28.85 -101.44 -32.00
N GLY GA 375 -28.29 -102.00 -33.06
CA GLY GA 375 -28.33 -101.40 -34.40
C GLY GA 375 -27.72 -102.27 -35.50
N MET GA 376 -27.57 -101.67 -36.69
CA MET GA 376 -26.98 -102.35 -37.87
C MET GA 376 -25.91 -101.50 -38.56
N ILE GA 377 -25.05 -102.19 -39.29
CA ILE GA 377 -23.97 -101.57 -40.07
C ILE GA 377 -23.92 -102.16 -41.48
N GLU GA 378 -23.80 -101.30 -42.51
CA GLU GA 378 -23.56 -101.79 -43.88
C GLU GA 378 -22.06 -102.03 -44.07
N PRO GA 379 -21.66 -103.30 -44.23
CA PRO GA 379 -20.24 -103.62 -44.25
C PRO GA 379 -19.64 -103.28 -45.60
N VAL GA 380 -18.33 -103.07 -45.64
CA VAL GA 380 -17.65 -102.96 -46.92
C VAL GA 380 -17.38 -104.36 -47.41
N VAL GA 381 -17.78 -104.61 -48.66
CA VAL GA 381 -17.55 -105.90 -49.33
C VAL GA 381 -16.19 -105.96 -50.05
N ASN GA 382 -15.72 -107.18 -50.34
CA ASN GA 382 -14.38 -107.40 -50.90
C ASN GA 382 -13.30 -106.77 -50.07
N ALA GA 383 -13.40 -107.03 -48.78
CA ALA GA 383 -12.50 -106.47 -47.81
C ALA GA 383 -12.42 -107.38 -46.64
N VAL GA 384 -11.20 -107.53 -46.12
CA VAL GA 384 -10.98 -108.35 -44.94
C VAL GA 384 -9.90 -107.72 -44.08
N SER GA 385 -9.89 -108.10 -42.79
CA SER GA 385 -9.02 -107.48 -41.79
C SER GA 385 -7.56 -107.70 -42.17
N ILE GA 386 -6.71 -106.70 -41.88
CA ILE GA 386 -5.26 -106.86 -42.09
C ILE GA 386 -4.74 -108.09 -41.36
N HIS GA 387 -5.19 -108.26 -40.12
CA HIS GA 387 -4.71 -109.32 -39.25
C HIS GA 387 -4.93 -110.69 -39.85
N GLN GA 388 -6.14 -110.93 -40.35
CA GLN GA 388 -6.48 -112.24 -40.87
C GLN GA 388 -5.89 -112.41 -42.29
N VAL GA 389 -5.74 -111.30 -43.04
CA VAL GA 389 -4.96 -111.32 -44.31
C VAL GA 389 -3.54 -111.87 -44.11
N LYS GA 390 -2.95 -111.58 -42.95
CA LYS GA 390 -1.62 -112.10 -42.62
C LYS GA 390 -1.64 -113.50 -42.02
N LYS GA 391 -2.78 -113.93 -41.47
CA LYS GA 391 -2.89 -115.29 -40.91
C LYS GA 391 -3.32 -116.34 -41.96
N GLN GA 392 -4.14 -115.96 -42.92
CA GLN GA 392 -4.48 -116.91 -43.99
C GLN GA 392 -3.40 -116.94 -45.09
N SER GA 393 -2.82 -115.80 -45.45
CA SER GA 393 -1.71 -115.75 -46.41
C SER GA 393 -0.37 -116.27 -45.84
N GLN GA 394 -0.11 -115.99 -44.57
CA GLN GA 394 1.22 -116.20 -43.97
C GLN GA 394 2.31 -115.31 -44.58
N LEU GA 395 1.90 -114.26 -45.28
CA LEU GA 395 2.85 -113.40 -45.99
C LEU GA 395 3.05 -112.08 -45.25
N SER GA 396 4.06 -111.32 -45.71
CA SER GA 396 4.18 -109.90 -45.37
C SER GA 396 3.23 -109.08 -46.27
N LEU GA 397 2.74 -107.96 -45.73
CA LEU GA 397 1.72 -107.14 -46.39
C LEU GA 397 2.04 -106.83 -47.86
N LEU GA 398 3.28 -106.41 -48.06
CA LEU GA 398 3.81 -106.15 -49.37
C LEU GA 398 3.78 -107.40 -50.25
N ASP GA 399 4.27 -108.52 -49.71
CA ASP GA 399 4.28 -109.79 -50.43
C ASP GA 399 2.84 -110.14 -50.88
N TYR GA 400 1.87 -109.92 -49.97
CA TYR GA 400 0.44 -110.09 -50.32
C TYR GA 400 0.01 -109.15 -51.46
N PHE GA 401 0.37 -107.86 -51.35
CA PHE GA 401 0.13 -106.91 -52.47
C PHE GA 401 0.65 -107.44 -53.81
N LEU GA 402 1.91 -107.88 -53.77
CA LEU GA 402 2.59 -108.39 -54.95
C LEU GA 402 1.94 -109.66 -55.49
N GLN GA 403 1.57 -110.57 -54.60
CA GLN GA 403 0.81 -111.76 -55.03
C GLN GA 403 -0.53 -111.38 -55.67
N GLU GA 404 -1.30 -110.51 -54.99
CA GLU GA 404 -2.69 -110.25 -55.41
C GLU GA 404 -2.89 -109.22 -56.53
N HIS GA 405 -1.90 -108.35 -56.75
CA HIS GA 405 -2.01 -107.34 -57.82
C HIS GA 405 -0.97 -107.48 -58.93
N GLY GA 406 0.27 -107.82 -58.56
CA GLY GA 406 1.34 -108.09 -59.53
C GLY GA 406 2.62 -107.44 -59.06
N SER GA 407 3.64 -107.50 -59.89
CA SER GA 407 4.90 -106.84 -59.56
C SER GA 407 4.71 -105.32 -59.50
N TYR GA 408 5.53 -104.64 -58.73
CA TYR GA 408 5.40 -103.16 -58.65
C TYR GA 408 5.64 -102.40 -59.96
N THR GA 409 6.01 -103.08 -61.03
CA THR GA 409 6.05 -102.41 -62.33
C THR GA 409 4.73 -102.55 -63.09
N THR GA 410 3.73 -103.24 -62.52
CA THR GA 410 2.42 -103.39 -63.21
C THR GA 410 1.44 -102.26 -62.84
N GLU GA 411 0.45 -102.02 -63.70
CA GLU GA 411 -0.58 -101.00 -63.45
C GLU GA 411 -1.32 -101.31 -62.17
N ALA GA 412 -1.88 -102.51 -62.12
CA ALA GA 412 -2.69 -103.00 -61.00
C ALA GA 412 -2.04 -102.72 -59.66
N PHE GA 413 -0.71 -102.86 -59.60
CA PHE GA 413 0.01 -102.61 -58.37
C PHE GA 413 0.11 -101.11 -58.12
N LEU GA 414 0.50 -100.33 -59.13
CA LEU GA 414 0.76 -98.88 -58.93
C LEU GA 414 -0.52 -98.17 -58.53
N SER GA 415 -1.62 -98.60 -59.16
CA SER GA 415 -2.94 -98.13 -58.78
C SER GA 415 -3.31 -98.51 -57.34
N ALA GA 416 -3.07 -99.76 -56.94
CA ALA GA 416 -3.36 -100.24 -55.56
C ALA GA 416 -2.52 -99.49 -54.52
N GLN GA 417 -1.26 -99.22 -54.87
CA GLN GA 417 -0.33 -98.48 -54.01
C GLN GA 417 -0.88 -97.08 -53.79
N ARG GA 418 -1.29 -96.44 -54.87
CA ARG GA 418 -1.88 -95.11 -54.80
C ARG GA 418 -3.13 -95.10 -53.88
N ASN GA 419 -4.04 -96.06 -54.08
CA ASN GA 419 -5.21 -96.22 -53.19
C ASN GA 419 -4.84 -96.46 -51.72
N PHE GA 420 -3.78 -97.25 -51.52
CA PHE GA 420 -3.23 -97.45 -50.17
C PHE GA 420 -2.81 -96.09 -49.60
N VAL GA 421 -1.96 -95.38 -50.33
CA VAL GA 421 -1.42 -94.12 -49.85
C VAL GA 421 -2.52 -93.11 -49.58
N GLN GA 422 -3.47 -93.01 -50.50
CA GLN GA 422 -4.57 -92.06 -50.38
C GLN GA 422 -5.52 -92.46 -49.24
N SER GA 423 -5.76 -93.77 -49.05
CA SER GA 423 -6.64 -94.20 -47.95
C SER GA 423 -5.94 -94.04 -46.58
N CYS GA 424 -4.62 -94.22 -46.55
CA CYS GA 424 -3.83 -94.03 -45.32
C CYS GA 424 -3.82 -92.58 -44.84
N ALA GA 425 -3.54 -91.64 -45.76
CA ALA GA 425 -3.47 -90.21 -45.42
C ALA GA 425 -4.83 -89.74 -44.89
N GLY GA 426 -5.88 -90.10 -45.62
CA GLY GA 426 -7.24 -89.87 -45.15
C GLY GA 426 -7.43 -90.32 -43.71
N TYR GA 427 -7.21 -91.62 -43.47
CA TYR GA 427 -7.55 -92.23 -42.15
C TYR GA 427 -6.63 -91.72 -41.01
N CYS GA 428 -5.38 -91.37 -41.35
CA CYS GA 428 -4.48 -90.73 -40.37
C CYS GA 428 -5.12 -89.46 -39.82
N LEU GA 429 -5.60 -88.62 -40.74
CA LEU GA 429 -6.20 -87.33 -40.41
C LEU GA 429 -7.41 -87.55 -39.53
N VAL GA 430 -8.26 -88.49 -39.94
CA VAL GA 430 -9.44 -88.83 -39.16
C VAL GA 430 -9.05 -89.28 -37.76
N CYS GA 431 -8.05 -90.17 -37.67
CA CYS GA 431 -7.63 -90.67 -36.36
C CYS GA 431 -7.11 -89.58 -35.46
N TYR GA 432 -6.29 -88.69 -36.05
CA TYR GA 432 -5.77 -87.55 -35.30
C TYR GA 432 -6.91 -86.64 -34.85
N LEU GA 433 -7.69 -86.14 -35.81
CA LEU GA 433 -8.77 -85.21 -35.49
C LEU GA 433 -9.77 -85.79 -34.48
N LEU GA 434 -10.18 -87.05 -34.67
CA LEU GA 434 -11.14 -87.65 -33.73
C LEU GA 434 -10.49 -88.30 -32.50
N GLN GA 435 -9.16 -88.27 -32.45
CA GLN GA 435 -8.43 -88.99 -31.40
C GLN GA 435 -8.96 -90.41 -31.30
N VAL GA 436 -8.85 -91.14 -32.42
CA VAL GA 436 -9.34 -92.52 -32.47
C VAL GA 436 -8.33 -93.39 -31.75
N LYS GA 437 -8.80 -94.22 -30.82
CA LYS GA 437 -7.87 -95.10 -30.08
C LYS GA 437 -8.15 -96.58 -30.40
N ASP GA 438 -7.48 -97.48 -29.66
CA ASP GA 438 -7.66 -98.93 -29.84
C ASP GA 438 -7.37 -99.32 -31.30
N ARG GA 439 -6.27 -98.80 -31.85
CA ARG GA 439 -5.93 -99.06 -33.25
C ARG GA 439 -5.00 -100.27 -33.43
N HIS GA 440 -5.52 -101.31 -34.06
CA HIS GA 440 -4.75 -102.50 -34.38
C HIS GA 440 -5.32 -103.14 -35.64
N ASN GA 441 -4.65 -104.18 -36.12
CA ASN GA 441 -4.97 -104.78 -37.42
C ASN GA 441 -6.30 -105.57 -37.48
N GLY GA 442 -6.86 -105.91 -36.33
CA GLY GA 442 -8.26 -106.36 -36.23
C GLY GA 442 -9.27 -105.28 -36.56
N ASN GA 443 -8.87 -104.01 -36.44
CA ASN GA 443 -9.74 -102.84 -36.73
C ASN GA 443 -9.48 -102.12 -38.08
N ILE GA 444 -8.57 -102.68 -38.88
CA ILE GA 444 -8.26 -102.11 -40.21
C ILE GA 444 -8.49 -103.13 -41.32
N LEU GA 445 -9.37 -102.77 -42.25
CA LEU GA 445 -9.76 -103.64 -43.34
C LEU GA 445 -8.92 -103.28 -44.56
N LEU GA 446 -8.68 -104.26 -45.42
CA LEU GA 446 -8.09 -104.00 -46.74
C LEU GA 446 -9.05 -104.44 -47.84
N ASP GA 447 -9.39 -103.52 -48.76
CA ASP GA 447 -10.32 -103.88 -49.87
C ASP GA 447 -9.57 -104.39 -51.10
N ALA GA 448 -10.35 -104.90 -52.06
CA ALA GA 448 -9.81 -105.52 -53.29
C ALA GA 448 -8.95 -104.61 -54.18
N GLU GA 449 -9.11 -103.31 -54.03
CA GLU GA 449 -8.36 -102.35 -54.84
C GLU GA 449 -7.17 -101.72 -54.09
N GLY GA 450 -7.01 -102.03 -52.81
CA GLY GA 450 -5.84 -101.56 -52.03
C GLY GA 450 -6.11 -100.46 -51.01
N HIS GA 451 -7.36 -99.98 -50.96
CA HIS GA 451 -7.74 -99.04 -49.90
C HIS GA 451 -7.77 -99.80 -48.58
N ILE GA 452 -7.35 -99.11 -47.53
CA ILE GA 452 -7.61 -99.56 -46.18
C ILE GA 452 -8.84 -98.86 -45.65
N ILE GA 453 -9.45 -99.47 -44.63
CA ILE GA 453 -10.63 -98.90 -43.98
C ILE GA 453 -10.62 -99.16 -42.47
N HIS GA 454 -10.55 -98.10 -41.64
CA HIS GA 454 -10.60 -98.27 -40.18
C HIS GA 454 -12.04 -98.51 -39.73
N ILE GA 455 -12.25 -99.28 -38.64
CA ILE GA 455 -13.67 -99.60 -38.28
C ILE GA 455 -14.21 -99.48 -36.84
N ASP GA 456 -13.46 -99.81 -35.79
CA ASP GA 456 -14.11 -99.89 -34.47
C ASP GA 456 -14.01 -98.56 -33.70
N PHE GA 457 -15.04 -97.71 -33.84
CA PHE GA 457 -14.99 -96.35 -33.26
C PHE GA 457 -15.59 -96.25 -31.86
N GLY GA 458 -15.47 -97.33 -31.08
CA GLY GA 458 -15.47 -97.19 -29.63
C GLY GA 458 -14.15 -96.51 -29.37
N PHE GA 459 -14.05 -95.79 -28.26
CA PHE GA 459 -12.79 -95.15 -27.88
C PHE GA 459 -12.35 -94.05 -28.87
N ILE GA 460 -13.08 -92.94 -28.79
CA ILE GA 460 -12.76 -91.75 -29.55
C ILE GA 460 -12.89 -90.50 -28.67
N LEU GA 461 -12.21 -89.42 -29.07
CA LEU GA 461 -12.31 -88.13 -28.36
C LEU GA 461 -11.89 -88.28 -26.89
N SER GA 462 -12.76 -87.85 -25.98
CA SER GA 462 -12.43 -87.79 -24.56
C SER GA 462 -12.36 -89.16 -23.91
N SER GA 463 -12.84 -90.19 -24.59
CA SER GA 463 -12.93 -91.54 -24.02
C SER GA 463 -11.58 -92.10 -23.57
N SER GA 464 -11.59 -92.63 -22.35
CA SER GA 464 -10.46 -93.33 -21.72
C SER GA 464 -10.90 -94.71 -21.19
N SER GA 473 -4.44 -98.19 -28.47
CA SER GA 473 -3.45 -97.15 -28.80
C SER GA 473 -3.86 -96.32 -30.03
N ALA GA 474 -3.15 -95.21 -30.25
CA ALA GA 474 -3.41 -94.25 -31.34
C ALA GA 474 -2.93 -94.78 -32.68
N PHE GA 475 -3.29 -94.05 -33.75
CA PHE GA 475 -2.91 -94.40 -35.13
C PHE GA 475 -1.40 -94.57 -35.28
N LYS GA 476 -1.02 -95.70 -35.87
CA LYS GA 476 0.38 -96.09 -36.02
C LYS GA 476 0.76 -96.25 -37.49
N LEU GA 477 2.00 -95.94 -37.82
CA LEU GA 477 2.55 -96.21 -39.16
C LEU GA 477 3.72 -97.20 -39.04
N THR GA 478 3.39 -98.50 -39.11
CA THR GA 478 4.43 -99.54 -38.97
C THR GA 478 5.32 -99.57 -40.21
N THR GA 479 6.55 -100.07 -40.08
CA THR GA 479 7.48 -100.13 -41.21
C THR GA 479 6.95 -101.08 -42.30
N GLU GA 480 6.12 -102.07 -41.92
CA GLU GA 480 5.40 -102.91 -42.90
C GLU GA 480 4.49 -102.05 -43.82
N PHE GA 481 3.86 -101.00 -43.25
CA PHE GA 481 3.04 -100.05 -44.04
C PHE GA 481 3.92 -99.15 -44.91
N VAL GA 482 5.03 -98.69 -44.34
CA VAL GA 482 5.97 -97.82 -45.01
C VAL GA 482 6.64 -98.55 -46.19
N ASP GA 483 6.77 -99.87 -46.04
CA ASP GA 483 7.32 -100.73 -47.09
C ASP GA 483 6.40 -100.78 -48.32
N VAL GA 484 5.12 -101.01 -48.07
CA VAL GA 484 4.10 -100.99 -49.14
C VAL GA 484 4.09 -99.63 -49.87
N MET GA 485 4.39 -98.55 -49.14
CA MET GA 485 4.51 -97.21 -49.72
C MET GA 485 5.80 -96.98 -50.50
N GLY GA 486 6.70 -97.96 -50.47
CA GLY GA 486 7.96 -97.87 -51.20
C GLY GA 486 9.10 -97.27 -50.39
N GLY GA 487 8.87 -97.07 -49.09
CA GLY GA 487 9.92 -96.62 -48.20
C GLY GA 487 9.98 -95.11 -47.99
N LEU GA 488 10.78 -94.73 -47.01
CA LEU GA 488 10.89 -93.35 -46.52
C LEU GA 488 11.30 -92.36 -47.61
N ASP GA 489 12.18 -92.79 -48.51
CA ASP GA 489 12.61 -91.93 -49.61
C ASP GA 489 11.74 -92.07 -50.86
N GLY GA 490 10.69 -92.88 -50.76
CA GLY GA 490 9.77 -93.08 -51.89
C GLY GA 490 9.05 -91.81 -52.28
N ASP GA 491 8.71 -91.69 -53.57
CA ASP GA 491 7.94 -90.54 -54.09
C ASP GA 491 6.52 -90.53 -53.50
N MET GA 492 5.95 -91.73 -53.51
CA MET GA 492 4.60 -91.95 -53.02
C MET GA 492 4.52 -91.65 -51.53
N PHE GA 493 5.61 -91.90 -50.78
CA PHE GA 493 5.63 -91.58 -49.34
C PHE GA 493 5.70 -90.07 -49.11
N ASN GA 494 6.59 -89.38 -49.82
CA ASN GA 494 6.60 -87.90 -49.83
C ASN GA 494 5.22 -87.35 -50.18
N TYR GA 495 4.60 -87.98 -51.17
CA TYR GA 495 3.28 -87.60 -51.60
C TYR GA 495 2.23 -87.83 -50.48
N TYR GA 496 2.36 -88.94 -49.73
CA TYR GA 496 1.50 -89.21 -48.52
C TYR GA 496 1.49 -88.04 -47.56
N LYS GA 497 2.67 -87.48 -47.32
CA LYS GA 497 2.79 -86.31 -46.45
C LYS GA 497 2.17 -85.09 -47.10
N MET GA 498 2.29 -85.03 -48.43
CA MET GA 498 1.78 -83.90 -49.20
C MET GA 498 0.26 -83.85 -49.07
N LEU GA 499 -0.32 -85.05 -49.13
CA LEU GA 499 -1.76 -85.21 -49.06
C LEU GA 499 -2.26 -84.83 -47.69
N MET GA 500 -1.50 -85.25 -46.67
CA MET GA 500 -1.88 -84.98 -45.29
C MET GA 500 -1.99 -83.47 -45.07
N LEU GA 501 -0.95 -82.74 -45.47
CA LEU GA 501 -0.95 -81.30 -45.39
C LEU GA 501 -2.15 -80.67 -46.14
N GLN GA 502 -2.28 -81.05 -47.41
CA GLN GA 502 -3.37 -80.53 -48.23
C GLN GA 502 -4.73 -80.76 -47.59
N GLY GA 503 -4.97 -81.97 -47.08
CA GLY GA 503 -6.28 -82.33 -46.47
C GLY GA 503 -6.55 -81.59 -45.15
N LEU GA 504 -5.46 -81.23 -44.47
CA LEU GA 504 -5.55 -80.47 -43.24
C LEU GA 504 -5.87 -79.02 -43.57
N ILE GA 505 -5.14 -78.49 -44.56
CA ILE GA 505 -5.43 -77.13 -45.05
C ILE GA 505 -6.91 -77.00 -45.41
N ALA GA 506 -7.41 -78.05 -46.06
CA ALA GA 506 -8.82 -78.09 -46.48
C ALA GA 506 -9.77 -78.11 -45.28
N ALA GA 507 -9.47 -78.98 -44.33
CA ALA GA 507 -10.31 -79.12 -43.14
C ALA GA 507 -10.49 -77.78 -42.38
N ARG GA 508 -9.36 -77.11 -42.18
CA ARG GA 508 -9.34 -75.84 -41.47
C ARG GA 508 -10.32 -74.84 -42.06
N LYS GA 509 -10.40 -74.84 -43.38
CA LYS GA 509 -11.30 -73.93 -44.08
C LYS GA 509 -12.79 -74.26 -43.89
N HIS GA 510 -13.10 -75.43 -43.34
CA HIS GA 510 -14.50 -75.82 -43.18
C HIS GA 510 -14.76 -76.36 -41.79
N MET GA 511 -13.84 -76.05 -40.88
CA MET GA 511 -13.92 -76.46 -39.50
C MET GA 511 -15.32 -76.43 -38.88
N ASP GA 512 -16.09 -75.36 -39.12
CA ASP GA 512 -17.40 -75.13 -38.46
C ASP GA 512 -18.38 -76.26 -38.68
N LYS GA 513 -18.40 -76.71 -39.93
CA LYS GA 513 -19.28 -77.81 -40.36
C LYS GA 513 -18.97 -79.09 -39.61
N VAL GA 514 -17.70 -79.32 -39.30
CA VAL GA 514 -17.31 -80.51 -38.57
C VAL GA 514 -17.71 -80.39 -37.11
N VAL GA 515 -17.25 -79.31 -36.48
CA VAL GA 515 -17.52 -79.07 -35.04
C VAL GA 515 -18.99 -79.04 -34.74
N GLN GA 516 -19.77 -78.39 -35.61
CA GLN GA 516 -21.22 -78.34 -35.47
C GLN GA 516 -21.79 -79.74 -35.16
N ILE GA 517 -21.40 -80.72 -35.98
CA ILE GA 517 -21.92 -82.09 -35.89
C ILE GA 517 -21.71 -82.68 -34.52
N VAL GA 518 -20.50 -82.52 -34.00
CA VAL GA 518 -20.13 -83.11 -32.73
C VAL GA 518 -20.77 -82.32 -31.60
N GLU GA 519 -20.71 -81.00 -31.69
CA GLU GA 519 -21.11 -80.11 -30.61
C GLU GA 519 -22.59 -80.24 -30.28
N ILE GA 520 -23.43 -80.40 -31.30
CA ILE GA 520 -24.85 -80.59 -31.10
C ILE GA 520 -25.17 -81.98 -30.52
N MET GA 521 -24.45 -83.03 -30.94
CA MET GA 521 -24.65 -84.40 -30.39
C MET GA 521 -24.30 -84.54 -28.91
N GLN GA 522 -23.37 -83.71 -28.44
CA GLN GA 522 -22.90 -83.74 -27.04
C GLN GA 522 -24.02 -83.39 -26.05
N GLN GA 523 -25.04 -82.67 -26.54
CA GLN GA 523 -26.07 -82.02 -25.71
C GLN GA 523 -26.57 -82.75 -24.46
N GLY GA 524 -27.30 -83.84 -24.62
CA GLY GA 524 -27.81 -84.57 -23.45
C GLY GA 524 -27.22 -85.95 -23.47
N SER GA 525 -25.97 -86.00 -23.89
CA SER GA 525 -25.32 -87.26 -24.14
C SER GA 525 -24.58 -87.74 -22.89
N GLN GA 526 -24.66 -89.04 -22.64
CA GLN GA 526 -23.96 -89.65 -21.52
C GLN GA 526 -22.84 -90.55 -22.05
N LEU GA 527 -22.58 -90.43 -23.35
CA LEU GA 527 -21.66 -91.33 -24.06
C LEU GA 527 -20.21 -91.12 -23.63
N PRO GA 528 -19.46 -92.23 -23.48
CA PRO GA 528 -18.05 -92.21 -23.06
C PRO GA 528 -17.15 -91.21 -23.82
N CYS GA 529 -17.43 -90.98 -25.09
CA CYS GA 529 -16.64 -90.01 -25.85
C CYS GA 529 -16.81 -88.55 -25.39
N PHE GA 530 -17.87 -88.27 -24.63
CA PHE GA 530 -18.05 -86.93 -24.08
C PHE GA 530 -17.77 -86.85 -22.59
N HIS GA 531 -17.04 -87.83 -22.06
CA HIS GA 531 -16.77 -87.87 -20.63
C HIS GA 531 -16.09 -86.60 -20.10
N GLY GA 532 -15.28 -85.96 -20.94
CA GLY GA 532 -14.56 -84.76 -20.52
C GLY GA 532 -15.45 -83.54 -20.36
N SER GA 533 -14.87 -82.48 -19.82
CA SER GA 533 -15.49 -81.16 -19.86
C SER GA 533 -15.00 -80.32 -21.06
N SER GA 534 -13.93 -80.77 -21.73
CA SER GA 534 -13.24 -79.96 -22.76
C SER GA 534 -13.09 -80.68 -24.09
N THR GA 535 -14.07 -81.52 -24.39
CA THR GA 535 -14.11 -82.30 -25.60
C THR GA 535 -14.05 -81.39 -26.84
N ILE GA 536 -14.97 -80.42 -26.91
CA ILE GA 536 -15.06 -79.50 -28.06
C ILE GA 536 -13.86 -78.54 -28.10
N ARG GA 537 -13.43 -78.05 -26.95
CA ARG GA 537 -12.27 -77.18 -26.89
C ARG GA 537 -11.04 -77.87 -27.42
N ASN GA 538 -10.86 -79.12 -26.98
CA ASN GA 538 -9.70 -79.89 -27.43
C ASN GA 538 -9.79 -80.14 -28.95
N LEU GA 539 -11.00 -80.45 -29.42
CA LEU GA 539 -11.23 -80.67 -30.85
C LEU GA 539 -10.82 -79.44 -31.67
N LYS GA 540 -11.18 -78.24 -31.21
CA LYS GA 540 -10.87 -77.00 -31.95
C LYS GA 540 -9.39 -76.72 -32.02
N GLU GA 541 -8.72 -76.95 -30.88
CA GLU GA 541 -7.28 -76.77 -30.83
C GLU GA 541 -6.58 -77.61 -31.89
N ARG GA 542 -7.13 -78.82 -32.12
CA ARG GA 542 -6.57 -79.78 -33.08
C ARG GA 542 -6.65 -79.33 -34.55
N PHE GA 543 -7.48 -78.32 -34.83
CA PHE GA 543 -7.44 -77.70 -36.15
C PHE GA 543 -6.32 -76.67 -36.27
N HIS GA 544 -5.77 -76.19 -35.14
CA HIS GA 544 -4.66 -75.22 -35.15
C HIS GA 544 -4.90 -74.03 -36.07
N MET GA 545 -6.03 -73.39 -35.83
CA MET GA 545 -6.50 -72.31 -36.72
C MET GA 545 -5.56 -71.09 -36.85
N SER GA 546 -4.71 -70.89 -35.85
CA SER GA 546 -3.72 -69.83 -35.89
C SER GA 546 -2.58 -70.09 -36.88
N MET GA 547 -2.34 -71.35 -37.22
CA MET GA 547 -1.08 -71.69 -37.94
C MET GA 547 -0.96 -71.16 -39.39
N THR GA 548 0.27 -70.83 -39.80
CA THR GA 548 0.60 -70.69 -41.23
C THR GA 548 0.97 -72.08 -41.80
N GLU GA 549 0.94 -72.23 -43.13
CA GLU GA 549 1.18 -73.54 -43.80
C GLU GA 549 2.50 -74.19 -43.36
N GLU GA 550 3.55 -73.39 -43.34
CA GLU GA 550 4.87 -73.84 -42.91
C GLU GA 550 4.78 -74.49 -41.53
N GLN GA 551 3.93 -73.91 -40.67
CA GLN GA 551 3.74 -74.45 -39.32
C GLN GA 551 3.03 -75.82 -39.38
N LEU GA 552 2.12 -75.96 -40.35
CA LEU GA 552 1.32 -77.17 -40.48
C LEU GA 552 2.20 -78.28 -41.03
N GLN GA 553 3.09 -77.93 -41.96
CA GLN GA 553 4.08 -78.86 -42.48
C GLN GA 553 4.87 -79.50 -41.38
N LEU GA 554 5.28 -78.70 -40.42
CA LEU GA 554 6.03 -79.17 -39.26
C LEU GA 554 5.18 -80.08 -38.37
N LEU GA 555 3.92 -79.68 -38.19
CA LEU GA 555 2.98 -80.50 -37.41
C LEU GA 555 2.74 -81.87 -38.05
N VAL GA 556 2.62 -81.88 -39.39
CA VAL GA 556 2.48 -83.15 -40.14
C VAL GA 556 3.70 -84.03 -39.91
N GLU GA 557 4.90 -83.45 -39.99
CA GLU GA 557 6.15 -84.18 -39.76
C GLU GA 557 6.15 -84.76 -38.36
N GLN GA 558 5.88 -83.90 -37.36
CA GLN GA 558 5.78 -84.40 -35.98
C GLN GA 558 4.80 -85.55 -35.86
N MET GA 559 3.62 -85.35 -36.44
CA MET GA 559 2.58 -86.38 -36.45
C MET GA 559 3.08 -87.69 -37.04
N VAL GA 560 3.73 -87.61 -38.21
CA VAL GA 560 4.24 -88.81 -38.90
C VAL GA 560 5.31 -89.48 -38.05
N ASP GA 561 6.30 -88.69 -37.65
CA ASP GA 561 7.39 -89.22 -36.84
C ASP GA 561 6.85 -89.85 -35.54
N GLY GA 562 5.82 -89.23 -34.96
CA GLY GA 562 5.09 -89.81 -33.83
C GLY GA 562 4.46 -91.15 -34.15
N SER GA 563 3.92 -91.28 -35.36
CA SER GA 563 3.20 -92.48 -35.76
C SER GA 563 4.15 -93.68 -35.93
N MET GA 564 5.45 -93.42 -36.08
CA MET GA 564 6.44 -94.49 -36.31
C MET GA 564 7.15 -94.99 -35.04
N ARG GA 565 7.33 -94.12 -34.04
CA ARG GA 565 8.01 -94.52 -32.80
C ARG GA 565 7.36 -95.72 -32.11
N SER GA 566 6.03 -95.81 -32.17
CA SER GA 566 5.21 -96.82 -31.46
C SER GA 566 4.72 -96.29 -30.10
N ASP HA 9 -47.08 -30.08 -43.02
CA ASP HA 9 -48.04 -28.98 -42.73
C ASP HA 9 -49.32 -29.48 -41.99
N GLU HA 10 -50.48 -29.20 -42.60
CA GLU HA 10 -51.80 -29.24 -41.95
C GLU HA 10 -52.48 -30.59 -42.16
N TYR HA 11 -53.03 -31.14 -41.09
CA TYR HA 11 -53.96 -32.27 -41.21
C TYR HA 11 -55.38 -31.78 -40.88
N ASP HA 12 -56.37 -32.52 -41.37
CA ASP HA 12 -57.78 -32.27 -41.04
C ASP HA 12 -58.17 -33.06 -39.80
N TYR HA 13 -57.44 -34.14 -39.55
CA TYR HA 13 -57.74 -34.99 -38.42
C TYR HA 13 -56.51 -35.66 -37.82
N LEU HA 14 -56.61 -35.89 -36.51
CA LEU HA 14 -55.60 -36.58 -35.73
C LEU HA 14 -56.24 -37.79 -35.03
N PHE HA 15 -55.97 -38.99 -35.53
CA PHE HA 15 -56.62 -40.20 -34.94
C PHE HA 15 -55.68 -40.95 -34.02
N LYS HA 16 -56.08 -41.13 -32.75
CA LYS HA 16 -55.32 -41.92 -31.76
C LYS HA 16 -55.66 -43.40 -31.81
N VAL HA 17 -54.67 -44.23 -32.15
CA VAL HA 17 -54.91 -45.67 -32.29
C VAL HA 17 -53.93 -46.44 -31.45
N VAL HA 18 -54.44 -47.51 -30.84
CA VAL HA 18 -53.58 -48.34 -30.00
C VAL HA 18 -53.36 -49.71 -30.62
N LEU HA 19 -52.17 -50.28 -30.40
CA LEU HA 19 -51.91 -51.68 -30.78
C LEU HA 19 -51.88 -52.54 -29.54
N ILE HA 20 -52.73 -53.56 -29.50
CA ILE HA 20 -52.75 -54.45 -28.35
C ILE HA 20 -52.68 -55.91 -28.79
N GLY HA 21 -52.30 -56.75 -27.83
CA GLY HA 21 -52.27 -58.19 -28.03
C GLY HA 21 -51.29 -58.84 -27.09
N ASP HA 22 -51.23 -60.19 -27.14
CA ASP HA 22 -50.25 -60.97 -26.37
C ASP HA 22 -48.84 -60.56 -26.75
N SER HA 23 -47.93 -60.72 -25.81
CA SER HA 23 -46.54 -60.37 -26.03
C SER HA 23 -45.94 -61.31 -27.07
N GLY HA 24 -45.24 -60.74 -28.07
CA GLY HA 24 -44.52 -61.53 -29.09
C GLY HA 24 -45.22 -61.67 -30.44
N VAL HA 25 -46.46 -61.19 -30.54
CA VAL HA 25 -47.26 -61.37 -31.78
C VAL HA 25 -46.80 -60.49 -32.96
N GLY HA 26 -46.04 -59.42 -32.69
CA GLY HA 26 -45.42 -58.61 -33.77
C GLY HA 26 -45.84 -57.15 -33.86
N LYS HA 27 -46.44 -56.64 -32.79
CA LYS HA 27 -46.95 -55.28 -32.73
C LYS HA 27 -45.88 -54.25 -33.12
N SER HA 28 -44.70 -54.35 -32.50
CA SER HA 28 -43.62 -53.35 -32.72
C SER HA 28 -43.12 -53.37 -34.17
N ASN HA 29 -43.15 -54.56 -34.79
CA ASN HA 29 -42.76 -54.71 -36.20
C ASN HA 29 -43.85 -54.34 -37.20
N LEU HA 30 -45.11 -54.58 -36.86
CA LEU HA 30 -46.20 -53.99 -37.65
C LEU HA 30 -46.03 -52.47 -37.74
N LEU HA 31 -45.79 -51.88 -36.58
CA LEU HA 31 -45.58 -50.45 -36.49
C LEU HA 31 -44.32 -49.99 -37.21
N SER HA 32 -43.20 -50.72 -37.02
CA SER HA 32 -41.95 -50.32 -37.69
C SER HA 32 -42.05 -50.49 -39.23
N ARG HA 33 -42.80 -51.51 -39.64
CA ARG HA 33 -43.07 -51.75 -41.06
C ARG HA 33 -43.90 -50.60 -41.59
N PHE HA 34 -45.01 -50.33 -40.91
CA PHE HA 34 -45.95 -49.31 -41.37
C PHE HA 34 -45.37 -47.90 -41.35
N THR HA 35 -44.59 -47.55 -40.34
CA THR HA 35 -44.13 -46.16 -40.27
C THR HA 35 -42.78 -45.85 -40.93
N ARG HA 36 -41.85 -46.80 -40.96
CA ARG HA 36 -40.58 -46.53 -41.64
C ARG HA 36 -40.17 -47.66 -42.59
N ASN HA 37 -41.12 -48.56 -42.88
CA ASN HA 37 -40.87 -49.70 -43.74
C ASN HA 37 -39.60 -50.49 -43.32
N GLU HA 38 -39.55 -50.89 -42.05
CA GLU HA 38 -38.44 -51.70 -41.53
C GLU HA 38 -38.97 -52.87 -40.72
N PHE HA 39 -38.19 -53.95 -40.67
CA PHE HA 39 -38.56 -55.14 -39.88
C PHE HA 39 -37.33 -55.76 -39.26
N ASN HA 40 -37.53 -56.52 -38.18
CA ASN HA 40 -36.43 -57.26 -37.59
C ASN HA 40 -36.84 -58.54 -36.84
N LEU HA 41 -36.05 -59.57 -37.06
CA LEU HA 41 -36.21 -60.82 -36.35
C LEU HA 41 -35.82 -60.69 -34.88
N GLU HA 42 -34.72 -60.00 -34.62
CA GLU HA 42 -34.28 -59.71 -33.26
C GLU HA 42 -35.17 -58.61 -32.70
N SER HA 43 -35.58 -58.76 -31.45
CA SER HA 43 -36.75 -58.03 -30.94
C SER HA 43 -36.49 -57.51 -29.57
N LYS HA 44 -37.05 -56.34 -29.30
CA LYS HA 44 -36.70 -55.59 -28.11
C LYS HA 44 -38.02 -55.35 -27.41
N SER HA 45 -38.19 -55.95 -26.23
CA SER HA 45 -39.49 -55.93 -25.55
C SER HA 45 -39.96 -54.49 -25.43
N THR HA 46 -41.25 -54.30 -25.67
CA THR HA 46 -41.85 -53.00 -25.60
C THR HA 46 -42.14 -52.69 -24.15
N ILE HA 47 -41.52 -51.64 -23.64
CA ILE HA 47 -41.62 -51.32 -22.22
C ILE HA 47 -42.64 -50.24 -22.05
N GLY HA 48 -43.82 -50.62 -21.54
CA GLY HA 48 -44.89 -49.66 -21.24
C GLY HA 48 -45.54 -49.24 -22.55
N VAL HA 49 -44.98 -48.24 -23.22
CA VAL HA 49 -45.58 -47.67 -24.42
C VAL HA 49 -44.51 -47.12 -25.34
N GLU HA 50 -44.76 -47.28 -26.63
CA GLU HA 50 -43.91 -46.63 -27.65
C GLU HA 50 -44.80 -45.86 -28.66
N PHE HA 51 -44.27 -44.72 -29.11
CA PHE HA 51 -45.04 -43.79 -29.92
C PHE HA 51 -44.49 -43.67 -31.34
N ALA HA 52 -45.39 -43.74 -32.33
CA ALA HA 52 -45.02 -43.51 -33.75
C ALA HA 52 -46.19 -42.96 -34.57
N THR HA 53 -45.84 -42.24 -35.64
CA THR HA 53 -46.82 -41.46 -36.39
C THR HA 53 -46.64 -41.54 -37.90
N ARG HA 54 -47.76 -41.45 -38.62
CA ARG HA 54 -47.77 -41.39 -40.09
C ARG HA 54 -49.10 -40.82 -40.61
N SER HA 55 -49.02 -40.13 -41.73
CA SER HA 55 -50.16 -39.44 -42.33
C SER HA 55 -50.67 -40.19 -43.54
N ILE HA 56 -52.01 -40.26 -43.73
CA ILE HA 56 -52.57 -40.74 -45.03
C ILE HA 56 -53.71 -39.86 -45.54
N GLN HA 57 -54.16 -40.07 -46.78
CA GLN HA 57 -55.42 -39.45 -47.23
C GLN HA 57 -56.51 -40.47 -47.48
N VAL HA 58 -57.68 -40.20 -46.91
CA VAL HA 58 -58.89 -40.91 -47.26
C VAL HA 58 -59.99 -39.89 -47.61
N ASP HA 59 -60.69 -40.16 -48.71
CA ASP HA 59 -61.80 -39.33 -49.17
C ASP HA 59 -61.43 -37.84 -49.29
N GLY HA 60 -60.18 -37.58 -49.71
CA GLY HA 60 -59.66 -36.22 -49.92
C GLY HA 60 -59.16 -35.43 -48.71
N LYS HA 61 -59.05 -36.09 -47.56
CA LYS HA 61 -58.66 -35.41 -46.31
C LYS HA 61 -57.37 -35.99 -45.76
N THR HA 62 -56.44 -35.10 -45.39
CA THR HA 62 -55.17 -35.52 -44.80
C THR HA 62 -55.42 -35.87 -43.32
N ILE HA 63 -55.27 -37.16 -43.00
CA ILE HA 63 -55.44 -37.70 -41.64
C ILE HA 63 -54.11 -38.17 -41.06
N LYS HA 64 -53.71 -37.55 -39.94
CA LYS HA 64 -52.51 -37.98 -39.24
C LYS HA 64 -52.89 -39.04 -38.19
N ALA HA 65 -52.28 -40.22 -38.31
CA ALA HA 65 -52.51 -41.28 -37.35
C ALA HA 65 -51.43 -41.23 -36.28
N GLN HA 66 -51.86 -41.33 -35.02
CA GLN HA 66 -50.94 -41.45 -33.88
C GLN HA 66 -51.08 -42.84 -33.27
N ILE HA 67 -50.02 -43.64 -33.44
CA ILE HA 67 -50.08 -45.03 -33.02
C ILE HA 67 -49.33 -45.24 -31.71
N TRP HA 68 -50.00 -45.91 -30.79
CA TRP HA 68 -49.43 -46.22 -29.50
C TRP HA 68 -49.24 -47.73 -29.40
N ASP HA 69 -47.97 -48.12 -29.36
CA ASP HA 69 -47.56 -49.52 -29.27
C ASP HA 69 -47.49 -49.85 -27.79
N THR HA 70 -48.48 -50.61 -27.30
CA THR HA 70 -48.72 -50.72 -25.84
C THR HA 70 -47.87 -51.76 -25.06
N ALA HA 71 -47.52 -52.90 -25.66
CA ALA HA 71 -46.75 -53.97 -24.97
C ALA HA 71 -47.72 -55.01 -24.39
N GLY HA 72 -47.51 -56.26 -24.78
CA GLY HA 72 -48.36 -57.37 -24.37
C GLY HA 72 -48.08 -57.89 -22.98
N LEU HA 73 -46.88 -57.60 -22.47
CA LEU HA 73 -46.49 -58.02 -21.13
C LEU HA 73 -47.39 -57.38 -20.05
N GLU HA 74 -47.73 -58.20 -19.06
CA GLU HA 74 -48.70 -57.92 -18.00
C GLU HA 74 -48.12 -56.95 -16.97
N ARG HA 75 -46.83 -57.10 -16.69
CA ARG HA 75 -46.05 -56.17 -15.87
C ARG HA 75 -46.49 -54.71 -16.04
N TYR HA 76 -46.81 -54.34 -17.28
CA TYR HA 76 -47.10 -52.96 -17.65
C TYR HA 76 -48.60 -52.65 -17.87
N ARG HA 77 -49.46 -53.65 -17.65
CA ARG HA 77 -50.88 -53.52 -17.98
C ARG HA 77 -51.68 -52.50 -17.10
N ALA HA 78 -51.17 -52.15 -15.91
CA ALA HA 78 -51.74 -51.04 -15.09
C ALA HA 78 -51.61 -49.65 -15.78
N ILE HA 79 -50.49 -49.44 -16.46
CA ILE HA 79 -50.16 -48.12 -17.03
C ILE HA 79 -50.47 -48.01 -18.54
N THR HA 80 -50.61 -49.16 -19.24
CA THR HA 80 -51.09 -49.17 -20.66
C THR HA 80 -52.54 -48.74 -20.69
N SER HA 81 -53.35 -49.25 -19.76
CA SER HA 81 -54.77 -48.92 -19.67
C SER HA 81 -55.03 -47.42 -19.51
N ALA HA 82 -54.08 -46.69 -18.92
CA ALA HA 82 -54.13 -45.23 -18.93
C ALA HA 82 -54.28 -44.67 -20.38
N TYR HA 83 -53.58 -45.27 -21.35
CA TYR HA 83 -53.61 -44.87 -22.79
C TYR HA 83 -54.82 -45.28 -23.61
N TYR HA 84 -55.64 -46.16 -23.06
CA TYR HA 84 -56.85 -46.60 -23.75
C TYR HA 84 -57.85 -45.43 -23.88
N ARG HA 85 -57.69 -44.48 -22.95
CA ARG HA 85 -58.47 -43.22 -22.88
C ARG HA 85 -58.59 -42.52 -24.24
N GLY HA 86 -59.82 -42.45 -24.74
CA GLY HA 86 -60.15 -41.69 -25.95
C GLY HA 86 -59.45 -42.10 -27.24
N ALA HA 87 -59.01 -43.35 -27.33
CA ALA HA 87 -58.45 -43.85 -28.59
C ALA HA 87 -59.60 -44.21 -29.50
N VAL HA 88 -59.52 -43.79 -30.77
CA VAL HA 88 -60.62 -44.01 -31.73
C VAL HA 88 -60.58 -45.42 -32.32
N GLY HA 89 -59.39 -46.02 -32.35
CA GLY HA 89 -59.20 -47.34 -32.94
C GLY HA 89 -58.22 -48.22 -32.17
N ALA HA 90 -58.49 -49.53 -32.22
CA ALA HA 90 -57.59 -50.52 -31.64
C ALA HA 90 -57.32 -51.72 -32.56
N LEU HA 91 -56.04 -51.93 -32.88
CA LEU HA 91 -55.63 -53.10 -33.65
C LEU HA 91 -55.34 -54.20 -32.66
N LEU HA 92 -56.20 -55.22 -32.67
CA LEU HA 92 -56.06 -56.33 -31.75
C LEU HA 92 -55.34 -57.46 -32.47
N VAL HA 93 -54.12 -57.76 -32.04
CA VAL HA 93 -53.27 -58.65 -32.82
C VAL HA 93 -53.00 -59.99 -32.17
N TYR HA 94 -53.04 -61.04 -32.99
CA TYR HA 94 -52.61 -62.39 -32.56
C TYR HA 94 -51.63 -62.98 -33.60
N ASP HA 95 -50.79 -63.91 -33.16
CA ASP HA 95 -49.91 -64.70 -34.04
C ASP HA 95 -50.59 -65.94 -34.65
N ILE HA 96 -50.76 -65.93 -35.99
CA ILE HA 96 -51.35 -67.09 -36.74
C ILE HA 96 -50.79 -68.49 -36.37
N ALA HA 97 -49.50 -68.50 -36.05
CA ALA HA 97 -48.76 -69.74 -35.76
C ALA HA 97 -48.74 -70.15 -34.29
N LYS HA 98 -49.37 -69.39 -33.41
CA LYS HA 98 -49.45 -69.79 -31.99
C LYS HA 98 -50.87 -69.74 -31.43
N HIS HA 99 -51.54 -70.89 -31.38
CA HIS HA 99 -53.00 -70.95 -31.09
C HIS HA 99 -53.42 -70.23 -29.79
N LEU HA 100 -52.62 -70.40 -28.73
CA LEU HA 100 -52.88 -69.75 -27.45
C LEU HA 100 -53.13 -68.23 -27.56
N THR HA 101 -52.35 -67.60 -28.44
CA THR HA 101 -52.47 -66.17 -28.68
C THR HA 101 -53.86 -65.81 -29.28
N TYR HA 102 -54.47 -66.72 -30.07
CA TYR HA 102 -55.86 -66.52 -30.58
C TYR HA 102 -56.86 -66.74 -29.44
N GLU HA 103 -56.56 -67.67 -28.55
CA GLU HA 103 -57.44 -67.97 -27.43
C GLU HA 103 -57.61 -66.76 -26.49
N ASN HA 104 -56.54 -66.01 -26.24
CA ASN HA 104 -56.58 -64.84 -25.31
C ASN HA 104 -57.20 -63.54 -25.84
N VAL HA 105 -57.62 -63.55 -27.12
CA VAL HA 105 -58.26 -62.38 -27.71
C VAL HA 105 -59.58 -62.01 -27.00
N GLU HA 106 -60.21 -62.98 -26.35
CA GLU HA 106 -61.44 -62.74 -25.59
C GLU HA 106 -61.17 -61.92 -24.32
N ARG HA 107 -60.05 -62.20 -23.63
CA ARG HA 107 -59.69 -61.38 -22.46
C ARG HA 107 -59.15 -60.03 -22.86
N TRP HA 108 -58.56 -59.96 -24.05
CA TRP HA 108 -58.12 -58.68 -24.57
C TRP HA 108 -59.25 -57.73 -25.02
N LEU HA 109 -60.47 -58.24 -25.29
CA LEU HA 109 -61.61 -57.36 -25.67
C LEU HA 109 -62.40 -56.90 -24.45
N LYS HA 110 -62.44 -57.73 -23.41
CA LYS HA 110 -63.02 -57.33 -22.13
C LYS HA 110 -62.18 -56.16 -21.59
N GLU HA 111 -60.86 -56.27 -21.76
CA GLU HA 111 -59.92 -55.20 -21.46
C GLU HA 111 -60.26 -53.84 -22.08
N LEU HA 112 -61.08 -53.82 -23.13
CA LEU HA 112 -61.53 -52.54 -23.71
C LEU HA 112 -62.88 -52.10 -23.16
N ARG HA 113 -63.69 -53.05 -22.71
CA ARG HA 113 -64.99 -52.69 -22.16
C ARG HA 113 -64.85 -52.49 -20.64
N ASP HA 114 -63.62 -52.30 -20.18
CA ASP HA 114 -63.37 -51.83 -18.82
C ASP HA 114 -62.59 -50.51 -18.77
N HIS HA 115 -61.60 -50.32 -19.65
CA HIS HA 115 -60.71 -49.15 -19.56
C HIS HA 115 -60.75 -48.21 -20.78
N ALA HA 116 -61.69 -48.39 -21.69
CA ALA HA 116 -61.71 -47.59 -22.93
C ALA HA 116 -63.12 -47.25 -23.36
N ASP HA 117 -63.22 -46.25 -24.25
CA ASP HA 117 -64.50 -45.91 -24.85
C ASP HA 117 -65.20 -47.17 -25.37
N SER HA 118 -66.48 -47.31 -25.02
CA SER HA 118 -67.30 -48.46 -25.40
C SER HA 118 -67.82 -48.36 -26.83
N ASN HA 119 -67.47 -47.28 -27.52
CA ASN HA 119 -67.81 -47.11 -28.93
C ASN HA 119 -66.54 -46.91 -29.77
N ILE HA 120 -65.61 -47.87 -29.67
CA ILE HA 120 -64.30 -47.84 -30.39
C ILE HA 120 -64.25 -48.83 -31.57
N VAL HA 121 -63.54 -48.44 -32.64
CA VAL HA 121 -63.35 -49.30 -33.82
C VAL HA 121 -62.21 -50.31 -33.61
N ILE HA 122 -62.52 -51.60 -33.79
CA ILE HA 122 -61.56 -52.69 -33.59
C ILE HA 122 -61.35 -53.52 -34.86
N MET HA 123 -60.08 -53.72 -35.21
CA MET HA 123 -59.73 -54.72 -36.23
C MET HA 123 -58.92 -55.83 -35.56
N LEU HA 124 -59.36 -57.04 -35.83
CA LEU HA 124 -58.69 -58.27 -35.51
C LEU HA 124 -57.60 -58.54 -36.56
N VAL HA 125 -56.39 -58.82 -36.08
CA VAL HA 125 -55.27 -59.05 -37.00
C VAL HA 125 -54.56 -60.35 -36.69
N GLY HA 126 -54.56 -61.23 -37.68
CA GLY HA 126 -53.73 -62.43 -37.66
C GLY HA 126 -52.41 -62.10 -38.32
N ASN HA 127 -51.35 -62.01 -37.51
CA ASN HA 127 -50.02 -61.70 -38.01
C ASN HA 127 -49.18 -62.96 -38.22
N LYS HA 128 -48.15 -62.78 -39.06
CA LYS HA 128 -47.16 -63.81 -39.40
C LYS HA 128 -47.76 -64.78 -40.41
N SER HA 129 -48.42 -64.23 -41.43
CA SER HA 129 -49.00 -65.04 -42.51
C SER HA 129 -47.92 -65.73 -43.34
N ASP HA 130 -46.70 -65.21 -43.29
CA ASP HA 130 -45.57 -65.83 -43.98
C ASP HA 130 -45.23 -67.22 -43.45
N LEU HA 131 -45.57 -67.51 -42.20
CA LEU HA 131 -45.33 -68.82 -41.61
C LEU HA 131 -46.42 -69.83 -41.97
N ARG HA 132 -46.58 -70.04 -43.27
CA ARG HA 132 -47.66 -70.87 -43.82
C ARG HA 132 -47.75 -72.25 -43.15
N HIS HA 133 -46.62 -72.94 -43.10
CA HIS HA 133 -46.56 -74.35 -42.69
C HIS HA 133 -46.79 -74.57 -41.19
N LEU HA 134 -46.67 -73.51 -40.38
CA LEU HA 134 -46.86 -73.62 -38.93
C LEU HA 134 -48.20 -73.08 -38.46
N ARG HA 135 -49.08 -72.74 -39.42
CA ARG HA 135 -50.39 -72.16 -39.12
C ARG HA 135 -51.17 -72.96 -38.06
N ALA HA 136 -51.57 -72.28 -36.97
CA ALA HA 136 -52.34 -72.96 -35.92
C ALA HA 136 -53.76 -72.41 -35.78
N VAL HA 137 -54.10 -71.40 -36.59
CA VAL HA 137 -55.43 -70.77 -36.61
C VAL HA 137 -55.90 -70.60 -38.06
N PRO HA 138 -56.91 -71.39 -38.48
CA PRO HA 138 -57.37 -71.28 -39.85
C PRO HA 138 -58.05 -69.94 -40.12
N THR HA 139 -57.79 -69.38 -41.30
CA THR HA 139 -58.34 -68.10 -41.71
C THR HA 139 -59.88 -68.05 -41.55
N ASP HA 140 -60.56 -69.16 -41.85
CA ASP HA 140 -62.03 -69.22 -41.80
C ASP HA 140 -62.58 -69.13 -40.37
N GLU HA 141 -62.00 -69.89 -39.44
CA GLU HA 141 -62.44 -69.86 -38.04
C GLU HA 141 -62.31 -68.47 -37.43
N ALA HA 142 -61.21 -67.77 -37.75
CA ALA HA 142 -60.96 -66.43 -37.24
C ALA HA 142 -61.99 -65.43 -37.78
N ARG HA 143 -62.16 -65.36 -39.12
CA ARG HA 143 -63.13 -64.41 -39.78
C ARG HA 143 -64.57 -64.66 -39.32
N ALA HA 144 -64.89 -65.93 -39.02
CA ALA HA 144 -66.17 -66.27 -38.42
C ALA HA 144 -66.33 -65.58 -37.06
N PHE HA 145 -65.36 -65.79 -36.17
CA PHE HA 145 -65.33 -65.13 -34.87
C PHE HA 145 -65.27 -63.60 -34.98
N ALA HA 146 -64.67 -63.10 -36.04
CA ALA HA 146 -64.48 -61.67 -36.22
C ALA HA 146 -65.80 -60.93 -36.26
N GLU HA 147 -66.72 -61.37 -37.11
CA GLU HA 147 -67.98 -60.64 -37.27
C GLU HA 147 -69.12 -61.14 -36.37
N LYS HA 148 -68.96 -62.32 -35.78
CA LYS HA 148 -69.76 -62.73 -34.61
C LYS HA 148 -69.58 -61.73 -33.46
N ASN HA 149 -68.42 -61.09 -33.36
CA ASN HA 149 -68.16 -60.06 -32.33
C ASN HA 149 -68.04 -58.63 -32.89
N GLY HA 150 -68.43 -58.45 -34.16
CA GLY HA 150 -68.49 -57.11 -34.78
C GLY HA 150 -67.16 -56.41 -34.96
N LEU HA 151 -66.18 -57.18 -35.40
CA LEU HA 151 -64.81 -56.74 -35.60
C LEU HA 151 -64.50 -56.90 -37.06
N SER HA 152 -63.70 -55.98 -37.61
CA SER HA 152 -63.17 -56.17 -38.96
C SER HA 152 -61.90 -57.08 -38.91
N PHE HA 153 -61.57 -57.76 -40.02
CA PHE HA 153 -60.56 -58.85 -40.00
C PHE HA 153 -59.58 -58.83 -41.20
N ILE HA 154 -58.31 -59.16 -40.95
CA ILE HA 154 -57.28 -59.22 -42.00
C ILE HA 154 -56.10 -60.04 -41.49
N GLU HA 155 -55.32 -60.63 -42.42
CA GLU HA 155 -54.09 -61.35 -42.08
C GLU HA 155 -52.88 -60.65 -42.69
N THR HA 156 -51.85 -60.45 -41.87
CA THR HA 156 -50.67 -59.71 -42.25
C THR HA 156 -49.39 -60.50 -42.05
N SER HA 157 -48.36 -60.05 -42.75
CA SER HA 157 -47.00 -60.40 -42.42
C SER HA 157 -46.21 -59.11 -42.34
N ALA HA 158 -45.81 -58.72 -41.13
CA ALA HA 158 -44.88 -57.60 -40.96
C ALA HA 158 -43.57 -57.90 -41.66
N LEU HA 159 -43.20 -59.17 -41.67
CA LEU HA 159 -41.94 -59.62 -42.26
C LEU HA 159 -41.85 -59.37 -43.79
N ASP HA 160 -42.80 -59.92 -44.56
CA ASP HA 160 -42.78 -59.75 -46.02
C ASP HA 160 -43.58 -58.51 -46.45
N SER HA 161 -44.26 -57.89 -45.48
CA SER HA 161 -45.03 -56.62 -45.65
C SER HA 161 -46.46 -56.77 -46.20
N THR HA 162 -46.89 -58.01 -46.47
CA THR HA 162 -48.26 -58.30 -46.93
C THR HA 162 -49.31 -57.65 -46.02
N ASN HA 163 -50.16 -56.82 -46.62
CA ASN HA 163 -51.36 -56.27 -45.98
C ASN HA 163 -51.15 -55.28 -44.85
N VAL HA 164 -49.91 -54.84 -44.66
CA VAL HA 164 -49.65 -53.98 -43.53
C VAL HA 164 -50.26 -52.61 -43.80
N GLU HA 165 -49.96 -52.03 -44.95
CA GLU HA 165 -50.57 -50.74 -45.31
C GLU HA 165 -52.09 -50.88 -45.37
N ALA HA 166 -52.55 -51.93 -46.05
CA ALA HA 166 -53.97 -52.21 -46.16
C ALA HA 166 -54.66 -52.23 -44.79
N ALA HA 167 -54.04 -52.91 -43.83
CA ALA HA 167 -54.65 -53.09 -42.51
C ALA HA 167 -54.92 -51.74 -41.84
N PHE HA 168 -53.87 -50.91 -41.76
CA PHE HA 168 -53.99 -49.55 -41.25
C PHE HA 168 -55.02 -48.74 -42.04
N GLN HA 169 -54.84 -48.73 -43.37
CA GLN HA 169 -55.70 -47.93 -44.26
C GLN HA 169 -57.18 -48.29 -44.12
N THR HA 170 -57.48 -49.56 -43.86
CA THR HA 170 -58.84 -50.03 -43.59
C THR HA 170 -59.39 -49.43 -42.31
N ILE HA 171 -58.69 -49.65 -41.20
CA ILE HA 171 -59.20 -49.19 -39.92
C ILE HA 171 -59.27 -47.67 -39.83
N LEU HA 172 -58.32 -46.96 -40.46
CA LEU HA 172 -58.37 -45.49 -40.42
C LEU HA 172 -59.55 -44.93 -41.23
N THR HA 173 -59.78 -45.54 -42.39
CA THR HA 173 -60.92 -45.23 -43.26
C THR HA 173 -62.27 -45.51 -42.52
N GLU HA 174 -62.36 -46.73 -42.00
CA GLU HA 174 -63.51 -47.17 -41.17
C GLU HA 174 -63.83 -46.14 -40.09
N ILE HA 175 -62.79 -45.74 -39.34
CA ILE HA 175 -62.92 -44.68 -38.34
C ILE HA 175 -63.39 -43.36 -38.97
N TYR HA 176 -62.71 -42.89 -40.02
CA TYR HA 176 -63.04 -41.56 -40.60
C TYR HA 176 -64.51 -41.36 -41.01
N ARG HA 177 -65.25 -42.45 -41.23
CA ARG HA 177 -66.71 -42.32 -41.42
C ARG HA 177 -67.61 -42.86 -40.30
N ILE HA 178 -67.05 -43.16 -39.12
CA ILE HA 178 -67.87 -43.33 -37.91
C ILE HA 178 -68.10 -41.95 -37.30
N VAL HA 179 -67.04 -41.15 -37.28
CA VAL HA 179 -67.03 -39.84 -36.61
C VAL HA 179 -68.16 -38.91 -37.08
N SER HA 180 -68.39 -38.88 -38.38
CA SER HA 180 -69.33 -37.94 -38.99
C SER HA 180 -70.76 -38.23 -38.47
N GLN HA 181 -71.46 -37.18 -38.03
CA GLN HA 181 -72.81 -37.31 -37.43
C GLN HA 181 -72.89 -38.46 -36.39
N SER IA 8 -15.56 -67.47 -2.81
CA SER IA 8 -16.49 -68.32 -2.01
C SER IA 8 -17.90 -68.17 -2.56
N ARG IA 9 -18.62 -69.28 -2.70
CA ARG IA 9 -19.85 -69.31 -3.47
C ARG IA 9 -21.00 -68.52 -2.84
N ASP IA 10 -21.02 -68.54 -1.50
CA ASP IA 10 -21.97 -67.76 -0.72
C ASP IA 10 -21.78 -66.27 -1.00
N GLU IA 11 -20.52 -65.83 -1.09
CA GLU IA 11 -20.17 -64.44 -1.39
C GLU IA 11 -20.52 -64.06 -2.82
N LEU IA 12 -20.28 -65.00 -3.74
CA LEU IA 12 -20.68 -64.84 -5.15
C LEU IA 12 -22.19 -64.70 -5.31
N MET IA 13 -22.94 -65.60 -4.64
CA MET IA 13 -24.42 -65.56 -4.66
C MET IA 13 -24.95 -64.21 -4.09
N GLU IA 14 -24.34 -63.79 -2.97
CA GLU IA 14 -24.68 -62.49 -2.33
C GLU IA 14 -24.37 -61.29 -3.23
N ALA IA 15 -23.27 -61.36 -3.98
CA ALA IA 15 -22.93 -60.32 -4.98
C ALA IA 15 -23.97 -60.26 -6.11
N ILE IA 16 -24.42 -61.42 -6.56
CA ILE IA 16 -25.39 -61.49 -7.66
C ILE IA 16 -26.78 -60.98 -7.22
N GLN IA 17 -27.21 -61.45 -6.03
CA GLN IA 17 -28.47 -60.94 -5.44
C GLN IA 17 -28.49 -59.40 -5.27
N LYS IA 18 -27.36 -58.86 -4.80
CA LYS IA 18 -27.19 -57.40 -4.64
C LYS IA 18 -27.25 -56.66 -6.00
N GLN IA 19 -26.63 -57.20 -7.04
CA GLN IA 19 -26.67 -56.61 -8.40
C GLN IA 19 -28.11 -56.62 -8.98
N GLU IA 20 -28.85 -57.72 -8.77
CA GLU IA 20 -30.24 -57.65 -9.31
C GLU IA 20 -31.22 -56.79 -8.54
N GLU IA 21 -31.02 -56.71 -7.21
CA GLU IA 21 -31.78 -55.78 -6.35
C GLU IA 21 -31.64 -54.35 -6.87
N ILE IA 22 -30.39 -53.98 -7.19
CA ILE IA 22 -30.07 -52.65 -7.72
C ILE IA 22 -30.78 -52.49 -9.07
N ASN IA 23 -30.63 -53.45 -9.96
CA ASN IA 23 -31.29 -53.36 -11.25
C ASN IA 23 -32.83 -53.20 -11.19
N PHE IA 24 -33.44 -54.00 -10.32
CA PHE IA 24 -34.90 -53.93 -10.13
C PHE IA 24 -35.37 -52.60 -9.54
N ARG IA 25 -34.58 -52.10 -8.59
CA ARG IA 25 -34.76 -50.74 -8.02
C ARG IA 25 -34.67 -49.66 -9.10
N LEU IA 26 -33.62 -49.79 -9.91
CA LEU IA 26 -33.35 -48.80 -10.94
C LEU IA 26 -34.46 -48.83 -11.98
N GLN IA 27 -34.92 -50.03 -12.38
CA GLN IA 27 -36.08 -50.10 -13.28
C GLN IA 27 -37.35 -49.41 -12.72
N ASP IA 28 -37.63 -49.67 -11.44
CA ASP IA 28 -38.74 -48.98 -10.79
C ASP IA 28 -38.57 -47.43 -10.70
N TYR IA 29 -37.36 -46.99 -10.31
CA TYR IA 29 -36.97 -45.52 -10.30
C TYR IA 29 -37.28 -44.92 -11.66
N ILE IA 30 -36.88 -45.62 -12.70
CA ILE IA 30 -37.13 -45.17 -14.07
C ILE IA 30 -38.61 -45.16 -14.44
N ASP IA 31 -39.33 -46.24 -14.15
CA ASP IA 31 -40.78 -46.30 -14.47
C ASP IA 31 -41.56 -45.18 -13.76
N ARG IA 32 -41.13 -44.89 -12.52
CA ARG IA 32 -41.72 -43.74 -11.79
C ARG IA 32 -41.45 -42.37 -12.44
N ILE IA 33 -40.26 -42.20 -13.03
CA ILE IA 33 -39.95 -41.00 -13.81
C ILE IA 33 -40.79 -40.97 -15.08
N ILE IA 34 -40.85 -42.12 -15.76
CA ILE IA 34 -41.56 -42.19 -17.05
C ILE IA 34 -43.06 -41.90 -16.89
N VAL IA 35 -43.68 -42.52 -15.88
CA VAL IA 35 -45.12 -42.26 -15.65
C VAL IA 35 -45.43 -40.75 -15.48
N ALA IA 36 -44.57 -40.03 -14.76
CA ALA IA 36 -44.71 -38.57 -14.60
C ALA IA 36 -44.69 -37.82 -15.97
N ILE IA 37 -43.80 -38.25 -16.87
CA ILE IA 37 -43.72 -37.63 -18.24
C ILE IA 37 -44.96 -37.97 -19.04
N MET IA 38 -45.33 -39.26 -18.96
CA MET IA 38 -46.52 -39.74 -19.65
C MET IA 38 -47.79 -38.94 -19.27
N GLU IA 39 -47.89 -38.54 -17.99
CA GLU IA 39 -49.07 -37.76 -17.49
C GLU IA 39 -48.96 -36.22 -17.59
N THR IA 40 -47.83 -35.72 -18.11
CA THR IA 40 -47.63 -34.29 -18.25
C THR IA 40 -47.33 -33.92 -19.70
N ASN IA 41 -46.23 -34.44 -20.25
CA ASN IA 41 -45.84 -34.08 -21.62
C ASN IA 41 -45.40 -35.31 -22.42
N PRO IA 42 -46.37 -36.14 -22.85
CA PRO IA 42 -46.00 -37.32 -23.62
C PRO IA 42 -45.35 -37.03 -25.03
N SER IA 43 -45.51 -35.81 -25.57
CA SER IA 43 -44.86 -35.40 -26.86
C SER IA 43 -43.33 -35.65 -26.90
N ILE IA 44 -42.72 -35.49 -25.72
CA ILE IA 44 -41.30 -35.80 -25.49
C ILE IA 44 -40.92 -37.22 -26.00
N LEU IA 45 -41.88 -38.15 -25.93
CA LEU IA 45 -41.60 -39.59 -26.15
C LEU IA 45 -41.78 -40.04 -27.62
N GLU IA 46 -41.89 -39.06 -28.52
CA GLU IA 46 -41.94 -39.28 -29.97
C GLU IA 46 -40.76 -40.06 -30.52
N VAL IA 47 -41.08 -41.05 -31.35
CA VAL IA 47 -40.08 -41.81 -32.13
C VAL IA 47 -39.80 -41.09 -33.47
N LYS IA 48 -38.65 -40.38 -33.51
CA LYS IA 48 -38.10 -39.74 -34.72
C LYS IA 48 -37.02 -40.66 -35.29
N VAL JA 7 -31.97 -76.73 -14.12
CA VAL JA 7 -31.60 -76.56 -15.56
C VAL JA 7 -30.06 -76.53 -15.76
N SER JA 8 -29.63 -76.80 -16.99
CA SER JA 8 -28.21 -76.84 -17.35
C SER JA 8 -27.55 -75.49 -17.20
N ARG JA 9 -26.24 -75.52 -17.10
CA ARG JA 9 -25.44 -74.33 -16.94
C ARG JA 9 -25.48 -73.43 -18.17
N ASP JA 10 -25.61 -74.07 -19.34
CA ASP JA 10 -25.81 -73.38 -20.62
C ASP JA 10 -27.12 -72.55 -20.61
N GLU JA 11 -28.19 -73.14 -20.08
CA GLU JA 11 -29.49 -72.44 -19.95
C GLU JA 11 -29.41 -71.31 -18.89
N LEU JA 12 -28.69 -71.55 -17.78
CA LEU JA 12 -28.45 -70.51 -16.74
C LEU JA 12 -27.67 -69.32 -17.29
N MET JA 13 -26.59 -69.62 -18.01
CA MET JA 13 -25.77 -68.58 -18.68
C MET JA 13 -26.61 -67.75 -19.67
N GLU JA 14 -27.41 -68.47 -20.46
CA GLU JA 14 -28.32 -67.85 -21.44
C GLU JA 14 -29.38 -66.96 -20.77
N ALA JA 15 -29.88 -67.36 -19.60
CA ALA JA 15 -30.81 -66.53 -18.79
C ALA JA 15 -30.16 -65.24 -18.29
N ILE JA 16 -28.92 -65.37 -17.85
CA ILE JA 16 -28.19 -64.21 -17.36
C ILE JA 16 -27.82 -63.19 -18.49
N GLN JA 17 -27.31 -63.75 -19.62
CA GLN JA 17 -27.03 -62.92 -20.83
C GLN JA 17 -28.27 -62.13 -21.31
N LYS JA 18 -29.42 -62.80 -21.29
CA LYS JA 18 -30.70 -62.18 -21.67
C LYS JA 18 -31.10 -61.04 -20.72
N GLN JA 19 -30.89 -61.26 -19.42
CA GLN JA 19 -31.13 -60.21 -18.40
C GLN JA 19 -30.18 -59.01 -18.56
N GLU JA 20 -28.90 -59.30 -18.86
CA GLU JA 20 -27.98 -58.19 -19.13
C GLU JA 20 -28.27 -57.33 -20.40
N GLU JA 21 -28.66 -58.04 -21.48
CA GLU JA 21 -29.06 -57.42 -22.78
C GLU JA 21 -30.20 -56.43 -22.57
N ILE JA 22 -31.18 -56.85 -21.76
CA ILE JA 22 -32.32 -56.00 -21.39
C ILE JA 22 -31.79 -54.80 -20.58
N ASN JA 23 -30.98 -55.02 -19.54
CA ASN JA 23 -30.42 -53.90 -18.72
C ASN JA 23 -29.68 -52.83 -19.54
N PHE JA 24 -28.82 -53.32 -20.43
CA PHE JA 24 -28.06 -52.42 -21.30
C PHE JA 24 -28.93 -51.63 -22.28
N ARG JA 25 -29.94 -52.31 -22.82
CA ARG JA 25 -30.97 -51.67 -23.66
C ARG JA 25 -31.72 -50.60 -22.89
N LEU JA 26 -32.12 -50.96 -21.68
CA LEU JA 26 -32.91 -50.05 -20.86
C LEU JA 26 -32.06 -48.84 -20.49
N GLN JA 27 -30.80 -49.05 -20.11
CA GLN JA 27 -29.92 -47.90 -19.84
C GLN JA 27 -29.78 -46.95 -21.06
N ASP JA 28 -29.60 -47.53 -22.25
CA ASP JA 28 -29.57 -46.73 -23.48
C ASP JA 28 -30.90 -45.97 -23.75
N TYR JA 29 -32.04 -46.68 -23.60
CA TYR JA 29 -33.42 -46.09 -23.70
C TYR JA 29 -33.51 -44.88 -22.80
N ILE JA 30 -33.03 -45.04 -21.59
CA ILE JA 30 -33.02 -43.94 -20.63
C ILE JA 30 -32.08 -42.79 -21.00
N ASP JA 31 -30.85 -43.11 -21.37
CA ASP JA 31 -29.89 -42.05 -21.76
C ASP JA 31 -30.40 -41.24 -22.96
N ARG JA 32 -31.08 -41.95 -23.89
CA ARG JA 32 -31.70 -41.28 -25.04
C ARG JA 32 -32.85 -40.32 -24.63
N ILE JA 33 -33.60 -40.68 -23.58
CA ILE JA 33 -34.62 -39.78 -23.00
C ILE JA 33 -33.95 -38.61 -22.30
N ILE JA 34 -32.92 -38.92 -21.52
CA ILE JA 34 -32.23 -37.89 -20.75
C ILE JA 34 -31.56 -36.83 -21.65
N VAL JA 35 -30.86 -37.29 -22.70
CA VAL JA 35 -30.22 -36.33 -23.64
C VAL JA 35 -31.23 -35.32 -24.25
N ALA JA 36 -32.43 -35.79 -24.59
CA ALA JA 36 -33.50 -34.91 -25.10
C ALA JA 36 -33.91 -33.82 -24.10
N ILE JA 37 -34.00 -34.20 -22.83
CA ILE JA 37 -34.39 -33.28 -21.75
C ILE JA 37 -33.27 -32.26 -21.56
N MET JA 38 -32.03 -32.79 -21.56
CA MET JA 38 -30.80 -31.93 -21.48
C MET JA 38 -30.85 -30.87 -22.60
OAM 093 KA . 40.63 -11.15 -43.69
SAN 093 KA . 41.75 -11.95 -43.46
OAO 093 KA . 41.05 -13.16 -43.65
NAU 093 KA . 42.44 -11.75 -41.96
CAV 093 KA . 41.91 -10.73 -41.14
CAW 093 KA . 42.84 -10.44 -40.11
OAX 093 KA . 43.83 -11.36 -40.44
CAF 093 KA . 43.07 -11.69 -44.63
CAB 093 KA . 43.52 -10.40 -45.01
CL 093 KA . 42.77 -8.93 -44.38
CAC 093 KA . 44.56 -10.24 -45.87
CAD 093 KA . 45.20 -11.37 -46.39
CAG 093 KA . 43.73 -12.82 -45.14
CAH 093 KA . 44.79 -12.63 -46.00
CAI 093 KA . 45.47 -13.82 -46.57
CAJ 093 KA . 46.19 -13.87 -47.75
CAE 093 KA . 46.45 -12.72 -48.67
NAK 093 KA . 46.67 -15.25 -47.96
SAP 093 KA . 45.45 -15.21 -45.89
CAQ 093 KA . 46.27 -16.07 -46.95
NAR 093 KA . 46.54 -17.48 -46.84
CAS 093 KA . 46.75 -18.07 -45.54
OAL 093 KA . 46.69 -17.35 -44.57
CAT 093 KA . 47.05 -19.57 -45.40
PG GSP LA . 34.82 30.73 -77.21
O3B GSP LA . 35.14 29.22 -77.65
S1G GSP LA . 35.07 30.76 -75.26
O2G GSP LA . 33.40 31.26 -77.86
O3G GSP LA . 35.98 31.64 -77.85
PB GSP LA . 35.61 29.02 -79.18
O1B GSP LA . 34.35 28.63 -79.94
O2B GSP LA . 36.45 30.23 -79.59
PA GSP LA . 37.86 27.65 -78.35
O1A GSP LA . 39.02 28.02 -79.24
O2A GSP LA . 37.61 28.44 -77.08
O3A GSP LA . 36.52 27.71 -79.19
O5' GSP LA . 37.87 26.05 -78.10
C5' GSP LA . 37.51 25.49 -76.85
C4' GSP LA . 38.26 24.17 -76.67
O4' GSP LA . 38.04 23.29 -77.77
C3' GSP LA . 39.77 24.38 -76.60
O3' GSP LA . 40.33 23.60 -75.54
C2' GSP LA . 40.31 23.86 -77.90
O2' GSP LA . 41.62 23.33 -77.67
C1' GSP LA . 39.30 22.79 -78.24
N9 GSP LA . 39.19 22.55 -79.70
C8 GSP LA . 38.90 23.47 -80.63
N7 GSP LA . 38.88 22.90 -81.87
C5 GSP LA . 39.15 21.59 -81.74
C6 GSP LA . 39.28 20.41 -82.63
O6 GSP LA . 39.13 20.48 -83.85
N1 GSP LA . 39.57 19.24 -82.09
C2 GSP LA . 39.73 19.11 -80.77
N2 GSP LA . 40.01 17.90 -80.27
N3 GSP LA . 39.63 20.14 -79.88
C4 GSP LA . 39.35 21.37 -80.29
MG MG MA . 37.30 32.20 -78.88
OAM 093 NA . 21.54 47.93 -9.09
SAN 093 NA . 20.34 48.34 -8.53
OAO 093 NA . 20.93 48.89 -7.37
NAU 093 NA . 19.25 47.09 -8.25
CAV 093 NA . 19.63 45.81 -8.72
CAW 093 NA . 18.48 44.99 -8.78
OAX 093 NA . 17.54 45.90 -8.30
CAF 093 NA . 19.44 49.52 -9.52
CAB 093 NA . 19.27 49.36 -10.92
CL 093 NA . 19.95 48.00 -11.81
CAC 093 NA . 18.56 50.28 -11.64
CAD 093 NA . 17.98 51.36 -10.99
CAG 093 NA . 18.85 50.61 -8.87
CAH 093 NA . 18.11 51.50 -9.62
CAI 093 NA . 17.52 52.68 -8.94
CAJ 093 NA . 17.17 53.89 -9.53
CAE 093 NA . 17.33 54.22 -10.98
NAK 093 NA . 16.64 54.78 -8.50
SAP 093 NA . 17.19 52.71 -7.43
CAQ 093 NA . 16.64 54.18 -7.27
NAR 093 NA . 16.19 54.79 -6.04
CAS 093 NA . 15.56 53.98 -5.03
OAL 093 NA . 15.40 52.80 -5.27
CAT 093 NA . 15.08 54.57 -3.72
PG GSP OA . 41.54 57.32 -58.54
O3B GSP OA . 41.14 58.44 -57.44
S1G GSP OA . 40.89 55.58 -57.92
O2G GSP OA . 43.14 57.34 -58.90
O3G GSP OA . 40.78 57.72 -59.90
PB GSP OA . 41.14 59.95 -57.96
O1B GSP OA . 42.51 60.50 -57.58
O2B GSP OA . 40.60 59.95 -59.39
PA GSP OA . 38.53 60.41 -57.07
O1A GSP OA . 37.66 61.22 -57.97
O2A GSP OA . 38.45 58.92 -57.26
O3A GSP OA . 40.09 60.75 -57.05
O5' GSP OA . 38.25 60.84 -55.54
C5' GSP OA . 38.17 59.89 -54.49
C4' GSP OA . 37.25 60.41 -53.40
O4' GSP OA . 37.65 61.68 -52.91
C3' GSP OA . 35.83 60.60 -53.91
O3' GSP OA . 34.90 60.16 -52.91
C2' GSP OA . 35.61 62.07 -54.05
O2' GSP OA . 34.25 62.37 -53.78
C1' GSP OA . 36.54 62.58 -52.96
N9 GSP OA . 37.04 63.93 -53.25
C8 GSP OA . 37.71 64.30 -54.35
N7 GSP OA . 38.05 65.60 -54.27
C5 GSP OA . 37.60 66.11 -53.10
C6 GSP OA . 37.62 67.42 -52.39
O6 GSP OA . 38.17 68.43 -52.88
N1 GSP OA . 37.03 67.49 -51.19
C2 GSP OA . 36.43 66.40 -50.62
N2 GSP OA . 35.85 66.52 -49.40
N3 GSP OA . 36.37 65.17 -51.21
C4 GSP OA . 36.93 64.97 -52.43
MG MG PA . 39.90 58.71 -61.20
OAM 093 QA . -40.97 62.77 44.24
SAN 093 QA . -41.17 64.14 44.39
OAO 093 QA . -42.45 64.14 43.79
NAU 093 QA . -40.03 65.10 43.61
CAV 093 QA . -38.94 64.40 43.02
CAW 093 QA . -37.90 65.35 42.78
OAX 093 QA . -38.52 66.50 43.25
CAF 093 QA . -41.17 64.71 46.08
CAB 093 QA . -40.20 64.30 47.02
CL 093 QA . -38.92 63.16 46.60
CAC 093 QA . -40.22 64.77 48.30
CAD 093 QA . -41.19 65.69 48.67
CAG 093 QA . -42.15 65.64 46.46
CAH 093 QA . -42.13 66.12 47.75
CAI 093 QA . -43.19 67.08 48.18
CAJ 093 QA . -43.63 67.30 49.48
CAE 093 QA . -43.10 66.63 50.69
NAK 093 QA . -44.70 68.31 49.44
SAP 093 QA . -43.96 67.97 47.18
CAQ 093 QA . -44.96 68.72 48.17
NAR 093 QA . -45.96 69.68 47.77
CAS 093 QA . -45.70 70.56 46.66
OAL 093 QA . -44.64 70.47 46.09
CAT 093 QA . -46.74 71.60 46.22
PG GSP RA . -26.60 26.26 81.44
O3B GSP RA . -27.93 27.16 81.43
S1G GSP RA . -25.46 26.97 80.03
O2G GSP RA . -26.94 24.66 81.36
O3G GSP RA . -25.86 26.54 82.83
PB GSP RA . -28.73 27.17 82.82
O1B GSP RA . -29.84 26.13 82.64
O2B GSP RA . -27.74 27.10 83.96
PA GSP RA . -28.66 29.96 82.90
O1A GSP RA . -28.54 30.44 84.32
O2A GSP RA . -27.41 29.79 82.08
O3A GSP RA . -29.49 28.58 82.88
O5' GSP RA . -29.82 30.85 82.22
C5' GSP RA . -29.76 31.23 80.86
C4' GSP RA . -30.51 32.54 80.69
O4' GSP RA . -31.87 32.42 81.14
C3' GSP RA . -29.90 33.67 81.50
O3' GSP RA . -29.79 34.84 80.69
C2' GSP RA . -30.86 33.96 82.60
O2' GSP RA . -30.79 35.35 82.90
C1' GSP RA . -32.17 33.55 81.97
N9 GSP RA . -33.17 33.14 82.96
C8 GSP RA . -33.01 32.15 83.84
N7 GSP RA . -34.13 32.03 84.61
C5 GSP RA . -35.03 32.95 84.21
C6 GSP RA . -36.40 33.36 84.60
O6 GSP RA . -37.03 32.79 85.52
N1 GSP RA . -36.98 34.35 83.92
C2 GSP RA . -36.34 34.97 82.93
N2 GSP RA . -36.99 35.97 82.30
N3 GSP RA . -35.08 34.66 82.52
C4 GSP RA . -34.39 33.67 83.11
MG MG SA . -25.54 27.13 84.43
OAM 093 TA . 18.80 29.00 25.85
SAN 093 TA . 19.06 28.00 24.92
OAO 093 TA . 20.27 28.57 24.47
NAU 093 TA . 17.88 27.83 23.73
CAV 093 TA . 16.72 28.63 23.89
CAW 093 TA . 15.69 28.10 23.07
OAX 093 TA . 16.39 27.04 22.50
CAF 093 TA . 19.24 26.37 25.62
CAB 093 TA . 18.34 25.86 26.58
CL 093 TA . 16.98 26.81 27.20
CAC 093 TA . 18.48 24.59 27.08
CAD 093 TA . 19.52 23.79 26.60
CAG 093 TA . 20.27 25.56 25.14
CAH 093 TA . 20.38 24.29 25.63
CAI 093 TA . 21.51 23.42 25.17
CAJ 093 TA . 22.07 22.36 25.85
CAE 093 TA . 21.63 21.84 27.18
NAK 093 TA . 23.17 21.81 25.04
SAP 093 TA . 22.21 23.64 23.80
CAQ 093 TA . 23.32 22.50 23.88
NAR 093 TA . 24.32 22.24 22.85
CAS 093 TA . 23.99 22.46 21.47
OAL 093 TA . 22.88 22.85 21.20
CAT 093 TA . 25.01 22.20 20.36
PG GSP UA . 6.66 24.36 78.33
O3B GSP UA . 8.00 23.86 77.61
S1G GSP UA . 5.39 24.82 76.89
O2G GSP UA . 6.96 25.54 79.44
O3G GSP UA . 6.06 23.14 79.18
PB GSP UA . 8.93 22.93 78.52
O1B GSP UA . 9.98 23.88 79.08
O2B GSP UA . 8.04 22.05 79.37
PA GSP UA . 8.94 20.90 76.58
O1A GSP UA . 8.82 19.52 77.12
O2A GSP UA . 7.61 21.52 76.22
O3A GSP UA . 9.70 21.98 77.49
O5' GSP UA . 10.03 20.86 75.36
C5' GSP UA . 9.87 21.65 74.18
C4' GSP UA . 10.59 21.04 72.95
O4' GSP UA . 12.00 20.90 73.11
C3' GSP UA . 10.07 19.64 72.62
O3' GSP UA . 9.99 19.43 71.20
C2' GSP UA . 11.11 18.69 73.10
O2' GSP UA . 11.09 17.51 72.31
C1' GSP UA . 12.35 19.54 72.89
N9 GSP UA . 13.39 19.18 73.84
C8 GSP UA . 13.30 19.17 75.18
N7 GSP UA . 14.48 18.80 75.73
C5 GSP UA . 15.35 18.55 74.74
C6 GSP UA . 16.78 18.14 74.64
O6 GSP UA . 17.50 17.91 75.63
N1 GSP UA . 17.29 18.01 73.41
C2 GSP UA . 16.54 18.27 72.28
N2 GSP UA . 17.12 18.13 71.06
N3 GSP UA . 15.24 18.66 72.32
C4 GSP UA . 14.62 18.82 73.50
MG MG VA . 5.94 21.56 79.96
OAM 093 WA . 0.80 53.18 101.00
SAN 093 WA . 0.08 53.99 101.88
OAO 093 WA . 1.21 54.31 102.67
NAU 093 WA . -1.16 53.21 102.68
CAV 093 WA . -1.42 51.87 102.29
CAW 093 WA . -2.71 51.52 102.77
OAX 093 WA . -3.06 52.70 103.40
CAF 093 WA . -0.68 55.41 101.10
CAB 093 WA . -1.41 55.31 99.88
CL 093 WA . -1.59 53.78 99.02
CAC 093 WA . -2.00 56.40 99.33
CAD 093 WA . -1.91 57.63 100.00
CAG 093 WA . -0.60 56.63 101.76
CAH 093 WA . -1.23 57.72 101.20
CAI 093 WA . -1.11 59.05 101.86
CAJ 093 WA . -1.24 60.29 101.27
CAE 093 WA . -1.54 60.53 99.82
NAK 093 WA . -1.04 61.33 102.28
SAP 093 WA . -0.82 59.20 103.38
CAQ 093 WA . -0.77 60.78 103.51
NAR 093 WA . -0.50 61.52 104.73
CAS 093 WA . -0.94 60.99 105.99
OAL 093 WA . -1.54 59.93 105.99
CAT 093 WA . -0.67 61.73 107.29
PG GSP XA . 2.24 54.41 46.66
O3B GSP XA . 2.67 55.54 47.70
S1G GSP XA . 1.24 53.10 47.69
O2G GSP XA . 3.51 53.83 45.79
O3G GSP XA . 1.16 55.09 45.67
PB GSP XA . 3.00 56.96 47.04
O1B GSP XA . 4.50 56.95 46.81
O2B GSP XA . 1.97 57.19 45.94
PA GSP XA . 1.28 58.29 48.74
O1A GSP XA . 0.56 59.43 48.07
O2A GSP XA . 0.60 56.95 48.82
O3A GSP XA . 2.74 58.09 48.13
O5' GSP XA . 1.71 58.91 50.17
C5' GSP XA . 1.74 58.08 51.33
C4' GSP XA . 1.53 58.88 52.62
O4' GSP XA . 2.53 59.89 52.84
C3' GSP XA . 0.18 59.58 52.66
O3' GSP XA . -0.42 59.49 53.96
C2' GSP XA . 0.47 61.03 52.45
O2' GSP XA . -0.51 61.82 53.12
C1' GSP XA . 1.84 61.12 53.07
N9 GSP XA . 2.62 62.16 52.43
C8 GSP XA . 2.88 62.24 51.11
N7 GSP XA . 3.64 63.33 50.88
C5 GSP XA . 3.86 63.93 52.07
C6 GSP XA . 4.59 65.13 52.54
O6 GSP XA . 5.21 65.86 51.74
N1 GSP XA . 4.57 65.39 53.85
C2 GSP XA . 3.92 64.60 54.72
N2 GSP XA . 3.96 64.95 56.03
N3 GSP XA . 3.22 63.50 54.37
C4 GSP XA . 3.18 63.13 53.09
MG MG YA . 0.03 56.32 44.87
OAM 093 ZA . 74.54 45.44 -70.25
SAN 093 ZA . 75.45 44.73 -71.06
OAO 093 ZA . 76.44 45.73 -71.00
NAU 093 ZA . 74.87 44.38 -72.59
CAV 093 ZA . 73.52 44.72 -72.85
CAW 093 ZA . 73.09 44.02 -74.00
OAX 093 ZA . 74.27 43.35 -74.30
CAF 093 ZA . 75.95 43.17 -70.38
CAB 093 ZA . 75.03 42.25 -69.83
CL 093 ZA . 73.31 42.58 -69.72
CAC 093 ZA . 75.45 41.04 -69.35
CAD 093 ZA . 76.81 40.70 -69.42
CAG 093 ZA . 77.31 42.83 -70.46
CAH 093 ZA . 77.70 41.60 -70.00
CAI 093 ZA . 79.15 41.24 -70.04
CAJ 093 ZA . 79.80 40.32 -69.23
CAE 093 ZA . 79.16 39.50 -68.17
NAK 093 ZA . 81.22 40.30 -69.60
SAP 093 ZA . 80.14 41.88 -71.05
CAQ 093 ZA . 81.50 41.18 -70.61
NAR 093 ZA . 82.80 41.42 -71.21
CAS 093 ZA . 82.88 41.73 -72.61
OAL 093 ZA . 81.86 41.77 -73.25
CAT 093 ZA . 84.24 41.99 -73.27
PG GSP AB . 47.66 28.44 -25.88
O3B GSP AB . 49.24 28.57 -26.12
S1G GSP AB . 46.78 28.61 -27.62
O2G GSP AB . 47.16 29.47 -24.72
O3G GSP AB . 47.38 26.92 -25.40
PB GSP AB . 50.18 27.88 -25.01
O1B GSP AB . 50.47 29.01 -24.07
O2B GSP AB . 49.50 26.58 -24.60
PA GSP AB . 51.66 26.41 -26.86
O1A GSP AB . 52.03 25.03 -26.35
O2A GSP AB . 50.40 26.57 -27.69
O3A GSP AB . 51.58 27.50 -25.67
O5' GSP AB . 53.01 26.92 -27.62
C5' GSP AB . 52.92 27.73 -28.78
C4' GSP AB . 54.16 27.57 -29.66
O4' GSP AB . 55.38 27.94 -29.01
C3' GSP AB . 54.33 26.13 -30.12
O3' GSP AB . 54.74 26.10 -31.48
C2' GSP AB . 55.47 25.58 -29.34
O2' GSP AB . 56.15 24.59 -30.11
C1' GSP AB . 56.29 26.84 -29.12
N9 GSP AB . 56.99 26.75 -27.87
C8 GSP AB . 56.47 26.44 -26.66
N7 GSP AB . 57.45 26.45 -25.73
C5 GSP AB . 58.61 26.75 -26.35
C6 GSP AB . 60.03 26.92 -25.96
O6 GSP AB . 60.40 26.80 -24.78
N1 GSP AB . 60.90 27.23 -26.90
C2 GSP AB . 60.53 27.39 -28.18
N2 GSP AB . 61.48 27.71 -29.07
N3 GSP AB . 59.25 27.26 -28.64
C4 GSP AB . 58.29 26.94 -27.76
MG MG BB . 47.66 25.09 -24.97
OAM 093 CB . -21.43 -8.34 72.07
SAN 093 CB . -20.71 -9.54 72.00
OAO 093 CB . -21.82 -10.36 72.25
NAU 093 CB . -19.48 -9.66 73.14
CAV 093 CB . -19.24 -8.51 73.95
CAW 093 CB . -17.96 -8.65 74.55
OAX 093 CB . -17.59 -9.89 74.03
CAF 093 CB . -19.91 -9.82 70.43
CAB 093 CB . -19.18 -8.80 69.76
CL 093 CB . -19.02 -7.17 70.41
CAC 093 CB . -18.55 -9.06 68.58
CAD 093 CB . -18.63 -10.34 68.04
CAG 093 CB . -19.97 -11.11 69.90
CAH 093 CB . -19.31 -11.34 68.71
CAI 093 CB . -19.41 -12.70 68.10
CAJ 093 CB . -19.25 -13.01 66.76
CAE 093 CB . -18.94 -12.05 65.66
NAK 093 CB . -19.44 -14.46 66.59
SAP 093 CB . -19.70 -13.97 68.93
CAQ 093 CB . -19.72 -15.07 67.78
NAR 093 CB . -19.98 -16.48 67.97
CAS 093 CB . -19.56 -17.12 69.19
OAL 093 CB . -18.98 -16.46 70.02
CAT 093 CB . -19.82 -18.61 69.42
PG GSP DB . -23.01 33.04 36.99
O3B GSP DB . -23.41 31.49 36.76
S1G GSP DB . -22.11 33.17 38.71
O2G GSP DB . -24.27 34.07 36.80
O3G GSP DB . -21.90 33.36 35.88
PB GSP DB . -23.68 31.10 35.23
O1B GSP DB . -25.19 31.30 35.00
O2B GSP DB . -22.65 31.82 34.36
PA GSP DB . -21.79 29.00 35.40
O1A GSP DB . -21.00 28.83 34.14
O2A GSP DB . -21.18 29.82 36.51
O3A GSP DB . -23.28 29.55 35.09
O5' GSP DB . -22.29 27.54 35.85
C5' GSP DB . -22.41 27.19 37.23
C4' GSP DB . -22.22 25.68 37.37
O4' GSP DB . -23.21 24.91 36.66
C3' GSP DB . -20.88 25.25 36.82
O3' GSP DB . -20.31 24.32 37.74
C2' GSP DB . -21.17 24.51 35.55
O2' GSP DB . -20.17 23.50 35.34
C1' GSP DB . -22.55 23.95 35.85
N9 GSP DB . -23.32 23.69 34.62
C8 GSP DB . -23.58 24.63 33.70
N7 GSP DB . -24.30 24.10 32.68
C5 GSP DB . -24.51 22.80 32.96
C6 GSP DB . -25.22 21.67 32.31
O6 GSP DB . -25.80 21.84 31.21
N1 GSP DB . -25.21 20.48 32.94
C2 GSP DB . -24.60 20.29 34.13
N2 GSP DB . -24.65 19.05 34.66
N3 GSP DB . -23.93 21.28 34.79
C4 GSP DB . -23.87 22.53 34.26
MG MG EB . -20.79 33.11 34.43
OAM 093 FB . 3.59 49.08 -78.56
SAN 093 FB . 2.82 50.24 -78.52
OAO 093 FB . 1.95 49.83 -79.55
NAU 093 FB . 3.67 51.65 -78.82
CAV 093 FB . 5.07 51.52 -78.97
CAW 093 FB . 5.66 52.81 -78.82
OAX 093 FB . 4.50 53.57 -78.62
CAF 093 FB . 2.01 50.52 -76.94
CAB 093 FB . 2.70 50.38 -75.71
CL 093 FB . 4.38 49.89 -75.61
CAC 093 FB . 2.06 50.63 -74.53
CAD 093 FB . 0.73 51.04 -74.54
CAG 093 FB . 0.68 50.93 -76.95
CAH 093 FB . 0.07 51.20 -75.76
CAI 093 FB . -1.36 51.61 -75.75
CAJ 093 FB . -2.26 51.46 -74.71
CAE 093 FB . -1.96 50.88 -73.38
NAK 093 FB . -3.57 51.99 -75.14
SAP 093 FB . -2.04 52.28 -76.97
CAQ 093 FB . -3.52 52.44 -76.43
NAR 093 FB . -4.64 53.00 -77.17
CAS 093 FB . -4.40 54.05 -78.12
OAL 093 FB . -3.26 54.45 -78.26
CAT 093 FB . -5.54 54.66 -78.92
PG GSP GB . 17.92 16.03 -38.00
O3B GSP GB . 16.48 16.42 -38.57
S1G GSP GB . 19.14 17.32 -38.74
O2G GSP GB . 18.33 14.47 -38.23
O3G GSP GB . 17.94 16.37 -36.45
PB GSP GB . 15.29 15.90 -37.64
O1B GSP GB . 14.88 14.54 -38.21
O2B GSP GB . 15.69 16.09 -36.19
PA GSP GB . 14.11 18.45 -37.54
O1A GSP GB . 13.53 18.73 -36.18
O2A GSP GB . 15.52 18.88 -37.84
O3A GSP GB . 14.04 16.89 -37.88
O5' GSP GB . 13.01 18.97 -38.62
C5' GSP GB . 13.40 19.53 -39.87
C4' GSP GB . 12.32 20.50 -40.39
O4' GSP GB . 11.04 19.88 -40.65
C3' GSP GB . 12.06 21.60 -39.38
O3' GSP GB . 11.92 22.83 -40.09
C2' GSP GB . 10.73 21.31 -38.76
O2' GSP GB . 10.07 22.53 -38.39
C1' GSP GB . 10.03 20.59 -39.91
N9 GSP GB . 9.02 19.65 -39.41
C8 GSP GB . 9.25 18.66 -38.51
N7 GSP GB . 8.11 17.98 -38.25
C5 GSP GB . 7.12 18.52 -38.99
C6 GSP GB . 5.67 18.26 -39.19
O6 GSP GB . 5.07 17.35 -38.59
N1 GSP GB . 5.03 19.05 -40.05
C2 GSP GB . 5.65 20.04 -40.71
N2 GSP GB . 4.91 20.79 -41.55
N3 GSP GB . 6.96 20.34 -40.58
C4 GSP GB . 7.73 19.63 -39.75
MG MG HB . 17.34 16.87 -34.86
OAM 093 IB . -65.98 -52.01 -0.17
SAN 093 IB . -66.49 -51.37 0.96
OAO 093 IB . -67.84 -51.51 0.55
NAU 093 IB . -65.97 -49.80 1.15
CAV 093 IB . -64.98 -49.33 0.24
CAW 093 IB . -64.37 -48.17 0.78
OAX 093 IB . -65.10 -48.07 1.96
CAF 093 IB . -66.11 -52.19 2.49
CAB 093 IB . -64.81 -52.66 2.79
CL 093 IB . -63.46 -52.52 1.66
CAC 093 IB . -64.54 -53.26 3.99
CAD 093 IB . -65.56 -53.37 4.94
CAG 093 IB . -67.13 -52.30 3.44
CAH 093 IB . -66.83 -52.88 4.65
CAI 093 IB . -67.92 -53.05 5.66
CAJ 093 IB . -67.96 -53.98 6.68
CAE 093 IB . -66.90 -54.99 6.98
NAK 093 IB . -69.21 -53.81 7.42
SAP 093 IB . -69.18 -52.16 5.69
CAQ 093 IB . -69.97 -52.81 6.89
NAR 093 IB . -71.27 -52.38 7.37
CAS 093 IB . -71.63 -50.99 7.30
OAL 093 IB . -70.83 -50.21 6.84
CAT 093 IB . -73.00 -50.51 7.79
PG GSP JB . -30.48 -93.13 -3.31
O3B GSP JB . -31.96 -93.05 -2.68
S1G GSP JB . -29.89 -91.36 -3.86
O2G GSP JB . -30.43 -94.17 -4.56
O3G GSP JB . -29.53 -93.63 -2.11
PB GSP JB . -32.39 -94.30 -1.76
O1B GSP JB . -33.14 -95.23 -2.71
O2B GSP JB . -31.16 -94.74 -0.97
PA GSP JB . -33.14 -92.60 0.34
O1A GSP JB . -32.64 -93.22 1.67
O2A GSP JB . -32.27 -91.65 -0.44
O3A GSP JB . -33.48 -93.77 -0.70
O5' GSP JB . -34.65 -91.96 0.52
C5' GSP JB . -35.07 -90.72 -0.05
C4' GSP JB . -36.14 -90.06 0.84
O4' GSP JB . -37.31 -90.88 1.03
C3' GSP JB . -35.64 -89.79 2.25
O3' GSP JB . -36.06 -88.50 2.67
C2' GSP JB . -36.26 -90.79 3.18
O2' GSP JB . -36.43 -90.22 4.50
C1' GSP JB . -37.56 -91.04 2.45
N9 GSP JB . -38.07 -92.39 2.75
C8 GSP JB . -37.41 -93.55 2.59
N7 GSP JB . -38.19 -94.61 2.95
C5 GSP JB . -39.39 -94.12 3.34
C6 GSP JB . -40.68 -94.67 3.82
O6 GSP JB . -40.85 -95.89 3.96
N1 GSP JB . -41.68 -93.82 4.10
C2 GSP JB . -41.53 -92.49 3.96
N2 GSP JB . -42.59 -91.71 4.27
N3 GSP JB . -40.38 -91.91 3.52
C4 GSP JB . -39.30 -92.66 3.20
MG MG KB . -28.92 -94.23 -0.44
OAM 093 LB . -8.38 -34.45 -37.93
SAN 093 LB . -8.16 -34.30 -39.31
OAO 093 LB . -7.36 -33.15 -39.17
NAU 093 LB . -9.57 -34.09 -40.20
CAV 093 LB . -10.79 -34.21 -39.50
CAW 093 LB . -11.84 -34.41 -40.43
OAX 093 LB . -11.09 -34.36 -41.61
CAF 093 LB . -7.33 -35.68 -40.08
CAB 093 LB . -7.70 -37.03 -39.82
CL 093 LB . -8.99 -37.45 -38.70
CAC 093 LB . -7.06 -38.05 -40.44
CAD 093 LB . -6.05 -37.78 -41.36
CAG 093 LB . -6.32 -35.41 -41.00
CAH 093 LB . -5.71 -36.46 -41.62
CAI 093 LB . -4.60 -36.18 -42.58
CAJ 093 LB . -3.58 -37.04 -42.94
CAE 093 LB . -3.41 -38.44 -42.45
NAK 093 LB . -2.70 -36.35 -43.90
SAP 093 LB . -4.46 -34.83 -43.33
CAQ 093 LB . -3.12 -35.08 -44.14
NAR 093 LB . -2.47 -34.12 -45.02
CAS 093 LB . -3.27 -33.18 -45.76
OAL 093 LB . -4.48 -33.24 -45.64
CAT 093 LB . -2.63 -32.17 -46.69
PG GSP MB . -1.17 -78.86 -6.45
O3B GSP MB . -0.11 -78.08 -7.37
S1G GSP MB . -2.93 -78.18 -6.93
O2G GSP MB . -0.78 -78.72 -4.85
O3G GSP MB . -1.08 -80.41 -6.93
PB GSP MB . 1.31 -78.79 -7.53
O1B GSP MB . 2.21 -78.19 -6.45
O2B GSP MB . 1.07 -80.31 -7.64
PA GSP MB . 1.14 -78.65 -10.33
O1A GSP MB . 1.69 -79.89 -11.01
O2A GSP MB . -0.33 -78.57 -10.04
O3A GSP MB . 1.90 -78.33 -8.93
O5' GSP MB . 1.67 -77.37 -11.18
C5' GSP MB . 0.86 -76.21 -11.40
C4' GSP MB . 1.25 -75.56 -12.73
O4' GSP MB . 2.61 -75.14 -12.76
C3' GSP MB . 1.06 -76.51 -13.91
O3' GSP MB . 0.47 -75.82 -15.00
C2' GSP MB . 2.43 -76.92 -14.35
O2' GSP MB . 2.44 -77.16 -15.74
C1' GSP MB . 3.21 -75.69 -13.95
N9 GSP MB . 4.59 -76.04 -13.63
C8 GSP MB . 4.98 -76.99 -12.75
N7 GSP MB . 6.34 -77.02 -12.69
C5 GSP MB . 6.82 -76.08 -13.54
C6 GSP MB . 8.16 -75.60 -13.97
O6 GSP MB . 9.21 -76.08 -13.50
N1 GSP MB . 8.20 -74.63 -14.87
C2 GSP MB . 7.07 -74.09 -15.39
N2 GSP MB . 7.20 -73.10 -16.29
N3 GSP MB . 5.81 -74.48 -15.05
C4 GSP MB . 5.64 -75.45 -14.15
MG MG NB . -0.62 -82.03 -7.87
OAM 093 OB . -7.32 -78.82 29.79
SAN 093 OB . -7.91 -79.23 30.98
OAO 093 OB . -6.73 -79.11 31.74
NAU 093 OB . -8.56 -80.77 30.93
CAV 093 OB . -8.56 -81.42 29.67
CAW 093 OB . -9.47 -82.50 29.71
OAX 093 OB . -9.91 -82.36 31.03
CAF 093 OB . -9.24 -78.18 31.54
CAB 093 OB . -10.26 -77.71 30.67
CL 093 OB . -10.28 -78.11 28.95
CAC 093 OB . -11.27 -76.94 31.14
CAD 093 OB . -11.32 -76.62 32.49
CAG 093 OB . -9.29 -77.86 32.90
CAH 093 OB . -10.33 -77.09 33.34
CAI 093 OB . -10.39 -76.70 34.78
CAJ 093 OB . -11.04 -75.61 35.33
CAE 093 OB . -11.84 -74.61 34.57
NAK 093 OB . -10.81 -75.60 36.78
SAP 093 OB . -9.68 -77.53 35.89
CAQ 093 OB . -10.03 -76.65 37.17
NAR 093 OB . -9.60 -76.92 38.52
CAS 093 OB . -9.44 -78.29 38.96
OAL 093 OB . -9.71 -79.16 38.17
CAT 093 OB . -8.99 -78.62 40.37
PG GSP PB . -24.37 -40.49 -5.11
O3B GSP PB . -24.02 -40.35 -3.54
S1G GSP PB . -24.43 -42.41 -5.45
O2G GSP PB . -23.29 -39.71 -6.06
O3G GSP PB . -25.82 -39.79 -5.29
PB GSP PB . -24.35 -38.91 -2.92
O1B GSP PB . -23.08 -38.09 -3.06
O2B GSP PB . -25.65 -38.39 -3.51
PA GSP PB . -25.86 -40.07 -0.87
O1A GSP PB . -27.17 -39.35 -0.57
O2A GSP PB . -25.91 -41.19 -1.88
O3A GSP PB . -24.67 -39.12 -1.36
O5' GSP PB . -25.12 -40.49 0.53
C5' GSP PB . -24.37 -41.70 0.70
C4' GSP PB . -24.43 -42.23 2.15
O4' GSP PB . -23.74 -41.39 3.09
C3' GSP PB . -25.87 -42.33 2.66
O3' GSP PB . -26.08 -43.54 3.40
C2' GSP PB . -26.09 -41.21 3.62
O2' GSP PB . -27.04 -41.58 4.62
C1' GSP PB . -24.66 -41.03 4.12
N9 GSP PB . -24.45 -39.61 4.45
C8 GSP PB . -24.65 -38.54 3.65
N7 GSP PB . -24.32 -37.39 4.32
C5 GSP PB . -23.93 -37.74 5.56
C6 GSP PB . -23.47 -37.06 6.78
O6 GSP PB . -23.35 -35.82 6.83
N1 GSP PB . -23.17 -37.79 7.86
C2 GSP PB . -23.28 -39.13 7.85
N2 GSP PB . -22.95 -39.82 8.97
N3 GSP PB . -23.70 -39.84 6.76
C4 GSP PB . -24.03 -39.21 5.63
MG MG QB . -27.56 -38.95 -4.85
OAM 093 RB . -19.80 -105.25 -35.49
SAN 093 RB . -18.83 -105.61 -36.44
OAO 093 RB . -19.55 -106.74 -36.90
NAU 093 RB . -17.33 -105.95 -35.79
CAV 093 RB . -17.17 -105.71 -34.40
CAW 093 RB . -15.78 -105.65 -34.10
OAX 093 RB . -15.27 -105.89 -35.39
CAF 093 RB . -18.54 -104.37 -37.68
CAB 093 RB . -18.37 -103.01 -37.37
CL 093 RB . -18.48 -102.39 -35.72
CAC 093 RB . -18.11 -102.09 -38.34
CAD 093 RB . -18.00 -102.51 -39.67
CAG 093 RB . -18.42 -104.80 -39.01
CAH 093 RB . -18.13 -103.86 -39.97
CAI 093 RB . -18.04 -104.29 -41.40
CAJ 093 RB . -18.24 -103.50 -42.52
CAE 093 RB . -18.56 -102.04 -42.51
NAK 093 RB . -18.07 -104.33 -43.72
SAP 093 RB . -17.69 -105.75 -41.81
CAQ 093 RB . -17.78 -105.62 -43.39
NAR 093 RB . -17.56 -106.72 -44.33
CAS 093 RB . -16.61 -107.74 -44.01
OAL 093 RB . -16.01 -107.66 -42.97
CAT 093 RB . -16.36 -108.91 -44.98
PG GSP SB . -43.61 -56.97 -27.33
O3B GSP SB . -43.68 -57.95 -28.62
S1G GSP SB . -42.27 -57.61 -26.06
O2G GSP SB . -45.11 -56.81 -26.66
O3G GSP SB . -43.09 -55.56 -27.94
PB GSP SB . -44.32 -57.34 -29.96
O1B GSP SB . -45.79 -57.75 -29.89
O2B GSP SB . -43.87 -55.89 -30.05
PA GSP SB . -42.12 -58.15 -31.47
O1A GSP SB . -41.79 -57.03 -32.45
O2A GSP SB . -41.47 -58.15 -30.12
O3A GSP SB . -43.68 -58.14 -31.19
O5' GSP SB . -41.99 -59.62 -32.14
C5' GSP SB . -41.42 -60.75 -31.48
C4' GSP SB . -40.77 -61.65 -32.54
O4' GSP SB . -41.68 -62.07 -33.57
C3' GSP SB . -39.66 -60.89 -33.25
O3' GSP SB . -38.54 -61.74 -33.41
C2' GSP SB . -40.14 -60.54 -34.64
O2' GSP SB . -39.04 -60.49 -35.56
C1' GSP SB . -41.12 -61.69 -34.86
N9 GSP SB . -42.18 -61.32 -35.84
C8 GSP SB . -42.98 -60.23 -35.75
N7 GSP SB . -43.85 -60.19 -36.81
C5 GSP SB . -43.61 -61.27 -37.59
C6 GSP SB . -44.16 -61.84 -38.84
O6 GSP SB . -45.09 -61.29 -39.44
N1 GSP SB . -43.64 -62.97 -39.32
C2 GSP SB . -42.64 -63.61 -38.68
N2 GSP SB . -42.14 -64.75 -39.22
N3 GSP SB . -42.08 -63.14 -37.54
C4 GSP SB . -42.51 -62.00 -36.95
MG MG TB . -42.49 -54.18 -29.10
#